data_7N4Y
#
_entry.id   7N4Y
#
_cell.length_a   1.00
_cell.length_b   1.00
_cell.length_c   1.00
_cell.angle_alpha   90.00
_cell.angle_beta   90.00
_cell.angle_gamma   90.00
#
_symmetry.space_group_name_H-M   'P 1'
#
loop_
_entity.id
_entity.type
_entity.pdbx_description
1 polymer Thyroglobulin
2 branched beta-D-mannopyranose-(1-4)-2-acetamido-2-deoxy-beta-D-glucopyranose-(1-4)-2-acetamido-2-deoxy-beta-D-glucopyranose
3 branched 2-acetamido-2-deoxy-beta-D-glucopyranose-(1-4)-2-acetamido-2-deoxy-beta-D-glucopyranose
4 branched 2-acetamido-2-deoxy-beta-D-glucopyranose-(1-4)-[alpha-L-fucopyranose-(1-6)]2-acetamido-2-deoxy-beta-D-glucopyranose
5 non-polymer 2-acetamido-2-deoxy-beta-D-glucopyranose
6 water water
#
_entity_poly.entity_id   1
_entity_poly.type   'polypeptide(L)'
_entity_poly.pdbx_seq_one_letter_code
;NIFE(T44)QVDAQPLRPCELQRERAFLKREDYVPQCAEDGSFQTVQCGKDGASCWCVDADGREVPGSRQPGRPAACLSF
CQLQKQQILLSSYINSTATSYLPQCQDSGDYSPVQCDLRRRQCWCVDAEGMEVYGTRQQGRPARCPRSCEIRNRRLLHGV
GDRSPPQCSPDGAFRPVQCKFVNTTDMMIFDLVHSYSRFPDAFVTFSSFRSRFPEVSGYCYCADSQGRELAETGLELLLD
EIYDTIFAGLDLASTFAETTLYRILQRRFLAVQLVISGRFRCPTKCEVERFAATSFRHPYVPSCHPDGEYQAAQCQQGGP
CWCVDSRGQEIPGTRQRGEPPSCAEDQSCPSERRRAFSRLRFGPSGYFSRRSLLLAPEEGPVSQRFARFTASCPPSIKEL
FLDSGIFQPMLQGRDTRFVAPESLLKEAIRGLFPSRELARLALQFTTNAKRLQQNLFGGRFLVNVGQFNLSGALGTRGTF
NFSHFFQQLGLPGFQDGRALADLAKPLSVGLNSNPASEAPKASKIDVALRKPVVGSFGFEVNLQENQNALQFLSSFLELP
EFLLFLQHAISVPEDIARDLGDVMEMVFSSQGCGQAPGSLFVPACTAEGSYEEVQCFAGDCWCVDAQGRELAGSRVRGGR
PRCPTECEKQRARMQSLLGSQPAGSSLFVPACTSKGNFLPVQCFNSECYCVDTEGQPIPGTRSALGEPKKCPSPCQLQAE
RAFLGTVRTLVSNPSTLPALSSIYIPQCSASGQWSPVQCDGPPEQAFEWYERWEAQNSAGQALTPAELLMKIMSYREAAS
RNFRLFIQNLYEAGQQGIFPGLARYSSFQDVPVSVLEGNQTQPGGNVFLEPYLFWQILNGQLDRYPGPYSDFSAPLAHFD
LRSCWCVDEAGQKLEGTRNEPNKVPACPGSCEEVKLRVLQFIREAEEIVTYSNSSRFPLGESFLAAKGIRLTDEELAFPP
LSPSRETFLEKFLSGSDYAIRLAAQSTFDFYQRRLVTLAESPRAPSPVWSSAYLPQCDAFGGWEPVQCHAATGHCWCVDG
KGEYVPTSLTARSRQIPQCPTSCERLRASGLLSSWKQAGVQAEPSPKDLFIPTCLETGEFARLQASEAGTWCVDPASGEG
VPPGTNSSAQCPSLCEVLQSGVPSRRTSPGYSPACRAEDGGFSPVQCDPAQGSCWCVLGSGEEVPGTRVAGSQPACESPQ
CPLPFSVADVAGGAILCERASGLGAAAGQRCQLRCSQGYRSAFPPEPLLCSVQRRRWESRPPQPRACQRPQFWQTLQTQA
QFQLLLPLGKVCSADYSGLLLAFQVFLLDELTARGFCQIQVKTAGTPVSIPVCDDSSVKVECLSRERLGVNITWKLQLVD
APPASLPDLQDVEEALAGKYLAGRFADLIQSGTFQLHLDSKTFSADTSIRFLQGDRFGISPRTQFGCLEGFGRVVAASDA
SQDALGCVKCPEGSYFQDEQCIPCPAGFYQEQAGSLACVPCPEGRTTVYAGAFSQTHCVTDCQKNEVGLQCDQDGQYRAS
QRDRTSGKAFCVDGEGRRLPWTEAEAPLVDAQCLVMRKFEKLPESKVIFSADVAVMVRSEVPGSESSLMQCLADCALDEA
CGFLTVSTAGSEVSCDFYAWASDSIACTTSGRSEDALGTSQATSFGSLQCQVKVRSREGDPLAVYLKKGQEFTITGQKRF
EQTGFQSALSGMYSPVTFSASGASLAEVHLFCLLACDHDSCCDGFILVQVQGGPLLCGLLSSPDVLLCHVRDWRDPAEAQ
ANASCPGVTYDQDSRQVTLRLGGQEIRGLTPLEGTQDTLTSFQQVYLWKDSDMGSRSESMGCRRDTEPRPASPSETDLTT
GLFSPVDLIQVIVDGNVSLPSQQHWLFKHLFSLQQANLWCLSRCAGEPSFCQLAEVTDSEPLYFTCTLYPEAQVCDDILE
SSPKGCRLILPRRPSALYRKKVVLQDRVKNFYNRLPFQKLTGISIRNKVPMSDKSISSGFFECERLCDMDPCCTGFGFLN
VSQLKGGEVTCLTLNSLGLQTCSEE(TYI)GGVWRILDCGSPDTEVRTYPFGWYQKPVSPSDAPSFCPSVALPALTENVA
LDSWQSLALSSVIVDPSIRNFDVAHISTAAVGNFSAARDRCLWECSRHQDCLVTTLQTQPGAVRCMFYADTQSCTHSLQA
QNCRLLLHEEATYIYRKPNIPLPGFGTSSPSVPIATHGQLLGRSQAIQVGTSWKPVDQFLGVPYAAPPLGEKRFRAPEHL
NWTGSWEATKPRARCWQPGIRTPTPPGVSEDCLYLNVFVPQNMPPNASVLVFFHNAAEGKGSGDRPAVDGSFLAAVGNLI
VVTASYRTGIFGFLSSGSSELSGNWGLLDQVVALTWVQTHIQAFGGDPRRVTLAADRGGADIASIHLVTTRAANSRLFRR
AVLMGGSALSPAAVIRPERARQQAAALAKEVGCPSSSVQEMVSCLRQEPARILNDAQTKLLAVSGPFHYWGPVVDGQYLR
ETPARVLQRAPRVKVDLLIGSSQDDGLINRAKAVKQFEESQGRTSSKTAFYQALQNSLGGEAADAGVQAAATWYYSLEHD
SDD(T44)ASFSRALEQATRDYFIICPVIDMASHWARTVRGNVFMYHAPESYSHSSLELLTDVLYAFGLPFYPAYEGQFT
LEEKSLSLKIMQYFSNFIRSGNPNYPHEFSRRAPEFAAPWPDFVPRDGAESYKELSVLLPNRQGLKKADCSFWSKYIQSL
KASADETKDGPSADSEEEDQPAGSGLTEDLLGLPELASKTYSK
;
_entity_poly.pdbx_strand_id   A,B
#
loop_
_chem_comp.id
_chem_comp.type
_chem_comp.name
_chem_comp.formula
BMA D-saccharide, beta linking beta-D-mannopyranose 'C6 H12 O6'
FUC L-saccharide, alpha linking alpha-L-fucopyranose 'C6 H12 O5'
NAG D-saccharide, beta linking 2-acetamido-2-deoxy-beta-D-glucopyranose 'C8 H15 N O6'
T44 non-polymer 3,5,3',5'-TETRAIODO-L-THYRONINE 'C15 H11 I4 N O4'
#
# COMPACT_ATOMS: atom_id res chain seq x y z
N ASN A 1 -42.43 40.03 15.32
CA ASN A 1 -43.45 40.95 15.84
C ASN A 1 -44.16 40.31 17.01
N ILE A 2 -44.50 41.12 17.99
CA ILE A 2 -45.12 40.60 19.24
C ILE A 2 -46.50 41.21 19.39
N PHE A 3 -47.45 40.40 19.82
CA PHE A 3 -48.80 40.86 20.13
C PHE A 3 -49.41 39.89 21.13
N GLU A 4 -49.46 40.27 22.39
CA GLU A 4 -49.94 39.38 23.43
C GLU A 4 -51.46 39.21 23.38
C1 T44 A 5 -54.86 35.84 24.20
C2 T44 A 5 -55.11 35.47 22.90
C3 T44 A 5 -56.36 35.02 22.54
C4 T44 A 5 -57.45 34.94 23.54
C5 T44 A 5 -57.12 35.36 24.92
C6 T44 A 5 -55.83 35.79 25.19
C7 T44 A 5 -53.47 36.32 24.51
CA T44 A 5 -53.35 37.71 23.91
C T44 A 5 -54.27 38.65 24.62
C1' T44 A 5 -59.20 33.29 23.49
C2' T44 A 5 -58.39 32.17 23.49
C3' T44 A 5 -58.90 30.91 23.82
C4' T44 A 5 -60.32 30.81 24.18
C5' T44 A 5 -61.14 32.03 24.18
C6' T44 A 5 -60.55 33.24 23.82
N T44 A 5 -51.92 38.10 23.94
O4 T44 A 5 -58.69 34.51 23.17
O4' T44 A 5 -60.84 29.60 24.52
O T44 A 5 -55.07 39.36 23.97
I3 T44 A 5 -56.71 34.48 20.57
I3' T44 A 5 -57.76 29.17 23.86
I5 T44 A 5 -58.57 35.30 26.42
I5' T44 A 5 -63.16 31.91 24.68
N GLN A 6 -54.18 38.70 25.94
CA GLN A 6 -55.19 39.35 26.77
C GLN A 6 -54.85 40.80 27.14
N VAL A 7 -53.56 41.14 27.08
CA VAL A 7 -53.10 42.41 27.63
C VAL A 7 -53.74 43.59 26.90
N ASP A 8 -53.99 44.66 27.67
CA ASP A 8 -54.48 45.90 27.09
C ASP A 8 -53.34 46.77 26.57
N ALA A 9 -52.20 46.75 27.27
CA ALA A 9 -51.02 47.51 26.87
C ALA A 9 -49.93 46.54 26.45
N GLN A 10 -49.55 46.60 25.18
CA GLN A 10 -48.52 45.72 24.66
C GLN A 10 -47.17 46.06 25.27
N PRO A 11 -46.34 45.06 25.55
CA PRO A 11 -45.01 45.31 26.13
C PRO A 11 -43.98 45.71 25.09
N LEU A 12 -44.24 46.82 24.41
CA LEU A 12 -43.34 47.30 23.31
C LEU A 12 -42.29 48.23 23.89
N ARG A 13 -41.10 48.10 23.55
CA ARG A 13 -39.97 48.93 23.95
C ARG A 13 -39.95 50.21 23.10
N PRO A 14 -39.22 51.24 23.54
CA PRO A 14 -39.24 52.52 22.81
C PRO A 14 -38.84 52.41 21.34
N CYS A 15 -37.84 51.58 21.02
CA CYS A 15 -37.48 51.43 19.61
C CYS A 15 -38.64 50.87 18.80
N GLU A 16 -39.31 49.85 19.33
CA GLU A 16 -40.41 49.25 18.60
C GLU A 16 -41.60 50.19 18.47
N LEU A 17 -41.79 51.10 19.44
CA LEU A 17 -42.82 52.12 19.30
C LEU A 17 -42.44 53.16 18.24
N GLN A 18 -41.17 53.58 18.24
CA GLN A 18 -40.74 54.58 17.27
C GLN A 18 -40.63 53.99 15.87
N ARG A 19 -40.31 52.70 15.80
CA ARG A 19 -40.25 52.01 14.48
C ARG A 19 -41.66 51.97 13.87
N GLU A 20 -42.65 51.52 14.65
CA GLU A 20 -44.04 51.38 14.12
C GLU A 20 -44.60 52.75 13.72
N ARG A 21 -44.38 53.78 14.55
CA ARG A 21 -44.94 55.13 14.26
C ARG A 21 -44.30 55.68 12.99
N ALA A 22 -43.02 55.38 12.78
CA ALA A 22 -42.31 55.91 11.60
C ALA A 22 -42.74 55.18 10.34
N PHE A 23 -42.89 53.85 10.43
CA PHE A 23 -43.33 53.08 9.24
C PHE A 23 -44.73 53.55 8.82
N LEU A 24 -45.58 53.86 9.80
CA LEU A 24 -46.95 54.34 9.51
C LEU A 24 -46.89 55.68 8.77
N LYS A 25 -45.99 56.58 9.19
CA LYS A 25 -45.91 57.94 8.57
C LYS A 25 -45.03 57.90 7.32
N ARG A 26 -44.68 56.70 6.84
CA ARG A 26 -43.85 56.54 5.65
C ARG A 26 -42.66 57.49 5.67
N GLU A 27 -42.07 57.64 6.84
CA GLU A 27 -40.81 58.38 6.93
C GLU A 27 -39.70 57.60 6.25
N ASP A 28 -38.64 58.31 5.87
CA ASP A 28 -37.51 57.70 5.20
C ASP A 28 -36.52 57.05 6.16
N TYR A 29 -36.55 57.41 7.43
CA TYR A 29 -35.80 56.73 8.47
C TYR A 29 -36.77 55.97 9.36
N VAL A 30 -36.64 54.65 9.40
CA VAL A 30 -37.42 53.78 10.27
C VAL A 30 -36.45 53.11 11.24
N PRO A 31 -36.56 53.33 12.54
CA PRO A 31 -35.58 52.76 13.48
C PRO A 31 -35.51 51.25 13.38
N GLN A 32 -34.28 50.73 13.41
CA GLN A 32 -34.04 49.29 13.41
C GLN A 32 -33.86 48.81 14.83
N CYS A 33 -34.63 47.78 15.20
CA CYS A 33 -34.66 47.30 16.57
C CYS A 33 -34.12 45.88 16.65
N ALA A 34 -33.47 45.58 17.77
CA ALA A 34 -32.98 44.24 18.02
C ALA A 34 -34.14 43.32 18.40
N GLU A 35 -33.85 42.02 18.42
CA GLU A 35 -34.88 41.02 18.69
C GLU A 35 -35.52 41.23 20.06
N ASP A 36 -34.75 41.71 21.03
CA ASP A 36 -35.26 41.96 22.37
C ASP A 36 -35.95 43.31 22.51
N GLY A 37 -35.98 44.13 21.46
CA GLY A 37 -36.63 45.42 21.51
C GLY A 37 -35.71 46.60 21.68
N SER A 38 -34.41 46.38 21.85
CA SER A 38 -33.47 47.47 21.99
C SER A 38 -33.13 48.08 20.63
N PHE A 39 -32.66 49.31 20.64
CA PHE A 39 -32.07 49.90 19.45
C PHE A 39 -30.82 49.14 19.06
N GLN A 40 -30.69 48.83 17.77
CA GLN A 40 -29.41 48.35 17.27
C GLN A 40 -28.42 49.51 17.23
N THR A 41 -27.17 49.23 17.64
CA THR A 41 -26.21 50.32 17.81
C THR A 41 -25.90 51.01 16.48
N VAL A 42 -26.09 50.32 15.37
CA VAL A 42 -25.94 50.90 14.05
C VAL A 42 -27.34 51.17 13.50
N GLN A 43 -27.61 52.44 13.17
CA GLN A 43 -28.87 52.82 12.54
C GLN A 43 -28.61 53.31 11.13
N CYS A 44 -29.18 52.61 10.15
CA CYS A 44 -29.05 53.01 8.77
C CYS A 44 -30.13 54.03 8.41
N GLY A 45 -30.00 54.61 7.22
CA GLY A 45 -30.98 55.54 6.72
C GLY A 45 -31.65 55.03 5.48
N LYS A 46 -32.27 55.92 4.72
CA LYS A 46 -32.93 55.53 3.46
C LYS A 46 -31.93 54.87 2.53
N ASP A 47 -32.19 53.60 2.20
CA ASP A 47 -31.37 52.76 1.34
C ASP A 47 -30.00 52.45 1.91
N GLY A 48 -29.71 52.86 3.15
CA GLY A 48 -28.40 52.64 3.69
C GLY A 48 -27.30 53.50 3.10
N ALA A 49 -27.66 54.59 2.42
CA ALA A 49 -26.67 55.51 1.90
C ALA A 49 -25.86 56.14 3.03
N SER A 50 -26.54 56.55 4.09
CA SER A 50 -25.90 57.07 5.29
C SER A 50 -26.25 56.21 6.49
N CYS A 51 -25.27 56.01 7.36
CA CYS A 51 -25.45 55.20 8.57
C CYS A 51 -24.70 55.85 9.71
N TRP A 52 -25.23 55.69 10.92
CA TRP A 52 -24.62 56.26 12.10
C TRP A 52 -24.81 55.32 13.28
N CYS A 53 -24.12 55.63 14.37
CA CYS A 53 -24.27 54.93 15.64
C CYS A 53 -25.21 55.73 16.54
N VAL A 54 -25.83 55.04 17.49
CA VAL A 54 -26.76 55.67 18.43
C VAL A 54 -26.47 55.15 19.83
N ASP A 55 -27.03 55.84 20.81
CA ASP A 55 -26.96 55.41 22.21
C ASP A 55 -28.18 54.55 22.53
N ALA A 56 -28.39 54.26 23.82
CA ALA A 56 -29.45 53.35 24.21
C ALA A 56 -30.84 53.94 23.97
N ASP A 57 -30.95 55.25 23.83
CA ASP A 57 -32.23 55.90 23.59
C ASP A 57 -32.46 56.23 22.14
N GLY A 58 -31.60 55.77 21.24
CA GLY A 58 -31.74 56.06 19.84
C GLY A 58 -31.21 57.41 19.42
N ARG A 59 -30.65 58.19 20.34
CA ARG A 59 -30.08 59.47 19.98
C ARG A 59 -28.74 59.26 19.26
N GLU A 60 -28.60 59.90 18.11
CA GLU A 60 -27.38 59.76 17.31
C GLU A 60 -26.16 60.27 18.08
N VAL A 61 -25.11 59.46 18.13
CA VAL A 61 -23.87 59.92 18.75
C VAL A 61 -23.13 60.83 17.78
N PRO A 62 -22.74 62.04 18.19
CA PRO A 62 -22.19 63.00 17.24
C PRO A 62 -20.88 62.53 16.63
N GLY A 63 -20.66 62.90 15.38
CA GLY A 63 -19.44 62.54 14.67
C GLY A 63 -19.42 61.16 14.08
N SER A 64 -20.47 60.37 14.26
CA SER A 64 -20.48 58.99 13.79
C SER A 64 -21.12 58.82 12.44
N ARG A 65 -21.95 59.77 11.99
CA ARG A 65 -22.64 59.62 10.72
C ARG A 65 -21.64 59.50 9.58
N GLN A 66 -21.94 58.62 8.64
CA GLN A 66 -20.97 58.15 7.66
C GLN A 66 -21.72 57.65 6.44
N PRO A 67 -21.13 57.77 5.26
CA PRO A 67 -21.66 57.00 4.12
C PRO A 67 -21.16 55.57 4.17
N GLY A 68 -22.08 54.63 4.32
CA GLY A 68 -21.72 53.25 4.61
C GLY A 68 -21.84 52.95 6.09
N ARG A 69 -21.72 51.68 6.40
CA ARG A 69 -21.92 51.20 7.75
C ARG A 69 -20.70 51.50 8.62
N PRO A 70 -20.88 52.08 9.81
CA PRO A 70 -19.73 52.39 10.66
C PRO A 70 -18.93 51.15 11.02
N ALA A 71 -17.61 51.31 11.05
CA ALA A 71 -16.72 50.18 11.30
C ALA A 71 -16.96 49.58 12.69
N ALA A 72 -17.11 50.43 13.70
CA ALA A 72 -17.35 49.97 15.05
C ALA A 72 -18.10 51.04 15.83
N CYS A 73 -19.16 50.62 16.51
CA CYS A 73 -19.89 51.49 17.42
C CYS A 73 -19.73 50.95 18.83
N LEU A 74 -19.59 51.85 19.78
CA LEU A 74 -19.55 51.46 21.18
C LEU A 74 -20.89 50.89 21.61
N SER A 75 -20.85 49.87 22.45
CA SER A 75 -22.08 49.31 22.99
C SER A 75 -22.71 50.30 23.98
N PHE A 76 -23.89 49.95 24.46
CA PHE A 76 -24.58 50.82 25.40
C PHE A 76 -23.89 50.83 26.76
N CYS A 77 -23.28 49.70 27.15
CA CYS A 77 -22.49 49.68 28.37
C CYS A 77 -21.29 50.61 28.27
N GLN A 78 -20.60 50.58 27.12
CA GLN A 78 -19.44 51.44 26.94
C GLN A 78 -19.84 52.90 26.79
N LEU A 79 -20.96 53.17 26.12
CA LEU A 79 -21.41 54.54 25.98
C LEU A 79 -21.85 55.13 27.31
N GLN A 80 -22.35 54.30 28.23
CA GLN A 80 -22.68 54.80 29.55
C GLN A 80 -21.43 55.12 30.35
N LYS A 81 -20.36 54.34 30.16
CA LYS A 81 -19.10 54.63 30.84
C LYS A 81 -18.55 55.98 30.42
N GLN A 82 -18.66 56.32 29.14
CA GLN A 82 -18.19 57.63 28.69
C GLN A 82 -18.97 58.75 29.35
N GLN A 83 -20.31 58.66 29.36
CA GLN A 83 -21.12 59.75 29.87
C GLN A 83 -20.92 59.95 31.37
N ILE A 84 -20.62 58.89 32.11
CA ILE A 84 -20.33 59.03 33.53
C ILE A 84 -18.98 59.73 33.73
N LEU A 85 -17.96 59.33 32.98
CA LEU A 85 -16.63 59.89 33.18
C LEU A 85 -16.56 61.34 32.73
N LEU A 86 -17.16 61.67 31.58
CA LEU A 86 -17.22 63.06 31.15
C LEU A 86 -17.99 63.91 32.16
N SER A 87 -19.07 63.37 32.71
CA SER A 87 -19.88 64.13 33.65
C SER A 87 -19.05 64.60 34.83
N SER A 88 -18.24 63.69 35.40
CA SER A 88 -17.39 64.07 36.52
C SER A 88 -16.43 65.18 36.13
N TYR A 89 -15.82 65.08 34.94
CA TYR A 89 -14.95 66.15 34.47
C TYR A 89 -15.73 67.43 34.20
N ILE A 90 -16.87 67.32 33.53
CA ILE A 90 -17.68 68.49 33.23
C ILE A 90 -18.33 69.04 34.49
N ASN A 91 -18.91 68.16 35.32
CA ASN A 91 -19.57 68.55 36.55
C ASN A 91 -19.02 67.68 37.67
N SER A 92 -18.23 68.29 38.56
CA SER A 92 -17.47 67.54 39.56
C SER A 92 -18.37 66.57 40.33
N THR A 93 -18.07 65.28 40.18
CA THR A 93 -18.81 64.22 40.86
C THR A 93 -17.85 63.09 41.19
N ALA A 94 -17.76 62.75 42.47
CA ALA A 94 -16.93 61.63 42.92
C ALA A 94 -17.68 60.35 42.58
N THR A 95 -17.31 59.74 41.45
CA THR A 95 -18.00 58.56 40.98
C THR A 95 -17.90 57.42 41.98
N SER A 96 -19.01 56.69 42.15
CA SER A 96 -19.04 55.51 42.98
C SER A 96 -19.31 54.24 42.19
N TYR A 97 -19.72 54.35 40.94
CA TYR A 97 -20.04 53.20 40.10
C TYR A 97 -19.65 53.49 38.66
N LEU A 98 -18.83 52.61 38.08
CA LEU A 98 -18.56 52.62 36.67
C LEU A 98 -18.96 51.28 36.07
N PRO A 99 -19.81 51.25 35.05
CA PRO A 99 -20.31 49.97 34.53
C PRO A 99 -19.19 49.07 34.05
N GLN A 100 -19.36 47.77 34.30
CA GLN A 100 -18.43 46.76 33.83
C GLN A 100 -19.06 46.02 32.65
N CYS A 101 -18.34 46.00 31.53
CA CYS A 101 -18.84 45.42 30.30
C CYS A 101 -18.08 44.15 29.96
N GLN A 102 -18.80 43.18 29.42
CA GLN A 102 -18.16 42.00 28.89
C GLN A 102 -17.41 42.35 27.60
N ASP A 103 -16.54 41.43 27.18
CA ASP A 103 -15.73 41.68 25.99
C ASP A 103 -16.57 41.71 24.72
N SER A 104 -17.79 41.19 24.75
CA SER A 104 -18.70 41.38 23.63
C SER A 104 -19.28 42.78 23.62
N GLY A 105 -19.16 43.51 24.73
CA GLY A 105 -19.67 44.86 24.86
C GLY A 105 -20.90 45.00 25.72
N ASP A 106 -21.61 43.90 25.99
CA ASP A 106 -22.81 43.99 26.80
C ASP A 106 -22.45 44.06 28.28
N TYR A 107 -23.45 44.41 29.10
CA TYR A 107 -23.23 44.52 30.53
C TYR A 107 -22.89 43.17 31.13
N SER A 108 -21.94 43.18 32.06
CA SER A 108 -21.69 41.99 32.85
C SER A 108 -22.89 41.71 33.74
N PRO A 109 -23.29 40.44 33.90
CA PRO A 109 -24.48 40.14 34.72
C PRO A 109 -24.34 40.61 36.15
N VAL A 110 -23.13 40.65 36.69
CA VAL A 110 -22.87 41.15 38.03
C VAL A 110 -22.19 42.51 37.90
N GLN A 111 -22.70 43.51 38.60
CA GLN A 111 -22.15 44.86 38.59
C GLN A 111 -21.76 45.25 40.00
N CYS A 112 -20.53 45.75 40.16
CA CYS A 112 -19.98 46.09 41.45
C CYS A 112 -19.66 47.57 41.51
N ASP A 113 -19.87 48.18 42.67
CA ASP A 113 -19.45 49.56 42.89
C ASP A 113 -17.91 49.63 42.92
N LEU A 114 -17.38 50.84 42.73
CA LEU A 114 -15.91 51.01 42.62
C LEU A 114 -15.22 50.56 43.91
N ARG A 115 -15.87 50.66 45.06
CA ARG A 115 -15.19 50.17 46.28
C ARG A 115 -15.23 48.65 46.32
N ARG A 116 -15.89 48.02 45.34
CA ARG A 116 -16.05 46.55 45.31
C ARG A 116 -16.79 46.11 46.57
N ARG A 117 -17.54 47.05 47.14
CA ARG A 117 -18.14 46.89 48.47
C ARG A 117 -19.54 46.30 48.24
N GLN A 118 -20.32 46.95 47.39
CA GLN A 118 -21.69 46.43 47.11
C GLN A 118 -21.78 45.90 45.67
N CYS A 119 -22.58 44.84 45.45
CA CYS A 119 -22.76 44.30 44.12
C CYS A 119 -24.23 43.96 43.91
N TRP A 120 -24.65 43.95 42.64
CA TRP A 120 -26.02 43.61 42.28
C TRP A 120 -26.04 42.92 40.93
N CYS A 121 -27.19 42.40 40.55
CA CYS A 121 -27.41 41.81 39.24
C CYS A 121 -28.20 42.76 38.36
N VAL A 122 -27.78 42.89 37.10
CA VAL A 122 -28.50 43.71 36.14
C VAL A 122 -29.10 42.79 35.07
N ASP A 123 -30.10 43.33 34.38
CA ASP A 123 -30.68 42.65 33.23
C ASP A 123 -29.81 42.94 32.00
N ALA A 124 -30.33 42.64 30.82
CA ALA A 124 -29.57 42.82 29.59
C ALA A 124 -29.43 44.29 29.19
N GLU A 125 -30.01 45.22 29.95
CA GLU A 125 -30.00 46.63 29.61
C GLU A 125 -29.34 47.49 30.69
N GLY A 126 -28.66 46.84 31.63
CA GLY A 126 -27.90 47.54 32.65
C GLY A 126 -28.75 47.92 33.83
N MET A 127 -29.97 47.45 33.82
CA MET A 127 -30.90 47.87 34.88
C MET A 127 -30.86 46.87 36.02
N GLU A 128 -30.68 47.37 37.21
CA GLU A 128 -30.60 46.54 38.42
C GLU A 128 -31.83 45.69 38.65
N VAL A 129 -31.63 44.40 38.86
CA VAL A 129 -32.73 43.54 39.27
C VAL A 129 -32.94 43.74 40.75
N TYR A 130 -34.15 44.14 41.13
CA TYR A 130 -34.42 44.52 42.51
C TYR A 130 -34.29 43.32 43.45
N GLY A 131 -33.67 43.56 44.59
CA GLY A 131 -33.44 42.54 45.58
C GLY A 131 -32.11 41.83 45.47
N THR A 132 -31.29 42.17 44.48
CA THR A 132 -30.01 41.50 44.26
C THR A 132 -28.82 42.24 44.86
N ARG A 133 -29.00 43.47 45.31
CA ARG A 133 -27.89 44.21 45.89
C ARG A 133 -27.48 43.60 47.23
N GLN A 134 -26.17 43.45 47.42
CA GLN A 134 -25.64 42.75 48.58
C GLN A 134 -24.16 43.09 48.71
N GLN A 135 -23.53 42.54 49.74
CA GLN A 135 -22.10 42.69 49.97
C GLN A 135 -21.36 41.57 49.24
N GLY A 136 -20.51 41.94 48.29
CA GLY A 136 -19.78 40.98 47.51
C GLY A 136 -20.56 40.49 46.30
N ARG A 137 -19.86 39.75 45.45
CA ARG A 137 -20.46 39.29 44.21
C ARG A 137 -21.58 38.29 44.50
N PRO A 138 -22.79 38.50 43.97
CA PRO A 138 -23.85 37.50 44.13
C PRO A 138 -23.44 36.18 43.53
N ALA A 139 -23.77 35.09 44.23
CA ALA A 139 -23.34 33.77 43.79
C ALA A 139 -23.97 33.39 42.46
N ARG A 140 -25.26 33.65 42.29
CA ARG A 140 -25.98 33.25 41.09
C ARG A 140 -27.06 34.28 40.78
N CYS A 141 -26.91 34.98 39.67
CA CYS A 141 -27.88 35.96 39.25
C CYS A 141 -29.10 35.27 38.64
N PRO A 142 -30.32 35.63 39.06
CA PRO A 142 -31.52 35.04 38.44
C PRO A 142 -31.67 35.47 36.99
N ARG A 143 -32.32 34.60 36.21
CA ARG A 143 -32.56 34.86 34.81
C ARG A 143 -33.96 35.42 34.59
N SER A 144 -34.26 35.75 33.33
CA SER A 144 -35.45 36.55 33.02
C SER A 144 -36.74 35.80 33.37
N CYS A 145 -36.80 34.50 33.07
CA CYS A 145 -38.02 33.75 33.37
C CYS A 145 -38.20 33.59 34.87
N GLU A 146 -37.12 33.39 35.61
CA GLU A 146 -37.20 33.30 37.06
C GLU A 146 -37.61 34.63 37.68
N ILE A 147 -37.12 35.75 37.13
CA ILE A 147 -37.52 37.05 37.63
C ILE A 147 -39.00 37.30 37.37
N ARG A 148 -39.47 36.94 36.17
CA ARG A 148 -40.88 37.10 35.83
C ARG A 148 -41.77 36.28 36.77
N ASN A 149 -41.32 35.09 37.13
CA ASN A 149 -42.09 34.24 38.04
C ASN A 149 -42.16 34.82 39.44
N ARG A 150 -41.05 35.40 39.92
CA ARG A 150 -41.07 35.99 41.25
C ARG A 150 -41.93 37.23 41.30
N ARG A 151 -41.86 38.09 40.28
CA ARG A 151 -42.69 39.29 40.25
C ARG A 151 -44.16 38.93 40.16
N LEU A 152 -44.48 37.81 39.54
CA LEU A 152 -45.87 37.33 39.51
C LEU A 152 -46.37 37.04 40.92
N LEU A 153 -45.51 36.48 41.77
CA LEU A 153 -45.91 36.23 43.14
C LEU A 153 -46.07 37.51 43.95
N HIS A 154 -45.51 38.62 43.48
CA HIS A 154 -45.65 39.91 44.14
C HIS A 154 -46.81 40.73 43.57
N GLY A 155 -47.64 40.12 42.74
CA GLY A 155 -48.84 40.77 42.25
C GLY A 155 -48.71 41.50 40.93
N VAL A 156 -47.65 41.25 40.16
CA VAL A 156 -47.42 41.93 38.89
C VAL A 156 -47.85 41.01 37.76
N GLY A 157 -48.76 41.49 36.91
CA GLY A 157 -49.16 40.76 35.73
C GLY A 157 -50.30 39.80 35.99
N ASP A 158 -50.45 38.86 35.07
CA ASP A 158 -51.48 37.83 35.17
C ASP A 158 -51.00 36.70 36.08
N ARG A 159 -51.91 35.77 36.36
CA ARG A 159 -51.65 34.69 37.30
C ARG A 159 -51.29 33.39 36.61
N SER A 160 -50.57 33.46 35.50
CA SER A 160 -50.15 32.26 34.79
C SER A 160 -48.63 32.22 34.73
N PRO A 161 -47.97 31.36 35.50
CA PRO A 161 -46.51 31.33 35.51
C PRO A 161 -45.95 30.83 34.19
N PRO A 162 -45.04 31.59 33.57
CA PRO A 162 -44.38 31.10 32.36
C PRO A 162 -43.48 29.91 32.66
N GLN A 163 -43.30 29.07 31.66
CA GLN A 163 -42.47 27.88 31.78
C GLN A 163 -41.03 28.22 31.50
N CYS A 164 -40.14 27.82 32.41
CA CYS A 164 -38.73 28.18 32.33
C CYS A 164 -37.87 26.97 32.01
N SER A 165 -36.77 27.22 31.32
CA SER A 165 -35.75 26.22 31.07
C SER A 165 -34.93 25.98 32.34
N PRO A 166 -34.18 24.88 32.40
CA PRO A 166 -33.31 24.66 33.56
C PRO A 166 -32.32 25.78 33.80
N ASP A 167 -31.82 26.42 32.75
CA ASP A 167 -30.93 27.56 32.92
C ASP A 167 -31.66 28.81 33.42
N GLY A 168 -32.99 28.80 33.45
CA GLY A 168 -33.76 29.92 33.90
C GLY A 168 -34.31 30.82 32.82
N ALA A 169 -34.08 30.48 31.55
CA ALA A 169 -34.65 31.25 30.45
C ALA A 169 -36.06 30.75 30.13
N PHE A 170 -36.74 31.51 29.28
CA PHE A 170 -38.06 31.10 28.82
C PHE A 170 -37.97 29.91 27.87
N ARG A 171 -38.89 28.97 28.02
CA ARG A 171 -39.03 27.93 27.02
C ARG A 171 -39.64 28.51 25.75
N PRO A 172 -39.21 28.05 24.57
CA PRO A 172 -39.73 28.65 23.33
C PRO A 172 -41.23 28.46 23.14
N VAL A 173 -41.80 27.37 23.63
CA VAL A 173 -43.25 27.14 23.58
C VAL A 173 -43.82 27.50 24.95
N GLN A 174 -44.72 28.47 24.98
CA GLN A 174 -45.39 28.89 26.20
C GLN A 174 -46.86 28.50 26.12
N CYS A 175 -47.36 27.88 27.18
CA CYS A 175 -48.74 27.41 27.23
C CYS A 175 -49.43 28.00 28.45
N LYS A 176 -50.64 28.50 28.26
CA LYS A 176 -51.49 28.97 29.33
C LYS A 176 -52.91 28.47 29.11
N PHE A 177 -53.75 28.67 30.11
CA PHE A 177 -55.14 28.24 30.07
C PHE A 177 -56.07 29.44 30.02
N VAL A 178 -57.17 29.29 29.28
CA VAL A 178 -58.16 30.35 29.11
C VAL A 178 -59.50 29.82 29.59
N ASN A 179 -60.17 30.59 30.44
CA ASN A 179 -61.54 30.31 30.84
C ASN A 179 -62.47 30.77 29.73
N THR A 180 -63.09 29.80 29.04
CA THR A 180 -63.89 30.13 27.86
C THR A 180 -65.20 30.82 28.21
N THR A 181 -65.64 30.76 29.48
CA THR A 181 -66.89 31.40 29.85
C THR A 181 -66.76 32.91 29.84
N ASP A 182 -65.86 33.47 30.65
CA ASP A 182 -65.64 34.89 30.73
C ASP A 182 -64.51 35.37 29.84
N MET A 183 -63.87 34.48 29.09
CA MET A 183 -62.81 34.83 28.13
C MET A 183 -61.62 35.49 28.83
N MET A 184 -61.22 34.92 29.97
CA MET A 184 -60.14 35.46 30.78
C MET A 184 -59.07 34.39 30.97
N ILE A 185 -57.85 34.84 31.31
CA ILE A 185 -56.78 33.90 31.60
C ILE A 185 -57.06 33.18 32.90
N PHE A 186 -56.94 31.86 32.86
CA PHE A 186 -57.22 31.00 34.00
C PHE A 186 -56.13 31.17 35.05
N ASP A 187 -56.54 31.33 36.31
CA ASP A 187 -55.60 31.54 37.40
C ASP A 187 -54.86 30.24 37.71
N LEU A 188 -53.68 30.08 37.11
CA LEU A 188 -52.97 28.82 37.21
C LEU A 188 -52.15 28.72 38.50
N VAL A 189 -51.61 29.82 38.98
CA VAL A 189 -50.73 29.78 40.16
C VAL A 189 -51.51 29.34 41.39
N HIS A 190 -52.74 29.84 41.56
CA HIS A 190 -53.52 29.48 42.74
C HIS A 190 -54.23 28.16 42.56
N SER A 191 -54.70 27.87 41.35
CA SER A 191 -55.40 26.60 41.11
C SER A 191 -54.47 25.41 41.26
N TYR A 192 -53.22 25.54 40.83
CA TYR A 192 -52.28 24.44 40.96
C TYR A 192 -51.92 24.19 42.43
N SER A 193 -51.78 25.25 43.21
CA SER A 193 -51.41 25.08 44.61
C SER A 193 -52.55 24.49 45.44
N ARG A 194 -53.80 24.77 45.08
CA ARG A 194 -54.93 24.26 45.83
C ARG A 194 -55.45 22.93 45.31
N PHE A 195 -55.23 22.61 44.04
CA PHE A 195 -55.72 21.37 43.44
C PHE A 195 -54.63 20.67 42.65
N PRO A 196 -53.53 20.27 43.30
CA PRO A 196 -52.48 19.57 42.56
C PRO A 196 -52.94 18.23 41.99
N ASP A 197 -53.93 17.60 42.60
CA ASP A 197 -54.45 16.33 42.11
C ASP A 197 -55.33 16.46 40.88
N ALA A 198 -55.80 17.68 40.57
CA ALA A 198 -56.55 17.90 39.35
C ALA A 198 -55.67 17.98 38.12
N PHE A 199 -54.35 17.96 38.28
CA PHE A 199 -53.43 18.11 37.17
C PHE A 199 -52.71 16.80 36.83
N VAL A 200 -53.16 15.67 37.37
CA VAL A 200 -52.53 14.40 37.08
C VAL A 200 -52.78 13.98 35.63
N THR A 201 -54.02 14.11 35.17
CA THR A 201 -54.39 13.77 33.81
C THR A 201 -55.30 14.85 33.27
N PHE A 202 -55.55 14.80 31.96
CA PHE A 202 -56.53 15.70 31.37
C PHE A 202 -57.95 15.27 31.72
N SER A 203 -58.15 14.00 32.07
CA SER A 203 -59.45 13.56 32.57
C SER A 203 -59.80 14.23 33.88
N SER A 204 -58.83 14.29 34.80
CA SER A 204 -59.09 14.92 36.09
C SER A 204 -59.12 16.44 35.98
N PHE A 205 -58.42 17.00 35.01
CA PHE A 205 -58.41 18.45 34.84
C PHE A 205 -59.75 18.96 34.35
N ARG A 206 -60.27 18.38 33.29
CA ARG A 206 -61.53 18.85 32.72
C ARG A 206 -62.73 18.42 33.55
N SER A 207 -62.56 17.50 34.49
CA SER A 207 -63.60 17.23 35.46
C SER A 207 -63.76 18.38 36.44
N ARG A 208 -62.63 18.96 36.89
CA ARG A 208 -62.68 20.06 37.84
C ARG A 208 -62.87 21.41 37.16
N PHE A 209 -62.30 21.60 35.98
CA PHE A 209 -62.34 22.86 35.25
C PHE A 209 -62.92 22.60 33.87
N PRO A 210 -64.23 22.38 33.76
CA PRO A 210 -64.81 21.95 32.48
C PRO A 210 -64.85 23.04 31.41
N GLU A 211 -64.73 24.31 31.78
CA GLU A 211 -64.82 25.40 30.82
C GLU A 211 -63.46 25.95 30.40
N VAL A 212 -62.37 25.28 30.78
CA VAL A 212 -61.03 25.80 30.56
C VAL A 212 -60.41 25.12 29.35
N SER A 213 -59.83 25.93 28.46
CA SER A 213 -59.15 25.46 27.28
C SER A 213 -57.69 25.87 27.32
N GLY A 214 -56.89 25.22 26.47
CA GLY A 214 -55.47 25.49 26.40
C GLY A 214 -55.12 26.47 25.29
N TYR A 215 -54.10 27.27 25.53
CA TYR A 215 -53.63 28.25 24.57
C TYR A 215 -52.11 28.27 24.60
N CYS A 216 -51.48 27.88 23.51
CA CYS A 216 -50.02 27.82 23.42
C CYS A 216 -49.55 28.70 22.28
N TYR A 217 -48.30 29.17 22.38
CA TYR A 217 -47.75 30.10 21.40
C TYR A 217 -46.24 30.07 21.47
N CYS A 218 -45.61 30.71 20.48
CA CYS A 218 -44.16 30.84 20.43
C CYS A 218 -43.77 32.15 21.11
N ALA A 219 -42.73 32.10 21.94
CA ALA A 219 -42.28 33.24 22.71
C ALA A 219 -40.88 33.66 22.28
N ASP A 220 -40.60 34.95 22.39
CA ASP A 220 -39.28 35.48 22.12
C ASP A 220 -38.41 35.37 23.38
N SER A 221 -37.18 35.89 23.29
CA SER A 221 -36.23 35.73 24.39
C SER A 221 -36.69 36.44 25.67
N GLN A 222 -37.54 37.44 25.55
CA GLN A 222 -38.11 38.12 26.71
C GLN A 222 -39.43 37.51 27.16
N GLY A 223 -39.82 36.38 26.59
CA GLY A 223 -41.06 35.75 26.95
C GLY A 223 -42.29 36.36 26.33
N ARG A 224 -42.14 37.29 25.40
CA ARG A 224 -43.29 37.92 24.76
C ARG A 224 -43.80 37.06 23.62
N GLU A 225 -45.11 37.08 23.44
CA GLU A 225 -45.76 36.24 22.43
C GLU A 225 -45.47 36.78 21.04
N LEU A 226 -44.90 35.94 20.18
CA LEU A 226 -44.73 36.33 18.78
C LEU A 226 -46.08 36.44 18.10
N ALA A 227 -46.22 37.41 17.22
CA ALA A 227 -47.51 37.71 16.62
C ALA A 227 -47.99 36.56 15.72
N GLU A 228 -49.24 36.18 15.91
CA GLU A 228 -49.93 35.20 15.06
C GLU A 228 -49.25 33.83 15.12
N THR A 229 -48.96 33.39 16.34
CA THR A 229 -48.53 32.01 16.58
C THR A 229 -49.38 31.29 17.60
N GLY A 230 -50.49 31.89 18.04
CA GLY A 230 -51.30 31.27 19.08
C GLY A 230 -52.19 30.18 18.52
N LEU A 231 -52.35 29.12 19.29
CA LEU A 231 -53.25 28.02 18.97
C LEU A 231 -54.18 27.74 20.13
N GLU A 232 -55.46 27.59 19.84
CA GLU A 232 -56.42 27.07 20.80
C GLU A 232 -56.37 25.55 20.78
N LEU A 233 -56.02 24.95 21.90
CA LEU A 233 -55.95 23.50 22.03
C LEU A 233 -57.10 23.03 22.91
N LEU A 234 -57.88 22.08 22.41
CA LEU A 234 -59.04 21.58 23.13
C LEU A 234 -58.66 20.37 23.96
N LEU A 235 -59.17 20.33 25.19
CA LEU A 235 -58.79 19.32 26.16
C LEU A 235 -59.79 18.17 26.28
N ASP A 236 -60.85 18.17 25.47
CA ASP A 236 -61.97 17.26 25.70
C ASP A 236 -61.63 15.83 25.33
N GLU A 237 -60.86 15.63 24.26
CA GLU A 237 -60.62 14.30 23.73
C GLU A 237 -59.19 13.82 23.91
N ILE A 238 -58.44 14.40 24.86
CA ILE A 238 -57.09 13.92 25.12
C ILE A 238 -57.16 12.74 26.09
N TYR A 239 -56.31 11.75 25.84
CA TYR A 239 -56.30 10.51 26.60
C TYR A 239 -55.49 10.69 27.89
N ASP A 240 -55.23 9.60 28.59
CA ASP A 240 -54.29 9.55 29.70
C ASP A 240 -53.10 8.68 29.28
N THR A 241 -51.98 8.83 29.99
CA THR A 241 -50.73 8.27 29.53
C THR A 241 -50.04 7.47 30.64
N ILE A 242 -49.12 6.61 30.22
CA ILE A 242 -48.37 5.78 31.16
C ILE A 242 -47.13 6.52 31.67
N PHE A 243 -46.49 7.31 30.81
CA PHE A 243 -45.30 8.04 31.21
C PHE A 243 -45.67 9.07 32.27
N ALA A 244 -45.09 8.92 33.46
CA ALA A 244 -45.35 9.81 34.59
C ALA A 244 -44.36 9.47 35.69
N GLY A 245 -44.22 10.39 36.63
CA GLY A 245 -43.37 10.16 37.79
C GLY A 245 -44.09 9.35 38.85
N LEU A 246 -43.43 9.21 39.98
CA LEU A 246 -44.06 8.60 41.14
C LEU A 246 -44.89 9.60 41.93
N ASP A 247 -44.33 10.81 42.09
CA ASP A 247 -45.04 11.89 42.84
C ASP A 247 -45.57 12.92 41.85
N LEU A 248 -46.57 13.71 42.25
CA LEU A 248 -47.14 14.77 41.38
C LEU A 248 -46.09 15.87 41.25
N ALA A 249 -45.91 16.47 40.08
CA ALA A 249 -44.87 17.49 39.84
C ALA A 249 -44.96 18.69 40.79
N SER A 250 -43.84 19.38 40.98
CA SER A 250 -43.82 20.56 41.83
C SER A 250 -44.50 21.74 41.14
N THR A 251 -44.18 21.98 39.88
CA THR A 251 -44.74 23.08 39.12
C THR A 251 -45.52 22.54 37.93
N PHE A 252 -46.38 23.39 37.37
CA PHE A 252 -47.13 23.00 36.19
C PHE A 252 -46.22 22.74 35.00
N ALA A 253 -45.07 23.42 34.93
CA ALA A 253 -44.12 23.20 33.85
C ALA A 253 -43.52 21.81 33.85
N GLU A 254 -43.64 21.07 34.95
CA GLU A 254 -43.08 19.73 35.05
C GLU A 254 -44.14 18.64 34.98
N THR A 255 -45.36 18.98 34.58
CA THR A 255 -46.43 17.99 34.47
C THR A 255 -46.47 17.38 33.08
N THR A 256 -47.08 16.19 33.00
CA THR A 256 -47.35 15.60 31.71
C THR A 256 -48.37 16.41 30.93
N LEU A 257 -49.23 17.17 31.63
CA LEU A 257 -50.21 18.01 30.95
C LEU A 257 -49.53 19.08 30.09
N TYR A 258 -48.52 19.74 30.64
CA TYR A 258 -47.79 20.73 29.85
C TYR A 258 -47.04 20.08 28.70
N ARG A 259 -46.45 18.90 28.94
CA ARG A 259 -45.64 18.26 27.91
C ARG A 259 -46.48 17.81 26.74
N ILE A 260 -47.72 17.37 27.00
CA ILE A 260 -48.60 16.94 25.92
C ILE A 260 -49.04 18.13 25.07
N LEU A 261 -49.39 19.23 25.73
CA LEU A 261 -49.81 20.43 25.00
C LEU A 261 -48.67 20.99 24.16
N GLN A 262 -47.45 20.96 24.70
CA GLN A 262 -46.28 21.48 23.99
C GLN A 262 -45.98 20.66 22.74
N ARG A 263 -46.09 19.34 22.84
CA ARG A 263 -45.76 18.47 21.72
C ARG A 263 -46.81 18.56 20.61
N ARG A 264 -48.09 18.69 20.98
CA ARG A 264 -49.14 18.90 19.98
C ARG A 264 -48.93 20.22 19.25
N PHE A 265 -48.55 21.27 20.00
CA PHE A 265 -48.22 22.54 19.39
C PHE A 265 -47.09 22.39 18.39
N LEU A 266 -46.05 21.63 18.75
CA LEU A 266 -44.92 21.46 17.83
C LEU A 266 -45.32 20.69 16.58
N ALA A 267 -46.21 19.69 16.72
CA ALA A 267 -46.68 18.97 15.54
C ALA A 267 -47.45 19.89 14.60
N VAL A 268 -48.32 20.74 15.14
CA VAL A 268 -49.01 21.69 14.28
C VAL A 268 -48.03 22.67 13.65
N GLN A 269 -47.00 23.08 14.40
CA GLN A 269 -45.96 23.92 13.81
C GLN A 269 -45.29 23.23 12.64
N LEU A 270 -45.06 21.92 12.76
CA LEU A 270 -44.47 21.18 11.66
C LEU A 270 -45.35 21.21 10.43
N VAL A 271 -46.66 21.05 10.60
CA VAL A 271 -47.51 21.02 9.42
C VAL A 271 -47.65 22.42 8.80
N ILE A 272 -47.71 23.47 9.63
CA ILE A 272 -48.00 24.80 9.07
C ILE A 272 -46.77 25.64 8.78
N SER A 273 -45.58 25.18 9.18
CA SER A 273 -44.36 25.94 8.93
C SER A 273 -43.20 25.10 8.41
N GLY A 274 -43.30 23.80 8.32
CA GLY A 274 -42.15 22.99 7.91
C GLY A 274 -41.17 22.61 8.98
N ARG A 275 -41.33 23.09 10.22
CA ARG A 275 -40.33 22.87 11.27
C ARG A 275 -40.96 22.41 12.59
N PHE A 276 -40.42 21.36 13.22
CA PHE A 276 -40.86 20.89 14.54
C PHE A 276 -40.24 21.76 15.62
N ARG A 277 -40.45 23.06 15.56
CA ARG A 277 -39.91 24.01 16.53
C ARG A 277 -40.57 25.37 16.28
N CYS A 278 -40.24 26.33 17.14
CA CYS A 278 -40.60 27.73 17.05
C CYS A 278 -39.50 28.51 16.33
N PRO A 279 -39.80 29.70 15.80
CA PRO A 279 -38.78 30.48 15.10
C PRO A 279 -37.62 30.85 16.00
N THR A 280 -36.41 30.82 15.44
CA THR A 280 -35.21 31.20 16.15
C THR A 280 -35.02 32.72 16.13
N LYS A 281 -33.97 33.17 16.81
CA LYS A 281 -33.68 34.60 16.89
C LYS A 281 -33.40 35.19 15.51
N CYS A 282 -32.63 34.47 14.68
CA CYS A 282 -32.35 34.94 13.33
C CYS A 282 -33.63 35.10 12.53
N GLU A 283 -34.52 34.10 12.57
CA GLU A 283 -35.73 34.13 11.77
C GLU A 283 -36.69 35.23 12.20
N VAL A 284 -36.75 35.53 13.50
CA VAL A 284 -37.57 36.63 13.97
C VAL A 284 -37.04 37.96 13.43
N GLU A 285 -35.73 38.16 13.47
CA GLU A 285 -35.14 39.41 13.00
C GLU A 285 -35.25 39.53 11.48
N ARG A 286 -35.10 38.42 10.76
CA ARG A 286 -35.27 38.45 9.31
C ARG A 286 -36.70 38.83 8.93
N PHE A 287 -37.69 38.32 9.68
CA PHE A 287 -39.07 38.65 9.41
C PHE A 287 -39.36 40.13 9.67
N ALA A 288 -38.83 40.66 10.77
CA ALA A 288 -39.05 42.07 11.10
C ALA A 288 -38.37 43.00 10.10
N ALA A 289 -37.18 42.62 9.62
CA ALA A 289 -36.49 43.47 8.65
C ALA A 289 -37.22 43.50 7.32
N THR A 290 -37.77 42.37 6.89
CA THR A 290 -38.52 42.34 5.63
C THR A 290 -39.82 43.12 5.74
N SER A 291 -40.47 43.06 6.90
CA SER A 291 -41.74 43.77 7.08
C SER A 291 -41.54 45.28 6.97
N PHE A 292 -40.55 45.81 7.67
CA PHE A 292 -40.31 47.25 7.69
C PHE A 292 -39.29 47.69 6.64
N ARG A 293 -38.81 46.76 5.83
CA ARG A 293 -37.98 47.08 4.66
C ARG A 293 -36.69 47.79 5.07
N HIS A 294 -35.96 47.16 5.98
CA HIS A 294 -34.70 47.70 6.46
C HIS A 294 -33.57 47.39 5.48
N PRO A 295 -32.54 48.24 5.43
CA PRO A 295 -31.42 47.97 4.51
C PRO A 295 -30.69 46.68 4.80
N TYR A 296 -30.57 46.28 6.06
CA TYR A 296 -29.88 45.04 6.42
C TYR A 296 -30.92 44.02 6.86
N VAL A 297 -31.12 43.00 6.04
CA VAL A 297 -31.98 41.87 6.35
C VAL A 297 -31.08 40.70 6.75
N PRO A 298 -31.17 40.20 7.98
CA PRO A 298 -30.38 39.02 8.35
C PRO A 298 -30.73 37.83 7.49
N SER A 299 -29.73 37.01 7.20
CA SER A 299 -29.89 35.80 6.40
C SER A 299 -29.67 34.58 7.27
N CYS A 300 -30.52 33.57 7.12
CA CYS A 300 -30.59 32.47 8.06
C CYS A 300 -30.42 31.17 7.29
N HIS A 301 -29.84 30.16 7.96
CA HIS A 301 -29.93 28.81 7.44
C HIS A 301 -31.33 28.24 7.67
N PRO A 302 -31.72 27.21 6.91
CA PRO A 302 -33.04 26.62 7.11
C PRO A 302 -33.25 26.02 8.50
N ASP A 303 -32.18 25.71 9.23
CA ASP A 303 -32.32 25.22 10.59
C ASP A 303 -32.42 26.34 11.62
N GLY A 304 -32.40 27.60 11.18
CA GLY A 304 -32.63 28.75 12.03
C GLY A 304 -31.37 29.51 12.41
N GLU A 305 -30.21 28.90 12.20
CA GLU A 305 -28.96 29.54 12.58
C GLU A 305 -28.64 30.71 11.66
N TYR A 306 -27.94 31.71 12.20
CA TYR A 306 -27.39 32.77 11.38
C TYR A 306 -26.40 32.19 10.37
N GLN A 307 -26.48 32.65 9.13
CA GLN A 307 -25.42 32.36 8.19
C GLN A 307 -24.17 33.16 8.56
N ALA A 308 -23.01 32.57 8.30
CA ALA A 308 -21.76 33.23 8.66
C ALA A 308 -21.59 34.56 7.93
N ALA A 309 -21.92 34.60 6.65
CA ALA A 309 -21.74 35.80 5.85
C ALA A 309 -23.03 36.61 5.85
N GLN A 310 -22.96 37.84 6.36
CA GLN A 310 -24.07 38.77 6.32
C GLN A 310 -23.74 39.91 5.35
N CYS A 311 -24.78 40.56 4.86
CA CYS A 311 -24.64 41.51 3.77
C CYS A 311 -25.58 42.68 4.01
N GLN A 312 -25.22 43.84 3.48
CA GLN A 312 -26.16 44.94 3.41
C GLN A 312 -26.46 45.26 1.94
N GLN A 313 -27.62 45.86 1.70
CA GLN A 313 -28.04 46.20 0.35
C GLN A 313 -27.06 47.19 -0.29
N GLY A 314 -26.32 46.72 -1.29
CA GLY A 314 -25.33 47.52 -1.96
C GLY A 314 -24.31 48.12 -1.01
N GLY A 315 -24.08 47.43 0.10
CA GLY A 315 -23.21 47.92 1.14
C GLY A 315 -22.16 46.90 1.51
N PRO A 316 -21.53 47.10 2.66
CA PRO A 316 -20.44 46.20 3.07
C PRO A 316 -20.95 44.82 3.45
N CYS A 317 -20.03 43.86 3.47
CA CYS A 317 -20.29 42.50 3.90
C CYS A 317 -19.43 42.19 5.10
N TRP A 318 -19.89 41.28 5.96
CA TRP A 318 -19.13 40.91 7.14
C TRP A 318 -19.50 39.50 7.56
N CYS A 319 -18.76 38.98 8.54
CA CYS A 319 -19.02 37.68 9.14
C CYS A 319 -19.52 37.89 10.57
N VAL A 320 -20.41 37.00 11.02
CA VAL A 320 -21.02 37.12 12.34
C VAL A 320 -20.84 35.82 13.10
N ASP A 321 -21.14 35.88 14.39
CA ASP A 321 -21.09 34.73 15.27
C ASP A 321 -22.49 34.11 15.40
N SER A 322 -22.65 33.15 16.32
CA SER A 322 -23.93 32.49 16.48
C SER A 322 -25.01 33.39 17.03
N ARG A 323 -24.65 34.51 17.64
CA ARG A 323 -25.60 35.49 18.12
C ARG A 323 -25.94 36.54 17.05
N GLY A 324 -25.37 36.39 15.86
CA GLY A 324 -25.62 37.33 14.79
C GLY A 324 -24.86 38.62 14.90
N GLN A 325 -23.86 38.67 15.76
CA GLN A 325 -23.09 39.89 15.99
C GLN A 325 -21.82 39.87 15.15
N GLU A 326 -21.52 41.00 14.53
CA GLU A 326 -20.39 41.09 13.61
C GLU A 326 -19.08 40.74 14.29
N ILE A 327 -18.26 39.94 13.62
CA ILE A 327 -16.96 39.51 14.12
C ILE A 327 -15.93 40.55 13.70
N PRO A 328 -15.21 41.16 14.64
CA PRO A 328 -14.30 42.26 14.30
C PRO A 328 -13.21 41.83 13.31
N GLY A 329 -12.90 42.71 12.37
CA GLY A 329 -11.84 42.49 11.41
C GLY A 329 -12.21 41.68 10.19
N THR A 330 -13.49 41.53 9.89
CA THR A 330 -13.93 40.70 8.77
C THR A 330 -14.74 41.47 7.73
N ARG A 331 -14.75 42.79 7.78
CA ARG A 331 -15.60 43.59 6.90
C ARG A 331 -14.98 43.67 5.52
N GLN A 332 -15.51 42.88 4.59
CA GLN A 332 -15.13 43.00 3.20
C GLN A 332 -16.06 43.97 2.48
N ARG A 333 -15.74 44.28 1.23
CA ARG A 333 -16.49 45.26 0.47
C ARG A 333 -17.32 44.65 -0.65
N GLY A 334 -16.68 44.02 -1.63
CA GLY A 334 -17.41 43.52 -2.78
C GLY A 334 -17.87 42.09 -2.70
N GLU A 335 -16.93 41.18 -2.44
CA GLU A 335 -17.26 39.76 -2.47
C GLU A 335 -17.95 39.34 -1.18
N PRO A 336 -18.86 38.37 -1.23
CA PRO A 336 -19.26 37.68 0.00
C PRO A 336 -18.03 37.19 0.73
N PRO A 337 -17.85 37.58 1.99
CA PRO A 337 -16.55 37.41 2.65
C PRO A 337 -16.17 35.94 2.78
N SER A 338 -14.86 35.71 2.92
CA SER A 338 -14.33 34.37 3.15
C SER A 338 -14.57 34.01 4.62
N CYS A 339 -15.85 33.91 4.97
CA CYS A 339 -16.22 33.54 6.32
C CYS A 339 -15.76 32.11 6.60
N ALA A 340 -14.88 31.98 7.60
CA ALA A 340 -14.18 30.74 7.89
C ALA A 340 -15.16 29.73 8.47
N GLU A 341 -15.59 28.77 7.66
CA GLU A 341 -16.59 27.79 8.08
C GLU A 341 -15.98 26.50 8.61
N ASP A 342 -15.27 25.76 7.75
CA ASP A 342 -14.72 24.48 8.20
C ASP A 342 -13.38 24.65 8.91
N GLN A 343 -12.36 25.09 8.17
CA GLN A 343 -11.05 25.45 8.71
C GLN A 343 -10.51 24.48 9.75
N SER A 344 -10.78 23.18 9.58
CA SER A 344 -10.17 22.20 10.47
C SER A 344 -8.72 21.94 10.11
N CYS A 345 -8.27 22.39 8.92
CA CYS A 345 -6.91 22.06 8.49
C CYS A 345 -5.85 22.77 9.32
N PRO A 346 -5.83 24.10 9.44
CA PRO A 346 -4.70 24.75 10.14
C PRO A 346 -4.55 24.31 11.59
N SER A 347 -5.66 24.02 12.27
CA SER A 347 -5.57 23.45 13.61
C SER A 347 -5.08 22.00 13.56
N GLU A 348 -5.55 21.23 12.57
CA GLU A 348 -5.06 19.86 12.40
C GLU A 348 -3.58 19.85 12.04
N ARG A 349 -3.16 20.76 11.17
CA ARG A 349 -1.75 20.82 10.79
C ARG A 349 -0.87 21.20 11.97
N ARG A 350 -1.35 22.08 12.85
CA ARG A 350 -0.59 22.44 14.04
C ARG A 350 -0.45 21.27 14.99
N ARG A 351 -1.54 20.51 15.19
CA ARG A 351 -1.48 19.36 16.08
C ARG A 351 -0.51 18.30 15.57
N ALA A 352 -0.42 18.15 14.26
CA ALA A 352 0.50 17.17 13.69
C ALA A 352 1.95 17.58 13.90
N PHE A 353 2.25 18.88 13.72
CA PHE A 353 3.60 19.36 13.99
C PHE A 353 3.99 19.24 15.46
N SER A 354 3.07 19.52 16.38
CA SER A 354 3.41 19.36 17.80
C SER A 354 3.57 17.89 18.15
N ARG A 355 2.90 17.01 17.43
CA ARG A 355 3.11 15.58 17.62
C ARG A 355 4.44 15.13 17.04
N LEU A 356 4.85 15.72 15.92
CA LEU A 356 6.17 15.43 15.36
C LEU A 356 7.29 15.91 16.28
N ARG A 357 7.16 17.11 16.82
CA ARG A 357 8.22 17.71 17.61
C ARG A 357 8.34 17.12 19.01
N PHE A 358 7.39 16.28 19.41
CA PHE A 358 7.41 15.76 20.79
C PHE A 358 8.64 14.91 21.05
N GLY A 359 9.18 14.28 20.02
CA GLY A 359 10.35 13.45 20.17
C GLY A 359 10.04 11.98 20.07
N PRO A 360 11.08 11.15 20.10
CA PRO A 360 10.90 9.72 19.82
C PRO A 360 10.08 8.98 20.87
N SER A 361 10.43 9.12 22.15
CA SER A 361 9.85 8.31 23.21
C SER A 361 9.15 9.18 24.24
N GLY A 362 8.02 8.69 24.73
CA GLY A 362 7.25 9.37 25.76
C GLY A 362 5.78 9.43 25.38
N TYR A 363 4.94 9.61 26.39
CA TYR A 363 3.51 9.69 26.17
C TYR A 363 3.12 11.03 25.57
N PHE A 364 2.33 11.00 24.50
CA PHE A 364 2.05 12.18 23.73
C PHE A 364 1.18 13.17 24.51
N SER A 365 1.12 14.39 23.99
CA SER A 365 0.41 15.49 24.65
C SER A 365 -1.08 15.21 24.81
N ALA A 387 -12.98 14.48 12.12
CA ALA A 387 -12.88 13.33 11.23
C ALA A 387 -12.75 12.04 12.02
N SER A 388 -12.02 12.11 13.13
CA SER A 388 -11.87 10.95 14.01
C SER A 388 -13.18 10.68 14.75
N CYS A 389 -13.35 9.42 15.14
CA CYS A 389 -14.57 9.03 15.86
C CYS A 389 -14.48 9.49 17.32
N PRO A 390 -15.53 10.10 17.87
CA PRO A 390 -15.57 10.31 19.31
C PRO A 390 -15.67 8.98 20.03
N PRO A 391 -15.18 8.91 21.26
CA PRO A 391 -15.11 7.61 21.96
C PRO A 391 -16.46 6.93 22.14
N SER A 392 -16.53 5.65 21.79
CA SER A 392 -17.64 4.72 21.97
C SER A 392 -18.80 5.00 21.01
N ILE A 393 -18.77 6.07 20.22
CA ILE A 393 -19.93 6.45 19.43
C ILE A 393 -20.13 5.48 18.28
N LYS A 394 -19.06 5.15 17.56
CA LYS A 394 -19.18 4.28 16.40
C LYS A 394 -19.67 2.89 16.81
N GLU A 395 -19.09 2.34 17.88
CA GLU A 395 -19.42 0.98 18.28
C GLU A 395 -20.86 0.88 18.77
N LEU A 396 -21.28 1.80 19.64
CA LEU A 396 -22.59 1.67 20.26
C LEU A 396 -23.71 2.08 19.32
N PHE A 397 -23.47 3.08 18.47
CA PHE A 397 -24.54 3.63 17.63
C PHE A 397 -24.52 3.14 16.20
N LEU A 398 -23.33 2.94 15.62
CA LEU A 398 -23.22 2.61 14.20
C LEU A 398 -22.82 1.18 13.93
N ASP A 399 -21.92 0.59 14.74
CA ASP A 399 -21.61 -0.82 14.59
C ASP A 399 -22.85 -1.68 14.85
N SER A 400 -23.65 -1.30 15.84
CA SER A 400 -24.83 -2.06 16.20
C SER A 400 -25.94 -1.97 15.17
N GLY A 401 -25.89 -1.00 14.26
CA GLY A 401 -26.98 -0.80 13.33
C GLY A 401 -28.20 -0.17 13.94
N ILE A 402 -28.02 0.62 15.00
CA ILE A 402 -29.14 1.31 15.66
C ILE A 402 -29.54 2.57 14.89
N PHE A 403 -28.56 3.32 14.38
CA PHE A 403 -28.83 4.64 13.81
C PHE A 403 -29.41 4.55 12.41
N GLN A 404 -28.98 3.58 11.61
CA GLN A 404 -29.32 3.57 10.19
C GLN A 404 -30.81 3.49 9.90
N PRO A 405 -31.61 2.62 10.55
CA PRO A 405 -33.06 2.65 10.27
C PRO A 405 -33.72 3.96 10.68
N MET A 406 -33.12 4.70 11.61
CA MET A 406 -33.67 6.00 11.99
C MET A 406 -33.56 7.01 10.87
N LEU A 407 -32.52 6.98 10.06
CA LEU A 407 -32.25 8.05 9.09
C LEU A 407 -33.16 7.98 7.88
N GLN A 408 -33.50 6.79 7.50
CA GLN A 408 -34.22 6.69 6.21
C GLN A 408 -35.65 6.32 6.39
N GLY A 409 -36.42 6.74 5.41
CA GLY A 409 -37.82 6.37 5.41
C GLY A 409 -38.05 4.89 5.23
N ARG A 410 -39.15 4.44 5.75
CA ARG A 410 -39.66 3.07 5.68
C ARG A 410 -40.85 3.07 4.75
N ASP A 411 -40.70 2.42 3.60
CA ASP A 411 -41.64 2.34 2.50
C ASP A 411 -41.87 3.70 1.86
N THR A 412 -41.02 4.69 2.13
CA THR A 412 -41.12 6.00 1.51
C THR A 412 -39.74 6.45 1.05
N ARG A 413 -39.71 7.23 -0.03
CA ARG A 413 -38.48 7.80 -0.54
C ARG A 413 -38.08 9.07 0.22
N PHE A 414 -38.91 9.54 1.13
CA PHE A 414 -38.60 10.72 1.94
C PHE A 414 -37.36 10.45 2.78
N VAL A 415 -36.36 11.32 2.66
CA VAL A 415 -35.15 11.25 3.47
C VAL A 415 -35.15 12.44 4.42
N ALA A 416 -35.07 12.16 5.72
CA ALA A 416 -35.17 13.21 6.70
C ALA A 416 -33.91 14.08 6.69
N PRO A 417 -34.06 15.40 6.77
CA PRO A 417 -32.90 16.25 7.04
C PRO A 417 -32.45 16.10 8.48
N GLU A 418 -31.16 16.39 8.71
CA GLU A 418 -30.60 16.33 10.04
C GLU A 418 -31.34 17.25 11.01
N SER A 419 -31.84 18.38 10.51
CA SER A 419 -32.57 19.32 11.36
C SER A 419 -33.87 18.71 11.89
N LEU A 420 -34.57 17.95 11.06
CA LEU A 420 -35.82 17.33 11.51
C LEU A 420 -35.55 16.33 12.63
N LEU A 421 -34.44 15.60 12.55
CA LEU A 421 -34.12 14.64 13.61
C LEU A 421 -33.67 15.35 14.87
N LYS A 422 -32.88 16.42 14.74
CA LYS A 422 -32.49 17.17 15.92
C LYS A 422 -33.67 17.91 16.55
N GLU A 423 -34.56 18.45 15.73
CA GLU A 423 -35.73 19.14 16.26
C GLU A 423 -36.67 18.16 16.96
N ALA A 424 -36.87 16.97 16.39
CA ALA A 424 -37.80 16.01 16.95
C ALA A 424 -37.33 15.52 18.33
N ILE A 425 -36.04 15.22 18.46
CA ILE A 425 -35.55 14.71 19.74
C ILE A 425 -35.58 15.80 20.81
N ARG A 426 -35.30 17.05 20.44
CA ARG A 426 -35.41 18.16 21.40
C ARG A 426 -36.86 18.39 21.79
N GLY A 427 -37.78 18.33 20.82
CA GLY A 427 -39.17 18.62 21.12
C GLY A 427 -39.83 17.55 21.98
N LEU A 428 -39.48 16.29 21.75
CA LEU A 428 -40.15 15.20 22.47
C LEU A 428 -39.52 14.94 23.83
N PHE A 429 -38.20 15.07 23.94
CA PHE A 429 -37.47 14.80 25.18
C PHE A 429 -36.60 16.00 25.53
N PRO A 430 -37.13 16.96 26.29
CA PRO A 430 -36.34 18.14 26.65
C PRO A 430 -35.11 17.84 27.50
N SER A 431 -35.07 16.71 28.20
CA SER A 431 -33.93 16.41 29.07
C SER A 431 -33.70 14.91 29.12
N ARG A 432 -32.50 14.54 29.55
CA ARG A 432 -32.16 13.13 29.71
C ARG A 432 -33.03 12.46 30.76
N GLU A 433 -33.40 13.19 31.81
CA GLU A 433 -34.21 12.62 32.87
C GLU A 433 -35.63 12.31 32.41
N LEU A 434 -36.16 13.10 31.48
CA LEU A 434 -37.50 12.81 30.96
C LEU A 434 -37.46 11.63 29.99
N ALA A 435 -36.40 11.52 29.19
CA ALA A 435 -36.25 10.37 28.31
C ALA A 435 -36.06 9.10 29.12
N ARG A 436 -35.42 9.20 30.27
CA ARG A 436 -35.24 8.03 31.13
C ARG A 436 -36.58 7.59 31.73
N LEU A 437 -37.47 8.53 31.99
CA LEU A 437 -38.81 8.20 32.47
C LEU A 437 -39.60 7.45 31.41
N ALA A 438 -39.48 7.88 30.15
CA ALA A 438 -40.21 7.22 29.07
C ALA A 438 -39.76 5.77 28.90
N LEU A 439 -38.46 5.52 29.02
CA LEU A 439 -37.94 4.16 28.90
C LEU A 439 -38.41 3.28 30.05
N GLN A 440 -38.68 3.88 31.22
CA GLN A 440 -39.12 3.11 32.36
C GLN A 440 -40.52 2.54 32.16
N PHE A 441 -41.37 3.26 31.44
CA PHE A 441 -42.78 2.90 31.31
C PHE A 441 -43.19 2.54 29.90
N THR A 442 -42.27 2.52 28.94
CA THR A 442 -42.60 2.09 27.58
C THR A 442 -42.03 0.69 27.36
N THR A 443 -42.92 -0.29 27.25
CA THR A 443 -42.50 -1.66 26.99
C THR A 443 -42.16 -1.86 25.52
N ASN A 444 -43.14 -1.65 24.64
CA ASN A 444 -42.97 -1.78 23.20
C ASN A 444 -43.14 -0.43 22.53
N ALA A 445 -42.36 -0.20 21.48
CA ALA A 445 -42.29 1.11 20.84
C ALA A 445 -43.55 1.47 20.06
N LYS A 446 -44.48 0.54 19.85
CA LYS A 446 -45.70 0.87 19.14
C LYS A 446 -46.66 1.68 20.00
N ARG A 447 -46.37 1.83 21.28
CA ARG A 447 -47.23 2.55 22.21
C ARG A 447 -46.71 3.95 22.48
N LEU A 448 -45.53 4.29 21.97
CA LEU A 448 -44.81 5.47 22.45
C LEU A 448 -45.47 6.77 22.00
N GLN A 449 -45.90 6.84 20.74
CA GLN A 449 -46.54 8.07 20.27
C GLN A 449 -47.83 8.35 21.02
N GLN A 450 -48.62 7.31 21.30
CA GLN A 450 -49.86 7.46 22.02
C GLN A 450 -49.64 8.01 23.42
N ASN A 451 -48.56 7.59 24.07
CA ASN A 451 -48.24 8.10 25.40
C ASN A 451 -47.76 9.54 25.33
N LEU A 452 -46.87 9.84 24.39
CA LEU A 452 -46.26 11.18 24.33
C LEU A 452 -47.28 12.24 23.95
N PHE A 453 -48.16 11.97 22.99
CA PHE A 453 -49.08 12.96 22.48
C PHE A 453 -50.48 12.85 23.06
N GLY A 454 -50.71 11.92 23.98
CA GLY A 454 -52.05 11.67 24.46
C GLY A 454 -53.00 11.19 23.38
N GLY A 455 -52.49 10.42 22.44
CA GLY A 455 -53.28 9.99 21.29
C GLY A 455 -52.39 9.84 20.08
N ARG A 456 -53.00 9.36 19.00
CA ARG A 456 -52.30 9.21 17.72
C ARG A 456 -52.39 10.53 16.95
N PHE A 457 -51.68 11.53 17.47
CA PHE A 457 -51.85 12.89 17.01
C PHE A 457 -51.24 13.12 15.64
N LEU A 458 -50.07 12.53 15.37
CA LEU A 458 -49.32 12.87 14.17
C LEU A 458 -50.07 12.48 12.90
N VAL A 459 -50.87 11.42 12.95
CA VAL A 459 -51.66 11.02 11.79
C VAL A 459 -52.73 12.05 11.49
N ASN A 460 -53.50 12.43 12.51
CA ASN A 460 -54.60 13.36 12.32
C ASN A 460 -54.11 14.74 11.95
N VAL A 461 -52.92 15.15 12.40
CA VAL A 461 -52.36 16.41 11.95
C VAL A 461 -52.07 16.37 10.46
N GLY A 462 -51.52 15.25 9.99
CA GLY A 462 -51.25 15.11 8.57
C GLY A 462 -52.51 15.17 7.72
N GLN A 463 -53.57 14.52 8.19
CA GLN A 463 -54.81 14.51 7.41
C GLN A 463 -55.77 15.64 7.76
N PHE A 464 -55.38 16.56 8.66
CA PHE A 464 -56.20 17.70 9.06
C PHE A 464 -57.48 17.27 9.75
N ASN A 465 -57.47 16.11 10.39
CA ASN A 465 -58.58 15.62 11.19
C ASN A 465 -58.40 16.15 12.61
N LEU A 466 -58.70 17.44 12.78
CA LEU A 466 -58.32 18.18 13.97
C LEU A 466 -59.47 18.92 14.62
N SER A 467 -60.72 18.61 14.27
CA SER A 467 -61.85 19.40 14.76
C SER A 467 -62.05 19.24 16.26
N GLY A 468 -61.73 18.07 16.81
CA GLY A 468 -61.86 17.84 18.23
C GLY A 468 -60.61 18.12 19.05
N ALA A 469 -59.58 18.69 18.44
CA ALA A 469 -58.32 18.91 19.13
C ALA A 469 -57.88 20.36 19.02
N LEU A 470 -58.34 21.05 17.99
CA LEU A 470 -57.93 22.42 17.71
C LEU A 470 -59.15 23.32 17.57
N GLY A 471 -59.10 24.47 18.24
CA GLY A 471 -60.05 25.53 18.00
C GLY A 471 -59.50 26.53 17.00
N THR A 472 -60.34 27.50 16.64
CA THR A 472 -59.97 28.53 15.69
C THR A 472 -59.83 29.90 16.33
N ARG A 473 -59.90 30.00 17.65
CA ARG A 473 -59.76 31.28 18.33
C ARG A 473 -58.32 31.80 18.31
N GLY A 474 -57.32 30.91 18.22
CA GLY A 474 -55.93 31.34 18.27
C GLY A 474 -55.57 32.34 17.20
N THR A 475 -54.39 32.95 17.38
CA THR A 475 -54.03 34.09 16.53
C THR A 475 -53.45 33.66 15.20
N PHE A 476 -53.04 32.39 15.07
CA PHE A 476 -52.69 31.90 13.74
C PHE A 476 -53.95 31.79 12.89
N ASN A 477 -53.85 32.26 11.66
CA ASN A 477 -55.01 32.39 10.78
C ASN A 477 -55.13 31.12 9.94
N PHE A 478 -56.02 30.23 10.37
CA PHE A 478 -56.18 28.96 9.66
C PHE A 478 -56.99 29.12 8.38
N SER A 479 -57.95 30.04 8.38
CA SER A 479 -58.75 30.27 7.18
C SER A 479 -57.88 30.76 6.03
N HIS A 480 -56.98 31.68 6.30
CA HIS A 480 -56.05 32.15 5.28
C HIS A 480 -55.12 31.02 4.83
N PHE A 481 -54.69 30.19 5.77
CA PHE A 481 -53.83 29.07 5.45
C PHE A 481 -54.52 28.08 4.52
N PHE A 482 -55.77 27.73 4.83
CA PHE A 482 -56.50 26.77 4.01
C PHE A 482 -56.95 27.37 2.68
N GLN A 483 -57.21 28.68 2.67
CA GLN A 483 -57.58 29.35 1.42
C GLN A 483 -56.41 29.33 0.43
N GLN A 484 -55.20 29.55 0.92
CA GLN A 484 -54.02 29.46 0.05
C GLN A 484 -53.85 28.05 -0.50
N LEU A 485 -54.14 27.03 0.31
CA LEU A 485 -53.99 25.64 -0.09
C LEU A 485 -55.15 25.14 -0.92
N GLY A 486 -56.23 25.91 -1.04
CA GLY A 486 -57.41 25.43 -1.72
C GLY A 486 -58.10 24.29 -1.02
N LEU A 487 -58.26 24.38 0.30
CA LEU A 487 -58.79 23.29 1.10
C LEU A 487 -59.96 23.78 1.94
N PRO A 488 -60.92 22.89 2.24
CA PRO A 488 -62.06 23.32 3.06
C PRO A 488 -61.69 23.69 4.49
N GLY A 489 -60.74 22.99 5.09
CA GLY A 489 -60.39 23.22 6.47
C GLY A 489 -60.24 21.94 7.26
N PHE A 490 -60.75 21.92 8.49
CA PHE A 490 -60.68 20.72 9.29
C PHE A 490 -61.71 19.70 8.81
N GLN A 491 -61.23 18.52 8.44
CA GLN A 491 -62.08 17.41 8.02
C GLN A 491 -62.18 16.39 9.16
N ASP A 492 -62.81 15.25 8.89
CA ASP A 492 -62.91 14.17 9.86
C ASP A 492 -62.88 12.81 9.18
N LYS A 527 -47.64 29.55 -7.41
CA LYS A 527 -47.46 30.50 -6.32
C LYS A 527 -46.74 29.87 -5.14
N PRO A 528 -46.01 30.69 -4.38
CA PRO A 528 -45.46 30.22 -3.09
C PRO A 528 -46.51 30.37 -1.99
N VAL A 529 -46.87 29.25 -1.36
CA VAL A 529 -47.78 29.28 -0.23
C VAL A 529 -46.99 29.69 1.01
N VAL A 530 -47.51 30.68 1.74
CA VAL A 530 -46.83 31.25 2.90
C VAL A 530 -47.62 30.88 4.14
N GLY A 531 -46.94 30.24 5.10
CA GLY A 531 -47.58 29.86 6.34
C GLY A 531 -47.25 30.81 7.48
N SER A 532 -46.82 30.26 8.60
CA SER A 532 -46.44 31.08 9.74
C SER A 532 -45.17 31.85 9.45
N PHE A 533 -45.10 33.09 9.96
CA PHE A 533 -43.89 33.92 9.92
C PHE A 533 -43.22 33.97 8.55
N GLY A 534 -44.00 34.03 7.48
CA GLY A 534 -43.41 34.18 6.16
C GLY A 534 -42.55 33.02 5.72
N PHE A 535 -42.69 31.85 6.32
CA PHE A 535 -42.04 30.65 5.84
C PHE A 535 -42.78 30.10 4.64
N GLU A 536 -42.04 29.72 3.60
CA GLU A 536 -42.65 29.03 2.47
C GLU A 536 -42.92 27.58 2.87
N VAL A 537 -44.14 27.12 2.60
CA VAL A 537 -44.59 25.81 3.06
C VAL A 537 -44.94 24.96 1.85
N ASN A 538 -44.37 23.77 1.81
CA ASN A 538 -44.80 22.73 0.90
C ASN A 538 -45.58 21.70 1.71
N LEU A 539 -46.88 21.60 1.44
CA LEU A 539 -47.74 20.75 2.23
C LEU A 539 -47.36 19.29 2.10
N GLN A 540 -46.93 18.83 0.93
CA GLN A 540 -46.63 17.39 0.73
C GLN A 540 -45.36 17.01 1.47
N GLU A 541 -44.38 17.90 1.45
CA GLU A 541 -43.16 17.69 2.24
C GLU A 541 -43.46 17.68 3.73
N ASN A 542 -44.31 18.58 4.20
CA ASN A 542 -44.67 18.71 5.64
C ASN A 542 -45.43 17.46 6.06
N GLN A 543 -46.26 16.90 5.20
CA GLN A 543 -47.07 15.68 5.48
C GLN A 543 -46.17 14.46 5.43
N ASN A 544 -45.21 14.42 4.52
CA ASN A 544 -44.20 13.37 4.52
C ASN A 544 -43.37 13.42 5.79
N ALA A 545 -43.04 14.62 6.26
CA ALA A 545 -42.27 14.76 7.50
C ALA A 545 -43.08 14.26 8.70
N LEU A 546 -44.38 14.55 8.72
CA LEU A 546 -45.21 14.04 9.81
C LEU A 546 -45.34 12.52 9.76
N GLN A 547 -45.43 11.95 8.56
CA GLN A 547 -45.48 10.50 8.45
C GLN A 547 -44.16 9.86 8.87
N PHE A 548 -43.04 10.51 8.54
CA PHE A 548 -41.73 10.00 8.93
C PHE A 548 -41.60 9.92 10.45
N LEU A 549 -42.02 10.97 11.16
CA LEU A 549 -41.93 10.96 12.62
C LEU A 549 -42.80 9.88 13.22
N SER A 550 -44.00 9.68 12.66
CA SER A 550 -44.92 8.69 13.22
C SER A 550 -44.34 7.28 13.15
N SER A 551 -43.69 6.95 12.03
CA SER A 551 -43.03 5.66 11.93
C SER A 551 -41.69 5.65 12.67
N PHE A 552 -41.02 6.79 12.75
CA PHE A 552 -39.77 6.89 13.50
C PHE A 552 -39.98 6.57 14.97
N LEU A 553 -41.14 6.92 15.52
CA LEU A 553 -41.46 6.65 16.91
C LEU A 553 -41.88 5.20 17.16
N GLU A 554 -42.05 4.41 16.11
CA GLU A 554 -42.41 3.01 16.26
C GLU A 554 -41.23 2.07 16.16
N LEU A 555 -40.06 2.56 15.78
CA LEU A 555 -38.89 1.72 15.61
C LEU A 555 -38.42 1.17 16.96
N PRO A 556 -38.26 -0.15 17.10
CA PRO A 556 -37.61 -0.65 18.31
C PRO A 556 -36.18 -0.18 18.47
N GLU A 557 -35.52 0.21 17.38
CA GLU A 557 -34.18 0.78 17.46
C GLU A 557 -34.16 2.13 18.15
N PHE A 558 -35.28 2.86 18.14
CA PHE A 558 -35.29 4.18 18.76
C PHE A 558 -35.16 4.09 20.28
N LEU A 559 -35.77 3.07 20.89
CA LEU A 559 -35.62 2.90 22.34
C LEU A 559 -34.17 2.62 22.70
N LEU A 560 -33.48 1.79 21.93
CA LEU A 560 -32.07 1.53 22.17
C LEU A 560 -31.23 2.78 21.95
N PHE A 561 -31.55 3.55 20.91
CA PHE A 561 -30.86 4.81 20.69
C PHE A 561 -31.04 5.74 21.89
N LEU A 562 -32.25 5.81 22.41
CA LEU A 562 -32.52 6.69 23.55
C LEU A 562 -31.75 6.23 24.77
N GLN A 563 -31.72 4.92 25.02
CA GLN A 563 -30.97 4.39 26.15
C GLN A 563 -29.49 4.74 26.04
N HIS A 564 -28.90 4.58 24.85
CA HIS A 564 -27.48 4.88 24.70
C HIS A 564 -27.22 6.39 24.72
N ALA A 565 -28.11 7.19 24.16
CA ALA A 565 -27.92 8.63 24.11
C ALA A 565 -28.02 9.26 25.50
N ILE A 566 -28.82 8.66 26.38
CA ILE A 566 -28.89 9.16 27.76
C ILE A 566 -27.52 9.08 28.43
N SER A 567 -26.71 8.10 28.04
CA SER A 567 -25.44 7.88 28.71
C SER A 567 -24.29 8.74 28.16
N VAL A 568 -24.50 9.43 27.05
CA VAL A 568 -23.42 10.25 26.49
C VAL A 568 -23.15 11.42 27.42
N PRO A 569 -21.90 11.71 27.77
CA PRO A 569 -21.63 12.77 28.75
C PRO A 569 -22.08 14.14 28.27
N GLU A 570 -22.60 14.94 29.20
CA GLU A 570 -22.98 16.31 28.89
C GLU A 570 -21.78 17.17 28.50
N ASP A 571 -20.57 16.74 28.83
CA ASP A 571 -19.38 17.52 28.47
C ASP A 571 -19.20 17.57 26.96
N ILE A 572 -19.58 16.51 26.25
CA ILE A 572 -19.43 16.48 24.80
C ILE A 572 -20.76 16.65 24.07
N ALA A 573 -21.89 16.57 24.78
CA ALA A 573 -23.20 16.76 24.15
C ALA A 573 -24.16 17.24 25.25
N ARG A 574 -24.53 18.52 25.18
CA ARG A 574 -25.19 19.15 26.32
C ARG A 574 -26.64 18.74 26.42
N ASP A 575 -27.28 18.44 25.29
CA ASP A 575 -28.66 17.96 25.29
C ASP A 575 -28.79 16.84 24.25
N LEU A 576 -29.96 16.18 24.27
CA LEU A 576 -30.16 15.02 23.40
C LEU A 576 -30.16 15.41 21.93
N GLY A 577 -30.45 16.66 21.61
CA GLY A 577 -30.28 17.12 20.24
C GLY A 577 -28.81 17.17 19.83
N ASP A 578 -27.94 17.52 20.78
CA ASP A 578 -26.50 17.50 20.50
C ASP A 578 -26.01 16.08 20.26
N VAL A 579 -26.55 15.11 20.99
CA VAL A 579 -26.17 13.72 20.77
C VAL A 579 -26.54 13.30 19.35
N MET A 580 -27.75 13.64 18.91
CA MET A 580 -28.17 13.32 17.55
C MET A 580 -27.24 13.94 16.52
N GLU A 581 -26.76 15.17 16.68
CA GLU A 581 -25.79 15.83 15.76
C GLU A 581 -24.43 15.12 15.77
N MET A 582 -23.90 14.75 16.93
CA MET A 582 -22.63 14.00 17.07
C MET A 582 -22.66 12.63 16.40
N VAL A 583 -23.74 11.86 16.48
CA VAL A 583 -23.88 10.54 15.82
C VAL A 583 -24.01 10.79 14.32
N PHE A 584 -24.79 11.80 13.96
CA PHE A 584 -24.94 12.07 12.53
C PHE A 584 -23.62 12.46 11.90
N SER A 585 -22.82 13.27 12.61
CA SER A 585 -21.53 13.67 12.08
C SER A 585 -20.56 12.49 11.99
N SER A 586 -20.72 11.50 12.86
CA SER A 586 -19.74 10.43 13.00
C SER A 586 -19.85 9.36 11.92
N GLN A 587 -20.85 9.42 11.05
CA GLN A 587 -20.91 8.46 9.95
C GLN A 587 -19.71 8.62 9.05
N GLY A 588 -18.97 7.53 8.85
CA GLY A 588 -17.74 7.60 8.11
C GLY A 588 -16.64 8.32 8.86
N CYS A 589 -16.17 7.73 9.95
CA CYS A 589 -15.12 8.30 10.77
C CYS A 589 -14.04 7.25 11.00
N GLY A 590 -12.83 7.73 11.29
CA GLY A 590 -11.71 6.85 11.56
C GLY A 590 -11.46 6.64 13.04
N SER A 595 -0.66 8.01 11.13
CA SER A 595 0.21 8.30 12.25
C SER A 595 1.46 9.04 11.78
N LEU A 596 1.65 10.24 12.31
CA LEU A 596 2.61 11.23 11.83
C LEU A 596 2.20 11.81 10.48
N PHE A 597 0.95 11.63 10.09
CA PHE A 597 0.42 12.26 8.88
C PHE A 597 0.19 13.74 9.14
N VAL A 598 0.67 14.59 8.22
CA VAL A 598 0.53 16.03 8.34
C VAL A 598 -0.32 16.55 7.19
N PRO A 599 -1.57 16.95 7.43
CA PRO A 599 -2.41 17.45 6.33
C PRO A 599 -1.85 18.73 5.73
N ALA A 600 -1.99 18.87 4.42
CA ALA A 600 -1.55 20.05 3.70
C ALA A 600 -2.73 20.98 3.48
N CYS A 601 -2.55 22.26 3.84
CA CYS A 601 -3.60 23.24 3.77
C CYS A 601 -3.26 24.30 2.72
N THR A 602 -4.28 25.01 2.28
CA THR A 602 -4.10 26.10 1.33
C THR A 602 -3.89 27.42 2.09
N ALA A 603 -3.53 28.45 1.33
CA ALA A 603 -3.37 29.78 1.90
C ALA A 603 -4.65 30.30 2.53
N GLU A 604 -5.81 29.88 2.03
CA GLU A 604 -7.09 30.30 2.59
C GLU A 604 -7.56 29.41 3.74
N GLY A 605 -6.74 28.45 4.16
CA GLY A 605 -7.08 27.60 5.28
C GLY A 605 -7.95 26.41 4.95
N SER A 606 -8.19 26.14 3.67
CA SER A 606 -8.94 24.96 3.28
C SER A 606 -8.00 23.81 2.96
N TYR A 607 -8.51 22.59 3.13
CA TYR A 607 -7.74 21.40 2.80
C TYR A 607 -7.29 21.43 1.34
N GLU A 608 -6.01 21.20 1.12
CA GLU A 608 -5.56 20.88 -0.24
C GLU A 608 -6.16 19.55 -0.66
N GLU A 609 -6.74 19.53 -1.86
CA GLU A 609 -7.60 18.41 -2.22
C GLU A 609 -6.82 17.15 -2.52
N VAL A 610 -5.49 17.22 -2.55
CA VAL A 610 -4.64 16.05 -2.59
C VAL A 610 -3.83 15.99 -1.30
N GLN A 611 -3.95 14.87 -0.58
CA GLN A 611 -3.20 14.64 0.65
C GLN A 611 -2.36 13.39 0.51
N CYS A 612 -1.13 13.45 1.01
CA CYS A 612 -0.16 12.39 0.80
C CYS A 612 0.54 12.07 2.12
N PHE A 613 0.75 10.78 2.38
CA PHE A 613 1.57 10.34 3.51
C PHE A 613 2.24 9.02 3.19
N ALA A 614 3.55 8.95 3.48
CA ALA A 614 4.31 7.69 3.43
C ALA A 614 4.21 7.01 2.07
N GLY A 615 4.23 7.81 1.00
CA GLY A 615 4.22 7.27 -0.34
C GLY A 615 2.86 7.12 -0.99
N ASP A 616 1.78 7.25 -0.23
CA ASP A 616 0.43 7.20 -0.79
C ASP A 616 -0.12 8.60 -0.98
N CYS A 617 -1.11 8.72 -1.86
CA CYS A 617 -1.77 9.99 -2.12
C CYS A 617 -3.23 9.73 -2.44
N TRP A 618 -4.11 10.62 -1.94
CA TRP A 618 -5.53 10.46 -2.12
C TRP A 618 -6.18 11.84 -2.20
N CYS A 619 -7.42 11.87 -2.71
CA CYS A 619 -8.20 13.09 -2.79
C CYS A 619 -9.10 13.20 -1.56
N VAL A 620 -9.41 14.43 -1.16
CA VAL A 620 -10.24 14.69 0.00
C VAL A 620 -11.32 15.70 -0.36
N ASP A 621 -12.37 15.73 0.45
CA ASP A 621 -13.45 16.69 0.28
C ASP A 621 -13.16 17.95 1.11
N ALA A 622 -14.19 18.79 1.25
CA ALA A 622 -14.02 20.03 2.02
C ALA A 622 -13.68 19.75 3.48
N GLN A 623 -14.30 18.74 4.08
CA GLN A 623 -14.02 18.36 5.45
C GLN A 623 -12.74 17.53 5.59
N GLY A 624 -11.99 17.33 4.50
CA GLY A 624 -10.79 16.54 4.55
C GLY A 624 -11.00 15.06 4.80
N ARG A 625 -12.00 14.47 4.15
CA ARG A 625 -12.24 13.03 4.23
C ARG A 625 -11.86 12.38 2.91
N GLU A 626 -11.15 11.25 3.02
CA GLU A 626 -10.69 10.54 1.84
C GLU A 626 -11.86 9.97 1.05
N LEU A 627 -11.77 10.06 -0.28
CA LEU A 627 -12.76 9.45 -1.15
C LEU A 627 -12.37 8.01 -1.47
N ALA A 628 -13.37 7.22 -1.86
CA ALA A 628 -13.23 5.77 -1.83
C ALA A 628 -12.14 5.27 -2.77
N GLY A 629 -12.09 5.77 -4.00
CA GLY A 629 -11.18 5.24 -4.99
C GLY A 629 -10.04 6.16 -5.36
N SER A 630 -9.74 7.13 -4.50
CA SER A 630 -8.74 8.15 -4.86
C SER A 630 -7.32 7.67 -4.60
N ARG A 631 -7.13 6.82 -3.59
CA ARG A 631 -5.78 6.49 -3.13
C ARG A 631 -4.99 5.79 -4.23
N VAL A 632 -3.80 6.32 -4.51
CA VAL A 632 -2.90 5.73 -5.53
C VAL A 632 -1.50 5.63 -4.94
N ARG A 633 -0.91 4.44 -4.96
CA ARG A 633 0.48 4.32 -4.46
C ARG A 633 1.47 4.92 -5.45
N GLY A 634 2.54 5.51 -4.95
CA GLY A 634 3.62 5.99 -5.81
C GLY A 634 3.16 6.86 -6.93
N GLY A 635 2.32 7.84 -6.62
CA GLY A 635 1.90 8.76 -7.65
C GLY A 635 0.95 9.78 -7.08
N ARG A 636 0.46 10.64 -7.96
CA ARG A 636 -0.45 11.70 -7.51
C ARG A 636 -1.75 11.62 -8.28
N PRO A 637 -2.87 11.38 -7.60
CA PRO A 637 -4.12 11.12 -8.33
C PRO A 637 -4.68 12.38 -8.97
N ARG A 638 -5.47 12.17 -10.03
CA ARG A 638 -6.32 13.21 -10.57
C ARG A 638 -7.68 13.13 -9.89
N CYS A 639 -8.13 14.24 -9.37
CA CYS A 639 -9.34 14.14 -8.58
C CYS A 639 -10.58 14.20 -9.49
N PRO A 640 -11.71 13.67 -9.02
CA PRO A 640 -12.89 13.55 -9.88
C PRO A 640 -13.35 14.89 -10.46
N THR A 641 -13.82 14.83 -11.70
CA THR A 641 -14.33 16.00 -12.41
C THR A 641 -15.85 16.02 -12.36
N GLU A 642 -16.44 17.01 -13.05
CA GLU A 642 -17.89 17.13 -13.12
C GLU A 642 -18.53 15.91 -13.77
N CYS A 643 -18.04 15.52 -14.96
CA CYS A 643 -18.59 14.38 -15.66
C CYS A 643 -18.50 13.11 -14.80
N GLU A 644 -17.34 12.90 -14.20
CA GLU A 644 -17.11 11.68 -13.43
C GLU A 644 -18.02 11.61 -12.21
N LYS A 645 -18.29 12.75 -11.58
CA LYS A 645 -19.19 12.74 -10.43
C LYS A 645 -20.65 12.56 -10.84
N GLN A 646 -21.07 13.14 -11.96
CA GLN A 646 -22.41 12.87 -12.47
C GLN A 646 -22.56 11.42 -12.87
N ARG A 647 -21.55 10.85 -13.52
CA ARG A 647 -21.62 9.46 -13.95
C ARG A 647 -21.74 8.52 -12.75
N ALA A 648 -20.96 8.76 -11.70
CA ALA A 648 -21.06 7.97 -10.49
C ALA A 648 -22.36 8.25 -9.73
N ARG A 649 -23.00 9.37 -9.95
CA ARG A 649 -24.29 9.62 -9.28
C ARG A 649 -25.44 8.96 -10.05
N MET A 650 -25.45 9.05 -11.38
CA MET A 650 -26.54 8.48 -12.21
C MET A 650 -26.45 6.95 -12.20
N GLN A 651 -25.27 6.39 -11.93
CA GLN A 651 -25.10 4.92 -11.90
C GLN A 651 -25.49 4.39 -10.53
N SER A 652 -25.60 5.24 -9.52
CA SER A 652 -26.13 4.73 -8.24
C SER A 652 -27.65 4.88 -8.23
N LEU A 653 -28.24 5.38 -9.31
CA LEU A 653 -29.72 5.41 -9.39
C LEU A 653 -30.23 4.52 -10.52
N LEU A 654 -29.34 3.95 -11.34
CA LEU A 654 -29.75 3.01 -12.43
C LEU A 654 -29.86 1.66 -11.73
N GLY A 655 -29.31 1.61 -10.53
CA GLY A 655 -29.40 0.41 -9.69
C GLY A 655 -30.66 0.44 -8.86
N SER A 656 -31.56 1.39 -9.09
CA SER A 656 -32.91 1.34 -8.47
C SER A 656 -34.01 1.21 -9.53
N GLN A 657 -33.69 1.49 -10.80
CA GLN A 657 -34.67 1.38 -11.87
C GLN A 657 -35.02 -0.08 -12.10
N PRO A 658 -36.19 -0.35 -12.68
CA PRO A 658 -36.57 -1.74 -12.95
C PRO A 658 -35.73 -2.35 -14.06
N ALA A 659 -35.83 -3.67 -14.18
CA ALA A 659 -35.08 -4.39 -15.20
C ALA A 659 -35.57 -3.97 -16.58
N GLY A 660 -34.62 -3.96 -17.53
CA GLY A 660 -34.94 -3.56 -18.89
C GLY A 660 -35.38 -2.11 -19.02
N SER A 661 -34.82 -1.23 -18.21
CA SER A 661 -35.15 0.20 -18.24
C SER A 661 -33.87 1.01 -18.27
N SER A 662 -33.94 2.15 -18.95
CA SER A 662 -32.78 3.01 -19.15
C SER A 662 -33.00 4.37 -18.53
N LEU A 663 -32.06 4.79 -17.70
CA LEU A 663 -31.96 6.17 -17.22
C LEU A 663 -30.65 6.73 -17.75
N PHE A 664 -30.64 8.02 -18.07
CA PHE A 664 -29.49 8.60 -18.75
C PHE A 664 -28.25 8.51 -17.87
N VAL A 665 -27.11 8.24 -18.49
CA VAL A 665 -25.84 8.19 -17.77
C VAL A 665 -24.77 8.81 -18.67
N PRO A 666 -24.19 9.93 -18.27
CA PRO A 666 -23.19 10.58 -19.13
C PRO A 666 -21.94 9.72 -19.29
N ALA A 667 -21.28 9.93 -20.41
CA ALA A 667 -20.06 9.19 -20.75
C ALA A 667 -18.88 10.13 -20.66
N CYS A 668 -17.81 9.67 -20.00
CA CYS A 668 -16.65 10.51 -19.73
C CYS A 668 -15.40 9.85 -20.29
N THR A 669 -14.51 10.67 -20.83
CA THR A 669 -13.22 10.17 -21.27
C THR A 669 -12.37 9.77 -20.08
N SER A 670 -11.19 9.22 -20.38
CA SER A 670 -10.28 8.79 -19.31
C SER A 670 -9.74 9.96 -18.51
N LYS A 671 -9.68 11.15 -19.09
CA LYS A 671 -9.20 12.34 -18.39
C LYS A 671 -10.31 13.09 -17.69
N GLY A 672 -11.52 12.54 -17.65
CA GLY A 672 -12.64 13.14 -16.95
C GLY A 672 -13.54 14.01 -17.79
N ASN A 673 -13.14 14.38 -19.00
CA ASN A 673 -13.96 15.25 -19.83
C ASN A 673 -15.18 14.51 -20.36
N PHE A 674 -16.18 15.28 -20.78
CA PHE A 674 -17.36 14.74 -21.42
C PHE A 674 -17.03 14.24 -22.83
N LEU A 675 -17.76 13.23 -23.28
CA LEU A 675 -17.65 12.85 -24.67
C LEU A 675 -18.43 13.84 -25.53
N PRO A 676 -17.99 14.06 -26.78
CA PRO A 676 -18.65 15.09 -27.60
C PRO A 676 -20.12 14.84 -27.84
N VAL A 677 -20.56 13.59 -27.94
CA VAL A 677 -21.94 13.24 -28.25
C VAL A 677 -22.53 12.45 -27.10
N GLN A 678 -23.72 12.85 -26.65
CA GLN A 678 -24.49 12.14 -25.65
C GLN A 678 -25.82 11.72 -26.26
N CYS A 679 -26.27 10.51 -25.92
CA CYS A 679 -27.47 9.95 -26.53
C CYS A 679 -28.38 9.37 -25.46
N PHE A 680 -29.69 9.37 -25.74
CA PHE A 680 -30.67 8.83 -24.79
C PHE A 680 -32.03 8.64 -25.45
N ASN A 681 -32.59 7.43 -25.34
CA ASN A 681 -33.75 6.96 -26.10
C ASN A 681 -33.67 7.37 -27.56
N SER A 682 -32.60 6.91 -28.21
CA SER A 682 -32.41 7.08 -29.66
C SER A 682 -32.48 8.55 -30.07
N GLU A 683 -31.92 9.43 -29.24
CA GLU A 683 -31.78 10.84 -29.57
C GLU A 683 -30.39 11.27 -29.13
N CYS A 684 -29.67 11.97 -30.00
CA CYS A 684 -28.27 12.32 -29.73
C CYS A 684 -28.05 13.82 -29.85
N TYR A 685 -27.17 14.34 -28.99
CA TYR A 685 -26.84 15.75 -28.91
C TYR A 685 -25.33 15.93 -28.89
N CYS A 686 -24.87 17.07 -29.42
CA CYS A 686 -23.54 17.56 -29.13
C CYS A 686 -23.60 18.34 -27.82
N VAL A 687 -22.58 18.19 -26.97
CA VAL A 687 -22.55 18.85 -25.69
C VAL A 687 -21.22 19.59 -25.53
N ASP A 688 -21.23 20.60 -24.67
CA ASP A 688 -20.05 21.40 -24.39
C ASP A 688 -19.26 20.77 -23.24
N THR A 689 -18.20 21.46 -22.82
CA THR A 689 -17.34 20.92 -21.78
C THR A 689 -18.03 20.83 -20.43
N GLU A 690 -19.17 21.49 -20.28
CA GLU A 690 -19.98 21.34 -19.07
C GLU A 690 -21.07 20.28 -19.22
N GLY A 691 -21.11 19.58 -20.35
CA GLY A 691 -22.12 18.58 -20.58
C GLY A 691 -23.52 19.15 -20.76
N GLN A 692 -23.63 20.29 -21.43
CA GLN A 692 -24.91 20.89 -21.72
C GLN A 692 -25.19 20.84 -23.21
N PRO A 693 -26.42 20.54 -23.62
CA PRO A 693 -26.70 20.39 -25.06
C PRO A 693 -26.40 21.65 -25.82
N ILE A 694 -25.82 21.49 -27.00
CA ILE A 694 -25.60 22.62 -27.90
C ILE A 694 -26.81 22.76 -28.81
N PRO A 695 -27.47 23.92 -28.84
CA PRO A 695 -28.68 24.06 -29.65
C PRO A 695 -28.41 23.81 -31.13
N GLY A 696 -29.36 23.16 -31.79
CA GLY A 696 -29.27 22.89 -33.21
C GLY A 696 -28.48 21.67 -33.59
N THR A 697 -28.04 20.86 -32.62
CA THR A 697 -27.19 19.71 -32.91
C THR A 697 -27.90 18.38 -32.69
N ARG A 698 -29.21 18.38 -32.41
CA ARG A 698 -29.85 17.12 -32.09
C ARG A 698 -30.06 16.32 -33.35
N SER A 699 -30.08 14.99 -33.21
CA SER A 699 -30.32 14.09 -34.32
C SER A 699 -30.79 12.76 -33.76
N ALA A 700 -30.97 11.79 -34.64
CA ALA A 700 -31.40 10.47 -34.25
C ALA A 700 -30.19 9.54 -34.16
N LEU A 701 -30.27 8.57 -33.25
CA LEU A 701 -29.22 7.58 -33.11
C LEU A 701 -29.02 6.87 -34.44
N GLY A 702 -27.77 6.79 -34.89
CA GLY A 702 -27.44 6.21 -36.17
C GLY A 702 -27.23 7.21 -37.28
N GLU A 703 -27.56 8.48 -37.06
CA GLU A 703 -27.33 9.53 -38.05
C GLU A 703 -26.10 10.32 -37.61
N PRO A 704 -24.98 10.24 -38.34
CA PRO A 704 -23.77 10.94 -37.91
C PRO A 704 -23.99 12.44 -37.86
N LYS A 705 -23.40 13.08 -36.85
CA LYS A 705 -23.59 14.49 -36.57
C LYS A 705 -22.24 15.16 -36.37
N LYS A 706 -22.04 16.30 -37.02
CA LYS A 706 -20.79 17.02 -36.89
C LYS A 706 -20.82 17.95 -35.68
N CYS A 707 -19.96 17.67 -34.71
CA CYS A 707 -19.89 18.45 -33.49
C CYS A 707 -18.79 19.50 -33.61
N PRO A 708 -18.91 20.62 -32.88
CA PRO A 708 -17.82 21.59 -32.87
C PRO A 708 -16.57 21.02 -32.21
N SER A 709 -15.41 21.45 -32.71
CA SER A 709 -14.14 20.90 -32.25
C SER A 709 -13.84 21.33 -30.82
N PRO A 710 -13.02 20.58 -30.09
CA PRO A 710 -12.66 20.98 -28.72
C PRO A 710 -11.98 22.32 -28.64
N CYS A 711 -11.30 22.77 -29.69
CA CYS A 711 -10.67 24.11 -29.71
C CYS A 711 -11.75 25.18 -29.86
N GLN A 712 -12.76 24.92 -30.68
CA GLN A 712 -13.91 25.84 -30.89
C GLN A 712 -14.68 26.03 -29.59
N LEU A 713 -14.80 24.99 -28.78
CA LEU A 713 -15.63 25.04 -27.54
C LEU A 713 -14.89 25.76 -26.44
N GLN A 714 -13.64 25.39 -26.17
CA GLN A 714 -12.81 26.10 -25.17
C GLN A 714 -12.58 27.56 -25.62
N ALA A 715 -12.57 27.82 -26.92
CA ALA A 715 -12.46 29.22 -27.40
C ALA A 715 -13.72 29.99 -26.99
N GLU A 716 -14.89 29.51 -27.43
CA GLU A 716 -16.17 30.18 -27.07
C GLU A 716 -16.31 30.38 -25.58
N ARG A 717 -15.79 29.43 -24.82
CA ARG A 717 -16.08 29.26 -23.38
C ARG A 717 -15.25 30.28 -22.64
N ALA A 718 -14.47 31.02 -23.40
CA ALA A 718 -13.41 31.89 -22.89
C ALA A 718 -13.63 33.27 -23.53
N PHE A 719 -14.37 33.34 -24.62
CA PHE A 719 -14.86 34.67 -25.08
C PHE A 719 -15.68 35.26 -23.93
N LEU A 720 -16.33 34.39 -23.14
CA LEU A 720 -17.13 34.90 -22.02
C LEU A 720 -16.42 34.70 -20.69
N GLY A 721 -15.29 34.00 -20.66
CA GLY A 721 -14.40 34.22 -19.49
C GLY A 721 -13.98 35.68 -19.45
N THR A 722 -13.56 36.22 -20.59
CA THR A 722 -13.11 37.62 -20.65
C THR A 722 -14.27 38.57 -20.33
N VAL A 723 -15.41 38.39 -21.01
CA VAL A 723 -16.45 39.44 -21.03
C VAL A 723 -16.91 39.56 -19.58
N ARG A 724 -16.96 38.41 -18.90
CA ARG A 724 -17.47 38.41 -17.52
C ARG A 724 -16.60 39.32 -16.63
N THR A 725 -15.26 39.25 -16.80
CA THR A 725 -14.31 39.99 -15.91
C THR A 725 -14.38 41.50 -16.12
N LEU A 726 -14.53 41.93 -17.38
CA LEU A 726 -14.68 43.39 -17.65
C LEU A 726 -15.97 43.84 -16.97
N VAL A 727 -16.99 42.99 -17.09
CA VAL A 727 -18.32 43.16 -16.43
C VAL A 727 -18.11 43.09 -14.91
N TYR A 740 -5.93 35.22 -22.66
CA TYR A 740 -6.09 34.97 -24.10
C TYR A 740 -7.31 34.07 -24.32
N ILE A 741 -8.00 34.25 -25.44
CA ILE A 741 -9.03 33.22 -25.72
C ILE A 741 -8.64 32.40 -26.96
N PRO A 742 -8.73 31.05 -26.90
CA PRO A 742 -8.07 30.14 -27.82
C PRO A 742 -8.31 30.24 -29.32
N GLN A 743 -7.26 30.01 -30.10
CA GLN A 743 -7.15 30.24 -31.56
C GLN A 743 -7.16 28.90 -32.30
N CYS A 744 -7.95 28.75 -33.37
CA CYS A 744 -8.23 27.40 -33.92
C CYS A 744 -7.81 27.27 -35.38
N SER A 745 -6.65 26.65 -35.65
CA SER A 745 -6.20 26.47 -37.06
C SER A 745 -7.36 25.95 -37.91
N ALA A 746 -7.31 26.17 -39.21
CA ALA A 746 -8.35 25.71 -40.15
C ALA A 746 -8.90 24.33 -39.75
N SER A 747 -10.21 24.11 -39.87
CA SER A 747 -10.89 22.80 -39.57
C SER A 747 -11.23 22.70 -38.07
N GLY A 748 -10.84 23.69 -37.27
CA GLY A 748 -11.02 23.62 -35.82
C GLY A 748 -9.85 22.95 -35.10
N GLN A 749 -8.89 22.36 -35.82
CA GLN A 749 -7.71 21.79 -35.13
C GLN A 749 -6.96 22.93 -34.43
N TRP A 750 -6.49 22.71 -33.22
CA TRP A 750 -5.77 23.77 -32.47
C TRP A 750 -4.64 24.30 -33.33
N SER A 751 -4.52 25.62 -33.43
CA SER A 751 -3.43 26.28 -34.16
C SER A 751 -2.15 26.20 -33.34
N PRO A 752 -1.05 25.73 -33.92
CA PRO A 752 0.16 25.50 -33.12
C PRO A 752 0.67 26.75 -32.42
N VAL A 753 0.43 27.92 -32.98
CA VAL A 753 0.81 29.18 -32.35
C VAL A 753 -0.43 29.77 -31.68
N GLN A 754 -0.30 30.09 -30.39
CA GLN A 754 -1.39 30.64 -29.61
C GLN A 754 -0.95 31.97 -28.98
N CYS A 755 -1.85 32.94 -28.99
CA CYS A 755 -1.53 34.31 -28.60
C CYS A 755 -2.33 34.72 -27.39
N ASP A 756 -1.79 35.69 -26.64
CA ASP A 756 -2.39 36.17 -25.41
C ASP A 756 -3.01 37.55 -25.62
N GLY A 757 -3.71 38.03 -24.61
CA GLY A 757 -4.26 39.37 -24.62
C GLY A 757 -5.76 39.39 -24.83
N PRO A 758 -6.31 40.57 -25.08
CA PRO A 758 -7.74 40.66 -25.43
C PRO A 758 -7.99 40.08 -26.80
N PRO A 759 -9.21 39.60 -27.06
CA PRO A 759 -9.49 39.01 -28.37
C PRO A 759 -9.46 40.05 -29.48
N GLU A 760 -9.27 39.57 -30.70
CA GLU A 760 -9.23 40.44 -31.86
C GLU A 760 -9.79 39.75 -33.11
N ALA A 873 -6.39 37.36 -41.20
CA ALA A 873 -5.45 38.46 -41.35
C ALA A 873 -4.04 38.04 -40.94
N HIS A 874 -3.96 37.29 -39.84
CA HIS A 874 -2.69 36.80 -39.30
C HIS A 874 -1.74 37.96 -39.00
N PHE A 875 -2.23 38.91 -38.20
CA PHE A 875 -1.44 40.04 -37.76
C PHE A 875 -0.80 39.72 -36.41
N ASP A 876 0.38 40.30 -36.18
CA ASP A 876 1.14 40.05 -34.96
C ASP A 876 1.18 41.32 -34.12
N LEU A 877 0.50 41.30 -32.98
CA LEU A 877 0.59 42.38 -32.00
C LEU A 877 0.61 41.87 -30.56
N ARG A 878 0.70 40.55 -30.35
CA ARG A 878 0.56 39.97 -29.03
C ARG A 878 1.64 38.93 -28.79
N SER A 879 1.72 38.49 -27.53
CA SER A 879 2.68 37.45 -27.15
C SER A 879 2.28 36.11 -27.75
N CYS A 880 3.28 35.30 -28.09
CA CYS A 880 3.06 34.04 -28.79
C CYS A 880 3.74 32.90 -28.04
N TRP A 881 3.23 31.69 -28.25
CA TRP A 881 3.92 30.48 -27.80
C TRP A 881 3.48 29.32 -28.71
N CYS A 882 4.05 28.14 -28.46
CA CYS A 882 3.71 26.94 -29.21
C CYS A 882 2.88 26.02 -28.32
N VAL A 883 1.98 25.27 -28.94
CA VAL A 883 0.98 24.50 -28.21
C VAL A 883 0.94 23.08 -28.76
N ASP A 884 0.48 22.16 -27.92
CA ASP A 884 0.34 20.77 -28.33
C ASP A 884 -0.92 20.60 -29.19
N GLU A 885 -1.21 19.34 -29.52
CA GLU A 885 -2.42 19.04 -30.29
C GLU A 885 -3.68 19.16 -29.45
N ALA A 886 -3.58 19.07 -28.13
CA ALA A 886 -4.71 19.18 -27.23
C ALA A 886 -4.62 20.42 -26.35
N GLY A 887 -3.86 21.42 -26.77
CA GLY A 887 -3.78 22.67 -26.05
C GLY A 887 -2.98 22.64 -24.77
N GLN A 888 -1.70 22.26 -24.85
CA GLN A 888 -0.86 22.13 -23.67
C GLN A 888 0.15 23.25 -23.49
N LYS A 889 0.21 24.20 -24.44
CA LYS A 889 1.12 25.36 -24.36
C LYS A 889 2.58 24.92 -24.23
N LEU A 890 2.99 23.99 -25.08
CA LEU A 890 4.40 23.57 -25.15
C LEU A 890 4.75 23.05 -26.53
N CYS A 903 7.97 26.16 -34.26
CA CYS A 903 7.55 25.25 -33.20
C CYS A 903 8.26 23.90 -33.33
N PRO A 904 8.49 23.22 -32.21
CA PRO A 904 9.27 21.98 -32.26
C PRO A 904 8.54 20.87 -33.00
N GLY A 905 9.32 20.01 -33.66
CA GLY A 905 8.81 18.78 -34.18
C GLY A 905 8.65 17.74 -33.08
N SER A 906 8.17 16.56 -33.46
CA SER A 906 7.91 15.52 -32.46
C SER A 906 9.19 15.08 -31.75
N CYS A 907 10.21 14.71 -32.53
CA CYS A 907 11.46 14.23 -31.95
C CYS A 907 12.15 15.34 -31.16
N GLU A 908 12.13 16.56 -31.68
CA GLU A 908 12.79 17.66 -30.99
C GLU A 908 12.06 18.03 -29.71
N GLU A 909 10.73 17.85 -29.69
CA GLU A 909 9.96 18.09 -28.48
C GLU A 909 10.28 17.06 -27.41
N VAL A 910 10.39 15.79 -27.80
CA VAL A 910 10.83 14.78 -26.84
C VAL A 910 12.25 15.04 -26.40
N LYS A 911 13.09 15.51 -27.33
CA LYS A 911 14.50 15.76 -27.01
C LYS A 911 14.64 16.84 -25.94
N LEU A 912 13.80 17.87 -25.98
CA LEU A 912 13.89 18.96 -25.02
C LEU A 912 13.54 18.53 -23.61
N ARG A 913 12.72 17.50 -23.44
CA ARG A 913 12.42 17.01 -22.10
C ARG A 913 13.64 16.34 -21.47
N VAL A 914 14.38 15.55 -22.26
CA VAL A 914 15.56 14.89 -21.73
C VAL A 914 16.64 15.90 -21.39
N LEU A 915 16.73 16.99 -22.16
CA LEU A 915 17.69 18.04 -21.86
C LEU A 915 17.29 18.80 -20.60
N GLN A 916 15.98 18.95 -20.37
CA GLN A 916 15.51 19.53 -19.12
C GLN A 916 15.86 18.64 -17.93
N PHE A 917 15.71 17.32 -18.10
CA PHE A 917 16.00 16.38 -17.02
C PHE A 917 17.47 16.45 -16.61
N ILE A 918 18.38 16.51 -17.58
CA ILE A 918 19.80 16.60 -17.29
C ILE A 918 20.12 17.91 -16.58
N ARG A 919 19.53 19.01 -17.04
CA ARG A 919 19.78 20.30 -16.40
C ARG A 919 19.29 20.32 -14.97
N GLU A 920 18.11 19.75 -14.70
CA GLU A 920 17.64 19.67 -13.32
C GLU A 920 18.53 18.78 -12.47
N ALA A 921 18.96 17.64 -13.01
CA ALA A 921 19.84 16.75 -12.26
C ALA A 921 21.17 17.43 -11.96
N GLU A 922 21.62 18.36 -12.81
CA GLU A 922 22.85 19.07 -12.51
C GLU A 922 22.61 20.24 -11.57
N GLU A 923 21.41 20.82 -11.58
CA GLU A 923 21.06 21.80 -10.56
C GLU A 923 21.07 21.19 -9.17
N ILE A 924 20.58 19.95 -9.04
CA ILE A 924 20.61 19.28 -7.74
C ILE A 924 22.04 19.14 -7.24
N VAL A 925 22.97 18.79 -8.14
CA VAL A 925 24.38 18.72 -7.77
C VAL A 925 24.90 20.10 -7.39
N THR A 926 24.46 21.14 -8.10
CA THR A 926 24.91 22.50 -7.80
C THR A 926 24.49 22.92 -6.39
N TYR A 927 23.22 22.72 -6.06
CA TYR A 927 22.73 23.06 -4.72
C TYR A 927 23.31 22.15 -3.65
N SER A 928 23.87 21.01 -4.04
CA SER A 928 24.42 20.06 -3.08
C SER A 928 25.86 20.38 -2.71
N ASN A 929 26.52 21.31 -3.39
CA ASN A 929 27.92 21.71 -3.06
C ASN A 929 27.86 23.00 -2.26
N SER A 930 27.07 23.98 -2.71
CA SER A 930 26.85 25.20 -1.90
C SER A 930 25.64 24.86 -1.05
N SER A 931 25.80 24.61 0.24
CA SER A 931 24.68 24.07 1.08
C SER A 931 23.50 25.00 1.31
N ARG A 932 22.43 24.85 0.52
CA ARG A 932 21.26 25.75 0.66
C ARG A 932 20.12 24.95 1.28
N PHE A 933 20.23 23.62 1.33
CA PHE A 933 19.13 22.76 1.83
C PHE A 933 19.66 21.74 2.84
N PRO A 934 18.87 21.28 3.87
CA PRO A 934 19.29 20.18 4.74
C PRO A 934 19.18 18.84 4.03
N LEU A 935 20.00 17.90 4.49
CA LEU A 935 20.12 16.62 3.79
C LEU A 935 18.84 15.80 3.89
N GLY A 936 18.13 15.91 5.00
CA GLY A 936 16.93 15.12 5.22
C GLY A 936 15.65 15.72 4.70
N GLU A 937 15.68 16.85 4.00
CA GLU A 937 14.44 17.47 3.55
C GLU A 937 13.84 16.73 2.35
N SER A 938 14.67 16.15 1.50
CA SER A 938 14.14 15.35 0.40
C SER A 938 13.51 14.06 0.92
N PHE A 939 14.07 13.47 1.97
CA PHE A 939 13.42 12.34 2.62
C PHE A 939 12.07 12.73 3.19
N LEU A 940 11.98 13.91 3.79
CA LEU A 940 10.70 14.38 4.32
C LEU A 940 9.68 14.57 3.21
N ALA A 941 10.10 15.11 2.07
CA ALA A 941 9.20 15.25 0.94
C ALA A 941 8.72 13.90 0.42
N ALA A 942 9.61 12.90 0.38
CA ALA A 942 9.22 11.56 -0.03
C ALA A 942 8.17 10.95 0.87
N LYS A 943 8.07 11.41 2.11
CA LYS A 943 7.08 10.92 3.05
C LYS A 943 5.81 11.74 3.06
N GLY A 944 5.75 12.80 2.24
CA GLY A 944 4.56 13.60 2.10
C GLY A 944 4.51 14.85 2.95
N ILE A 945 5.52 15.09 3.78
CA ILE A 945 5.54 16.22 4.68
C ILE A 945 6.45 17.30 4.09
N ARG A 946 5.87 18.47 3.84
CA ARG A 946 6.61 19.64 3.42
C ARG A 946 6.33 20.79 4.38
N LEU A 947 7.38 21.53 4.74
CA LEU A 947 7.25 22.65 5.65
C LEU A 947 7.03 23.91 4.84
N THR A 948 5.89 24.57 5.06
CA THR A 948 5.56 25.77 4.31
C THR A 948 6.50 26.90 4.71
N ASP A 949 6.58 27.91 3.84
CA ASP A 949 7.59 28.95 3.99
C ASP A 949 7.26 29.89 5.16
N GLU A 950 5.96 30.07 5.46
CA GLU A 950 5.58 30.95 6.56
C GLU A 950 5.95 30.36 7.91
N GLU A 951 5.73 29.05 8.11
CA GLU A 951 5.98 28.45 9.41
C GLU A 951 7.47 28.28 9.67
N LEU A 952 8.27 28.18 8.61
CA LEU A 952 9.72 28.28 8.78
C LEU A 952 10.16 29.70 9.04
N ALA A 953 9.32 30.69 8.75
CA ALA A 953 9.69 32.10 8.78
C ALA A 953 10.92 32.36 7.91
N PHE A 954 11.02 31.62 6.80
CA PHE A 954 12.20 31.67 5.95
C PHE A 954 11.96 32.70 4.85
N PRO A 955 12.70 33.81 4.82
CA PRO A 955 12.54 34.78 3.75
C PRO A 955 12.92 34.17 2.42
N PRO A 956 12.09 34.35 1.38
CA PRO A 956 12.34 33.65 0.12
C PRO A 956 13.67 34.04 -0.51
N LEU A 957 14.31 33.06 -1.14
CA LEU A 957 15.57 33.25 -1.85
C LEU A 957 15.35 32.93 -3.32
N SER A 958 16.33 33.30 -4.15
CA SER A 958 16.15 33.17 -5.59
C SER A 958 16.01 31.70 -6.00
N PRO A 959 16.91 30.79 -5.58
CA PRO A 959 16.57 29.37 -5.63
C PRO A 959 15.62 28.98 -4.51
N SER A 960 14.34 29.27 -4.70
CA SER A 960 13.34 29.05 -3.67
C SER A 960 13.21 27.56 -3.32
N ARG A 961 12.86 27.30 -2.08
CA ARG A 961 12.77 25.91 -1.59
C ARG A 961 11.74 25.20 -2.46
N GLU A 962 10.78 25.95 -3.00
CA GLU A 962 9.67 25.35 -3.77
C GLU A 962 10.14 24.67 -5.05
N THR A 963 11.15 25.26 -5.70
CA THR A 963 11.68 24.70 -6.96
C THR A 963 12.23 23.30 -6.71
N PHE A 964 13.02 23.13 -5.67
CA PHE A 964 13.59 21.81 -5.31
C PHE A 964 12.52 20.87 -4.79
N LEU A 965 11.63 21.37 -3.95
CA LEU A 965 10.67 20.45 -3.30
C LEU A 965 9.62 19.84 -4.22
N GLU A 966 9.14 20.57 -5.20
CA GLU A 966 8.11 20.06 -6.14
C GLU A 966 8.64 18.84 -6.88
N LYS A 967 9.92 18.84 -7.24
CA LYS A 967 10.55 17.70 -7.95
C LYS A 967 10.35 16.44 -7.10
N PHE A 968 10.48 16.53 -5.78
CA PHE A 968 10.44 15.36 -4.86
C PHE A 968 9.08 15.14 -4.17
N LEU A 969 8.15 16.09 -4.07
CA LEU A 969 6.84 15.77 -3.48
C LEU A 969 6.05 14.76 -4.31
N SER A 970 6.05 14.92 -5.62
CA SER A 970 5.48 13.88 -6.47
C SER A 970 6.45 12.70 -6.51
N GLY A 971 6.10 11.62 -5.82
CA GLY A 971 7.01 10.48 -5.71
C GLY A 971 7.01 9.63 -6.95
N SER A 972 7.04 10.28 -8.11
CA SER A 972 6.92 9.62 -9.40
C SER A 972 8.24 8.98 -9.81
N ASP A 973 8.18 8.21 -10.89
CA ASP A 973 9.39 7.64 -11.47
C ASP A 973 10.33 8.70 -11.98
N TYR A 974 9.81 9.88 -12.36
CA TYR A 974 10.66 10.97 -12.79
C TYR A 974 11.57 11.43 -11.65
N ALA A 975 11.03 11.53 -10.44
CA ALA A 975 11.84 11.98 -9.30
C ALA A 975 12.87 10.92 -8.92
N ILE A 976 12.51 9.65 -9.03
CA ILE A 976 13.46 8.58 -8.69
C ILE A 976 14.62 8.58 -9.65
N ARG A 977 14.35 8.72 -10.95
CA ARG A 977 15.44 8.84 -11.93
C ARG A 977 16.23 10.11 -11.68
N LEU A 978 15.57 11.20 -11.32
CA LEU A 978 16.26 12.46 -11.08
C LEU A 978 17.16 12.37 -9.85
N ALA A 979 16.69 11.74 -8.78
CA ALA A 979 17.50 11.59 -7.58
C ALA A 979 18.68 10.65 -7.83
N ALA A 980 18.44 9.57 -8.58
CA ALA A 980 19.53 8.66 -8.91
C ALA A 980 20.58 9.33 -9.77
N GLN A 981 20.15 9.97 -10.85
CA GLN A 981 21.09 10.59 -11.79
C GLN A 981 21.99 11.60 -11.10
N SER A 982 21.42 12.43 -10.23
CA SER A 982 22.23 13.43 -9.53
C SER A 982 23.08 12.81 -8.45
N THR A 983 22.76 11.59 -8.02
CA THR A 983 23.55 10.96 -6.96
C THR A 983 24.87 10.41 -7.48
N PHE A 984 24.87 9.78 -8.67
CA PHE A 984 26.14 9.34 -9.25
C PHE A 984 27.01 10.54 -9.59
N ASP A 985 26.44 11.56 -10.22
CA ASP A 985 27.22 12.70 -10.69
C ASP A 985 27.88 13.44 -9.54
N PHE A 986 27.22 13.51 -8.39
CA PHE A 986 27.83 14.14 -7.23
C PHE A 986 29.07 13.38 -6.78
N TYR A 987 28.98 12.04 -6.73
CA TYR A 987 30.07 11.25 -6.19
C TYR A 987 31.22 11.11 -7.17
N GLN A 988 30.89 11.05 -8.46
CA GLN A 988 31.92 10.82 -9.51
C GLN A 988 32.77 12.07 -9.63
N ARG A 989 32.16 13.24 -9.68
CA ARG A 989 32.96 14.48 -9.57
C ARG A 989 33.83 14.43 -8.32
N ARG A 990 33.28 14.10 -7.15
CA ARG A 990 34.06 14.24 -5.89
C ARG A 990 35.24 13.28 -5.93
N LEU A 991 34.97 11.99 -6.05
CA LEU A 991 36.00 10.97 -6.23
C LEU A 991 37.13 11.49 -7.11
N VAL A 992 36.79 12.12 -8.24
CA VAL A 992 37.82 12.59 -9.16
C VAL A 992 38.60 13.75 -8.55
N THR A 993 37.89 14.75 -8.02
CA THR A 993 38.56 15.95 -7.53
C THR A 993 39.45 15.63 -6.33
N LEU A 994 38.93 14.90 -5.35
CA LEU A 994 39.73 14.59 -4.16
C LEU A 994 40.92 13.71 -4.51
N ALA A 995 40.67 12.58 -5.16
CA ALA A 995 41.74 11.71 -5.62
C ALA A 995 41.27 10.76 -6.71
N GLU A 996 41.72 10.97 -7.94
CA GLU A 996 41.32 10.14 -9.08
C GLU A 996 42.14 8.86 -9.15
N SER A 997 42.18 8.13 -8.04
CA SER A 997 43.00 6.92 -7.93
C SER A 997 42.39 5.69 -8.59
N PRO A 998 41.14 5.27 -8.25
CA PRO A 998 40.70 3.92 -8.62
C PRO A 998 40.61 3.66 -10.12
N ARG A 999 39.83 4.45 -10.84
CA ARG A 999 39.57 4.17 -12.26
C ARG A 999 39.20 5.47 -12.96
N ALA A 1000 39.00 5.37 -14.29
CA ALA A 1000 38.73 6.42 -15.26
C ALA A 1000 37.29 6.89 -15.19
N PRO A 1001 37.05 8.17 -15.48
CA PRO A 1001 35.67 8.66 -15.59
C PRO A 1001 34.97 8.02 -16.77
N SER A 1002 33.64 7.98 -16.69
CA SER A 1002 32.85 7.34 -17.73
C SER A 1002 32.99 8.12 -19.04
N PRO A 1003 32.90 7.44 -20.19
CA PRO A 1003 32.83 8.17 -21.45
C PRO A 1003 31.63 9.10 -21.47
N VAL A 1004 31.85 10.32 -21.98
CA VAL A 1004 30.80 11.33 -21.93
C VAL A 1004 29.68 11.08 -22.92
N TRP A 1005 29.76 10.01 -23.70
CA TRP A 1005 28.66 9.58 -24.55
C TRP A 1005 27.86 8.43 -23.95
N SER A 1006 28.17 8.04 -22.72
CA SER A 1006 27.34 7.10 -21.96
C SER A 1006 26.54 7.93 -20.96
N SER A 1007 25.29 8.22 -21.31
CA SER A 1007 24.44 9.09 -20.50
C SER A 1007 23.00 8.62 -20.68
N ALA A 1008 22.05 9.48 -20.31
CA ALA A 1008 20.66 9.19 -20.58
C ALA A 1008 20.42 9.16 -22.09
N TYR A 1009 19.48 8.33 -22.51
CA TYR A 1009 19.18 8.23 -23.93
C TYR A 1009 18.64 9.55 -24.46
N LEU A 1010 19.25 10.03 -25.54
CA LEU A 1010 18.87 11.26 -26.18
C LEU A 1010 18.31 10.96 -27.56
N PRO A 1011 17.05 11.27 -27.83
CA PRO A 1011 16.48 10.98 -29.15
C PRO A 1011 17.27 11.64 -30.26
N GLN A 1012 17.51 10.89 -31.33
CA GLN A 1012 18.24 11.40 -32.48
C GLN A 1012 17.23 11.86 -33.52
N CYS A 1013 17.31 13.13 -33.90
CA CYS A 1013 16.35 13.76 -34.78
C CYS A 1013 17.00 14.10 -36.10
N ASP A 1014 16.18 14.24 -37.14
CA ASP A 1014 16.68 14.66 -38.43
C ASP A 1014 16.78 16.17 -38.49
N ALA A 1015 17.10 16.70 -39.67
CA ALA A 1015 17.32 18.15 -39.80
C ALA A 1015 16.06 18.96 -39.57
N PHE A 1016 14.88 18.34 -39.63
CA PHE A 1016 13.62 19.07 -39.56
C PHE A 1016 12.78 18.68 -38.35
N GLY A 1017 13.41 18.18 -37.30
CA GLY A 1017 12.71 17.85 -36.08
C GLY A 1017 12.01 16.53 -36.07
N GLY A 1018 12.03 15.78 -37.17
CA GLY A 1018 11.41 14.47 -37.21
C GLY A 1018 12.31 13.39 -36.65
N TRP A 1019 11.73 12.22 -36.44
CA TRP A 1019 12.47 11.10 -35.88
C TRP A 1019 13.35 10.45 -36.96
N GLU A 1020 14.60 10.18 -36.62
CA GLU A 1020 15.40 9.32 -37.45
C GLU A 1020 14.92 7.88 -37.27
N PRO A 1021 14.71 7.12 -38.35
CA PRO A 1021 14.13 5.78 -38.19
C PRO A 1021 14.94 4.84 -37.32
N VAL A 1022 16.26 5.05 -37.24
CA VAL A 1022 17.10 4.24 -36.35
C VAL A 1022 17.36 5.05 -35.07
N GLN A 1023 17.11 4.43 -33.92
CA GLN A 1023 17.42 5.01 -32.62
C GLN A 1023 18.37 4.09 -31.87
N CYS A 1024 19.42 4.67 -31.30
CA CYS A 1024 20.46 3.89 -30.66
C CYS A 1024 20.79 4.47 -29.29
N HIS A 1025 21.25 3.60 -28.39
CA HIS A 1025 21.70 3.99 -27.06
C HIS A 1025 23.12 3.50 -26.89
N ALA A 1026 24.07 4.43 -26.87
CA ALA A 1026 25.48 4.06 -26.85
C ALA A 1026 25.86 3.36 -25.54
N ALA A 1027 25.26 3.79 -24.43
CA ALA A 1027 25.63 3.23 -23.13
C ALA A 1027 25.34 1.75 -23.03
N THR A 1028 24.39 1.22 -23.81
CA THR A 1028 24.09 -0.20 -23.80
C THR A 1028 24.38 -0.91 -25.11
N GLY A 1029 24.61 -0.18 -26.20
CA GLY A 1029 24.74 -0.82 -27.50
C GLY A 1029 23.45 -1.28 -28.10
N HIS A 1030 22.32 -0.74 -27.64
CA HIS A 1030 21.00 -1.13 -28.11
C HIS A 1030 20.55 -0.19 -29.21
N CYS A 1031 20.06 -0.76 -30.31
CA CYS A 1031 19.47 0.01 -31.39
C CYS A 1031 18.12 -0.60 -31.77
N TRP A 1032 17.22 0.26 -32.21
CA TRP A 1032 15.87 -0.18 -32.58
C TRP A 1032 15.32 0.77 -33.63
N CYS A 1033 14.20 0.37 -34.22
CA CYS A 1033 13.51 1.18 -35.20
C CYS A 1033 12.29 1.83 -34.56
N VAL A 1034 12.04 3.09 -34.92
CA VAL A 1034 10.81 3.77 -34.57
C VAL A 1034 10.09 4.15 -35.86
N ASP A 1035 8.80 4.39 -35.73
CA ASP A 1035 7.99 4.80 -36.87
C ASP A 1035 7.97 6.33 -36.95
N GLY A 1036 7.10 6.88 -37.79
CA GLY A 1036 7.14 8.30 -38.09
C GLY A 1036 6.92 9.19 -36.88
N LYS A 1037 6.27 8.67 -35.85
CA LYS A 1037 5.98 9.44 -34.64
C LYS A 1037 6.75 8.95 -33.43
N GLY A 1038 7.81 8.17 -33.63
CA GLY A 1038 8.69 7.79 -32.55
C GLY A 1038 8.28 6.59 -31.74
N GLU A 1039 7.21 5.90 -32.10
CA GLU A 1039 6.83 4.67 -31.43
C GLU A 1039 7.75 3.53 -31.83
N TYR A 1040 8.16 2.75 -30.84
CA TYR A 1040 8.98 1.57 -31.08
C TYR A 1040 8.27 0.61 -32.03
N VAL A 1041 9.03 0.08 -32.98
CA VAL A 1041 8.54 -0.90 -33.94
C VAL A 1041 8.82 -2.29 -33.37
N PRO A 1042 7.82 -3.16 -33.24
CA PRO A 1042 8.02 -4.44 -32.56
C PRO A 1042 9.12 -5.28 -33.18
N THR A 1043 9.77 -6.08 -32.34
CA THR A 1043 10.89 -6.97 -32.65
C THR A 1043 11.96 -6.33 -33.53
N SER A 1044 12.18 -5.03 -33.40
CA SER A 1044 13.29 -4.38 -34.08
C SER A 1044 14.49 -4.14 -33.17
N LEU A 1045 14.43 -4.56 -31.91
CA LEU A 1045 15.50 -4.29 -30.96
C LEU A 1045 16.68 -5.22 -31.21
N THR A 1046 17.87 -4.64 -31.32
CA THR A 1046 19.11 -5.40 -31.47
C THR A 1046 20.10 -4.94 -30.42
N ALA A 1047 21.05 -5.82 -30.07
CA ALA A 1047 22.00 -5.56 -29.01
C ALA A 1047 23.41 -5.89 -29.48
N ARG A 1048 24.26 -4.86 -29.57
CA ARG A 1048 25.69 -5.03 -29.79
C ARG A 1048 26.01 -5.82 -31.06
N SER A 1049 25.26 -5.55 -32.11
CA SER A 1049 25.54 -6.19 -33.39
C SER A 1049 26.63 -5.42 -34.13
N ARG A 1050 27.32 -6.13 -35.04
CA ARG A 1050 28.40 -5.50 -35.80
C ARG A 1050 27.88 -4.39 -36.69
N GLN A 1051 26.73 -4.60 -37.34
CA GLN A 1051 26.13 -3.63 -38.23
C GLN A 1051 24.91 -3.01 -37.57
N ILE A 1052 24.84 -1.68 -37.58
CA ILE A 1052 23.65 -0.99 -37.08
C ILE A 1052 22.48 -1.31 -38.01
N PRO A 1053 21.30 -1.64 -37.49
CA PRO A 1053 20.23 -2.14 -38.35
C PRO A 1053 19.68 -1.07 -39.28
N GLN A 1054 19.02 -1.53 -40.33
CA GLN A 1054 18.38 -0.63 -41.29
C GLN A 1054 16.89 -0.52 -40.95
N CYS A 1055 16.40 0.70 -40.90
CA CYS A 1055 15.02 0.95 -40.55
C CYS A 1055 14.37 1.74 -41.68
N PRO A 1056 13.19 1.34 -42.15
CA PRO A 1056 12.54 2.07 -43.24
C PRO A 1056 12.09 3.45 -42.79
N THR A 1057 12.08 4.38 -43.73
CA THR A 1057 11.47 5.68 -43.45
C THR A 1057 9.95 5.53 -43.38
N SER A 1058 9.29 6.63 -43.01
CA SER A 1058 7.84 6.59 -42.86
C SER A 1058 7.16 6.29 -44.19
N CYS A 1059 7.66 6.88 -45.28
CA CYS A 1059 7.10 6.59 -46.60
C CYS A 1059 7.26 5.13 -46.96
N GLU A 1060 8.47 4.58 -46.78
CA GLU A 1060 8.72 3.20 -47.14
C GLU A 1060 7.92 2.24 -46.28
N ARG A 1061 7.76 2.56 -45.00
CA ARG A 1061 6.94 1.74 -44.12
C ARG A 1061 5.48 1.75 -44.55
N LEU A 1062 4.96 2.92 -44.92
CA LEU A 1062 3.57 3.02 -45.36
C LEU A 1062 3.37 2.34 -46.71
N ARG A 1063 4.35 2.41 -47.60
CA ARG A 1063 4.20 1.83 -48.92
C ARG A 1063 4.23 0.30 -48.87
N ALA A 1064 5.19 -0.26 -48.12
CA ALA A 1064 5.31 -1.72 -48.06
C ALA A 1064 4.07 -2.33 -47.41
N SER A 1065 3.56 -1.71 -46.35
CA SER A 1065 2.34 -2.19 -45.73
C SER A 1065 1.14 -2.05 -46.67
N GLY A 1066 1.08 -0.94 -47.42
CA GLY A 1066 -0.01 -0.77 -48.36
C GLY A 1066 -0.01 -1.80 -49.46
N LEU A 1067 1.16 -2.17 -49.96
CA LEU A 1067 1.25 -3.16 -51.02
C LEU A 1067 0.85 -4.54 -50.53
N LEU A 1068 1.19 -4.87 -49.28
CA LEU A 1068 0.90 -6.21 -48.77
C LEU A 1068 -0.59 -6.38 -48.48
N SER A 1069 -1.21 -5.40 -47.83
CA SER A 1069 -2.51 -5.61 -47.20
C SER A 1069 -3.61 -4.66 -47.65
N SER A 1070 -3.29 -3.66 -48.48
CA SER A 1070 -4.26 -2.66 -48.94
C SER A 1070 -4.79 -1.80 -47.80
N TRP A 1071 -3.99 -1.60 -46.76
CA TRP A 1071 -4.25 -0.54 -45.79
C TRP A 1071 -3.61 0.73 -46.33
N LYS A 1072 -4.44 1.67 -46.80
CA LYS A 1072 -4.00 2.78 -47.61
C LYS A 1072 -4.10 4.10 -46.85
N GLN A 1073 -3.68 5.17 -47.50
CA GLN A 1073 -3.83 6.53 -47.02
C GLN A 1073 -4.96 7.22 -47.77
N ALA A 1074 -5.53 8.24 -47.13
CA ALA A 1074 -6.66 8.97 -47.68
C ALA A 1074 -6.19 10.27 -48.31
N GLY A 1075 -6.66 10.54 -49.52
CA GLY A 1075 -6.30 11.76 -50.22
C GLY A 1075 -7.13 12.97 -49.84
N VAL A 1076 -8.41 12.77 -49.51
CA VAL A 1076 -9.29 13.88 -49.18
C VAL A 1076 -9.59 13.98 -47.68
N GLN A 1077 -9.37 12.90 -46.92
CA GLN A 1077 -9.34 12.93 -45.46
C GLN A 1077 -10.72 13.15 -44.84
N ALA A 1078 -11.76 13.39 -45.64
CA ALA A 1078 -13.13 13.54 -45.06
C ALA A 1078 -14.11 12.84 -45.98
N GLU A 1079 -14.77 11.78 -45.49
CA GLU A 1079 -15.62 10.92 -46.36
C GLU A 1079 -14.90 10.45 -47.61
N PRO A 1080 -13.71 9.84 -47.56
CA PRO A 1080 -13.11 9.33 -48.76
C PRO A 1080 -13.79 8.18 -49.51
N SER A 1081 -13.82 8.24 -50.81
CA SER A 1081 -14.31 7.10 -51.60
C SER A 1081 -13.13 6.17 -51.83
N PRO A 1082 -13.32 4.90 -52.20
CA PRO A 1082 -12.21 4.04 -52.52
C PRO A 1082 -11.24 4.54 -53.62
N LYS A 1083 -11.65 5.48 -54.48
CA LYS A 1083 -10.80 6.08 -55.49
C LYS A 1083 -9.97 7.23 -54.94
N ASP A 1084 -10.26 7.71 -53.73
CA ASP A 1084 -9.44 8.71 -53.07
C ASP A 1084 -8.31 8.11 -52.25
N LEU A 1085 -8.19 6.79 -52.21
CA LEU A 1085 -7.18 6.12 -51.42
C LEU A 1085 -5.95 5.87 -52.27
N PHE A 1086 -4.77 6.04 -51.66
CA PHE A 1086 -3.52 5.89 -52.39
C PHE A 1086 -2.48 5.19 -51.52
N ILE A 1087 -1.55 4.55 -52.18
CA ILE A 1087 -0.34 4.02 -51.56
C ILE A 1087 0.80 5.01 -51.81
N PRO A 1088 1.48 5.48 -50.78
CA PRO A 1088 2.51 6.50 -51.00
C PRO A 1088 3.62 6.03 -51.91
N THR A 1089 4.09 6.92 -52.77
CA THR A 1089 5.24 6.68 -53.63
C THR A 1089 6.45 7.36 -53.01
N CYS A 1090 7.57 6.64 -52.99
CA CYS A 1090 8.76 7.07 -52.26
C CYS A 1090 9.91 7.27 -53.23
N LEU A 1091 10.70 8.31 -52.99
CA LEU A 1091 11.99 8.42 -53.65
C LEU A 1091 12.93 7.36 -53.11
N GLU A 1092 13.92 6.98 -53.91
CA GLU A 1092 14.81 5.89 -53.52
C GLU A 1092 15.61 6.22 -52.27
N THR A 1093 15.68 7.49 -51.89
CA THR A 1093 16.33 7.92 -50.66
C THR A 1093 15.42 7.81 -49.44
N GLY A 1094 14.17 7.35 -49.61
CA GLY A 1094 13.26 7.19 -48.50
C GLY A 1094 12.33 8.34 -48.25
N GLU A 1095 12.40 9.41 -49.05
CA GLU A 1095 11.52 10.55 -48.87
C GLU A 1095 10.23 10.36 -49.65
N PHE A 1096 9.17 11.00 -49.17
CA PHE A 1096 7.94 11.11 -49.95
C PHE A 1096 8.22 11.84 -51.25
N ALA A 1097 7.73 11.29 -52.36
CA ALA A 1097 7.83 12.00 -53.62
C ALA A 1097 6.91 13.21 -53.60
N ARG A 1098 7.28 14.24 -54.37
CA ARG A 1098 6.52 15.48 -54.36
C ARG A 1098 5.07 15.25 -54.78
N LEU A 1099 4.85 14.44 -55.79
CA LEU A 1099 3.54 14.21 -56.36
C LEU A 1099 3.04 12.84 -55.95
N GLN A 1100 1.93 12.80 -55.23
CA GLN A 1100 1.23 11.56 -54.90
C GLN A 1100 -0.08 11.51 -55.68
N ALA A 1101 -0.47 10.30 -56.08
CA ALA A 1101 -1.61 10.15 -56.97
C ALA A 1101 -2.54 9.05 -56.50
N SER A 1102 -3.83 9.27 -56.69
CA SER A 1102 -4.86 8.25 -56.62
C SER A 1102 -5.68 8.31 -57.91
N GLU A 1103 -6.71 7.47 -58.01
CA GLU A 1103 -7.57 7.52 -59.18
C GLU A 1103 -8.40 8.80 -59.22
N ALA A 1104 -8.63 9.43 -58.06
CA ALA A 1104 -9.29 10.73 -58.06
C ALA A 1104 -8.43 11.80 -58.72
N GLY A 1105 -7.11 11.70 -58.60
CA GLY A 1105 -6.23 12.67 -59.20
C GLY A 1105 -4.89 12.67 -58.52
N THR A 1106 -4.12 13.72 -58.80
CA THR A 1106 -2.80 13.91 -58.23
C THR A 1106 -2.77 15.19 -57.41
N TRP A 1107 -1.76 15.29 -56.56
CA TRP A 1107 -1.55 16.48 -55.73
C TRP A 1107 -0.13 16.44 -55.18
N CYS A 1108 0.24 17.49 -54.47
CA CYS A 1108 1.59 17.68 -53.99
C CYS A 1108 1.66 17.48 -52.49
N VAL A 1109 2.82 17.01 -52.01
CA VAL A 1109 3.03 16.75 -50.60
C VAL A 1109 4.41 17.23 -50.16
N ASP A 1110 4.55 17.41 -48.86
CA ASP A 1110 5.83 17.76 -48.27
C ASP A 1110 6.78 16.56 -48.35
N PRO A 1111 7.97 16.71 -48.94
CA PRO A 1111 8.88 15.55 -49.03
C PRO A 1111 9.23 14.93 -47.69
N ALA A 1112 9.38 15.74 -46.64
CA ALA A 1112 9.73 15.21 -45.33
C ALA A 1112 8.54 14.61 -44.61
N SER A 1113 7.35 14.97 -45.03
CA SER A 1113 6.12 14.32 -44.49
C SER A 1113 5.01 14.41 -45.53
N GLY A 1114 4.25 13.36 -45.68
CA GLY A 1114 3.28 13.29 -46.77
C GLY A 1114 2.10 14.17 -46.51
N GLU A 1115 2.08 14.81 -45.35
CA GLU A 1115 0.92 15.66 -44.96
C GLU A 1115 0.41 16.32 -46.21
N GLY A 1116 1.30 16.97 -46.92
CA GLY A 1116 0.87 17.49 -48.21
C GLY A 1116 0.10 18.76 -48.20
N VAL A 1117 -0.93 18.79 -49.03
CA VAL A 1117 -1.61 20.06 -49.30
C VAL A 1117 -0.74 21.28 -49.01
N PRO A 1118 0.43 21.44 -49.62
CA PRO A 1118 1.11 22.73 -49.55
C PRO A 1118 0.54 23.68 -50.60
N PRO A 1119 -0.23 24.68 -50.17
CA PRO A 1119 -0.97 25.52 -51.13
C PRO A 1119 -0.23 26.77 -51.61
N GLY A 1120 1.06 26.89 -51.34
CA GLY A 1120 1.82 28.05 -51.76
C GLY A 1120 1.85 28.26 -53.27
N GLN A 1126 5.56 21.21 -61.20
CA GLN A 1126 4.28 21.78 -60.81
C GLN A 1126 3.86 21.34 -59.42
N CYS A 1127 4.83 20.89 -58.62
CA CYS A 1127 4.68 20.72 -57.19
C CYS A 1127 5.76 21.52 -56.47
N PRO A 1128 5.43 22.19 -55.38
CA PRO A 1128 6.44 22.99 -54.66
C PRO A 1128 7.55 22.11 -54.13
N SER A 1129 8.78 22.58 -54.30
CA SER A 1129 9.93 21.88 -53.76
C SER A 1129 9.95 21.99 -52.24
N LEU A 1130 10.71 21.10 -51.61
CA LEU A 1130 10.83 21.12 -50.15
C LEU A 1130 11.26 22.49 -49.65
N CYS A 1131 12.23 23.10 -50.34
CA CYS A 1131 12.60 24.48 -50.03
C CYS A 1131 11.41 25.41 -50.23
N GLU A 1132 10.75 25.32 -51.38
CA GLU A 1132 9.65 26.22 -51.69
C GLU A 1132 8.52 26.07 -50.67
N VAL A 1133 8.29 24.84 -50.20
CA VAL A 1133 7.33 24.65 -49.12
C VAL A 1133 7.80 25.38 -47.86
N LEU A 1134 9.08 25.25 -47.52
CA LEU A 1134 9.62 25.96 -46.37
C LEU A 1134 9.70 27.46 -46.65
N GLN A 1135 9.91 27.84 -47.92
CA GLN A 1135 10.16 29.23 -48.23
C GLN A 1135 8.88 30.08 -48.07
N SER A 1136 7.72 29.45 -48.16
CA SER A 1136 6.46 30.18 -47.99
C SER A 1136 5.44 29.31 -47.25
N PRO A 1145 13.48 26.19 -39.64
CA PRO A 1145 14.88 26.25 -40.08
C PRO A 1145 15.53 27.59 -39.77
N GLY A 1146 14.97 28.33 -38.82
CA GLY A 1146 15.49 29.64 -38.53
C GLY A 1146 15.31 30.55 -39.72
N TYR A 1147 16.43 31.01 -40.27
CA TYR A 1147 16.39 31.84 -41.48
C TYR A 1147 15.82 31.04 -42.64
N SER A 1148 14.97 31.70 -43.43
CA SER A 1148 14.41 31.04 -44.60
C SER A 1148 15.48 30.85 -45.67
N PRO A 1149 15.56 29.66 -46.27
CA PRO A 1149 16.67 29.37 -47.18
C PRO A 1149 16.50 30.05 -48.53
N ALA A 1150 17.61 30.46 -49.11
CA ALA A 1150 17.65 30.89 -50.49
C ALA A 1150 17.92 29.70 -51.40
N CYS A 1151 17.20 29.61 -52.51
CA CYS A 1151 17.20 28.40 -53.31
C CYS A 1151 17.32 28.71 -54.79
N ARG A 1152 17.75 27.70 -55.53
CA ARG A 1152 18.15 27.86 -56.92
C ARG A 1152 16.94 27.82 -57.85
N ALA A 1153 17.03 28.59 -58.94
CA ALA A 1153 15.85 28.87 -59.76
C ALA A 1153 15.50 27.71 -60.68
N GLU A 1154 16.45 26.80 -60.94
CA GLU A 1154 16.21 25.77 -61.94
C GLU A 1154 15.06 24.85 -61.54
N ASP A 1155 15.11 24.30 -60.33
CA ASP A 1155 14.03 23.41 -59.88
C ASP A 1155 13.46 23.86 -58.54
N GLY A 1156 14.31 24.45 -57.70
CA GLY A 1156 13.88 24.86 -56.38
C GLY A 1156 14.75 24.25 -55.31
N GLY A 1157 15.74 23.47 -55.72
CA GLY A 1157 16.68 22.88 -54.80
C GLY A 1157 17.45 23.95 -54.05
N PHE A 1158 17.83 23.64 -52.81
CA PHE A 1158 18.53 24.62 -51.98
C PHE A 1158 19.79 25.11 -52.68
N SER A 1159 20.00 26.41 -52.66
CA SER A 1159 21.21 26.96 -53.25
C SER A 1159 22.43 26.42 -52.49
N PRO A 1160 23.53 26.14 -53.18
CA PRO A 1160 24.68 25.53 -52.49
C PRO A 1160 25.18 26.33 -51.31
N VAL A 1161 25.08 27.65 -51.37
CA VAL A 1161 25.53 28.52 -50.28
C VAL A 1161 24.29 29.05 -49.57
N GLN A 1162 24.10 28.64 -48.34
CA GLN A 1162 23.10 29.23 -47.46
C GLN A 1162 23.79 30.13 -46.43
N CYS A 1163 23.01 30.99 -45.80
CA CYS A 1163 23.60 31.98 -44.91
C CYS A 1163 22.63 32.29 -43.77
N ASP A 1164 23.20 32.79 -42.69
CA ASP A 1164 22.44 33.38 -41.60
C ASP A 1164 22.51 34.89 -41.73
N PRO A 1165 21.39 35.60 -41.90
CA PRO A 1165 21.47 37.06 -42.05
C PRO A 1165 22.08 37.76 -40.85
N ALA A 1166 21.85 37.25 -39.63
CA ALA A 1166 22.38 37.88 -38.43
C ALA A 1166 23.74 37.32 -38.04
N GLN A 1167 23.74 36.05 -37.62
CA GLN A 1167 25.03 35.39 -37.30
C GLN A 1167 25.86 35.44 -38.58
N GLY A 1168 27.18 35.36 -38.47
CA GLY A 1168 28.01 35.56 -39.68
C GLY A 1168 28.24 34.28 -40.43
N SER A 1169 27.62 33.20 -39.95
CA SER A 1169 27.88 31.87 -40.56
C SER A 1169 27.25 31.71 -41.93
N CYS A 1170 28.07 31.40 -42.93
CA CYS A 1170 27.59 31.00 -44.25
C CYS A 1170 28.20 29.65 -44.57
N TRP A 1171 27.37 28.71 -45.01
CA TRP A 1171 27.78 27.32 -45.14
C TRP A 1171 27.25 26.71 -46.43
N CYS A 1172 27.52 25.41 -46.60
CA CYS A 1172 27.07 24.63 -47.74
C CYS A 1172 25.95 23.69 -47.30
N VAL A 1173 25.14 23.26 -48.26
CA VAL A 1173 24.06 22.30 -48.01
C VAL A 1173 24.04 21.25 -49.11
N LEU A 1174 23.43 20.10 -48.79
CA LEU A 1174 23.27 19.01 -49.73
C LEU A 1174 22.15 19.32 -50.72
N GLY A 1175 21.83 18.32 -51.56
CA GLY A 1175 20.67 18.51 -52.45
C GLY A 1175 19.44 18.47 -51.59
N SER A 1176 19.49 17.65 -50.54
CA SER A 1176 18.35 17.56 -49.60
C SER A 1176 18.16 18.91 -48.95
N GLY A 1177 19.26 19.58 -48.60
CA GLY A 1177 19.15 20.86 -47.90
C GLY A 1177 19.72 20.77 -46.52
N GLU A 1178 20.07 19.54 -46.08
CA GLU A 1178 20.78 19.40 -44.84
C GLU A 1178 22.20 19.96 -44.99
N GLU A 1179 22.76 20.43 -43.88
CA GLU A 1179 24.07 21.06 -43.92
C GLU A 1179 25.17 20.01 -44.05
N VAL A 1180 26.18 20.31 -44.86
CA VAL A 1180 27.41 19.51 -44.83
C VAL A 1180 28.09 19.72 -43.49
N PRO A 1181 28.44 18.67 -42.76
CA PRO A 1181 28.91 18.86 -41.37
C PRO A 1181 30.09 19.79 -41.21
N GLY A 1182 31.04 19.78 -42.15
CA GLY A 1182 32.26 20.52 -41.97
C GLY A 1182 32.41 21.76 -42.82
N THR A 1183 31.30 22.44 -43.09
CA THR A 1183 31.42 23.54 -44.09
C THR A 1183 31.09 24.89 -43.49
N ARG A 1184 30.67 24.94 -42.22
CA ARG A 1184 30.28 26.29 -41.74
C ARG A 1184 31.54 27.13 -41.85
N VAL A 1185 31.47 28.26 -42.56
CA VAL A 1185 32.73 29.03 -42.77
C VAL A 1185 32.70 30.19 -41.79
N ALA A 1186 31.51 30.57 -41.35
CA ALA A 1186 31.49 31.77 -40.48
C ALA A 1186 32.21 32.89 -41.22
N GLY A 1187 31.91 33.04 -42.51
CA GLY A 1187 32.48 34.09 -43.33
C GLY A 1187 31.94 33.98 -44.73
N SER A 1188 32.25 35.01 -45.52
CA SER A 1188 31.71 35.09 -46.86
C SER A 1188 32.27 33.99 -47.75
N GLN A 1189 31.54 33.70 -48.83
CA GLN A 1189 31.87 32.65 -49.80
C GLN A 1189 32.47 31.37 -49.18
N PRO A 1190 31.69 30.62 -48.42
CA PRO A 1190 32.14 29.27 -48.03
C PRO A 1190 32.36 28.43 -49.27
N ALA A 1191 33.35 27.55 -49.22
CA ALA A 1191 33.70 26.76 -50.38
C ALA A 1191 32.59 25.76 -50.70
N CYS A 1192 31.75 26.12 -51.66
CA CYS A 1192 30.62 25.28 -52.06
C CYS A 1192 30.69 24.83 -53.51
N GLU A 1193 31.75 25.20 -54.24
CA GLU A 1193 31.83 24.95 -55.66
C GLU A 1193 32.04 23.46 -55.95
N SER A 1194 31.43 23.00 -57.04
CA SER A 1194 31.57 21.64 -57.51
C SER A 1194 32.81 21.51 -58.39
N PRO A 1195 33.38 20.31 -58.49
CA PRO A 1195 34.60 20.15 -59.28
C PRO A 1195 34.34 20.21 -60.77
N GLN A 1196 35.40 20.54 -61.50
CA GLN A 1196 35.39 20.44 -62.96
C GLN A 1196 35.95 19.11 -63.44
N CYS A 1197 36.84 18.51 -62.67
CA CYS A 1197 37.34 17.18 -62.95
C CYS A 1197 36.24 16.14 -62.70
N PRO A 1198 36.07 15.18 -63.60
CA PRO A 1198 35.06 14.14 -63.39
C PRO A 1198 35.52 13.12 -62.37
N LEU A 1199 34.60 12.24 -61.93
CA LEU A 1199 34.92 11.24 -60.87
C LEU A 1199 35.76 10.12 -61.47
N PRO A 1200 36.53 9.33 -60.69
CA PRO A 1200 37.48 8.38 -61.28
C PRO A 1200 36.93 7.25 -62.14
N PHE A 1201 35.90 6.54 -61.71
CA PHE A 1201 35.52 5.34 -62.50
C PHE A 1201 34.12 5.39 -63.10
N SER A 1202 33.81 6.39 -63.92
CA SER A 1202 32.50 6.38 -64.62
C SER A 1202 31.37 6.25 -63.60
N VAL A 1203 31.49 6.93 -62.47
CA VAL A 1203 30.41 6.94 -61.45
C VAL A 1203 29.69 8.28 -61.58
N ALA A 1204 28.38 8.31 -61.35
CA ALA A 1204 27.62 9.54 -61.56
C ALA A 1204 27.86 10.55 -60.42
N ASP A 1205 27.77 10.09 -59.17
CA ASP A 1205 27.88 10.98 -58.04
C ASP A 1205 28.33 10.21 -56.80
N VAL A 1206 28.93 10.94 -55.86
CA VAL A 1206 29.32 10.35 -54.58
C VAL A 1206 28.07 10.00 -53.80
N ALA A 1207 28.08 8.83 -53.17
CA ALA A 1207 26.87 8.30 -52.53
C ALA A 1207 26.46 9.14 -51.32
N GLY A 1208 27.31 9.21 -50.31
CA GLY A 1208 26.93 9.87 -49.07
C GLY A 1208 27.14 11.36 -49.09
N GLY A 1209 28.38 11.80 -49.32
CA GLY A 1209 28.73 13.20 -49.36
C GLY A 1209 28.83 13.73 -50.78
N ALA A 1210 29.60 14.81 -50.91
CA ALA A 1210 29.84 15.42 -52.20
C ALA A 1210 31.22 16.06 -52.18
N ILE A 1211 31.77 16.31 -53.37
CA ILE A 1211 33.07 16.94 -53.49
C ILE A 1211 32.88 18.44 -53.62
N LEU A 1212 33.20 19.17 -52.56
CA LEU A 1212 32.98 20.62 -52.51
C LEU A 1212 34.31 21.32 -52.67
N CYS A 1213 34.49 22.02 -53.78
CA CYS A 1213 35.71 22.74 -54.07
C CYS A 1213 35.57 24.20 -53.65
N GLU A 1214 36.68 24.93 -53.72
CA GLU A 1214 36.66 26.37 -53.56
C GLU A 1214 36.23 27.02 -54.88
N ARG A 1215 36.20 28.34 -54.89
CA ARG A 1215 35.98 29.07 -56.14
C ARG A 1215 37.08 28.73 -57.13
N ALA A 1216 36.79 28.89 -58.42
CA ALA A 1216 37.76 28.58 -59.47
C ALA A 1216 39.07 29.29 -59.20
N SER A 1217 40.11 28.52 -58.89
CA SER A 1217 41.36 29.07 -58.41
C SER A 1217 42.13 29.77 -59.52
N GLY A 1218 43.03 30.65 -59.12
CA GLY A 1218 43.87 31.38 -60.04
C GLY A 1218 45.20 31.78 -59.43
N ALA A 1222 47.30 27.97 -59.90
CA ALA A 1222 46.84 28.59 -61.13
C ALA A 1222 45.55 27.92 -61.61
N ALA A 1223 45.63 26.61 -61.84
CA ALA A 1223 44.48 25.82 -62.27
C ALA A 1223 44.06 24.80 -61.23
N GLY A 1224 44.52 24.93 -59.99
CA GLY A 1224 44.28 23.90 -58.97
C GLY A 1224 42.83 23.59 -58.65
N GLN A 1225 42.01 24.62 -58.49
CA GLN A 1225 40.63 24.39 -58.02
C GLN A 1225 40.75 23.44 -56.84
N ARG A 1226 41.36 23.91 -55.75
CA ARG A 1226 41.57 22.97 -54.61
C ARG A 1226 40.20 22.48 -54.17
N CYS A 1227 40.06 21.17 -53.96
CA CYS A 1227 38.77 20.59 -53.54
C CYS A 1227 39.00 19.62 -52.40
N GLN A 1228 37.95 19.21 -51.68
CA GLN A 1228 38.02 18.25 -50.61
C GLN A 1228 36.69 17.49 -50.57
N LEU A 1229 36.78 16.23 -50.15
CA LEU A 1229 35.60 15.39 -50.05
C LEU A 1229 34.98 15.57 -48.66
N ARG A 1230 33.73 16.00 -48.62
CA ARG A 1230 33.00 16.18 -47.38
C ARG A 1230 31.83 15.20 -47.35
N CYS A 1231 31.81 14.34 -46.35
CA CYS A 1231 30.73 13.39 -46.20
C CYS A 1231 29.55 14.03 -45.50
N SER A 1232 28.36 13.54 -45.82
CA SER A 1232 27.14 14.08 -45.24
C SER A 1232 27.05 13.71 -43.76
N GLN A 1233 26.14 14.38 -43.07
CA GLN A 1233 25.86 14.03 -41.68
C GLN A 1233 25.30 12.62 -41.62
N GLY A 1234 25.74 11.87 -40.63
CA GLY A 1234 25.47 10.45 -40.59
C GLY A 1234 26.40 9.61 -41.43
N TYR A 1235 27.51 10.18 -41.89
CA TYR A 1235 28.48 9.47 -42.69
C TYR A 1235 29.88 9.93 -42.32
N ARG A 1236 30.84 9.02 -42.43
CA ARG A 1236 32.25 9.36 -42.26
C ARG A 1236 33.03 8.78 -43.41
N SER A 1237 34.11 9.45 -43.78
CA SER A 1237 35.00 8.95 -44.80
C SER A 1237 35.81 7.78 -44.22
N ALA A 1238 35.76 6.63 -44.90
CA ALA A 1238 36.50 5.48 -44.43
C ALA A 1238 38.00 5.75 -44.45
N PHE A 1239 38.46 6.36 -45.52
CA PHE A 1239 39.90 6.66 -45.70
C PHE A 1239 40.19 7.96 -44.98
N PRO A 1240 41.46 8.27 -44.57
CA PRO A 1240 41.74 9.49 -43.81
C PRO A 1240 41.48 10.75 -44.64
N PRO A 1241 41.40 11.97 -44.03
CA PRO A 1241 41.24 13.19 -44.80
C PRO A 1241 42.30 13.35 -45.89
N GLU A 1242 41.89 13.88 -47.03
CA GLU A 1242 42.85 14.17 -48.13
C GLU A 1242 42.60 15.56 -48.78
N PRO A 1243 43.63 16.31 -49.23
CA PRO A 1243 43.41 17.43 -50.11
C PRO A 1243 43.41 16.93 -51.56
N LEU A 1244 42.40 17.29 -52.34
CA LEU A 1244 42.32 16.88 -53.76
C LEU A 1244 42.69 18.11 -54.61
N LEU A 1245 43.40 17.94 -55.72
CA LEU A 1245 43.68 19.08 -56.64
C LEU A 1245 43.22 18.71 -58.05
N CYS A 1246 42.61 19.63 -58.80
CA CYS A 1246 42.04 19.30 -60.13
C CYS A 1246 42.76 20.09 -61.23
N SER A 1247 42.98 19.50 -62.41
CA SER A 1247 43.57 20.27 -63.54
C SER A 1247 42.43 20.83 -64.40
N VAL A 1248 42.11 22.11 -64.27
CA VAL A 1248 40.94 22.66 -65.00
C VAL A 1248 41.21 22.51 -66.48
N GLN A 1249 42.49 22.39 -66.81
CA GLN A 1249 42.96 22.66 -68.19
C GLN A 1249 43.20 21.32 -68.88
N ARG A 1250 43.90 20.41 -68.21
CA ARG A 1250 43.88 18.99 -68.67
C ARG A 1250 42.44 18.53 -68.61
N ARG A 1251 41.72 18.98 -67.57
CA ARG A 1251 40.40 18.45 -67.16
C ARG A 1251 40.59 17.02 -66.66
N ARG A 1252 41.53 16.83 -65.73
CA ARG A 1252 41.71 15.50 -65.09
C ARG A 1252 42.31 15.71 -63.70
N TRP A 1253 42.11 14.76 -62.78
CA TRP A 1253 42.57 14.91 -61.41
C TRP A 1253 44.08 14.82 -61.34
N GLU A 1254 44.73 15.92 -60.96
CA GLU A 1254 46.19 15.92 -60.84
C GLU A 1254 46.63 15.17 -59.59
N SER A 1255 45.94 15.38 -58.47
CA SER A 1255 46.21 14.63 -57.25
C SER A 1255 45.64 13.22 -57.38
N ARG A 1256 45.69 12.48 -56.28
CA ARG A 1256 45.03 11.19 -56.23
C ARG A 1256 43.55 11.42 -56.49
N PRO A 1257 42.92 10.66 -57.38
CA PRO A 1257 41.49 10.84 -57.62
C PRO A 1257 40.68 10.57 -56.38
N PRO A 1258 39.57 11.28 -56.19
CA PRO A 1258 38.73 11.05 -55.01
C PRO A 1258 38.09 9.67 -55.07
N GLN A 1259 37.80 9.12 -53.90
CA GLN A 1259 37.16 7.82 -53.82
C GLN A 1259 35.65 7.99 -53.83
N PRO A 1260 34.92 7.46 -54.85
CA PRO A 1260 33.50 7.70 -54.92
C PRO A 1260 32.74 6.96 -53.82
N ARG A 1261 33.28 5.84 -53.34
CA ARG A 1261 32.53 5.01 -52.37
C ARG A 1261 33.11 5.16 -50.96
N ALA A 1262 33.78 6.26 -50.67
CA ALA A 1262 34.39 6.46 -49.35
C ALA A 1262 33.33 6.60 -48.26
N CYS A 1263 32.53 7.67 -48.26
CA CYS A 1263 31.59 7.93 -47.18
C CYS A 1263 30.76 6.68 -46.86
N GLN A 1264 30.84 6.22 -45.62
CA GLN A 1264 30.15 5.03 -45.17
C GLN A 1264 29.42 5.35 -43.86
N ARG A 1265 28.69 4.34 -43.35
CA ARG A 1265 27.99 4.41 -42.07
C ARG A 1265 28.94 4.10 -40.94
N PRO A 1266 29.10 4.98 -39.96
CA PRO A 1266 29.90 4.63 -38.78
C PRO A 1266 29.15 3.66 -37.87
N GLN A 1267 29.92 2.93 -37.08
CA GLN A 1267 29.37 1.97 -36.14
C GLN A 1267 29.95 2.25 -34.75
N PHE A 1268 29.34 1.63 -33.74
CA PHE A 1268 29.83 1.75 -32.38
C PHE A 1268 31.17 1.05 -32.23
N TRP A 1269 31.88 1.39 -31.16
CA TRP A 1269 33.09 0.66 -30.80
C TRP A 1269 32.76 -0.81 -30.61
N GLN A 1270 33.61 -1.67 -31.16
CA GLN A 1270 33.29 -3.09 -31.23
C GLN A 1270 34.09 -3.95 -30.27
N THR A 1271 35.24 -3.50 -29.79
CA THR A 1271 36.08 -4.30 -28.92
C THR A 1271 36.56 -3.47 -27.74
N LEU A 1272 36.87 -4.16 -26.64
CA LEU A 1272 37.55 -3.56 -25.50
C LEU A 1272 38.85 -4.32 -25.25
N GLN A 1273 39.87 -3.60 -24.79
CA GLN A 1273 41.22 -4.10 -24.70
C GLN A 1273 41.90 -3.60 -23.44
N THR A 1274 42.60 -4.51 -22.75
CA THR A 1274 43.49 -4.15 -21.66
C THR A 1274 44.81 -4.86 -21.86
N GLN A 1275 45.89 -4.27 -21.37
CA GLN A 1275 47.22 -4.84 -21.52
C GLN A 1275 47.98 -4.75 -20.21
N ALA A 1276 48.63 -5.85 -19.84
CA ALA A 1276 49.48 -5.91 -18.67
C ALA A 1276 50.85 -6.43 -19.08
N GLN A 1277 51.86 -6.14 -18.26
CA GLN A 1277 53.22 -6.59 -18.52
C GLN A 1277 53.81 -7.20 -17.25
N PHE A 1278 54.43 -8.37 -17.41
CA PHE A 1278 55.17 -9.03 -16.36
C PHE A 1278 56.43 -9.64 -16.97
N GLN A 1279 57.29 -10.17 -16.12
CA GLN A 1279 58.62 -10.62 -16.54
C GLN A 1279 58.88 -12.03 -16.05
N LEU A 1280 59.47 -12.85 -16.93
CA LEU A 1280 59.70 -14.27 -16.67
C LEU A 1280 61.18 -14.45 -16.32
N LEU A 1281 61.46 -14.88 -15.09
CA LEU A 1281 62.82 -15.16 -14.68
C LEU A 1281 62.98 -16.59 -14.17
N ASP A 1291 70.42 -19.00 -24.72
CA ASP A 1291 69.25 -18.33 -24.18
C ASP A 1291 68.74 -17.27 -25.15
N TYR A 1292 69.46 -16.16 -25.22
CA TYR A 1292 69.12 -15.10 -26.16
C TYR A 1292 69.60 -15.46 -27.57
N SER A 1293 69.28 -14.59 -28.52
CA SER A 1293 69.60 -14.79 -29.94
C SER A 1293 69.00 -16.11 -30.44
N GLY A 1294 67.75 -16.36 -30.06
CA GLY A 1294 67.06 -17.57 -30.45
C GLY A 1294 65.62 -17.28 -30.79
N LEU A 1295 64.91 -18.33 -31.19
CA LEU A 1295 63.51 -18.20 -31.62
C LEU A 1295 62.62 -18.19 -30.39
N LEU A 1296 62.20 -17.00 -29.97
CA LEU A 1296 61.32 -16.83 -28.81
C LEU A 1296 59.85 -17.10 -29.12
N LEU A 1297 59.47 -17.13 -30.40
CA LEU A 1297 58.07 -17.27 -30.76
C LEU A 1297 57.49 -18.60 -30.27
N ALA A 1298 58.34 -19.56 -29.92
CA ALA A 1298 57.86 -20.73 -29.20
C ALA A 1298 57.30 -20.35 -27.84
N PHE A 1299 57.99 -19.46 -27.12
CA PHE A 1299 57.54 -19.07 -25.80
C PHE A 1299 56.23 -18.31 -25.84
N GLN A 1300 55.90 -17.71 -26.98
CA GLN A 1300 54.61 -17.04 -27.11
C GLN A 1300 53.47 -18.04 -27.07
N VAL A 1301 53.65 -19.21 -27.69
CA VAL A 1301 52.64 -20.25 -27.64
C VAL A 1301 52.60 -20.89 -26.26
N PHE A 1302 53.77 -21.14 -25.67
CA PHE A 1302 53.81 -21.79 -24.36
C PHE A 1302 53.15 -20.94 -23.29
N LEU A 1303 53.40 -19.64 -23.30
CA LEU A 1303 52.79 -18.77 -22.31
C LEU A 1303 51.28 -18.67 -22.49
N LEU A 1304 50.81 -18.61 -23.74
CA LEU A 1304 49.38 -18.58 -23.97
C LEU A 1304 48.71 -19.86 -23.46
N ASP A 1305 49.37 -21.00 -23.64
CA ASP A 1305 48.83 -22.25 -23.14
C ASP A 1305 48.72 -22.24 -21.62
N GLU A 1306 49.73 -21.72 -20.93
CA GLU A 1306 49.69 -21.65 -19.48
C GLU A 1306 48.61 -20.68 -19.01
N LEU A 1307 48.47 -19.53 -19.69
CA LEU A 1307 47.37 -18.63 -19.39
C LEU A 1307 46.02 -19.28 -19.64
N THR A 1308 45.89 -20.03 -20.73
CA THR A 1308 44.63 -20.72 -21.02
C THR A 1308 44.34 -21.77 -19.96
N ALA A 1309 45.37 -22.48 -19.50
CA ALA A 1309 45.17 -23.57 -18.55
C ALA A 1309 44.60 -23.07 -17.23
N ARG A 1310 45.04 -21.90 -16.78
CA ARG A 1310 44.60 -21.35 -15.50
C ARG A 1310 43.39 -20.42 -15.66
N GLY A 1311 42.76 -20.40 -16.82
CA GLY A 1311 41.52 -19.67 -16.99
C GLY A 1311 41.66 -18.17 -17.09
N PHE A 1312 42.76 -17.66 -17.62
CA PHE A 1312 42.94 -16.22 -17.82
C PHE A 1312 42.69 -15.79 -19.25
N CYS A 1313 42.11 -16.67 -20.06
CA CYS A 1313 41.69 -16.33 -21.41
C CYS A 1313 40.18 -16.44 -21.57
N GLN A 1314 39.46 -16.56 -20.47
CA GLN A 1314 37.99 -16.60 -20.46
C GLN A 1314 37.50 -15.67 -19.36
N ILE A 1315 36.36 -15.03 -19.60
CA ILE A 1315 35.60 -14.39 -18.54
C ILE A 1315 34.40 -15.25 -18.20
N GLN A 1316 34.24 -15.53 -16.92
CA GLN A 1316 33.10 -16.28 -16.42
C GLN A 1316 32.14 -15.32 -15.73
N VAL A 1317 30.91 -15.29 -16.20
CA VAL A 1317 29.90 -14.35 -15.71
C VAL A 1317 28.93 -15.13 -14.82
N LYS A 1318 28.78 -14.65 -13.58
CA LYS A 1318 27.91 -15.31 -12.61
C LYS A 1318 26.45 -15.00 -12.96
N THR A 1319 25.94 -15.74 -13.93
CA THR A 1319 24.55 -15.59 -14.36
C THR A 1319 23.64 -16.33 -13.40
N ALA A 1320 22.36 -16.47 -13.76
CA ALA A 1320 21.43 -17.19 -12.91
C ALA A 1320 21.67 -18.70 -13.00
N GLY A 1321 21.54 -19.27 -14.19
CA GLY A 1321 21.73 -20.68 -14.39
C GLY A 1321 23.07 -21.03 -15.01
N THR A 1322 23.06 -21.32 -16.30
CA THR A 1322 24.29 -21.67 -17.00
C THR A 1322 25.17 -20.44 -17.16
N PRO A 1323 26.47 -20.52 -16.86
CA PRO A 1323 27.35 -19.36 -17.05
C PRO A 1323 27.94 -19.31 -18.45
N VAL A 1324 27.81 -18.16 -19.11
CA VAL A 1324 28.45 -17.97 -20.41
C VAL A 1324 29.92 -17.66 -20.22
N SER A 1325 30.75 -18.12 -21.15
CA SER A 1325 32.18 -17.85 -21.13
C SER A 1325 32.53 -16.95 -22.30
N ILE A 1326 33.16 -15.81 -21.99
CA ILE A 1326 33.58 -14.85 -23.00
C ILE A 1326 35.06 -15.05 -23.26
N PRO A 1327 35.47 -15.43 -24.47
CA PRO A 1327 36.91 -15.55 -24.77
C PRO A 1327 37.55 -14.17 -24.91
N VAL A 1328 38.70 -14.01 -24.26
CA VAL A 1328 39.40 -12.73 -24.25
C VAL A 1328 40.85 -12.86 -24.71
N CYS A 1329 41.18 -13.91 -25.46
CA CYS A 1329 42.52 -14.09 -25.99
C CYS A 1329 42.45 -14.46 -27.46
N ASP A 1330 43.62 -14.45 -28.10
CA ASP A 1330 43.81 -14.92 -29.45
C ASP A 1330 45.28 -15.27 -29.61
N ASP A 1331 45.71 -15.50 -30.85
CA ASP A 1331 47.11 -15.88 -31.09
C ASP A 1331 48.05 -14.68 -30.96
N SER A 1332 47.53 -13.46 -31.01
CA SER A 1332 48.33 -12.25 -30.87
C SER A 1332 48.37 -11.72 -29.45
N SER A 1333 47.78 -12.43 -28.49
CA SER A 1333 47.60 -11.88 -27.14
C SER A 1333 48.92 -11.75 -26.39
N VAL A 1334 49.88 -12.63 -26.65
CA VAL A 1334 51.12 -12.68 -25.86
C VAL A 1334 52.28 -12.33 -26.77
N LYS A 1335 53.04 -11.31 -26.38
CA LYS A 1335 54.24 -10.88 -27.10
C LYS A 1335 55.39 -10.83 -26.11
N VAL A 1336 56.52 -11.45 -26.47
CA VAL A 1336 57.66 -11.56 -25.58
C VAL A 1336 58.85 -10.83 -26.21
N GLU A 1337 59.60 -10.11 -25.37
CA GLU A 1337 60.85 -9.47 -25.77
C GLU A 1337 61.92 -9.75 -24.74
N CYS A 1338 63.15 -9.88 -25.20
CA CYS A 1338 64.29 -10.20 -24.33
C CYS A 1338 64.89 -8.90 -23.82
N LEU A 1339 64.86 -8.71 -22.51
CA LEU A 1339 65.37 -7.49 -21.90
C LEU A 1339 66.79 -7.68 -21.37
N SER A 1340 66.99 -8.70 -20.55
CA SER A 1340 68.31 -9.02 -20.01
C SER A 1340 68.38 -10.53 -19.81
N ARG A 1341 69.59 -11.01 -19.51
CA ARG A 1341 69.80 -12.44 -19.29
C ARG A 1341 68.94 -12.92 -18.13
N GLU A 1342 68.32 -14.09 -18.31
CA GLU A 1342 67.44 -14.79 -17.38
C GLU A 1342 66.14 -14.03 -17.10
N ARG A 1343 65.90 -12.88 -17.73
CA ARG A 1343 64.66 -12.13 -17.51
C ARG A 1343 64.03 -11.82 -18.87
N LEU A 1344 62.97 -12.54 -19.20
CA LEU A 1344 62.21 -12.23 -20.40
C LEU A 1344 61.14 -11.20 -20.08
N GLY A 1345 60.73 -10.45 -21.10
CA GLY A 1345 59.66 -9.47 -20.98
C GLY A 1345 58.43 -9.98 -21.72
N VAL A 1346 57.30 -9.99 -21.01
CA VAL A 1346 56.07 -10.59 -21.51
C VAL A 1346 54.98 -9.53 -21.55
N ASN A 1347 54.25 -9.48 -22.66
CA ASN A 1347 53.10 -8.62 -22.84
C ASN A 1347 51.86 -9.49 -22.96
N ILE A 1348 50.84 -9.20 -22.15
CA ILE A 1348 49.56 -9.89 -22.22
C ILE A 1348 48.48 -8.87 -22.54
N THR A 1349 47.68 -9.15 -23.57
CA THR A 1349 46.65 -8.25 -24.05
C THR A 1349 45.34 -9.02 -24.16
N TRP A 1350 44.36 -8.62 -23.36
CA TRP A 1350 43.03 -9.23 -23.39
C TRP A 1350 42.12 -8.36 -24.24
N LYS A 1351 41.55 -8.94 -25.29
CA LYS A 1351 40.65 -8.23 -26.20
C LYS A 1351 39.28 -8.88 -26.18
N LEU A 1352 38.29 -8.16 -25.69
CA LEU A 1352 36.91 -8.62 -25.66
C LEU A 1352 36.15 -8.04 -26.84
N GLN A 1353 35.49 -8.90 -27.61
CA GLN A 1353 34.57 -8.47 -28.64
C GLN A 1353 33.20 -8.27 -28.02
N LEU A 1354 32.63 -7.08 -28.19
CA LEU A 1354 31.37 -6.75 -27.55
C LEU A 1354 30.20 -7.59 -28.05
N VAL A 1355 30.32 -8.21 -29.23
CA VAL A 1355 29.25 -9.05 -29.73
C VAL A 1355 29.14 -10.34 -28.93
N ASP A 1356 30.17 -10.68 -28.14
CA ASP A 1356 30.15 -11.87 -27.31
C ASP A 1356 29.72 -11.60 -25.87
N ALA A 1357 29.78 -10.36 -25.41
CA ALA A 1357 29.38 -10.03 -24.06
C ALA A 1357 27.87 -10.14 -23.93
N PRO A 1358 27.35 -10.97 -23.03
CA PRO A 1358 25.89 -11.16 -22.94
C PRO A 1358 25.21 -9.90 -22.42
N PRO A 1359 24.27 -9.35 -23.19
CA PRO A 1359 23.59 -8.12 -22.74
C PRO A 1359 22.70 -8.32 -21.53
N ALA A 1360 22.30 -9.55 -21.21
CA ALA A 1360 21.49 -9.80 -20.03
C ALA A 1360 22.30 -9.86 -18.74
N SER A 1361 23.58 -10.20 -18.83
CA SER A 1361 24.44 -10.30 -17.66
C SER A 1361 25.34 -9.08 -17.47
N LEU A 1362 25.69 -8.41 -18.57
CA LEU A 1362 26.52 -7.19 -18.53
C LEU A 1362 25.79 -6.09 -19.31
N PRO A 1363 24.81 -5.44 -18.69
CA PRO A 1363 23.95 -4.51 -19.44
C PRO A 1363 24.67 -3.31 -20.04
N ASP A 1364 25.50 -2.62 -19.27
CA ASP A 1364 26.17 -1.41 -19.73
C ASP A 1364 27.60 -1.72 -20.14
N LEU A 1365 28.15 -0.85 -20.99
CA LEU A 1365 29.55 -0.99 -21.36
C LEU A 1365 30.48 -0.78 -20.16
N GLN A 1366 30.03 -0.05 -19.14
CA GLN A 1366 30.81 0.00 -17.91
C GLN A 1366 30.89 -1.37 -17.24
N ASP A 1367 29.80 -2.14 -17.26
CA ASP A 1367 29.83 -3.49 -16.68
C ASP A 1367 30.81 -4.38 -17.42
N VAL A 1368 30.94 -4.17 -18.73
CA VAL A 1368 31.89 -4.95 -19.53
C VAL A 1368 33.32 -4.55 -19.18
N GLU A 1369 33.58 -3.25 -19.02
CA GLU A 1369 34.92 -2.80 -18.65
C GLU A 1369 35.37 -3.41 -17.32
N GLU A 1370 34.48 -3.43 -16.34
CA GLU A 1370 34.85 -3.89 -15.01
C GLU A 1370 34.99 -5.42 -14.96
N ALA A 1371 34.25 -6.12 -15.82
CA ALA A 1371 34.47 -7.57 -15.90
C ALA A 1371 35.82 -7.89 -16.53
N LEU A 1372 36.34 -7.01 -17.39
CA LEU A 1372 37.62 -7.21 -18.05
C LEU A 1372 38.80 -6.69 -17.23
N ALA A 1373 38.56 -5.73 -16.33
CA ALA A 1373 39.61 -5.08 -15.56
C ALA A 1373 39.30 -5.13 -14.08
N GLY A 1374 38.77 -6.27 -13.64
CA GLY A 1374 38.42 -6.43 -12.23
C GLY A 1374 38.82 -7.75 -11.63
N LYS A 1375 38.10 -8.22 -10.64
CA LYS A 1375 38.46 -9.40 -9.83
C LYS A 1375 38.35 -10.74 -10.55
N TYR A 1376 37.71 -10.75 -11.69
CA TYR A 1376 37.52 -12.01 -12.43
C TYR A 1376 38.57 -12.15 -13.53
N LEU A 1377 39.17 -11.06 -14.02
CA LEU A 1377 40.22 -11.29 -15.02
C LEU A 1377 41.54 -10.64 -14.67
N ALA A 1378 41.57 -9.32 -14.45
CA ALA A 1378 42.83 -8.62 -14.27
C ALA A 1378 43.24 -8.50 -12.81
N GLY A 1379 42.27 -8.26 -11.92
CA GLY A 1379 42.57 -8.31 -10.50
C GLY A 1379 42.95 -9.69 -10.03
N ARG A 1380 42.35 -10.73 -10.63
CA ARG A 1380 42.70 -12.10 -10.30
C ARG A 1380 44.06 -12.49 -10.85
N PHE A 1381 44.52 -11.85 -11.92
CA PHE A 1381 45.83 -12.13 -12.48
C PHE A 1381 46.95 -11.33 -11.81
N ALA A 1382 46.65 -10.12 -11.33
CA ALA A 1382 47.66 -9.36 -10.60
C ALA A 1382 48.02 -10.04 -9.29
N ASP A 1383 47.03 -10.60 -8.59
CA ASP A 1383 47.30 -11.31 -7.36
C ASP A 1383 48.16 -12.55 -7.60
N LEU A 1384 47.88 -13.28 -8.68
CA LEU A 1384 48.66 -14.49 -8.97
C LEU A 1384 50.12 -14.14 -9.24
N ILE A 1385 50.37 -13.06 -9.97
CA ILE A 1385 51.75 -12.66 -10.26
C ILE A 1385 52.43 -12.13 -9.00
N GLN A 1386 51.74 -11.28 -8.23
CA GLN A 1386 52.35 -10.71 -7.03
C GLN A 1386 52.65 -11.78 -5.98
N SER A 1387 51.90 -12.90 -6.00
CA SER A 1387 52.16 -13.97 -5.05
C SER A 1387 53.52 -14.63 -5.33
N GLY A 1388 53.68 -15.19 -6.52
CA GLY A 1388 54.92 -15.85 -6.88
C GLY A 1388 54.71 -17.28 -7.33
N THR A 1389 53.46 -17.63 -7.64
CA THR A 1389 53.08 -19.01 -7.93
C THR A 1389 52.84 -19.25 -9.42
N PHE A 1390 53.37 -18.39 -10.29
CA PHE A 1390 53.27 -18.59 -11.72
C PHE A 1390 54.61 -19.07 -12.26
N GLN A 1391 54.67 -20.35 -12.60
CA GLN A 1391 55.85 -20.92 -13.23
C GLN A 1391 55.42 -21.75 -14.43
N LEU A 1392 56.30 -21.84 -15.42
CA LEU A 1392 56.02 -22.55 -16.66
C LEU A 1392 56.92 -23.78 -16.75
N HIS A 1393 56.32 -24.92 -17.06
CA HIS A 1393 57.02 -26.20 -17.10
C HIS A 1393 57.40 -26.51 -18.53
N LEU A 1394 58.71 -26.61 -18.80
CA LEU A 1394 59.22 -26.78 -20.15
C LEU A 1394 60.41 -27.73 -20.11
N ASP A 1395 60.13 -29.02 -20.33
CA ASP A 1395 61.16 -30.06 -20.35
C ASP A 1395 61.95 -30.08 -19.04
N SER A 1396 61.22 -30.20 -17.92
CA SER A 1396 61.78 -30.32 -16.57
C SER A 1396 62.39 -29.02 -16.09
N LYS A 1397 62.44 -28.01 -16.96
CA LYS A 1397 62.93 -26.70 -16.58
C LYS A 1397 61.78 -25.83 -16.10
N THR A 1398 62.05 -24.96 -15.13
CA THR A 1398 61.04 -24.11 -14.51
C THR A 1398 61.37 -22.64 -14.78
N PHE A 1399 60.36 -21.89 -15.22
CA PHE A 1399 60.49 -20.45 -15.46
C PHE A 1399 59.50 -19.74 -14.55
N SER A 1400 59.95 -19.39 -13.36
CA SER A 1400 59.10 -18.66 -12.44
C SER A 1400 59.08 -17.17 -12.78
N ALA A 1401 57.93 -16.54 -12.53
CA ALA A 1401 57.71 -15.15 -12.92
C ALA A 1401 58.00 -14.21 -11.75
N ASP A 1402 58.45 -13.01 -12.09
CA ASP A 1402 58.73 -11.99 -11.08
C ASP A 1402 57.44 -11.46 -10.49
N THR A 1403 57.54 -10.88 -9.28
CA THR A 1403 56.36 -10.41 -8.58
C THR A 1403 55.82 -9.09 -9.13
N SER A 1404 56.56 -8.43 -10.02
CA SER A 1404 56.17 -7.11 -10.51
C SER A 1404 55.27 -7.22 -11.73
N ILE A 1405 54.16 -6.47 -11.71
CA ILE A 1405 53.22 -6.43 -12.83
C ILE A 1405 52.84 -4.98 -13.08
N ARG A 1406 52.79 -4.59 -14.36
CA ARG A 1406 52.45 -3.24 -14.77
C ARG A 1406 51.34 -3.27 -15.80
N PHE A 1407 50.57 -2.17 -15.84
CA PHE A 1407 49.41 -2.06 -16.72
C PHE A 1407 49.58 -0.87 -17.64
N LEU A 1408 49.29 -1.06 -18.92
CA LEU A 1408 49.30 0.04 -19.86
C LEU A 1408 48.16 1.01 -19.54
N GLN A 1409 48.46 2.31 -19.61
CA GLN A 1409 47.48 3.35 -19.35
C GLN A 1409 47.62 4.46 -20.39
N GLY A 1410 47.81 4.06 -21.65
CA GLY A 1410 48.00 5.03 -22.71
C GLY A 1410 49.38 5.66 -22.68
N ASP A 1411 50.40 4.85 -22.95
CA ASP A 1411 51.82 5.20 -23.05
C ASP A 1411 52.46 5.40 -21.68
N ARG A 1412 51.70 5.36 -20.59
CA ARG A 1412 52.25 5.50 -19.25
C ARG A 1412 51.87 4.25 -18.46
N PHE A 1413 52.83 3.32 -18.33
CA PHE A 1413 52.58 2.11 -17.56
C PHE A 1413 52.23 2.45 -16.13
N GLY A 1414 50.98 2.19 -15.76
CA GLY A 1414 50.51 2.48 -14.42
C GLY A 1414 50.37 1.23 -13.57
N ILE A 1415 49.71 1.37 -12.42
CA ILE A 1415 49.51 0.25 -11.51
C ILE A 1415 48.05 -0.20 -11.50
N SER A 1416 47.24 0.24 -12.45
CA SER A 1416 45.84 -0.11 -12.54
C SER A 1416 45.45 -0.23 -14.00
N PRO A 1417 44.64 -1.24 -14.36
CA PRO A 1417 44.32 -1.45 -15.77
C PRO A 1417 43.30 -0.44 -16.28
N ARG A 1418 43.56 0.08 -17.48
CA ARG A 1418 42.63 0.93 -18.19
C ARG A 1418 42.23 0.24 -19.50
N THR A 1419 40.96 0.33 -19.84
CA THR A 1419 40.47 -0.26 -21.07
C THR A 1419 40.66 0.70 -22.24
N GLN A 1420 40.66 0.13 -23.44
CA GLN A 1420 40.85 0.90 -24.67
C GLN A 1420 39.90 0.36 -25.73
N PHE A 1421 39.17 1.26 -26.37
CA PHE A 1421 38.17 0.87 -27.35
C PHE A 1421 38.82 0.64 -28.71
N GLY A 1422 38.21 -0.25 -29.49
CA GLY A 1422 38.74 -0.60 -30.78
C GLY A 1422 37.67 -1.10 -31.73
N CYS A 1423 38.09 -1.60 -32.88
CA CYS A 1423 37.17 -2.06 -33.92
C CYS A 1423 37.49 -3.51 -34.26
N LEU A 1424 36.56 -4.15 -34.96
CA LEU A 1424 36.70 -5.56 -35.30
C LEU A 1424 37.70 -5.70 -36.44
N GLU A 1425 37.80 -6.92 -36.99
CA GLU A 1425 38.83 -7.23 -37.96
C GLU A 1425 38.69 -6.42 -39.24
N GLY A 1426 37.49 -6.38 -39.81
CA GLY A 1426 37.29 -5.73 -41.08
C GLY A 1426 36.90 -4.28 -41.04
N PHE A 1427 36.99 -3.63 -39.88
CA PHE A 1427 36.47 -2.28 -39.70
C PHE A 1427 37.62 -1.33 -39.42
N GLY A 1428 37.67 -0.23 -40.16
CA GLY A 1428 38.75 0.73 -39.99
C GLY A 1428 38.42 1.76 -38.91
N ARG A 1429 39.45 2.15 -38.17
CA ARG A 1429 39.31 3.21 -37.18
C ARG A 1429 39.18 4.56 -37.87
N VAL A 1430 38.23 5.36 -37.39
CA VAL A 1430 38.08 6.75 -37.85
C VAL A 1430 38.24 7.75 -36.73
N VAL A 1431 38.20 7.32 -35.48
CA VAL A 1431 38.41 8.18 -34.32
C VAL A 1431 39.70 7.76 -33.65
N ALA A 1432 40.52 8.74 -33.28
CA ALA A 1432 41.77 8.44 -32.59
C ALA A 1432 41.49 7.73 -31.27
N ALA A 1433 42.50 7.01 -30.78
CA ALA A 1433 42.32 6.25 -29.55
C ALA A 1433 42.10 7.16 -28.35
N SER A 1434 42.79 8.30 -28.31
CA SER A 1434 42.71 9.17 -27.15
C SER A 1434 41.32 9.73 -26.94
N ASP A 1435 40.68 10.22 -28.01
CA ASP A 1435 39.37 10.84 -27.91
C ASP A 1435 38.23 9.85 -28.13
N ALA A 1436 38.45 8.56 -27.88
CA ALA A 1436 37.35 7.60 -27.91
C ALA A 1436 36.33 7.89 -26.81
N SER A 1437 36.72 8.64 -25.78
CA SER A 1437 35.77 9.04 -24.76
C SER A 1437 34.84 10.13 -25.27
N GLN A 1438 35.20 10.78 -26.39
CA GLN A 1438 34.39 11.88 -26.89
C GLN A 1438 33.35 11.40 -27.89
N ASP A 1439 33.75 10.53 -28.82
CA ASP A 1439 32.87 10.08 -29.89
C ASP A 1439 32.66 8.58 -29.76
N ALA A 1440 31.42 8.14 -29.93
CA ALA A 1440 31.11 6.71 -29.75
C ALA A 1440 31.19 5.95 -31.06
N LEU A 1441 30.98 6.62 -32.18
CA LEU A 1441 31.00 5.98 -33.49
C LEU A 1441 32.42 6.04 -34.03
N GLY A 1442 33.18 4.97 -33.80
CA GLY A 1442 34.58 4.96 -34.18
C GLY A 1442 34.98 3.95 -35.23
N CYS A 1443 34.02 3.19 -35.75
CA CYS A 1443 34.32 2.08 -36.65
C CYS A 1443 33.50 2.21 -37.92
N VAL A 1444 34.17 2.14 -39.07
CA VAL A 1444 33.50 2.07 -40.36
C VAL A 1444 34.02 0.83 -41.10
N LYS A 1445 33.13 0.14 -41.78
CA LYS A 1445 33.53 -1.01 -42.58
C LYS A 1445 34.31 -0.56 -43.80
N CYS A 1446 35.37 -1.30 -44.13
CA CYS A 1446 36.15 -0.96 -45.30
C CYS A 1446 35.28 -1.09 -46.55
N PRO A 1447 35.20 -0.06 -47.40
CA PRO A 1447 34.28 -0.11 -48.53
C PRO A 1447 34.71 -1.08 -49.62
N GLU A 1448 34.01 -1.00 -50.76
CA GLU A 1448 34.19 -1.93 -51.89
C GLU A 1448 35.53 -1.70 -52.58
N GLY A 1449 36.04 -0.49 -52.64
CA GLY A 1449 37.33 -0.27 -53.32
C GLY A 1449 38.55 -0.56 -52.48
N SER A 1450 38.39 -1.10 -51.28
CA SER A 1450 39.38 -0.99 -50.20
C SER A 1450 39.73 -2.39 -49.67
N TYR A 1451 40.82 -2.48 -48.91
CA TYR A 1451 41.16 -3.65 -48.09
C TYR A 1451 41.51 -3.16 -46.68
N PHE A 1452 41.57 -4.07 -45.70
CA PHE A 1452 41.91 -3.68 -44.32
C PHE A 1452 43.35 -4.07 -44.03
N GLN A 1453 44.15 -3.14 -43.54
CA GLN A 1453 45.36 -3.57 -42.83
C GLN A 1453 45.57 -2.62 -41.66
N ASP A 1454 45.85 -3.13 -40.47
CA ASP A 1454 46.43 -2.29 -39.39
C ASP A 1454 45.53 -1.08 -39.09
N GLU A 1455 44.22 -1.32 -38.93
CA GLU A 1455 43.27 -0.42 -38.25
C GLU A 1455 42.86 0.68 -39.23
N GLN A 1456 43.31 0.54 -40.48
CA GLN A 1456 43.06 1.56 -41.50
C GLN A 1456 42.49 0.83 -42.71
N CYS A 1457 41.76 1.55 -43.54
CA CYS A 1457 41.21 1.00 -44.79
C CYS A 1457 41.99 1.65 -45.93
N ILE A 1458 42.64 0.84 -46.76
CA ILE A 1458 43.62 1.33 -47.77
C ILE A 1458 43.08 0.98 -49.15
N PRO A 1459 43.05 1.92 -50.12
CA PRO A 1459 42.38 1.68 -51.39
C PRO A 1459 43.03 0.61 -52.29
N CYS A 1460 42.29 -0.29 -52.97
CA CYS A 1460 42.98 -1.24 -53.82
C CYS A 1460 43.96 -0.50 -54.72
N PRO A 1461 45.22 -0.92 -54.78
CA PRO A 1461 46.17 -0.28 -55.70
C PRO A 1461 45.82 -0.58 -57.15
N ALA A 1462 46.42 0.19 -58.04
CA ALA A 1462 46.16 0.03 -59.46
C ALA A 1462 46.53 -1.38 -59.91
N GLY A 1463 45.70 -1.94 -60.79
CA GLY A 1463 45.85 -3.31 -61.20
C GLY A 1463 45.15 -4.32 -60.32
N PHE A 1464 44.53 -3.88 -59.23
CA PHE A 1464 43.82 -4.76 -58.32
C PHE A 1464 42.41 -4.22 -58.12
N TYR A 1465 41.48 -5.13 -57.80
CA TYR A 1465 40.10 -4.76 -57.56
C TYR A 1465 39.53 -5.61 -56.43
N GLN A 1466 38.62 -5.01 -55.67
CA GLN A 1466 37.87 -5.73 -54.64
C GLN A 1466 36.41 -5.37 -54.79
N GLU A 1467 35.53 -6.36 -54.65
CA GLU A 1467 34.11 -6.15 -54.87
C GLU A 1467 33.28 -6.24 -53.60
N GLN A 1468 33.70 -7.00 -52.60
CA GLN A 1468 32.93 -7.18 -51.38
C GLN A 1468 33.60 -6.44 -50.23
N ALA A 1469 32.79 -5.69 -49.48
CA ALA A 1469 33.32 -4.84 -48.42
C ALA A 1469 33.86 -5.66 -47.26
N GLY A 1470 34.69 -5.02 -46.45
CA GLY A 1470 35.29 -5.68 -45.30
C GLY A 1470 36.19 -6.85 -45.66
N SER A 1471 37.03 -6.67 -46.67
CA SER A 1471 37.91 -7.72 -47.15
C SER A 1471 39.35 -7.47 -46.70
N LEU A 1472 40.17 -8.52 -46.80
CA LEU A 1472 41.53 -8.49 -46.30
C LEU A 1472 42.58 -8.40 -47.41
N ALA A 1473 42.17 -8.43 -48.67
CA ALA A 1473 43.12 -8.39 -49.78
C ALA A 1473 42.40 -7.87 -51.01
N CYS A 1474 43.17 -7.64 -52.07
CA CYS A 1474 42.64 -7.16 -53.34
C CYS A 1474 42.86 -8.20 -54.41
N VAL A 1475 41.78 -8.56 -55.11
CA VAL A 1475 41.89 -9.56 -56.18
C VAL A 1475 42.57 -8.92 -57.38
N PRO A 1476 43.59 -9.56 -57.96
CA PRO A 1476 44.22 -8.99 -59.15
C PRO A 1476 43.32 -9.12 -60.38
N CYS A 1477 43.50 -8.17 -61.29
CA CYS A 1477 42.77 -8.22 -62.56
C CYS A 1477 43.28 -9.38 -63.40
N PRO A 1478 42.50 -9.85 -64.37
CA PRO A 1478 43.01 -10.87 -65.29
C PRO A 1478 44.25 -10.39 -66.02
N GLU A 1479 45.12 -11.34 -66.36
CA GLU A 1479 46.46 -11.01 -66.84
C GLU A 1479 46.42 -10.07 -68.05
N GLY A 1480 45.37 -10.15 -68.86
CA GLY A 1480 45.25 -9.27 -69.99
C GLY A 1480 44.72 -7.89 -69.70
N ARG A 1481 44.32 -7.60 -68.45
CA ARG A 1481 43.64 -6.36 -68.12
C ARG A 1481 44.25 -5.73 -66.88
N THR A 1482 43.90 -4.47 -66.66
CA THR A 1482 44.33 -3.70 -65.50
C THR A 1482 43.27 -2.67 -65.17
N THR A 1483 43.56 -1.82 -64.17
CA THR A 1483 42.66 -0.76 -63.77
C THR A 1483 43.35 0.57 -63.98
N VAL A 1484 42.61 1.54 -64.52
CA VAL A 1484 43.20 2.84 -64.86
C VAL A 1484 43.57 3.61 -63.60
N TYR A 1485 42.77 3.51 -62.55
CA TYR A 1485 43.03 4.21 -61.31
C TYR A 1485 43.07 3.23 -60.15
N ALA A 1486 43.32 3.76 -58.95
CA ALA A 1486 43.28 2.95 -57.75
C ALA A 1486 41.87 2.94 -57.16
N GLY A 1487 41.61 1.95 -56.32
CA GLY A 1487 40.29 1.84 -55.71
C GLY A 1487 39.22 1.31 -56.62
N ALA A 1488 39.56 0.41 -57.54
CA ALA A 1488 38.54 -0.21 -58.39
C ALA A 1488 37.64 -1.09 -57.56
N PHE A 1489 36.35 -1.13 -57.92
CA PHE A 1489 35.36 -1.81 -57.09
C PHE A 1489 34.42 -2.69 -57.92
N SER A 1490 34.90 -3.24 -59.03
CA SER A 1490 34.13 -4.24 -59.76
C SER A 1490 35.04 -4.97 -60.75
N GLN A 1491 34.56 -6.14 -61.20
CA GLN A 1491 35.27 -6.89 -62.22
C GLN A 1491 35.35 -6.12 -63.53
N THR A 1492 34.25 -5.46 -63.91
CA THR A 1492 34.22 -4.71 -65.17
C THR A 1492 35.20 -3.55 -65.18
N HIS A 1493 35.71 -3.18 -64.01
CA HIS A 1493 36.61 -2.03 -63.93
C HIS A 1493 38.01 -2.42 -64.41
N CYS A 1494 38.31 -3.71 -64.44
CA CYS A 1494 39.52 -4.18 -65.10
C CYS A 1494 39.40 -3.95 -66.59
N VAL A 1495 40.41 -3.32 -67.17
CA VAL A 1495 40.30 -2.78 -68.53
C VAL A 1495 41.52 -3.20 -69.34
N THR A 1496 41.32 -3.36 -70.65
CA THR A 1496 42.40 -3.72 -71.55
C THR A 1496 43.16 -2.47 -71.99
N ASP A 1497 44.25 -2.67 -72.72
CA ASP A 1497 45.01 -1.53 -73.22
C ASP A 1497 44.25 -0.75 -74.28
N CYS A 1498 43.41 -1.42 -75.06
CA CYS A 1498 42.66 -0.73 -76.10
C CYS A 1498 41.62 0.21 -75.50
N GLN A 1499 40.89 -0.34 -74.53
CA GLN A 1499 39.75 0.41 -73.93
C GLN A 1499 40.28 1.62 -73.16
N LYS A 1500 41.38 1.47 -72.44
CA LYS A 1500 41.99 2.61 -71.73
C LYS A 1500 42.41 3.63 -72.78
N ASN A 1501 42.89 3.15 -73.92
CA ASN A 1501 43.40 4.05 -74.98
C ASN A 1501 42.51 5.29 -75.07
N GLU A 1502 43.15 6.46 -75.22
CA GLU A 1502 42.38 7.71 -75.26
C GLU A 1502 42.55 8.38 -76.63
N VAL A 1503 43.44 7.86 -77.47
CA VAL A 1503 43.73 8.54 -78.76
C VAL A 1503 42.64 8.21 -79.78
N GLY A 1504 41.53 7.63 -79.33
CA GLY A 1504 40.39 7.40 -80.25
C GLY A 1504 40.39 6.07 -80.95
N LEU A 1505 41.42 5.25 -80.75
CA LEU A 1505 41.46 3.99 -81.53
C LEU A 1505 40.25 3.17 -81.11
N GLN A 1506 39.46 2.72 -82.09
CA GLN A 1506 38.25 1.91 -81.79
C GLN A 1506 38.68 0.51 -81.40
N CYS A 1507 37.83 -0.19 -80.66
CA CYS A 1507 38.23 -1.54 -80.17
C CYS A 1507 37.15 -2.55 -80.51
N ASP A 1508 37.53 -3.80 -80.75
CA ASP A 1508 36.49 -4.82 -80.98
C ASP A 1508 36.08 -5.38 -79.63
N GLN A 1509 35.18 -6.35 -79.66
CA GLN A 1509 34.78 -7.00 -78.38
C GLN A 1509 35.97 -7.81 -77.89
N ASP A 1510 35.97 -8.17 -76.61
CA ASP A 1510 37.10 -8.93 -76.01
C ASP A 1510 38.26 -7.96 -75.81
N GLY A 1511 38.06 -6.69 -76.08
CA GLY A 1511 39.09 -5.70 -75.78
C GLY A 1511 40.38 -5.84 -76.55
N GLN A 1512 40.29 -6.07 -77.85
CA GLN A 1512 41.45 -6.09 -78.73
C GLN A 1512 41.35 -4.94 -79.73
N TYR A 1513 42.50 -4.40 -80.12
CA TYR A 1513 42.52 -3.29 -81.06
C TYR A 1513 41.83 -3.68 -82.36
N ARG A 1514 40.93 -2.82 -82.82
CA ARG A 1514 40.36 -2.98 -84.15
C ARG A 1514 41.45 -2.83 -85.20
N ALA A 1515 41.51 -3.79 -86.12
CA ALA A 1515 42.56 -3.77 -87.14
C ALA A 1515 42.44 -2.54 -88.03
N SER A 1516 41.22 -2.17 -88.38
CA SER A 1516 40.98 -1.02 -89.25
C SER A 1516 40.71 0.21 -88.40
N GLN A 1517 41.27 1.34 -88.80
CA GLN A 1517 41.14 2.58 -88.04
C GLN A 1517 40.94 3.75 -88.99
N ARG A 1518 40.33 4.82 -88.48
CA ARG A 1518 40.16 6.06 -89.19
C ARG A 1518 40.60 7.21 -88.30
N ASP A 1519 41.28 8.18 -88.89
CA ASP A 1519 41.82 9.28 -88.13
C ASP A 1519 40.70 10.19 -87.60
N ARG A 1520 40.99 10.84 -86.48
CA ARG A 1520 40.03 11.81 -85.93
C ARG A 1520 39.86 13.00 -86.85
N THR A 1521 40.98 13.60 -87.28
CA THR A 1521 40.92 14.81 -88.09
C THR A 1521 40.36 14.52 -89.47
N SER A 1522 40.90 13.50 -90.14
CA SER A 1522 40.55 13.19 -91.52
C SER A 1522 39.95 11.80 -91.63
N GLY A 1523 39.17 11.59 -92.68
CA GLY A 1523 38.57 10.25 -92.88
C GLY A 1523 39.62 9.27 -93.34
N LYS A 1524 40.89 9.69 -93.38
CA LYS A 1524 41.97 8.83 -93.93
C LYS A 1524 42.00 7.54 -93.09
N ALA A 1525 42.16 6.39 -93.73
CA ALA A 1525 42.07 5.12 -92.97
C ALA A 1525 43.42 4.40 -92.89
N PHE A 1526 43.74 3.83 -91.73
CA PHE A 1526 45.00 3.15 -91.51
C PHE A 1526 44.75 1.93 -90.63
N CYS A 1527 45.75 1.05 -90.58
CA CYS A 1527 45.67 -0.18 -89.81
C CYS A 1527 46.78 -0.21 -88.78
N VAL A 1528 46.49 -0.80 -87.62
CA VAL A 1528 47.44 -0.84 -86.51
C VAL A 1528 47.79 -2.29 -86.21
N ASP A 1529 48.93 -2.46 -85.55
CA ASP A 1529 49.44 -3.79 -85.24
C ASP A 1529 48.68 -4.38 -84.06
N GLY A 1530 49.15 -5.50 -83.52
CA GLY A 1530 48.56 -6.04 -82.31
C GLY A 1530 48.65 -5.07 -81.15
N GLU A 1531 49.82 -4.48 -80.95
CA GLU A 1531 49.94 -3.30 -80.11
C GLU A 1531 49.40 -2.09 -80.87
N GLY A 1532 49.16 -1.01 -80.14
CA GLY A 1532 48.47 0.12 -80.73
C GLY A 1532 49.28 0.93 -81.71
N ARG A 1533 50.50 0.48 -82.02
CA ARG A 1533 51.35 1.21 -82.95
C ARG A 1533 50.67 1.36 -84.31
N ARG A 1534 50.54 2.61 -84.76
CA ARG A 1534 49.84 2.92 -85.99
C ARG A 1534 50.80 2.70 -87.15
N LEU A 1535 50.53 1.69 -87.95
CA LEU A 1535 51.38 1.41 -89.10
C LEU A 1535 51.25 2.53 -90.12
N PRO A 1536 52.35 3.11 -90.58
CA PRO A 1536 52.31 3.97 -91.76
C PRO A 1536 52.13 3.09 -93.00
N TRP A 1537 52.24 3.72 -94.17
CA TRP A 1537 52.23 3.11 -95.49
C TRP A 1537 50.94 2.34 -95.75
N THR A 1538 50.01 2.30 -94.81
CA THR A 1538 48.68 1.73 -95.02
C THR A 1538 47.61 2.81 -94.96
N GLU A 1539 48.00 4.07 -94.81
CA GLU A 1539 47.06 5.19 -94.75
C GLU A 1539 46.56 5.45 -96.16
N ALA A 1540 45.28 5.15 -96.40
CA ALA A 1540 44.66 5.34 -97.69
C ALA A 1540 43.35 6.08 -97.54
N GLU A 1541 42.99 6.86 -98.56
CA GLU A 1541 41.73 7.57 -98.53
C GLU A 1541 40.54 6.62 -98.51
N ALA A 1542 40.61 5.55 -99.30
CA ALA A 1542 39.52 4.60 -99.35
C ALA A 1542 39.38 3.91 -98.00
N PRO A 1543 38.16 3.81 -97.41
CA PRO A 1543 37.98 3.04 -96.19
C PRO A 1543 38.52 1.61 -96.34
N LEU A 1544 39.18 1.10 -95.32
CA LEU A 1544 39.73 -0.28 -95.36
C LEU A 1544 38.92 -1.16 -94.41
N VAL A 1545 38.42 -2.30 -94.89
CA VAL A 1545 37.57 -3.12 -93.99
C VAL A 1545 38.51 -3.85 -93.04
N ASP A 1546 38.06 -4.25 -91.86
CA ASP A 1546 39.03 -4.88 -90.96
C ASP A 1546 39.70 -6.07 -91.64
N ALA A 1547 38.94 -6.84 -92.42
CA ALA A 1547 39.51 -8.01 -93.09
C ALA A 1547 40.64 -7.61 -94.03
N GLN A 1548 40.63 -6.36 -94.51
CA GLN A 1548 41.70 -5.91 -95.38
C GLN A 1548 42.97 -5.61 -94.60
N CYS A 1549 42.82 -5.16 -93.35
CA CYS A 1549 44.00 -4.84 -92.54
C CYS A 1549 44.65 -6.11 -92.00
N LEU A 1550 43.89 -7.17 -91.82
CA LEU A 1550 44.46 -8.40 -91.29
C LEU A 1550 45.58 -8.92 -92.18
N VAL A 1551 45.37 -8.91 -93.50
CA VAL A 1551 46.39 -9.42 -94.41
C VAL A 1551 47.58 -8.47 -94.44
N MET A 1552 47.32 -7.16 -94.44
CA MET A 1552 48.44 -6.21 -94.51
C MET A 1552 49.20 -6.17 -93.19
N ARG A 1553 48.57 -6.59 -92.10
CA ARG A 1553 49.23 -6.63 -90.81
C ARG A 1553 50.29 -7.73 -90.76
N LYS A 1554 50.19 -8.70 -91.66
CA LYS A 1554 51.10 -9.83 -91.69
C LYS A 1554 52.30 -9.60 -92.59
N PHE A 1555 52.47 -8.39 -93.12
CA PHE A 1555 53.64 -8.03 -93.90
C PHE A 1555 54.40 -6.92 -93.21
N GLU A 1556 55.67 -6.79 -93.57
CA GLU A 1556 56.52 -5.70 -93.09
C GLU A 1556 57.14 -5.00 -94.29
N LYS A 1557 57.20 -3.67 -94.21
CA LYS A 1557 57.77 -2.89 -95.30
C LYS A 1557 59.24 -2.63 -95.03
N LEU A 1558 60.07 -2.95 -96.00
CA LEU A 1558 61.51 -2.88 -95.83
C LEU A 1558 62.03 -1.51 -96.20
N PRO A 1559 62.81 -0.86 -95.33
CA PRO A 1559 63.52 0.36 -95.75
C PRO A 1559 64.54 0.03 -96.82
N GLU A 1560 64.82 1.05 -97.65
CA GLU A 1560 65.69 0.84 -98.81
C GLU A 1560 67.04 0.28 -98.42
N SER A 1561 67.52 0.59 -97.21
CA SER A 1561 68.84 0.14 -96.78
C SER A 1561 68.95 -1.38 -96.74
N LYS A 1562 67.82 -2.10 -96.70
CA LYS A 1562 67.80 -3.55 -96.62
C LYS A 1562 67.58 -4.20 -97.97
N VAL A 1563 67.66 -3.44 -99.06
CA VAL A 1563 67.28 -3.93 -100.39
C VAL A 1563 68.43 -3.67 -101.34
N ILE A 1564 68.65 -4.63 -102.25
CA ILE A 1564 69.67 -4.52 -103.29
C ILE A 1564 69.01 -4.74 -104.65
N PHE A 1565 69.36 -3.91 -105.62
CA PHE A 1565 68.79 -3.97 -106.95
C PHE A 1565 69.76 -4.70 -107.88
N SER A 1566 69.43 -5.96 -108.19
CA SER A 1566 70.28 -6.78 -109.04
C SER A 1566 69.42 -7.90 -109.64
N ALA A 1567 69.95 -8.61 -110.64
CA ALA A 1567 69.17 -9.63 -111.37
C ALA A 1567 68.78 -10.86 -110.52
N ASP A 1568 67.51 -11.27 -110.58
CA ASP A 1568 67.00 -12.47 -109.85
C ASP A 1568 65.87 -13.01 -110.71
N VAL A 1569 64.96 -13.79 -110.15
CA VAL A 1569 63.90 -14.43 -110.97
C VAL A 1569 62.52 -14.10 -110.41
N ALA A 1570 61.52 -13.90 -111.27
CA ALA A 1570 60.20 -13.46 -110.78
C ALA A 1570 59.16 -14.56 -110.94
N VAL A 1571 58.22 -14.64 -110.02
CA VAL A 1571 57.12 -15.63 -110.14
C VAL A 1571 56.37 -15.26 -111.41
N MET A 1572 55.87 -16.25 -112.15
CA MET A 1572 55.21 -15.98 -113.45
C MET A 1572 53.69 -16.10 -113.29
N VAL A 1573 53.18 -15.91 -112.08
CA VAL A 1573 51.72 -16.10 -111.84
C VAL A 1573 50.95 -15.22 -112.82
N ARG A 1574 50.04 -15.82 -113.58
CA ARG A 1574 49.27 -15.06 -114.59
C ARG A 1574 47.80 -15.12 -114.19
N SER A 1575 47.51 -14.95 -112.90
CA SER A 1575 46.13 -15.07 -112.40
C SER A 1575 45.25 -13.90 -112.90
N GLU A 1576 43.93 -14.09 -112.91
CA GLU A 1576 42.99 -13.01 -113.32
C GLU A 1576 43.50 -11.66 -112.80
N VAL A 1577 43.89 -10.76 -113.70
CA VAL A 1577 44.47 -9.44 -113.31
C VAL A 1577 43.35 -8.57 -112.73
N PRO A 1578 43.57 -7.83 -111.61
CA PRO A 1578 42.47 -7.11 -110.92
C PRO A 1578 41.64 -6.06 -111.65
N GLY A 1579 40.63 -5.51 -110.97
CA GLY A 1579 39.75 -4.51 -111.57
C GLY A 1579 40.24 -3.09 -111.38
N SER A 1583 46.45 -2.97 -107.69
CA SER A 1583 45.65 -2.82 -106.46
C SER A 1583 46.44 -3.40 -105.32
N LEU A 1584 47.18 -2.57 -104.59
CA LEU A 1584 48.10 -3.14 -103.58
C LEU A 1584 47.32 -4.01 -102.61
N MET A 1585 46.19 -3.55 -102.13
CA MET A 1585 45.53 -4.39 -101.11
C MET A 1585 45.31 -5.76 -101.72
N GLN A 1586 44.74 -5.80 -102.92
CA GLN A 1586 44.47 -7.11 -103.59
C GLN A 1586 45.79 -7.79 -103.90
N CYS A 1587 46.79 -7.03 -104.32
CA CYS A 1587 48.04 -7.69 -104.75
C CYS A 1587 48.66 -8.41 -103.57
N LEU A 1588 48.67 -7.75 -102.42
CA LEU A 1588 49.23 -8.41 -101.23
C LEU A 1588 48.40 -9.66 -101.01
N ALA A 1589 47.09 -9.57 -101.15
CA ALA A 1589 46.33 -10.75 -100.80
C ALA A 1589 46.73 -11.95 -101.64
N ASP A 1590 47.10 -11.72 -102.90
CA ASP A 1590 47.55 -12.83 -103.74
C ASP A 1590 48.78 -13.50 -103.15
N CYS A 1591 49.73 -12.70 -102.68
CA CYS A 1591 50.91 -13.25 -102.02
C CYS A 1591 50.54 -13.94 -100.72
N ALA A 1592 49.51 -13.44 -100.02
CA ALA A 1592 49.10 -13.97 -98.73
C ALA A 1592 48.56 -15.39 -98.83
N LEU A 1593 48.13 -15.83 -100.01
CA LEU A 1593 47.72 -17.21 -100.24
C LEU A 1593 48.64 -17.93 -101.22
N ASP A 1594 49.77 -17.36 -101.56
CA ASP A 1594 50.57 -18.08 -102.58
C ASP A 1594 51.21 -19.31 -101.97
N GLU A 1595 51.89 -19.18 -100.82
CA GLU A 1595 52.62 -20.28 -100.16
C GLU A 1595 53.94 -20.49 -100.89
N ALA A 1596 54.22 -19.63 -101.85
CA ALA A 1596 55.53 -19.69 -102.53
C ALA A 1596 56.03 -18.25 -102.55
N CYS A 1597 55.18 -17.29 -102.89
CA CYS A 1597 55.58 -15.90 -102.71
C CYS A 1597 56.30 -15.71 -101.38
N GLY A 1598 57.51 -15.18 -101.44
CA GLY A 1598 58.23 -14.81 -100.25
C GLY A 1598 58.06 -13.34 -99.96
N PHE A 1599 57.90 -12.56 -101.03
CA PHE A 1599 57.75 -11.11 -100.93
C PHE A 1599 57.43 -10.56 -102.31
N LEU A 1600 57.16 -9.27 -102.37
CA LEU A 1600 56.72 -8.64 -103.61
C LEU A 1600 57.14 -7.18 -103.64
N THR A 1601 57.04 -6.58 -104.83
CA THR A 1601 57.34 -5.18 -105.04
C THR A 1601 56.17 -4.55 -105.78
N VAL A 1602 55.95 -3.26 -105.53
CA VAL A 1602 54.84 -2.52 -106.12
C VAL A 1602 55.36 -1.27 -106.82
N SER A 1603 54.79 -0.96 -107.96
CA SER A 1603 55.21 0.18 -108.77
C SER A 1603 54.40 1.41 -108.40
N THR A 1604 54.51 2.47 -109.20
CA THR A 1604 53.76 3.69 -108.98
C THR A 1604 52.84 4.00 -110.16
N GLU A 1608 50.72 3.76 -112.63
CA GLU A 1608 49.90 2.52 -112.57
C GLU A 1608 50.58 1.50 -111.66
N VAL A 1609 49.80 0.69 -110.95
CA VAL A 1609 50.40 -0.28 -109.99
C VAL A 1609 50.86 -1.52 -110.75
N SER A 1610 52.16 -1.79 -110.76
CA SER A 1610 52.69 -3.01 -111.41
C SER A 1610 53.36 -3.83 -110.32
N CYS A 1611 52.75 -4.95 -109.92
CA CYS A 1611 53.26 -5.70 -108.75
C CYS A 1611 53.97 -6.99 -109.17
N ASP A 1612 55.29 -7.04 -108.99
CA ASP A 1612 56.06 -8.24 -109.36
C ASP A 1612 56.26 -9.08 -108.10
N PHE A 1613 55.83 -10.32 -108.14
CA PHE A 1613 55.94 -11.19 -106.96
C PHE A 1613 57.18 -12.05 -107.08
N TYR A 1614 57.96 -12.12 -106.02
CA TYR A 1614 59.11 -13.02 -105.97
C TYR A 1614 58.78 -14.18 -105.04
N ALA A 1615 59.58 -15.24 -105.11
CA ALA A 1615 59.25 -16.47 -104.40
C ALA A 1615 60.44 -16.94 -103.57
N TRP A 1616 60.14 -17.81 -102.62
CA TRP A 1616 61.18 -18.63 -102.01
C TRP A 1616 61.84 -19.47 -103.10
N ALA A 1617 62.99 -20.06 -102.75
CA ALA A 1617 63.83 -20.86 -103.63
C ALA A 1617 64.47 -20.00 -104.71
N SER A 1618 64.17 -18.70 -104.78
CA SER A 1618 64.89 -17.80 -105.66
C SER A 1618 66.26 -17.46 -105.10
N ASP A 1619 66.53 -17.80 -103.85
CA ASP A 1619 67.77 -17.48 -103.15
C ASP A 1619 68.03 -15.98 -103.10
N SER A 1620 66.98 -15.18 -103.24
CA SER A 1620 67.15 -13.73 -103.20
C SER A 1620 67.41 -13.25 -101.79
N ILE A 1621 66.71 -13.82 -100.82
CA ILE A 1621 66.84 -13.35 -99.44
C ILE A 1621 68.16 -13.82 -98.85
N ALA A 1622 68.78 -12.97 -98.03
CA ALA A 1622 69.98 -13.34 -97.31
C ALA A 1622 70.01 -12.58 -96.00
N CYS A 1623 70.71 -13.14 -95.02
CA CYS A 1623 70.79 -12.54 -93.70
C CYS A 1623 72.25 -12.44 -93.27
N THR A 1624 72.57 -11.36 -92.57
CA THR A 1624 73.90 -11.13 -92.02
C THR A 1624 73.78 -10.84 -90.54
N THR A 1625 74.57 -11.55 -89.74
CA THR A 1625 74.54 -11.39 -88.29
C THR A 1625 75.64 -10.45 -87.84
N SER A 1626 75.44 -9.86 -86.65
CA SER A 1626 76.36 -8.87 -86.11
C SER A 1626 76.68 -9.23 -84.67
N GLY A 1627 77.96 -9.33 -84.35
CA GLY A 1627 78.39 -9.73 -83.03
C GLY A 1627 78.83 -11.19 -82.98
N ARG A 1628 79.19 -11.63 -81.79
CA ARG A 1628 79.62 -13.01 -81.58
C ARG A 1628 79.60 -13.36 -80.09
N ALA A 1638 74.79 -21.32 -77.02
CA ALA A 1638 76.04 -21.21 -77.76
C ALA A 1638 75.89 -20.25 -78.94
N THR A 1639 77.00 -19.63 -79.32
CA THR A 1639 77.06 -18.72 -80.48
C THR A 1639 76.01 -17.62 -80.36
N SER A 1640 76.06 -16.89 -79.24
CA SER A 1640 75.11 -15.82 -78.98
C SER A 1640 75.51 -14.60 -79.78
N PHE A 1641 74.78 -14.34 -80.87
CA PHE A 1641 75.02 -13.15 -81.67
C PHE A 1641 74.31 -11.95 -81.05
N GLY A 1642 74.51 -10.79 -81.67
CA GLY A 1642 74.02 -9.56 -81.07
C GLY A 1642 73.03 -8.78 -81.91
N SER A 1643 73.08 -8.95 -83.23
CA SER A 1643 72.16 -8.25 -84.12
C SER A 1643 72.07 -8.99 -85.43
N LEU A 1644 70.96 -8.78 -86.17
CA LEU A 1644 70.74 -9.45 -87.49
C LEU A 1644 70.10 -8.45 -88.47
N GLN A 1645 70.53 -8.45 -89.71
CA GLN A 1645 69.87 -7.60 -90.73
C GLN A 1645 69.50 -8.49 -91.90
N CYS A 1646 68.39 -8.22 -92.59
CA CYS A 1646 67.92 -9.07 -93.71
C CYS A 1646 68.07 -8.29 -95.01
N GLN A 1647 68.55 -8.94 -96.06
CA GLN A 1647 68.75 -8.25 -97.36
C GLN A 1647 68.04 -9.04 -98.45
N VAL A 1648 67.30 -8.37 -99.32
CA VAL A 1648 66.50 -9.07 -100.36
C VAL A 1648 66.92 -8.48 -101.68
N LYS A 1649 66.75 -9.19 -102.79
CA LYS A 1649 67.27 -8.68 -104.09
C LYS A 1649 66.12 -8.49 -105.08
N VAL A 1650 66.10 -7.36 -105.78
CA VAL A 1650 64.95 -7.08 -106.70
C VAL A 1650 65.50 -6.84 -108.10
N ARG A 1651 64.78 -7.29 -109.14
CA ARG A 1651 65.21 -7.06 -110.53
C ARG A 1651 64.82 -5.63 -110.90
N SER A 1652 64.59 -4.81 -109.88
CA SER A 1652 64.15 -3.43 -110.12
C SER A 1652 65.29 -2.57 -110.63
N ARG A 1653 64.98 -1.34 -111.04
CA ARG A 1653 66.02 -0.50 -111.65
C ARG A 1653 66.55 0.57 -110.70
N GLU A 1654 66.62 0.31 -109.39
CA GLU A 1654 67.22 1.27 -108.44
C GLU A 1654 66.52 2.61 -108.64
N GLY A 1655 65.35 2.61 -109.29
CA GLY A 1655 64.55 3.84 -109.47
C GLY A 1655 63.83 4.17 -108.19
N ASP A 1656 63.37 5.41 -108.02
CA ASP A 1656 62.76 5.84 -106.74
C ASP A 1656 61.39 5.19 -106.46
N PRO A 1657 60.41 5.10 -107.40
CA PRO A 1657 59.07 4.61 -107.05
C PRO A 1657 59.01 3.10 -106.92
N LEU A 1658 59.33 2.57 -105.75
CA LEU A 1658 59.19 1.14 -105.50
C LEU A 1658 59.19 0.88 -104.01
N ALA A 1659 58.38 -0.09 -103.59
CA ALA A 1659 58.33 -0.47 -102.17
C ALA A 1659 58.39 -1.99 -102.09
N VAL A 1660 59.01 -2.54 -101.05
CA VAL A 1660 59.17 -4.01 -100.91
C VAL A 1660 58.40 -4.46 -99.68
N TYR A 1661 57.60 -5.50 -99.81
CA TYR A 1661 56.76 -5.93 -98.68
C TYR A 1661 57.09 -7.38 -98.42
N LEU A 1662 57.82 -7.68 -97.35
CA LEU A 1662 58.30 -9.03 -97.07
C LEU A 1662 57.32 -9.75 -96.16
N LYS A 1663 57.00 -10.99 -96.50
CA LYS A 1663 56.15 -11.82 -95.65
C LYS A 1663 56.77 -11.94 -94.28
N LYS A 1664 56.05 -11.49 -93.25
CA LYS A 1664 56.45 -11.80 -91.90
C LYS A 1664 56.23 -13.28 -91.65
N GLY A 1665 57.29 -13.99 -91.26
CA GLY A 1665 57.13 -15.37 -90.85
C GLY A 1665 56.32 -15.43 -89.57
N GLN A 1666 56.23 -16.60 -88.94
CA GLN A 1666 55.49 -16.78 -87.70
C GLN A 1666 54.10 -16.14 -87.74
N GLU A 1667 53.58 -15.94 -88.95
CA GLU A 1667 52.20 -15.49 -89.16
C GLU A 1667 51.48 -16.29 -90.22
N PHE A 1668 52.19 -16.93 -91.14
CA PHE A 1668 51.60 -17.84 -92.12
C PHE A 1668 51.93 -19.27 -91.70
N THR A 1669 51.00 -20.18 -91.95
CA THR A 1669 51.19 -21.57 -91.50
C THR A 1669 52.36 -22.21 -92.22
N ILE A 1670 52.39 -22.15 -93.54
CA ILE A 1670 53.40 -22.85 -94.34
C ILE A 1670 54.26 -21.81 -95.04
N THR A 1671 55.53 -21.74 -94.67
CA THR A 1671 56.48 -20.82 -95.26
C THR A 1671 57.79 -21.55 -95.53
N GLY A 1672 58.48 -21.15 -96.58
CA GLY A 1672 59.81 -21.67 -96.83
C GLY A 1672 59.96 -22.43 -98.12
N GLN A 1673 61.21 -22.65 -98.55
CA GLN A 1673 61.46 -23.44 -99.74
C GLN A 1673 60.97 -24.86 -99.56
N LYS A 1674 61.19 -25.44 -98.39
CA LYS A 1674 60.78 -26.81 -98.10
C LYS A 1674 59.40 -26.89 -97.46
N ARG A 1675 58.67 -25.78 -97.38
CA ARG A 1675 57.28 -25.76 -96.93
C ARG A 1675 57.15 -26.25 -95.49
N PHE A 1676 57.89 -25.62 -94.59
CA PHE A 1676 57.81 -25.97 -93.16
C PHE A 1676 56.46 -25.55 -92.62
N GLU A 1677 55.89 -26.31 -91.68
CA GLU A 1677 54.55 -25.99 -91.14
C GLU A 1677 54.62 -25.66 -89.66
N GLN A 1678 53.78 -24.75 -89.18
CA GLN A 1678 53.72 -24.42 -87.75
C GLN A 1678 52.92 -25.51 -87.08
N THR A 1679 53.60 -26.60 -86.75
CA THR A 1679 52.98 -27.80 -86.14
C THR A 1679 52.19 -27.45 -84.90
N GLY A 1680 52.59 -26.44 -84.18
CA GLY A 1680 51.82 -26.02 -83.00
C GLY A 1680 52.35 -26.69 -81.77
N PHE A 1681 53.31 -27.57 -81.95
CA PHE A 1681 53.94 -28.20 -80.78
C PHE A 1681 54.98 -27.24 -80.26
N GLN A 1682 55.14 -27.16 -78.95
CA GLN A 1682 56.07 -26.20 -78.34
C GLN A 1682 57.33 -26.90 -77.82
N SER A 1683 57.61 -28.14 -78.22
CA SER A 1683 58.78 -28.83 -77.61
C SER A 1683 59.12 -30.14 -78.31
N ALA A 1684 60.34 -30.61 -78.17
CA ALA A 1684 60.75 -31.93 -78.69
C ALA A 1684 61.64 -32.53 -77.62
N LEU A 1685 61.85 -33.83 -77.63
CA LEU A 1685 62.68 -34.51 -76.65
C LEU A 1685 64.11 -34.74 -77.12
N SER A 1686 64.36 -34.72 -78.42
CA SER A 1686 65.71 -34.90 -78.95
C SER A 1686 65.78 -34.34 -80.36
N GLY A 1687 66.97 -33.86 -80.73
CA GLY A 1687 67.18 -33.43 -82.09
C GLY A 1687 67.79 -32.07 -82.26
N MET A 1688 67.84 -31.26 -81.21
CA MET A 1688 68.42 -29.93 -81.34
C MET A 1688 69.92 -30.02 -81.58
N TYR A 1689 70.42 -29.21 -82.51
CA TYR A 1689 71.85 -29.13 -82.75
C TYR A 1689 72.17 -27.72 -83.23
N SER A 1690 73.33 -27.23 -82.84
CA SER A 1690 73.79 -25.88 -83.16
C SER A 1690 72.75 -24.84 -82.74
N PRO A 1691 72.44 -24.71 -81.45
CA PRO A 1691 71.54 -23.63 -81.03
C PRO A 1691 72.18 -22.27 -81.25
N VAL A 1692 71.33 -21.29 -81.54
CA VAL A 1692 71.76 -19.91 -81.69
C VAL A 1692 70.78 -19.03 -80.92
N THR A 1693 71.33 -18.00 -80.25
CA THR A 1693 70.49 -17.15 -79.41
C THR A 1693 70.86 -15.69 -79.67
N PHE A 1694 70.09 -15.04 -80.54
CA PHE A 1694 70.21 -13.61 -80.76
C PHE A 1694 69.70 -12.86 -79.53
N SER A 1695 70.24 -11.68 -79.33
CA SER A 1695 69.85 -10.83 -78.20
C SER A 1695 68.85 -9.79 -78.68
N ALA A 1696 67.89 -9.50 -77.79
CA ALA A 1696 66.70 -8.68 -78.10
C ALA A 1696 66.92 -7.54 -79.08
N SER A 1697 67.10 -6.33 -78.57
CA SER A 1697 67.22 -5.24 -79.53
C SER A 1697 68.36 -5.70 -80.43
N GLY A 1698 68.13 -5.69 -81.74
CA GLY A 1698 69.15 -6.28 -82.62
C GLY A 1698 68.46 -7.20 -83.60
N ALA A 1699 67.61 -8.11 -83.13
CA ALA A 1699 66.84 -8.87 -84.11
C ALA A 1699 65.38 -8.84 -83.70
N SER A 1700 64.51 -8.99 -84.69
CA SER A 1700 63.07 -9.05 -84.46
C SER A 1700 62.60 -10.47 -84.67
N LEU A 1701 61.39 -10.76 -84.18
CA LEU A 1701 60.82 -12.09 -84.25
C LEU A 1701 60.77 -12.57 -85.69
N ALA A 1702 60.34 -11.71 -86.61
CA ALA A 1702 60.33 -12.08 -88.02
C ALA A 1702 61.74 -12.29 -88.54
N GLU A 1703 62.68 -11.43 -88.13
CA GLU A 1703 64.04 -11.56 -88.61
C GLU A 1703 64.68 -12.87 -88.17
N VAL A 1704 64.48 -13.25 -86.91
CA VAL A 1704 65.03 -14.52 -86.44
C VAL A 1704 64.38 -15.68 -87.18
N HIS A 1705 63.06 -15.62 -87.36
CA HIS A 1705 62.38 -16.69 -88.08
C HIS A 1705 62.91 -16.82 -89.50
N LEU A 1706 63.13 -15.69 -90.17
CA LEU A 1706 63.72 -15.73 -91.50
C LEU A 1706 65.11 -16.33 -91.49
N PHE A 1707 65.88 -16.08 -90.43
CA PHE A 1707 67.22 -16.61 -90.35
C PHE A 1707 67.20 -18.14 -90.30
N CYS A 1708 66.40 -18.70 -89.39
CA CYS A 1708 66.33 -20.16 -89.30
C CYS A 1708 65.76 -20.77 -90.57
N LEU A 1709 64.88 -20.04 -91.24
CA LEU A 1709 64.25 -20.67 -92.42
C LEU A 1709 65.35 -20.80 -93.44
N LEU A 1710 66.11 -19.73 -93.63
CA LEU A 1710 67.12 -19.81 -94.70
C LEU A 1710 68.09 -20.90 -94.31
N ALA A 1711 68.47 -20.95 -93.04
CA ALA A 1711 69.47 -21.95 -92.61
C ALA A 1711 68.97 -23.35 -92.93
N CYS A 1712 67.81 -23.73 -92.39
CA CYS A 1712 67.35 -25.12 -92.55
C CYS A 1712 67.15 -25.50 -94.01
N ASP A 1713 66.84 -24.55 -94.90
CA ASP A 1713 66.68 -24.88 -96.31
C ASP A 1713 68.01 -25.17 -97.00
N HIS A 1714 69.14 -24.93 -96.36
CA HIS A 1714 70.45 -25.16 -96.94
C HIS A 1714 71.25 -26.13 -96.08
N ASP A 1715 70.59 -27.17 -95.60
CA ASP A 1715 71.28 -28.09 -94.72
C ASP A 1715 71.20 -29.54 -95.18
N SER A 1716 70.05 -29.97 -95.69
CA SER A 1716 69.77 -31.33 -96.14
C SER A 1716 69.88 -32.34 -94.99
N CYS A 1717 70.19 -31.90 -93.77
CA CYS A 1717 70.18 -32.74 -92.60
C CYS A 1717 69.21 -32.19 -91.57
N CYS A 1718 68.54 -31.09 -91.90
CA CYS A 1718 67.59 -30.43 -91.02
C CYS A 1718 66.18 -30.85 -91.38
N ASP A 1719 65.42 -31.30 -90.38
CA ASP A 1719 64.03 -31.65 -90.57
C ASP A 1719 63.07 -30.59 -90.07
N GLY A 1720 63.55 -29.66 -89.25
CA GLY A 1720 62.70 -28.61 -88.72
C GLY A 1720 63.52 -27.75 -87.77
N PHE A 1721 62.86 -26.76 -87.21
CA PHE A 1721 63.55 -25.86 -86.31
C PHE A 1721 62.62 -25.39 -85.21
N ILE A 1722 63.21 -25.07 -84.06
CA ILE A 1722 62.51 -24.54 -82.90
C ILE A 1722 62.79 -23.05 -82.83
N LEU A 1723 61.77 -22.26 -82.53
CA LEU A 1723 61.93 -20.83 -82.38
C LEU A 1723 61.36 -20.44 -81.02
N VAL A 1724 62.15 -19.74 -80.23
CA VAL A 1724 61.77 -19.39 -78.86
C VAL A 1724 62.09 -17.93 -78.60
N GLN A 1725 61.12 -17.22 -78.03
CA GLN A 1725 61.30 -15.84 -77.57
C GLN A 1725 60.74 -15.76 -76.16
N VAL A 1726 61.64 -15.82 -75.17
CA VAL A 1726 61.21 -15.52 -73.81
C VAL A 1726 60.86 -14.04 -73.73
N GLN A 1727 59.88 -13.72 -72.89
CA GLN A 1727 59.34 -12.37 -72.84
C GLN A 1727 60.43 -11.35 -72.57
N GLY A 1728 60.74 -10.51 -73.55
CA GLY A 1728 61.78 -9.50 -73.40
C GLY A 1728 63.14 -10.07 -73.13
N GLY A 1729 63.47 -11.20 -73.74
CA GLY A 1729 64.77 -11.81 -73.57
C GLY A 1729 65.41 -12.12 -74.90
N PRO A 1730 66.43 -13.01 -74.90
CA PRO A 1730 67.09 -13.31 -76.13
C PRO A 1730 66.13 -14.19 -76.93
N LEU A 1731 66.42 -14.42 -78.20
CA LEU A 1731 65.52 -15.20 -79.05
C LEU A 1731 66.27 -16.45 -79.49
N LEU A 1732 65.81 -17.66 -79.18
CA LEU A 1732 66.55 -18.89 -79.55
C LEU A 1732 66.12 -19.37 -80.92
N CYS A 1733 66.98 -20.10 -81.61
CA CYS A 1733 66.68 -20.57 -82.97
C CYS A 1733 67.31 -21.94 -83.14
N GLY A 1734 66.69 -22.95 -82.59
CA GLY A 1734 67.29 -24.28 -82.64
C GLY A 1734 66.98 -25.00 -83.91
N LEU A 1735 67.93 -25.71 -84.45
CA LEU A 1735 67.67 -26.61 -85.57
C LEU A 1735 67.39 -28.01 -85.04
N LEU A 1736 66.56 -28.76 -85.78
CA LEU A 1736 66.16 -30.10 -85.38
C LEU A 1736 66.51 -31.09 -86.47
N SER A 1737 67.05 -32.24 -86.07
CA SER A 1737 67.32 -33.32 -87.00
C SER A 1737 66.85 -34.63 -86.39
N SER A 1738 65.98 -35.33 -87.09
CA SER A 1738 65.46 -36.62 -86.66
C SER A 1738 64.94 -36.59 -85.23
N PRO A 1739 63.94 -35.77 -84.94
CA PRO A 1739 63.36 -35.79 -83.59
C PRO A 1739 62.60 -37.08 -83.35
N ASP A 1740 62.45 -37.41 -82.06
CA ASP A 1740 61.75 -38.62 -81.67
C ASP A 1740 60.31 -38.33 -81.27
N VAL A 1741 60.09 -37.34 -80.43
CA VAL A 1741 58.70 -37.12 -79.96
C VAL A 1741 58.47 -35.64 -79.87
N LEU A 1742 57.57 -35.05 -80.64
CA LEU A 1742 57.21 -33.65 -80.41
C LEU A 1742 56.27 -33.78 -79.24
N LEU A 1743 56.27 -32.89 -78.26
CA LEU A 1743 55.52 -33.25 -77.03
C LEU A 1743 54.48 -32.26 -76.52
N CYS A 1744 54.60 -30.98 -76.76
CA CYS A 1744 53.60 -30.10 -76.09
C CYS A 1744 52.78 -29.32 -77.11
N HIS A 1745 51.46 -29.34 -77.05
CA HIS A 1745 50.70 -28.65 -78.11
C HIS A 1745 50.05 -27.44 -77.48
N VAL A 1746 49.84 -26.39 -78.27
CA VAL A 1746 49.33 -25.13 -77.68
C VAL A 1746 48.01 -25.45 -76.98
N ARG A 1747 47.21 -26.37 -77.51
CA ARG A 1747 45.88 -26.66 -76.92
C ARG A 1747 45.91 -27.95 -76.10
N ASP A 1748 46.60 -27.96 -74.98
CA ASP A 1748 46.67 -29.15 -74.11
C ASP A 1748 46.33 -28.76 -72.68
N TRP A 1749 45.50 -29.53 -72.02
CA TRP A 1749 45.25 -29.24 -70.60
C TRP A 1749 46.55 -29.47 -69.87
N ARG A 1750 47.10 -28.43 -69.26
CA ARG A 1750 48.29 -28.57 -68.45
C ARG A 1750 47.91 -28.41 -66.98
N ASP A 1751 48.54 -29.22 -66.14
CA ASP A 1751 48.19 -29.26 -64.73
C ASP A 1751 48.43 -27.90 -64.10
N PRO A 1752 47.41 -27.24 -63.56
CA PRO A 1752 47.59 -25.85 -63.09
C PRO A 1752 48.64 -25.72 -62.02
N ALA A 1753 48.71 -26.67 -61.09
CA ALA A 1753 49.74 -26.70 -60.05
C ALA A 1753 50.57 -27.95 -60.28
N GLU A 1754 51.57 -27.85 -61.15
CA GLU A 1754 52.47 -28.94 -61.46
C GLU A 1754 53.89 -28.50 -61.18
N ALA A 1755 54.63 -29.32 -60.44
CA ALA A 1755 55.99 -28.97 -60.07
C ALA A 1755 56.86 -28.83 -61.30
N GLN A 1756 57.61 -27.72 -61.37
CA GLN A 1756 58.51 -27.51 -62.50
C GLN A 1756 59.65 -28.52 -62.48
N ALA A 1757 59.92 -29.13 -61.32
CA ALA A 1757 60.97 -30.13 -61.24
C ALA A 1757 60.62 -31.39 -62.04
N ASN A 1758 59.35 -31.77 -62.00
CA ASN A 1758 58.94 -33.05 -62.63
C ASN A 1758 58.80 -32.94 -64.15
N ALA A 1759 59.86 -32.53 -64.86
CA ALA A 1759 59.83 -32.41 -66.34
C ALA A 1759 58.55 -31.70 -66.80
N SER A 1760 58.22 -30.61 -66.08
CA SER A 1760 57.10 -29.74 -66.52
C SER A 1760 57.17 -29.59 -68.03
N CYS A 1761 56.01 -29.58 -68.71
CA CYS A 1761 56.08 -29.59 -70.18
C CYS A 1761 56.74 -28.31 -70.73
N PRO A 1762 56.23 -27.08 -70.51
CA PRO A 1762 56.84 -25.93 -71.14
C PRO A 1762 58.29 -25.92 -70.67
N GLY A 1763 59.23 -26.00 -71.60
CA GLY A 1763 60.65 -26.10 -71.21
C GLY A 1763 61.11 -25.01 -70.27
N VAL A 1764 60.72 -23.76 -70.52
CA VAL A 1764 61.18 -22.62 -69.69
C VAL A 1764 60.87 -22.94 -68.25
N THR A 1765 61.79 -22.57 -67.35
CA THR A 1765 61.58 -22.86 -65.91
C THR A 1765 62.53 -21.97 -65.11
N TYR A 1766 62.35 -21.95 -63.79
CA TYR A 1766 63.25 -21.18 -62.90
C TYR A 1766 63.34 -19.75 -63.42
N ASP A 1767 62.21 -19.11 -63.68
CA ASP A 1767 62.34 -17.68 -64.07
C ASP A 1767 62.97 -17.01 -62.86
N GLN A 1768 64.05 -16.25 -63.07
CA GLN A 1768 64.75 -15.57 -61.94
C GLN A 1768 64.98 -16.52 -60.75
N ASP A 1769 65.33 -17.79 -60.99
CA ASP A 1769 65.70 -18.64 -59.84
C ASP A 1769 66.87 -17.95 -59.16
N SER A 1770 67.87 -17.55 -59.95
CA SER A 1770 68.99 -16.67 -59.53
C SER A 1770 69.11 -15.57 -60.58
N ARG A 1771 67.97 -15.04 -61.03
CA ARG A 1771 67.85 -14.20 -62.26
C ARG A 1771 68.38 -14.93 -63.50
N GLN A 1772 68.01 -16.20 -63.68
CA GLN A 1772 68.34 -16.88 -64.96
C GLN A 1772 67.28 -17.93 -65.27
N VAL A 1773 66.71 -17.90 -66.48
CA VAL A 1773 65.57 -18.81 -66.84
C VAL A 1773 66.10 -19.97 -67.66
N THR A 1774 66.17 -21.18 -67.09
CA THR A 1774 66.76 -22.31 -67.83
C THR A 1774 65.78 -22.78 -68.88
N LEU A 1775 66.27 -23.29 -70.01
CA LEU A 1775 65.38 -23.81 -71.08
C LEU A 1775 65.80 -25.24 -71.36
N ARG A 1776 64.90 -26.20 -71.16
CA ARG A 1776 65.34 -27.60 -71.34
C ARG A 1776 64.69 -28.16 -72.59
N LEU A 1777 64.81 -27.45 -73.69
CA LEU A 1777 64.24 -27.91 -74.95
C LEU A 1777 65.12 -28.98 -75.59
N GLY A 1778 64.55 -29.70 -76.53
CA GLY A 1778 65.26 -30.79 -77.15
C GLY A 1778 65.76 -31.75 -76.09
N GLY A 1779 66.97 -32.25 -76.31
CA GLY A 1779 67.71 -32.93 -75.27
C GLY A 1779 68.77 -32.08 -74.62
N GLN A 1780 68.91 -30.82 -75.04
CA GLN A 1780 70.01 -29.97 -74.62
C GLN A 1780 69.49 -28.74 -73.88
N GLU A 1781 70.09 -28.48 -72.73
CA GLU A 1781 69.68 -27.37 -71.86
C GLU A 1781 70.53 -26.15 -72.15
N ILE A 1782 69.84 -25.04 -72.42
CA ILE A 1782 70.52 -23.75 -72.64
C ILE A 1782 70.95 -23.34 -71.25
N ARG A 1783 72.02 -22.55 -71.10
CA ARG A 1783 72.56 -22.27 -69.74
C ARG A 1783 71.46 -21.67 -68.88
N GLY A 1784 70.67 -20.77 -69.45
CA GLY A 1784 69.62 -20.11 -68.67
C GLY A 1784 69.72 -18.62 -68.86
N LEU A 1785 70.70 -18.18 -69.67
CA LEU A 1785 70.90 -16.74 -69.83
C LEU A 1785 69.63 -16.10 -70.39
N THR A 1786 68.91 -15.40 -69.53
CA THR A 1786 67.65 -14.77 -69.93
C THR A 1786 67.29 -13.62 -69.01
N PRO A 1787 67.15 -12.40 -69.55
CA PRO A 1787 66.59 -11.27 -68.81
C PRO A 1787 65.08 -11.17 -68.96
N THR A 1796 59.01 -18.15 -73.66
CA THR A 1796 57.81 -17.71 -72.95
C THR A 1796 56.75 -17.20 -73.92
N SER A 1797 56.94 -15.97 -74.40
CA SER A 1797 55.98 -15.32 -75.28
C SER A 1797 55.70 -16.13 -76.54
N PHE A 1798 56.75 -16.50 -77.26
CA PHE A 1798 56.61 -17.28 -78.48
C PHE A 1798 57.47 -18.53 -78.36
N GLN A 1799 56.90 -19.68 -78.71
CA GLN A 1799 57.61 -20.95 -78.67
C GLN A 1799 56.91 -21.92 -79.60
N GLN A 1800 57.57 -22.24 -80.71
CA GLN A 1800 56.94 -23.09 -81.71
C GLN A 1800 58.00 -23.97 -82.34
N VAL A 1801 57.57 -25.13 -82.83
CA VAL A 1801 58.41 -25.98 -83.64
C VAL A 1801 57.83 -26.02 -85.04
N TYR A 1802 58.70 -26.22 -86.02
CA TYR A 1802 58.30 -26.28 -87.41
C TYR A 1802 58.83 -27.59 -87.97
N LEU A 1803 58.08 -28.17 -88.89
CA LEU A 1803 58.44 -29.47 -89.42
C LEU A 1803 58.39 -29.47 -90.94
N TRP A 1804 59.38 -30.12 -91.53
CA TRP A 1804 59.43 -30.35 -92.98
C TRP A 1804 58.65 -31.62 -93.25
N LYS A 1805 57.40 -31.46 -93.68
CA LYS A 1805 56.49 -32.61 -93.78
C LYS A 1805 57.00 -33.67 -94.75
N ASP A 1806 57.38 -33.28 -95.96
CA ASP A 1806 57.87 -34.25 -96.95
C ASP A 1806 59.37 -34.46 -96.78
N SER A 1807 59.74 -34.89 -95.57
CA SER A 1807 61.14 -35.10 -95.22
C SER A 1807 61.61 -36.48 -95.66
N ASP A 1808 62.92 -36.60 -95.83
CA ASP A 1808 63.58 -37.88 -96.07
C ASP A 1808 63.97 -38.57 -94.76
N MET A 1809 63.23 -38.28 -93.69
CA MET A 1809 63.64 -38.68 -92.34
C MET A 1809 63.83 -40.18 -92.24
N GLY A 1810 62.84 -40.96 -92.70
CA GLY A 1810 62.94 -42.40 -92.60
C GLY A 1810 63.88 -43.03 -93.60
N SER A 1811 64.10 -42.39 -94.76
CA SER A 1811 64.94 -42.94 -95.82
C SER A 1811 66.09 -41.96 -96.03
N ARG A 1812 67.17 -42.15 -95.25
CA ARG A 1812 68.33 -41.27 -95.32
C ARG A 1812 69.58 -42.09 -95.04
N SER A 1813 70.58 -41.94 -95.89
CA SER A 1813 71.85 -42.64 -95.68
C SER A 1813 72.51 -42.13 -94.41
N GLU A 1814 73.04 -43.07 -93.61
CA GLU A 1814 73.68 -42.69 -92.34
C GLU A 1814 74.97 -41.93 -92.56
N SER A 1815 75.50 -41.90 -93.77
CA SER A 1815 76.75 -41.21 -94.06
C SER A 1815 76.57 -39.71 -94.21
N MET A 1816 75.33 -39.20 -94.17
CA MET A 1816 75.08 -37.78 -94.33
C MET A 1816 75.53 -36.95 -93.12
N GLY A 1817 76.21 -37.56 -92.15
CA GLY A 1817 76.63 -36.82 -90.98
C GLY A 1817 75.48 -36.34 -90.12
N CYS A 1818 74.51 -37.20 -89.84
CA CYS A 1818 73.31 -36.81 -89.13
C CYS A 1818 73.62 -36.67 -87.63
N ARG A 1819 72.56 -36.47 -86.84
CA ARG A 1819 72.67 -36.29 -85.39
C ARG A 1819 73.55 -35.10 -85.04
N ASP A 1833 57.33 -54.05 -69.71
CA ASP A 1833 56.09 -54.64 -70.21
C ASP A 1833 55.14 -54.97 -69.06
N LEU A 1834 55.36 -54.34 -67.92
CA LEU A 1834 54.47 -54.46 -66.78
C LEU A 1834 53.38 -53.40 -66.76
N THR A 1835 53.33 -52.54 -67.78
CA THR A 1835 52.35 -51.47 -67.84
C THR A 1835 51.22 -51.74 -68.83
N THR A 1836 51.40 -52.68 -69.77
CA THR A 1836 50.33 -52.98 -70.71
C THR A 1836 49.21 -53.75 -70.03
N GLY A 1837 49.47 -54.33 -68.88
CA GLY A 1837 48.45 -55.01 -68.11
C GLY A 1837 47.53 -54.10 -67.32
N LEU A 1838 47.82 -52.80 -67.30
CA LEU A 1838 46.97 -51.84 -66.63
C LEU A 1838 45.83 -51.36 -67.51
N PHE A 1839 45.83 -51.69 -68.79
CA PHE A 1839 44.89 -51.13 -69.76
C PHE A 1839 44.07 -52.25 -70.39
N SER A 1840 42.92 -51.86 -70.94
CA SER A 1840 42.03 -52.79 -71.60
C SER A 1840 41.54 -52.16 -72.90
N PRO A 1841 41.68 -52.85 -74.03
CA PRO A 1841 41.24 -52.27 -75.31
C PRO A 1841 39.75 -51.98 -75.32
N VAL A 1842 39.38 -50.94 -76.07
CA VAL A 1842 38.00 -50.49 -76.17
C VAL A 1842 37.50 -50.84 -77.57
N ASP A 1843 36.31 -51.44 -77.63
CA ASP A 1843 35.71 -51.78 -78.93
C ASP A 1843 35.37 -50.50 -79.67
N LEU A 1844 36.20 -50.19 -80.67
CA LEU A 1844 36.06 -48.90 -81.39
C LEU A 1844 34.62 -48.61 -81.81
N ILE A 1845 33.77 -49.62 -81.96
CA ILE A 1845 32.39 -49.37 -82.46
C ILE A 1845 31.65 -48.50 -81.45
N GLN A 1846 31.85 -48.75 -80.16
CA GLN A 1846 31.17 -47.97 -79.11
C GLN A 1846 31.46 -46.47 -79.28
N VAL A 1847 32.48 -46.09 -80.07
CA VAL A 1847 32.82 -44.67 -80.15
C VAL A 1847 31.88 -43.96 -81.12
N ILE A 1848 31.42 -42.78 -80.72
CA ILE A 1848 30.71 -41.85 -81.60
C ILE A 1848 31.67 -40.73 -81.95
N VAL A 1849 31.70 -40.36 -83.22
CA VAL A 1849 32.67 -39.40 -83.73
C VAL A 1849 31.93 -38.11 -84.07
N ASP A 1850 31.96 -37.15 -83.15
CA ASP A 1850 31.47 -35.80 -83.41
C ASP A 1850 32.65 -34.85 -83.25
N GLY A 1851 33.06 -34.24 -84.36
CA GLY A 1851 34.26 -33.43 -84.36
C GLY A 1851 34.17 -32.19 -83.50
N ASN A 1852 32.97 -31.85 -83.03
CA ASN A 1852 32.73 -30.56 -82.41
C ASN A 1852 32.76 -30.66 -80.89
N VAL A 1853 33.02 -31.86 -80.36
CA VAL A 1853 32.94 -32.09 -78.93
C VAL A 1853 34.05 -31.33 -78.22
N SER A 1854 33.75 -30.89 -77.00
CA SER A 1854 34.73 -30.27 -76.12
C SER A 1854 35.35 -31.37 -75.27
N LEU A 1855 36.58 -31.74 -75.59
CA LEU A 1855 37.28 -32.77 -74.83
C LEU A 1855 38.75 -32.38 -74.72
N PRO A 1856 39.21 -32.01 -73.52
CA PRO A 1856 40.63 -31.70 -73.35
C PRO A 1856 41.49 -32.92 -73.66
N SER A 1857 42.71 -32.67 -74.09
CA SER A 1857 43.59 -33.76 -74.48
C SER A 1857 45.04 -33.33 -74.34
N GLN A 1858 45.94 -34.27 -74.55
CA GLN A 1858 47.37 -34.01 -74.60
C GLN A 1858 47.94 -34.78 -75.77
N GLN A 1859 48.43 -34.07 -76.78
CA GLN A 1859 48.87 -34.68 -78.01
C GLN A 1859 50.36 -34.95 -78.00
N HIS A 1860 50.77 -35.95 -78.78
CA HIS A 1860 52.17 -36.30 -78.93
C HIS A 1860 52.34 -36.86 -80.34
N TRP A 1861 53.51 -36.63 -80.93
CA TRP A 1861 53.86 -37.21 -82.21
C TRP A 1861 55.09 -38.08 -82.02
N LEU A 1862 54.92 -39.39 -82.20
CA LEU A 1862 56.02 -40.33 -82.14
C LEU A 1862 56.43 -40.67 -83.57
N PHE A 1863 57.65 -40.30 -83.95
CA PHE A 1863 58.06 -40.41 -85.33
C PHE A 1863 58.44 -41.85 -85.68
N LYS A 1864 58.10 -42.24 -86.90
CA LYS A 1864 58.17 -43.65 -87.30
C LYS A 1864 59.57 -44.13 -87.61
N HIS A 1865 60.55 -43.24 -87.79
CA HIS A 1865 61.88 -43.70 -88.14
C HIS A 1865 62.59 -44.38 -86.97
N LEU A 1866 62.06 -44.26 -85.75
CA LEU A 1866 62.61 -44.96 -84.61
C LEU A 1866 61.56 -45.65 -83.75
N PHE A 1867 60.28 -45.50 -84.07
CA PHE A 1867 59.20 -46.08 -83.30
C PHE A 1867 58.47 -47.12 -84.14
N SER A 1868 58.42 -48.34 -83.63
CA SER A 1868 57.56 -49.39 -84.17
C SER A 1868 56.21 -49.33 -83.47
N LEU A 1869 55.19 -49.89 -84.13
CA LEU A 1869 53.84 -49.84 -83.56
C LEU A 1869 53.80 -50.50 -82.19
N GLN A 1870 54.66 -51.51 -81.98
CA GLN A 1870 54.80 -52.09 -80.64
C GLN A 1870 55.29 -51.04 -79.65
N GLN A 1871 56.35 -50.32 -80.00
CA GLN A 1871 56.92 -49.33 -79.10
C GLN A 1871 55.97 -48.15 -78.91
N ALA A 1872 55.34 -47.70 -79.98
CA ALA A 1872 54.42 -46.57 -79.88
C ALA A 1872 53.26 -46.90 -78.97
N ASN A 1873 52.71 -48.11 -79.07
CA ASN A 1873 51.66 -48.53 -78.16
C ASN A 1873 52.15 -48.63 -76.73
N LEU A 1874 53.44 -48.87 -76.52
CA LEU A 1874 54.00 -48.91 -75.18
C LEU A 1874 54.41 -47.53 -74.66
N TRP A 1875 54.96 -46.67 -75.52
CA TRP A 1875 55.23 -45.30 -75.11
C TRP A 1875 53.95 -44.58 -74.74
N CYS A 1876 52.90 -44.77 -75.53
CA CYS A 1876 51.64 -44.07 -75.29
C CYS A 1876 51.00 -44.56 -74.00
N LEU A 1877 50.95 -45.87 -73.80
CA LEU A 1877 50.33 -46.41 -72.59
C LEU A 1877 51.12 -46.04 -71.34
N SER A 1878 52.45 -46.10 -71.41
CA SER A 1878 53.26 -45.76 -70.25
C SER A 1878 53.07 -44.31 -69.86
N ARG A 1879 52.97 -43.41 -70.85
CA ARG A 1879 52.77 -42.00 -70.55
C ARG A 1879 51.39 -41.75 -69.94
N CYS A 1880 50.37 -42.47 -70.38
CA CYS A 1880 49.05 -42.31 -69.78
C CYS A 1880 49.05 -42.72 -68.32
N ALA A 1881 49.75 -43.80 -67.99
CA ALA A 1881 49.85 -44.25 -66.60
C ALA A 1881 50.73 -43.35 -65.75
N GLY A 1882 51.46 -42.43 -66.34
CA GLY A 1882 52.29 -41.51 -65.60
C GLY A 1882 51.57 -40.23 -65.24
N GLU A 1883 50.38 -40.04 -65.82
CA GLU A 1883 49.54 -38.89 -65.53
C GLU A 1883 48.28 -39.37 -64.83
N PRO A 1884 48.36 -39.75 -63.55
CA PRO A 1884 47.22 -40.39 -62.90
C PRO A 1884 46.06 -39.47 -62.58
N SER A 1885 46.20 -38.16 -62.81
CA SER A 1885 45.15 -37.21 -62.52
C SER A 1885 44.37 -36.78 -63.75
N PHE A 1886 44.86 -37.05 -64.95
CA PHE A 1886 44.21 -36.59 -66.17
C PHE A 1886 43.81 -37.73 -67.08
N CYS A 1887 44.71 -38.66 -67.37
CA CYS A 1887 44.52 -39.61 -68.46
C CYS A 1887 43.67 -40.80 -68.00
N GLN A 1888 42.51 -40.96 -68.63
CA GLN A 1888 41.75 -42.19 -68.56
C GLN A 1888 41.79 -43.00 -69.84
N LEU A 1889 41.95 -42.34 -70.98
CA LEU A 1889 41.98 -42.99 -72.29
C LEU A 1889 43.25 -42.60 -73.03
N ALA A 1890 43.75 -43.52 -73.84
CA ALA A 1890 44.90 -43.27 -74.68
C ALA A 1890 44.66 -43.92 -76.03
N GLU A 1891 44.69 -43.12 -77.10
CA GLU A 1891 44.44 -43.62 -78.43
C GLU A 1891 45.69 -43.42 -79.28
N VAL A 1892 45.92 -44.36 -80.20
CA VAL A 1892 47.08 -44.33 -81.07
C VAL A 1892 46.58 -44.43 -82.51
N THR A 1893 47.16 -43.61 -83.38
CA THR A 1893 46.75 -43.56 -84.78
C THR A 1893 47.99 -43.60 -85.66
N ASP A 1894 47.89 -44.26 -86.80
CA ASP A 1894 48.96 -44.34 -87.78
C ASP A 1894 48.48 -43.90 -89.16
N SER A 1895 47.55 -42.94 -89.21
CA SER A 1895 47.02 -42.42 -90.46
C SER A 1895 47.88 -41.31 -91.05
N GLU A 1896 49.14 -41.22 -90.63
CA GLU A 1896 50.07 -40.22 -91.13
C GLU A 1896 51.36 -40.92 -91.54
N PRO A 1897 52.11 -40.37 -92.49
CA PRO A 1897 53.26 -41.10 -93.03
C PRO A 1897 54.51 -41.00 -92.18
N LEU A 1898 54.64 -39.96 -91.36
CA LEU A 1898 55.88 -39.73 -90.63
C LEU A 1898 55.80 -40.07 -89.16
N TYR A 1899 54.62 -40.04 -88.55
CA TYR A 1899 54.51 -40.12 -87.11
C TYR A 1899 53.24 -40.85 -86.69
N PHE A 1900 53.31 -41.47 -85.51
CA PHE A 1900 52.15 -41.97 -84.82
C PHE A 1900 51.57 -40.84 -83.98
N THR A 1901 50.27 -40.87 -83.76
CA THR A 1901 49.65 -39.90 -82.87
C THR A 1901 49.25 -40.55 -81.56
N CYS A 1902 49.74 -39.98 -80.46
CA CYS A 1902 49.40 -40.44 -79.12
C CYS A 1902 48.75 -39.27 -78.39
N THR A 1903 47.42 -39.26 -78.39
CA THR A 1903 46.67 -38.26 -77.62
C THR A 1903 46.01 -38.94 -76.44
N LEU A 1904 46.12 -38.31 -75.28
CA LEU A 1904 45.56 -38.83 -74.03
C LEU A 1904 44.32 -38.02 -73.70
N TYR A 1905 43.27 -38.71 -73.30
CA TYR A 1905 42.01 -38.07 -72.95
C TYR A 1905 41.66 -38.32 -71.50
N PRO A 1906 40.83 -37.46 -70.92
CA PRO A 1906 40.15 -37.84 -69.67
C PRO A 1906 38.96 -38.72 -70.02
N GLU A 1907 38.12 -39.05 -69.04
CA GLU A 1907 36.93 -39.84 -69.34
C GLU A 1907 36.09 -39.13 -70.39
N ALA A 1908 35.71 -39.87 -71.44
CA ALA A 1908 34.95 -39.32 -72.54
C ALA A 1908 33.51 -39.78 -72.55
N GLN A 1909 33.11 -40.65 -71.62
CA GLN A 1909 31.76 -41.20 -71.64
C GLN A 1909 30.74 -40.13 -71.30
N VAL A 1910 29.68 -40.06 -72.10
CA VAL A 1910 28.56 -39.16 -71.88
C VAL A 1910 27.29 -39.99 -71.78
N CYS A 1911 26.52 -39.78 -70.72
CA CYS A 1911 25.32 -40.54 -70.46
C CYS A 1911 24.10 -39.64 -70.54
N ASP A 1912 22.93 -40.25 -70.70
CA ASP A 1912 21.66 -39.56 -70.52
C ASP A 1912 21.25 -39.63 -69.05
N ASP A 1913 20.24 -38.82 -68.70
CA ASP A 1913 19.83 -38.67 -67.31
C ASP A 1913 18.75 -39.67 -66.89
N ILE A 1914 18.69 -40.82 -67.54
CA ILE A 1914 17.70 -41.83 -67.21
C ILE A 1914 18.21 -42.68 -66.07
N LEU A 1915 17.40 -42.81 -65.01
CA LEU A 1915 17.77 -43.65 -63.88
C LEU A 1915 17.54 -45.10 -64.28
N GLU A 1916 18.62 -45.74 -64.73
CA GLU A 1916 18.57 -47.13 -65.16
C GLU A 1916 19.86 -47.80 -64.71
N SER A 1917 19.81 -49.13 -64.62
CA SER A 1917 20.94 -49.87 -64.06
C SER A 1917 22.05 -50.12 -65.05
N SER A 1918 21.82 -49.94 -66.35
CA SER A 1918 22.81 -50.31 -67.34
C SER A 1918 23.29 -49.09 -68.11
N PRO A 1919 24.55 -49.13 -68.62
CA PRO A 1919 25.05 -48.06 -69.44
C PRO A 1919 24.78 -48.24 -70.95
N LYS A 1920 23.51 -48.20 -71.37
CA LYS A 1920 23.14 -48.32 -72.81
C LYS A 1920 22.94 -46.92 -73.43
N GLY A 1921 22.59 -45.92 -72.65
CA GLY A 1921 22.50 -44.55 -73.18
C GLY A 1921 23.80 -43.82 -72.95
N CYS A 1922 24.86 -44.54 -72.63
CA CYS A 1922 26.19 -43.96 -72.43
C CYS A 1922 27.07 -44.29 -73.63
N ARG A 1923 27.71 -43.26 -74.17
CA ARG A 1923 28.57 -43.42 -75.34
C ARG A 1923 29.88 -42.67 -75.13
N LEU A 1924 30.91 -43.13 -75.83
CA LEU A 1924 32.16 -42.38 -75.93
C LEU A 1924 32.09 -41.48 -77.16
N ILE A 1925 32.34 -40.19 -76.96
CA ILE A 1925 32.33 -39.23 -78.05
C ILE A 1925 33.76 -38.72 -78.20
N LEU A 1926 34.40 -39.06 -79.31
CA LEU A 1926 35.74 -38.62 -79.61
C LEU A 1926 35.76 -37.82 -80.91
N PRO A 1927 36.63 -36.81 -81.01
CA PRO A 1927 36.65 -35.99 -82.23
C PRO A 1927 36.98 -36.77 -83.49
N ARG A 1928 37.78 -37.83 -83.39
CA ARG A 1928 38.19 -38.59 -84.57
C ARG A 1928 38.07 -40.08 -84.28
N ARG A 1929 37.99 -40.86 -85.35
CA ARG A 1929 38.01 -42.31 -85.23
C ARG A 1929 39.39 -42.77 -84.82
N PRO A 1930 39.56 -43.46 -83.70
CA PRO A 1930 40.88 -43.94 -83.31
C PRO A 1930 41.17 -45.34 -83.85
N SER A 1931 42.41 -45.53 -84.30
CA SER A 1931 42.84 -46.86 -84.72
C SER A 1931 42.83 -47.83 -83.56
N ALA A 1932 43.33 -47.39 -82.41
CA ALA A 1932 43.35 -48.20 -81.20
C ALA A 1932 43.03 -47.31 -80.01
N LEU A 1933 42.09 -47.75 -79.17
CA LEU A 1933 41.67 -46.98 -78.01
C LEU A 1933 41.79 -47.86 -76.78
N TYR A 1934 42.54 -47.39 -75.79
CA TYR A 1934 42.82 -48.15 -74.59
C TYR A 1934 42.32 -47.38 -73.38
N ARG A 1935 41.68 -48.08 -72.45
CA ARG A 1935 41.17 -47.46 -71.23
C ARG A 1935 41.90 -48.01 -70.02
N LYS A 1936 42.40 -47.11 -69.18
CA LYS A 1936 43.03 -47.51 -67.94
C LYS A 1936 42.00 -48.22 -67.06
N LYS A 1937 42.39 -49.36 -66.52
CA LYS A 1937 41.48 -50.12 -65.67
C LYS A 1937 41.32 -49.44 -64.32
N VAL A 1938 40.09 -49.34 -63.85
CA VAL A 1938 39.82 -48.66 -62.59
C VAL A 1938 40.29 -49.55 -61.44
N VAL A 1939 41.07 -48.96 -60.53
CA VAL A 1939 41.61 -49.66 -59.38
C VAL A 1939 41.05 -49.01 -58.13
N LEU A 1940 40.37 -49.80 -57.31
CA LEU A 1940 39.72 -49.29 -56.11
C LEU A 1940 40.70 -49.32 -54.95
N GLN A 1941 40.92 -48.16 -54.33
CA GLN A 1941 41.75 -48.09 -53.14
C GLN A 1941 41.06 -48.75 -51.96
N ASP A 1942 41.83 -49.03 -50.92
CA ASP A 1942 41.29 -49.74 -49.77
C ASP A 1942 40.33 -48.88 -48.98
N ARG A 1943 40.64 -47.60 -48.80
CA ARG A 1943 39.83 -46.71 -47.98
C ARG A 1943 39.17 -45.65 -48.84
N VAL A 1944 38.04 -45.15 -48.38
CA VAL A 1944 37.35 -44.03 -49.01
C VAL A 1944 38.08 -42.74 -48.64
N LYS A 1945 38.12 -41.79 -49.58
CA LYS A 1945 38.82 -40.54 -49.38
C LYS A 1945 37.92 -39.38 -48.98
N ASN A 1946 36.61 -39.52 -49.15
CA ASN A 1946 35.66 -38.48 -48.79
C ASN A 1946 34.64 -39.04 -47.82
N PHE A 1947 34.25 -38.24 -46.84
CA PHE A 1947 33.11 -38.60 -45.99
C PHE A 1947 31.86 -38.00 -46.63
N TYR A 1948 31.15 -38.82 -47.40
CA TYR A 1948 30.01 -38.34 -48.16
C TYR A 1948 28.84 -38.02 -47.23
N ASN A 1949 28.10 -36.98 -47.60
CA ASN A 1949 26.92 -36.55 -46.87
C ASN A 1949 25.67 -36.95 -47.65
N ARG A 1950 24.75 -37.64 -46.99
CA ARG A 1950 23.49 -37.96 -47.63
C ARG A 1950 22.62 -36.71 -47.73
N LEU A 1951 22.10 -36.46 -48.93
CA LEU A 1951 21.20 -35.33 -49.10
C LEU A 1951 19.86 -35.64 -48.44
N PRO A 1952 19.21 -34.64 -47.84
CA PRO A 1952 17.83 -34.85 -47.38
C PRO A 1952 16.83 -34.92 -48.51
N PHE A 1953 17.19 -34.46 -49.70
CA PHE A 1953 16.28 -34.41 -50.83
C PHE A 1953 16.17 -35.77 -51.50
N GLN A 1954 14.94 -36.14 -51.87
CA GLN A 1954 14.68 -37.45 -52.46
C GLN A 1954 14.53 -37.42 -53.98
N LYS A 1955 14.41 -36.24 -54.58
CA LYS A 1955 14.17 -36.12 -56.01
C LYS A 1955 15.10 -35.08 -56.59
N LEU A 1956 15.84 -35.46 -57.62
CA LEU A 1956 16.79 -34.58 -58.29
C LEU A 1956 16.33 -34.35 -59.72
N THR A 1957 16.36 -33.10 -60.16
CA THR A 1957 15.89 -32.72 -61.49
C THR A 1957 17.04 -32.08 -62.26
N GLY A 1958 17.21 -32.48 -63.51
CA GLY A 1958 18.29 -31.97 -64.32
C GLY A 1958 19.66 -32.44 -63.90
N ILE A 1959 19.79 -33.71 -63.51
CA ILE A 1959 21.07 -34.25 -63.11
C ILE A 1959 21.93 -34.55 -64.33
N SER A 1960 23.22 -34.68 -64.10
CA SER A 1960 24.18 -35.11 -65.12
C SER A 1960 24.88 -36.35 -64.59
N ILE A 1961 24.74 -37.47 -65.31
CA ILE A 1961 25.25 -38.76 -64.89
C ILE A 1961 26.59 -39.00 -65.57
N ARG A 1962 27.53 -39.57 -64.82
CA ARG A 1962 28.84 -39.95 -65.36
C ARG A 1962 28.96 -41.43 -65.65
N ASN A 1963 28.32 -42.29 -64.86
CA ASN A 1963 28.38 -43.72 -65.08
C ASN A 1963 27.22 -44.39 -64.36
N LYS A 1964 26.81 -45.54 -64.89
CA LYS A 1964 25.76 -46.36 -64.31
C LYS A 1964 26.30 -47.77 -64.12
N VAL A 1965 26.23 -48.28 -62.88
CA VAL A 1965 26.83 -49.55 -62.52
C VAL A 1965 25.80 -50.40 -61.78
N PRO A 1966 25.46 -51.59 -62.27
CA PRO A 1966 24.59 -52.49 -61.50
C PRO A 1966 25.32 -53.11 -60.31
N MET A 1967 24.59 -53.26 -59.20
CA MET A 1967 25.17 -53.73 -57.96
C MET A 1967 24.35 -54.86 -57.35
N SER A 1968 23.49 -55.49 -58.14
CA SER A 1968 22.56 -56.48 -57.59
C SER A 1968 23.22 -57.81 -57.23
N ASP A 1969 24.47 -58.02 -57.65
CA ASP A 1969 25.20 -59.24 -57.32
C ASP A 1969 26.06 -59.07 -56.07
N LYS A 1970 25.68 -58.18 -55.17
CA LYS A 1970 26.47 -57.87 -53.99
C LYS A 1970 25.54 -57.64 -52.81
N SER A 1971 26.11 -57.67 -51.61
CA SER A 1971 25.37 -57.19 -50.46
C SER A 1971 25.18 -55.68 -50.57
N ILE A 1972 24.17 -55.18 -49.86
CA ILE A 1972 23.91 -53.75 -49.88
C ILE A 1972 25.08 -52.98 -49.29
N SER A 1973 25.72 -53.55 -48.26
CA SER A 1973 26.89 -52.90 -47.69
C SER A 1973 28.06 -52.87 -48.68
N SER A 1974 28.29 -53.96 -49.41
CA SER A 1974 29.38 -54.00 -50.37
C SER A 1974 29.13 -53.06 -51.55
N GLY A 1975 27.88 -53.00 -52.02
CA GLY A 1975 27.56 -52.11 -53.11
C GLY A 1975 27.76 -50.65 -52.76
N PHE A 1976 27.35 -50.26 -51.55
CA PHE A 1976 27.58 -48.90 -51.09
C PHE A 1976 29.06 -48.59 -51.00
N PHE A 1977 29.85 -49.53 -50.50
CA PHE A 1977 31.29 -49.33 -50.39
C PHE A 1977 31.93 -49.13 -51.77
N GLU A 1978 31.46 -49.89 -52.76
CA GLU A 1978 31.99 -49.72 -54.11
C GLU A 1978 31.55 -48.40 -54.73
N CYS A 1979 30.28 -48.02 -54.52
CA CYS A 1979 29.79 -46.77 -55.09
C CYS A 1979 30.56 -45.58 -54.56
N GLU A 1980 30.94 -45.62 -53.28
CA GLU A 1980 31.75 -44.55 -52.70
C GLU A 1980 33.11 -44.45 -53.39
N ARG A 1981 33.75 -45.59 -53.64
CA ARG A 1981 35.09 -45.57 -54.22
C ARG A 1981 35.09 -45.37 -55.72
N LEU A 1982 33.95 -45.55 -56.39
CA LEU A 1982 33.87 -45.20 -57.80
C LEU A 1982 33.79 -43.69 -57.98
N CYS A 1983 33.05 -43.00 -57.11
CA CYS A 1983 33.01 -41.54 -57.16
C CYS A 1983 34.33 -40.95 -56.68
N ASP A 1984 35.06 -41.67 -55.83
CA ASP A 1984 36.40 -41.22 -55.44
C ASP A 1984 37.35 -41.20 -56.62
N MET A 1985 37.26 -42.21 -57.49
CA MET A 1985 38.20 -42.35 -58.59
C MET A 1985 37.93 -41.35 -59.72
N ASP A 1986 36.73 -40.78 -59.77
CA ASP A 1986 36.40 -39.82 -60.81
C ASP A 1986 36.66 -38.41 -60.30
N PRO A 1987 37.63 -37.67 -60.85
CA PRO A 1987 37.87 -36.30 -60.36
C PRO A 1987 36.72 -35.34 -60.65
N CYS A 1988 35.83 -35.66 -61.58
CA CYS A 1988 34.71 -34.81 -61.91
C CYS A 1988 33.42 -35.18 -61.17
N CYS A 1989 33.43 -36.26 -60.41
CA CYS A 1989 32.23 -36.69 -59.69
C CYS A 1989 31.98 -35.77 -58.51
N THR A 1990 30.76 -35.24 -58.42
CA THR A 1990 30.36 -34.42 -57.29
C THR A 1990 29.50 -35.18 -56.29
N GLY A 1991 29.13 -36.42 -56.60
CA GLY A 1991 28.29 -37.20 -55.73
C GLY A 1991 27.76 -38.40 -56.50
N PHE A 1992 27.07 -39.26 -55.77
CA PHE A 1992 26.56 -40.48 -56.37
C PHE A 1992 25.16 -40.78 -55.85
N GLY A 1993 24.46 -41.63 -56.57
CA GLY A 1993 23.21 -42.20 -56.13
C GLY A 1993 23.35 -43.70 -55.92
N PHE A 1994 22.86 -44.17 -54.79
CA PHE A 1994 22.79 -45.59 -54.46
C PHE A 1994 21.32 -45.89 -54.19
N LEU A 1995 20.69 -46.64 -55.09
CA LEU A 1995 19.24 -46.67 -55.14
C LEU A 1995 18.76 -47.91 -55.87
N ASN A 1996 17.48 -48.19 -55.72
CA ASN A 1996 16.79 -49.19 -56.51
C ASN A 1996 16.09 -48.51 -57.68
N VAL A 1997 16.37 -48.99 -58.89
CA VAL A 1997 15.65 -48.55 -60.07
C VAL A 1997 14.71 -49.68 -60.47
N SER A 1998 13.73 -49.34 -61.33
CA SER A 1998 12.73 -50.30 -61.78
C SER A 1998 12.01 -50.96 -60.60
N GLN A 1999 11.65 -50.14 -59.61
CA GLN A 1999 11.06 -50.65 -58.39
C GLN A 1999 9.72 -51.33 -58.62
N LEU A 2000 9.01 -50.96 -59.68
CA LEU A 2000 7.74 -51.59 -60.00
C LEU A 2000 7.87 -53.03 -60.47
N LYS A 2001 9.06 -53.43 -60.93
CA LYS A 2001 9.35 -54.82 -61.27
C LYS A 2001 10.18 -55.51 -60.18
N GLY A 2002 10.29 -54.89 -59.01
CA GLY A 2002 11.00 -55.47 -57.89
C GLY A 2002 12.26 -54.72 -57.48
N GLY A 2003 12.76 -53.82 -58.32
CA GLY A 2003 13.93 -53.03 -57.95
C GLY A 2003 15.25 -53.66 -58.33
N GLU A 2004 16.19 -52.84 -58.78
CA GLU A 2004 17.55 -53.28 -59.07
C GLU A 2004 18.52 -52.32 -58.39
N VAL A 2005 19.47 -52.86 -57.64
CA VAL A 2005 20.44 -52.05 -56.93
C VAL A 2005 21.39 -51.43 -57.93
N THR A 2006 21.58 -50.11 -57.85
CA THR A 2006 22.29 -49.35 -58.88
C THR A 2006 23.17 -48.30 -58.22
N CYS A 2007 24.34 -48.08 -58.82
CA CYS A 2007 25.22 -46.98 -58.47
C CYS A 2007 25.29 -46.02 -59.65
N LEU A 2008 24.98 -44.75 -59.41
CA LEU A 2008 25.05 -43.70 -60.41
C LEU A 2008 26.00 -42.63 -59.93
N THR A 2009 27.11 -42.45 -60.62
CA THR A 2009 28.03 -41.36 -60.32
C THR A 2009 27.60 -40.12 -61.10
N LEU A 2010 27.62 -38.99 -60.42
CA LEU A 2010 27.08 -37.75 -60.95
C LEU A 2010 28.15 -36.66 -60.95
N ASN A 2011 28.11 -35.80 -61.96
CA ASN A 2011 28.92 -34.59 -61.98
C ASN A 2011 28.07 -33.34 -61.85
N SER A 2012 26.78 -33.50 -61.59
CA SER A 2012 25.90 -32.38 -61.27
C SER A 2012 24.65 -32.93 -60.62
N LEU A 2013 24.24 -32.34 -59.50
CA LEU A 2013 23.03 -32.76 -58.81
C LEU A 2013 21.78 -32.00 -59.24
N GLY A 2014 21.94 -30.96 -60.04
CA GLY A 2014 20.79 -30.25 -60.57
C GLY A 2014 19.97 -29.57 -59.48
N LEU A 2015 18.65 -29.64 -59.63
CA LEU A 2015 17.72 -29.06 -58.69
C LEU A 2015 17.26 -30.15 -57.72
N GLN A 2016 17.53 -29.95 -56.44
CA GLN A 2016 17.28 -30.95 -55.41
C GLN A 2016 15.99 -30.58 -54.68
N THR A 2017 14.99 -31.47 -54.73
CA THR A 2017 13.67 -31.20 -54.18
C THR A 2017 13.19 -32.38 -53.35
N CYS A 2018 12.01 -32.21 -52.75
CA CYS A 2018 11.27 -33.26 -52.06
C CYS A 2018 12.02 -33.73 -50.81
N SER A 2019 12.38 -32.77 -49.95
CA SER A 2019 13.00 -33.09 -48.68
C SER A 2019 11.98 -33.76 -47.76
N GLU A 2020 12.45 -34.71 -46.96
CA GLU A 2020 11.59 -35.37 -45.98
C GLU A 2020 11.32 -34.48 -44.78
N GLU A 2021 12.21 -33.52 -44.52
CA GLU A 2021 12.08 -32.64 -43.37
C GLU A 2021 11.04 -31.55 -43.61
N TYI A 2022 10.94 -31.11 -44.87
CA TYI A 2022 10.00 -30.03 -45.23
CB TYI A 2022 10.78 -28.95 -45.96
CG TYI A 2022 12.10 -28.59 -45.37
CD1 TYI A 2022 12.18 -27.76 -44.26
CE1 TYI A 2022 13.41 -27.41 -43.73
CD2 TYI A 2022 13.26 -29.05 -45.95
CE2 TYI A 2022 14.50 -28.71 -45.42
CZ TYI A 2022 14.58 -27.88 -44.30
OH TYI A 2022 15.78 -27.53 -43.77
C TYI A 2022 8.85 -30.57 -46.07
O TYI A 2022 8.77 -31.77 -46.28
I1 TYI A 2022 13.57 -26.16 -42.07
I2 TYI A 2022 16.28 -29.42 -46.28
N GLY A 2023 7.94 -29.70 -46.45
CA GLY A 2023 6.79 -30.05 -47.27
C GLY A 2023 5.79 -30.96 -46.58
N GLY A 2024 5.83 -30.97 -45.25
CA GLY A 2024 4.97 -31.87 -44.49
C GLY A 2024 3.50 -31.56 -44.66
N VAL A 2025 3.10 -30.32 -44.51
CA VAL A 2025 1.68 -29.89 -44.63
C VAL A 2025 1.42 -29.33 -46.02
N TRP A 2026 2.43 -28.72 -46.63
CA TRP A 2026 2.23 -28.06 -47.93
C TRP A 2026 3.41 -28.37 -48.84
N ARG A 2027 3.19 -29.13 -49.90
CA ARG A 2027 4.23 -29.54 -50.85
C ARG A 2027 3.85 -28.97 -52.19
N ILE A 2028 4.78 -28.39 -52.89
CA ILE A 2028 4.48 -27.85 -54.24
C ILE A 2028 5.44 -28.44 -55.27
N LEU A 2029 6.59 -28.90 -54.85
CA LEU A 2029 7.61 -29.32 -55.84
C LEU A 2029 7.52 -30.79 -56.20
N ASP A 2030 8.44 -31.27 -57.05
CA ASP A 2030 8.37 -32.62 -57.58
C ASP A 2030 8.55 -33.64 -56.46
N CYS A 2031 7.64 -34.61 -56.40
CA CYS A 2031 7.67 -35.64 -55.36
C CYS A 2031 6.99 -36.89 -55.90
N GLY A 2032 7.25 -38.01 -55.24
CA GLY A 2032 6.53 -39.24 -55.53
C GLY A 2032 6.85 -39.89 -56.85
N SER A 2033 8.06 -40.42 -57.00
CA SER A 2033 8.39 -41.22 -58.17
C SER A 2033 8.35 -42.69 -57.78
N PRO A 2034 7.34 -43.45 -58.20
CA PRO A 2034 7.14 -44.81 -57.65
C PRO A 2034 8.02 -45.88 -58.28
N ASP A 2035 8.72 -45.58 -59.38
CA ASP A 2035 9.60 -46.55 -60.01
C ASP A 2035 11.01 -46.51 -59.44
N THR A 2036 11.23 -45.72 -58.39
CA THR A 2036 12.54 -45.55 -57.79
C THR A 2036 12.42 -45.66 -56.28
N GLU A 2037 13.40 -46.29 -55.65
CA GLU A 2037 13.46 -46.42 -54.20
C GLU A 2037 14.75 -45.80 -53.71
N VAL A 2038 14.63 -44.69 -52.99
CA VAL A 2038 15.80 -43.91 -52.59
C VAL A 2038 15.71 -43.57 -51.10
N ARG A 2039 14.71 -44.13 -50.42
CA ARG A 2039 14.44 -43.76 -49.03
C ARG A 2039 15.13 -44.69 -48.03
N THR A 2040 15.02 -45.99 -48.23
CA THR A 2040 15.44 -46.96 -47.21
C THR A 2040 16.96 -46.96 -47.06
N TYR A 2041 17.42 -46.92 -45.82
CA TYR A 2041 18.84 -46.88 -45.53
C TYR A 2041 19.52 -48.13 -46.09
N PRO A 2042 20.69 -48.00 -46.72
CA PRO A 2042 21.44 -46.76 -46.95
C PRO A 2042 21.26 -46.12 -48.33
N PHE A 2043 20.11 -46.33 -48.96
CA PHE A 2043 19.86 -45.68 -50.24
C PHE A 2043 19.78 -44.17 -50.08
N GLY A 2044 20.13 -43.46 -51.13
CA GLY A 2044 20.01 -42.02 -51.11
C GLY A 2044 20.94 -41.38 -52.13
N TRP A 2045 20.84 -40.06 -52.21
CA TRP A 2045 21.74 -39.22 -52.99
C TRP A 2045 22.81 -38.69 -52.06
N TYR A 2046 24.07 -38.85 -52.44
CA TYR A 2046 25.19 -38.49 -51.59
C TYR A 2046 26.03 -37.42 -52.26
N GLN A 2047 26.52 -36.48 -51.48
CA GLN A 2047 27.33 -35.38 -51.96
C GLN A 2047 28.77 -35.53 -51.49
N LYS A 2048 29.70 -35.31 -52.40
CA LYS A 2048 31.08 -35.13 -51.99
C LYS A 2048 31.18 -33.86 -51.15
N PRO A 2049 31.97 -33.87 -50.08
CA PRO A 2049 31.94 -32.74 -49.13
C PRO A 2049 32.22 -31.41 -49.82
N VAL A 2050 31.45 -30.40 -49.42
CA VAL A 2050 31.48 -29.10 -50.08
C VAL A 2050 32.82 -28.41 -49.81
N SER A 2051 33.56 -28.13 -50.87
CA SER A 2051 34.84 -27.45 -50.78
C SER A 2051 34.83 -26.23 -51.70
N PRO A 2052 35.47 -25.14 -51.28
CA PRO A 2052 35.57 -23.97 -52.17
C PRO A 2052 36.53 -24.16 -53.32
N SER A 2053 37.33 -25.23 -53.32
CA SER A 2053 38.18 -25.57 -54.45
C SER A 2053 37.35 -26.34 -55.46
N ASP A 2054 37.30 -25.83 -56.69
CA ASP A 2054 36.42 -26.38 -57.72
C ASP A 2054 37.05 -27.64 -58.32
N ALA A 2055 36.31 -28.26 -59.24
CA ALA A 2055 36.78 -29.46 -59.90
C ALA A 2055 37.92 -29.12 -60.85
N PRO A 2056 38.67 -30.12 -61.29
CA PRO A 2056 39.72 -29.87 -62.29
C PRO A 2056 39.15 -29.18 -63.52
N SER A 2057 39.97 -28.32 -64.13
CA SER A 2057 39.50 -27.48 -65.22
C SER A 2057 39.06 -28.29 -66.43
N PHE A 2058 39.51 -29.53 -66.59
CA PHE A 2058 39.12 -30.31 -67.76
C PHE A 2058 37.73 -30.92 -67.62
N CYS A 2059 37.12 -30.84 -66.45
CA CYS A 2059 35.83 -31.46 -66.25
C CYS A 2059 34.77 -30.79 -67.12
N PRO A 2060 33.81 -31.55 -67.64
CA PRO A 2060 32.82 -30.96 -68.53
C PRO A 2060 31.99 -29.90 -67.84
N SER A 2061 31.67 -28.85 -68.58
CA SER A 2061 30.77 -27.82 -68.08
C SER A 2061 29.34 -28.34 -68.15
N VAL A 2062 28.62 -28.22 -67.04
CA VAL A 2062 27.24 -28.68 -66.95
C VAL A 2062 26.40 -27.55 -66.37
N ALA A 2063 25.21 -27.37 -66.94
CA ALA A 2063 24.33 -26.31 -66.48
C ALA A 2063 22.89 -26.79 -66.56
N LEU A 2064 22.05 -26.24 -65.69
CA LEU A 2064 20.64 -26.57 -65.71
C LEU A 2064 20.05 -26.18 -67.07
N PRO A 2065 19.15 -26.98 -67.62
CA PRO A 2065 18.53 -26.62 -68.90
C PRO A 2065 17.78 -25.29 -68.79
N ALA A 2066 17.88 -24.48 -69.85
CA ALA A 2066 17.33 -23.14 -69.82
C ALA A 2066 15.81 -23.18 -69.74
N LEU A 2067 15.25 -22.12 -69.16
CA LEU A 2067 13.80 -22.05 -69.00
C LEU A 2067 13.11 -21.83 -70.34
N THR A 2068 11.97 -22.51 -70.52
CA THR A 2068 11.20 -22.34 -71.75
C THR A 2068 10.63 -20.94 -71.88
N GLU A 2069 10.10 -20.35 -70.81
CA GLU A 2069 9.62 -18.95 -70.96
C GLU A 2069 10.28 -18.02 -69.94
N ASN A 2070 10.32 -16.73 -70.22
CA ASN A 2070 11.02 -15.73 -69.35
C ASN A 2070 10.30 -15.37 -68.07
N VAL A 2071 11.07 -14.79 -67.14
CA VAL A 2071 10.49 -14.36 -65.85
C VAL A 2071 10.64 -12.84 -65.81
N ALA A 2072 9.55 -12.11 -65.59
CA ALA A 2072 9.55 -10.64 -65.63
C ALA A 2072 10.40 -9.96 -64.58
N LEU A 2073 10.34 -10.38 -63.33
CA LEU A 2073 11.01 -9.71 -62.20
C LEU A 2073 10.23 -8.45 -61.84
N ASP A 2074 9.40 -7.97 -62.78
CA ASP A 2074 8.63 -6.78 -62.48
C ASP A 2074 7.20 -7.11 -62.07
N SER A 2075 6.74 -8.32 -62.38
CA SER A 2075 5.49 -8.85 -61.83
C SER A 2075 5.67 -9.41 -60.44
N TRP A 2076 6.86 -9.27 -59.88
CA TRP A 2076 7.17 -9.70 -58.53
C TRP A 2076 7.52 -8.49 -57.68
N GLN A 2077 7.08 -8.49 -56.44
CA GLN A 2077 7.40 -7.43 -55.49
C GLN A 2077 8.57 -7.87 -54.63
N SER A 2078 9.65 -7.10 -54.65
CA SER A 2078 10.82 -7.37 -53.83
C SER A 2078 10.66 -6.70 -52.47
N LEU A 2079 10.90 -7.44 -51.41
CA LEU A 2079 10.65 -6.99 -50.06
C LEU A 2079 11.95 -6.85 -49.28
N ALA A 2080 12.02 -5.80 -48.46
CA ALA A 2080 13.16 -5.58 -47.59
C ALA A 2080 13.04 -6.42 -46.33
N LEU A 2081 14.16 -6.58 -45.62
CA LEU A 2081 14.17 -7.38 -44.41
C LEU A 2081 13.34 -6.76 -43.30
N SER A 2082 13.06 -5.46 -43.36
CA SER A 2082 12.23 -4.85 -42.34
C SER A 2082 10.75 -5.20 -42.49
N SER A 2083 10.36 -5.77 -43.62
CA SER A 2083 8.98 -6.16 -43.87
C SER A 2083 8.71 -7.61 -43.52
N VAL A 2084 9.66 -8.30 -42.89
CA VAL A 2084 9.51 -9.72 -42.59
C VAL A 2084 9.79 -9.96 -41.11
N ILE A 2085 9.27 -11.08 -40.62
CA ILE A 2085 9.51 -11.56 -39.26
C ILE A 2085 9.96 -13.01 -39.38
N VAL A 2086 11.02 -13.35 -38.66
CA VAL A 2086 11.48 -14.74 -38.65
C VAL A 2086 10.67 -15.49 -37.59
N ASP A 2087 9.98 -16.54 -38.03
CA ASP A 2087 9.16 -17.37 -37.14
C ASP A 2087 9.49 -18.83 -37.40
N PRO A 2088 10.30 -19.45 -36.54
CA PRO A 2088 10.64 -20.88 -36.75
C PRO A 2088 9.47 -21.82 -36.56
N SER A 2089 8.32 -21.36 -36.06
CA SER A 2089 7.16 -22.23 -35.96
C SER A 2089 6.40 -22.36 -37.28
N ILE A 2090 6.78 -21.61 -38.30
CA ILE A 2090 6.15 -21.73 -39.61
C ILE A 2090 6.29 -23.16 -40.13
N ARG A 2091 5.22 -23.68 -40.72
CA ARG A 2091 5.23 -25.06 -41.21
C ARG A 2091 4.74 -25.23 -42.63
N ASN A 2092 4.02 -24.27 -43.20
CA ASN A 2092 3.49 -24.43 -44.56
C ASN A 2092 4.45 -23.80 -45.56
N PHE A 2093 5.59 -24.46 -45.75
CA PHE A 2093 6.59 -24.02 -46.69
C PHE A 2093 7.27 -25.23 -47.31
N ASP A 2094 8.00 -24.98 -48.40
CA ASP A 2094 8.71 -26.03 -49.13
C ASP A 2094 10.09 -25.49 -49.52
N VAL A 2095 11.03 -26.40 -49.74
CA VAL A 2095 12.43 -26.05 -49.94
C VAL A 2095 12.96 -26.76 -51.19
N ALA A 2096 13.78 -26.05 -51.96
CA ALA A 2096 14.58 -26.64 -53.02
C ALA A 2096 16.00 -26.10 -52.94
N HIS A 2097 16.95 -26.91 -53.39
CA HIS A 2097 18.35 -26.51 -53.44
C HIS A 2097 18.84 -26.58 -54.87
N ILE A 2098 19.65 -25.61 -55.26
CA ILE A 2098 20.27 -25.58 -56.59
C ILE A 2098 21.77 -25.66 -56.40
N SER A 2099 22.40 -26.64 -57.05
CA SER A 2099 23.84 -26.80 -56.95
C SER A 2099 24.54 -25.55 -57.50
N THR A 2100 25.53 -25.07 -56.76
CA THR A 2100 26.17 -23.80 -57.09
C THR A 2100 26.92 -23.90 -58.42
N ALA A 2101 27.28 -25.11 -58.82
CA ALA A 2101 27.93 -25.32 -60.12
C ALA A 2101 26.94 -25.61 -61.23
N ALA A 2102 25.65 -25.77 -60.92
CA ALA A 2102 24.64 -26.05 -61.93
C ALA A 2102 24.02 -24.80 -62.53
N VAL A 2103 24.33 -23.62 -62.00
CA VAL A 2103 23.83 -22.35 -62.53
C VAL A 2103 25.03 -21.43 -62.74
N GLY A 2104 25.05 -20.73 -63.87
CA GLY A 2104 26.17 -19.85 -64.16
C GLY A 2104 26.33 -18.74 -63.15
N ASN A 2105 25.21 -18.16 -62.70
CA ASN A 2105 25.26 -17.05 -61.76
C ASN A 2105 23.95 -17.02 -60.98
N PHE A 2106 23.87 -16.06 -60.07
CA PHE A 2106 22.70 -15.98 -59.20
C PHE A 2106 21.43 -15.72 -60.01
N SER A 2107 21.54 -14.91 -61.07
CA SER A 2107 20.37 -14.56 -61.85
C SER A 2107 19.71 -15.79 -62.46
N ALA A 2108 20.52 -16.76 -62.88
CA ALA A 2108 19.96 -18.01 -63.40
C ALA A 2108 19.25 -18.78 -62.29
N ALA A 2109 19.84 -18.84 -61.10
CA ALA A 2109 19.20 -19.54 -59.99
C ALA A 2109 17.90 -18.86 -59.59
N ARG A 2110 17.87 -17.53 -59.59
CA ARG A 2110 16.66 -16.82 -59.20
C ARG A 2110 15.52 -17.07 -60.18
N ASP A 2111 15.81 -17.09 -61.47
CA ASP A 2111 14.75 -17.31 -62.46
C ASP A 2111 14.23 -18.73 -62.40
N ARG A 2112 15.08 -19.70 -62.07
CA ARG A 2112 14.61 -21.08 -61.93
C ARG A 2112 13.64 -21.21 -60.75
N CYS A 2113 13.94 -20.56 -59.63
CA CYS A 2113 13.11 -20.70 -58.45
C CYS A 2113 11.86 -19.83 -58.51
N LEU A 2114 11.94 -18.67 -59.17
CA LEU A 2114 10.72 -17.89 -59.40
C LEU A 2114 9.80 -18.57 -60.39
N TRP A 2115 10.34 -19.41 -61.27
CA TRP A 2115 9.50 -20.12 -62.22
C TRP A 2115 8.71 -21.24 -61.54
N GLU A 2116 9.32 -21.91 -60.56
CA GLU A 2116 8.61 -22.95 -59.82
C GLU A 2116 7.43 -22.37 -59.07
N CYS A 2117 7.62 -21.23 -58.40
CA CYS A 2117 6.54 -20.63 -57.63
C CYS A 2117 5.42 -20.14 -58.53
N SER A 2118 5.76 -19.56 -59.66
CA SER A 2118 4.74 -19.03 -60.58
C SER A 2118 3.86 -20.14 -61.16
N ARG A 2119 4.33 -21.39 -61.15
CA ARG A 2119 3.53 -22.48 -61.69
C ARG A 2119 2.47 -22.96 -60.71
N HIS A 2120 2.65 -22.70 -59.42
CA HIS A 2120 1.71 -23.12 -58.39
C HIS A 2120 0.98 -21.90 -57.85
N GLN A 2121 -0.36 -21.97 -57.88
CA GLN A 2121 -1.14 -20.80 -57.52
C GLN A 2121 -1.25 -20.63 -56.01
N ASP A 2122 -0.90 -21.66 -55.25
CA ASP A 2122 -0.89 -21.52 -53.79
C ASP A 2122 0.46 -21.05 -53.27
N CYS A 2123 1.47 -20.99 -54.12
CA CYS A 2123 2.75 -20.39 -53.75
C CYS A 2123 2.65 -18.88 -53.88
N LEU A 2124 2.90 -18.16 -52.79
CA LEU A 2124 2.80 -16.71 -52.78
C LEU A 2124 4.14 -16.01 -52.63
N VAL A 2125 5.09 -16.61 -51.92
CA VAL A 2125 6.35 -15.95 -51.59
C VAL A 2125 7.50 -16.91 -51.89
N THR A 2126 8.55 -16.39 -52.53
CA THR A 2126 9.79 -17.12 -52.75
C THR A 2126 10.94 -16.33 -52.14
N THR A 2127 11.79 -17.01 -51.39
CA THR A 2127 12.98 -16.41 -50.82
C THR A 2127 14.21 -17.18 -51.28
N LEU A 2128 15.31 -16.45 -51.48
CA LEU A 2128 16.56 -17.04 -51.92
C LEU A 2128 17.67 -16.66 -50.95
N GLN A 2129 18.53 -17.64 -50.65
CA GLN A 2129 19.62 -17.45 -49.71
C GLN A 2129 20.81 -18.27 -50.19
N THR A 2130 22.00 -17.70 -50.09
CA THR A 2130 23.21 -18.34 -50.60
C THR A 2130 23.88 -19.13 -49.48
N GLN A 2131 24.03 -20.42 -49.69
CA GLN A 2131 24.77 -21.32 -48.84
C GLN A 2131 26.15 -21.56 -49.41
N PRO A 2132 27.07 -22.11 -48.62
CA PRO A 2132 28.40 -22.39 -49.18
C PRO A 2132 28.38 -23.27 -50.42
N GLY A 2133 27.49 -24.27 -50.46
CA GLY A 2133 27.48 -25.18 -51.57
C GLY A 2133 26.32 -25.04 -52.55
N ALA A 2134 25.31 -24.25 -52.21
CA ALA A 2134 24.10 -24.21 -53.03
C ALA A 2134 23.38 -22.89 -52.81
N VAL A 2135 22.34 -22.68 -53.62
CA VAL A 2135 21.38 -21.60 -53.44
C VAL A 2135 20.09 -22.22 -52.92
N ARG A 2136 19.65 -21.78 -51.75
CA ARG A 2136 18.50 -22.37 -51.08
C ARG A 2136 17.26 -21.53 -51.35
N CYS A 2137 16.27 -22.15 -51.99
CA CYS A 2137 15.02 -21.48 -52.33
C CYS A 2137 13.91 -21.99 -51.41
N MET A 2138 13.13 -21.06 -50.87
CA MET A 2138 12.05 -21.39 -49.95
C MET A 2138 10.74 -20.82 -50.48
N PHE A 2139 9.71 -21.65 -50.50
CA PHE A 2139 8.42 -21.29 -51.05
C PHE A 2139 7.38 -21.30 -49.94
N TYR A 2140 6.59 -20.23 -49.84
CA TYR A 2140 5.64 -20.07 -48.75
C TYR A 2140 4.21 -19.89 -49.28
N ALA A 2141 3.27 -20.38 -48.49
CA ALA A 2141 1.86 -20.04 -48.60
C ALA A 2141 1.60 -18.76 -47.83
N ASP A 2142 0.33 -18.45 -47.56
CA ASP A 2142 -0.04 -17.23 -46.83
C ASP A 2142 0.59 -17.25 -45.43
N THR A 2143 1.38 -16.22 -45.12
CA THR A 2143 2.05 -16.09 -43.83
C THR A 2143 2.02 -14.66 -43.32
N GLN A 2144 1.01 -13.89 -43.68
CA GLN A 2144 0.98 -12.48 -43.37
C GLN A 2144 0.57 -12.24 -41.91
N SER A 2145 1.17 -11.22 -41.29
CA SER A 2145 0.93 -10.90 -39.90
C SER A 2145 0.87 -9.38 -39.75
N CYS A 2146 -0.22 -8.87 -39.18
CA CYS A 2146 -0.45 -7.44 -39.08
C CYS A 2146 -0.44 -6.99 -37.63
N THR A 2147 0.09 -5.79 -37.41
CA THR A 2147 0.03 -5.12 -36.12
C THR A 2147 -1.05 -4.04 -36.18
N HIS A 2148 -2.05 -4.16 -35.33
CA HIS A 2148 -3.19 -3.25 -35.34
C HIS A 2148 -3.12 -2.31 -34.15
N SER A 2149 -3.33 -1.03 -34.42
CA SER A 2149 -3.29 0.00 -33.39
C SER A 2149 -4.29 1.09 -33.78
N LEU A 2150 -4.35 2.13 -32.97
CA LEU A 2150 -5.20 3.27 -33.28
C LEU A 2150 -4.52 4.29 -34.17
N GLN A 2151 -3.24 4.11 -34.50
CA GLN A 2151 -2.61 5.02 -35.43
C GLN A 2151 -2.55 4.47 -36.86
N ALA A 2152 -1.81 3.39 -37.07
CA ALA A 2152 -1.61 2.84 -38.40
C ALA A 2152 -1.50 1.33 -38.34
N GLN A 2153 -2.00 0.66 -39.38
CA GLN A 2153 -1.99 -0.79 -39.45
C GLN A 2153 -0.78 -1.22 -40.28
N ASN A 2154 0.18 -1.87 -39.63
CA ASN A 2154 1.42 -2.26 -40.26
C ASN A 2154 1.46 -3.79 -40.39
N CYS A 2155 1.59 -4.27 -41.62
CA CYS A 2155 1.52 -5.70 -41.91
C CYS A 2155 2.87 -6.20 -42.43
N ARG A 2156 3.23 -7.41 -42.03
CA ARG A 2156 4.51 -8.01 -42.37
C ARG A 2156 4.32 -9.45 -42.78
N LEU A 2157 5.35 -10.01 -43.41
CA LEU A 2157 5.38 -11.43 -43.75
C LEU A 2157 6.12 -12.20 -42.66
N LEU A 2158 5.68 -13.43 -42.41
CA LEU A 2158 6.36 -14.34 -41.52
C LEU A 2158 7.15 -15.34 -42.34
N LEU A 2159 8.44 -15.46 -42.05
CA LEU A 2159 9.31 -16.40 -42.74
C LEU A 2159 9.88 -17.40 -41.74
N HIS A 2160 10.21 -18.59 -42.22
CA HIS A 2160 10.81 -19.59 -41.36
C HIS A 2160 12.23 -19.22 -40.94
N GLU A 2161 12.95 -18.50 -41.79
CA GLU A 2161 14.33 -18.16 -41.50
C GLU A 2161 14.72 -16.92 -42.30
N GLU A 2162 15.86 -16.35 -41.95
CA GLU A 2162 16.40 -15.23 -42.70
C GLU A 2162 16.72 -15.65 -44.13
N ALA A 2163 16.51 -14.70 -45.03
CA ALA A 2163 16.85 -14.87 -46.43
C ALA A 2163 17.31 -13.54 -46.98
N THR A 2164 18.00 -13.57 -48.11
CA THR A 2164 18.58 -12.34 -48.62
C THR A 2164 17.66 -11.64 -49.60
N TYR A 2165 17.03 -12.38 -50.49
CA TYR A 2165 16.07 -11.82 -51.44
C TYR A 2165 14.71 -12.42 -51.18
N ILE A 2166 13.68 -11.58 -51.19
CA ILE A 2166 12.31 -11.99 -50.91
C ILE A 2166 11.41 -11.46 -52.01
N TYR A 2167 10.70 -12.35 -52.70
CA TYR A 2167 9.84 -11.99 -53.81
C TYR A 2167 8.43 -12.43 -53.53
N ARG A 2168 7.47 -11.52 -53.67
CA ARG A 2168 6.07 -11.82 -53.44
C ARG A 2168 5.27 -11.66 -54.71
N LYS A 2169 4.36 -12.57 -54.93
CA LYS A 2169 3.40 -12.59 -56.01
C LYS A 2169 2.18 -11.77 -55.63
N PRO A 2170 1.85 -10.70 -56.36
CA PRO A 2170 0.69 -9.89 -56.00
C PRO A 2170 -0.63 -10.63 -56.19
N ASN A 2171 -1.61 -10.27 -55.36
CA ASN A 2171 -2.93 -10.87 -55.45
C ASN A 2171 -3.66 -10.34 -56.68
N ILE A 2172 -4.20 -11.25 -57.48
CA ILE A 2172 -4.98 -10.89 -58.65
C ILE A 2172 -6.47 -10.96 -58.30
N PRO A 2173 -7.24 -9.91 -58.56
CA PRO A 2173 -8.66 -9.95 -58.22
C PRO A 2173 -9.42 -10.98 -59.04
N LEU A 2174 -10.50 -11.49 -58.45
CA LEU A 2174 -11.35 -12.46 -59.08
C LEU A 2174 -12.11 -11.82 -60.24
N PRO A 2175 -12.65 -12.64 -61.19
CA PRO A 2175 -13.21 -12.08 -62.43
C PRO A 2175 -14.05 -10.82 -62.33
N GLY A 2176 -14.98 -10.75 -61.39
CA GLY A 2176 -15.84 -9.59 -61.28
C GLY A 2176 -15.35 -8.46 -60.43
N PHE A 2177 -14.13 -8.53 -59.91
CA PHE A 2177 -13.62 -7.55 -58.96
C PHE A 2177 -12.57 -6.66 -59.62
N GLY A 2178 -12.29 -5.53 -58.98
CA GLY A 2178 -11.26 -4.63 -59.45
C GLY A 2178 -11.67 -3.18 -59.49
N THR A 2179 -12.96 -2.91 -59.63
CA THR A 2179 -13.47 -1.55 -59.69
C THR A 2179 -14.39 -1.29 -58.49
N SER A 2180 -14.99 -0.11 -58.47
CA SER A 2180 -15.89 0.27 -57.40
C SER A 2180 -17.34 -0.13 -57.68
N SER A 2181 -17.57 -0.87 -58.76
CA SER A 2181 -18.87 -1.50 -59.03
C SER A 2181 -18.63 -2.97 -59.34
N PRO A 2182 -18.27 -3.76 -58.33
CA PRO A 2182 -18.01 -5.19 -58.58
C PRO A 2182 -19.25 -5.90 -59.07
N SER A 2183 -19.03 -6.89 -59.94
CA SER A 2183 -20.11 -7.64 -60.58
C SER A 2183 -19.72 -9.11 -60.57
N VAL A 2184 -20.26 -9.87 -59.63
CA VAL A 2184 -19.85 -11.24 -59.37
C VAL A 2184 -20.81 -12.18 -60.10
N PRO A 2185 -20.30 -13.10 -60.92
CA PRO A 2185 -21.18 -14.09 -61.53
C PRO A 2185 -21.65 -15.11 -60.51
N ILE A 2186 -22.96 -15.35 -60.49
CA ILE A 2186 -23.57 -16.36 -59.65
C ILE A 2186 -24.04 -17.48 -60.56
N ALA A 2187 -23.49 -18.68 -60.36
CA ALA A 2187 -23.78 -19.79 -61.26
C ALA A 2187 -25.28 -20.07 -61.31
N THR A 2188 -25.78 -20.31 -62.53
CA THR A 2188 -27.17 -20.56 -62.87
C THR A 2188 -28.07 -19.35 -62.67
N HIS A 2189 -27.55 -18.21 -62.22
CA HIS A 2189 -28.38 -17.04 -61.99
C HIS A 2189 -28.01 -15.86 -62.88
N GLY A 2190 -26.78 -15.39 -62.83
CA GLY A 2190 -26.43 -14.18 -63.54
C GLY A 2190 -25.44 -13.35 -62.73
N GLN A 2191 -25.56 -12.04 -62.85
CA GLN A 2191 -24.62 -11.10 -62.26
C GLN A 2191 -25.18 -10.49 -60.99
N LEU A 2192 -24.31 -10.30 -60.01
CA LEU A 2192 -24.66 -9.66 -58.74
C LEU A 2192 -23.83 -8.39 -58.60
N LEU A 2193 -24.49 -7.25 -58.49
CA LEU A 2193 -23.85 -5.95 -58.56
C LEU A 2193 -23.77 -5.33 -57.17
N GLY A 2194 -22.55 -5.07 -56.71
CA GLY A 2194 -22.35 -4.49 -55.40
C GLY A 2194 -21.78 -3.08 -55.43
N ARG A 2195 -21.34 -2.61 -54.27
CA ARG A 2195 -20.72 -1.31 -54.12
C ARG A 2195 -19.38 -1.48 -53.42
N SER A 2196 -18.61 -0.40 -53.36
CA SER A 2196 -17.31 -0.40 -52.71
C SER A 2196 -17.29 0.71 -51.67
N GLN A 2197 -16.71 0.42 -50.51
CA GLN A 2197 -16.70 1.33 -49.39
C GLN A 2197 -15.31 1.41 -48.79
N ALA A 2198 -14.93 2.59 -48.32
CA ALA A 2198 -13.67 2.80 -47.64
C ALA A 2198 -13.90 2.73 -46.14
N ILE A 2199 -13.07 1.94 -45.45
CA ILE A 2199 -13.25 1.63 -44.04
C ILE A 2199 -12.02 2.15 -43.29
N GLN A 2200 -12.25 2.95 -42.26
CA GLN A 2200 -11.17 3.54 -41.48
C GLN A 2200 -10.99 2.83 -40.16
N VAL A 2201 -9.77 2.36 -39.91
CA VAL A 2201 -9.35 1.90 -38.59
C VAL A 2201 -8.07 2.64 -38.25
N GLY A 2202 -8.09 3.43 -37.20
CA GLY A 2202 -6.96 4.29 -36.90
C GLY A 2202 -6.86 5.39 -37.94
N THR A 2203 -5.69 5.53 -38.54
CA THR A 2203 -5.48 6.48 -39.63
C THR A 2203 -5.27 5.79 -40.96
N SER A 2204 -5.64 4.52 -41.07
CA SER A 2204 -5.54 3.75 -42.30
C SER A 2204 -6.93 3.50 -42.87
N TRP A 2205 -6.97 3.31 -44.18
CA TRP A 2205 -8.21 3.10 -44.91
C TRP A 2205 -8.10 1.84 -45.74
N LYS A 2206 -9.15 1.02 -45.73
CA LYS A 2206 -9.19 -0.20 -46.51
C LYS A 2206 -10.45 -0.25 -47.33
N PRO A 2207 -10.36 -0.56 -48.63
CA PRO A 2207 -11.58 -0.70 -49.43
C PRO A 2207 -12.21 -2.08 -49.24
N VAL A 2208 -13.51 -2.10 -48.98
CA VAL A 2208 -14.27 -3.32 -48.80
C VAL A 2208 -15.44 -3.32 -49.76
N ASP A 2209 -15.60 -4.40 -50.51
CA ASP A 2209 -16.71 -4.55 -51.44
C ASP A 2209 -17.91 -5.13 -50.70
N GLN A 2210 -19.07 -4.51 -50.89
CA GLN A 2210 -20.27 -4.87 -50.17
C GLN A 2210 -21.38 -5.25 -51.15
N PHE A 2211 -22.03 -6.37 -50.88
CA PHE A 2211 -23.17 -6.84 -51.65
C PHE A 2211 -24.35 -6.97 -50.68
N LEU A 2212 -25.27 -6.01 -50.76
CA LEU A 2212 -26.32 -5.87 -49.76
C LEU A 2212 -27.66 -6.27 -50.34
N GLY A 2213 -28.35 -7.18 -49.65
CA GLY A 2213 -29.67 -7.59 -50.08
C GLY A 2213 -29.65 -8.69 -51.12
N VAL A 2214 -28.85 -9.72 -50.87
CA VAL A 2214 -28.75 -10.85 -51.78
C VAL A 2214 -29.80 -11.89 -51.39
N PRO A 2215 -30.73 -12.23 -52.27
CA PRO A 2215 -31.74 -13.24 -51.91
C PRO A 2215 -31.15 -14.64 -51.88
N TYR A 2216 -31.56 -15.41 -50.87
CA TYR A 2216 -31.19 -16.81 -50.80
C TYR A 2216 -32.38 -17.75 -50.83
N ALA A 2217 -33.60 -17.24 -50.87
CA ALA A 2217 -34.80 -18.04 -51.00
C ALA A 2217 -35.93 -17.16 -51.52
N ALA A 2218 -36.98 -17.80 -52.00
CA ALA A 2218 -38.14 -17.06 -52.47
C ALA A 2218 -38.86 -16.40 -51.29
N PRO A 2219 -39.42 -15.21 -51.49
CA PRO A 2219 -40.13 -14.53 -50.40
C PRO A 2219 -41.27 -15.38 -49.86
N PRO A 2220 -41.34 -15.55 -48.53
CA PRO A 2220 -42.35 -16.43 -47.93
C PRO A 2220 -43.69 -15.72 -47.72
N LEU A 2221 -44.40 -15.48 -48.81
CA LEU A 2221 -45.66 -14.76 -48.81
C LEU A 2221 -46.80 -15.64 -49.25
N GLY A 2222 -48.00 -15.37 -48.72
CA GLY A 2222 -49.20 -16.04 -49.15
C GLY A 2222 -49.24 -17.53 -48.79
N GLU A 2223 -49.21 -18.38 -49.81
CA GLU A 2223 -49.16 -19.81 -49.56
C GLU A 2223 -47.80 -20.28 -49.05
N LYS A 2224 -46.77 -19.44 -49.14
CA LYS A 2224 -45.46 -19.79 -48.64
C LYS A 2224 -45.27 -19.43 -47.18
N ARG A 2225 -46.25 -18.77 -46.56
CA ARG A 2225 -46.20 -18.53 -45.13
C ARG A 2225 -46.37 -19.84 -44.38
N PHE A 2226 -45.56 -20.02 -43.32
CA PHE A 2226 -45.50 -21.27 -42.57
C PHE A 2226 -45.17 -22.46 -43.46
N ARG A 2227 -44.18 -22.28 -44.34
CA ARG A 2227 -43.72 -23.34 -45.23
C ARG A 2227 -42.21 -23.35 -45.27
N ALA A 2228 -41.66 -24.44 -45.76
CA ALA A 2228 -40.22 -24.53 -45.96
C ALA A 2228 -39.78 -23.53 -47.03
N PRO A 2229 -38.60 -22.95 -46.90
CA PRO A 2229 -38.13 -21.99 -47.91
C PRO A 2229 -37.94 -22.66 -49.26
N GLU A 2230 -38.20 -21.90 -50.32
CA GLU A 2230 -38.12 -22.39 -51.68
C GLU A 2230 -37.05 -21.64 -52.45
N HIS A 2231 -36.53 -22.29 -53.48
CA HIS A 2231 -35.54 -21.67 -54.34
C HIS A 2231 -36.12 -20.49 -55.09
N LEU A 2232 -35.37 -19.40 -55.17
CA LEU A 2232 -35.75 -18.24 -55.96
C LEU A 2232 -35.01 -18.29 -57.28
N ASN A 2233 -35.75 -18.35 -58.38
CA ASN A 2233 -35.17 -18.33 -59.72
C ASN A 2233 -35.10 -16.89 -60.18
N TRP A 2234 -33.90 -16.30 -60.11
CA TRP A 2234 -33.67 -14.98 -60.65
C TRP A 2234 -32.56 -15.05 -61.68
N THR A 2235 -32.65 -14.19 -62.69
CA THR A 2235 -31.65 -14.13 -63.76
C THR A 2235 -31.35 -12.68 -64.06
N GLY A 2236 -30.37 -12.47 -64.93
CA GLY A 2236 -29.96 -11.13 -65.29
C GLY A 2236 -29.02 -10.55 -64.26
N SER A 2237 -29.21 -9.28 -63.93
CA SER A 2237 -28.40 -8.60 -62.93
C SER A 2237 -29.25 -8.33 -61.70
N TRP A 2238 -28.74 -8.75 -60.54
CA TRP A 2238 -29.36 -8.40 -59.27
C TRP A 2238 -28.61 -7.24 -58.65
N GLU A 2239 -29.34 -6.17 -58.35
CA GLU A 2239 -28.75 -4.96 -57.77
C GLU A 2239 -28.62 -5.17 -56.27
N ALA A 2240 -27.39 -5.21 -55.78
CA ALA A 2240 -27.14 -5.56 -54.38
C ALA A 2240 -26.45 -4.42 -53.65
N THR A 2241 -26.95 -3.21 -53.80
CA THR A 2241 -26.33 -2.03 -53.19
C THR A 2241 -27.12 -1.44 -52.04
N LYS A 2242 -28.31 -1.94 -51.71
CA LYS A 2242 -29.09 -1.44 -50.60
C LYS A 2242 -29.50 -2.59 -49.69
N PRO A 2243 -29.49 -2.37 -48.37
CA PRO A 2243 -30.06 -3.37 -47.46
C PRO A 2243 -31.55 -3.53 -47.71
N ARG A 2244 -32.04 -4.75 -47.56
CA ARG A 2244 -33.46 -5.04 -47.77
C ARG A 2244 -34.20 -5.00 -46.45
N ALA A 2245 -35.48 -5.39 -46.48
CA ALA A 2245 -36.32 -5.31 -45.30
C ALA A 2245 -35.93 -6.39 -44.29
N ARG A 2246 -36.21 -6.10 -43.03
CA ARG A 2246 -35.95 -7.01 -41.93
C ARG A 2246 -37.24 -7.67 -41.47
N CYS A 2247 -37.09 -8.85 -40.86
CA CYS A 2247 -38.22 -9.72 -40.59
C CYS A 2247 -39.09 -9.18 -39.46
N TRP A 2248 -40.33 -9.66 -39.42
CA TRP A 2248 -41.24 -9.30 -38.34
C TRP A 2248 -40.75 -9.87 -37.02
N GLN A 2249 -40.79 -9.06 -35.98
CA GLN A 2249 -40.39 -9.45 -34.65
C GLN A 2249 -41.42 -8.94 -33.66
N PRO A 2250 -41.61 -9.64 -32.54
CA PRO A 2250 -42.56 -9.17 -31.54
C PRO A 2250 -42.19 -7.79 -31.02
N GLY A 2251 -43.20 -6.91 -30.95
CA GLY A 2251 -42.99 -5.58 -30.45
C GLY A 2251 -42.73 -4.50 -31.48
N ILE A 2252 -42.85 -4.81 -32.77
CA ILE A 2252 -42.72 -3.78 -33.79
C ILE A 2252 -43.76 -2.69 -33.57
N ARG A 2253 -43.34 -1.45 -33.77
CA ARG A 2253 -44.19 -0.28 -33.49
C ARG A 2253 -45.43 -0.28 -34.37
N THR A 2254 -46.53 0.23 -33.81
CA THR A 2254 -47.81 0.18 -34.51
C THR A 2254 -47.81 0.98 -35.82
N PRO A 2255 -47.21 2.18 -35.93
CA PRO A 2255 -46.95 2.71 -37.27
C PRO A 2255 -45.82 1.92 -37.89
N THR A 2256 -46.13 1.06 -38.86
CA THR A 2256 -45.17 0.08 -39.32
C THR A 2256 -43.97 0.78 -39.97
N PRO A 2257 -42.75 0.54 -39.50
CA PRO A 2257 -41.57 1.12 -40.14
C PRO A 2257 -41.42 0.63 -41.56
N PRO A 2258 -40.78 1.43 -42.44
CA PRO A 2258 -40.63 1.02 -43.84
C PRO A 2258 -39.81 -0.25 -44.06
N GLY A 2259 -38.97 -0.64 -43.10
CA GLY A 2259 -38.09 -1.77 -43.33
C GLY A 2259 -38.54 -3.09 -42.73
N VAL A 2260 -39.82 -3.19 -42.33
CA VAL A 2260 -40.38 -4.41 -41.79
C VAL A 2260 -41.23 -5.08 -42.87
N SER A 2261 -40.98 -6.36 -43.11
CA SER A 2261 -41.71 -7.10 -44.12
C SER A 2261 -41.55 -8.59 -43.87
N GLU A 2262 -42.49 -9.36 -44.42
CA GLU A 2262 -42.32 -10.81 -44.51
C GLU A 2262 -41.30 -11.18 -45.56
N ASP A 2263 -41.05 -10.29 -46.52
CA ASP A 2263 -40.06 -10.47 -47.56
C ASP A 2263 -38.70 -10.07 -46.99
N CYS A 2264 -38.06 -11.01 -46.29
CA CYS A 2264 -36.88 -10.66 -45.52
C CYS A 2264 -35.75 -11.69 -45.60
N LEU A 2265 -35.79 -12.62 -46.55
CA LEU A 2265 -34.79 -13.68 -46.62
C LEU A 2265 -33.63 -13.22 -47.52
N TYR A 2266 -32.78 -12.38 -46.96
CA TYR A 2266 -31.65 -11.81 -47.68
C TYR A 2266 -30.39 -11.91 -46.83
N LEU A 2267 -29.25 -11.91 -47.51
CA LEU A 2267 -27.95 -11.92 -46.86
C LEU A 2267 -27.07 -10.82 -47.44
N ASN A 2268 -26.10 -10.38 -46.64
CA ASN A 2268 -25.16 -9.33 -47.00
C ASN A 2268 -23.75 -9.90 -46.97
N VAL A 2269 -22.96 -9.60 -47.99
CA VAL A 2269 -21.60 -10.09 -48.12
C VAL A 2269 -20.63 -8.92 -48.06
N PHE A 2270 -19.61 -9.05 -47.22
CA PHE A 2270 -18.59 -8.02 -47.05
C PHE A 2270 -17.23 -8.63 -47.40
N VAL A 2271 -16.64 -8.17 -48.49
CA VAL A 2271 -15.42 -8.77 -49.02
C VAL A 2271 -14.32 -7.72 -49.07
N PRO A 2272 -13.30 -7.82 -48.23
CA PRO A 2272 -12.17 -6.90 -48.35
C PRO A 2272 -11.40 -7.15 -49.64
N GLN A 2273 -10.84 -6.08 -50.19
CA GLN A 2273 -10.14 -6.17 -51.46
C GLN A 2273 -8.73 -6.73 -51.27
N ASN A 2274 -8.29 -7.49 -52.26
CA ASN A 2274 -6.91 -8.00 -52.35
C ASN A 2274 -6.57 -8.92 -51.19
N MET A 2275 -7.43 -9.89 -50.91
CA MET A 2275 -7.12 -10.93 -49.97
C MET A 2275 -6.37 -12.06 -50.66
N PRO A 2276 -5.63 -12.88 -49.90
CA PRO A 2276 -5.08 -14.10 -50.46
C PRO A 2276 -6.18 -15.10 -50.75
N PRO A 2277 -5.95 -16.08 -51.62
CA PRO A 2277 -7.02 -16.98 -52.04
C PRO A 2277 -7.54 -17.84 -50.91
N ASN A 2278 -8.80 -18.25 -51.05
CA ASN A 2278 -9.46 -19.17 -50.13
C ASN A 2278 -9.54 -18.62 -48.71
N ALA A 2279 -10.21 -17.47 -48.60
CA ALA A 2279 -10.39 -16.83 -47.31
C ALA A 2279 -11.40 -17.59 -46.45
N SER A 2280 -11.26 -17.46 -45.14
CA SER A 2280 -12.23 -18.03 -44.22
C SER A 2280 -13.48 -17.14 -44.18
N VAL A 2281 -14.60 -17.74 -43.78
CA VAL A 2281 -15.91 -17.11 -43.91
C VAL A 2281 -16.62 -17.17 -42.58
N LEU A 2282 -17.20 -16.04 -42.17
CA LEU A 2282 -18.11 -15.98 -41.03
C LEU A 2282 -19.53 -15.76 -41.53
N VAL A 2283 -20.45 -16.60 -41.06
CA VAL A 2283 -21.87 -16.46 -41.37
C VAL A 2283 -22.59 -16.14 -40.06
N PHE A 2284 -23.01 -14.89 -39.91
CA PHE A 2284 -23.62 -14.41 -38.68
C PHE A 2284 -25.11 -14.20 -38.93
N PHE A 2285 -25.94 -14.92 -38.17
CA PHE A 2285 -27.38 -14.83 -38.32
C PHE A 2285 -27.92 -13.80 -37.33
N HIS A 2286 -28.67 -12.84 -37.84
CA HIS A 2286 -29.09 -11.71 -37.02
C HIS A 2286 -30.26 -11.01 -37.68
N ASN A 2287 -31.33 -10.84 -36.92
CA ASN A 2287 -32.44 -9.95 -37.28
C ASN A 2287 -32.32 -8.70 -36.41
N ALA A 2288 -32.21 -7.55 -37.05
CA ALA A 2288 -32.04 -6.30 -36.32
C ALA A 2288 -33.38 -5.83 -35.76
N ALA A 2289 -33.37 -5.38 -34.51
CA ALA A 2289 -34.52 -4.68 -33.93
C ALA A 2289 -34.28 -3.17 -34.09
N GLU A 2290 -34.38 -2.73 -35.34
CA GLU A 2290 -33.86 -1.43 -35.75
C GLU A 2290 -34.82 -0.32 -35.32
N GLY A 2291 -34.57 0.87 -35.84
CA GLY A 2291 -35.21 2.09 -35.38
C GLY A 2291 -34.18 3.18 -35.38
N LYS A 2292 -32.93 2.76 -35.56
CA LYS A 2292 -31.76 3.63 -35.70
C LYS A 2292 -31.04 3.44 -37.03
N GLY A 2293 -30.90 2.20 -37.49
CA GLY A 2293 -30.25 1.94 -38.77
C GLY A 2293 -31.05 2.53 -39.92
N SER A 2294 -30.36 3.19 -40.83
CA SER A 2294 -31.01 3.88 -41.95
C SER A 2294 -31.30 2.89 -43.08
N GLY A 2295 -31.86 3.40 -44.17
CA GLY A 2295 -32.16 2.63 -45.35
C GLY A 2295 -31.00 2.43 -46.29
N ASP A 2296 -29.84 3.01 -46.00
CA ASP A 2296 -28.64 2.79 -46.79
C ASP A 2296 -27.54 2.06 -46.04
N ARG A 2297 -27.65 1.91 -44.73
CA ARG A 2297 -26.62 1.28 -43.92
C ARG A 2297 -27.19 0.06 -43.21
N PRO A 2298 -26.56 -1.10 -43.32
CA PRO A 2298 -26.99 -2.26 -42.53
C PRO A 2298 -26.75 -2.04 -41.04
N ALA A 2299 -27.61 -2.64 -40.21
CA ALA A 2299 -27.52 -2.44 -38.77
C ALA A 2299 -26.24 -3.03 -38.21
N VAL A 2300 -25.83 -4.19 -38.69
CA VAL A 2300 -24.54 -4.77 -38.36
C VAL A 2300 -23.69 -4.72 -39.61
N ASP A 2301 -22.68 -3.86 -39.60
CA ASP A 2301 -21.75 -3.74 -40.71
C ASP A 2301 -20.59 -4.69 -40.50
N GLY A 2302 -20.46 -5.69 -41.38
CA GLY A 2302 -19.37 -6.63 -41.29
C GLY A 2302 -18.05 -6.18 -41.84
N SER A 2303 -18.01 -4.95 -42.36
CA SER A 2303 -16.81 -4.46 -43.04
C SER A 2303 -15.61 -4.38 -42.09
N PHE A 2304 -15.84 -3.92 -40.85
CA PHE A 2304 -14.71 -3.69 -39.96
C PHE A 2304 -14.10 -5.00 -39.48
N LEU A 2305 -14.92 -5.99 -39.14
CA LEU A 2305 -14.39 -7.29 -38.80
C LEU A 2305 -13.74 -7.96 -40.01
N ALA A 2306 -14.35 -7.79 -41.19
CA ALA A 2306 -13.78 -8.36 -42.40
C ALA A 2306 -12.42 -7.73 -42.71
N ALA A 2307 -12.30 -6.42 -42.56
CA ALA A 2307 -11.05 -5.74 -42.87
C ALA A 2307 -9.97 -6.05 -41.85
N VAL A 2308 -10.30 -6.00 -40.56
CA VAL A 2308 -9.33 -6.29 -39.53
C VAL A 2308 -8.94 -7.76 -39.56
N GLY A 2309 -9.91 -8.64 -39.74
CA GLY A 2309 -9.65 -10.06 -39.75
C GLY A 2309 -9.17 -10.64 -41.05
N ASN A 2310 -9.24 -9.88 -42.14
CA ASN A 2310 -8.82 -10.34 -43.47
C ASN A 2310 -9.62 -11.57 -43.89
N LEU A 2311 -10.94 -11.44 -43.86
CA LEU A 2311 -11.85 -12.55 -44.07
C LEU A 2311 -13.17 -12.02 -44.62
N ILE A 2312 -14.04 -12.93 -45.01
CA ILE A 2312 -15.34 -12.58 -45.56
C ILE A 2312 -16.40 -12.74 -44.49
N VAL A 2313 -17.25 -11.72 -44.35
CA VAL A 2313 -18.35 -11.73 -43.39
C VAL A 2313 -19.66 -11.81 -44.17
N VAL A 2314 -20.52 -12.74 -43.79
CA VAL A 2314 -21.87 -12.85 -44.32
C VAL A 2314 -22.85 -12.68 -43.16
N THR A 2315 -23.73 -11.70 -43.25
CA THR A 2315 -24.82 -11.53 -42.31
C THR A 2315 -26.12 -11.89 -43.01
N ALA A 2316 -26.94 -12.72 -42.37
CA ALA A 2316 -28.19 -13.19 -42.96
C ALA A 2316 -29.33 -13.01 -41.98
N SER A 2317 -30.50 -12.68 -42.51
CA SER A 2317 -31.73 -12.63 -41.74
C SER A 2317 -32.53 -13.91 -41.96
N TYR A 2318 -33.48 -14.15 -41.06
CA TYR A 2318 -34.23 -15.40 -41.06
C TYR A 2318 -35.54 -15.17 -40.33
N ARG A 2319 -36.51 -16.03 -40.62
CA ARG A 2319 -37.81 -15.92 -39.95
C ARG A 2319 -37.71 -16.36 -38.50
N THR A 2320 -38.31 -15.56 -37.62
CA THR A 2320 -38.34 -15.82 -36.19
C THR A 2320 -39.80 -15.79 -35.74
N GLY A 2321 -40.02 -15.90 -34.44
CA GLY A 2321 -41.38 -15.82 -33.91
C GLY A 2321 -42.31 -16.84 -34.51
N ILE A 2322 -43.59 -16.45 -34.68
CA ILE A 2322 -44.57 -17.35 -35.28
C ILE A 2322 -44.22 -17.63 -36.74
N PHE A 2323 -43.81 -16.60 -37.48
CA PHE A 2323 -43.54 -16.76 -38.90
C PHE A 2323 -42.47 -17.80 -39.16
N GLY A 2324 -41.54 -17.95 -38.23
CA GLY A 2324 -40.48 -18.92 -38.38
C GLY A 2324 -40.68 -20.22 -37.62
N PHE A 2325 -41.58 -20.26 -36.64
CA PHE A 2325 -41.67 -21.47 -35.84
C PHE A 2325 -43.08 -21.91 -35.47
N LEU A 2326 -44.14 -21.45 -36.12
CA LEU A 2326 -45.47 -21.93 -35.79
C LEU A 2326 -45.59 -23.42 -36.08
N SER A 2327 -46.08 -24.16 -35.10
CA SER A 2327 -46.15 -25.61 -35.19
C SER A 2327 -47.41 -26.10 -34.49
N SER A 2328 -47.99 -27.16 -35.05
CA SER A 2328 -49.09 -27.87 -34.39
C SER A 2328 -48.59 -29.07 -33.59
N GLY A 2329 -47.29 -29.31 -33.58
CA GLY A 2329 -46.75 -30.49 -32.95
C GLY A 2329 -46.93 -31.76 -33.74
N SER A 2330 -47.15 -31.65 -35.04
CA SER A 2330 -47.43 -32.83 -35.86
C SER A 2330 -47.04 -32.56 -37.31
N SER A 2331 -47.06 -33.62 -38.11
CA SER A 2331 -46.65 -33.55 -39.49
C SER A 2331 -47.52 -32.62 -40.32
N GLU A 2332 -48.69 -32.26 -39.83
CA GLU A 2332 -49.54 -31.30 -40.54
C GLU A 2332 -48.89 -29.92 -40.59
N LEU A 2333 -48.45 -29.41 -39.43
CA LEU A 2333 -47.66 -28.18 -39.35
C LEU A 2333 -46.45 -28.47 -38.46
N SER A 2334 -45.46 -29.14 -39.03
CA SER A 2334 -44.22 -29.48 -38.33
C SER A 2334 -43.56 -28.26 -37.68
N GLY A 2335 -43.34 -27.21 -38.43
CA GLY A 2335 -42.62 -26.07 -37.90
C GLY A 2335 -41.18 -26.04 -38.34
N ASN A 2336 -40.38 -25.32 -37.54
CA ASN A 2336 -38.94 -25.14 -37.79
C ASN A 2336 -38.65 -24.41 -39.09
N TRP A 2337 -39.56 -23.51 -39.49
CA TRP A 2337 -39.41 -22.82 -40.76
C TRP A 2337 -38.17 -21.93 -40.77
N GLY A 2338 -37.90 -21.27 -39.65
CA GLY A 2338 -36.74 -20.41 -39.56
C GLY A 2338 -35.43 -21.16 -39.47
N LEU A 2339 -35.45 -22.38 -38.92
CA LEU A 2339 -34.27 -23.23 -38.96
C LEU A 2339 -33.93 -23.63 -40.39
N LEU A 2340 -34.95 -23.92 -41.20
CA LEU A 2340 -34.70 -24.31 -42.59
C LEU A 2340 -34.23 -23.13 -43.41
N ASP A 2341 -34.58 -21.90 -43.02
CA ASP A 2341 -34.00 -20.71 -43.65
C ASP A 2341 -32.50 -20.68 -43.43
N GLN A 2342 -32.04 -20.97 -42.21
CA GLN A 2342 -30.62 -20.92 -41.93
C GLN A 2342 -29.86 -22.02 -42.66
N VAL A 2343 -30.49 -23.19 -42.87
CA VAL A 2343 -29.86 -24.24 -43.66
C VAL A 2343 -29.73 -23.80 -45.11
N VAL A 2344 -30.78 -23.19 -45.66
CA VAL A 2344 -30.75 -22.73 -47.05
C VAL A 2344 -29.70 -21.64 -47.23
N ALA A 2345 -29.63 -20.70 -46.29
CA ALA A 2345 -28.61 -19.66 -46.36
C ALA A 2345 -27.20 -20.22 -46.23
N LEU A 2346 -27.01 -21.24 -45.40
CA LEU A 2346 -25.70 -21.88 -45.30
C LEU A 2346 -25.36 -22.67 -46.56
N THR A 2347 -26.36 -23.28 -47.20
CA THR A 2347 -26.13 -23.97 -48.46
C THR A 2347 -25.74 -23.00 -49.56
N TRP A 2348 -26.34 -21.80 -49.56
CA TRP A 2348 -25.97 -20.78 -50.53
C TRP A 2348 -24.49 -20.43 -50.42
N VAL A 2349 -23.98 -20.29 -49.20
CA VAL A 2349 -22.57 -19.99 -49.00
C VAL A 2349 -21.70 -21.13 -49.51
N GLN A 2350 -22.12 -22.38 -49.26
CA GLN A 2350 -21.38 -23.52 -49.78
C GLN A 2350 -21.32 -23.51 -51.30
N THR A 2351 -22.39 -23.18 -51.99
CA THR A 2351 -22.50 -23.13 -53.46
C THR A 2351 -21.70 -21.99 -54.10
N HIS A 2352 -21.67 -20.79 -53.51
CA HIS A 2352 -21.46 -19.51 -54.22
C HIS A 2352 -20.26 -18.73 -53.68
N ILE A 2353 -19.70 -19.06 -52.52
CA ILE A 2353 -18.69 -18.23 -51.82
C ILE A 2353 -17.35 -18.19 -52.56
N GLN A 2354 -16.95 -19.26 -53.23
CA GLN A 2354 -15.75 -19.31 -54.08
C GLN A 2354 -15.64 -18.12 -55.04
N ALA A 2355 -16.75 -17.66 -55.60
CA ALA A 2355 -16.87 -16.54 -56.56
C ALA A 2355 -16.51 -15.18 -55.96
N PHE A 2356 -16.54 -15.09 -54.65
CA PHE A 2356 -16.22 -13.92 -53.83
C PHE A 2356 -14.84 -14.17 -53.25
N GLY A 2357 -14.41 -15.42 -53.24
CA GLY A 2357 -13.06 -15.69 -52.80
C GLY A 2357 -12.93 -16.44 -51.51
N GLY A 2358 -14.00 -17.04 -51.02
CA GLY A 2358 -13.97 -17.75 -49.75
C GLY A 2358 -13.85 -19.25 -49.94
N ASP A 2359 -13.25 -19.90 -48.98
CA ASP A 2359 -13.20 -21.38 -48.98
C ASP A 2359 -14.49 -21.92 -48.34
N PRO A 2360 -15.25 -22.79 -49.03
CA PRO A 2360 -16.45 -23.42 -48.45
C PRO A 2360 -16.12 -24.32 -47.24
N ARG A 2361 -14.89 -24.75 -47.06
CA ARG A 2361 -14.41 -25.60 -45.96
C ARG A 2361 -13.93 -24.82 -44.74
N ARG A 2362 -14.02 -23.50 -44.72
CA ARG A 2362 -13.53 -22.62 -43.66
C ARG A 2362 -14.64 -21.68 -43.20
N VAL A 2363 -15.82 -22.24 -42.93
CA VAL A 2363 -17.00 -21.46 -42.57
C VAL A 2363 -17.24 -21.56 -41.07
N THR A 2364 -17.50 -20.42 -40.44
CA THR A 2364 -17.87 -20.36 -39.03
C THR A 2364 -19.32 -19.87 -38.92
N LEU A 2365 -20.11 -20.57 -38.10
CA LEU A 2365 -21.49 -20.21 -37.85
C LEU A 2365 -21.59 -19.38 -36.58
N ALA A 2366 -22.34 -18.28 -36.63
CA ALA A 2366 -22.46 -17.39 -35.48
C ALA A 2366 -23.87 -16.85 -35.36
N ALA A 2367 -24.27 -16.57 -34.11
CA ALA A 2367 -25.54 -15.94 -33.80
C ALA A 2367 -25.46 -15.38 -32.39
N ASP A 2368 -26.45 -14.57 -31.99
CA ASP A 2368 -26.37 -13.92 -30.66
C ASP A 2368 -27.74 -13.96 -29.99
N ARG A 2369 -27.77 -14.00 -28.64
CA ARG A 2369 -29.05 -13.97 -27.89
C ARG A 2369 -29.93 -15.13 -28.36
N GLY A 2370 -31.16 -14.84 -28.79
CA GLY A 2370 -32.08 -15.87 -29.27
C GLY A 2370 -31.50 -16.76 -30.37
N GLY A 2371 -30.87 -16.17 -31.40
CA GLY A 2371 -30.39 -16.96 -32.49
C GLY A 2371 -29.33 -17.94 -32.06
N ALA A 2372 -28.55 -17.59 -31.03
CA ALA A 2372 -27.55 -18.52 -30.53
C ALA A 2372 -28.19 -19.80 -30.02
N ASP A 2373 -29.34 -19.69 -29.34
CA ASP A 2373 -30.11 -20.87 -29.00
C ASP A 2373 -30.65 -21.55 -30.26
N ILE A 2374 -31.13 -20.76 -31.22
CA ILE A 2374 -31.67 -21.33 -32.46
C ILE A 2374 -30.54 -21.91 -33.31
N ALA A 2375 -29.46 -21.17 -33.47
CA ALA A 2375 -28.37 -21.63 -34.34
C ALA A 2375 -27.60 -22.79 -33.73
N SER A 2376 -27.71 -23.01 -32.42
CA SER A 2376 -27.05 -24.16 -31.80
C SER A 2376 -27.74 -25.47 -32.13
N ILE A 2377 -28.95 -25.43 -32.69
CA ILE A 2377 -29.62 -26.65 -33.11
C ILE A 2377 -28.88 -27.29 -34.28
N HIS A 2378 -28.24 -26.48 -35.13
CA HIS A 2378 -27.45 -27.02 -36.23
C HIS A 2378 -26.32 -27.92 -35.74
N LEU A 2379 -25.89 -27.76 -34.50
CA LEU A 2379 -24.82 -28.58 -33.94
C LEU A 2379 -25.29 -29.97 -33.52
N VAL A 2380 -26.60 -30.22 -33.47
CA VAL A 2380 -27.11 -31.51 -33.03
C VAL A 2380 -27.99 -32.17 -34.09
N THR A 2381 -27.97 -31.65 -35.31
CA THR A 2381 -28.72 -32.25 -36.41
C THR A 2381 -27.76 -33.02 -37.30
N THR A 2382 -28.12 -34.26 -37.64
CA THR A 2382 -27.23 -35.11 -38.41
C THR A 2382 -27.08 -34.61 -39.86
N ARG A 2383 -28.08 -33.90 -40.37
CA ARG A 2383 -28.00 -33.37 -41.72
C ARG A 2383 -26.96 -32.27 -41.83
N ALA A 2384 -26.87 -31.39 -40.82
CA ALA A 2384 -25.92 -30.29 -40.87
C ALA A 2384 -24.49 -30.79 -40.84
N ALA A 2385 -24.24 -31.92 -40.17
CA ALA A 2385 -22.91 -32.50 -40.16
C ALA A 2385 -22.62 -33.28 -41.43
N ASN A 2386 -23.64 -33.96 -41.98
CA ASN A 2386 -23.46 -34.68 -43.23
C ASN A 2386 -23.28 -33.72 -44.39
N SER A 2387 -23.86 -32.55 -44.30
CA SER A 2387 -23.62 -31.55 -45.38
C SER A 2387 -22.32 -30.80 -45.16
N ARG A 2388 -21.72 -30.87 -43.98
CA ARG A 2388 -20.57 -30.01 -43.62
C ARG A 2388 -20.91 -28.56 -43.97
N LEU A 2389 -22.00 -28.06 -43.41
CA LEU A 2389 -22.33 -26.64 -43.59
C LEU A 2389 -21.37 -25.67 -42.88
N PHE A 2390 -20.65 -26.09 -41.87
CA PHE A 2390 -19.76 -25.20 -41.15
C PHE A 2390 -18.71 -26.03 -40.43
N ARG A 2391 -17.61 -25.38 -40.10
CA ARG A 2391 -16.48 -26.00 -39.42
C ARG A 2391 -16.37 -25.56 -37.96
N ARG A 2392 -16.83 -24.34 -37.64
CA ARG A 2392 -16.71 -23.77 -36.31
C ARG A 2392 -18.00 -23.06 -35.96
N ALA A 2393 -18.15 -22.73 -34.68
CA ALA A 2393 -19.34 -22.03 -34.20
C ALA A 2393 -18.94 -20.98 -33.18
N VAL A 2394 -19.55 -19.81 -33.28
CA VAL A 2394 -19.45 -18.76 -32.27
C VAL A 2394 -20.86 -18.52 -31.74
N LEU A 2395 -21.09 -18.89 -30.48
CA LEU A 2395 -22.40 -18.73 -29.85
C LEU A 2395 -22.29 -17.64 -28.80
N MET A 2396 -22.98 -16.53 -29.02
CA MET A 2396 -22.86 -15.33 -28.20
C MET A 2396 -24.13 -15.18 -27.37
N GLY A 2397 -24.14 -15.81 -26.20
CA GLY A 2397 -25.26 -15.68 -25.29
C GLY A 2397 -26.33 -16.73 -25.41
N GLY A 2398 -26.03 -17.89 -25.98
CA GLY A 2398 -27.04 -18.92 -26.12
C GLY A 2398 -26.39 -20.28 -26.23
N SER A 2399 -27.20 -21.31 -26.04
CA SER A 2399 -26.71 -22.68 -25.95
C SER A 2399 -27.79 -23.64 -26.40
N ALA A 2400 -27.37 -24.85 -26.77
CA ALA A 2400 -28.30 -25.92 -27.07
C ALA A 2400 -28.83 -26.61 -25.81
N LEU A 2401 -28.20 -26.38 -24.66
CA LEU A 2401 -28.64 -26.93 -23.39
C LEU A 2401 -29.56 -26.00 -22.63
N SER A 2402 -30.08 -24.97 -23.28
CA SER A 2402 -31.01 -24.06 -22.64
C SER A 2402 -32.30 -24.81 -22.30
N PRO A 2403 -32.95 -24.48 -21.19
CA PRO A 2403 -34.26 -25.09 -20.89
C PRO A 2403 -35.34 -24.72 -21.89
N ALA A 2404 -35.15 -23.64 -22.66
CA ALA A 2404 -36.12 -23.21 -23.65
C ALA A 2404 -35.64 -23.47 -25.08
N ALA A 2405 -34.72 -24.41 -25.26
CA ALA A 2405 -34.16 -24.65 -26.59
C ALA A 2405 -35.20 -25.23 -27.54
N VAL A 2406 -36.01 -26.17 -27.06
CA VAL A 2406 -36.99 -26.86 -27.90
C VAL A 2406 -38.35 -26.77 -27.23
N ILE A 2407 -39.43 -26.64 -28.00
CA ILE A 2407 -40.82 -26.63 -27.46
C ILE A 2407 -41.37 -28.04 -27.53
N ARG A 2408 -42.03 -28.50 -26.47
CA ARG A 2408 -42.63 -29.86 -26.44
C ARG A 2408 -43.80 -29.87 -27.39
N PRO A 2409 -44.12 -30.99 -28.06
CA PRO A 2409 -45.18 -30.95 -29.06
C PRO A 2409 -46.56 -30.50 -28.57
N GLU A 2410 -47.02 -30.92 -27.40
CA GLU A 2410 -48.35 -30.55 -26.84
C GLU A 2410 -48.42 -29.06 -26.52
N ARG A 2411 -47.35 -28.43 -26.02
CA ARG A 2411 -47.32 -26.96 -25.77
C ARG A 2411 -47.46 -26.20 -27.07
N ALA A 2412 -46.86 -26.68 -28.15
CA ALA A 2412 -47.00 -26.08 -29.48
C ALA A 2412 -48.44 -26.15 -29.98
N ARG A 2413 -49.12 -27.25 -29.80
CA ARG A 2413 -50.56 -27.39 -30.18
C ARG A 2413 -51.40 -26.42 -29.35
N GLN A 2414 -51.11 -26.26 -28.07
CA GLN A 2414 -51.85 -25.30 -27.22
C GLN A 2414 -51.58 -23.88 -27.64
N GLN A 2415 -50.33 -23.53 -27.89
CA GLN A 2415 -49.91 -22.18 -28.29
C GLN A 2415 -50.46 -21.82 -29.67
N ALA A 2416 -50.55 -22.75 -30.60
CA ALA A 2416 -51.12 -22.50 -31.95
C ALA A 2416 -52.58 -22.16 -31.82
N ALA A 2417 -53.30 -22.89 -31.00
CA ALA A 2417 -54.73 -22.64 -30.73
C ALA A 2417 -54.96 -21.29 -30.08
N ALA A 2418 -54.10 -20.88 -29.16
CA ALA A 2418 -54.24 -19.58 -28.48
C ALA A 2418 -54.09 -18.43 -29.47
N LEU A 2419 -53.15 -18.51 -30.41
CA LEU A 2419 -53.01 -17.50 -31.50
C LEU A 2419 -54.22 -17.56 -32.42
N ALA A 2420 -54.67 -18.73 -32.86
CA ALA A 2420 -55.92 -18.83 -33.64
C ALA A 2420 -57.05 -18.15 -32.84
N LYS A 2421 -57.14 -18.41 -31.55
CA LYS A 2421 -58.24 -17.79 -30.81
C LYS A 2421 -58.09 -16.28 -30.72
N GLU A 2422 -56.86 -15.78 -30.70
CA GLU A 2422 -56.63 -14.35 -30.52
C GLU A 2422 -56.96 -13.56 -31.78
N VAL A 2423 -56.77 -14.14 -32.96
CA VAL A 2423 -57.01 -13.43 -34.21
C VAL A 2423 -58.38 -13.73 -34.80
N GLY A 2424 -59.14 -14.65 -34.21
CA GLY A 2424 -60.45 -15.00 -34.71
C GLY A 2424 -60.49 -16.22 -35.59
N CYS A 2425 -59.39 -16.96 -35.71
CA CYS A 2425 -59.37 -18.16 -36.52
C CYS A 2425 -59.90 -19.35 -35.73
N PRO A 2426 -60.38 -20.38 -36.43
CA PRO A 2426 -60.79 -21.62 -35.76
C PRO A 2426 -59.62 -22.53 -35.46
N SER A 2427 -59.76 -23.28 -34.37
CA SER A 2427 -58.75 -24.22 -33.90
C SER A 2427 -59.17 -25.68 -34.07
N SER A 2428 -60.30 -25.93 -34.73
CA SER A 2428 -60.86 -27.27 -34.75
C SER A 2428 -59.98 -28.24 -35.52
N SER A 2429 -59.46 -27.82 -36.67
CA SER A 2429 -58.59 -28.65 -37.48
C SER A 2429 -57.31 -27.87 -37.78
N VAL A 2430 -56.18 -28.57 -37.90
CA VAL A 2430 -54.94 -27.90 -38.24
C VAL A 2430 -55.01 -27.31 -39.64
N GLN A 2431 -55.57 -28.04 -40.59
CA GLN A 2431 -55.60 -27.57 -42.00
C GLN A 2431 -56.53 -26.37 -42.12
N GLU A 2432 -57.59 -26.33 -41.35
CA GLU A 2432 -58.53 -25.20 -41.33
C GLU A 2432 -57.89 -23.97 -40.69
N MET A 2433 -57.22 -24.13 -39.55
CA MET A 2433 -56.54 -23.03 -38.82
C MET A 2433 -55.39 -22.45 -39.64
N VAL A 2434 -54.60 -23.27 -40.32
CA VAL A 2434 -53.51 -22.75 -41.13
C VAL A 2434 -54.05 -21.89 -42.28
N SER A 2435 -55.15 -22.33 -42.90
CA SER A 2435 -55.72 -21.57 -44.00
C SER A 2435 -56.16 -20.18 -43.54
N CYS A 2436 -56.80 -20.10 -42.38
CA CYS A 2436 -57.27 -18.81 -41.91
C CYS A 2436 -56.12 -17.93 -41.43
N LEU A 2437 -55.07 -18.53 -40.85
CA LEU A 2437 -53.91 -17.73 -40.47
C LEU A 2437 -53.11 -17.27 -41.68
N ARG A 2438 -53.25 -17.96 -42.80
CA ARG A 2438 -52.52 -17.58 -44.01
C ARG A 2438 -53.18 -16.43 -44.77
N GLN A 2439 -54.40 -16.04 -44.40
CA GLN A 2439 -55.05 -14.88 -45.00
C GLN A 2439 -54.95 -13.63 -44.14
N GLU A 2440 -54.38 -13.74 -42.94
CA GLU A 2440 -54.32 -12.62 -42.03
C GLU A 2440 -53.23 -11.63 -42.48
N PRO A 2441 -53.39 -10.35 -42.17
CA PRO A 2441 -52.29 -9.41 -42.35
C PRO A 2441 -51.18 -9.71 -41.36
N ALA A 2442 -49.94 -9.42 -41.78
CA ALA A 2442 -48.80 -9.66 -40.90
C ALA A 2442 -48.83 -8.76 -39.68
N ARG A 2443 -49.33 -7.52 -39.83
CA ARG A 2443 -49.46 -6.63 -38.69
C ARG A 2443 -50.40 -7.22 -37.64
N ILE A 2444 -51.50 -7.84 -38.08
CA ILE A 2444 -52.46 -8.43 -37.16
C ILE A 2444 -51.84 -9.63 -36.44
N LEU A 2445 -51.15 -10.49 -37.18
CA LEU A 2445 -50.53 -11.67 -36.58
C LEU A 2445 -49.42 -11.28 -35.61
N ASN A 2446 -48.69 -10.20 -35.89
CA ASN A 2446 -47.60 -9.80 -35.02
C ASN A 2446 -48.11 -9.15 -33.73
N ASP A 2447 -49.24 -8.44 -33.80
CA ASP A 2447 -49.83 -7.89 -32.59
C ASP A 2447 -50.34 -9.00 -31.68
N ALA A 2448 -50.89 -10.07 -32.26
CA ALA A 2448 -51.38 -11.18 -31.46
C ALA A 2448 -50.25 -11.91 -30.76
N GLN A 2449 -49.16 -12.19 -31.48
CA GLN A 2449 -48.06 -12.92 -30.89
C GLN A 2449 -47.36 -12.10 -29.82
N THR A 2450 -47.29 -10.78 -30.01
CA THR A 2450 -46.69 -9.93 -28.97
C THR A 2450 -47.53 -9.94 -27.70
N LYS A 2451 -48.85 -9.94 -27.84
CA LYS A 2451 -49.71 -10.00 -26.67
C LYS A 2451 -49.53 -11.31 -25.90
N LEU A 2452 -49.45 -12.42 -26.61
CA LEU A 2452 -49.31 -13.73 -25.99
C LEU A 2452 -47.90 -14.03 -25.51
N LEU A 2453 -46.91 -13.24 -25.91
CA LEU A 2453 -45.53 -13.50 -25.54
C LEU A 2453 -45.14 -12.89 -24.20
N ALA A 2454 -45.94 -11.97 -23.66
CA ALA A 2454 -45.58 -11.29 -22.43
C ALA A 2454 -45.40 -12.29 -21.29
N VAL A 2455 -44.30 -12.15 -20.55
CA VAL A 2455 -44.00 -13.07 -19.45
C VAL A 2455 -45.00 -12.90 -18.32
N SER A 2456 -45.47 -11.69 -18.07
CA SER A 2456 -46.54 -11.47 -17.10
C SER A 2456 -47.88 -12.01 -17.59
N GLY A 2457 -47.97 -12.42 -18.85
CA GLY A 2457 -49.14 -13.08 -19.36
C GLY A 2457 -48.90 -14.56 -19.55
N PRO A 2458 -49.37 -15.15 -20.68
CA PRO A 2458 -49.18 -16.58 -20.92
C PRO A 2458 -47.74 -17.09 -21.16
N PHE A 2459 -46.74 -16.25 -21.46
CA PHE A 2459 -45.37 -16.68 -21.81
C PHE A 2459 -45.39 -17.73 -22.92
N HIS A 2460 -46.01 -17.38 -24.03
CA HIS A 2460 -46.05 -18.29 -25.19
C HIS A 2460 -44.91 -17.96 -26.15
N TYR A 2461 -43.73 -18.49 -25.91
CA TYR A 2461 -42.61 -18.26 -26.80
C TYR A 2461 -42.50 -19.42 -27.78
N TRP A 2462 -42.18 -19.08 -29.02
CA TRP A 2462 -42.07 -20.04 -30.11
C TRP A 2462 -40.62 -20.32 -30.41
N GLY A 2463 -40.31 -21.58 -30.70
CA GLY A 2463 -38.96 -21.99 -30.99
C GLY A 2463 -38.95 -23.28 -31.76
N PRO A 2464 -37.77 -23.89 -31.89
CA PRO A 2464 -37.68 -25.18 -32.58
C PRO A 2464 -38.46 -26.25 -31.85
N VAL A 2465 -38.97 -27.21 -32.63
CA VAL A 2465 -39.63 -28.39 -32.10
C VAL A 2465 -38.99 -29.62 -32.73
N VAL A 2466 -39.03 -30.74 -32.01
CA VAL A 2466 -38.60 -32.00 -32.59
C VAL A 2466 -39.68 -32.43 -33.60
N ASP A 2467 -39.26 -32.56 -34.84
CA ASP A 2467 -40.22 -32.83 -35.93
C ASP A 2467 -40.04 -34.22 -36.53
N GLY A 2468 -38.87 -34.80 -36.41
CA GLY A 2468 -38.62 -36.16 -36.92
C GLY A 2468 -38.04 -36.11 -38.29
N GLN A 2469 -37.73 -34.92 -38.78
CA GLN A 2469 -37.05 -34.79 -40.07
C GLN A 2469 -35.70 -34.10 -39.88
N TYR A 2470 -35.70 -32.82 -39.48
CA TYR A 2470 -34.45 -32.05 -39.34
C TYR A 2470 -33.95 -32.34 -37.94
N LEU A 2471 -34.86 -32.18 -37.01
CA LEU A 2471 -34.55 -32.42 -35.61
C LEU A 2471 -35.23 -33.73 -35.22
N ARG A 2472 -34.42 -34.79 -35.11
CA ARG A 2472 -34.94 -36.14 -34.89
C ARG A 2472 -35.19 -36.42 -33.42
N GLU A 2473 -34.45 -35.78 -32.51
CA GLU A 2473 -34.63 -35.94 -31.08
C GLU A 2473 -34.08 -34.70 -30.39
N THR A 2474 -34.36 -34.58 -29.10
CA THR A 2474 -33.99 -33.37 -28.38
C THR A 2474 -32.47 -33.25 -28.29
N PRO A 2475 -31.95 -32.03 -28.16
CA PRO A 2475 -30.49 -31.84 -28.14
C PRO A 2475 -29.78 -32.59 -27.02
N ALA A 2476 -30.45 -32.82 -25.89
CA ALA A 2476 -29.80 -33.52 -24.79
C ALA A 2476 -29.47 -34.96 -25.16
N ARG A 2477 -30.39 -35.64 -25.85
CA ARG A 2477 -30.12 -37.02 -26.27
C ARG A 2477 -29.02 -37.08 -27.32
N VAL A 2478 -29.03 -36.16 -28.28
CA VAL A 2478 -28.04 -36.18 -29.36
C VAL A 2478 -26.64 -36.01 -28.80
N LEU A 2479 -26.49 -35.16 -27.79
CA LEU A 2479 -25.17 -34.89 -27.22
C LEU A 2479 -24.68 -36.01 -26.32
N GLN A 2480 -25.52 -36.97 -25.95
CA GLN A 2480 -25.05 -38.15 -25.23
C GLN A 2480 -24.37 -39.15 -26.14
N ARG A 2481 -24.57 -39.05 -27.45
CA ARG A 2481 -23.91 -39.95 -28.38
C ARG A 2481 -22.46 -39.54 -28.61
N ALA A 2482 -21.69 -40.45 -29.17
CA ALA A 2482 -20.28 -40.17 -29.45
C ALA A 2482 -20.19 -39.18 -30.61
N PRO A 2483 -19.31 -38.17 -30.52
CA PRO A 2483 -19.17 -37.22 -31.62
C PRO A 2483 -18.70 -37.91 -32.89
N ARG A 2484 -19.18 -37.41 -34.02
CA ARG A 2484 -18.79 -37.89 -35.34
C ARG A 2484 -17.82 -36.96 -36.03
N VAL A 2485 -17.94 -35.66 -35.81
CA VAL A 2485 -17.07 -34.67 -36.43
C VAL A 2485 -16.67 -33.64 -35.38
N LYS A 2486 -15.49 -33.04 -35.57
CA LYS A 2486 -14.96 -32.05 -34.64
C LYS A 2486 -15.41 -30.66 -35.05
N VAL A 2487 -15.97 -29.92 -34.11
CA VAL A 2487 -16.37 -28.53 -34.30
C VAL A 2487 -15.77 -27.70 -33.18
N ASP A 2488 -14.97 -26.71 -33.52
CA ASP A 2488 -14.45 -25.78 -32.53
C ASP A 2488 -15.55 -24.82 -32.07
N LEU A 2489 -15.55 -24.51 -30.78
CA LEU A 2489 -16.63 -23.74 -30.18
C LEU A 2489 -16.03 -22.55 -29.42
N LEU A 2490 -16.47 -21.35 -29.79
CA LEU A 2490 -16.24 -20.15 -29.00
C LEU A 2490 -17.60 -19.70 -28.48
N ILE A 2491 -17.71 -19.57 -27.16
CA ILE A 2491 -18.99 -19.36 -26.51
C ILE A 2491 -18.82 -18.40 -25.34
N GLY A 2492 -19.86 -17.64 -25.06
CA GLY A 2492 -19.79 -16.71 -23.95
C GLY A 2492 -21.13 -16.10 -23.66
N SER A 2493 -21.13 -15.14 -22.74
CA SER A 2493 -22.35 -14.49 -22.30
C SER A 2493 -22.02 -13.10 -21.77
N SER A 2494 -23.06 -12.29 -21.62
CA SER A 2494 -22.95 -10.93 -21.08
C SER A 2494 -23.72 -10.84 -19.78
N GLN A 2495 -23.17 -10.09 -18.83
CA GLN A 2495 -23.86 -9.84 -17.58
C GLN A 2495 -25.08 -8.94 -17.77
N ASP A 2496 -25.16 -8.23 -18.88
CA ASP A 2496 -26.29 -7.35 -19.18
C ASP A 2496 -27.44 -8.06 -19.87
N ASP A 2497 -27.33 -9.37 -20.09
CA ASP A 2497 -28.39 -10.11 -20.77
C ASP A 2497 -29.45 -10.55 -19.78
N GLY A 2498 -30.63 -10.91 -20.31
CA GLY A 2498 -31.73 -11.35 -19.49
C GLY A 2498 -33.03 -11.43 -20.26
N LEU A 2499 -34.04 -12.11 -19.69
CA LEU A 2499 -35.31 -12.27 -20.40
C LEU A 2499 -36.02 -10.95 -20.57
N ILE A 2500 -36.01 -10.10 -19.54
CA ILE A 2500 -36.71 -8.83 -19.61
C ILE A 2500 -36.00 -7.87 -20.56
N ASN A 2501 -34.66 -7.86 -20.51
CA ASN A 2501 -33.90 -7.09 -21.47
C ASN A 2501 -34.18 -7.54 -22.90
N ARG A 2502 -34.33 -8.85 -23.09
CA ARG A 2502 -34.61 -9.38 -24.43
C ARG A 2502 -36.03 -9.08 -24.86
N ALA A 2503 -36.93 -8.80 -23.93
CA ALA A 2503 -38.35 -8.55 -24.22
C ALA A 2503 -38.77 -7.13 -23.86
N LYS A 2504 -37.83 -6.19 -23.86
CA LYS A 2504 -38.19 -4.80 -23.59
C LYS A 2504 -39.17 -4.25 -24.63
N ALA A 2505 -39.03 -4.67 -25.90
CA ALA A 2505 -39.98 -4.21 -26.91
C ALA A 2505 -41.38 -4.75 -26.66
N VAL A 2506 -41.47 -6.02 -26.27
CA VAL A 2506 -42.77 -6.60 -25.91
C VAL A 2506 -43.36 -5.86 -24.72
N LYS A 2507 -42.54 -5.55 -23.72
CA LYS A 2507 -43.03 -4.81 -22.57
C LYS A 2507 -43.52 -3.42 -22.97
N GLN A 2508 -42.80 -2.75 -23.86
CA GLN A 2508 -43.24 -1.43 -24.32
C GLN A 2508 -44.58 -1.55 -25.03
N PHE A 2509 -44.75 -2.58 -25.85
CA PHE A 2509 -46.04 -2.80 -26.51
C PHE A 2509 -47.15 -3.01 -25.49
N GLU A 2510 -46.88 -3.80 -24.44
CA GLU A 2510 -47.90 -4.06 -23.44
C GLU A 2510 -48.38 -2.78 -22.77
N GLU A 2511 -47.44 -1.90 -22.42
CA GLU A 2511 -47.81 -0.65 -21.77
C GLU A 2511 -48.66 0.23 -22.69
N SER A 2512 -48.31 0.28 -23.98
CA SER A 2512 -49.09 1.06 -24.93
C SER A 2512 -50.50 0.50 -25.07
N GLN A 2513 -50.68 -0.79 -24.84
CA GLN A 2513 -51.99 -1.43 -24.90
C GLN A 2513 -52.79 -1.29 -23.62
N GLY A 2514 -52.22 -0.65 -22.60
CA GLY A 2514 -52.90 -0.53 -21.33
C GLY A 2514 -52.89 -1.82 -20.52
N ARG A 2515 -51.70 -2.29 -20.16
CA ARG A 2515 -51.52 -3.42 -19.27
C ARG A 2515 -50.28 -3.18 -18.43
N THR A 2516 -50.48 -2.98 -17.13
CA THR A 2516 -49.42 -2.64 -16.21
C THR A 2516 -49.11 -3.83 -15.31
N SER A 2517 -48.23 -3.63 -14.33
CA SER A 2517 -47.81 -4.69 -13.42
C SER A 2517 -48.76 -4.72 -12.22
N SER A 2518 -49.88 -5.41 -12.41
CA SER A 2518 -50.75 -5.72 -11.30
C SER A 2518 -50.16 -6.86 -10.47
N LYS A 2519 -50.84 -7.21 -9.39
CA LYS A 2519 -50.32 -8.27 -8.52
C LYS A 2519 -50.30 -9.61 -9.22
N THR A 2520 -51.33 -9.93 -10.00
CA THR A 2520 -51.33 -11.14 -10.81
C THR A 2520 -50.27 -11.10 -11.90
N ALA A 2521 -49.86 -9.89 -12.32
CA ALA A 2521 -48.71 -9.79 -13.22
C ALA A 2521 -47.43 -10.24 -12.53
N PHE A 2522 -47.25 -9.86 -11.26
CA PHE A 2522 -46.12 -10.38 -10.48
C PHE A 2522 -46.20 -11.90 -10.37
N TYR A 2523 -47.40 -12.41 -10.09
CA TYR A 2523 -47.57 -13.86 -9.94
C TYR A 2523 -47.17 -14.60 -11.21
N GLN A 2524 -47.72 -14.17 -12.35
CA GLN A 2524 -47.40 -14.83 -13.61
C GLN A 2524 -45.94 -14.63 -13.97
N ALA A 2525 -45.37 -13.48 -13.65
CA ALA A 2525 -43.96 -13.25 -13.97
C ALA A 2525 -43.08 -14.22 -13.21
N LEU A 2526 -43.41 -14.51 -11.94
CA LEU A 2526 -42.56 -15.42 -11.18
C LEU A 2526 -42.79 -16.87 -11.61
N GLN A 2527 -44.05 -17.27 -11.83
CA GLN A 2527 -44.30 -18.67 -12.21
C GLN A 2527 -43.82 -18.98 -13.62
N ASN A 2528 -44.13 -18.11 -14.58
CA ASN A 2528 -43.75 -18.31 -15.97
C ASN A 2528 -42.24 -18.34 -16.14
N SER A 2529 -41.53 -17.47 -15.44
CA SER A 2529 -40.08 -17.39 -15.59
C SER A 2529 -39.43 -18.73 -15.27
N LEU A 2530 -39.57 -19.19 -14.03
CA LEU A 2530 -38.90 -20.39 -13.56
C LEU A 2530 -39.72 -21.66 -13.80
N GLY A 2531 -40.90 -21.55 -14.41
CA GLY A 2531 -41.75 -22.71 -14.58
C GLY A 2531 -42.11 -23.03 -16.02
N GLY A 2532 -43.23 -23.72 -16.22
CA GLY A 2532 -43.61 -24.15 -17.55
C GLY A 2532 -42.68 -25.24 -18.06
N GLU A 2533 -42.75 -26.42 -17.45
CA GLU A 2533 -41.83 -27.54 -17.60
C GLU A 2533 -40.47 -27.23 -17.01
N ALA A 2534 -40.27 -26.04 -16.46
CA ALA A 2534 -39.02 -25.67 -15.82
C ALA A 2534 -39.07 -25.82 -14.30
N ALA A 2535 -40.24 -26.07 -13.73
CA ALA A 2535 -40.35 -26.21 -12.28
C ALA A 2535 -41.61 -26.99 -11.92
N ASP A 2536 -41.50 -27.78 -10.87
CA ASP A 2536 -42.63 -28.22 -10.08
C ASP A 2536 -42.83 -27.24 -8.94
N ALA A 2537 -43.63 -27.60 -7.93
CA ALA A 2537 -43.78 -26.72 -6.77
C ALA A 2537 -42.51 -26.66 -5.92
N GLY A 2538 -41.60 -27.62 -6.06
CA GLY A 2538 -40.38 -27.60 -5.28
C GLY A 2538 -39.28 -26.75 -5.87
N VAL A 2539 -39.12 -26.77 -7.20
CA VAL A 2539 -38.12 -25.94 -7.85
C VAL A 2539 -38.44 -24.47 -7.64
N GLN A 2540 -39.72 -24.10 -7.71
CA GLN A 2540 -40.10 -22.72 -7.49
C GLN A 2540 -39.73 -22.25 -6.09
N ALA A 2541 -39.98 -23.09 -5.08
CA ALA A 2541 -39.65 -22.73 -3.71
C ALA A 2541 -38.15 -22.65 -3.49
N ALA A 2542 -37.39 -23.59 -4.06
CA ALA A 2542 -35.95 -23.56 -3.91
C ALA A 2542 -35.35 -22.32 -4.57
N ALA A 2543 -35.82 -21.98 -5.76
CA ALA A 2543 -35.33 -20.78 -6.43
C ALA A 2543 -35.75 -19.52 -5.69
N THR A 2544 -36.96 -19.52 -5.15
CA THR A 2544 -37.43 -18.37 -4.36
C THR A 2544 -36.52 -18.14 -3.16
N TRP A 2545 -36.18 -19.21 -2.43
CA TRP A 2545 -35.23 -19.06 -1.34
C TRP A 2545 -33.89 -18.55 -1.84
N TYR A 2546 -33.35 -19.21 -2.88
CA TYR A 2546 -31.97 -18.93 -3.29
C TYR A 2546 -31.81 -17.50 -3.80
N TYR A 2547 -32.85 -16.94 -4.41
CA TYR A 2547 -32.73 -15.63 -5.02
C TYR A 2547 -33.53 -14.55 -4.31
N SER A 2548 -34.16 -14.86 -3.18
CA SER A 2548 -34.87 -13.87 -2.38
C SER A 2548 -35.96 -13.18 -3.20
N LEU A 2549 -36.75 -14.00 -3.87
CA LEU A 2549 -37.83 -13.54 -4.75
C LEU A 2549 -39.09 -13.41 -3.92
N GLU A 2550 -39.67 -12.21 -3.91
CA GLU A 2550 -40.88 -11.94 -3.14
C GLU A 2550 -42.08 -11.88 -4.09
N HIS A 2551 -42.90 -12.93 -4.05
CA HIS A 2551 -44.04 -13.05 -4.95
C HIS A 2551 -45.05 -11.93 -4.73
N ASP A 2552 -45.29 -11.56 -3.48
CA ASP A 2552 -46.36 -10.62 -3.12
C ASP A 2552 -45.78 -9.25 -2.74
N SER A 2553 -44.77 -8.80 -3.47
CA SER A 2553 -44.34 -7.41 -3.35
C SER A 2553 -45.07 -6.55 -4.38
N ASP A 2554 -44.93 -5.24 -4.24
CA ASP A 2554 -45.44 -4.31 -5.24
C ASP A 2554 -44.33 -3.48 -5.88
N ASP A 2555 -43.10 -3.60 -5.37
CA ASP A 2555 -41.96 -2.90 -5.95
C ASP A 2555 -41.49 -3.64 -7.20
C1 T44 A 2556 -42.35 -4.29 -12.03
C2 T44 A 2556 -43.11 -5.47 -12.12
C3 T44 A 2556 -42.96 -6.32 -13.20
C4 T44 A 2556 -42.05 -6.01 -14.24
C5 T44 A 2556 -41.29 -4.85 -14.14
C6 T44 A 2556 -41.43 -3.99 -13.05
C7 T44 A 2556 -42.50 -3.32 -10.80
CA T44 A 2556 -41.71 -3.90 -9.64
C T44 A 2556 -40.23 -3.79 -9.91
C1' T44 A 2556 -42.68 -6.75 -16.45
C2' T44 A 2556 -43.80 -5.98 -16.46
C3' T44 A 2556 -44.54 -5.90 -17.60
C4' T44 A 2556 -44.17 -6.59 -18.74
C5' T44 A 2556 -43.02 -7.38 -18.74
C6' T44 A 2556 -42.29 -7.46 -17.61
N T44 A 2556 -42.01 -3.23 -8.35
O4 T44 A 2556 -41.86 -6.89 -15.31
O4' T44 A 2556 -44.96 -6.51 -19.96
O T44 A 2556 -39.67 -4.71 -10.43
I3 T44 A 2556 -44.13 -8.10 -13.34
I3' T44 A 2556 -46.28 -4.72 -17.63
I5 T44 A 2556 -39.86 -4.39 -15.67
I5' T44 A 2556 -42.45 -8.43 -20.47
N ALA A 2557 -39.61 -2.68 -9.52
CA ALA A 2557 -38.17 -2.51 -9.71
C ALA A 2557 -37.34 -3.60 -9.06
N SER A 2558 -37.47 -3.72 -7.73
CA SER A 2558 -36.70 -4.71 -7.00
C SER A 2558 -37.07 -6.13 -7.41
N PHE A 2559 -38.37 -6.38 -7.60
CA PHE A 2559 -38.80 -7.73 -7.99
C PHE A 2559 -38.25 -8.11 -9.36
N SER A 2560 -38.25 -7.17 -10.30
CA SER A 2560 -37.69 -7.41 -11.62
C SER A 2560 -36.19 -7.65 -11.56
N ARG A 2561 -35.49 -6.88 -10.72
CA ARG A 2561 -34.05 -7.07 -10.59
C ARG A 2561 -33.73 -8.47 -10.07
N ALA A 2562 -34.43 -8.90 -9.01
CA ALA A 2562 -34.19 -10.23 -8.47
C ALA A 2562 -34.57 -11.32 -9.47
N LEU A 2563 -35.70 -11.15 -10.17
CA LEU A 2563 -36.13 -12.14 -11.15
C LEU A 2563 -35.16 -12.20 -12.32
N GLU A 2564 -34.68 -11.05 -12.79
CA GLU A 2564 -33.73 -11.01 -13.89
C GLU A 2564 -32.42 -11.69 -13.52
N GLN A 2565 -31.97 -11.50 -12.28
CA GLN A 2565 -30.82 -12.26 -11.83
C GLN A 2565 -31.12 -13.75 -11.80
N ALA A 2566 -32.33 -14.13 -11.39
CA ALA A 2566 -32.67 -15.54 -11.33
C ALA A 2566 -32.76 -16.17 -12.72
N THR A 2567 -33.36 -15.46 -13.68
CA THR A 2567 -33.58 -16.06 -15.00
C THR A 2567 -32.35 -15.97 -15.88
N ARG A 2568 -31.48 -14.99 -15.65
CA ARG A 2568 -30.23 -14.93 -16.42
C ARG A 2568 -29.37 -16.15 -16.16
N ASP A 2569 -29.28 -16.58 -14.90
CA ASP A 2569 -28.51 -17.78 -14.59
C ASP A 2569 -29.19 -19.03 -15.15
N TYR A 2570 -30.50 -19.13 -14.98
CA TYR A 2570 -31.20 -20.35 -15.38
C TYR A 2570 -31.24 -20.51 -16.90
N PHE A 2571 -31.50 -19.43 -17.62
CA PHE A 2571 -31.74 -19.53 -19.06
C PHE A 2571 -30.51 -19.22 -19.90
N ILE A 2572 -29.55 -18.46 -19.40
CA ILE A 2572 -28.48 -17.97 -20.26
C ILE A 2572 -27.12 -18.45 -19.79
N ILE A 2573 -26.70 -18.04 -18.60
CA ILE A 2573 -25.29 -18.19 -18.21
C ILE A 2573 -24.97 -19.65 -17.91
N CYS A 2574 -25.79 -20.31 -17.13
CA CYS A 2574 -25.47 -21.68 -16.73
C CYS A 2574 -25.62 -22.67 -17.88
N PRO A 2575 -26.61 -22.53 -18.78
CA PRO A 2575 -26.58 -23.36 -19.99
C PRO A 2575 -25.36 -23.16 -20.86
N VAL A 2576 -24.81 -21.95 -20.93
CA VAL A 2576 -23.58 -21.72 -21.66
C VAL A 2576 -22.42 -22.49 -21.02
N ILE A 2577 -22.31 -22.44 -19.70
CA ILE A 2577 -21.24 -23.15 -19.02
C ILE A 2577 -21.43 -24.66 -19.14
N ASP A 2578 -22.67 -25.14 -19.10
CA ASP A 2578 -22.92 -26.56 -19.27
C ASP A 2578 -22.51 -27.03 -20.66
N MET A 2579 -22.77 -26.22 -21.69
CA MET A 2579 -22.42 -26.63 -23.05
C MET A 2579 -20.93 -26.60 -23.27
N ALA A 2580 -20.23 -25.60 -22.72
CA ALA A 2580 -18.78 -25.57 -22.82
C ALA A 2580 -18.16 -26.75 -22.10
N SER A 2581 -18.70 -27.13 -20.95
CA SER A 2581 -18.19 -28.28 -20.22
C SER A 2581 -18.41 -29.58 -20.98
N HIS A 2582 -19.59 -29.75 -21.56
CA HIS A 2582 -19.88 -30.97 -22.32
C HIS A 2582 -19.03 -31.04 -23.58
N TRP A 2583 -18.82 -29.90 -24.22
CA TRP A 2583 -18.03 -29.88 -25.46
C TRP A 2583 -16.57 -30.17 -25.18
N ALA A 2584 -16.06 -29.79 -24.01
CA ALA A 2584 -14.67 -30.07 -23.68
C ALA A 2584 -14.52 -31.47 -23.11
N ARG A 2585 -15.48 -31.92 -22.31
CA ARG A 2585 -15.37 -33.22 -21.66
C ARG A 2585 -15.44 -34.35 -22.68
N THR A 2586 -16.31 -34.28 -23.69
CA THR A 2586 -16.50 -35.32 -24.75
C THR A 2586 -15.61 -35.13 -25.98
N VAL A 2587 -14.61 -34.25 -25.97
CA VAL A 2587 -13.69 -33.92 -27.11
C VAL A 2587 -14.44 -33.67 -28.43
N ARG A 2588 -15.40 -32.78 -28.44
CA ARG A 2588 -16.16 -32.42 -29.65
C ARG A 2588 -15.41 -31.35 -30.44
N GLY A 2589 -14.41 -30.71 -29.87
CA GLY A 2589 -13.59 -29.69 -30.53
C GLY A 2589 -12.83 -28.87 -29.50
N ASN A 2590 -12.19 -27.80 -29.89
CA ASN A 2590 -11.55 -26.85 -28.97
C ASN A 2590 -12.64 -25.95 -28.39
N VAL A 2591 -12.60 -25.65 -27.12
CA VAL A 2591 -13.58 -24.80 -26.41
C VAL A 2591 -12.87 -23.58 -25.86
N PHE A 2592 -13.43 -22.42 -26.05
CA PHE A 2592 -12.95 -21.12 -25.55
C PHE A 2592 -14.17 -20.38 -25.00
N MET A 2593 -14.11 -19.89 -23.80
CA MET A 2593 -15.22 -19.18 -23.18
C MET A 2593 -14.82 -17.77 -22.83
N TYR A 2594 -15.74 -16.84 -23.03
CA TYR A 2594 -15.59 -15.47 -22.56
C TYR A 2594 -16.77 -15.11 -21.68
N HIS A 2595 -16.62 -14.01 -20.94
CA HIS A 2595 -17.73 -13.40 -20.23
C HIS A 2595 -17.56 -11.89 -20.30
N ALA A 2596 -18.61 -11.21 -20.73
CA ALA A 2596 -18.59 -9.75 -20.81
C ALA A 2596 -19.19 -9.18 -19.53
N PRO A 2597 -18.42 -8.49 -18.71
CA PRO A 2597 -18.96 -7.97 -17.45
C PRO A 2597 -19.91 -6.79 -17.69
N GLU A 2598 -20.64 -6.46 -16.63
CA GLU A 2598 -21.75 -5.53 -16.72
C GLU A 2598 -21.31 -4.15 -17.20
N SER A 2599 -22.14 -3.54 -18.05
CA SER A 2599 -21.88 -2.24 -18.61
C SER A 2599 -23.07 -1.32 -18.35
N TYR A 2600 -22.80 -0.02 -18.34
CA TYR A 2600 -23.83 1.00 -18.17
C TYR A 2600 -23.82 2.05 -19.26
N SER A 2601 -23.06 1.84 -20.34
CA SER A 2601 -22.62 2.96 -21.15
C SER A 2601 -23.48 3.16 -22.39
N HIS A 2602 -24.01 2.08 -22.97
CA HIS A 2602 -24.56 2.15 -24.31
C HIS A 2602 -25.93 1.46 -24.37
N SER A 2603 -26.81 1.79 -23.43
CA SER A 2603 -28.12 1.15 -23.38
C SER A 2603 -29.00 1.55 -24.56
N SER A 2604 -28.68 2.65 -25.24
CA SER A 2604 -29.48 3.05 -26.39
C SER A 2604 -29.28 2.09 -27.55
N LEU A 2605 -28.12 1.46 -27.63
CA LEU A 2605 -27.88 0.44 -28.64
C LEU A 2605 -28.39 -0.90 -28.15
N GLU A 2606 -29.10 -1.63 -29.03
CA GLU A 2606 -29.69 -2.90 -28.59
C GLU A 2606 -28.66 -4.03 -28.61
N LEU A 2607 -27.51 -3.81 -29.25
CA LEU A 2607 -26.45 -4.81 -29.19
C LEU A 2607 -25.81 -4.81 -27.80
N LEU A 2608 -25.52 -6.00 -27.30
CA LEU A 2608 -24.84 -6.13 -26.01
C LEU A 2608 -23.34 -5.93 -26.21
N THR A 2609 -22.61 -5.99 -25.09
CA THR A 2609 -21.20 -5.61 -25.08
C THR A 2609 -20.35 -6.51 -25.97
N ASP A 2610 -20.61 -7.82 -25.95
CA ASP A 2610 -19.77 -8.74 -26.71
C ASP A 2610 -19.90 -8.54 -28.21
N VAL A 2611 -21.11 -8.34 -28.75
CA VAL A 2611 -21.36 -8.10 -30.20
C VAL A 2611 -20.84 -6.71 -30.62
N LEU A 2612 -21.02 -5.67 -29.82
CA LEU A 2612 -20.56 -4.30 -30.11
C LEU A 2612 -19.03 -4.25 -30.27
N TYR A 2613 -18.31 -4.94 -29.42
CA TYR A 2613 -16.84 -5.00 -29.50
C TYR A 2613 -16.41 -5.97 -30.61
N ALA A 2614 -17.00 -7.14 -30.69
CA ALA A 2614 -16.56 -8.11 -31.69
C ALA A 2614 -16.80 -7.63 -33.11
N PHE A 2615 -17.80 -6.79 -33.34
CA PHE A 2615 -18.07 -6.30 -34.68
C PHE A 2615 -17.60 -4.86 -34.90
N GLY A 2616 -17.04 -4.22 -33.87
CA GLY A 2616 -16.33 -2.99 -34.13
C GLY A 2616 -17.18 -1.76 -34.25
N LEU A 2617 -18.30 -1.71 -33.52
CA LEU A 2617 -19.15 -0.54 -33.55
C LEU A 2617 -18.49 0.75 -33.07
N PRO A 2618 -17.51 0.76 -32.17
CA PRO A 2618 -16.81 2.01 -31.87
C PRO A 2618 -16.14 2.65 -33.08
N PHE A 2619 -15.94 1.91 -34.17
CA PHE A 2619 -15.34 2.46 -35.38
C PHE A 2619 -16.38 2.89 -36.41
N TYR A 2620 -17.67 2.66 -36.17
CA TYR A 2620 -18.68 3.05 -37.14
C TYR A 2620 -18.76 4.56 -37.24
N PRO A 2621 -18.82 5.12 -38.46
CA PRO A 2621 -19.03 6.57 -38.59
C PRO A 2621 -20.33 7.06 -37.96
N ALA A 2622 -21.38 6.24 -37.92
CA ALA A 2622 -22.65 6.68 -37.34
C ALA A 2622 -22.57 6.94 -35.84
N TYR A 2623 -21.56 6.41 -35.17
CA TYR A 2623 -21.41 6.58 -33.72
C TYR A 2623 -20.17 7.39 -33.35
N GLU A 2624 -19.73 8.26 -34.25
CA GLU A 2624 -18.59 9.13 -33.93
C GLU A 2624 -18.95 10.07 -32.79
N GLY A 2625 -18.05 10.18 -31.83
CA GLY A 2625 -18.25 10.99 -30.65
C GLY A 2625 -18.91 10.29 -29.49
N GLN A 2626 -19.29 9.02 -29.64
CA GLN A 2626 -19.97 8.28 -28.60
C GLN A 2626 -19.11 7.25 -27.89
N PHE A 2627 -17.90 6.98 -28.38
CA PHE A 2627 -17.03 5.97 -27.78
C PHE A 2627 -15.69 6.59 -27.44
N THR A 2628 -15.11 6.14 -26.34
CA THR A 2628 -13.80 6.61 -25.95
C THR A 2628 -12.71 5.87 -26.73
N LEU A 2629 -11.49 6.43 -26.68
CA LEU A 2629 -10.36 5.77 -27.31
C LEU A 2629 -10.03 4.45 -26.64
N GLU A 2630 -10.39 4.27 -25.37
CA GLU A 2630 -10.18 3.00 -24.70
C GLU A 2630 -11.16 1.95 -25.18
N GLU A 2631 -12.38 2.34 -25.53
CA GLU A 2631 -13.34 1.38 -26.08
C GLU A 2631 -12.98 0.99 -27.50
N LYS A 2632 -12.44 1.95 -28.28
CA LYS A 2632 -11.94 1.61 -29.60
C LYS A 2632 -10.77 0.64 -29.52
N SER A 2633 -9.84 0.89 -28.60
CA SER A 2633 -8.69 0.01 -28.45
C SER A 2633 -9.09 -1.37 -27.95
N LEU A 2634 -10.05 -1.43 -27.03
CA LEU A 2634 -10.55 -2.73 -26.57
C LEU A 2634 -11.26 -3.48 -27.68
N SER A 2635 -12.06 -2.78 -28.49
CA SER A 2635 -12.78 -3.42 -29.57
C SER A 2635 -11.83 -3.98 -30.63
N LEU A 2636 -10.74 -3.24 -30.91
CA LEU A 2636 -9.77 -3.71 -31.90
C LEU A 2636 -9.09 -4.99 -31.45
N LYS A 2637 -8.79 -5.12 -30.16
CA LYS A 2637 -8.21 -6.35 -29.64
C LYS A 2637 -9.19 -7.51 -29.73
N ILE A 2638 -10.46 -7.27 -29.42
CA ILE A 2638 -11.45 -8.34 -29.43
C ILE A 2638 -11.73 -8.81 -30.85
N MET A 2639 -11.74 -7.89 -31.82
CA MET A 2639 -11.87 -8.30 -33.20
C MET A 2639 -10.71 -9.20 -33.64
N GLN A 2640 -9.52 -9.00 -33.07
CA GLN A 2640 -8.40 -9.88 -33.41
C GLN A 2640 -8.56 -11.26 -32.77
N TYR A 2641 -9.11 -11.33 -31.55
CA TYR A 2641 -9.44 -12.63 -30.96
C TYR A 2641 -10.43 -13.39 -31.84
N PHE A 2642 -11.52 -12.73 -32.24
CA PHE A 2642 -12.57 -13.42 -32.96
C PHE A 2642 -12.14 -13.77 -34.38
N SER A 2643 -11.40 -12.88 -35.03
CA SER A 2643 -10.84 -13.19 -36.34
C SER A 2643 -9.92 -14.39 -36.28
N ASN A 2644 -9.06 -14.45 -35.26
CA ASN A 2644 -8.15 -15.59 -35.12
C ASN A 2644 -8.92 -16.89 -34.99
N PHE A 2645 -9.99 -16.91 -34.19
CA PHE A 2645 -10.78 -18.13 -34.04
C PHE A 2645 -11.45 -18.52 -35.35
N ILE A 2646 -11.98 -17.54 -36.09
CA ILE A 2646 -12.60 -17.85 -37.37
C ILE A 2646 -11.58 -18.42 -38.35
N ARG A 2647 -10.37 -17.87 -38.36
CA ARG A 2647 -9.38 -18.29 -39.33
C ARG A 2647 -8.75 -19.62 -38.95
N SER A 2648 -8.45 -19.84 -37.68
CA SER A 2648 -7.68 -21.01 -37.28
C SER A 2648 -8.34 -21.89 -36.22
N GLY A 2649 -9.47 -21.50 -35.65
CA GLY A 2649 -10.06 -22.27 -34.58
C GLY A 2649 -9.45 -22.06 -33.22
N ASN A 2650 -8.68 -20.98 -33.04
CA ASN A 2650 -8.00 -20.70 -31.80
C ASN A 2650 -7.89 -19.18 -31.74
N PRO A 2651 -8.46 -18.53 -30.72
CA PRO A 2651 -8.41 -17.06 -30.68
C PRO A 2651 -7.02 -16.49 -30.54
N ASN A 2652 -6.00 -17.31 -30.29
CA ASN A 2652 -4.65 -16.84 -30.10
C ASN A 2652 -3.85 -16.76 -31.40
N TYR A 2653 -4.26 -17.43 -32.47
CA TYR A 2653 -3.41 -17.61 -33.64
C TYR A 2653 -4.17 -17.24 -34.91
N PRO A 2654 -3.62 -16.37 -35.76
CA PRO A 2654 -4.27 -16.08 -37.04
C PRO A 2654 -4.08 -17.17 -38.08
N HIS A 2655 -3.08 -18.04 -37.94
CA HIS A 2655 -2.80 -19.06 -38.93
C HIS A 2655 -2.84 -20.44 -38.29
N GLU A 2656 -3.25 -21.42 -39.09
CA GLU A 2656 -3.25 -22.80 -38.62
C GLU A 2656 -1.84 -23.36 -38.48
N PHE A 2657 -0.92 -22.93 -39.35
CA PHE A 2657 0.42 -23.50 -39.41
C PHE A 2657 1.49 -22.54 -38.91
N SER A 2658 1.12 -21.65 -37.99
CA SER A 2658 2.08 -20.83 -37.28
C SER A 2658 1.64 -20.77 -35.83
N ARG A 2659 2.61 -20.77 -34.91
CA ARG A 2659 2.29 -20.78 -33.49
C ARG A 2659 3.04 -19.67 -32.76
N ARG A 2660 3.29 -18.57 -33.43
CA ARG A 2660 3.89 -17.41 -32.80
C ARG A 2660 2.92 -16.81 -31.79
N ALA A 2661 3.45 -16.44 -30.63
CA ALA A 2661 2.60 -16.01 -29.54
C ALA A 2661 1.89 -14.70 -29.88
N PRO A 2662 0.64 -14.53 -29.49
CA PRO A 2662 -0.06 -13.26 -29.76
C PRO A 2662 0.59 -12.11 -29.00
N GLU A 2663 0.59 -10.94 -29.65
CA GLU A 2663 1.18 -9.74 -29.05
C GLU A 2663 0.17 -8.63 -28.81
N PHE A 2664 -0.99 -8.68 -29.46
CA PHE A 2664 -1.98 -7.63 -29.29
C PHE A 2664 -2.63 -7.64 -27.92
N ALA A 2665 -2.64 -8.78 -27.24
CA ALA A 2665 -3.24 -8.90 -25.91
C ALA A 2665 -2.74 -10.18 -25.28
N ALA A 2666 -3.18 -10.43 -24.05
CA ALA A 2666 -2.79 -11.63 -23.34
C ALA A 2666 -3.40 -12.87 -23.97
N PRO A 2667 -2.72 -14.02 -23.89
CA PRO A 2667 -3.26 -15.24 -24.49
C PRO A 2667 -4.55 -15.69 -23.83
N TRP A 2668 -5.39 -16.33 -24.62
CA TRP A 2668 -6.70 -16.80 -24.18
C TRP A 2668 -6.62 -18.29 -23.89
N PRO A 2669 -6.84 -18.72 -22.66
CA PRO A 2669 -6.61 -20.14 -22.33
C PRO A 2669 -7.75 -21.04 -22.82
N ASP A 2670 -7.42 -22.31 -22.98
CA ASP A 2670 -8.43 -23.32 -23.28
C ASP A 2670 -9.37 -23.50 -22.09
N PHE A 2671 -10.59 -23.89 -22.37
CA PHE A 2671 -11.58 -24.24 -21.34
C PHE A 2671 -11.40 -25.72 -20.96
N VAL A 2672 -10.93 -25.94 -19.76
CA VAL A 2672 -10.69 -27.32 -19.26
C VAL A 2672 -11.78 -27.61 -18.25
N PRO A 2673 -12.63 -28.62 -18.50
CA PRO A 2673 -13.79 -28.87 -17.66
C PRO A 2673 -13.51 -29.66 -16.37
N ARG A 2674 -12.72 -29.13 -15.48
CA ARG A 2674 -12.37 -29.78 -14.20
C ARG A 2674 -12.39 -28.68 -13.17
N ASP A 2675 -12.78 -28.99 -11.95
CA ASP A 2675 -12.78 -28.02 -10.84
C ASP A 2675 -11.36 -27.49 -10.61
N GLY A 2676 -11.23 -26.19 -10.40
CA GLY A 2676 -9.92 -25.52 -10.25
C GLY A 2676 -9.47 -24.94 -11.55
N ALA A 2677 -9.97 -25.46 -12.67
CA ALA A 2677 -9.65 -24.93 -14.00
C ALA A 2677 -10.82 -24.08 -14.49
N GLU A 2678 -11.48 -24.48 -15.59
CA GLU A 2678 -12.67 -23.77 -16.14
C GLU A 2678 -12.37 -22.28 -16.36
N SER A 2679 -11.27 -21.95 -17.01
CA SER A 2679 -10.88 -20.57 -17.30
C SER A 2679 -11.63 -19.91 -18.43
N TYR A 2680 -11.77 -18.61 -18.36
CA TYR A 2680 -12.51 -17.84 -19.36
C TYR A 2680 -11.78 -16.52 -19.57
N LYS A 2681 -12.03 -15.87 -20.68
CA LYS A 2681 -11.53 -14.53 -20.95
C LYS A 2681 -12.60 -13.52 -20.56
N GLU A 2682 -12.23 -12.58 -19.69
CA GLU A 2682 -13.14 -11.51 -19.32
C GLU A 2682 -12.96 -10.35 -20.30
N LEU A 2683 -14.07 -9.90 -20.88
CA LEU A 2683 -14.03 -8.86 -21.91
C LEU A 2683 -14.09 -7.47 -21.27
N SER A 2684 -13.08 -7.18 -20.47
CA SER A 2684 -12.87 -5.86 -19.89
C SER A 2684 -11.59 -5.27 -20.46
N VAL A 2685 -11.26 -4.07 -19.99
CA VAL A 2685 -10.21 -3.28 -20.64
C VAL A 2685 -8.86 -3.97 -20.54
N LEU A 2686 -8.59 -4.65 -19.42
CA LEU A 2686 -7.33 -5.35 -19.25
C LEU A 2686 -7.33 -6.75 -19.84
N LEU A 2687 -8.49 -7.23 -20.29
CA LEU A 2687 -8.64 -8.58 -20.82
C LEU A 2687 -7.97 -9.65 -19.96
N PRO A 2688 -8.38 -9.80 -18.70
CA PRO A 2688 -7.76 -10.80 -17.83
C PRO A 2688 -8.37 -12.19 -18.02
N ASN A 2689 -7.71 -13.18 -17.49
CA ASN A 2689 -8.19 -14.57 -17.49
C ASN A 2689 -8.66 -14.89 -16.09
N ARG A 2690 -9.84 -15.42 -15.95
CA ARG A 2690 -10.46 -15.66 -14.63
C ARG A 2690 -10.92 -17.10 -14.59
N GLN A 2691 -11.23 -17.61 -13.43
CA GLN A 2691 -11.59 -19.04 -13.30
C GLN A 2691 -12.91 -19.22 -12.59
N GLY A 2692 -13.74 -20.14 -13.05
CA GLY A 2692 -14.96 -20.58 -12.38
C GLY A 2692 -16.04 -19.54 -12.33
N LEU A 2693 -16.57 -19.14 -13.48
CA LEU A 2693 -17.72 -18.22 -13.61
C LEU A 2693 -18.91 -18.82 -12.89
N LYS A 2694 -19.50 -18.03 -12.01
CA LYS A 2694 -20.81 -18.30 -11.40
C LYS A 2694 -20.83 -19.72 -10.79
N LYS A 2695 -19.70 -20.15 -10.19
CA LYS A 2695 -19.59 -21.54 -9.76
C LYS A 2695 -20.69 -21.92 -8.77
N ALA A 2696 -20.96 -21.06 -7.79
CA ALA A 2696 -21.99 -21.36 -6.81
C ALA A 2696 -23.39 -21.38 -7.43
N ASP A 2697 -23.70 -20.37 -8.24
CA ASP A 2697 -25.04 -20.27 -8.80
C ASP A 2697 -25.32 -21.36 -9.82
N CYS A 2698 -24.33 -21.72 -10.63
CA CYS A 2698 -24.55 -22.76 -11.63
C CYS A 2698 -24.56 -24.15 -11.02
N SER A 2699 -23.94 -24.34 -9.87
CA SER A 2699 -24.08 -25.59 -9.13
C SER A 2699 -25.51 -25.77 -8.64
N PHE A 2700 -26.13 -24.69 -8.18
CA PHE A 2700 -27.52 -24.73 -7.73
C PHE A 2700 -28.44 -25.22 -8.84
N TRP A 2701 -28.31 -24.63 -10.03
CA TRP A 2701 -29.21 -25.00 -11.12
C TRP A 2701 -28.88 -26.37 -11.69
N SER A 2702 -27.59 -26.64 -11.91
CA SER A 2702 -27.23 -27.84 -12.65
C SER A 2702 -27.16 -29.09 -11.77
N LYS A 2703 -26.90 -28.94 -10.47
CA LYS A 2703 -26.86 -30.09 -9.59
C LYS A 2703 -28.13 -30.23 -8.75
N TYR A 2704 -28.46 -29.23 -7.93
CA TYR A 2704 -29.60 -29.37 -7.03
C TYR A 2704 -30.92 -29.33 -7.79
N ILE A 2705 -31.09 -28.35 -8.67
CA ILE A 2705 -32.37 -28.18 -9.35
C ILE A 2705 -32.59 -29.29 -10.37
N GLN A 2706 -31.54 -29.65 -11.11
CA GLN A 2706 -31.70 -30.75 -12.07
C GLN A 2706 -31.94 -32.09 -11.39
N SER A 2707 -31.71 -32.20 -10.09
CA SER A 2707 -32.07 -33.38 -9.34
C SER A 2707 -33.46 -33.30 -8.72
N LEU A 2708 -33.96 -32.10 -8.44
CA LEU A 2708 -35.35 -31.93 -8.05
C LEU A 2708 -36.29 -32.26 -9.20
N LYS A 2709 -35.93 -31.88 -10.42
CA LYS A 2709 -36.71 -32.17 -11.60
C LYS A 2709 -36.56 -33.62 -12.05
N ALA A 2710 -35.57 -34.34 -11.53
CA ALA A 2710 -35.37 -35.74 -11.85
C ALA A 2710 -35.99 -36.66 -10.80
N SER A 2711 -37.05 -36.20 -10.14
CA SER A 2711 -37.72 -37.00 -9.11
C SER A 2711 -39.12 -36.47 -8.85
N ASN B 1 31.47 -48.93 -15.92
CA ASN B 1 32.20 -50.10 -16.46
C ASN B 1 31.50 -50.59 -17.70
N ILE B 2 32.29 -51.04 -18.67
CA ILE B 2 31.75 -51.47 -19.98
C ILE B 2 32.06 -52.93 -20.19
N PHE B 3 31.11 -53.67 -20.73
CA PHE B 3 31.32 -55.06 -21.10
C PHE B 3 30.30 -55.40 -22.19
N GLU B 4 30.75 -55.46 -23.44
CA GLU B 4 29.85 -55.69 -24.54
C GLU B 4 29.37 -57.13 -24.62
C1 T44 B 5 25.44 -59.71 -25.86
C2 T44 B 5 24.94 -59.95 -24.60
C3 T44 B 5 24.22 -61.10 -24.34
C4 T44 B 5 23.99 -62.09 -25.41
C5 T44 B 5 24.56 -61.78 -26.75
C6 T44 B 5 25.26 -60.60 -26.92
C7 T44 B 5 26.22 -58.44 -26.05
CA T44 B 5 27.57 -58.63 -25.35
C T44 B 5 28.35 -59.70 -26.07
C1' T44 B 5 22.02 -63.46 -25.59
C2' T44 B 5 21.08 -62.43 -25.59
C3' T44 B 5 19.78 -62.65 -26.03
C4' T44 B 5 19.41 -63.99 -26.48
C5' T44 B 5 20.45 -65.05 -26.47
C6' T44 B 5 21.71 -64.75 -26.02
N T44 B 5 28.23 -57.32 -25.26
O4 T44 B 5 23.30 -63.24 -25.16
O4' T44 B 5 18.16 -64.23 -26.93
O T44 B 5 28.82 -60.66 -25.44
I3 T44 B 5 23.48 -61.43 -22.44
I3' T44 B 5 18.32 -61.16 -26.09
I5 T44 B 5 24.32 -63.09 -28.35
I5' T44 B 5 19.95 -66.97 -27.13
N GLN B 6 28.49 -59.54 -27.38
CA GLN B 6 28.98 -60.61 -28.24
C GLN B 6 30.50 -60.56 -28.50
N VAL B 7 31.08 -59.38 -28.33
CA VAL B 7 32.45 -59.17 -28.78
C VAL B 7 33.43 -60.09 -28.03
N ASP B 8 34.47 -60.51 -28.75
CA ASP B 8 35.54 -61.28 -28.15
C ASP B 8 36.59 -60.38 -27.51
N ALA B 9 36.85 -59.22 -28.11
CA ALA B 9 37.80 -58.25 -27.60
C ALA B 9 37.05 -57.00 -27.16
N GLN B 10 37.10 -56.72 -25.86
CA GLN B 10 36.42 -55.55 -25.33
C GLN B 10 37.08 -54.27 -25.82
N PRO B 11 36.28 -53.24 -26.10
CA PRO B 11 36.84 -51.96 -26.58
C PRO B 11 37.37 -51.10 -25.45
N LEU B 12 38.36 -51.61 -24.72
CA LEU B 12 38.92 -50.89 -23.55
C LEU B 12 40.09 -50.04 -24.00
N ARG B 13 40.18 -48.86 -23.58
CA ARG B 13 41.26 -47.92 -23.85
C ARG B 13 42.45 -48.20 -22.93
N PRO B 14 43.64 -47.68 -23.27
CA PRO B 14 44.83 -48.01 -22.46
C PRO B 14 44.70 -47.67 -20.99
N CYS B 15 44.08 -46.55 -20.63
CA CYS B 15 43.90 -46.24 -19.22
C CYS B 15 43.07 -47.30 -18.53
N GLU B 16 41.98 -47.72 -19.15
CA GLU B 16 41.11 -48.71 -18.55
C GLU B 16 41.78 -50.06 -18.44
N LEU B 17 42.69 -50.40 -19.37
CA LEU B 17 43.47 -51.61 -19.25
C LEU B 17 44.49 -51.52 -18.11
N GLN B 18 45.15 -50.37 -17.99
CA GLN B 18 46.16 -50.20 -16.94
C GLN B 18 45.51 -50.06 -15.57
N ARG B 19 44.30 -49.48 -15.54
CA ARG B 19 43.55 -49.36 -14.27
C ARG B 19 43.19 -50.75 -13.77
N GLU B 20 42.59 -51.59 -14.62
CA GLU B 20 42.14 -52.94 -14.21
C GLU B 20 43.34 -53.79 -13.77
N ARG B 21 44.44 -53.75 -14.53
CA ARG B 21 45.62 -54.59 -14.20
C ARG B 21 46.20 -54.15 -12.86
N ALA B 22 46.16 -52.84 -12.57
CA ALA B 22 46.74 -52.33 -11.33
C ALA B 22 45.85 -52.67 -10.14
N PHE B 23 44.53 -52.54 -10.31
CA PHE B 23 43.61 -52.87 -9.20
C PHE B 23 43.76 -54.36 -8.85
N LEU B 24 43.95 -55.19 -9.88
CA LEU B 24 44.12 -56.65 -9.65
C LEU B 24 45.39 -56.92 -8.83
N LYS B 25 46.48 -56.20 -9.14
CA LYS B 25 47.77 -56.44 -8.43
C LYS B 25 47.83 -55.64 -7.13
N ARG B 26 46.70 -55.08 -6.71
CA ARG B 26 46.63 -54.30 -5.47
C ARG B 26 47.81 -53.33 -5.35
N GLU B 27 48.15 -52.72 -6.48
CA GLU B 27 49.14 -51.65 -6.44
C GLU B 27 48.56 -50.43 -5.72
N ASP B 28 49.45 -49.58 -5.23
CA ASP B 28 49.03 -48.37 -4.52
C ASP B 28 48.67 -47.22 -5.45
N TYR B 29 49.11 -47.25 -6.70
CA TYR B 29 48.65 -46.32 -7.71
C TYR B 29 47.77 -47.06 -8.71
N VAL B 30 46.53 -46.66 -8.82
CA VAL B 30 45.58 -47.19 -9.79
C VAL B 30 45.18 -46.05 -10.71
N PRO B 31 45.46 -46.13 -12.02
CA PRO B 31 45.18 -45.01 -12.91
C PRO B 31 43.71 -44.62 -12.90
N GLN B 32 43.45 -43.32 -12.88
CA GLN B 32 42.10 -42.77 -12.93
C GLN B 32 41.75 -42.43 -14.37
N CYS B 33 40.62 -42.94 -14.84
CA CYS B 33 40.24 -42.80 -16.23
C CYS B 33 38.97 -41.96 -16.35
N ALA B 34 38.89 -41.21 -17.44
CA ALA B 34 37.70 -40.44 -17.75
C ALA B 34 36.58 -41.36 -18.23
N GLU B 35 35.37 -40.80 -18.31
CA GLU B 35 34.21 -41.59 -18.71
C GLU B 35 34.37 -42.17 -20.11
N ASP B 36 35.07 -41.47 -21.00
CA ASP B 36 35.31 -41.94 -22.36
C ASP B 36 36.50 -42.89 -22.47
N GLY B 37 37.21 -43.15 -21.37
CA GLY B 37 38.34 -44.05 -21.39
C GLY B 37 39.70 -43.39 -21.44
N SER B 38 39.76 -42.07 -21.52
CA SER B 38 41.03 -41.37 -21.53
C SER B 38 41.60 -41.25 -20.13
N PHE B 39 42.90 -41.03 -20.03
CA PHE B 39 43.50 -40.65 -18.78
C PHE B 39 42.99 -39.29 -18.34
N GLN B 40 42.63 -39.16 -17.07
CA GLN B 40 42.39 -37.85 -16.51
C GLN B 40 43.72 -37.13 -16.34
N THR B 41 43.74 -35.83 -16.68
CA THR B 41 45.00 -35.11 -16.72
C THR B 41 45.65 -35.02 -15.35
N VAL B 42 44.85 -35.11 -14.29
CA VAL B 42 45.37 -35.18 -12.93
C VAL B 42 45.31 -36.63 -12.46
N GLN B 43 46.46 -37.17 -12.07
CA GLN B 43 46.54 -38.52 -11.52
C GLN B 43 46.97 -38.44 -10.06
N CYS B 44 46.11 -38.90 -9.17
CA CYS B 44 46.43 -38.94 -7.76
C CYS B 44 47.18 -40.22 -7.42
N GLY B 45 47.68 -40.27 -6.19
CA GLY B 45 48.36 -41.46 -5.71
C GLY B 45 47.64 -42.08 -4.55
N LYS B 46 48.33 -42.92 -3.77
CA LYS B 46 47.74 -43.54 -2.61
C LYS B 46 47.22 -42.48 -1.64
N ASP B 47 45.91 -42.49 -1.41
CA ASP B 47 45.19 -41.57 -0.53
C ASP B 47 45.22 -40.13 -1.03
N GLY B 48 45.77 -39.86 -2.21
CA GLY B 48 45.86 -38.50 -2.68
C GLY B 48 46.87 -37.65 -1.96
N ALA B 49 47.82 -38.27 -1.25
CA ALA B 49 48.88 -37.52 -0.62
C ALA B 49 49.74 -36.79 -1.65
N SER B 50 50.07 -37.49 -2.73
CA SER B 50 50.80 -36.90 -3.85
C SER B 50 49.96 -37.00 -5.12
N CYS B 51 50.02 -35.95 -5.93
CA CYS B 51 49.28 -35.90 -7.19
C CYS B 51 50.15 -35.23 -8.24
N TRP B 52 49.98 -35.65 -9.49
CA TRP B 52 50.75 -35.11 -10.61
C TRP B 52 49.87 -35.03 -11.84
N CYS B 53 50.38 -34.36 -12.87
CA CYS B 53 49.76 -34.30 -14.17
C CYS B 53 50.40 -35.32 -15.08
N VAL B 54 49.67 -35.74 -16.11
CA VAL B 54 50.15 -36.71 -17.08
C VAL B 54 49.81 -36.25 -18.48
N ASP B 55 50.43 -36.90 -19.46
CA ASP B 55 50.13 -36.66 -20.87
C ASP B 55 49.05 -37.64 -21.32
N ALA B 56 48.82 -37.71 -22.63
CA ALA B 56 47.74 -38.55 -23.16
C ALA B 56 48.01 -40.04 -22.97
N ASP B 57 49.26 -40.43 -22.77
CA ASP B 57 49.62 -41.83 -22.59
C ASP B 57 49.80 -42.21 -21.12
N GLY B 58 49.45 -41.31 -20.21
CA GLY B 58 49.62 -41.59 -18.80
C GLY B 58 51.01 -41.38 -18.27
N ARG B 59 51.95 -40.94 -19.10
CA ARG B 59 53.30 -40.66 -18.63
C ARG B 59 53.32 -39.37 -17.84
N GLU B 60 53.90 -39.41 -16.64
CA GLU B 60 53.95 -38.24 -15.78
C GLU B 60 54.74 -37.12 -16.44
N VAL B 61 54.18 -35.92 -16.45
CA VAL B 61 54.92 -34.76 -16.97
C VAL B 61 55.89 -34.28 -15.90
N PRO B 62 57.18 -34.13 -16.21
CA PRO B 62 58.16 -33.85 -15.17
C PRO B 62 57.94 -32.50 -14.51
N GLY B 63 58.25 -32.44 -13.22
CA GLY B 63 58.12 -31.22 -12.45
C GLY B 63 56.72 -30.93 -11.93
N SER B 64 55.75 -31.79 -12.24
CA SER B 64 54.36 -31.54 -11.85
C SER B 64 53.97 -32.21 -10.54
N ARG B 65 54.71 -33.23 -10.11
CA ARG B 65 54.32 -33.95 -8.89
C ARG B 65 54.34 -33.00 -7.71
N GLN B 66 53.34 -33.17 -6.83
CA GLN B 66 53.02 -32.18 -5.82
C GLN B 66 52.31 -32.88 -4.68
N PRO B 67 52.45 -32.39 -3.46
CA PRO B 67 51.52 -32.80 -2.39
C PRO B 67 50.22 -32.02 -2.49
N GLY B 68 49.13 -32.71 -2.77
CA GLY B 68 47.88 -32.06 -3.10
C GLY B 68 47.66 -32.03 -4.60
N ARG B 69 46.46 -31.63 -4.98
CA ARG B 69 46.04 -31.65 -6.36
C ARG B 69 46.64 -30.48 -7.13
N PRO B 70 47.26 -30.71 -8.29
CA PRO B 70 47.87 -29.61 -9.04
C PRO B 70 46.83 -28.54 -9.41
N ALA B 71 47.26 -27.29 -9.35
CA ALA B 71 46.35 -26.17 -9.59
C ALA B 71 45.83 -26.20 -11.03
N ALA B 72 46.70 -26.47 -11.99
CA ALA B 72 46.28 -26.53 -13.39
C ALA B 72 47.23 -27.43 -14.15
N CYS B 73 46.65 -28.35 -14.92
CA CYS B 73 47.40 -29.20 -15.84
C CYS B 73 47.01 -28.85 -17.26
N LEU B 74 47.99 -28.85 -18.16
CA LEU B 74 47.71 -28.65 -19.56
C LEU B 74 46.91 -29.82 -20.11
N SER B 75 45.98 -29.52 -21.01
CA SER B 75 45.23 -30.57 -21.65
C SER B 75 46.12 -31.33 -22.63
N PHE B 76 45.57 -32.40 -23.21
CA PHE B 76 46.36 -33.20 -24.15
C PHE B 76 46.59 -32.46 -25.45
N CYS B 77 45.64 -31.60 -25.86
CA CYS B 77 45.86 -30.75 -27.03
C CYS B 77 47.01 -29.79 -26.79
N GLN B 78 47.05 -29.17 -25.60
CA GLN B 78 48.11 -28.22 -25.29
C GLN B 78 49.44 -28.92 -25.08
N LEU B 79 49.43 -30.11 -24.49
CA LEU B 79 50.67 -30.85 -24.30
C LEU B 79 51.25 -31.33 -25.62
N GLN B 80 50.39 -31.59 -26.61
CA GLN B 80 50.90 -31.94 -27.94
C GLN B 80 51.52 -30.74 -28.62
N LYS B 81 50.97 -29.55 -28.39
CA LYS B 81 51.56 -28.34 -28.98
C LYS B 81 52.96 -28.10 -28.45
N GLN B 82 53.19 -28.35 -27.17
CA GLN B 82 54.53 -28.20 -26.60
C GLN B 82 55.51 -29.16 -27.26
N GLN B 83 55.14 -30.44 -27.36
CA GLN B 83 56.07 -31.43 -27.86
C GLN B 83 56.42 -31.20 -29.33
N ILE B 84 55.50 -30.63 -30.10
CA ILE B 84 55.79 -30.30 -31.49
C ILE B 84 56.77 -29.13 -31.56
N LEU B 85 56.54 -28.09 -30.76
CA LEU B 85 57.36 -26.90 -30.85
C LEU B 85 58.77 -27.17 -30.31
N LEU B 86 58.88 -27.87 -29.19
CA LEU B 86 60.20 -28.25 -28.68
C LEU B 86 60.94 -29.11 -29.69
N SER B 87 60.24 -30.03 -30.35
CA SER B 87 60.87 -30.93 -31.29
C SER B 87 61.57 -30.15 -32.39
N SER B 88 60.91 -29.14 -32.95
CA SER B 88 61.52 -28.32 -33.99
C SER B 88 62.77 -27.63 -33.47
N TYR B 89 62.72 -27.10 -32.25
CA TYR B 89 63.90 -26.48 -31.67
C TYR B 89 64.98 -27.53 -31.39
N ILE B 90 64.59 -28.66 -30.79
CA ILE B 90 65.56 -29.71 -30.49
C ILE B 90 66.05 -30.39 -31.76
N ASN B 91 65.12 -30.73 -32.67
CA ASN B 91 65.45 -31.39 -33.93
C ASN B 91 64.80 -30.60 -35.05
N SER B 92 65.61 -29.90 -35.84
CA SER B 92 65.10 -28.95 -36.83
C SER B 92 64.03 -29.58 -37.72
N THR B 93 62.81 -29.04 -37.61
CA THR B 93 61.67 -29.50 -38.40
C THR B 93 60.79 -28.31 -38.72
N ALA B 94 60.56 -28.08 -40.01
CA ALA B 94 59.67 -27.01 -40.47
C ALA B 94 58.24 -27.50 -40.26
N THR B 95 57.65 -27.07 -39.14
CA THR B 95 56.32 -27.53 -38.77
C THR B 95 55.29 -27.14 -39.83
N SER B 96 54.37 -28.05 -40.11
CA SER B 96 53.26 -27.79 -41.01
C SER B 96 51.91 -27.83 -40.32
N TYR B 97 51.86 -28.33 -39.08
CA TYR B 97 50.61 -28.45 -38.34
C TYR B 97 50.87 -28.21 -36.87
N LEU B 98 50.13 -27.26 -36.28
CA LEU B 98 50.11 -27.08 -34.85
C LEU B 98 48.67 -27.21 -34.37
N PRO B 99 48.41 -28.10 -33.41
CA PRO B 99 47.02 -28.35 -32.99
C PRO B 99 46.33 -27.09 -32.49
N GLN B 100 45.05 -26.97 -32.82
CA GLN B 100 44.21 -25.88 -32.35
C GLN B 100 43.28 -26.40 -31.26
N CYS B 101 43.33 -25.76 -30.09
CA CYS B 101 42.60 -26.20 -28.93
C CYS B 101 41.48 -25.21 -28.61
N GLN B 102 40.34 -25.74 -28.18
CA GLN B 102 39.28 -24.89 -27.66
C GLN B 102 39.69 -24.30 -26.33
N ASP B 103 38.95 -23.29 -25.89
CA ASP B 103 39.26 -22.62 -24.64
C ASP B 103 39.04 -23.50 -23.42
N SER B 104 38.29 -24.60 -23.57
CA SER B 104 38.21 -25.59 -22.51
C SER B 104 39.46 -26.46 -22.46
N GLY B 105 40.27 -26.42 -23.52
CA GLY B 105 41.49 -27.19 -23.60
C GLY B 105 41.43 -28.38 -24.54
N ASP B 106 40.23 -28.83 -24.92
CA ASP B 106 40.13 -29.97 -25.80
C ASP B 106 40.38 -29.55 -27.25
N TYR B 107 40.57 -30.55 -28.11
CA TYR B 107 40.82 -30.29 -29.51
C TYR B 107 39.62 -29.63 -30.17
N SER B 108 39.88 -28.66 -31.02
CA SER B 108 38.82 -28.12 -31.86
C SER B 108 38.37 -29.19 -32.85
N PRO B 109 37.06 -29.31 -33.10
CA PRO B 109 36.58 -30.36 -34.02
C PRO B 109 37.16 -30.24 -35.42
N VAL B 110 37.48 -29.03 -35.87
CA VAL B 110 38.13 -28.81 -37.14
C VAL B 110 39.58 -28.43 -36.90
N GLN B 111 40.50 -29.12 -37.57
CA GLN B 111 41.93 -28.85 -37.45
C GLN B 111 42.49 -28.48 -38.81
N CYS B 112 43.23 -27.37 -38.85
CA CYS B 112 43.77 -26.83 -40.09
C CYS B 112 45.29 -26.82 -40.04
N ASP B 113 45.92 -27.09 -41.18
CA ASP B 113 47.36 -26.95 -41.29
C ASP B 113 47.75 -25.47 -41.20
N LEU B 114 49.04 -25.22 -40.92
CA LEU B 114 49.49 -23.81 -40.70
C LEU B 114 49.29 -22.97 -41.95
N ARG B 115 49.33 -23.57 -43.13
CA ARG B 115 49.07 -22.74 -44.35
C ARG B 115 47.57 -22.45 -44.47
N ARG B 116 46.76 -23.02 -43.56
CA ARG B 116 45.28 -22.87 -43.62
C ARG B 116 44.79 -23.44 -44.95
N ARG B 117 45.60 -24.34 -45.53
CA ARG B 117 45.40 -24.81 -46.91
C ARG B 117 44.53 -26.07 -46.81
N GLN B 118 44.95 -27.01 -45.96
CA GLN B 118 44.14 -28.25 -45.82
C GLN B 118 43.50 -28.31 -44.42
N CYS B 119 42.30 -28.89 -44.32
CA CYS B 119 41.63 -29.03 -43.03
C CYS B 119 41.00 -30.41 -42.93
N TRP B 120 40.81 -30.88 -41.71
CA TRP B 120 40.17 -32.17 -41.46
C TRP B 120 39.41 -32.11 -40.15
N CYS B 121 38.63 -33.16 -39.88
CA CYS B 121 37.91 -33.32 -38.63
C CYS B 121 38.63 -34.34 -37.76
N VAL B 122 38.76 -34.03 -36.46
CA VAL B 122 39.34 -34.95 -35.51
C VAL B 122 38.25 -35.41 -34.53
N ASP B 123 38.52 -36.53 -33.89
CA ASP B 123 37.66 -37.02 -32.81
C ASP B 123 38.04 -36.30 -31.51
N ALA B 124 37.55 -36.80 -30.40
CA ALA B 124 37.80 -36.18 -29.10
C ALA B 124 39.24 -36.36 -28.62
N GLU B 125 40.07 -37.09 -29.37
CA GLU B 125 41.43 -37.38 -28.95
C GLU B 125 42.48 -36.86 -29.92
N GLY B 126 42.04 -36.01 -30.85
CA GLY B 126 42.96 -35.36 -31.77
C GLY B 126 43.24 -36.19 -32.98
N MET B 127 42.54 -37.29 -33.09
CA MET B 127 42.82 -38.23 -34.19
C MET B 127 41.95 -37.92 -35.37
N GLU B 128 42.53 -37.79 -36.52
CA GLU B 128 41.83 -37.46 -37.77
C GLU B 128 40.77 -38.48 -38.13
N VAL B 129 39.56 -37.99 -38.39
CA VAL B 129 38.52 -38.86 -38.91
C VAL B 129 38.77 -39.04 -40.41
N TYR B 130 38.95 -40.28 -40.84
CA TYR B 130 39.37 -40.56 -42.21
C TYR B 130 38.29 -40.12 -43.20
N GLY B 131 38.73 -39.50 -44.29
CA GLY B 131 37.83 -39.00 -45.31
C GLY B 131 37.41 -37.56 -45.15
N THR B 132 37.85 -36.89 -44.08
CA THR B 132 37.44 -35.52 -43.82
C THR B 132 38.44 -34.48 -44.29
N ARG B 133 39.64 -34.88 -44.69
CA ARG B 133 40.62 -33.91 -45.15
C ARG B 133 40.21 -33.32 -46.49
N GLN B 134 40.33 -32.00 -46.60
CA GLN B 134 39.84 -31.27 -47.76
C GLN B 134 40.49 -29.88 -47.77
N GLN B 135 40.14 -29.10 -48.79
CA GLN B 135 40.60 -27.72 -48.90
C GLN B 135 39.62 -26.81 -48.19
N GLY B 136 40.09 -26.11 -47.16
CA GLY B 136 39.24 -25.23 -46.38
C GLY B 136 38.52 -25.96 -45.26
N ARG B 137 37.87 -25.18 -44.42
CA ARG B 137 37.22 -25.73 -43.25
C ARG B 137 36.04 -26.60 -43.66
N PRO B 138 35.96 -27.85 -43.21
CA PRO B 138 34.78 -28.68 -43.50
C PRO B 138 33.52 -28.03 -42.93
N ALA B 139 32.45 -28.08 -43.72
CA ALA B 139 31.21 -27.42 -43.34
C ALA B 139 30.62 -28.02 -42.07
N ARG B 140 30.61 -29.35 -41.98
CA ARG B 140 29.99 -30.04 -40.85
C ARG B 140 30.76 -31.32 -40.56
N CYS B 141 31.38 -31.38 -39.40
CA CYS B 141 32.12 -32.57 -38.99
C CYS B 141 31.15 -33.64 -38.52
N PRO B 142 31.27 -34.88 -38.99
CA PRO B 142 30.41 -35.95 -38.49
C PRO B 142 30.70 -36.28 -37.03
N ARG B 143 29.67 -36.77 -36.35
CA ARG B 143 29.78 -37.14 -34.94
C ARG B 143 30.02 -38.64 -34.80
N SER B 144 30.20 -39.07 -33.54
CA SER B 144 30.71 -40.42 -33.28
C SER B 144 29.75 -41.50 -33.75
N CYS B 145 28.44 -41.31 -33.53
CA CYS B 145 27.48 -42.33 -33.95
C CYS B 145 27.38 -42.39 -35.47
N GLU B 146 27.46 -41.24 -36.14
CA GLU B 146 27.46 -41.23 -37.59
C GLU B 146 28.72 -41.87 -38.17
N ILE B 147 29.87 -41.66 -37.53
CA ILE B 147 31.10 -42.29 -37.97
C ILE B 147 31.01 -43.80 -37.80
N ARG B 148 30.49 -44.25 -36.66
CA ARG B 148 30.33 -45.69 -36.42
C ARG B 148 29.42 -46.32 -37.45
N ASN B 149 28.37 -45.61 -37.85
CA ASN B 149 27.45 -46.15 -38.85
C ASN B 149 28.10 -46.25 -40.22
N ARG B 150 28.92 -45.27 -40.59
CA ARG B 150 29.59 -45.33 -41.88
C ARG B 150 30.62 -46.43 -41.93
N ARG B 151 31.41 -46.60 -40.86
CA ARG B 151 32.40 -47.65 -40.82
C ARG B 151 31.74 -49.03 -40.85
N LEU B 152 30.53 -49.14 -40.31
CA LEU B 152 29.80 -50.39 -40.41
C LEU B 152 29.51 -50.74 -41.86
N LEU B 153 29.19 -49.74 -42.68
CA LEU B 153 28.95 -50.00 -44.09
C LEU B 153 30.23 -50.37 -44.83
N HIS B 154 31.40 -50.09 -44.26
CA HIS B 154 32.68 -50.46 -44.86
C HIS B 154 33.19 -51.79 -44.33
N GLY B 155 32.37 -52.53 -43.58
CA GLY B 155 32.73 -53.86 -43.13
C GLY B 155 33.37 -53.95 -41.78
N VAL B 156 33.30 -52.92 -40.95
CA VAL B 156 33.92 -52.90 -39.64
C VAL B 156 32.85 -53.20 -38.59
N GLY B 157 33.09 -54.22 -37.78
CA GLY B 157 32.21 -54.53 -36.68
C GLY B 157 31.06 -55.43 -37.07
N ASP B 158 30.03 -55.44 -36.20
CA ASP B 158 28.84 -56.22 -36.43
C ASP B 158 27.90 -55.47 -37.38
N ARG B 159 26.81 -56.14 -37.77
CA ARG B 159 25.88 -55.62 -38.76
C ARG B 159 24.63 -55.03 -38.11
N SER B 160 24.78 -54.40 -36.94
CA SER B 160 23.65 -53.77 -36.28
C SER B 160 23.91 -52.28 -36.11
N PRO B 161 23.25 -51.43 -36.89
CA PRO B 161 23.52 -49.99 -36.80
C PRO B 161 23.07 -49.41 -35.47
N PRO B 162 23.95 -48.72 -34.75
CA PRO B 162 23.52 -48.03 -33.53
C PRO B 162 22.57 -46.90 -33.84
N GLN B 163 21.71 -46.59 -32.87
CA GLN B 163 20.73 -45.54 -33.00
C GLN B 163 21.34 -44.20 -32.60
N CYS B 164 21.19 -43.21 -33.46
CA CYS B 164 21.83 -41.92 -33.28
C CYS B 164 20.80 -40.85 -32.97
N SER B 165 21.22 -39.86 -32.19
CA SER B 165 20.43 -38.67 -31.93
C SER B 165 20.46 -37.74 -33.15
N PRO B 166 19.54 -36.78 -33.22
CA PRO B 166 19.58 -35.82 -34.34
C PRO B 166 20.90 -35.08 -34.45
N ASP B 167 21.55 -34.77 -33.32
CA ASP B 167 22.86 -34.13 -33.36
C ASP B 167 23.95 -35.08 -33.84
N GLY B 168 23.68 -36.37 -33.96
CA GLY B 168 24.65 -37.33 -34.41
C GLY B 168 25.34 -38.11 -33.31
N ALA B 169 24.96 -37.90 -32.06
CA ALA B 169 25.52 -38.67 -30.96
C ALA B 169 24.73 -39.96 -30.76
N PHE B 170 25.26 -40.83 -29.91
CA PHE B 170 24.56 -42.07 -29.57
C PHE B 170 23.36 -41.78 -28.69
N ARG B 171 22.27 -42.47 -28.95
CA ARG B 171 21.14 -42.44 -28.03
C ARG B 171 21.50 -43.24 -26.76
N PRO B 172 21.07 -42.79 -25.59
CA PRO B 172 21.45 -43.49 -24.35
C PRO B 172 20.95 -44.92 -24.28
N VAL B 173 19.80 -45.23 -24.86
CA VAL B 173 19.29 -46.60 -24.93
C VAL B 173 19.61 -47.15 -26.31
N GLN B 174 20.38 -48.23 -26.34
CA GLN B 174 20.73 -48.91 -27.59
C GLN B 174 20.05 -50.26 -27.63
N CYS B 175 19.41 -50.56 -28.75
CA CYS B 175 18.67 -51.82 -28.92
C CYS B 175 19.18 -52.54 -30.16
N LYS B 176 19.43 -53.83 -30.02
CA LYS B 176 19.78 -54.70 -31.12
C LYS B 176 18.98 -56.00 -31.02
N PHE B 177 19.08 -56.81 -32.07
CA PHE B 177 18.37 -58.07 -32.15
C PHE B 177 19.35 -59.23 -32.09
N VAL B 178 18.92 -60.31 -31.44
CA VAL B 178 19.74 -61.51 -31.28
C VAL B 178 18.99 -62.69 -31.87
N ASN B 179 19.67 -63.45 -32.72
CA ASN B 179 19.13 -64.72 -33.23
C ASN B 179 19.31 -65.78 -32.16
N THR B 180 18.20 -66.22 -31.57
CA THR B 180 18.27 -67.14 -30.44
C THR B 180 18.71 -68.54 -30.84
N THR B 181 18.63 -68.88 -32.13
CA THR B 181 19.03 -70.22 -32.55
C THR B 181 20.54 -70.41 -32.44
N ASP B 182 21.32 -69.59 -33.16
CA ASP B 182 22.76 -69.68 -33.14
C ASP B 182 23.41 -68.72 -32.16
N MET B 183 22.61 -67.95 -31.42
CA MET B 183 23.11 -67.05 -30.37
C MET B 183 24.04 -65.98 -30.95
N MET B 184 23.64 -65.41 -32.08
CA MET B 184 24.44 -64.42 -32.79
C MET B 184 23.63 -63.14 -32.96
N ILE B 185 24.34 -62.04 -33.20
CA ILE B 185 23.67 -60.78 -33.46
C ILE B 185 22.99 -60.82 -34.82
N PHE B 186 21.73 -60.43 -34.85
CA PHE B 186 20.91 -60.46 -36.05
C PHE B 186 21.37 -59.37 -37.01
N ASP B 187 21.54 -59.74 -38.28
CA ASP B 187 22.00 -58.81 -39.30
C ASP B 187 20.92 -57.79 -39.62
N LEU B 188 20.95 -56.65 -38.95
CA LEU B 188 19.87 -55.68 -39.08
C LEU B 188 20.03 -54.79 -40.30
N VAL B 189 21.26 -54.46 -40.70
CA VAL B 189 21.46 -53.54 -41.80
C VAL B 189 20.96 -54.14 -43.11
N HIS B 190 21.21 -55.43 -43.33
CA HIS B 190 20.79 -56.05 -44.59
C HIS B 190 19.33 -56.48 -44.53
N SER B 191 18.87 -56.94 -43.37
CA SER B 191 17.48 -57.38 -43.25
C SER B 191 16.52 -56.21 -43.41
N TYR B 192 16.87 -55.04 -42.88
CA TYR B 192 15.99 -53.89 -43.01
C TYR B 192 15.92 -53.40 -44.45
N SER B 193 17.04 -53.45 -45.17
CA SER B 193 17.05 -52.98 -46.55
C SER B 193 16.29 -53.91 -47.48
N ARG B 194 16.29 -55.22 -47.20
CA ARG B 194 15.61 -56.17 -48.06
C ARG B 194 14.16 -56.43 -47.64
N PHE B 195 13.82 -56.22 -46.37
CA PHE B 195 12.46 -56.48 -45.89
C PHE B 195 11.94 -55.30 -45.06
N PRO B 196 11.83 -54.11 -45.66
CA PRO B 196 11.31 -52.98 -44.88
C PRO B 196 9.87 -53.17 -44.43
N ASP B 197 9.09 -54.00 -45.13
CA ASP B 197 7.71 -54.26 -44.76
C ASP B 197 7.58 -55.20 -43.58
N ALA B 198 8.64 -55.94 -43.23
CA ALA B 198 8.62 -56.80 -42.06
C ALA B 198 8.79 -56.02 -40.77
N PHE B 199 9.05 -54.71 -40.84
CA PHE B 199 9.31 -53.90 -39.67
C PHE B 199 8.16 -52.95 -39.34
N VAL B 200 7.01 -53.13 -39.99
CA VAL B 200 5.86 -52.25 -39.72
C VAL B 200 5.31 -52.49 -38.33
N THR B 201 5.16 -53.75 -37.94
CA THR B 201 4.65 -54.12 -36.62
C THR B 201 5.48 -55.27 -36.09
N PHE B 202 5.31 -55.57 -34.80
CA PHE B 202 5.93 -56.75 -34.24
C PHE B 202 5.25 -58.03 -34.70
N SER B 203 4.00 -57.94 -35.15
CA SER B 203 3.32 -59.09 -35.74
C SER B 203 4.00 -59.50 -37.04
N SER B 204 4.32 -58.51 -37.89
CA SER B 204 4.96 -58.82 -39.15
C SER B 204 6.44 -59.18 -38.97
N PHE B 205 7.06 -58.66 -37.91
CA PHE B 205 8.47 -58.96 -37.67
C PHE B 205 8.66 -60.41 -37.24
N ARG B 206 7.91 -60.86 -36.25
CA ARG B 206 8.08 -62.21 -35.74
C ARG B 206 7.46 -63.26 -36.67
N SER B 207 6.68 -62.83 -37.65
CA SER B 207 6.26 -63.74 -38.71
C SER B 207 7.42 -64.07 -39.63
N ARG B 208 8.25 -63.08 -39.96
CA ARG B 208 9.37 -63.31 -40.86
C ARG B 208 10.61 -63.81 -40.12
N PHE B 209 10.82 -63.35 -38.89
CA PHE B 209 12.01 -63.71 -38.09
C PHE B 209 11.53 -64.28 -36.77
N PRO B 210 11.04 -65.53 -36.78
CA PRO B 210 10.42 -66.08 -35.56
C PRO B 210 11.40 -66.40 -34.44
N GLU B 211 12.69 -66.53 -34.72
CA GLU B 211 13.68 -66.89 -33.72
C GLU B 211 14.45 -65.70 -33.17
N VAL B 212 14.05 -64.48 -33.51
CA VAL B 212 14.82 -63.29 -33.18
C VAL B 212 14.20 -62.61 -31.96
N SER B 213 15.04 -62.26 -31.00
CA SER B 213 14.64 -61.57 -29.78
C SER B 213 15.34 -60.22 -29.71
N GLY B 214 14.81 -59.35 -28.85
CA GLY B 214 15.37 -58.02 -28.67
C GLY B 214 16.32 -57.96 -27.49
N TYR B 215 17.32 -57.10 -27.60
CA TYR B 215 18.32 -56.90 -26.55
C TYR B 215 18.66 -55.42 -26.49
N CYS B 216 18.31 -54.78 -25.38
CA CYS B 216 18.55 -53.36 -25.19
C CYS B 216 19.43 -53.14 -23.98
N TYR B 217 20.15 -52.01 -23.96
CA TYR B 217 21.11 -51.73 -22.90
C TYR B 217 21.39 -50.24 -22.87
N CYS B 218 22.06 -49.81 -21.81
CA CYS B 218 22.50 -48.43 -21.66
C CYS B 218 23.90 -48.28 -22.23
N ALA B 219 24.12 -47.21 -22.98
CA ALA B 219 25.38 -46.96 -23.66
C ALA B 219 26.04 -45.72 -23.11
N ASP B 220 27.37 -45.71 -23.13
CA ASP B 220 28.14 -44.53 -22.74
C ASP B 220 28.29 -43.59 -23.93
N SER B 221 29.04 -42.51 -23.74
CA SER B 221 29.16 -41.49 -24.78
C SER B 221 29.85 -42.00 -26.03
N GLN B 222 30.64 -43.07 -25.93
CA GLN B 222 31.27 -43.68 -27.08
C GLN B 222 30.44 -44.82 -27.66
N GLY B 223 29.21 -45.00 -27.18
CA GLY B 223 28.37 -46.07 -27.66
C GLY B 223 28.67 -47.42 -27.08
N ARG B 224 29.55 -47.53 -26.09
CA ARG B 224 29.88 -48.80 -25.50
C ARG B 224 28.86 -49.20 -24.45
N GLU B 225 28.59 -50.49 -24.36
CA GLU B 225 27.57 -51.00 -23.45
C GLU B 225 28.07 -50.91 -22.02
N LEU B 226 27.31 -50.23 -21.16
CA LEU B 226 27.63 -50.22 -19.74
C LEU B 226 27.40 -51.60 -19.15
N ALA B 227 28.27 -51.99 -18.22
CA ALA B 227 28.25 -53.35 -17.69
C ALA B 227 26.98 -53.61 -16.90
N GLU B 228 26.36 -54.76 -17.19
CA GLU B 228 25.20 -55.27 -16.45
C GLU B 228 24.00 -54.33 -16.53
N THR B 229 23.71 -53.87 -17.76
CA THR B 229 22.49 -53.15 -18.04
C THR B 229 21.68 -53.78 -19.17
N GLY B 230 22.06 -54.96 -19.65
CA GLY B 230 21.36 -55.56 -20.77
C GLY B 230 20.07 -56.24 -20.33
N LEU B 231 19.06 -56.13 -21.17
CA LEU B 231 17.78 -56.79 -20.96
C LEU B 231 17.39 -57.58 -22.21
N GLU B 232 16.97 -58.81 -22.01
CA GLU B 232 16.33 -59.59 -23.06
C GLU B 232 14.85 -59.23 -23.12
N LEU B 233 14.41 -58.69 -24.25
CA LEU B 233 13.02 -58.32 -24.46
C LEU B 233 12.39 -59.30 -25.44
N LEU B 234 11.26 -59.89 -25.04
CA LEU B 234 10.59 -60.87 -25.87
C LEU B 234 9.55 -60.20 -26.75
N LEU B 235 9.48 -60.64 -28.00
CA LEU B 235 8.63 -60.00 -29.00
C LEU B 235 7.33 -60.73 -29.24
N ASP B 236 7.06 -61.81 -28.52
CA ASP B 236 5.96 -62.70 -28.87
C ASP B 236 4.59 -62.08 -28.56
N GLU B 237 4.49 -61.35 -27.45
CA GLU B 237 3.21 -60.87 -26.98
C GLU B 237 3.05 -59.36 -27.08
N ILE B 238 3.83 -58.71 -27.94
CA ILE B 238 3.65 -57.28 -28.15
C ILE B 238 2.56 -57.03 -29.18
N TYR B 239 1.74 -56.01 -28.93
CA TYR B 239 0.58 -55.70 -29.76
C TYR B 239 1.01 -54.87 -30.97
N ASP B 240 0.04 -54.36 -31.71
CA ASP B 240 0.26 -53.36 -32.75
C ASP B 240 -0.37 -52.05 -32.31
N THR B 241 0.06 -50.95 -32.93
CA THR B 241 -0.27 -49.63 -32.42
C THR B 241 -0.83 -48.74 -33.53
N ILE B 242 -1.51 -47.68 -33.09
CA ILE B 242 -2.10 -46.73 -34.03
C ILE B 242 -1.10 -45.64 -34.40
N PHE B 243 -0.25 -45.23 -33.45
CA PHE B 243 0.73 -44.19 -33.74
C PHE B 243 1.74 -44.71 -34.76
N ALA B 244 1.80 -44.05 -35.91
CA ALA B 244 2.69 -44.42 -37.00
C ALA B 244 2.63 -43.33 -38.05
N GLY B 245 3.62 -43.32 -38.93
CA GLY B 245 3.65 -42.39 -40.03
C GLY B 245 2.78 -42.86 -41.18
N LEU B 246 2.87 -42.12 -42.28
CA LEU B 246 2.21 -42.55 -43.51
C LEU B 246 3.08 -43.52 -44.29
N ASP B 247 4.39 -43.22 -44.35
CA ASP B 247 5.35 -44.09 -45.08
C ASP B 247 6.18 -44.89 -44.07
N LEU B 248 6.77 -46.01 -44.50
CA LEU B 248 7.63 -46.83 -43.61
C LEU B 248 8.90 -46.04 -43.35
N ALA B 249 9.45 -46.05 -42.15
CA ALA B 249 10.64 -45.27 -41.77
C ALA B 249 11.86 -45.55 -42.66
N SER B 250 12.77 -44.59 -42.74
CA SER B 250 14.00 -44.76 -43.51
C SER B 250 14.97 -45.72 -42.82
N THR B 251 15.17 -45.53 -41.52
CA THR B 251 16.08 -46.34 -40.73
C THR B 251 15.32 -47.06 -39.63
N PHE B 252 15.93 -48.11 -39.09
CA PHE B 252 15.30 -48.83 -37.98
C PHE B 252 15.16 -47.95 -36.74
N ALA B 253 16.06 -46.97 -36.57
CA ALA B 253 15.96 -46.06 -35.43
C ALA B 253 14.73 -45.18 -35.47
N GLU B 254 14.05 -45.08 -36.61
CA GLU B 254 12.87 -44.25 -36.75
C GLU B 254 11.59 -45.06 -36.82
N THR B 255 11.64 -46.34 -36.47
CA THR B 255 10.45 -47.19 -36.51
C THR B 255 9.75 -47.18 -35.17
N THR B 256 8.46 -47.53 -35.19
CA THR B 256 7.73 -47.75 -33.95
C THR B 256 8.26 -48.96 -33.20
N LEU B 257 8.88 -49.91 -33.91
CA LEU B 257 9.45 -51.08 -33.26
C LEU B 257 10.57 -50.69 -32.30
N TYR B 258 11.46 -49.80 -32.73
CA TYR B 258 12.52 -49.35 -31.85
C TYR B 258 11.96 -48.54 -30.68
N ARG B 259 10.96 -47.71 -30.95
CA ARG B 259 10.42 -46.84 -29.90
C ARG B 259 9.72 -47.64 -28.82
N ILE B 260 9.06 -48.74 -29.18
CA ILE B 260 8.38 -49.56 -28.19
C ILE B 260 9.40 -50.29 -27.31
N LEU B 261 10.45 -50.82 -27.93
CA LEU B 261 11.49 -51.52 -27.17
C LEU B 261 12.20 -50.57 -26.22
N GLN B 262 12.46 -49.35 -26.67
CA GLN B 262 13.16 -48.36 -25.87
C GLN B 262 12.34 -47.95 -24.64
N ARG B 263 11.03 -47.78 -24.82
CA ARG B 263 10.17 -47.35 -23.73
C ARG B 263 9.97 -48.45 -22.69
N ARG B 264 9.85 -49.70 -23.14
CA ARG B 264 9.79 -50.82 -22.21
C ARG B 264 11.07 -50.94 -21.39
N PHE B 265 12.21 -50.76 -22.05
CA PHE B 265 13.49 -50.72 -21.35
C PHE B 265 13.50 -49.64 -20.28
N LEU B 266 13.00 -48.45 -20.61
CA LEU B 266 12.99 -47.37 -19.64
C LEU B 266 12.07 -47.66 -18.46
N ALA B 267 10.94 -48.31 -18.72
CA ALA B 267 10.06 -48.68 -17.61
C ALA B 267 10.72 -49.68 -16.67
N VAL B 268 11.42 -50.67 -17.23
CA VAL B 268 12.14 -51.60 -16.37
C VAL B 268 13.26 -50.88 -15.61
N GLN B 269 13.92 -49.92 -16.26
CA GLN B 269 14.91 -49.11 -15.57
C GLN B 269 14.29 -48.37 -14.39
N LEU B 270 13.07 -47.88 -14.56
CA LEU B 270 12.39 -47.20 -13.47
C LEU B 270 12.17 -48.14 -12.30
N VAL B 271 11.75 -49.37 -12.57
CA VAL B 271 11.47 -50.27 -11.45
C VAL B 271 12.76 -50.73 -10.77
N ILE B 272 13.83 -50.97 -11.53
CA ILE B 272 15.02 -51.55 -10.93
C ILE B 272 16.08 -50.53 -10.52
N SER B 273 15.90 -49.25 -10.86
CA SER B 273 16.87 -48.24 -10.48
C SER B 273 16.26 -46.96 -9.93
N GLY B 274 14.96 -46.79 -9.91
CA GLY B 274 14.37 -45.52 -9.48
C GLY B 274 14.28 -44.43 -10.51
N ARG B 275 14.80 -44.62 -11.72
CA ARG B 275 14.86 -43.53 -12.71
C ARG B 275 14.37 -43.98 -14.09
N PHE B 276 13.51 -43.20 -14.73
CA PHE B 276 13.04 -43.46 -16.10
C PHE B 276 14.09 -42.97 -17.10
N ARG B 277 15.32 -43.46 -16.98
CA ARG B 277 16.43 -43.08 -17.85
C ARG B 277 17.60 -44.01 -17.57
N CYS B 278 18.66 -43.84 -18.36
CA CYS B 278 19.96 -44.49 -18.21
C CYS B 278 20.89 -43.62 -17.38
N PRO B 279 21.95 -44.20 -16.81
CA PRO B 279 22.87 -43.39 -15.99
C PRO B 279 23.54 -42.29 -16.79
N THR B 280 23.71 -41.13 -16.14
CA THR B 280 24.38 -40.00 -16.75
C THR B 280 25.90 -40.14 -16.64
N LYS B 281 26.60 -39.17 -17.21
CA LYS B 281 28.07 -39.17 -17.19
C LYS B 281 28.60 -39.10 -15.76
N CYS B 282 28.00 -38.25 -14.93
CA CYS B 282 28.42 -38.14 -13.54
C CYS B 282 28.26 -39.47 -12.81
N GLU B 283 27.11 -40.12 -12.98
CA GLU B 283 26.84 -41.36 -12.26
C GLU B 283 27.74 -42.50 -12.70
N VAL B 284 28.11 -42.55 -13.98
CA VAL B 284 29.05 -43.56 -14.44
C VAL B 284 30.41 -43.35 -13.78
N GLU B 285 30.88 -42.10 -13.73
CA GLU B 285 32.19 -41.82 -13.14
C GLU B 285 32.18 -42.03 -11.64
N ARG B 286 31.08 -41.70 -10.97
CA ARG B 286 30.97 -41.95 -9.54
C ARG B 286 31.03 -43.45 -9.24
N PHE B 287 30.38 -44.27 -10.07
CA PHE B 287 30.41 -45.70 -9.88
C PHE B 287 31.80 -46.26 -10.08
N ALA B 288 32.51 -45.80 -11.12
CA ALA B 288 33.87 -46.30 -11.37
C ALA B 288 34.84 -45.88 -10.28
N ALA B 289 34.69 -44.67 -9.74
CA ALA B 289 35.58 -44.21 -8.68
C ALA B 289 35.38 -45.01 -7.40
N THR B 290 34.13 -45.34 -7.08
CA THR B 290 33.86 -46.13 -5.87
C THR B 290 34.35 -47.56 -6.04
N SER B 291 34.24 -48.12 -7.23
CA SER B 291 34.70 -49.49 -7.47
C SER B 291 36.19 -49.62 -7.25
N PHE B 292 36.98 -48.74 -7.86
CA PHE B 292 38.43 -48.79 -7.78
C PHE B 292 38.99 -47.95 -6.64
N ARG B 293 38.12 -47.32 -5.84
CA ARG B 293 38.53 -46.65 -4.61
C ARG B 293 39.51 -45.52 -4.89
N HIS B 294 39.11 -44.62 -5.78
CA HIS B 294 39.93 -43.49 -6.14
C HIS B 294 39.79 -42.36 -5.10
N PRO B 295 40.83 -41.54 -4.94
CA PRO B 295 40.73 -40.44 -3.97
C PRO B 295 39.64 -39.43 -4.28
N TYR B 296 39.35 -39.17 -5.55
CA TYR B 296 38.32 -38.22 -5.93
C TYR B 296 37.13 -39.00 -6.49
N VAL B 297 36.04 -39.03 -5.73
CA VAL B 297 34.78 -39.61 -6.18
C VAL B 297 33.85 -38.47 -6.58
N PRO B 298 33.43 -38.37 -7.84
CA PRO B 298 32.46 -37.34 -8.22
C PRO B 298 31.16 -37.48 -7.44
N SER B 299 30.55 -36.36 -7.13
CA SER B 299 29.29 -36.30 -6.41
C SER B 299 28.21 -35.78 -7.34
N CYS B 300 27.04 -36.41 -7.30
CA CYS B 300 26.01 -36.20 -8.30
C CYS B 300 24.72 -35.80 -7.60
N HIS B 301 23.91 -35.00 -8.28
CA HIS B 301 22.53 -34.82 -7.85
C HIS B 301 21.71 -36.06 -8.20
N PRO B 302 20.57 -36.26 -7.53
CA PRO B 302 19.73 -37.43 -7.86
C PRO B 302 19.19 -37.43 -9.29
N ASP B 303 19.16 -36.28 -9.96
CA ASP B 303 18.76 -36.23 -11.36
C ASP B 303 19.90 -36.52 -12.32
N GLY B 304 21.10 -36.79 -11.81
CA GLY B 304 22.23 -37.19 -12.61
C GLY B 304 23.25 -36.11 -12.86
N GLU B 305 22.89 -34.85 -12.60
CA GLU B 305 23.79 -33.74 -12.87
C GLU B 305 24.94 -33.73 -11.85
N TYR B 306 26.08 -33.23 -12.29
CA TYR B 306 27.19 -32.96 -11.37
C TYR B 306 26.75 -31.93 -10.34
N GLN B 307 27.10 -32.16 -9.08
CA GLN B 307 26.97 -31.12 -8.08
C GLN B 307 28.02 -30.05 -8.32
N ALA B 308 27.68 -28.80 -8.02
CA ALA B 308 28.60 -27.70 -8.26
C ALA B 308 29.87 -27.86 -7.45
N ALA B 309 29.75 -28.25 -6.18
CA ALA B 309 30.91 -28.38 -5.32
C ALA B 309 31.45 -29.81 -5.36
N GLN B 310 32.70 -29.96 -5.79
CA GLN B 310 33.37 -31.24 -5.77
C GLN B 310 34.48 -31.21 -4.72
N CYS B 311 34.88 -32.39 -4.28
CA CYS B 311 35.76 -32.51 -3.12
C CYS B 311 36.73 -33.66 -3.36
N GLN B 312 37.89 -33.58 -2.75
CA GLN B 312 38.77 -34.73 -2.67
C GLN B 312 38.92 -35.17 -1.21
N GLN B 313 39.26 -36.44 -1.02
CA GLN B 313 39.41 -37.00 0.32
C GLN B 313 40.53 -36.28 1.07
N GLY B 314 40.15 -35.52 2.09
CA GLY B 314 41.09 -34.76 2.88
C GLY B 314 41.95 -33.84 2.03
N GLY B 315 41.40 -33.40 0.90
CA GLY B 315 42.13 -32.59 -0.03
C GLY B 315 41.37 -31.34 -0.40
N PRO B 316 41.77 -30.70 -1.49
CA PRO B 316 41.15 -29.42 -1.87
C PRO B 316 39.72 -29.61 -2.37
N CYS B 317 38.98 -28.52 -2.37
CA CYS B 317 37.62 -28.46 -2.90
C CYS B 317 37.58 -27.49 -4.06
N TRP B 318 36.65 -27.70 -4.99
CA TRP B 318 36.53 -26.81 -6.13
C TRP B 318 35.11 -26.87 -6.66
N CYS B 319 34.81 -25.97 -7.61
CA CYS B 319 33.54 -25.93 -8.31
C CYS B 319 33.74 -26.39 -9.74
N VAL B 320 32.72 -27.03 -10.31
CA VAL B 320 32.80 -27.59 -11.66
C VAL B 320 31.62 -27.09 -12.48
N ASP B 321 31.71 -27.34 -13.78
CA ASP B 321 30.64 -27.00 -14.72
C ASP B 321 29.78 -28.22 -14.97
N SER B 322 28.86 -28.14 -15.95
CA SER B 322 27.96 -29.24 -16.24
C SER B 322 28.67 -30.45 -16.81
N ARG B 323 29.88 -30.29 -17.33
CA ARG B 323 30.67 -31.41 -17.82
C ARG B 323 31.55 -32.00 -16.72
N GLY B 324 31.43 -31.49 -15.50
CA GLY B 324 32.23 -32.00 -14.40
C GLY B 324 33.65 -31.51 -14.38
N GLN B 325 33.97 -30.49 -15.17
CA GLN B 325 35.33 -29.98 -15.28
C GLN B 325 35.50 -28.79 -14.35
N GLU B 326 36.64 -28.76 -13.65
CA GLU B 326 36.88 -27.74 -12.65
C GLU B 326 36.86 -26.34 -13.27
N ILE B 327 36.21 -25.42 -12.59
CA ILE B 327 36.08 -24.03 -13.02
C ILE B 327 37.29 -23.26 -12.48
N PRO B 328 38.09 -22.63 -13.33
CA PRO B 328 39.32 -21.98 -12.85
C PRO B 328 39.06 -20.89 -11.83
N GLY B 329 39.91 -20.82 -10.82
CA GLY B 329 39.85 -19.79 -9.81
C GLY B 329 38.90 -20.05 -8.66
N THR B 330 38.48 -21.30 -8.45
CA THR B 330 37.50 -21.61 -7.41
C THR B 330 38.01 -22.62 -6.39
N ARG B 331 39.31 -22.90 -6.37
CA ARG B 331 39.85 -23.95 -5.51
C ARG B 331 39.96 -23.43 -4.09
N GLN B 332 39.02 -23.84 -3.23
CA GLN B 332 39.12 -23.56 -1.81
C GLN B 332 39.82 -24.71 -1.11
N ARG B 333 40.11 -24.53 0.18
CA ARG B 333 40.86 -25.52 0.93
C ARG B 333 40.02 -26.26 1.96
N GLY B 334 39.46 -25.56 2.94
CA GLY B 334 38.75 -26.24 4.01
C GLY B 334 37.26 -26.38 3.81
N GLU B 335 36.57 -25.26 3.57
CA GLU B 335 35.13 -25.28 3.50
C GLU B 335 34.66 -25.80 2.15
N PRO B 336 33.53 -26.48 2.07
CA PRO B 336 32.86 -26.67 0.79
C PRO B 336 32.68 -25.32 0.11
N PRO B 337 33.18 -25.16 -1.11
CA PRO B 337 33.33 -23.81 -1.68
C PRO B 337 31.98 -23.13 -1.87
N SER B 338 32.04 -21.81 -1.93
CA SER B 338 30.86 -21.00 -2.20
C SER B 338 30.55 -21.07 -3.70
N CYS B 339 30.20 -22.28 -4.14
CA CYS B 339 29.86 -22.49 -5.53
C CYS B 339 28.60 -21.72 -5.86
N ALA B 340 28.71 -20.79 -6.81
CA ALA B 340 27.66 -19.82 -7.11
C ALA B 340 26.52 -20.55 -7.82
N GLU B 341 25.43 -20.81 -7.09
CA GLU B 341 24.31 -21.56 -7.63
C GLU B 341 23.20 -20.66 -8.18
N ASP B 342 22.57 -19.85 -7.33
CA ASP B 342 21.45 -19.03 -7.80
C ASP B 342 21.96 -17.72 -8.42
N GLN B 343 22.54 -16.86 -7.59
CA GLN B 343 23.20 -15.62 -8.01
C GLN B 343 22.43 -14.84 -9.06
N SER B 344 21.11 -14.84 -8.98
CA SER B 344 20.32 -13.99 -9.88
C SER B 344 20.34 -12.53 -9.44
N CYS B 345 20.78 -12.26 -8.20
CA CYS B 345 20.71 -10.88 -7.70
C CYS B 345 21.68 -9.95 -8.41
N PRO B 346 22.99 -10.21 -8.46
CA PRO B 346 23.90 -9.20 -9.04
C PRO B 346 23.60 -8.88 -10.50
N SER B 347 23.14 -9.87 -11.27
CA SER B 347 22.69 -9.58 -12.63
C SER B 347 21.37 -8.81 -12.62
N GLU B 348 20.46 -9.16 -11.71
CA GLU B 348 19.22 -8.41 -11.59
C GLU B 348 19.48 -6.98 -11.13
N ARG B 349 20.40 -6.80 -10.19
CA ARG B 349 20.72 -5.48 -9.71
C ARG B 349 21.34 -4.62 -10.80
N ARG B 350 22.17 -5.22 -11.66
CA ARG B 350 22.76 -4.48 -12.77
C ARG B 350 21.71 -4.06 -13.79
N ARG B 351 20.76 -4.94 -14.08
CA ARG B 351 19.71 -4.60 -15.04
C ARG B 351 18.84 -3.46 -14.53
N ALA B 352 18.62 -3.42 -13.21
CA ALA B 352 17.81 -2.34 -12.65
C ALA B 352 18.53 -1.00 -12.73
N PHE B 353 19.84 -0.99 -12.47
CA PHE B 353 20.61 0.25 -12.61
C PHE B 353 20.66 0.74 -14.06
N SER B 354 20.81 -0.17 -15.03
CA SER B 354 20.82 0.27 -16.41
C SER B 354 19.45 0.76 -16.84
N ARG B 355 18.40 0.24 -16.21
CA ARG B 355 17.06 0.75 -16.47
C ARG B 355 16.85 2.12 -15.83
N LEU B 356 17.44 2.34 -14.64
CA LEU B 356 17.38 3.65 -14.02
C LEU B 356 18.15 4.70 -14.83
N ARG B 357 19.34 4.34 -15.31
CA ARG B 357 20.19 5.30 -15.99
C ARG B 357 19.74 5.62 -17.41
N PHE B 358 18.75 4.89 -17.93
CA PHE B 358 18.34 5.09 -19.31
C PHE B 358 17.79 6.49 -19.55
N GLY B 359 17.19 7.08 -18.52
CA GLY B 359 16.65 8.42 -18.64
C GLY B 359 15.14 8.41 -18.63
N PRO B 360 14.54 9.60 -18.65
CA PRO B 360 13.08 9.70 -18.46
C PRO B 360 12.27 9.12 -19.61
N SER B 361 12.56 9.51 -20.84
CA SER B 361 11.72 9.15 -21.98
C SER B 361 12.50 8.35 -23.01
N GLY B 362 11.84 7.37 -23.60
CA GLY B 362 12.40 6.55 -24.64
C GLY B 362 12.13 5.07 -24.36
N TYR B 363 12.21 4.27 -25.42
CA TYR B 363 11.98 2.84 -25.29
C TYR B 363 13.18 2.15 -24.65
N PHE B 364 12.90 1.33 -23.63
CA PHE B 364 13.94 0.76 -22.81
C PHE B 364 14.79 -0.24 -23.60
N SER B 365 15.93 -0.59 -23.03
CA SER B 365 16.90 -1.47 -23.66
C SER B 365 16.34 -2.86 -23.94
N ALA B 387 12.32 -15.03 -12.15
CA ALA B 387 11.16 -14.74 -11.32
C ALA B 387 9.98 -14.30 -12.17
N SER B 388 10.27 -13.54 -13.23
CA SER B 388 9.23 -13.12 -14.15
C SER B 388 8.75 -14.29 -15.00
N CYS B 389 7.52 -14.17 -15.47
CA CYS B 389 6.94 -15.24 -16.29
C CYS B 389 7.50 -15.17 -17.71
N PRO B 390 7.92 -16.29 -18.29
CA PRO B 390 8.22 -16.29 -19.72
C PRO B 390 6.95 -16.08 -20.52
N PRO B 391 7.06 -15.50 -21.72
CA PRO B 391 5.86 -15.14 -22.48
C PRO B 391 4.93 -16.31 -22.78
N SER B 392 3.64 -16.12 -22.53
CA SER B 392 2.52 -17.01 -22.83
C SER B 392 2.48 -18.25 -21.94
N ILE B 393 3.49 -18.48 -21.09
CA ILE B 393 3.56 -19.74 -20.36
C ILE B 393 2.49 -19.80 -19.27
N LYS B 394 2.35 -18.72 -18.50
CA LYS B 394 1.39 -18.73 -17.41
C LYS B 394 -0.04 -18.88 -17.92
N GLU B 395 -0.38 -18.16 -18.98
CA GLU B 395 -1.76 -18.17 -19.47
C GLU B 395 -2.12 -19.53 -20.08
N LEU B 396 -1.25 -20.08 -20.92
CA LEU B 396 -1.60 -21.30 -21.63
C LEU B 396 -1.49 -22.53 -20.75
N PHE B 397 -0.52 -22.55 -19.83
CA PHE B 397 -0.26 -23.75 -19.04
C PHE B 397 -0.83 -23.71 -17.63
N LEU B 398 -0.83 -22.54 -16.99
CA LEU B 398 -1.22 -22.45 -15.59
C LEU B 398 -2.56 -21.76 -15.37
N ASP B 399 -2.89 -20.73 -16.14
CA ASP B 399 -4.22 -20.14 -16.05
C ASP B 399 -5.29 -21.15 -16.44
N SER B 400 -5.01 -21.97 -17.47
CA SER B 400 -5.98 -22.93 -17.95
C SER B 400 -6.18 -24.10 -16.98
N GLY B 401 -5.28 -24.29 -16.03
CA GLY B 401 -5.38 -25.46 -15.17
C GLY B 401 -4.96 -26.75 -15.83
N ILE B 402 -4.09 -26.68 -16.82
CA ILE B 402 -3.60 -27.87 -17.51
C ILE B 402 -2.50 -28.57 -16.71
N PHE B 403 -1.61 -27.80 -16.09
CA PHE B 403 -0.42 -28.37 -15.47
C PHE B 403 -0.71 -29.00 -14.11
N GLN B 404 -1.62 -28.41 -13.34
CA GLN B 404 -1.80 -28.82 -11.95
C GLN B 404 -2.21 -30.28 -11.77
N PRO B 405 -3.17 -30.84 -12.52
CA PRO B 405 -3.46 -32.27 -12.34
C PRO B 405 -2.30 -33.17 -12.72
N MET B 406 -1.38 -32.69 -13.56
CA MET B 406 -0.21 -33.47 -13.92
C MET B 406 0.73 -33.64 -12.73
N LEU B 407 0.85 -32.66 -11.85
CA LEU B 407 1.89 -32.68 -10.80
C LEU B 407 1.56 -33.62 -9.67
N GLN B 408 0.30 -33.73 -9.38
CA GLN B 408 -0.03 -34.47 -8.15
C GLN B 408 -0.68 -35.80 -8.45
N GLY B 409 -0.49 -36.68 -7.50
CA GLY B 409 -1.14 -37.97 -7.63
C GLY B 409 -2.64 -37.89 -7.54
N ARG B 410 -3.27 -38.84 -8.15
CA ARG B 410 -4.71 -39.06 -8.20
C ARG B 410 -5.02 -40.28 -7.35
N ASP B 411 -5.71 -40.05 -6.22
CA ASP B 411 -6.06 -41.03 -5.20
C ASP B 411 -4.82 -41.56 -4.50
N THR B 412 -3.66 -40.93 -4.66
CA THR B 412 -2.43 -41.33 -3.98
C THR B 412 -1.76 -40.10 -3.40
N ARG B 413 -1.06 -40.30 -2.28
CA ARG B 413 -0.28 -39.23 -1.66
C ARG B 413 1.09 -39.06 -2.31
N PHE B 414 1.44 -39.94 -3.25
CA PHE B 414 2.71 -39.82 -3.96
C PHE B 414 2.76 -38.51 -4.74
N VAL B 415 3.80 -37.72 -4.51
CA VAL B 415 4.04 -36.48 -5.23
C VAL B 415 5.26 -36.68 -6.11
N ALA B 416 5.09 -36.47 -7.40
CA ALA B 416 6.18 -36.73 -8.34
C ALA B 416 7.28 -35.69 -8.20
N PRO B 417 8.54 -36.10 -8.21
CA PRO B 417 9.63 -35.13 -8.36
C PRO B 417 9.67 -34.57 -9.76
N GLU B 418 10.24 -33.38 -9.89
CA GLU B 418 10.38 -32.74 -11.19
C GLU B 418 11.20 -33.60 -12.15
N SER B 419 12.17 -34.35 -11.62
CA SER B 419 12.99 -35.21 -12.46
C SER B 419 12.16 -36.31 -13.12
N LEU B 420 11.21 -36.90 -12.38
CA LEU B 420 10.39 -37.95 -12.95
C LEU B 420 9.54 -37.43 -14.10
N LEU B 421 9.05 -36.20 -13.99
CA LEU B 421 8.26 -35.62 -15.07
C LEU B 421 9.13 -35.26 -16.26
N LYS B 422 10.32 -34.73 -16.01
CA LYS B 422 11.23 -34.43 -17.12
C LYS B 422 11.74 -35.70 -17.78
N GLU B 423 12.04 -36.74 -17.00
CA GLU B 423 12.50 -38.00 -17.58
C GLU B 423 11.40 -38.67 -18.38
N ALA B 424 10.17 -38.64 -17.89
CA ALA B 424 9.07 -39.31 -18.58
C ALA B 424 8.79 -38.68 -19.93
N ILE B 425 8.77 -37.35 -20.01
CA ILE B 425 8.46 -36.69 -21.28
C ILE B 425 9.59 -36.90 -22.28
N ARG B 426 10.85 -36.90 -21.82
CA ARG B 426 11.96 -37.19 -22.71
C ARG B 426 11.92 -38.63 -23.20
N GLY B 427 11.61 -39.57 -22.30
CA GLY B 427 11.62 -40.97 -22.67
C GLY B 427 10.51 -41.35 -23.64
N LEU B 428 9.33 -40.76 -23.45
CA LEU B 428 8.18 -41.14 -24.27
C LEU B 428 8.16 -40.40 -25.60
N PHE B 429 8.56 -39.13 -25.61
CA PHE B 429 8.52 -38.30 -26.82
C PHE B 429 9.89 -37.67 -27.03
N PRO B 430 10.77 -38.34 -27.78
CA PRO B 430 12.12 -37.80 -28.02
C PRO B 430 12.13 -36.49 -28.79
N SER B 431 11.09 -36.17 -29.55
CA SER B 431 11.09 -34.96 -30.36
C SER B 431 9.67 -34.42 -30.48
N ARG B 432 9.59 -33.14 -30.84
CA ARG B 432 8.29 -32.51 -31.05
C ARG B 432 7.53 -33.16 -32.20
N GLU B 433 8.24 -33.62 -33.23
CA GLU B 433 7.59 -34.23 -34.37
C GLU B 433 6.96 -35.58 -34.03
N LEU B 434 7.56 -36.32 -33.10
CA LEU B 434 6.98 -37.58 -32.68
C LEU B 434 5.77 -37.36 -31.78
N ALA B 435 5.82 -36.34 -30.92
CA ALA B 435 4.67 -36.01 -30.10
C ALA B 435 3.51 -35.52 -30.96
N ARG B 436 3.82 -34.83 -32.06
CA ARG B 436 2.78 -34.38 -32.97
C ARG B 436 2.11 -35.55 -33.68
N LEU B 437 2.88 -36.61 -33.95
CA LEU B 437 2.31 -37.82 -34.54
C LEU B 437 1.34 -38.49 -33.58
N ALA B 438 1.69 -38.54 -32.29
CA ALA B 438 0.83 -39.16 -31.30
C ALA B 438 -0.50 -38.43 -31.17
N LEU B 439 -0.47 -37.11 -31.23
CA LEU B 439 -1.71 -36.34 -31.15
C LEU B 439 -2.59 -36.54 -32.38
N GLN B 440 -1.97 -36.87 -33.52
CA GLN B 440 -2.74 -37.07 -34.74
C GLN B 440 -3.59 -38.33 -34.66
N PHE B 441 -3.11 -39.35 -33.96
CA PHE B 441 -3.76 -40.65 -33.95
C PHE B 441 -4.30 -41.06 -32.59
N THR B 442 -4.20 -40.21 -31.57
CA THR B 442 -4.77 -40.52 -30.26
C THR B 442 -6.04 -39.68 -30.09
N THR B 443 -7.19 -40.36 -30.10
CA THR B 443 -8.46 -39.67 -29.88
C THR B 443 -8.67 -39.39 -28.40
N ASN B 444 -8.75 -40.43 -27.58
CA ASN B 444 -8.94 -40.31 -26.14
C ASN B 444 -7.69 -40.80 -25.41
N ALA B 445 -7.38 -40.15 -24.30
CA ALA B 445 -6.13 -40.38 -23.58
C ALA B 445 -6.08 -41.73 -22.87
N LYS B 446 -7.20 -42.45 -22.79
CA LYS B 446 -7.19 -43.75 -22.14
C LYS B 446 -6.53 -44.82 -23.01
N ARG B 447 -6.22 -44.49 -24.26
CA ARG B 447 -5.63 -45.43 -25.20
C ARG B 447 -4.14 -45.20 -25.37
N LEU B 448 -3.61 -44.15 -24.76
CA LEU B 448 -2.27 -43.66 -25.11
C LEU B 448 -1.17 -44.60 -24.64
N GLN B 449 -1.28 -45.10 -23.41
CA GLN B 449 -0.24 -46.01 -22.92
C GLN B 449 -0.17 -47.29 -23.74
N GLN B 450 -1.33 -47.82 -24.13
CA GLN B 450 -1.39 -49.04 -24.92
C GLN B 450 -0.72 -48.86 -26.27
N ASN B 451 -0.86 -47.68 -26.86
CA ASN B 451 -0.21 -47.39 -28.14
C ASN B 451 1.29 -47.23 -27.97
N LEU B 452 1.71 -46.48 -26.95
CA LEU B 452 3.12 -46.16 -26.77
C LEU B 452 3.94 -47.40 -26.42
N PHE B 453 3.41 -48.25 -25.53
CA PHE B 453 4.18 -49.39 -25.03
C PHE B 453 3.81 -50.70 -25.70
N GLY B 454 2.92 -50.68 -26.69
CA GLY B 454 2.44 -51.93 -27.27
C GLY B 454 1.70 -52.79 -26.29
N GLY B 455 0.99 -52.20 -25.35
CA GLY B 455 0.33 -52.94 -24.29
C GLY B 455 0.28 -52.11 -23.03
N ARG B 456 -0.39 -52.66 -22.02
CA ARG B 456 -0.48 -52.03 -20.71
C ARG B 456 0.73 -52.42 -19.87
N PHE B 457 1.89 -51.90 -20.30
CA PHE B 457 3.16 -52.39 -19.77
C PHE B 457 3.42 -51.91 -18.35
N LEU B 458 3.06 -50.66 -18.04
CA LEU B 458 3.47 -50.06 -16.76
C LEU B 458 2.84 -50.80 -15.58
N VAL B 459 1.64 -51.35 -15.74
CA VAL B 459 1.01 -52.10 -14.66
C VAL B 459 1.79 -53.38 -14.37
N ASN B 460 2.07 -54.14 -15.43
CA ASN B 460 2.73 -55.44 -15.26
C ASN B 460 4.16 -55.26 -14.77
N VAL B 461 4.82 -54.16 -15.13
CA VAL B 461 6.14 -53.91 -14.56
C VAL B 461 6.05 -53.69 -13.06
N GLY B 462 5.04 -52.94 -12.61
CA GLY B 462 4.87 -52.73 -11.19
C GLY B 462 4.60 -54.01 -10.44
N GLN B 463 3.79 -54.90 -11.01
CA GLN B 463 3.47 -56.14 -10.31
C GLN B 463 4.41 -57.30 -10.67
N PHE B 464 5.44 -57.06 -11.48
CA PHE B 464 6.41 -58.07 -11.87
C PHE B 464 5.77 -59.20 -12.68
N ASN B 465 4.69 -58.91 -13.38
CA ASN B 465 4.04 -59.86 -14.28
C ASN B 465 4.70 -59.71 -15.65
N LEU B 466 5.91 -60.26 -15.76
CA LEU B 466 6.79 -59.97 -16.87
C LEU B 466 7.33 -61.22 -17.58
N SER B 467 6.74 -62.38 -17.33
CA SER B 467 7.31 -63.62 -17.84
C SER B 467 7.22 -63.72 -19.36
N GLY B 468 6.19 -63.12 -19.96
CA GLY B 468 6.02 -63.13 -21.40
C GLY B 468 6.60 -61.92 -22.10
N ALA B 469 7.34 -61.06 -21.40
CA ALA B 469 7.86 -59.84 -21.99
C ALA B 469 9.36 -59.71 -21.77
N LEU B 470 9.87 -60.38 -20.73
CA LEU B 470 11.27 -60.28 -20.34
C LEU B 470 11.88 -61.66 -20.23
N GLY B 471 13.06 -61.82 -20.84
CA GLY B 471 13.89 -62.97 -20.60
C GLY B 471 14.91 -62.69 -19.52
N THR B 472 15.66 -63.74 -19.16
CA THR B 472 16.68 -63.64 -18.14
C THR B 472 18.10 -63.76 -18.69
N ARG B 473 18.27 -63.78 -20.01
CA ARG B 473 19.60 -63.86 -20.59
C ARG B 473 20.38 -62.58 -20.45
N GLY B 474 19.72 -61.41 -20.34
CA GLY B 474 20.41 -60.15 -20.27
C GLY B 474 21.41 -60.06 -19.12
N THR B 475 22.25 -59.04 -19.18
CA THR B 475 23.38 -58.97 -18.26
C THR B 475 22.99 -58.38 -16.91
N PHE B 476 21.83 -57.73 -16.83
CA PHE B 476 21.32 -57.35 -15.51
C PHE B 476 20.89 -58.60 -14.76
N ASN B 477 21.29 -58.66 -13.49
CA ASN B 477 21.12 -59.88 -12.69
C ASN B 477 19.81 -59.79 -11.93
N PHE B 478 18.77 -60.44 -12.47
CA PHE B 478 17.46 -60.37 -11.85
C PHE B 478 17.37 -61.26 -10.62
N SER B 479 18.07 -62.39 -10.63
CA SER B 479 18.04 -63.28 -9.47
C SER B 479 18.62 -62.62 -8.24
N HIS B 480 19.73 -61.89 -8.40
CA HIS B 480 20.29 -61.15 -7.29
C HIS B 480 19.36 -60.04 -6.85
N PHE B 481 18.69 -59.38 -7.81
CA PHE B 481 17.75 -58.32 -7.48
C PHE B 481 16.59 -58.85 -6.66
N PHE B 482 16.01 -59.98 -7.07
CA PHE B 482 14.86 -60.54 -6.36
C PHE B 482 15.27 -61.17 -5.04
N GLN B 483 16.50 -61.71 -4.97
CA GLN B 483 16.98 -62.27 -3.71
C GLN B 483 17.13 -61.19 -2.65
N GLN B 484 17.63 -60.01 -3.04
CA GLN B 484 17.72 -58.90 -2.10
C GLN B 484 16.34 -58.46 -1.61
N LEU B 485 15.35 -58.49 -2.49
CA LEU B 485 14.00 -58.08 -2.16
C LEU B 485 13.21 -59.16 -1.45
N GLY B 486 13.73 -60.38 -1.37
CA GLY B 486 12.98 -61.48 -0.79
C GLY B 486 11.76 -61.86 -1.60
N LEU B 487 11.92 -61.96 -2.92
CA LEU B 487 10.80 -62.21 -3.81
C LEU B 487 11.10 -63.41 -4.70
N PRO B 488 10.06 -64.15 -5.12
CA PRO B 488 10.29 -65.31 -5.99
C PRO B 488 10.83 -64.94 -7.37
N GLY B 489 10.37 -63.83 -7.94
CA GLY B 489 10.78 -63.45 -9.27
C GLY B 489 9.60 -63.01 -10.12
N PHE B 490 9.57 -63.43 -11.38
CA PHE B 490 8.46 -63.06 -12.25
C PHE B 490 7.22 -63.88 -11.90
N GLN B 491 6.14 -63.20 -11.56
CA GLN B 491 4.86 -63.81 -11.26
C GLN B 491 3.92 -63.64 -12.46
N ASP B 492 2.67 -64.04 -12.29
CA ASP B 492 1.66 -63.85 -13.33
C ASP B 492 0.28 -63.58 -12.72
N LYS B 527 18.62 -53.10 5.78
CA LYS B 527 19.66 -53.06 4.75
C LYS B 527 19.26 -52.15 3.60
N PRO B 528 20.26 -51.58 2.93
CA PRO B 528 20.01 -50.87 1.66
C PRO B 528 20.01 -51.86 0.50
N VAL B 529 18.89 -51.94 -0.21
CA VAL B 529 18.81 -52.78 -1.41
C VAL B 529 19.46 -52.03 -2.56
N VAL B 530 20.36 -52.70 -3.27
CA VAL B 530 21.15 -52.09 -4.34
C VAL B 530 20.71 -52.72 -5.66
N GLY B 531 20.29 -51.86 -6.60
CA GLY B 531 19.87 -52.34 -7.91
C GLY B 531 20.94 -52.16 -8.96
N SER B 532 20.57 -51.56 -10.09
CA SER B 532 21.52 -51.30 -11.15
C SER B 532 22.52 -50.23 -10.72
N PHE B 533 23.78 -50.39 -11.16
CA PHE B 533 24.84 -49.39 -10.99
C PHE B 533 24.93 -48.82 -9.57
N GLY B 534 24.75 -49.65 -8.56
CA GLY B 534 24.92 -49.18 -7.20
C GLY B 534 23.94 -48.12 -6.76
N PHE B 535 22.81 -47.99 -7.44
CA PHE B 535 21.73 -47.12 -6.98
C PHE B 535 20.96 -47.80 -5.86
N GLU B 536 20.68 -47.05 -4.80
CA GLU B 536 19.80 -47.56 -3.76
C GLU B 536 18.36 -47.51 -4.24
N VAL B 537 17.65 -48.62 -4.09
CA VAL B 537 16.31 -48.76 -4.65
C VAL B 537 15.32 -48.99 -3.52
N ASN B 538 14.27 -48.20 -3.50
CA ASN B 538 13.10 -48.44 -2.69
C ASN B 538 12.00 -48.95 -3.60
N LEU B 539 11.61 -50.21 -3.43
CA LEU B 539 10.66 -50.84 -4.33
C LEU B 539 9.30 -50.15 -4.26
N GLN B 540 8.86 -49.71 -3.08
CA GLN B 540 7.51 -49.13 -2.95
C GLN B 540 7.44 -47.76 -3.62
N GLU B 541 8.50 -47.00 -3.48
CA GLU B 541 8.59 -45.72 -4.18
C GLU B 541 8.64 -45.93 -5.69
N ASN B 542 9.38 -46.92 -6.18
CA ASN B 542 9.53 -47.23 -7.62
C ASN B 542 8.19 -47.68 -8.17
N GLN B 543 7.40 -48.42 -7.39
CA GLN B 543 6.06 -48.94 -7.80
C GLN B 543 5.06 -47.80 -7.76
N ASN B 544 5.15 -46.91 -6.78
CA ASN B 544 4.33 -45.71 -6.78
C ASN B 544 4.64 -44.83 -7.98
N ALA B 545 5.91 -44.73 -8.36
CA ALA B 545 6.28 -43.95 -9.54
C ALA B 545 5.72 -44.57 -10.81
N LEU B 546 5.73 -45.89 -10.91
CA LEU B 546 5.14 -46.54 -12.08
C LEU B 546 3.64 -46.34 -12.12
N GLN B 547 2.97 -46.39 -10.97
CA GLN B 547 1.54 -46.14 -10.93
C GLN B 547 1.22 -44.70 -11.30
N PHE B 548 2.05 -43.76 -10.86
CA PHE B 548 1.84 -42.36 -11.19
C PHE B 548 1.90 -42.12 -12.69
N LEU B 549 2.89 -42.72 -13.38
CA LEU B 549 2.99 -42.54 -14.82
C LEU B 549 1.79 -43.14 -15.54
N SER B 550 1.32 -44.29 -15.08
CA SER B 550 0.22 -44.95 -15.75
C SER B 550 -1.04 -44.09 -15.72
N SER B 551 -1.32 -43.46 -14.58
CA SER B 551 -2.45 -42.55 -14.51
C SER B 551 -2.14 -41.20 -15.15
N PHE B 552 -0.88 -40.77 -15.12
CA PHE B 552 -0.47 -39.54 -15.77
C PHE B 552 -0.73 -39.60 -17.27
N LEU B 553 -0.59 -40.78 -17.88
CA LEU B 553 -0.82 -40.95 -19.31
C LEU B 553 -2.30 -41.03 -19.66
N GLU B 554 -3.19 -41.10 -18.68
CA GLU B 554 -4.62 -41.16 -18.93
C GLU B 554 -5.30 -39.80 -18.80
N LEU B 555 -4.60 -38.78 -18.31
CA LEU B 555 -5.20 -37.48 -18.11
C LEU B 555 -5.54 -36.84 -19.45
N PRO B 556 -6.78 -36.39 -19.65
CA PRO B 556 -7.07 -35.59 -20.84
C PRO B 556 -6.30 -34.28 -20.88
N GLU B 557 -5.86 -33.78 -19.73
CA GLU B 557 -5.03 -32.58 -19.69
C GLU B 557 -3.66 -32.81 -20.29
N PHE B 558 -3.18 -34.06 -20.33
CA PHE B 558 -1.85 -34.31 -20.86
C PHE B 558 -1.80 -34.08 -22.37
N LEU B 559 -2.88 -34.42 -23.08
CA LEU B 559 -2.92 -34.16 -24.51
C LEU B 559 -2.87 -32.66 -24.81
N LEU B 560 -3.60 -31.87 -24.03
CA LEU B 560 -3.54 -30.41 -24.18
C LEU B 560 -2.16 -29.88 -23.84
N PHE B 561 -1.55 -30.39 -22.78
CA PHE B 561 -0.18 -30.00 -22.45
C PHE B 561 0.76 -30.30 -23.60
N LEU B 562 0.63 -31.48 -24.21
CA LEU B 562 1.50 -31.86 -25.30
C LEU B 562 1.30 -30.93 -26.49
N GLN B 563 0.04 -30.62 -26.81
CA GLN B 563 -0.26 -29.71 -27.91
C GLN B 563 0.39 -28.35 -27.69
N HIS B 564 0.27 -27.81 -26.47
CA HIS B 564 0.85 -26.50 -26.21
C HIS B 564 2.37 -26.54 -26.13
N ALA B 565 2.93 -27.63 -25.59
CA ALA B 565 4.38 -27.74 -25.45
C ALA B 565 5.07 -27.89 -26.79
N ILE B 566 4.38 -28.49 -27.76
CA ILE B 566 4.95 -28.59 -29.10
C ILE B 566 5.20 -27.21 -29.70
N SER B 567 4.38 -26.23 -29.31
CA SER B 567 4.47 -24.90 -29.89
C SER B 567 5.50 -24.00 -29.23
N VAL B 568 6.06 -24.40 -28.09
CA VAL B 568 7.05 -23.55 -27.42
C VAL B 568 8.31 -23.48 -28.26
N PRO B 569 8.87 -22.29 -28.51
CA PRO B 569 10.02 -22.20 -29.41
C PRO B 569 11.24 -22.95 -28.88
N GLU B 570 11.97 -23.57 -29.80
CA GLU B 570 13.22 -24.24 -29.44
C GLU B 570 14.27 -23.28 -28.92
N ASP B 571 14.13 -21.98 -29.18
CA ASP B 571 15.11 -21.02 -28.70
C ASP B 571 15.09 -20.93 -27.18
N ILE B 572 13.93 -21.12 -26.57
CA ILE B 572 13.83 -21.06 -25.12
C ILE B 572 13.67 -22.43 -24.47
N ALA B 573 13.42 -23.48 -25.25
CA ALA B 573 13.28 -24.82 -24.71
C ALA B 573 13.63 -25.79 -25.83
N ARG B 574 14.81 -26.43 -25.72
CA ARG B 574 15.36 -27.14 -26.87
C ARG B 574 14.67 -28.47 -27.09
N ASP B 575 14.17 -29.10 -26.02
CA ASP B 575 13.42 -30.33 -26.14
C ASP B 575 12.23 -30.30 -25.18
N LEU B 576 11.34 -31.30 -25.32
CA LEU B 576 10.12 -31.30 -24.53
C LEU B 576 10.39 -31.46 -23.04
N GLY B 577 11.53 -32.03 -22.67
CA GLY B 577 11.92 -32.02 -21.27
C GLY B 577 12.24 -30.63 -20.77
N ASP B 578 12.82 -29.79 -21.63
CA ASP B 578 13.09 -28.41 -21.25
C ASP B 578 11.78 -27.64 -21.06
N VAL B 579 10.77 -27.92 -21.88
CA VAL B 579 9.47 -27.27 -21.71
C VAL B 579 8.88 -27.62 -20.35
N MET B 580 8.95 -28.90 -19.97
CA MET B 580 8.45 -29.31 -18.66
C MET B 580 9.18 -28.59 -17.53
N GLU B 581 10.49 -28.38 -17.60
CA GLU B 581 11.26 -27.62 -16.58
C GLU B 581 10.85 -26.14 -16.53
N MET B 582 10.67 -25.48 -17.67
CA MET B 582 10.23 -24.08 -17.77
C MET B 582 8.83 -23.86 -17.18
N VAL B 583 7.86 -24.75 -17.37
CA VAL B 583 6.50 -24.65 -16.80
C VAL B 583 6.62 -24.91 -15.31
N PHE B 584 7.42 -25.91 -14.94
CA PHE B 584 7.54 -26.19 -13.52
C PHE B 584 8.16 -25.02 -12.77
N SER B 585 9.15 -24.36 -13.38
CA SER B 585 9.78 -23.21 -12.74
C SER B 585 8.82 -22.03 -12.65
N SER B 586 7.87 -21.93 -13.59
CA SER B 586 7.04 -20.74 -13.71
C SER B 586 5.90 -20.69 -12.70
N GLN B 587 5.69 -21.73 -11.90
CA GLN B 587 4.66 -21.65 -10.87
C GLN B 587 5.02 -20.55 -9.87
N GLY B 588 4.09 -19.61 -9.69
CA GLY B 588 4.36 -18.46 -8.86
C GLY B 588 5.33 -17.49 -9.50
N CYS B 589 4.93 -16.86 -10.59
CA CYS B 589 5.76 -15.90 -11.30
C CYS B 589 4.97 -14.62 -11.51
N GLY B 590 5.70 -13.52 -11.69
CA GLY B 590 5.10 -12.23 -11.93
C GLY B 590 5.04 -11.87 -13.40
N SER B 595 8.46 -1.71 -10.67
CA SER B 595 8.99 -0.85 -11.73
C SER B 595 9.93 0.18 -11.13
N LEU B 596 11.19 0.15 -11.58
CA LEU B 596 12.33 0.85 -10.97
C LEU B 596 12.71 0.26 -9.63
N PHE B 597 12.25 -0.95 -9.33
CA PHE B 597 12.68 -1.66 -8.13
C PHE B 597 14.09 -2.19 -8.32
N VAL B 598 14.95 -1.95 -7.33
CA VAL B 598 16.33 -2.37 -7.38
C VAL B 598 16.59 -3.37 -6.26
N PRO B 599 16.74 -4.66 -6.56
CA PRO B 599 16.98 -5.65 -5.49
C PRO B 599 18.31 -5.40 -4.79
N ALA B 600 18.31 -5.64 -3.49
CA ALA B 600 19.51 -5.50 -2.66
C ALA B 600 20.18 -6.86 -2.48
N CYS B 601 21.47 -6.92 -2.75
CA CYS B 601 22.23 -8.16 -2.71
C CYS B 601 23.25 -8.11 -1.57
N THR B 602 23.70 -9.28 -1.16
CA THR B 602 24.75 -9.39 -0.15
C THR B 602 26.12 -9.41 -0.81
N ALA B 603 27.16 -9.32 0.03
CA ALA B 603 28.53 -9.40 -0.47
C ALA B 603 28.82 -10.73 -1.15
N GLU B 604 28.13 -11.80 -0.75
CA GLU B 604 28.32 -13.10 -1.38
C GLU B 604 27.43 -13.32 -2.59
N GLY B 605 26.69 -12.29 -3.02
CA GLY B 605 25.87 -12.39 -4.21
C GLY B 605 24.51 -13.00 -4.00
N SER B 606 24.11 -13.24 -2.76
CA SER B 606 22.77 -13.77 -2.48
C SER B 606 21.82 -12.62 -2.17
N TYR B 607 20.53 -12.86 -2.44
CA TYR B 607 19.51 -11.87 -2.13
C TYR B 607 19.53 -11.53 -0.64
N GLU B 608 19.55 -10.24 -0.34
CA GLU B 608 19.25 -9.80 1.02
C GLU B 608 17.79 -10.14 1.32
N GLU B 609 17.56 -10.77 2.48
CA GLU B 609 16.27 -11.39 2.72
C GLU B 609 15.18 -10.38 3.00
N VAL B 610 15.52 -9.11 3.12
CA VAL B 610 14.54 -8.02 3.16
C VAL B 610 14.74 -7.15 1.93
N GLN B 611 13.68 -6.99 1.14
CA GLN B 611 13.70 -6.15 -0.04
C GLN B 611 12.63 -5.07 0.08
N CYS B 612 12.98 -3.86 -0.33
CA CYS B 612 12.12 -2.69 -0.12
C CYS B 612 12.05 -1.88 -1.40
N PHE B 613 10.85 -1.39 -1.72
CA PHE B 613 10.67 -0.44 -2.81
C PHE B 613 9.49 0.48 -2.52
N ALA B 614 9.71 1.78 -2.72
CA ALA B 614 8.64 2.78 -2.69
C ALA B 614 7.85 2.75 -1.38
N GLY B 615 8.56 2.54 -0.27
CA GLY B 615 7.95 2.58 1.04
C GLY B 615 7.47 1.25 1.57
N ASP B 616 7.43 0.20 0.76
CA ASP B 616 7.06 -1.13 1.22
C ASP B 616 8.31 -1.97 1.45
N CYS B 617 8.17 -3.01 2.27
CA CYS B 617 9.25 -3.94 2.55
C CYS B 617 8.69 -5.33 2.75
N TRP B 618 9.39 -6.34 2.24
CA TRP B 618 8.94 -7.72 2.31
C TRP B 618 10.15 -8.64 2.43
N CYS B 619 9.89 -9.87 2.86
CA CYS B 619 10.91 -10.91 2.95
C CYS B 619 10.92 -11.73 1.67
N VAL B 620 12.09 -12.27 1.32
CA VAL B 620 12.25 -13.07 0.12
C VAL B 620 13.00 -14.35 0.47
N ASP B 621 12.87 -15.34 -0.42
CA ASP B 621 13.57 -16.60 -0.27
C ASP B 621 14.91 -16.54 -1.01
N ALA B 622 15.54 -17.71 -1.17
CA ALA B 622 16.83 -17.77 -1.85
C ALA B 622 16.73 -17.29 -3.30
N GLN B 623 15.65 -17.65 -3.99
CA GLN B 623 15.44 -17.22 -5.36
C GLN B 623 14.89 -15.81 -5.45
N GLY B 624 14.79 -15.09 -4.34
CA GLY B 624 14.26 -13.74 -4.35
C GLY B 624 12.80 -13.63 -4.70
N ARG B 625 11.96 -14.51 -4.15
CA ARG B 625 10.52 -14.44 -4.33
C ARG B 625 9.86 -14.00 -3.03
N GLU B 626 8.92 -13.08 -3.14
CA GLU B 626 8.23 -12.55 -1.97
C GLU B 626 7.39 -13.62 -1.29
N LEU B 627 7.40 -13.62 0.03
CA LEU B 627 6.54 -14.51 0.81
C LEU B 627 5.20 -13.84 1.07
N ALA B 628 4.19 -14.68 1.34
CA ALA B 628 2.81 -14.23 1.25
C ALA B 628 2.47 -13.11 2.23
N GLY B 629 2.89 -13.25 3.48
CA GLY B 629 2.49 -12.29 4.49
C GLY B 629 3.60 -11.39 5.01
N SER B 630 4.67 -11.25 4.22
CA SER B 630 5.84 -10.52 4.70
C SER B 630 5.68 -9.01 4.51
N ARG B 631 4.96 -8.59 3.46
CA ARG B 631 4.94 -7.19 3.09
C ARG B 631 4.35 -6.32 4.19
N VAL B 632 5.09 -5.28 4.58
CA VAL B 632 4.62 -4.34 5.63
C VAL B 632 4.86 -2.92 5.13
N ARG B 633 3.81 -2.10 5.13
CA ARG B 633 4.01 -0.69 4.72
C ARG B 633 4.73 0.10 5.81
N GLY B 634 5.56 1.05 5.41
CA GLY B 634 6.20 1.96 6.37
C GLY B 634 6.87 1.26 7.51
N GLY B 635 7.68 0.27 7.19
CA GLY B 635 8.42 -0.41 8.24
C GLY B 635 9.27 -1.51 7.66
N ARG B 636 9.95 -2.22 8.55
CA ARG B 636 10.82 -3.29 8.10
C ARG B 636 10.42 -4.60 8.77
N PRO B 637 10.00 -5.61 8.01
CA PRO B 637 9.45 -6.81 8.64
C PRO B 637 10.51 -7.66 9.31
N ARG B 638 10.08 -8.44 10.29
CA ARG B 638 10.89 -9.51 10.83
C ARG B 638 10.57 -10.79 10.07
N CYS B 639 11.60 -11.43 9.58
CA CYS B 639 11.31 -12.56 8.71
C CYS B 639 11.05 -13.82 9.52
N PRO B 640 10.34 -14.80 8.95
CA PRO B 640 9.91 -15.97 9.73
C PRO B 640 11.09 -16.72 10.34
N THR B 641 10.86 -17.25 11.54
CA THR B 641 11.84 -18.03 12.27
C THR B 641 11.56 -19.51 12.12
N GLU B 642 12.36 -20.32 12.82
CA GLU B 642 12.17 -21.78 12.80
C GLU B 642 10.81 -22.19 13.35
N CYS B 643 10.45 -21.68 14.53
CA CYS B 643 9.16 -22.03 15.13
C CYS B 643 8.01 -21.63 14.21
N GLU B 644 8.07 -20.41 13.68
CA GLU B 644 6.98 -19.90 12.86
C GLU B 644 6.81 -20.70 11.58
N LYS B 645 7.91 -21.17 11.00
CA LYS B 645 7.81 -21.99 9.79
C LYS B 645 7.30 -23.38 10.08
N GLN B 646 7.71 -23.98 11.21
CA GLN B 646 7.14 -25.26 11.61
C GLN B 646 5.65 -25.13 11.91
N ARG B 647 5.27 -24.06 12.61
CA ARG B 647 3.86 -23.86 12.94
C ARG B 647 3.00 -23.72 11.69
N ALA B 648 3.48 -22.94 10.72
CA ALA B 648 2.76 -22.82 9.45
C ALA B 648 2.81 -24.10 8.62
N ARG B 649 3.76 -24.97 8.86
CA ARG B 649 3.79 -26.26 8.12
C ARG B 649 2.86 -27.27 8.77
N MET B 650 2.86 -27.38 10.10
CA MET B 650 2.02 -28.37 10.82
C MET B 650 0.54 -27.96 10.73
N GLN B 651 0.25 -26.68 10.51
CA GLN B 651 -1.13 -26.20 10.42
C GLN B 651 -1.65 -26.40 8.99
N SER B 652 -0.76 -26.62 8.03
CA SER B 652 -1.28 -26.96 6.68
C SER B 652 -1.45 -28.48 6.58
N LEU B 653 -1.16 -29.22 7.64
CA LEU B 653 -1.43 -30.68 7.62
C LEU B 653 -2.49 -31.06 8.67
N LEU B 654 -2.92 -30.11 9.51
CA LEU B 654 -4.00 -30.37 10.51
C LEU B 654 -5.28 -30.15 9.74
N GLY B 655 -5.14 -29.55 8.57
CA GLY B 655 -6.27 -29.34 7.66
C GLY B 655 -6.44 -30.53 6.76
N SER B 656 -5.72 -31.63 6.98
CA SER B 656 -6.01 -32.90 6.26
C SER B 656 -6.42 -34.00 7.24
N GLN B 657 -6.17 -33.82 8.54
CA GLN B 657 -6.55 -34.80 9.54
C GLN B 657 -8.07 -34.86 9.66
N PRO B 658 -8.61 -35.98 10.14
CA PRO B 658 -10.07 -36.08 10.30
C PRO B 658 -10.56 -35.19 11.43
N ALA B 659 -11.89 -35.01 11.46
CA ALA B 659 -12.50 -34.21 12.50
C ALA B 659 -12.29 -34.83 13.87
N GLY B 660 -12.15 -33.97 14.88
CA GLY B 660 -11.91 -34.44 16.23
C GLY B 660 -10.60 -35.18 16.41
N SER B 661 -9.56 -34.75 15.70
CA SER B 661 -8.25 -35.38 15.78
C SER B 661 -7.20 -34.31 15.95
N SER B 662 -6.14 -34.64 16.68
CA SER B 662 -5.08 -33.70 17.01
C SER B 662 -3.76 -34.18 16.45
N LEU B 663 -3.09 -33.30 15.72
CA LEU B 663 -1.70 -33.46 15.32
C LEU B 663 -0.91 -32.32 15.96
N PHE B 664 0.32 -32.60 16.35
CA PHE B 664 1.08 -31.64 17.14
C PHE B 664 1.30 -30.36 16.34
N VAL B 665 1.23 -29.22 17.03
CA VAL B 665 1.50 -27.94 16.40
C VAL B 665 2.26 -27.07 17.39
N PRO B 666 3.50 -26.71 17.10
CA PRO B 666 4.28 -25.92 18.06
C PRO B 666 3.68 -24.53 18.26
N ALA B 667 3.93 -23.98 19.44
CA ALA B 667 3.45 -22.66 19.82
C ALA B 667 4.62 -21.70 19.85
N CYS B 668 4.44 -20.52 19.24
CA CYS B 668 5.50 -19.56 19.10
C CYS B 668 5.08 -18.22 19.71
N THR B 669 6.03 -17.55 20.34
CA THR B 669 5.77 -16.22 20.86
C THR B 669 5.62 -15.23 19.70
N SER B 670 5.31 -13.99 20.04
CA SER B 670 5.16 -12.95 19.03
C SER B 670 6.47 -12.62 18.32
N LYS B 671 7.60 -12.85 18.97
CA LYS B 671 8.91 -12.58 18.39
C LYS B 671 9.47 -13.78 17.65
N GLY B 672 8.68 -14.85 17.49
CA GLY B 672 9.09 -16.02 16.75
C GLY B 672 9.69 -17.13 17.58
N ASN B 673 10.04 -16.89 18.83
CA ASN B 673 10.67 -17.91 19.65
C ASN B 673 9.67 -18.99 20.05
N PHE B 674 10.19 -20.15 20.44
CA PHE B 674 9.37 -21.22 20.98
C PHE B 674 8.86 -20.87 22.36
N LEU B 675 7.69 -21.39 22.71
CA LEU B 675 7.24 -21.29 24.09
C LEU B 675 7.99 -22.30 24.95
N PRO B 676 8.22 -21.98 26.22
CA PRO B 676 9.02 -22.88 27.06
C PRO B 676 8.46 -24.29 27.18
N VAL B 677 7.14 -24.46 27.18
CA VAL B 677 6.51 -25.75 27.38
C VAL B 677 5.69 -26.10 26.14
N GLN B 678 5.87 -27.32 25.65
CA GLN B 678 5.08 -27.86 24.55
C GLN B 678 4.37 -29.12 25.05
N CYS B 679 3.11 -29.29 24.61
CA CYS B 679 2.27 -30.37 25.11
C CYS B 679 1.60 -31.08 23.94
N PHE B 680 1.31 -32.37 24.13
CA PHE B 680 0.66 -33.17 23.09
C PHE B 680 0.13 -34.50 23.65
N ASN B 681 -1.15 -34.78 23.42
CA ASN B 681 -1.90 -35.86 24.09
C ASN B 681 -1.57 -35.95 25.57
N SER B 682 -1.85 -34.84 26.26
CA SER B 682 -1.75 -34.77 27.72
C SER B 682 -0.36 -35.17 28.21
N GLU B 683 0.67 -34.76 27.48
CA GLU B 683 2.06 -34.94 27.89
C GLU B 683 2.79 -33.64 27.56
N CYS B 684 3.56 -33.13 28.52
CA CYS B 684 4.21 -31.83 28.38
C CYS B 684 5.71 -31.93 28.58
N TYR B 685 6.45 -31.13 27.83
CA TYR B 685 7.91 -31.10 27.84
C TYR B 685 8.40 -29.66 27.94
N CYS B 686 9.56 -29.48 28.56
CA CYS B 686 10.33 -28.26 28.38
C CYS B 686 11.17 -28.41 27.12
N VAL B 687 11.29 -27.34 26.34
CA VAL B 687 12.03 -27.38 25.11
C VAL B 687 13.03 -26.23 25.08
N ASP B 688 14.08 -26.40 24.28
CA ASP B 688 15.12 -25.40 24.12
C ASP B 688 14.75 -24.43 23.00
N THR B 689 15.66 -23.52 22.69
CA THR B 689 15.38 -22.49 21.68
C THR B 689 15.26 -23.08 20.29
N GLU B 690 15.67 -24.33 20.09
CA GLU B 690 15.45 -25.03 18.82
C GLU B 690 14.18 -25.87 18.84
N GLY B 691 13.41 -25.82 19.92
CA GLY B 691 12.20 -26.62 20.02
C GLY B 691 12.46 -28.11 20.14
N GLN B 692 13.51 -28.49 20.87
CA GLN B 692 13.82 -29.90 21.09
C GLN B 692 13.61 -30.23 22.56
N PRO B 693 13.03 -31.39 22.87
CA PRO B 693 12.72 -31.71 24.27
C PRO B 693 13.97 -31.73 25.13
N ILE B 694 13.85 -31.19 26.33
CA ILE B 694 14.94 -31.25 27.30
C ILE B 694 14.76 -32.52 28.14
N PRO B 695 15.76 -33.41 28.18
CA PRO B 695 15.59 -34.68 28.92
C PRO B 695 15.31 -34.43 30.39
N GLY B 696 14.43 -35.27 30.95
CA GLY B 696 14.09 -35.20 32.35
C GLY B 696 13.03 -34.19 32.72
N THR B 697 12.40 -33.54 31.74
CA THR B 697 11.43 -32.49 32.02
C THR B 697 10.00 -32.89 31.68
N ARG B 698 9.75 -34.14 31.31
CA ARG B 698 8.42 -34.50 30.88
C ARG B 698 7.49 -34.61 32.09
N SER B 699 6.21 -34.34 31.86
CA SER B 699 5.21 -34.45 32.90
C SER B 699 3.85 -34.61 32.23
N ALA B 700 2.81 -34.63 33.05
CA ALA B 700 1.45 -34.75 32.55
C ALA B 700 0.80 -33.37 32.50
N LEU B 701 -0.10 -33.20 31.53
CA LEU B 701 -0.85 -31.96 31.41
C LEU B 701 -1.59 -31.68 32.71
N GLY B 702 -1.44 -30.46 33.23
CA GLY B 702 -2.03 -30.10 34.50
C GLY B 702 -1.09 -30.17 35.68
N GLU B 703 0.10 -30.74 35.52
CA GLU B 703 1.11 -30.78 36.57
C GLU B 703 2.16 -29.73 36.26
N PRO B 704 2.25 -28.67 37.05
CA PRO B 704 3.22 -27.60 36.75
C PRO B 704 4.65 -28.13 36.77
N LYS B 705 5.46 -27.62 35.85
CA LYS B 705 6.82 -28.09 35.63
C LYS B 705 7.76 -26.90 35.55
N LYS B 706 8.88 -26.99 36.27
CA LYS B 706 9.84 -25.90 36.28
C LYS B 706 10.82 -26.06 35.13
N CYS B 707 10.79 -25.10 34.19
CA CYS B 707 11.64 -25.13 33.02
C CYS B 707 12.89 -24.28 33.28
N PRO B 708 14.01 -24.60 32.62
CA PRO B 708 15.19 -23.72 32.73
C PRO B 708 14.93 -22.35 32.13
N SER B 709 15.55 -21.33 32.72
CA SER B 709 15.29 -19.95 32.32
C SER B 709 15.89 -19.68 30.94
N PRO B 710 15.36 -18.68 30.24
CA PRO B 710 15.92 -18.34 28.91
C PRO B 710 17.39 -17.95 28.95
N CYS B 711 17.89 -17.43 30.07
CA CYS B 711 19.32 -17.09 30.21
C CYS B 711 20.13 -18.39 30.35
N GLN B 712 19.62 -19.36 31.09
CA GLN B 712 20.27 -20.68 31.26
C GLN B 712 20.39 -21.41 29.93
N LEU B 713 19.41 -21.26 29.05
CA LEU B 713 19.36 -22.00 27.76
C LEU B 713 20.30 -21.38 26.75
N GLN B 714 20.21 -20.06 26.56
CA GLN B 714 21.14 -19.34 25.65
C GLN B 714 22.58 -19.45 26.21
N ALA B 715 22.76 -19.57 27.51
CA ALA B 715 24.10 -19.78 28.07
C ALA B 715 24.62 -21.14 27.62
N GLU B 716 23.89 -22.22 27.95
CA GLU B 716 24.31 -23.59 27.55
C GLU B 716 24.58 -23.68 26.06
N ARG B 717 23.80 -22.92 25.29
CA ARG B 717 23.67 -23.11 23.83
C ARG B 717 24.90 -22.46 23.20
N ALA B 718 25.73 -21.90 24.05
CA ALA B 718 26.83 -21.02 23.67
C ALA B 718 28.08 -21.56 24.36
N PHE B 719 27.92 -22.36 25.41
CA PHE B 719 29.10 -23.13 25.90
C PHE B 719 29.58 -23.99 24.73
N LEU B 720 28.66 -24.40 23.86
CA LEU B 720 29.07 -25.23 22.71
C LEU B 720 29.11 -24.42 21.42
N GLY B 721 28.65 -23.16 21.43
CA GLY B 721 29.13 -22.28 20.34
C GLY B 721 30.64 -22.18 20.40
N THR B 722 31.18 -21.94 21.61
CA THR B 722 32.63 -21.79 21.77
C THR B 722 33.35 -23.10 21.43
N VAL B 723 32.90 -24.22 22.02
CA VAL B 723 33.70 -25.46 22.03
C VAL B 723 33.83 -25.86 20.55
N ARG B 724 32.74 -25.62 19.81
CA ARG B 724 32.73 -26.04 18.39
C ARG B 724 33.85 -25.33 17.63
N THR B 725 34.06 -24.02 17.88
CA THR B 725 35.03 -23.20 17.11
C THR B 725 36.48 -23.59 17.40
N LEU B 726 36.78 -23.89 18.65
CA LEU B 726 38.15 -24.36 19.00
C LEU B 726 38.38 -25.67 18.26
N VAL B 727 37.34 -26.51 18.27
CA VAL B 727 37.27 -27.81 17.53
C VAL B 727 37.36 -27.49 16.03
N TYR B 740 31.63 -14.40 24.13
CA TYR B 740 31.24 -14.58 25.55
C TYR B 740 30.11 -15.59 25.63
N ILE B 741 30.07 -16.36 26.70
CA ILE B 741 28.82 -17.18 26.86
C ILE B 741 28.02 -16.69 28.07
N PRO B 742 26.69 -16.49 27.93
CA PRO B 742 25.87 -15.70 28.85
C PRO B 742 25.82 -16.05 30.33
N GLN B 743 25.75 -15.01 31.16
CA GLN B 743 25.89 -15.04 32.64
C GLN B 743 24.53 -14.81 33.30
N CYS B 744 24.16 -15.61 34.30
CA CYS B 744 22.74 -15.63 34.75
C CYS B 744 22.60 -15.28 36.23
N SER B 745 22.23 -14.03 36.54
CA SER B 745 22.04 -13.63 37.98
C SER B 745 21.24 -14.70 38.70
N ALA B 746 21.38 -14.77 40.02
CA ALA B 746 20.63 -15.74 40.86
C ALA B 746 19.21 -15.97 40.34
N SER B 747 18.72 -17.22 40.36
CA SER B 747 17.33 -17.59 39.93
C SER B 747 17.26 -17.82 38.43
N GLY B 748 18.36 -17.60 37.71
CA GLY B 748 18.35 -17.66 36.25
C GLY B 748 17.98 -16.36 35.57
N GLN B 749 17.56 -15.34 36.32
CA GLN B 749 17.29 -14.02 35.69
C GLN B 749 18.60 -13.49 35.10
N TRP B 750 18.56 -12.91 33.92
CA TRP B 750 19.81 -12.40 33.28
C TRP B 750 20.49 -11.45 34.24
N SER B 751 21.80 -11.60 34.43
CA SER B 751 22.61 -10.73 35.26
C SER B 751 22.86 -9.42 34.52
N PRO B 752 22.58 -8.27 35.15
CA PRO B 752 22.66 -6.99 34.42
C PRO B 752 24.03 -6.72 33.83
N VAL B 753 25.09 -7.23 34.44
CA VAL B 753 26.44 -7.09 33.91
C VAL B 753 26.80 -8.39 33.18
N GLN B 754 27.24 -8.25 31.93
CA GLN B 754 27.61 -9.39 31.10
C GLN B 754 29.03 -9.20 30.60
N CYS B 755 29.80 -10.28 30.59
CA CYS B 755 31.23 -10.24 30.31
C CYS B 755 31.55 -11.03 29.05
N ASP B 756 32.65 -10.67 28.41
CA ASP B 756 33.08 -11.28 27.16
C ASP B 756 34.30 -12.18 27.41
N GLY B 757 34.69 -12.92 26.38
CA GLY B 757 35.88 -13.74 26.43
C GLY B 757 35.57 -15.21 26.53
N PRO B 758 36.60 -16.01 26.81
CA PRO B 758 36.38 -17.44 27.07
C PRO B 758 35.66 -17.65 28.39
N PRO B 759 34.93 -18.75 28.54
CA PRO B 759 34.20 -18.97 29.80
C PRO B 759 35.15 -19.22 30.95
N GLU B 760 34.63 -19.01 32.16
CA GLU B 760 35.42 -19.21 33.37
C GLU B 760 34.54 -19.68 34.52
N ALA B 873 32.35 -16.31 42.69
CA ALA B 873 33.60 -15.63 42.97
C ALA B 873 33.50 -14.15 42.63
N HIS B 874 32.86 -13.85 41.50
CA HIS B 874 32.69 -12.48 41.01
C HIS B 874 34.04 -11.77 40.85
N PHE B 875 34.92 -12.41 40.08
CA PHE B 875 36.22 -11.85 39.74
C PHE B 875 36.12 -11.08 38.43
N ASP B 876 36.94 -10.04 38.31
CA ASP B 876 36.95 -9.17 37.13
C ASP B 876 38.25 -9.36 36.38
N LEU B 877 38.16 -9.95 35.19
CA LEU B 877 39.30 -10.03 34.28
C LEU B 877 38.91 -9.83 32.82
N ARG B 878 37.67 -9.45 32.54
CA ARG B 878 37.15 -9.40 31.18
C ARG B 878 36.37 -8.11 30.95
N SER B 879 36.04 -7.87 29.69
CA SER B 879 35.26 -6.70 29.33
C SER B 879 33.83 -6.85 29.82
N CYS B 880 33.21 -5.72 30.18
CA CYS B 880 31.89 -5.71 30.79
C CYS B 880 30.97 -4.76 30.02
N TRP B 881 29.66 -5.02 30.13
CA TRP B 881 28.65 -4.07 29.67
C TRP B 881 27.37 -4.31 30.46
N CYS B 882 26.36 -3.50 30.20
CA CYS B 882 25.06 -3.62 30.84
C CYS B 882 24.06 -4.18 29.85
N VAL B 883 23.09 -4.94 30.37
CA VAL B 883 22.19 -5.72 29.54
C VAL B 883 20.76 -5.50 30.00
N ASP B 884 19.82 -5.70 29.08
CA ASP B 884 18.41 -5.58 29.40
C ASP B 884 17.93 -6.81 30.17
N GLU B 885 16.61 -6.86 30.40
CA GLU B 885 16.02 -8.02 31.07
C GLU B 885 15.93 -9.22 30.16
N ALA B 886 15.96 -9.03 28.84
CA ALA B 886 15.89 -10.11 27.88
C ALA B 886 17.19 -10.24 27.07
N GLY B 887 18.28 -9.72 27.60
CA GLY B 887 19.59 -9.87 26.95
C GLY B 887 19.80 -9.00 25.73
N GLN B 888 19.68 -7.68 25.89
CA GLN B 888 19.81 -6.77 24.75
C GLN B 888 21.14 -6.01 24.72
N LYS B 889 22.00 -6.19 25.71
CA LYS B 889 23.32 -5.55 25.76
C LYS B 889 23.21 -4.02 25.71
N LEU B 890 22.31 -3.47 26.53
CA LEU B 890 22.19 -2.02 26.66
C LEU B 890 21.66 -1.64 28.04
N CYS B 903 24.82 0.43 36.13
CA CYS B 903 23.93 0.27 35.00
C CYS B 903 22.74 1.22 35.11
N PRO B 904 22.20 1.66 33.96
CA PRO B 904 21.14 2.68 33.99
C PRO B 904 19.86 2.16 34.63
N GLY B 905 19.14 3.07 35.28
CA GLY B 905 17.79 2.78 35.70
C GLY B 905 16.82 2.91 34.54
N SER B 906 15.55 2.67 34.80
CA SER B 906 14.54 2.68 33.74
C SER B 906 14.44 4.07 33.10
N CYS B 907 14.22 5.09 33.92
CA CYS B 907 14.06 6.45 33.41
C CYS B 907 15.33 6.93 32.72
N GLU B 908 16.48 6.63 33.31
CA GLU B 908 17.74 7.08 32.72
C GLU B 908 18.03 6.36 31.42
N GLU B 909 17.59 5.11 31.30
CA GLU B 909 17.75 4.38 30.05
C GLU B 909 16.88 4.96 28.96
N VAL B 910 15.63 5.31 29.28
CA VAL B 910 14.80 6.00 28.30
C VAL B 910 15.38 7.36 27.97
N LYS B 911 15.94 8.03 28.98
CA LYS B 911 16.51 9.37 28.78
C LYS B 911 17.66 9.35 27.78
N LEU B 912 18.49 8.31 27.82
CA LEU B 912 19.64 8.23 26.93
C LEU B 912 19.25 8.05 25.48
N ARG B 913 18.07 7.48 25.19
CA ARG B 913 17.63 7.35 23.81
C ARG B 913 17.27 8.72 23.23
N VAL B 914 16.59 9.56 24.02
CA VAL B 914 16.23 10.88 23.54
C VAL B 914 17.46 11.74 23.33
N LEU B 915 18.48 11.55 24.17
CA LEU B 915 19.73 12.29 23.99
C LEU B 915 20.48 11.81 22.75
N GLN B 916 20.39 10.52 22.44
CA GLN B 916 20.93 10.01 21.20
C GLN B 916 20.22 10.61 19.98
N PHE B 917 18.89 10.72 20.06
CA PHE B 917 18.10 11.26 18.96
C PHE B 917 18.50 12.70 18.66
N ILE B 918 18.67 13.52 19.70
CA ILE B 918 19.08 14.90 19.50
C ILE B 918 20.47 14.98 18.88
N ARG B 919 21.38 14.16 19.36
CA ARG B 919 22.74 14.17 18.82
C ARG B 919 22.76 13.76 17.36
N GLU B 920 21.98 12.75 16.98
CA GLU B 920 21.90 12.37 15.58
C GLU B 920 21.28 13.48 14.74
N ALA B 921 20.21 14.11 15.24
CA ALA B 921 19.58 15.20 14.51
C ALA B 921 20.54 16.37 14.32
N GLU B 922 21.46 16.56 15.25
CA GLU B 922 22.43 17.64 15.08
C GLU B 922 23.60 17.22 14.20
N GLU B 923 23.90 15.92 14.16
CA GLU B 923 24.88 15.43 13.17
C GLU B 923 24.37 15.64 11.76
N ILE B 924 23.07 15.42 11.52
CA ILE B 924 22.52 15.67 10.19
C ILE B 924 22.70 17.12 9.79
N VAL B 925 22.49 18.05 10.73
CA VAL B 925 22.73 19.47 10.45
C VAL B 925 24.21 19.72 10.19
N THR B 926 25.09 19.02 10.92
CA THR B 926 26.52 19.20 10.73
C THR B 926 26.95 18.78 9.33
N TYR B 927 26.53 17.59 8.88
CA TYR B 927 26.84 17.12 7.55
C TYR B 927 26.16 17.94 6.47
N SER B 928 25.11 18.70 6.82
CA SER B 928 24.38 19.49 5.86
C SER B 928 25.00 20.85 5.60
N ASN B 929 26.00 21.25 6.38
CA ASN B 929 26.69 22.55 6.17
C ASN B 929 28.01 22.28 5.45
N SER B 930 28.75 21.28 5.89
CA SER B 930 29.97 20.87 5.14
C SER B 930 29.45 19.79 4.20
N SER B 931 29.32 20.07 2.90
CA SER B 931 28.63 19.14 1.96
C SER B 931 29.31 17.80 1.70
N ARG B 932 28.90 16.74 2.39
CA ARG B 932 29.54 15.42 2.25
C ARG B 932 28.57 14.50 1.50
N PHE B 933 27.29 14.90 1.37
CA PHE B 933 26.27 14.03 0.76
C PHE B 933 25.45 14.81 -0.28
N PRO B 934 24.91 14.20 -1.38
CA PRO B 934 23.98 14.88 -2.28
C PRO B 934 22.60 15.01 -1.66
N LEU B 935 21.88 16.03 -2.11
CA LEU B 935 20.61 16.38 -1.48
C LEU B 935 19.56 15.31 -1.70
N GLY B 936 19.59 14.65 -2.85
CA GLY B 936 18.60 13.66 -3.19
C GLY B 936 18.87 12.25 -2.73
N GLU B 937 19.95 12.02 -1.98
CA GLU B 937 20.26 10.65 -1.57
C GLU B 937 19.32 10.15 -0.47
N SER B 938 18.87 11.04 0.42
CA SER B 938 17.91 10.62 1.42
C SER B 938 16.55 10.30 0.79
N PHE B 939 16.17 11.03 -0.25
CA PHE B 939 14.97 10.68 -1.01
C PHE B 939 15.12 9.30 -1.64
N LEU B 940 16.30 8.99 -2.18
CA LEU B 940 16.53 7.69 -2.77
C LEU B 940 16.43 6.58 -1.72
N ALA B 941 16.97 6.82 -0.52
CA ALA B 941 16.84 5.85 0.55
C ALA B 941 15.39 5.63 0.96
N ALA B 942 14.59 6.71 1.00
CA ALA B 942 13.18 6.58 1.32
C ALA B 942 12.43 5.73 0.30
N LYS B 943 12.94 5.61 -0.91
CA LYS B 943 12.31 4.79 -1.95
C LYS B 943 12.86 3.38 -1.99
N GLY B 944 13.83 3.05 -1.13
CA GLY B 944 14.36 1.72 -1.02
C GLY B 944 15.63 1.47 -1.80
N ILE B 945 16.12 2.46 -2.54
CA ILE B 945 17.30 2.28 -3.38
C ILE B 945 18.50 2.90 -2.67
N ARG B 946 19.50 2.08 -2.39
CA ARG B 946 20.77 2.55 -1.85
C ARG B 946 21.90 2.09 -2.77
N LEU B 947 22.85 2.97 -3.02
CA LEU B 947 23.99 2.66 -3.87
C LEU B 947 25.13 2.14 -3.01
N THR B 948 25.55 0.90 -3.27
CA THR B 948 26.61 0.29 -2.47
C THR B 948 27.93 0.98 -2.75
N ASP B 949 28.87 0.81 -1.81
CA ASP B 949 30.10 1.58 -1.85
C ASP B 949 31.03 1.13 -2.98
N GLU B 950 30.96 -0.14 -3.35
CA GLU B 950 31.81 -0.65 -4.43
C GLU B 950 31.40 -0.09 -5.78
N GLU B 951 30.10 -0.02 -6.06
CA GLU B 951 29.65 0.42 -7.37
C GLU B 951 29.81 1.93 -7.54
N LEU B 952 29.80 2.67 -6.44
CA LEU B 952 30.21 4.08 -6.50
C LEU B 952 31.71 4.23 -6.66
N ALA B 953 32.48 3.18 -6.36
CA ALA B 953 33.93 3.25 -6.29
C ALA B 953 34.38 4.35 -5.32
N PHE B 954 33.61 4.54 -4.25
CA PHE B 954 33.83 5.63 -3.32
C PHE B 954 34.72 5.12 -2.18
N PRO B 955 35.94 5.61 -2.06
CA PRO B 955 36.79 5.20 -0.93
C PRO B 955 36.18 5.62 0.38
N PRO B 956 36.10 4.72 1.37
CA PRO B 956 35.39 5.03 2.60
C PRO B 956 36.00 6.21 3.35
N LEU B 957 35.13 7.01 3.96
CA LEU B 957 35.53 8.16 4.76
C LEU B 957 35.06 7.94 6.19
N SER B 958 35.57 8.77 7.11
CA SER B 958 35.31 8.55 8.53
C SER B 958 33.82 8.69 8.84
N PRO B 959 33.14 9.79 8.43
CA PRO B 959 31.68 9.74 8.38
C PRO B 959 31.19 8.95 7.18
N SER B 960 31.18 7.63 7.30
CA SER B 960 30.84 6.75 6.18
C SER B 960 29.39 6.96 5.75
N ARG B 961 29.15 6.75 4.46
CA ARG B 961 27.80 6.96 3.91
C ARG B 961 26.84 6.06 4.66
N GLU B 962 27.35 4.95 5.18
CA GLU B 962 26.47 3.93 5.84
C GLU B 962 25.82 4.47 7.11
N THR B 963 26.55 5.30 7.85
CA THR B 963 26.04 5.86 9.11
C THR B 963 24.79 6.71 8.82
N PHE B 964 24.86 7.57 7.83
CA PHE B 964 23.72 8.42 7.44
C PHE B 964 22.61 7.59 6.79
N LEU B 965 22.98 6.67 5.92
CA LEU B 965 21.93 5.95 5.15
C LEU B 965 21.05 5.02 5.98
N GLU B 966 21.60 4.33 6.96
CA GLU B 966 20.83 3.39 7.80
C GLU B 966 19.70 4.11 8.50
N LYS B 967 19.92 5.35 8.94
CA LYS B 967 18.89 6.16 9.63
C LYS B 967 17.68 6.28 8.70
N PHE B 968 17.88 6.46 7.40
CA PHE B 968 16.81 6.71 6.41
C PHE B 968 16.35 5.48 5.62
N LEU B 969 17.10 4.36 5.51
CA LEU B 969 16.56 3.19 4.81
C LEU B 969 15.36 2.59 5.53
N SER B 970 15.41 2.47 6.85
CA SER B 970 14.22 2.09 7.59
C SER B 970 13.27 3.28 7.63
N GLY B 971 12.20 3.21 6.86
CA GLY B 971 11.28 4.34 6.75
C GLY B 971 10.35 4.44 7.94
N SER B 972 10.92 4.27 9.13
CA SER B 972 10.16 4.22 10.37
C SER B 972 9.78 5.63 10.83
N ASP B 973 8.94 5.67 11.87
CA ASP B 973 8.58 6.93 12.49
C ASP B 973 9.79 7.61 13.13
N TYR B 974 10.79 6.83 13.53
CA TYR B 974 12.02 7.41 14.08
C TYR B 974 12.73 8.26 13.04
N ALA B 975 12.80 7.78 11.79
CA ALA B 975 13.48 8.54 10.75
C ALA B 975 12.69 9.79 10.37
N ILE B 976 11.36 9.70 10.39
CA ILE B 976 10.54 10.85 10.05
C ILE B 976 10.71 11.95 11.09
N ARG B 977 10.69 11.58 12.37
CA ARG B 977 10.97 12.57 13.42
C ARG B 977 12.39 13.09 13.31
N LEU B 978 13.35 12.23 12.97
CA LEU B 978 14.74 12.67 12.85
C LEU B 978 14.92 13.62 11.68
N ALA B 979 14.27 13.35 10.54
CA ALA B 979 14.38 14.24 9.40
C ALA B 979 13.68 15.57 9.67
N ALA B 980 12.53 15.54 10.35
CA ALA B 980 11.83 16.77 10.69
C ALA B 980 12.65 17.61 11.65
N GLN B 981 13.12 17.00 12.74
CA GLN B 981 13.85 17.73 13.77
C GLN B 981 15.07 18.44 13.21
N SER B 982 15.82 17.74 12.35
CA SER B 982 17.01 18.36 11.77
C SER B 982 16.65 19.40 10.71
N THR B 983 15.42 19.36 10.19
CA THR B 983 15.04 20.32 9.15
C THR B 983 14.74 21.69 9.73
N PHE B 984 14.05 21.75 10.87
CA PHE B 984 13.84 23.06 11.52
C PHE B 984 15.16 23.64 11.99
N ASP B 985 16.00 22.82 12.63
CA ASP B 985 17.23 23.34 13.22
C ASP B 985 18.17 23.89 12.16
N PHE B 986 18.18 23.29 10.97
CA PHE B 986 19.01 23.82 9.89
C PHE B 986 18.54 25.21 9.49
N TYR B 987 17.23 25.40 9.36
CA TYR B 987 16.71 26.66 8.85
C TYR B 987 16.74 27.76 9.89
N GLN B 988 16.53 27.39 11.15
CA GLN B 988 16.45 28.38 12.24
C GLN B 988 17.83 28.94 12.50
N ARG B 989 18.84 28.10 12.58
CA ARG B 989 20.22 28.63 12.59
C ARG B 989 20.44 29.56 11.40
N ARG B 990 20.09 29.16 10.19
CA ARG B 990 20.47 29.95 8.99
C ARG B 990 19.76 31.31 9.06
N LEU B 991 18.44 31.30 9.09
CA LEU B 991 17.65 32.52 9.28
C LEU B 991 18.32 33.46 10.26
N VAL B 992 18.79 32.93 11.39
CA VAL B 992 19.40 33.79 12.41
C VAL B 992 20.73 34.35 11.92
N THR B 993 21.60 33.47 11.40
CA THR B 993 22.93 33.91 11.02
C THR B 993 22.90 34.90 9.87
N LEU B 994 22.14 34.60 8.82
CA LEU B 994 22.09 35.50 7.67
C LEU B 994 21.44 36.83 8.05
N ALA B 995 20.24 36.79 8.62
CA ALA B 995 19.58 38.00 9.10
C ALA B 995 18.48 37.67 10.11
N GLU B 996 18.70 37.99 11.38
CA GLU B 996 17.72 37.72 12.43
C GLU B 996 16.64 38.79 12.49
N SER B 997 16.01 39.05 11.34
CA SER B 997 15.01 40.10 11.21
C SER B 997 13.63 39.72 11.77
N PRO B 998 13.00 38.61 11.32
CA PRO B 998 11.57 38.43 11.58
C PRO B 998 11.18 38.32 13.06
N ARG B 999 11.75 37.35 13.78
CA ARG B 999 11.33 37.08 15.15
C ARG B 999 12.46 36.41 15.90
N ALA B 1000 12.24 36.15 17.19
CA ALA B 1000 13.15 35.64 18.21
C ALA B 1000 13.31 34.12 18.06
N PRO B 1001 14.49 33.62 18.41
CA PRO B 1001 14.68 32.16 18.45
C PRO B 1001 13.84 31.54 19.55
N SER B 1002 13.52 30.26 19.37
CA SER B 1002 12.68 29.56 20.32
C SER B 1002 13.37 29.46 21.68
N PRO B 1003 12.61 29.45 22.78
CA PRO B 1003 13.21 29.16 24.07
C PRO B 1003 13.89 27.80 24.05
N VAL B 1004 15.08 27.73 24.65
CA VAL B 1004 15.86 26.50 24.58
C VAL B 1004 15.31 25.39 25.47
N TRP B 1005 14.23 25.66 26.21
CA TRP B 1005 13.53 24.62 26.95
C TRP B 1005 12.29 24.12 26.23
N SER B 1006 12.05 24.56 25.00
CA SER B 1006 11.02 23.99 24.14
C SER B 1006 11.74 23.10 23.14
N SER B 1007 11.74 21.80 23.41
CA SER B 1007 12.47 20.83 22.60
C SER B 1007 11.71 19.51 22.65
N ALA B 1008 12.37 18.42 22.26
CA ALA B 1008 11.79 17.10 22.42
C ALA B 1008 11.61 16.80 23.91
N TYR B 1009 10.57 16.02 24.22
CA TYR B 1009 10.31 15.68 25.60
C TYR B 1009 11.46 14.85 26.17
N LEU B 1010 11.97 15.29 27.32
CA LEU B 1010 13.06 14.62 27.99
C LEU B 1010 12.55 14.06 29.32
N PRO B 1011 12.58 12.75 29.51
CA PRO B 1011 12.08 12.19 30.77
C PRO B 1011 12.82 12.76 31.97
N GLN B 1012 12.07 13.09 33.02
CA GLN B 1012 12.63 13.63 34.24
C GLN B 1012 12.80 12.49 35.24
N CYS B 1013 14.03 12.28 35.68
CA CYS B 1013 14.39 11.16 36.53
C CYS B 1013 14.78 11.66 37.91
N ASP B 1014 14.66 10.77 38.89
CA ASP B 1014 15.08 11.09 40.25
C ASP B 1014 16.59 10.88 40.39
N ALA B 1015 17.09 11.01 41.61
CA ALA B 1015 18.52 10.92 41.85
C ALA B 1015 19.09 9.53 41.56
N PHE B 1016 18.24 8.50 41.51
CA PHE B 1016 18.70 7.13 41.40
C PHE B 1016 18.22 6.45 40.11
N GLY B 1017 17.93 7.24 39.08
CA GLY B 1017 17.55 6.69 37.80
C GLY B 1017 16.11 6.28 37.67
N GLY B 1018 15.31 6.39 38.73
CA GLY B 1018 13.91 6.06 38.65
C GLY B 1018 13.08 7.19 38.09
N TRP B 1019 11.83 6.88 37.78
CA TRP B 1019 10.92 7.87 37.21
C TRP B 1019 10.40 8.80 38.31
N GLU B 1020 10.42 10.09 38.04
CA GLU B 1020 9.67 11.02 38.88
C GLU B 1020 8.18 10.86 38.58
N PRO B 1021 7.33 10.76 39.61
CA PRO B 1021 5.91 10.47 39.34
C PRO B 1021 5.23 11.52 38.47
N VAL B 1022 5.69 12.76 38.49
CA VAL B 1022 5.15 13.79 37.61
C VAL B 1022 6.07 13.96 36.40
N GLN B 1023 5.50 13.91 35.21
CA GLN B 1023 6.22 14.15 33.97
C GLN B 1023 5.57 15.31 33.24
N CYS B 1024 6.38 16.25 32.76
CA CYS B 1024 5.89 17.47 32.15
C CYS B 1024 6.60 17.75 30.85
N HIS B 1025 5.90 18.42 29.93
CA HIS B 1025 6.48 18.85 28.66
C HIS B 1025 6.29 20.36 28.56
N ALA B 1026 7.41 21.08 28.66
CA ALA B 1026 7.34 22.54 28.71
C ALA B 1026 6.82 23.12 27.40
N ALA B 1027 7.19 22.52 26.27
CA ALA B 1027 6.81 23.06 24.97
C ALA B 1027 5.30 23.09 24.76
N THR B 1028 4.55 22.24 25.45
CA THR B 1028 3.10 22.24 25.34
C THR B 1028 2.38 22.59 26.63
N GLY B 1029 3.06 22.60 27.77
CA GLY B 1029 2.37 22.80 29.03
C GLY B 1029 1.62 21.60 29.52
N HIS B 1030 1.94 20.41 29.01
CA HIS B 1030 1.26 19.18 29.37
C HIS B 1030 2.01 18.48 30.50
N CYS B 1031 1.28 18.06 31.52
CA CYS B 1031 1.83 17.26 32.61
C CYS B 1031 0.94 16.06 32.84
N TRP B 1032 1.56 14.97 33.28
CA TRP B 1032 0.84 13.73 33.53
C TRP B 1032 1.58 12.93 34.58
N CYS B 1033 0.92 11.89 35.08
CA CYS B 1033 1.50 10.98 36.06
C CYS B 1033 1.94 9.70 35.37
N VAL B 1034 3.08 9.18 35.79
CA VAL B 1034 3.52 7.84 35.38
C VAL B 1034 3.66 7.00 36.64
N ASP B 1035 3.63 5.69 36.44
CA ASP B 1035 3.79 4.74 37.54
C ASP B 1035 5.28 4.42 37.71
N GLY B 1036 5.57 3.40 38.51
CA GLY B 1036 6.95 3.13 38.89
C GLY B 1036 7.86 2.79 37.72
N LYS B 1037 7.28 2.31 36.62
CA LYS B 1037 8.06 1.95 35.44
C LYS B 1037 7.82 2.87 34.25
N GLY B 1038 7.26 4.06 34.48
CA GLY B 1038 7.15 5.06 33.45
C GLY B 1038 5.95 4.96 32.55
N GLU B 1039 5.04 4.02 32.80
CA GLU B 1039 3.81 3.94 32.03
C GLU B 1039 2.85 5.06 32.43
N TYR B 1040 2.24 5.68 31.43
CA TYR B 1040 1.24 6.72 31.66
C TYR B 1040 0.09 6.17 32.50
N VAL B 1041 -0.34 6.97 33.47
CA VAL B 1041 -1.47 6.63 34.34
C VAL B 1041 -2.72 7.23 33.72
N PRO B 1042 -3.77 6.44 33.47
CA PRO B 1042 -4.93 6.95 32.74
C PRO B 1042 -5.57 8.15 33.39
N THR B 1043 -6.16 9.01 32.54
CA THR B 1043 -6.82 10.27 32.88
C THR B 1043 -6.04 11.13 33.87
N SER B 1044 -4.72 11.09 33.83
CA SER B 1044 -3.90 12.00 34.61
C SER B 1044 -3.35 13.16 33.80
N LEU B 1045 -3.70 13.26 32.52
CA LEU B 1045 -3.14 14.31 31.66
C LEU B 1045 -3.83 15.63 31.93
N THR B 1046 -3.03 16.68 32.16
CA THR B 1046 -3.52 18.03 32.35
C THR B 1046 -2.81 18.97 31.39
N ALA B 1047 -3.45 20.09 31.07
CA ALA B 1047 -2.92 21.03 30.09
C ALA B 1047 -2.99 22.44 30.63
N ARG B 1048 -1.82 23.05 30.85
CA ARG B 1048 -1.69 24.48 31.15
C ARG B 1048 -2.50 24.88 32.38
N SER B 1049 -2.46 24.03 33.41
CA SER B 1049 -3.11 24.37 34.67
C SER B 1049 -2.19 25.23 35.53
N ARG B 1050 -2.80 26.00 36.43
CA ARG B 1050 -2.02 26.89 37.29
C ARG B 1050 -1.10 26.09 38.21
N GLN B 1051 -1.59 24.99 38.77
CA GLN B 1051 -0.83 24.14 39.66
C GLN B 1051 -0.43 22.86 38.96
N ILE B 1052 0.86 22.52 39.04
CA ILE B 1052 1.32 21.24 38.50
C ILE B 1052 0.71 20.11 39.32
N PRO B 1053 0.18 19.06 38.70
CA PRO B 1053 -0.59 18.06 39.46
C PRO B 1053 0.28 17.26 40.41
N GLN B 1054 -0.37 16.65 41.39
CA GLN B 1054 0.30 15.79 42.34
C GLN B 1054 0.12 14.34 41.92
N CYS B 1055 1.23 13.59 41.89
CA CYS B 1055 1.21 12.21 41.48
C CYS B 1055 1.77 11.35 42.60
N PRO B 1056 1.10 10.26 42.97
CA PRO B 1056 1.61 9.41 44.04
C PRO B 1056 2.90 8.71 43.65
N THR B 1057 3.75 8.45 44.63
CA THR B 1057 4.91 7.61 44.39
C THR B 1057 4.47 6.16 44.20
N SER B 1058 5.42 5.31 43.84
CA SER B 1058 5.10 3.90 43.60
C SER B 1058 4.57 3.23 44.86
N CYS B 1059 5.17 3.53 46.01
CA CYS B 1059 4.69 2.98 47.26
C CYS B 1059 3.26 3.41 47.57
N GLU B 1060 2.99 4.71 47.42
CA GLU B 1060 1.67 5.23 47.74
C GLU B 1060 0.63 4.69 46.77
N ARG B 1061 1.00 4.55 45.50
CA ARG B 1061 0.09 3.97 44.52
C ARG B 1061 -0.23 2.51 44.85
N LEU B 1062 0.79 1.74 45.24
CA LEU B 1062 0.56 0.35 45.60
C LEU B 1062 -0.24 0.20 46.89
N ARG B 1063 -0.02 1.11 47.85
CA ARG B 1063 -0.72 1.01 49.12
C ARG B 1063 -2.19 1.36 48.98
N ALA B 1064 -2.49 2.46 48.28
CA ALA B 1064 -3.88 2.87 48.13
C ALA B 1064 -4.70 1.84 47.37
N SER B 1065 -4.13 1.26 46.32
CA SER B 1065 -4.80 0.20 45.59
C SER B 1065 -4.97 -1.05 46.46
N GLY B 1066 -3.96 -1.38 47.25
CA GLY B 1066 -4.06 -2.54 48.12
C GLY B 1066 -5.16 -2.39 49.17
N LEU B 1067 -5.31 -1.18 49.72
CA LEU B 1067 -6.34 -0.96 50.73
C LEU B 1067 -7.73 -1.03 50.14
N LEU B 1068 -7.90 -0.55 48.90
CA LEU B 1068 -9.22 -0.54 48.29
C LEU B 1068 -9.68 -1.94 47.90
N SER B 1069 -8.81 -2.72 47.26
CA SER B 1069 -9.23 -3.90 46.53
C SER B 1069 -8.56 -5.19 46.96
N SER B 1070 -7.58 -5.14 47.86
CA SER B 1070 -6.83 -6.32 48.32
C SER B 1070 -6.02 -6.96 47.19
N TRP B 1071 -5.59 -6.16 46.21
CA TRP B 1071 -4.54 -6.58 45.29
C TRP B 1071 -3.21 -6.25 45.94
N LYS B 1072 -2.50 -7.28 46.40
CA LYS B 1072 -1.37 -7.13 47.31
C LYS B 1072 -0.06 -7.47 46.61
N GLN B 1073 1.03 -7.31 47.35
CA GLN B 1073 2.36 -7.71 46.94
C GLN B 1073 2.75 -9.00 47.64
N ALA B 1074 3.68 -9.73 47.03
CA ALA B 1074 4.12 -11.02 47.55
C ALA B 1074 5.45 -10.86 48.28
N GLY B 1075 5.53 -11.45 49.46
CA GLY B 1075 6.74 -11.40 50.26
C GLY B 1075 7.78 -12.43 49.89
N VAL B 1076 7.34 -13.61 49.46
CA VAL B 1076 8.27 -14.70 49.13
C VAL B 1076 8.41 -14.93 47.62
N GLN B 1077 7.46 -14.45 46.81
CA GLN B 1077 7.61 -14.34 45.36
C GLN B 1077 7.56 -15.70 44.66
N ALA B 1078 7.54 -16.81 45.40
CA ALA B 1078 7.44 -18.15 44.75
C ALA B 1078 6.50 -19.01 45.56
N GLU B 1079 5.36 -19.40 44.97
CA GLU B 1079 4.29 -20.11 45.72
C GLU B 1079 3.89 -19.36 46.99
N PRO B 1080 3.54 -18.08 46.99
CA PRO B 1080 3.08 -17.44 48.19
C PRO B 1080 1.76 -17.92 48.82
N SER B 1081 1.73 -18.03 50.12
CA SER B 1081 0.46 -18.32 50.82
C SER B 1081 -0.22 -16.97 51.07
N PRO B 1082 -1.52 -16.93 51.36
CA PRO B 1082 -2.16 -15.67 51.71
C PRO B 1082 -1.55 -14.91 52.89
N LYS B 1083 -0.77 -15.54 53.77
CA LYS B 1083 -0.08 -14.89 54.88
C LYS B 1083 1.25 -14.29 54.45
N ASP B 1084 1.74 -14.61 53.25
CA ASP B 1084 2.93 -13.98 52.70
C ASP B 1084 2.64 -12.70 51.93
N LEU B 1085 1.37 -12.32 51.82
CA LEU B 1085 0.98 -11.13 51.07
C LEU B 1085 0.93 -9.93 51.99
N PHE B 1086 1.38 -8.78 51.47
CA PHE B 1086 1.43 -7.57 52.28
C PHE B 1086 1.03 -6.37 51.44
N ILE B 1087 0.54 -5.35 52.13
CA ILE B 1087 0.31 -4.03 51.56
C ILE B 1087 1.49 -3.15 51.95
N PRO B 1088 2.17 -2.51 50.99
CA PRO B 1088 3.36 -1.73 51.33
C PRO B 1088 3.06 -0.61 52.30
N THR B 1089 3.98 -0.38 53.23
CA THR B 1089 3.91 0.75 54.15
C THR B 1089 4.87 1.83 53.66
N CYS B 1090 4.40 3.07 53.67
CA CYS B 1090 5.11 4.17 53.05
C CYS B 1090 5.47 5.21 54.10
N LEU B 1091 6.67 5.77 53.98
CA LEU B 1091 6.99 6.97 54.73
C LEU B 1091 6.18 8.15 54.19
N GLU B 1092 5.96 9.15 55.04
CA GLU B 1092 5.10 10.27 54.66
C GLU B 1092 5.68 11.05 53.48
N THR B 1093 6.96 10.87 53.18
CA THR B 1093 7.60 11.48 52.02
C THR B 1093 7.38 10.68 50.74
N GLY B 1094 6.67 9.55 50.80
CA GLY B 1094 6.39 8.76 49.62
C GLY B 1094 7.35 7.62 49.37
N GLU B 1095 8.35 7.42 50.23
CA GLU B 1095 9.30 6.34 50.06
C GLU B 1095 8.80 5.07 50.73
N PHE B 1096 9.25 3.93 50.22
CA PHE B 1096 9.04 2.67 50.91
C PHE B 1096 9.72 2.72 52.27
N ALA B 1097 9.01 2.29 53.31
CA ALA B 1097 9.63 2.17 54.62
C ALA B 1097 10.63 1.02 54.60
N ARG B 1098 11.66 1.12 55.45
CA ARG B 1098 12.72 0.11 55.45
C ARG B 1098 12.17 -1.27 55.76
N LEU B 1099 11.26 -1.36 56.71
CA LEU B 1099 10.73 -2.63 57.18
C LEU B 1099 9.31 -2.81 56.66
N GLN B 1100 9.10 -3.85 55.87
CA GLN B 1100 7.77 -4.25 55.41
C GLN B 1100 7.40 -5.56 56.09
N ALA B 1101 6.11 -5.72 56.41
CA ALA B 1101 5.67 -6.85 57.20
C ALA B 1101 4.43 -7.50 56.60
N SER B 1102 4.37 -8.82 56.72
CA SER B 1102 3.17 -9.61 56.53
C SER B 1102 2.97 -10.49 57.77
N GLU B 1103 1.93 -11.32 57.74
CA GLU B 1103 1.73 -12.24 58.85
C GLU B 1103 2.81 -13.32 58.90
N ALA B 1104 3.46 -13.61 57.77
CA ALA B 1104 4.59 -14.53 57.80
C ALA B 1104 5.77 -13.94 58.57
N GLY B 1105 5.95 -12.63 58.54
CA GLY B 1105 7.03 -12.00 59.26
C GLY B 1105 7.36 -10.65 58.67
N THR B 1106 8.52 -10.14 59.05
CA THR B 1106 9.01 -8.86 58.58
C THR B 1106 10.33 -9.06 57.84
N TRP B 1107 10.69 -8.04 57.06
CA TRP B 1107 11.95 -8.04 56.33
C TRP B 1107 12.24 -6.62 55.88
N CYS B 1108 13.38 -6.44 55.25
CA CYS B 1108 13.88 -5.12 54.88
C CYS B 1108 13.80 -4.93 53.37
N VAL B 1109 13.61 -3.68 52.95
CA VAL B 1109 13.50 -3.34 51.54
C VAL B 1109 14.28 -2.07 51.24
N ASP B 1110 14.57 -1.89 49.95
CA ASP B 1110 15.22 -0.68 49.48
C ASP B 1110 14.23 0.49 49.54
N PRO B 1111 14.58 1.58 50.22
CA PRO B 1111 13.64 2.71 50.31
C PRO B 1111 13.20 3.26 48.97
N ALA B 1112 14.08 3.30 47.98
CA ALA B 1112 13.73 3.81 46.66
C ALA B 1112 12.94 2.82 45.82
N SER B 1113 13.02 1.54 46.20
CA SER B 1113 12.18 0.52 45.53
C SER B 1113 11.97 -0.62 46.50
N GLY B 1114 10.78 -1.16 46.54
CA GLY B 1114 10.44 -2.17 47.55
C GLY B 1114 11.07 -3.48 47.26
N GLU B 1115 11.78 -3.57 46.14
CA GLU B 1115 12.39 -4.86 45.72
C GLU B 1115 12.84 -5.57 46.97
N GLY B 1116 13.63 -4.87 47.77
CA GLY B 1116 13.95 -5.47 49.05
C GLY B 1116 15.03 -6.49 49.07
N VAL B 1117 14.79 -7.55 49.83
CA VAL B 1117 15.87 -8.49 50.12
C VAL B 1117 17.26 -7.88 49.95
N PRO B 1118 17.62 -6.81 50.65
CA PRO B 1118 19.02 -6.41 50.71
C PRO B 1118 19.75 -7.21 51.76
N PRO B 1119 20.61 -8.16 51.34
CA PRO B 1119 21.21 -9.11 52.29
C PRO B 1119 22.55 -8.67 52.89
N GLY B 1120 22.94 -7.42 52.72
CA GLY B 1120 24.21 -6.94 53.25
C GLY B 1120 24.32 -7.04 54.76
N GLN B 1126 17.64 -2.38 62.52
CA GLN B 1126 17.96 -3.73 62.09
C GLN B 1126 17.54 -3.98 60.64
N CYS B 1127 17.36 -2.89 59.90
CA CYS B 1127 17.27 -2.91 58.45
C CYS B 1127 18.31 -1.99 57.85
N PRO B 1128 18.99 -2.40 56.77
CA PRO B 1128 20.01 -1.53 56.17
C PRO B 1128 19.41 -0.23 55.68
N SER B 1129 20.12 0.86 55.95
CA SER B 1129 19.70 2.16 55.45
C SER B 1129 19.92 2.24 53.94
N LEU B 1130 19.26 3.21 53.32
CA LEU B 1130 19.40 3.39 51.87
C LEU B 1130 20.86 3.56 51.48
N CYS B 1131 21.61 4.34 52.26
CA CYS B 1131 23.05 4.42 52.05
C CYS B 1131 23.70 3.07 52.23
N GLU B 1132 23.39 2.37 53.33
CA GLU B 1132 24.03 1.09 53.60
C GLU B 1132 23.72 0.08 52.51
N VAL B 1133 22.50 0.13 51.95
CA VAL B 1133 22.20 -0.70 50.79
C VAL B 1133 23.09 -0.33 49.63
N LEU B 1134 23.24 0.97 49.36
CA LEU B 1134 24.14 1.41 48.30
C LEU B 1134 25.59 1.16 48.66
N GLN B 1135 25.92 1.21 49.96
CA GLN B 1135 27.31 1.14 50.37
C GLN B 1135 27.89 -0.25 50.18
N SER B 1136 27.03 -1.28 50.15
CA SER B 1136 27.49 -2.64 49.92
C SER B 1136 26.49 -3.42 49.08
N PRO B 1145 25.61 5.51 41.86
CA PRO B 1145 25.92 6.83 42.40
C PRO B 1145 27.38 7.20 42.22
N GLY B 1146 28.05 6.56 41.28
CA GLY B 1146 29.48 6.81 41.09
C GLY B 1146 30.24 6.38 42.33
N TYR B 1147 30.88 7.35 42.98
CA TYR B 1147 31.59 7.07 44.21
C TYR B 1147 30.61 6.61 45.29
N SER B 1148 31.02 5.60 46.06
CA SER B 1148 30.19 5.13 47.15
C SER B 1148 30.15 6.15 48.27
N PRO B 1149 28.96 6.45 48.80
CA PRO B 1149 28.86 7.54 49.77
C PRO B 1149 29.38 7.15 51.15
N ALA B 1150 29.97 8.13 51.82
CA ALA B 1150 30.31 7.99 53.23
C ALA B 1150 29.14 8.46 54.08
N CYS B 1151 28.83 7.71 55.13
CA CYS B 1151 27.58 7.92 55.86
C CYS B 1151 27.81 7.89 57.36
N ARG B 1152 26.87 8.49 58.07
CA ARG B 1152 27.01 8.76 59.50
C ARG B 1152 26.65 7.53 60.33
N ALA B 1153 27.35 7.40 61.47
CA ALA B 1153 27.33 6.15 62.22
C ALA B 1153 26.05 6.00 63.06
N GLU B 1154 25.35 7.10 63.33
CA GLU B 1154 24.22 7.03 64.25
C GLU B 1154 23.11 6.12 63.72
N ASP B 1155 22.68 6.33 62.48
CA ASP B 1155 21.62 5.51 61.91
C ASP B 1155 22.03 4.93 60.56
N GLY B 1156 22.85 5.67 59.83
CA GLY B 1156 23.25 5.25 58.50
C GLY B 1156 22.90 6.27 57.45
N GLY B 1157 22.31 7.38 57.90
CA GLY B 1157 21.98 8.48 57.00
C GLY B 1157 23.24 9.05 56.37
N PHE B 1158 23.12 9.55 55.14
CA PHE B 1158 24.26 10.08 54.42
C PHE B 1158 24.94 11.17 55.23
N SER B 1159 26.27 11.11 55.30
CA SER B 1159 27.01 12.14 55.99
C SER B 1159 26.78 13.48 55.30
N PRO B 1160 26.69 14.58 56.04
CA PRO B 1160 26.37 15.87 55.40
C PRO B 1160 27.34 16.26 54.30
N VAL B 1161 28.61 15.88 54.42
CA VAL B 1161 29.62 16.19 53.42
C VAL B 1161 29.93 14.91 52.66
N GLN B 1162 29.58 14.88 51.38
CA GLN B 1162 30.01 13.83 50.48
C GLN B 1162 31.09 14.38 49.57
N CYS B 1163 31.82 13.46 48.92
CA CYS B 1163 32.97 13.88 48.13
C CYS B 1163 33.15 12.94 46.95
N ASP B 1164 33.83 13.46 45.94
CA ASP B 1164 34.33 12.64 44.83
C ASP B 1164 35.81 12.40 45.06
N PRO B 1165 36.26 11.15 45.19
CA PRO B 1165 37.68 10.91 45.42
C PRO B 1165 38.58 11.43 44.31
N ALA B 1166 38.13 11.37 43.06
CA ALA B 1166 38.93 11.82 41.92
C ALA B 1166 38.68 13.29 41.59
N GLN B 1167 37.48 13.58 41.11
CA GLN B 1167 37.12 15.00 40.84
C GLN B 1167 37.25 15.73 42.17
N GLY B 1168 37.45 17.04 42.16
CA GLY B 1168 37.74 17.74 43.42
C GLY B 1168 36.47 18.18 44.11
N SER B 1169 35.33 17.84 43.54
CA SER B 1169 34.03 18.33 44.07
C SER B 1169 33.66 17.67 45.39
N CYS B 1170 33.44 18.48 46.43
CA CYS B 1170 32.87 18.02 47.69
C CYS B 1170 31.66 18.88 47.97
N TRP B 1171 30.54 18.24 48.31
CA TRP B 1171 29.25 18.94 48.38
C TRP B 1171 28.46 18.46 49.60
N CYS B 1172 27.25 18.98 49.71
CA CYS B 1172 26.31 18.64 50.78
C CYS B 1172 25.18 17.79 50.21
N VAL B 1173 24.54 17.02 51.09
CA VAL B 1173 23.40 16.19 50.70
C VAL B 1173 22.30 16.32 51.74
N LEU B 1174 21.07 15.98 51.32
CA LEU B 1174 19.91 16.00 52.19
C LEU B 1174 19.91 14.80 53.12
N GLY B 1175 18.83 14.64 53.87
CA GLY B 1175 18.71 13.42 54.68
C GLY B 1175 18.47 12.27 53.74
N SER B 1176 17.76 12.54 52.66
CA SER B 1176 17.49 11.51 51.64
C SER B 1176 18.82 11.08 51.05
N GLY B 1177 19.73 12.03 50.83
CA GLY B 1177 21.00 11.68 50.18
C GLY B 1177 21.11 12.35 48.84
N GLU B 1178 20.02 12.97 48.36
CA GLU B 1178 20.11 13.77 47.17
C GLU B 1178 20.94 15.01 47.44
N GLU B 1179 21.59 15.52 46.40
CA GLU B 1179 22.46 16.68 46.56
C GLU B 1179 21.66 17.96 46.71
N VAL B 1180 22.11 18.84 47.60
CA VAL B 1180 21.57 20.20 47.62
C VAL B 1180 22.02 20.90 46.34
N PRO B 1181 21.11 21.51 45.57
CA PRO B 1181 21.48 22.00 44.24
C PRO B 1181 22.64 22.98 44.22
N GLY B 1182 22.77 23.84 45.21
CA GLY B 1182 23.75 24.89 45.15
C GLY B 1182 24.94 24.73 46.09
N THR B 1183 25.35 23.50 46.31
CA THR B 1183 26.38 23.33 47.37
C THR B 1183 27.68 22.76 46.83
N ARG B 1184 27.73 22.40 45.55
CA ARG B 1184 29.00 21.77 45.12
C ARG B 1184 30.07 22.82 45.36
N VAL B 1185 31.11 22.49 46.12
CA VAL B 1185 32.10 23.54 46.46
C VAL B 1185 33.29 23.33 45.55
N ALA B 1186 33.45 22.10 45.05
CA ALA B 1186 34.68 21.88 44.26
C ALA B 1186 35.87 22.30 45.09
N GLY B 1187 35.87 21.91 46.36
CA GLY B 1187 36.95 22.21 47.28
C GLY B 1187 36.64 21.63 48.64
N SER B 1188 37.65 21.67 49.50
CA SER B 1188 37.54 21.05 50.81
C SER B 1188 36.51 21.78 51.67
N GLN B 1189 36.01 21.07 52.68
CA GLN B 1189 34.98 21.55 53.59
C GLN B 1189 33.90 22.44 52.96
N PRO B 1190 33.05 21.88 52.10
CA PRO B 1190 31.86 22.62 51.68
C PRO B 1190 30.99 22.94 52.88
N ALA B 1191 30.34 24.10 52.84
CA ALA B 1191 29.56 24.53 53.98
C ALA B 1191 28.33 23.64 54.16
N CYS B 1192 28.45 22.69 55.09
CA CYS B 1192 27.38 21.74 55.36
C CYS B 1192 26.85 21.83 56.78
N GLU B 1193 27.38 22.74 57.61
CA GLU B 1193 27.05 22.79 59.02
C GLU B 1193 25.62 23.30 59.23
N SER B 1194 24.98 22.74 60.24
CA SER B 1194 23.63 23.13 60.66
C SER B 1194 23.69 24.32 61.60
N PRO B 1195 22.64 25.12 61.68
CA PRO B 1195 22.68 26.30 62.53
C PRO B 1195 22.59 25.95 64.01
N GLN B 1196 23.07 26.88 64.83
CA GLN B 1196 22.87 26.81 66.27
C GLN B 1196 21.66 27.60 66.71
N CYS B 1197 21.30 28.64 65.98
CA CYS B 1197 20.08 29.39 66.22
C CYS B 1197 18.86 28.56 65.83
N PRO B 1198 17.83 28.54 66.66
CA PRO B 1198 16.62 27.78 66.33
C PRO B 1198 15.79 28.50 65.29
N LEU B 1199 14.77 27.81 64.74
CA LEU B 1199 13.94 28.39 63.64
C LEU B 1199 12.97 29.40 64.24
N PRO B 1200 12.42 30.36 63.47
CA PRO B 1200 11.64 31.45 64.07
C PRO B 1200 10.37 31.11 64.83
N PHE B 1201 9.49 30.26 64.28
CA PHE B 1201 8.19 30.10 64.99
C PHE B 1201 7.92 28.69 65.48
N SER B 1202 8.77 28.14 66.34
CA SER B 1202 8.44 26.82 66.94
C SER B 1202 8.15 25.81 65.85
N VAL B 1203 8.92 25.85 64.76
CA VAL B 1203 8.78 24.83 63.67
C VAL B 1203 9.93 23.85 63.83
N ALA B 1204 9.71 22.58 63.52
CA ALA B 1204 10.74 21.56 63.73
C ALA B 1204 11.84 21.66 62.68
N ASP B 1205 11.46 21.73 61.41
CA ASP B 1205 12.43 21.71 60.32
C ASP B 1205 11.86 22.39 59.08
N VAL B 1206 12.76 22.87 58.22
CA VAL B 1206 12.35 23.44 56.95
C VAL B 1206 11.81 22.34 56.06
N ALA B 1207 10.71 22.62 55.36
CA ALA B 1207 9.99 21.59 54.62
C ALA B 1207 10.81 21.09 53.44
N GLY B 1208 11.13 21.95 52.49
CA GLY B 1208 11.77 21.52 51.27
C GLY B 1208 13.28 21.41 51.39
N GLY B 1209 13.93 22.52 51.73
CA GLY B 1209 15.37 22.57 51.87
C GLY B 1209 15.82 22.47 53.31
N ALA B 1210 17.02 22.99 53.56
CA ALA B 1210 17.58 23.02 54.90
C ALA B 1210 18.49 24.25 55.01
N ILE B 1211 18.76 24.66 56.24
CA ILE B 1211 19.63 25.80 56.49
C ILE B 1211 21.05 25.29 56.69
N LEU B 1212 21.90 25.51 55.69
CA LEU B 1212 23.27 24.99 55.70
C LEU B 1212 24.22 26.14 55.99
N CYS B 1213 24.86 26.11 57.16
CA CYS B 1213 25.80 27.14 57.57
C CYS B 1213 27.22 26.72 57.22
N GLU B 1214 28.15 27.64 57.41
CA GLU B 1214 29.57 27.33 57.33
C GLU B 1214 30.02 26.71 58.65
N ARG B 1215 31.31 26.39 58.74
CA ARG B 1215 31.88 25.96 60.00
C ARG B 1215 31.71 27.06 61.05
N ALA B 1216 31.71 26.66 62.32
CA ALA B 1216 31.54 27.62 63.41
C ALA B 1216 32.52 28.77 63.27
N SER B 1217 32.01 29.96 62.99
CA SER B 1217 32.83 31.10 62.63
C SER B 1217 33.59 31.64 63.83
N GLY B 1218 34.67 32.35 63.54
CA GLY B 1218 35.48 32.97 64.55
C GLY B 1218 36.19 34.22 64.05
N ALA B 1222 32.87 37.03 64.45
CA ALA B 1222 33.29 36.38 65.69
C ALA B 1222 32.35 35.24 66.04
N ALA B 1223 31.08 35.57 66.20
CA ALA B 1223 30.03 34.61 66.50
C ALA B 1223 29.02 34.46 65.38
N GLY B 1224 29.33 34.95 64.19
CA GLY B 1224 28.35 34.99 63.10
C GLY B 1224 27.77 33.66 62.66
N GLN B 1225 28.61 32.64 62.50
CA GLN B 1225 28.14 31.38 61.94
C GLN B 1225 27.32 31.76 60.71
N ARG B 1226 27.97 32.31 59.70
CA ARG B 1226 27.18 32.78 58.53
C ARG B 1226 26.45 31.56 57.96
N CYS B 1227 25.16 31.71 57.68
CA CYS B 1227 24.36 30.59 57.13
C CYS B 1227 23.53 31.10 55.96
N GLN B 1228 22.97 30.19 55.15
CA GLN B 1228 22.11 30.51 54.03
C GLN B 1228 21.11 29.38 53.86
N LEU B 1229 19.92 29.75 53.38
CA LEU B 1229 18.87 28.78 53.14
C LEU B 1229 19.01 28.22 51.73
N ARG B 1230 19.19 26.91 51.63
CA ARG B 1230 19.30 26.22 50.35
C ARG B 1230 18.11 25.28 50.19
N CYS B 1231 17.33 25.51 49.14
CA CYS B 1231 16.18 24.65 48.87
C CYS B 1231 16.62 23.40 48.12
N SER B 1232 15.87 22.33 48.34
CA SER B 1232 16.19 21.06 47.71
C SER B 1232 15.91 21.12 46.20
N GLN B 1233 16.44 20.13 45.49
CA GLN B 1233 16.13 20.01 44.07
C GLN B 1233 14.64 19.76 43.89
N GLY B 1234 14.06 20.42 42.89
CA GLY B 1234 12.62 20.44 42.75
C GLY B 1234 11.94 21.48 43.61
N TYR B 1235 12.69 22.41 44.18
CA TYR B 1235 12.13 23.47 45.01
C TYR B 1235 12.90 24.76 44.75
N ARG B 1236 12.20 25.88 44.88
CA ARG B 1236 12.83 27.19 44.82
C ARG B 1236 12.34 28.01 46.00
N SER B 1237 13.20 28.90 46.46
CA SER B 1237 12.82 29.83 47.52
C SER B 1237 11.89 30.89 46.93
N ALA B 1238 10.71 31.04 47.55
CA ALA B 1238 9.76 32.04 47.06
C ALA B 1238 10.33 33.44 47.19
N PHE B 1239 10.95 33.71 48.33
CA PHE B 1239 11.52 35.04 48.62
C PHE B 1239 12.91 35.10 47.99
N PRO B 1240 13.50 36.28 47.69
CA PRO B 1240 14.79 36.35 47.02
C PRO B 1240 15.92 35.79 47.90
N PRO B 1241 17.12 35.49 47.37
CA PRO B 1241 18.23 35.04 48.18
C PRO B 1241 18.54 35.98 49.34
N GLU B 1242 18.90 35.40 50.48
CA GLU B 1242 19.29 36.22 51.66
C GLU B 1242 20.55 35.64 52.36
N PRO B 1243 21.46 36.47 52.94
CA PRO B 1243 22.46 35.98 53.86
C PRO B 1243 21.86 36.00 55.28
N LEU B 1244 21.96 34.90 56.00
CA LEU B 1244 21.45 34.83 57.39
C LEU B 1244 22.65 34.88 58.33
N LEU B 1245 22.57 35.56 59.48
CA LEU B 1245 23.68 35.53 60.46
C LEU B 1245 23.12 35.09 61.82
N CYS B 1246 23.84 34.25 62.57
CA CYS B 1246 23.31 33.70 63.84
C CYS B 1246 24.15 34.17 65.03
N SER B 1247 23.54 34.44 66.19
CA SER B 1247 24.34 34.79 67.40
C SER B 1247 24.59 33.52 68.21
N VAL B 1248 25.78 32.95 68.13
CA VAL B 1248 26.02 31.64 68.80
C VAL B 1248 25.84 31.87 70.29
N GLN B 1249 25.96 33.13 70.71
CA GLN B 1249 26.22 33.44 72.13
C GLN B 1249 24.91 33.93 72.76
N ARG B 1250 24.22 34.83 72.08
CA ARG B 1250 22.81 35.08 72.47
C ARG B 1250 22.06 33.77 72.28
N ARG B 1251 22.43 33.04 71.22
CA ARG B 1251 21.66 31.88 70.69
C ARG B 1251 20.34 32.39 70.13
N ARG B 1252 20.41 33.41 69.26
CA ARG B 1252 19.20 33.88 68.55
C ARG B 1252 19.61 34.51 67.21
N TRP B 1253 18.71 34.56 66.24
CA TRP B 1253 19.04 35.05 64.91
C TRP B 1253 19.27 36.55 64.94
N GLU B 1254 20.51 36.98 64.67
CA GLU B 1254 20.80 38.41 64.65
C GLU B 1254 20.25 39.07 63.39
N SER B 1255 20.41 38.41 62.24
CA SER B 1255 19.80 38.90 61.01
C SER B 1255 18.31 38.62 61.01
N ARG B 1256 17.66 38.89 59.88
CA ARG B 1256 16.27 38.52 59.71
C ARG B 1256 16.17 37.02 59.88
N PRO B 1257 15.24 36.51 60.68
CA PRO B 1257 15.12 35.06 60.84
C PRO B 1257 14.76 34.39 59.53
N PRO B 1258 15.26 33.18 59.31
CA PRO B 1258 14.92 32.47 58.07
C PRO B 1258 13.45 32.13 58.01
N GLN B 1259 12.93 32.02 56.78
CA GLN B 1259 11.54 31.67 56.59
C GLN B 1259 11.39 30.16 56.51
N PRO B 1260 10.66 29.50 57.43
CA PRO B 1260 10.60 28.05 57.42
C PRO B 1260 9.79 27.53 56.23
N ARG B 1261 8.85 28.32 55.73
CA ARG B 1261 7.95 27.82 54.67
C ARG B 1261 8.30 28.42 53.32
N ALA B 1262 9.55 28.87 53.13
CA ALA B 1262 9.94 29.49 51.87
C ALA B 1262 9.95 28.49 50.72
N CYS B 1263 10.83 27.49 50.72
CA CYS B 1263 10.96 26.57 49.60
C CYS B 1263 9.60 26.05 49.16
N GLN B 1264 9.25 26.29 47.90
CA GLN B 1264 7.98 25.88 47.33
C GLN B 1264 8.22 25.18 45.99
N ARG B 1265 7.14 24.69 45.39
CA ARG B 1265 7.15 24.07 44.07
C ARG B 1265 7.11 25.14 42.98
N PRO B 1266 8.07 25.16 42.07
CA PRO B 1266 7.97 26.08 40.93
C PRO B 1266 6.93 25.59 39.92
N GLN B 1267 6.43 26.54 39.14
CA GLN B 1267 5.44 26.27 38.10
C GLN B 1267 5.93 26.84 36.80
N PHE B 1268 5.27 26.43 35.71
CA PHE B 1268 5.59 26.97 34.39
C PHE B 1268 5.18 28.42 34.29
N TRP B 1269 5.74 29.11 33.30
CA TRP B 1269 5.30 30.46 32.98
C TRP B 1269 3.81 30.46 32.69
N GLN B 1270 3.11 31.44 33.24
CA GLN B 1270 1.65 31.42 33.22
C GLN B 1270 1.03 32.42 32.26
N THR B 1271 1.75 33.48 31.89
CA THR B 1271 1.20 34.52 31.03
C THR B 1271 2.18 34.88 29.93
N LEU B 1272 1.65 35.39 28.83
CA LEU B 1272 2.44 35.99 27.76
C LEU B 1272 2.00 37.43 27.57
N GLN B 1273 2.93 38.29 27.22
CA GLN B 1273 2.73 39.73 27.20
C GLN B 1273 3.44 40.35 26.01
N THR B 1274 2.75 41.26 25.32
CA THR B 1274 3.36 42.12 24.31
C THR B 1274 2.91 43.56 24.56
N GLN B 1275 3.75 44.51 24.18
CA GLN B 1275 3.45 45.92 24.40
C GLN B 1275 3.78 46.71 23.15
N ALA B 1276 2.86 47.59 22.76
CA ALA B 1276 3.06 48.51 21.65
C ALA B 1276 2.82 49.94 22.13
N GLN B 1277 3.36 50.90 21.39
CA GLN B 1277 3.18 52.31 21.71
C GLN B 1277 2.78 53.08 20.46
N PHE B 1278 1.76 53.92 20.60
CA PHE B 1278 1.35 54.85 19.56
C PHE B 1278 0.96 56.16 20.22
N GLN B 1279 0.67 57.17 19.40
CA GLN B 1279 0.49 58.52 19.88
C GLN B 1279 -0.81 59.11 19.34
N LEU B 1280 -1.55 59.79 20.21
CA LEU B 1280 -2.86 60.34 19.88
C LEU B 1280 -2.72 61.83 19.63
N LEU B 1281 -3.00 62.27 18.40
CA LEU B 1281 -2.96 63.69 18.08
C LEU B 1281 -4.29 64.15 17.49
N ASP B 1291 -5.85 71.35 28.38
CA ASP B 1291 -5.40 70.10 27.80
C ASP B 1291 -4.54 69.32 28.78
N TYR B 1292 -3.31 69.79 28.97
CA TYR B 1292 -2.41 69.19 29.94
C TYR B 1292 -2.76 69.65 31.35
N SER B 1293 -2.03 69.11 32.33
CA SER B 1293 -2.26 69.38 33.74
C SER B 1293 -3.71 69.04 34.14
N GLY B 1294 -4.18 67.89 33.66
CA GLY B 1294 -5.53 67.44 33.94
C GLY B 1294 -5.56 65.96 34.19
N LEU B 1295 -6.77 65.47 34.49
CA LEU B 1295 -6.96 64.06 34.82
C LEU B 1295 -7.05 63.25 33.53
N LEU B 1296 -5.94 62.61 33.16
CA LEU B 1296 -5.87 61.78 31.95
C LEU B 1296 -6.45 60.39 32.15
N LEU B 1297 -6.65 59.95 33.39
CA LEU B 1297 -7.11 58.59 33.64
C LEU B 1297 -8.48 58.33 33.05
N ALA B 1298 -9.22 59.38 32.70
CA ALA B 1298 -10.43 59.19 31.88
C ALA B 1298 -10.07 58.64 30.51
N PHE B 1299 -9.01 59.17 29.89
CA PHE B 1299 -8.63 58.73 28.56
C PHE B 1299 -8.15 57.28 28.56
N GLN B 1300 -7.71 56.78 29.70
CA GLN B 1300 -7.33 55.37 29.78
C GLN B 1300 -8.55 54.46 29.60
N VAL B 1301 -9.68 54.85 30.18
CA VAL B 1301 -10.90 54.08 30.00
C VAL B 1301 -11.45 54.26 28.58
N PHE B 1302 -11.41 55.48 28.06
CA PHE B 1302 -11.95 55.73 26.73
C PHE B 1302 -11.17 54.96 25.67
N LEU B 1303 -9.85 54.93 25.76
CA LEU B 1303 -9.07 54.21 24.78
C LEU B 1303 -9.29 52.72 24.87
N LEU B 1304 -9.42 52.17 26.08
CA LEU B 1304 -9.69 50.75 26.21
C LEU B 1304 -11.03 50.39 25.59
N ASP B 1305 -12.03 51.27 25.75
CA ASP B 1305 -13.34 51.03 25.14
C ASP B 1305 -13.24 50.99 23.62
N GLU B 1306 -12.48 51.92 23.03
CA GLU B 1306 -12.32 51.94 21.59
C GLU B 1306 -11.55 50.72 21.10
N LEU B 1307 -10.51 50.30 21.83
CA LEU B 1307 -9.83 49.05 21.51
C LEU B 1307 -10.77 47.85 21.63
N THR B 1308 -11.60 47.83 22.68
CA THR B 1308 -12.54 46.72 22.82
C THR B 1308 -13.57 46.72 21.69
N ALA B 1309 -14.02 47.90 21.27
CA ALA B 1309 -15.05 47.97 20.25
C ALA B 1309 -14.58 47.40 18.92
N ARG B 1310 -13.32 47.61 18.57
CA ARG B 1310 -12.79 47.12 17.30
C ARG B 1310 -12.15 45.75 17.42
N GLY B 1311 -12.33 45.07 18.54
CA GLY B 1311 -11.88 43.70 18.66
C GLY B 1311 -10.40 43.51 18.85
N PHE B 1312 -9.71 44.45 19.48
CA PHE B 1312 -8.29 44.32 19.77
C PHE B 1312 -8.02 43.90 21.21
N CYS B 1313 -9.05 43.48 21.93
CA CYS B 1313 -8.89 42.92 23.27
C CYS B 1313 -9.31 41.46 23.32
N GLN B 1314 -9.50 40.83 22.16
CA GLN B 1314 -9.84 39.42 22.04
C GLN B 1314 -8.95 38.80 20.98
N ILE B 1315 -8.59 37.54 21.18
CA ILE B 1315 -8.04 36.72 20.10
C ILE B 1315 -9.10 35.75 19.63
N GLN B 1316 -9.33 35.72 18.32
CA GLN B 1316 -10.26 34.80 17.70
C GLN B 1316 -9.46 33.70 17.01
N VAL B 1317 -9.71 32.46 17.40
CA VAL B 1317 -8.98 31.31 16.89
C VAL B 1317 -9.86 30.58 15.90
N LYS B 1318 -9.36 30.39 14.68
CA LYS B 1318 -10.11 29.73 13.61
C LYS B 1318 -10.12 28.23 13.88
N THR B 1319 -11.02 27.83 14.77
CA THR B 1319 -11.19 26.42 15.12
C THR B 1319 -12.03 25.73 14.04
N ALA B 1320 -12.45 24.50 14.31
CA ALA B 1320 -13.29 23.78 13.36
C ALA B 1320 -14.72 24.32 13.39
N GLY B 1321 -15.37 24.25 14.53
CA GLY B 1321 -16.74 24.72 14.67
C GLY B 1321 -16.84 26.07 15.35
N THR B 1322 -17.23 26.05 16.62
CA THR B 1322 -17.36 27.28 17.39
C THR B 1322 -15.98 27.87 17.67
N PRO B 1323 -15.77 29.18 17.45
CA PRO B 1323 -14.48 29.79 17.78
C PRO B 1323 -14.41 30.28 19.21
N VAL B 1324 -13.36 29.88 19.92
CA VAL B 1324 -13.13 30.38 21.27
C VAL B 1324 -12.50 31.77 21.20
N SER B 1325 -12.85 32.62 22.15
CA SER B 1325 -12.31 33.97 22.25
C SER B 1325 -11.42 34.06 23.49
N ILE B 1326 -10.17 34.44 23.29
CA ILE B 1326 -9.21 34.60 24.38
C ILE B 1326 -9.12 36.08 24.73
N PRO B 1327 -9.49 36.50 25.94
CA PRO B 1327 -9.34 37.90 26.33
C PRO B 1327 -7.87 38.23 26.58
N VAL B 1328 -7.43 39.36 26.03
CA VAL B 1328 -6.04 39.78 26.14
C VAL B 1328 -5.89 41.19 26.69
N CYS B 1329 -6.90 41.69 27.40
CA CYS B 1329 -6.84 43.00 28.01
C CYS B 1329 -7.32 42.94 29.45
N ASP B 1330 -7.12 44.04 30.16
CA ASP B 1330 -7.64 44.25 31.51
C ASP B 1330 -7.69 45.75 31.74
N ASP B 1331 -7.91 46.15 32.99
CA ASP B 1331 -8.00 47.58 33.29
C ASP B 1331 -6.64 48.25 33.31
N SER B 1332 -5.55 47.49 33.39
CA SER B 1332 -4.21 48.03 33.36
C SER B 1332 -3.57 48.03 31.98
N SER B 1333 -4.32 47.65 30.95
CA SER B 1333 -3.73 47.45 29.63
C SER B 1333 -3.28 48.75 28.98
N VAL B 1334 -3.96 49.86 29.24
CA VAL B 1334 -3.71 51.12 28.55
C VAL B 1334 -3.19 52.14 29.56
N LYS B 1335 -2.01 52.68 29.27
CA LYS B 1335 -1.39 53.72 30.09
C LYS B 1335 -1.04 54.90 29.19
N VAL B 1336 -1.44 56.10 29.59
CA VAL B 1336 -1.25 57.30 28.78
C VAL B 1336 -0.34 58.27 29.52
N GLU B 1337 0.57 58.89 28.79
CA GLU B 1337 1.42 59.95 29.31
C GLU B 1337 1.44 61.11 28.33
N CYS B 1338 1.54 62.33 28.87
CA CYS B 1338 1.52 63.54 28.06
C CYS B 1338 2.94 63.90 27.67
N LEU B 1339 3.22 63.88 26.37
CA LEU B 1339 4.55 64.18 25.85
C LEU B 1339 4.68 65.63 25.42
N SER B 1340 3.78 66.08 24.56
CA SER B 1340 3.78 67.47 24.10
C SER B 1340 2.34 67.86 23.81
N ARG B 1341 2.14 69.16 23.58
CA ARG B 1341 0.81 69.67 23.29
C ARG B 1341 0.23 69.01 22.05
N GLU B 1342 -1.04 68.63 22.13
CA GLU B 1342 -1.84 67.98 21.09
C GLU B 1342 -1.34 66.57 20.77
N ARG B 1343 -0.32 66.04 21.44
CA ARG B 1343 0.17 64.70 21.19
C ARG B 1343 0.26 63.94 22.51
N LEU B 1344 -0.68 63.04 22.73
CA LEU B 1344 -0.62 62.16 23.89
C LEU B 1344 0.19 60.91 23.55
N GLY B 1345 0.76 60.31 24.58
CA GLY B 1345 1.50 59.06 24.45
C GLY B 1345 0.71 57.92 25.07
N VAL B 1346 0.53 56.86 24.30
CA VAL B 1346 -0.35 55.76 24.66
C VAL B 1346 0.45 54.47 24.68
N ASN B 1347 0.29 53.69 25.75
CA ASN B 1347 0.88 52.37 25.89
C ASN B 1347 -0.23 51.33 25.88
N ILE B 1348 -0.10 50.33 25.02
CA ILE B 1348 -1.05 49.22 24.97
C ILE B 1348 -0.30 47.93 25.27
N THR B 1349 -0.81 47.15 26.22
CA THR B 1349 -0.17 45.94 26.68
C THR B 1349 -1.19 44.80 26.66
N TRP B 1350 -0.95 43.81 25.82
CA TRP B 1350 -1.81 42.64 25.72
C TRP B 1350 -1.21 41.51 26.56
N LYS B 1351 -1.97 41.02 27.54
CA LYS B 1351 -1.51 39.95 28.41
C LYS B 1351 -2.44 38.76 28.27
N LEU B 1352 -1.91 37.66 27.74
CA LEU B 1352 -2.63 36.41 27.60
C LEU B 1352 -2.30 35.48 28.76
N GLN B 1353 -3.33 34.98 29.43
CA GLN B 1353 -3.17 33.93 30.42
C GLN B 1353 -3.21 32.58 29.71
N LEU B 1354 -2.17 31.77 29.91
CA LEU B 1354 -2.07 30.50 29.21
C LEU B 1354 -3.16 29.51 29.59
N VAL B 1355 -3.82 29.70 30.73
CA VAL B 1355 -4.90 28.79 31.11
C VAL B 1355 -6.12 29.00 30.23
N ASP B 1356 -6.19 30.11 29.50
CA ASP B 1356 -7.30 30.39 28.60
C ASP B 1356 -7.02 30.01 27.16
N ALA B 1357 -5.77 29.82 26.78
CA ALA B 1357 -5.45 29.44 25.41
C ALA B 1357 -5.85 27.99 25.17
N PRO B 1358 -6.70 27.70 24.20
CA PRO B 1358 -7.17 26.34 23.99
C PRO B 1358 -6.05 25.43 23.51
N PRO B 1359 -5.76 24.35 24.24
CA PRO B 1359 -4.67 23.46 23.82
C PRO B 1359 -4.96 22.70 22.54
N ALA B 1360 -6.22 22.59 22.12
CA ALA B 1360 -6.54 21.90 20.88
C ALA B 1360 -6.35 22.78 19.65
N SER B 1361 -6.43 24.10 19.79
CA SER B 1361 -6.27 25.02 18.69
C SER B 1361 -4.88 25.66 18.63
N LEU B 1362 -4.22 25.81 19.78
CA LEU B 1362 -2.87 26.35 19.87
C LEU B 1362 -2.00 25.38 20.65
N PRO B 1363 -1.53 24.32 20.01
CA PRO B 1363 -0.84 23.25 20.75
C PRO B 1363 0.44 23.66 21.46
N ASP B 1364 1.34 24.37 20.79
CA ASP B 1364 2.61 24.74 21.36
C ASP B 1364 2.58 26.18 21.85
N LEU B 1365 3.49 26.49 22.78
CA LEU B 1365 3.61 27.87 23.24
C LEU B 1365 4.09 28.80 22.12
N GLN B 1366 4.78 28.27 21.12
CA GLN B 1366 5.07 29.09 19.94
C GLN B 1366 3.79 29.48 19.21
N ASP B 1367 2.82 28.58 19.10
CA ASP B 1367 1.55 28.92 18.46
C ASP B 1367 0.83 30.03 19.22
N VAL B 1368 0.97 30.04 20.55
CA VAL B 1368 0.35 31.09 21.36
C VAL B 1368 1.05 32.42 21.13
N GLU B 1369 2.39 32.40 21.05
CA GLU B 1369 3.12 33.64 20.81
C GLU B 1369 2.72 34.28 19.49
N GLU B 1370 2.59 33.47 18.44
CA GLU B 1370 2.30 34.01 17.11
C GLU B 1370 0.84 34.46 16.99
N ALA B 1371 -0.07 33.84 17.75
CA ALA B 1371 -1.43 34.34 17.78
C ALA B 1371 -1.51 35.70 18.47
N LEU B 1372 -0.61 35.96 19.41
CA LEU B 1372 -0.58 37.23 20.14
C LEU B 1372 0.22 38.31 19.44
N ALA B 1373 1.18 37.94 18.59
CA ALA B 1373 2.07 38.87 17.93
C ALA B 1373 2.06 38.65 16.43
N GLY B 1374 0.87 38.40 15.89
CA GLY B 1374 0.74 38.16 14.45
C GLY B 1374 -0.43 38.86 13.80
N LYS B 1375 -0.95 38.31 12.74
CA LYS B 1375 -1.98 38.96 11.89
C LYS B 1375 -3.36 39.08 12.53
N TYR B 1376 -3.58 38.40 13.62
CA TYR B 1376 -4.90 38.44 14.28
C TYR B 1376 -4.90 39.43 15.43
N LEU B 1377 -3.75 39.77 16.04
CA LEU B 1377 -3.83 40.78 17.08
C LEU B 1377 -2.89 41.96 16.85
N ALA B 1378 -1.60 41.72 16.72
CA ALA B 1378 -0.64 42.82 16.66
C ALA B 1378 -0.34 43.27 15.25
N GLY B 1379 -0.24 42.33 14.31
CA GLY B 1379 -0.12 42.71 12.91
C GLY B 1379 -1.38 43.40 12.39
N ARG B 1380 -2.54 42.99 12.89
CA ARG B 1380 -3.79 43.64 12.50
C ARG B 1380 -3.93 45.02 13.12
N PHE B 1381 -3.28 45.27 14.26
CA PHE B 1381 -3.33 46.58 14.88
C PHE B 1381 -2.27 47.54 14.34
N ALA B 1382 -1.13 47.03 13.91
CA ALA B 1382 -0.12 47.89 13.30
C ALA B 1382 -0.62 48.46 11.97
N ASP B 1383 -1.32 47.65 11.19
CA ASP B 1383 -1.88 48.13 9.93
C ASP B 1383 -2.93 49.20 10.16
N LEU B 1384 -3.78 49.03 11.17
CA LEU B 1384 -4.81 50.03 11.46
C LEU B 1384 -4.20 51.37 11.85
N ILE B 1385 -3.13 51.34 12.65
CA ILE B 1385 -2.48 52.59 13.05
C ILE B 1385 -1.74 53.22 11.87
N GLN B 1386 -1.00 52.41 11.10
CA GLN B 1386 -0.24 52.96 9.98
C GLN B 1386 -1.15 53.52 8.90
N SER B 1387 -2.39 53.03 8.80
CA SER B 1387 -3.32 53.56 7.82
C SER B 1387 -3.71 54.99 8.15
N GLY B 1388 -4.31 55.20 9.31
CA GLY B 1388 -4.72 56.54 9.72
C GLY B 1388 -6.18 56.60 10.07
N THR B 1389 -6.81 55.45 10.28
CA THR B 1389 -8.24 55.35 10.47
C THR B 1389 -8.63 55.08 11.92
N PHE B 1390 -7.75 55.37 12.87
CA PHE B 1390 -8.06 55.23 14.29
C PHE B 1390 -8.30 56.61 14.88
N GLN B 1391 -9.56 56.93 15.16
CA GLN B 1391 -9.92 58.15 15.83
C GLN B 1391 -10.90 57.84 16.95
N LEU B 1392 -10.87 58.66 17.99
CA LEU B 1392 -11.71 58.47 19.16
C LEU B 1392 -12.72 59.61 19.25
N HIS B 1393 -13.99 59.24 19.45
CA HIS B 1393 -15.09 60.18 19.46
C HIS B 1393 -15.41 60.54 20.90
N LEU B 1394 -15.27 61.83 21.25
CA LEU B 1394 -15.42 62.27 22.62
C LEU B 1394 -16.10 63.64 22.60
N ASP B 1395 -17.44 63.63 22.74
CA ASP B 1395 -18.24 64.85 22.76
C ASP B 1395 -18.01 65.70 21.52
N SER B 1396 -18.20 65.07 20.35
CA SER B 1396 -18.12 65.71 19.04
C SER B 1396 -16.67 66.07 18.68
N LYS B 1397 -15.75 65.86 19.60
CA LYS B 1397 -14.33 66.09 19.32
C LYS B 1397 -13.70 64.80 18.81
N THR B 1398 -12.72 64.95 17.92
CA THR B 1398 -12.06 63.82 17.28
C THR B 1398 -10.57 63.82 17.66
N PHE B 1399 -10.07 62.66 18.07
CA PHE B 1399 -8.66 62.46 18.40
C PHE B 1399 -8.11 61.40 17.46
N SER B 1400 -7.58 61.83 16.32
CA SER B 1400 -6.99 60.90 15.38
C SER B 1400 -5.56 60.56 15.81
N ALA B 1401 -5.16 59.32 15.52
CA ALA B 1401 -3.88 58.78 15.96
C ALA B 1401 -2.82 58.94 14.87
N ASP B 1402 -1.58 59.11 15.30
CA ASP B 1402 -0.47 59.23 14.38
C ASP B 1402 -0.16 57.89 13.73
N THR B 1403 0.50 57.93 12.57
CA THR B 1403 0.78 56.72 11.82
C THR B 1403 1.92 55.88 12.41
N SER B 1404 2.66 56.42 13.38
CA SER B 1404 3.83 55.74 13.90
C SER B 1404 3.45 54.82 15.05
N ILE B 1405 3.95 53.58 15.01
CA ILE B 1405 3.73 52.59 16.06
C ILE B 1405 5.05 51.90 16.36
N ARG B 1406 5.32 51.70 17.66
CA ARG B 1406 6.55 51.07 18.12
C ARG B 1406 6.23 49.93 19.07
N PHE B 1407 7.13 48.95 19.11
CA PHE B 1407 6.94 47.74 19.91
C PHE B 1407 8.08 47.61 20.90
N LEU B 1408 7.73 47.29 22.16
CA LEU B 1408 8.76 47.02 23.16
C LEU B 1408 9.50 45.73 22.82
N GLN B 1409 10.82 45.75 22.97
CA GLN B 1409 11.65 44.58 22.71
C GLN B 1409 12.69 44.44 23.82
N GLY B 1410 12.25 44.63 25.06
CA GLY B 1410 13.17 44.56 26.18
C GLY B 1410 14.06 45.78 26.28
N ASP B 1411 13.47 46.93 26.58
CA ASP B 1411 14.09 48.23 26.79
C ASP B 1411 14.52 48.88 25.48
N ARG B 1412 14.40 48.22 24.34
CA ARG B 1412 14.73 48.80 23.05
C ARG B 1412 13.49 48.74 22.17
N PHE B 1413 12.79 49.87 22.05
CA PHE B 1413 11.61 49.93 21.21
C PHE B 1413 11.96 49.58 19.76
N GLY B 1414 11.47 48.44 19.31
CA GLY B 1414 11.76 48.00 17.96
C GLY B 1414 10.58 48.18 17.03
N ILE B 1415 10.66 47.56 15.85
CA ILE B 1415 9.58 47.64 14.86
C ILE B 1415 8.85 46.32 14.72
N SER B 1416 9.04 45.38 15.65
CA SER B 1416 8.41 44.09 15.61
C SER B 1416 8.11 43.64 17.04
N PRO B 1417 6.94 43.05 17.28
CA PRO B 1417 6.56 42.69 18.65
C PRO B 1417 7.32 41.47 19.14
N ARG B 1418 7.79 41.55 20.38
CA ARG B 1418 8.38 40.41 21.09
C ARG B 1418 7.54 40.10 22.31
N THR B 1419 7.34 38.81 22.58
CA THR B 1419 6.58 38.40 23.74
C THR B 1419 7.47 38.32 24.97
N GLN B 1420 6.84 38.37 26.14
CA GLN B 1420 7.54 38.33 27.41
C GLN B 1420 6.75 37.45 28.37
N PHE B 1421 7.44 36.51 29.01
CA PHE B 1421 6.78 35.57 29.91
C PHE B 1421 6.59 36.17 31.29
N GLY B 1422 5.55 35.72 31.97
CA GLY B 1422 5.22 36.24 33.27
C GLY B 1422 4.45 35.25 34.11
N CYS B 1423 3.97 35.70 35.28
CA CYS B 1423 3.27 34.84 36.21
C CYS B 1423 1.90 35.43 36.49
N LEU B 1424 1.03 34.62 37.09
CA LEU B 1424 -0.34 35.03 37.37
C LEU B 1424 -0.36 35.97 38.56
N GLU B 1425 -1.57 36.30 39.03
CA GLU B 1425 -1.73 37.33 40.06
C GLU B 1425 -1.04 36.94 41.36
N GLY B 1426 -1.30 35.73 41.85
CA GLY B 1426 -0.80 35.33 43.14
C GLY B 1426 0.56 34.65 43.15
N PHE B 1427 1.28 34.66 42.04
CA PHE B 1427 2.51 33.88 41.91
C PHE B 1427 3.69 34.82 41.75
N GLY B 1428 4.72 34.61 42.57
CA GLY B 1428 5.89 35.46 42.52
C GLY B 1428 6.90 34.99 41.48
N ARG B 1429 7.55 35.95 40.84
CA ARG B 1429 8.62 35.65 39.91
C ARG B 1429 9.87 35.20 40.65
N VAL B 1430 10.50 34.13 40.16
CA VAL B 1430 11.78 33.68 40.68
C VAL B 1430 12.87 33.67 39.63
N VAL B 1431 12.53 33.81 38.36
CA VAL B 1431 13.49 33.89 37.26
C VAL B 1431 13.39 35.28 36.67
N ALA B 1432 14.54 35.90 36.40
CA ALA B 1432 14.55 37.22 35.79
C ALA B 1432 13.89 37.17 34.42
N ALA B 1433 13.42 38.32 33.95
CA ALA B 1433 12.73 38.38 32.67
C ALA B 1433 13.65 38.03 31.52
N SER B 1434 14.90 38.49 31.58
CA SER B 1434 15.82 38.29 30.47
C SER B 1434 16.11 36.82 30.20
N ASP B 1435 16.37 36.03 31.25
CA ASP B 1435 16.72 34.63 31.08
C ASP B 1435 15.51 33.71 31.19
N ALA B 1436 14.30 34.21 30.88
CA ALA B 1436 13.15 33.33 30.78
C ALA B 1436 13.30 32.35 29.63
N SER B 1437 14.18 32.63 28.68
CA SER B 1437 14.44 31.67 27.61
C SER B 1437 15.29 30.50 28.12
N GLN B 1438 15.91 30.66 29.29
CA GLN B 1438 16.78 29.62 29.80
C GLN B 1438 16.04 28.64 30.70
N ASP B 1439 15.21 29.16 31.60
CA ASP B 1439 14.51 28.34 32.58
C ASP B 1439 13.01 28.46 32.37
N ALA B 1440 12.31 27.32 32.42
CA ALA B 1440 10.88 27.33 32.13
C ALA B 1440 10.05 27.49 33.40
N LEU B 1441 10.59 27.08 34.54
CA LEU B 1441 9.87 27.16 35.81
C LEU B 1441 10.19 28.51 36.46
N GLY B 1442 9.32 29.49 36.22
CA GLY B 1442 9.57 30.84 36.69
C GLY B 1442 8.59 31.37 37.70
N CYS B 1443 7.61 30.57 38.10
CA CYS B 1443 6.53 31.04 38.97
C CYS B 1443 6.40 30.13 40.19
N VAL B 1444 6.39 30.74 41.37
CA VAL B 1444 6.10 30.04 42.61
C VAL B 1444 4.95 30.77 43.30
N LYS B 1445 4.04 30.00 43.89
CA LYS B 1445 2.95 30.59 44.64
C LYS B 1445 3.46 31.19 45.94
N CYS B 1446 2.94 32.35 46.30
CA CYS B 1446 3.34 32.99 47.55
C CYS B 1446 2.95 32.10 48.72
N PRO B 1447 3.88 31.76 49.61
CA PRO B 1447 3.56 30.80 50.68
C PRO B 1447 2.65 31.36 51.74
N GLU B 1448 2.50 30.60 52.82
CA GLU B 1448 1.55 30.90 53.92
C GLU B 1448 1.99 32.14 54.70
N GLY B 1449 3.28 32.38 54.86
CA GLY B 1449 3.71 33.55 55.65
C GLY B 1449 3.74 34.85 54.88
N SER B 1450 3.25 34.86 53.64
CA SER B 1450 3.63 35.88 52.64
C SER B 1450 2.38 36.53 52.06
N TYR B 1451 2.58 37.66 51.38
CA TYR B 1451 1.55 38.29 50.51
C TYR B 1451 2.19 38.60 49.16
N PHE B 1452 1.39 38.90 48.14
CA PHE B 1452 1.93 39.23 46.81
C PHE B 1452 1.87 40.73 46.59
N GLN B 1453 2.97 41.34 46.21
CA GLN B 1453 2.85 42.66 45.56
C GLN B 1453 3.91 42.74 44.46
N ASP B 1454 3.54 43.17 43.26
CA ASP B 1454 4.56 43.63 42.28
C ASP B 1454 5.57 42.52 41.98
N GLU B 1455 5.09 41.30 41.73
CA GLU B 1455 5.81 40.22 41.04
C GLU B 1455 6.73 39.54 42.05
N GLN B 1456 6.60 39.93 43.31
CA GLN B 1456 7.48 39.42 44.37
C GLN B 1456 6.57 38.95 45.49
N CYS B 1457 7.07 38.04 46.32
CA CYS B 1457 6.33 37.54 47.49
C CYS B 1457 7.04 38.10 48.71
N ILE B 1458 6.33 38.87 49.54
CA ILE B 1458 6.93 39.67 50.64
C ILE B 1458 6.39 39.13 51.95
N PRO B 1459 7.23 38.86 52.97
CA PRO B 1459 6.77 38.18 54.18
C PRO B 1459 5.82 38.99 55.06
N CYS B 1460 4.73 38.41 55.63
CA CYS B 1460 3.89 39.25 56.48
C CYS B 1460 4.75 40.00 57.48
N PRO B 1461 4.58 41.31 57.61
CA PRO B 1461 5.34 42.06 58.62
C PRO B 1461 4.88 41.69 60.02
N ALA B 1462 5.69 42.07 61.00
CA ALA B 1462 5.38 41.77 62.39
C ALA B 1462 4.06 42.39 62.78
N GLY B 1463 3.28 41.66 63.57
CA GLY B 1463 1.93 42.06 63.91
C GLY B 1463 0.87 41.64 62.93
N PHE B 1464 1.25 41.01 61.83
CA PHE B 1464 0.32 40.54 60.82
C PHE B 1464 0.56 39.07 60.55
N TYR B 1465 -0.50 38.37 60.13
CA TYR B 1465 -0.39 36.96 59.81
C TYR B 1465 -1.27 36.64 58.60
N GLN B 1466 -0.83 35.67 57.81
CA GLN B 1466 -1.60 35.15 56.70
C GLN B 1466 -1.56 33.63 56.76
N GLU B 1467 -2.70 32.99 56.52
CA GLU B 1467 -2.81 31.55 56.64
C GLU B 1467 -2.98 30.81 55.32
N GLN B 1468 -3.56 31.46 54.31
CA GLN B 1468 -3.80 30.80 53.03
C GLN B 1468 -2.86 31.36 51.97
N ALA B 1469 -2.24 30.47 51.21
CA ALA B 1469 -1.23 30.85 50.25
C ALA B 1469 -1.85 31.61 49.08
N GLY B 1470 -1.00 32.35 48.37
CA GLY B 1470 -1.45 33.12 47.22
C GLY B 1470 -2.41 34.22 47.57
N SER B 1471 -2.15 34.97 48.65
CA SER B 1471 -3.03 36.01 49.12
C SER B 1471 -2.46 37.39 48.79
N LEU B 1472 -3.32 38.40 48.88
CA LEU B 1472 -2.97 39.76 48.48
C LEU B 1472 -2.75 40.70 49.66
N ALA B 1473 -2.95 40.24 50.89
CA ALA B 1473 -2.80 41.09 52.06
C ALA B 1473 -2.51 40.21 53.27
N CYS B 1474 -2.21 40.86 54.40
CA CYS B 1474 -1.93 40.16 55.65
C CYS B 1474 -2.99 40.53 56.67
N VAL B 1475 -3.60 39.53 57.27
CA VAL B 1475 -4.63 39.78 58.29
C VAL B 1475 -3.94 40.25 59.57
N PRO B 1476 -4.40 41.33 60.18
CA PRO B 1476 -3.79 41.77 61.45
C PRO B 1476 -4.19 40.85 62.59
N CYS B 1477 -3.29 40.77 63.57
CA CYS B 1477 -3.58 40.00 64.77
C CYS B 1477 -4.66 40.71 65.59
N PRO B 1478 -5.35 39.98 66.47
CA PRO B 1478 -6.31 40.64 67.37
C PRO B 1478 -5.63 41.71 68.20
N GLU B 1479 -6.40 42.75 68.55
CA GLU B 1479 -5.84 43.95 69.15
C GLU B 1479 -5.02 43.65 70.40
N GLY B 1480 -5.37 42.60 71.12
CA GLY B 1480 -4.60 42.23 72.29
C GLY B 1480 -3.35 41.44 72.04
N ARG B 1481 -3.07 41.06 70.80
CA ARG B 1481 -1.96 40.16 70.49
C ARG B 1481 -1.14 40.68 69.32
N THR B 1482 0.04 40.10 69.15
CA THR B 1482 0.95 40.43 68.07
C THR B 1482 1.77 39.19 67.72
N THR B 1483 2.72 39.35 66.81
CA THR B 1483 3.61 38.28 66.39
C THR B 1483 5.03 38.67 66.72
N VAL B 1484 5.79 37.71 67.26
CA VAL B 1484 7.14 37.99 67.71
C VAL B 1484 8.07 38.27 66.53
N TYR B 1485 7.88 37.56 65.43
CA TYR B 1485 8.70 37.74 64.24
C TYR B 1485 7.83 38.05 63.04
N ALA B 1486 8.48 38.25 61.89
CA ALA B 1486 7.76 38.44 60.64
C ALA B 1486 7.51 37.10 59.97
N GLY B 1487 6.55 37.10 59.05
CA GLY B 1487 6.21 35.88 58.35
C GLY B 1487 5.41 34.88 59.15
N ALA B 1488 4.54 35.35 60.05
CA ALA B 1488 3.66 34.44 60.78
C ALA B 1488 2.67 33.79 59.84
N PHE B 1489 2.36 32.52 60.11
CA PHE B 1489 1.55 31.73 59.19
C PHE B 1489 0.44 30.97 59.89
N SER B 1490 -0.08 31.49 61.00
CA SER B 1490 -1.26 30.90 61.63
C SER B 1490 -1.86 31.87 62.62
N GLN B 1491 -3.13 31.64 62.97
CA GLN B 1491 -3.79 32.42 64.01
C GLN B 1491 -3.11 32.27 65.36
N THR B 1492 -2.72 31.03 65.70
CA THR B 1492 -2.08 30.78 66.99
C THR B 1492 -0.75 31.50 67.12
N HIS B 1493 -0.20 31.98 66.02
CA HIS B 1493 1.11 32.63 66.07
C HIS B 1493 0.99 34.04 66.61
N CYS B 1494 -0.21 34.61 66.60
CA CYS B 1494 -0.47 35.85 67.31
C CYS B 1494 -0.37 35.61 68.81
N VAL B 1495 0.41 36.42 69.49
CA VAL B 1495 0.81 36.13 70.86
C VAL B 1495 0.60 37.36 71.73
N THR B 1496 0.32 37.14 73.01
CA THR B 1496 0.13 38.20 73.96
C THR B 1496 1.48 38.66 74.51
N ASP B 1497 1.45 39.72 75.32
CA ASP B 1497 2.68 40.21 75.92
C ASP B 1497 3.22 39.25 76.96
N CYS B 1498 2.33 38.53 77.66
CA CYS B 1498 2.78 37.59 78.68
C CYS B 1498 3.54 36.41 78.06
N GLN B 1499 2.92 35.86 77.02
CA GLN B 1499 3.45 34.63 76.37
C GLN B 1499 4.80 34.94 75.73
N LYS B 1500 4.92 36.08 75.07
CA LYS B 1500 6.22 36.48 74.47
C LYS B 1500 7.22 36.62 75.59
N ASN B 1501 6.77 37.12 76.75
CA ASN B 1501 7.69 37.37 77.89
C ASN B 1501 8.71 36.26 77.97
N GLU B 1502 9.96 36.62 78.23
CA GLU B 1502 11.03 35.60 78.29
C GLU B 1502 11.62 35.56 79.70
N VAL B 1503 11.23 36.48 80.58
CA VAL B 1503 11.88 36.55 81.92
C VAL B 1503 11.26 35.50 82.85
N GLY B 1504 10.50 34.56 82.30
CA GLY B 1504 9.98 33.44 83.11
C GLY B 1504 8.63 33.69 83.74
N LEU B 1505 8.04 34.88 83.57
CA LEU B 1505 6.78 35.13 84.27
C LEU B 1505 5.75 34.14 83.73
N GLN B 1506 5.09 33.41 84.61
CA GLN B 1506 4.07 32.42 84.20
C GLN B 1506 2.81 33.15 83.75
N CYS B 1507 2.00 32.52 82.92
CA CYS B 1507 0.81 33.21 82.38
C CYS B 1507 -0.43 32.35 82.59
N ASP B 1508 -1.57 32.97 82.78
CA ASP B 1508 -2.80 32.15 82.89
C ASP B 1508 -3.34 31.94 81.49
N GLN B 1509 -4.47 31.26 81.39
CA GLN B 1509 -5.11 31.07 80.07
C GLN B 1509 -5.63 32.44 79.61
N ASP B 1510 -5.89 32.58 78.31
CA ASP B 1510 -6.36 33.87 77.76
C ASP B 1510 -5.16 34.83 77.68
N GLY B 1511 -3.97 34.34 78.01
CA GLY B 1511 -2.78 35.16 77.83
C GLY B 1511 -2.70 36.40 78.68
N GLN B 1512 -3.04 36.29 79.96
CA GLN B 1512 -2.88 37.38 80.92
C GLN B 1512 -1.85 36.99 81.97
N TYR B 1513 -1.12 37.98 82.47
CA TYR B 1513 -0.08 37.71 83.47
C TYR B 1513 -0.69 37.05 84.70
N ARG B 1514 -0.06 35.97 85.13
CA ARG B 1514 -0.43 35.36 86.41
C ARG B 1514 -0.14 36.34 87.54
N ALA B 1515 -1.13 36.55 88.41
CA ALA B 1515 -0.96 37.52 89.50
C ALA B 1515 0.14 37.09 90.45
N SER B 1516 0.24 35.80 90.73
CA SER B 1516 1.26 35.28 91.64
C SER B 1516 2.46 34.81 90.84
N GLN B 1517 3.65 35.10 91.34
CA GLN B 1517 4.89 34.76 90.65
C GLN B 1517 5.91 34.27 91.65
N ARG B 1518 6.87 33.47 91.15
CA ARG B 1518 8.00 33.01 91.93
C ARG B 1518 9.27 33.25 91.13
N ASP B 1519 10.32 33.68 91.83
CA ASP B 1519 11.56 34.02 91.16
C ASP B 1519 12.25 32.77 90.61
N ARG B 1520 13.03 32.97 89.55
CA ARG B 1520 13.81 31.87 88.99
C ARG B 1520 14.88 31.41 89.97
N THR B 1521 15.66 32.35 90.50
CA THR B 1521 16.78 31.99 91.37
C THR B 1521 16.29 31.43 92.70
N SER B 1522 15.35 32.12 93.34
CA SER B 1522 14.88 31.78 94.67
C SER B 1522 13.40 31.48 94.65
N GLY B 1523 12.95 30.70 95.64
CA GLY B 1523 11.52 30.38 95.72
C GLY B 1523 10.74 31.59 96.21
N LYS B 1524 11.41 32.74 96.35
CA LYS B 1524 10.75 33.94 96.92
C LYS B 1524 9.56 34.28 96.02
N ALA B 1525 8.42 34.64 96.61
CA ALA B 1525 7.21 34.85 95.77
C ALA B 1525 6.79 36.33 95.74
N PHE B 1526 6.39 36.83 94.57
CA PHE B 1526 6.00 38.22 94.40
C PHE B 1526 4.81 38.29 93.44
N CYS B 1527 4.15 39.44 93.42
CA CYS B 1527 2.99 39.66 92.58
C CYS B 1527 3.27 40.80 91.61
N VAL B 1528 2.70 40.72 90.42
CA VAL B 1528 2.93 41.70 89.37
C VAL B 1528 1.61 42.36 89.00
N ASP B 1529 1.72 43.55 88.42
CA ASP B 1529 0.54 44.35 88.06
C ASP B 1529 -0.10 43.78 86.81
N GLY B 1530 -1.06 44.52 86.24
CA GLY B 1530 -1.63 44.11 84.97
C GLY B 1530 -0.58 44.06 83.87
N GLU B 1531 0.24 45.10 83.79
CA GLU B 1531 1.48 45.01 83.03
C GLU B 1531 2.50 44.19 83.82
N GLY B 1532 3.55 43.77 83.13
CA GLY B 1532 4.49 42.83 83.74
C GLY B 1532 5.38 43.40 84.82
N ARG B 1533 5.17 44.67 85.18
CA ARG B 1533 5.98 45.30 86.21
C ARG B 1533 5.90 44.53 87.51
N ARG B 1534 7.06 44.11 88.02
CA ARG B 1534 7.14 43.30 89.23
C ARG B 1534 7.04 44.21 90.43
N LEU B 1535 5.94 44.12 91.16
CA LEU B 1535 5.76 44.94 92.35
C LEU B 1535 6.77 44.52 93.41
N PRO B 1536 7.52 45.45 93.98
CA PRO B 1536 8.27 45.17 95.19
C PRO B 1536 7.29 45.10 96.37
N TRP B 1537 7.84 45.03 97.57
CA TRP B 1537 7.16 45.07 98.86
C TRP B 1537 6.13 43.95 98.99
N THR B 1538 5.96 43.10 97.98
CA THR B 1538 5.12 41.91 98.08
C THR B 1538 5.96 40.64 97.99
N GLU B 1539 7.27 40.77 97.94
CA GLU B 1539 8.18 39.63 97.89
C GLU B 1539 8.24 38.99 99.27
N ALA B 1540 7.66 37.80 99.40
CA ALA B 1540 7.63 37.09 100.67
C ALA B 1540 8.09 35.66 100.45
N GLU B 1541 8.72 35.09 101.49
CA GLU B 1541 9.17 33.71 101.42
C GLU B 1541 7.99 32.75 101.26
N ALA B 1542 6.91 33.00 102.01
CA ALA B 1542 5.75 32.13 101.92
C ALA B 1542 5.13 32.21 100.53
N PRO B 1543 4.83 31.07 99.86
CA PRO B 1543 4.12 31.12 98.58
C PRO B 1543 2.83 31.93 98.69
N LEU B 1544 2.54 32.76 97.68
CA LEU B 1544 1.30 33.57 97.69
C LEU B 1544 0.34 33.02 96.64
N VAL B 1545 -0.90 32.74 97.01
CA VAL B 1545 -1.83 32.13 96.02
C VAL B 1545 -2.27 33.26 95.10
N ASP B 1546 -2.67 32.97 93.86
CA ASP B 1546 -3.04 34.09 93.01
C ASP B 1546 -4.10 34.96 93.65
N ALA B 1547 -5.06 34.33 94.34
CA ALA B 1547 -6.14 35.09 94.98
C ALA B 1547 -5.58 36.05 96.02
N GLN B 1548 -4.40 35.77 96.56
CA GLN B 1548 -3.80 36.66 97.54
C GLN B 1548 -3.19 37.89 96.85
N CYS B 1549 -2.68 37.71 95.63
CA CYS B 1549 -2.09 38.84 94.92
C CYS B 1549 -3.15 39.77 94.35
N LEU B 1550 -4.34 39.26 94.06
CA LEU B 1550 -5.39 40.11 93.50
C LEU B 1550 -5.72 41.26 94.44
N VAL B 1551 -5.85 40.97 95.73
CA VAL B 1551 -6.20 42.03 96.68
C VAL B 1551 -5.03 43.00 96.85
N MET B 1552 -3.80 42.47 96.90
CA MET B 1552 -2.65 43.35 97.10
C MET B 1552 -2.36 44.16 95.84
N ARG B 1553 -2.84 43.70 94.69
CA ARG B 1553 -2.65 44.43 93.44
C ARG B 1553 -3.50 45.68 93.41
N LYS B 1554 -4.52 45.74 94.26
CA LYS B 1554 -5.45 46.87 94.28
C LYS B 1554 -5.04 47.95 95.26
N PHE B 1555 -3.87 47.83 95.87
CA PHE B 1555 -3.32 48.85 96.76
C PHE B 1555 -2.03 49.40 96.18
N GLU B 1556 -1.67 50.60 96.63
CA GLU B 1556 -0.41 51.22 96.26
C GLU B 1556 0.33 51.61 97.54
N LYS B 1557 1.64 51.41 97.56
CA LYS B 1557 2.45 51.73 98.71
C LYS B 1557 3.02 53.13 98.56
N LEU B 1558 2.82 53.94 99.57
CA LEU B 1558 3.18 55.35 99.50
C LEU B 1558 4.60 55.56 99.98
N PRO B 1559 5.45 56.23 99.21
CA PRO B 1559 6.76 56.64 99.74
C PRO B 1559 6.57 57.64 100.86
N GLU B 1560 7.57 57.67 101.75
CA GLU B 1560 7.46 58.50 102.96
C GLU B 1560 7.22 59.97 102.63
N SER B 1561 7.70 60.43 101.48
CA SER B 1561 7.56 61.83 101.11
C SER B 1561 6.11 62.26 101.00
N LYS B 1562 5.19 61.31 100.84
CA LYS B 1562 3.76 61.60 100.67
C LYS B 1562 2.98 61.44 101.98
N VAL B 1563 3.66 61.29 103.10
CA VAL B 1563 3.03 60.96 104.37
C VAL B 1563 3.44 61.97 105.42
N ILE B 1564 2.50 62.34 106.28
CA ILE B 1564 2.74 63.25 107.39
C ILE B 1564 2.29 62.58 108.69
N PHE B 1565 3.10 62.70 109.72
CA PHE B 1565 2.84 62.07 111.02
C PHE B 1565 2.26 63.13 111.97
N SER B 1566 0.95 63.05 112.19
CA SER B 1566 0.25 64.00 113.04
C SER B 1566 -1.05 63.36 113.51
N ALA B 1567 -1.71 63.97 114.51
CA ALA B 1567 -2.92 63.38 115.13
C ALA B 1567 -4.13 63.30 114.18
N ASP B 1568 -4.81 62.14 114.13
CA ASP B 1568 -6.02 61.95 113.30
C ASP B 1568 -6.84 60.90 114.06
N VAL B 1569 -7.75 60.21 113.39
CA VAL B 1569 -8.65 59.26 114.10
C VAL B 1569 -8.57 57.86 113.47
N ALA B 1570 -8.63 56.81 114.27
CA ALA B 1570 -8.45 55.44 113.71
C ALA B 1570 -9.75 54.66 113.74
N VAL B 1571 -9.94 53.80 112.75
CA VAL B 1571 -11.15 52.93 112.75
C VAL B 1571 -11.03 52.05 113.98
N MET B 1572 -12.15 51.73 114.62
CA MET B 1572 -12.11 50.96 115.88
C MET B 1572 -12.53 49.51 115.62
N VAL B 1573 -12.35 49.04 114.38
CA VAL B 1573 -12.84 47.66 114.05
C VAL B 1573 -12.19 46.67 115.01
N ARG B 1574 -13.02 45.87 115.68
CA ARG B 1574 -12.50 44.90 116.68
C ARG B 1574 -12.84 43.51 116.17
N SER B 1575 -12.64 43.26 114.88
CA SER B 1575 -13.01 41.95 114.27
C SER B 1575 -12.08 40.84 114.77
N GLU B 1576 -12.53 39.57 114.67
CA GLU B 1576 -11.70 38.42 115.09
C GLU B 1576 -10.24 38.65 114.68
N VAL B 1577 -9.35 38.79 115.65
CA VAL B 1577 -7.91 39.12 115.38
C VAL B 1577 -7.25 37.88 114.77
N PRO B 1578 -6.40 37.98 113.72
CA PRO B 1578 -5.88 36.81 112.98
C PRO B 1578 -5.08 35.73 113.72
N GLY B 1579 -4.69 34.67 113.01
CA GLY B 1579 -3.94 33.57 113.59
C GLY B 1579 -2.44 33.77 113.53
N SER B 1583 -0.80 40.01 110.29
CA SER B 1583 -0.74 39.26 109.01
C SER B 1583 -1.06 40.23 107.88
N LEU B 1584 -0.05 40.82 107.26
CA LEU B 1584 -0.35 41.89 106.28
C LEU B 1584 -1.29 41.36 105.22
N MET B 1585 -1.04 40.18 104.69
CA MET B 1585 -1.92 39.76 103.58
C MET B 1585 -3.35 39.80 104.09
N GLN B 1586 -3.59 39.20 105.25
CA GLN B 1586 -4.96 39.17 105.83
C GLN B 1586 -5.37 40.58 106.19
N CYS B 1587 -4.46 41.38 106.72
CA CYS B 1587 -4.88 42.71 107.19
C CYS B 1587 -5.37 43.53 106.01
N LEU B 1588 -4.65 43.47 104.91
CA LEU B 1588 -5.10 44.21 103.73
C LEU B 1588 -6.48 43.68 103.37
N ALA B 1589 -6.66 42.37 103.45
CA ALA B 1589 -7.95 41.89 102.97
C ALA B 1589 -9.10 42.49 103.77
N ASP B 1590 -8.88 42.74 105.07
CA ASP B 1590 -9.93 43.36 105.88
C ASP B 1590 -10.29 44.73 105.33
N CYS B 1591 -9.29 45.53 104.97
CA CYS B 1591 -9.54 46.83 104.36
C CYS B 1591 -10.21 46.67 103.00
N ALA B 1592 -9.87 45.61 102.27
CA ALA B 1592 -10.39 45.39 100.93
C ALA B 1592 -11.89 45.14 100.90
N LEU B 1593 -12.49 44.76 102.02
CA LEU B 1593 -13.93 44.63 102.15
C LEU B 1593 -14.52 45.62 103.15
N ASP B 1594 -13.75 46.59 103.60
CA ASP B 1594 -14.36 47.47 104.63
C ASP B 1594 -15.39 48.38 103.99
N GLU B 1595 -15.04 49.08 102.91
CA GLU B 1595 -15.92 50.07 102.23
C GLU B 1595 -15.90 51.35 103.04
N ALA B 1596 -15.08 51.39 104.06
CA ALA B 1596 -14.91 52.64 104.82
C ALA B 1596 -13.40 52.84 104.95
N CYS B 1597 -12.66 51.78 105.29
CA CYS B 1597 -11.22 51.89 105.21
C CYS B 1597 -10.80 52.63 103.95
N GLY B 1598 -10.03 53.70 104.13
CA GLY B 1598 -9.44 54.39 103.01
C GLY B 1598 -8.02 53.94 102.80
N PHE B 1599 -7.37 53.56 103.89
CA PHE B 1599 -5.98 53.11 103.86
C PHE B 1599 -5.60 52.61 105.25
N LEU B 1600 -4.39 52.07 105.36
CA LEU B 1600 -3.96 51.45 106.61
C LEU B 1600 -2.45 51.56 106.74
N THR B 1601 -1.97 51.27 107.95
CA THR B 1601 -0.55 51.25 108.26
C THR B 1601 -0.21 49.94 108.95
N VAL B 1602 1.01 49.46 108.75
CA VAL B 1602 1.46 48.19 109.31
C VAL B 1602 2.74 48.42 110.11
N SER B 1603 2.85 47.72 111.23
CA SER B 1603 3.98 47.85 112.13
C SER B 1603 5.05 46.82 111.77
N THR B 1604 6.05 46.67 112.64
CA THR B 1604 7.11 45.69 112.43
C THR B 1604 7.14 44.67 113.57
N GLU B 1608 6.31 42.51 115.86
CA GLU B 1608 4.93 41.96 115.68
C GLU B 1608 4.14 42.89 114.77
N VAL B 1609 3.22 42.34 113.96
CA VAL B 1609 2.47 43.18 112.99
C VAL B 1609 1.31 43.85 113.71
N SER B 1610 1.31 45.17 113.80
CA SER B 1610 0.17 45.91 114.41
C SER B 1610 -0.40 46.80 113.32
N CYS B 1611 -1.59 46.45 112.82
CA CYS B 1611 -2.15 47.17 111.65
C CYS B 1611 -3.29 48.11 112.04
N ASP B 1612 -3.06 49.42 111.95
CA ASP B 1612 -4.10 50.41 112.30
C ASP B 1612 -4.78 50.83 111.02
N PHE B 1613 -6.09 50.67 110.96
CA PHE B 1613 -6.84 51.02 109.74
C PHE B 1613 -7.43 52.42 109.89
N TYR B 1614 -7.28 53.26 108.89
CA TYR B 1614 -7.91 54.57 108.87
C TYR B 1614 -9.05 54.53 107.86
N ALA B 1615 -9.91 55.54 107.91
CA ALA B 1615 -11.14 55.51 107.12
C ALA B 1615 -11.29 56.80 106.34
N TRP B 1616 -12.15 56.76 105.33
CA TRP B 1616 -12.68 57.97 104.75
C TRP B 1616 -13.45 58.73 105.84
N ALA B 1617 -13.76 59.99 105.54
CA ALA B 1617 -14.43 60.93 106.43
C ALA B 1617 -13.54 61.33 107.59
N SER B 1618 -12.34 60.75 107.72
CA SER B 1618 -11.37 61.22 108.69
C SER B 1618 -10.71 62.52 108.25
N ASP B 1619 -10.91 62.92 106.99
CA ASP B 1619 -10.30 64.11 106.40
C ASP B 1619 -8.78 64.05 106.45
N SER B 1620 -8.22 62.85 106.57
CA SER B 1620 -6.77 62.71 106.63
C SER B 1620 -6.14 62.95 105.26
N ILE B 1621 -6.78 62.43 104.21
CA ILE B 1621 -6.21 62.54 102.87
C ILE B 1621 -6.35 63.97 102.35
N ALA B 1622 -5.34 64.44 101.63
CA ALA B 1622 -5.40 65.73 100.98
C ALA B 1622 -4.55 65.67 99.71
N CYS B 1623 -4.90 66.52 98.75
CA CYS B 1623 -4.20 66.55 97.47
C CYS B 1623 -3.78 67.97 97.15
N THR B 1624 -2.61 68.10 96.54
CA THR B 1624 -2.08 69.37 96.09
C THR B 1624 -1.72 69.28 94.61
N THR B 1625 -2.19 70.24 93.84
CA THR B 1625 -1.95 70.27 92.40
C THR B 1625 -0.76 71.17 92.08
N SER B 1626 -0.16 70.92 90.92
CA SER B 1626 1.03 71.64 90.51
C SER B 1626 0.85 72.10 89.06
N GLY B 1627 1.03 73.40 88.83
CA GLY B 1627 0.82 73.98 87.53
C GLY B 1627 -0.51 74.71 87.42
N ARG B 1628 -0.78 75.22 86.22
CA ARG B 1628 -2.03 75.93 85.97
C ARG B 1628 -2.27 76.08 84.47
N ALA B 1638 -10.82 73.20 80.64
CA ALA B 1638 -10.50 74.35 81.47
C ALA B 1638 -9.67 73.94 82.69
N THR B 1639 -8.87 74.89 83.18
CA THR B 1639 -8.05 74.68 84.38
C THR B 1639 -7.18 73.44 84.26
N SER B 1640 -6.39 73.40 83.19
CA SER B 1640 -5.52 72.27 82.92
C SER B 1640 -4.29 72.35 83.81
N PHE B 1641 -4.26 71.53 84.86
CA PHE B 1641 -3.12 71.47 85.74
C PHE B 1641 -2.04 70.56 85.14
N GLY B 1642 -0.91 70.48 85.84
CA GLY B 1642 0.23 69.78 85.27
C GLY B 1642 0.73 68.60 86.09
N SER B 1643 0.49 68.62 87.40
CA SER B 1643 0.92 67.52 88.26
C SER B 1643 0.09 67.52 89.53
N LEU B 1644 0.02 66.35 90.19
CA LEU B 1644 -0.77 66.20 91.46
C LEU B 1644 0.00 65.32 92.43
N GLN B 1645 0.00 65.66 93.71
CA GLN B 1645 0.63 64.78 94.72
C GLN B 1645 -0.40 64.54 95.82
N CYS B 1646 -0.40 63.35 96.45
CA CYS B 1646 -1.40 63.02 97.48
C CYS B 1646 -0.71 62.93 98.83
N GLN B 1647 -1.31 63.47 99.87
CA GLN B 1647 -0.69 63.45 101.21
C GLN B 1647 -1.68 62.87 102.20
N VAL B 1648 -1.23 61.96 103.06
CA VAL B 1648 -2.15 61.26 104.00
C VAL B 1648 -1.57 61.48 105.39
N LYS B 1649 -2.39 61.39 106.44
CA LYS B 1649 -1.87 61.72 107.80
C LYS B 1649 -1.99 60.51 108.71
N VAL B 1650 -0.94 60.22 109.48
CA VAL B 1650 -0.96 58.99 110.33
C VAL B 1650 -0.71 59.40 111.77
N ARG B 1651 -1.36 58.72 112.73
CA ARG B 1651 -1.15 59.03 114.17
C ARG B 1651 0.13 58.33 114.58
N SER B 1652 0.96 57.99 113.60
CA SER B 1652 2.20 57.25 113.88
C SER B 1652 3.24 58.16 114.51
N ARG B 1653 4.35 57.58 114.98
CA ARG B 1653 5.35 58.40 115.71
C ARG B 1653 6.57 58.73 114.85
N GLU B 1654 6.41 58.93 113.54
CA GLU B 1654 7.53 59.36 112.67
C GLU B 1654 8.69 58.39 112.91
N GLY B 1655 8.40 57.22 113.48
CA GLY B 1655 9.42 56.17 113.67
C GLY B 1655 9.70 55.47 112.36
N ASP B 1656 10.82 54.78 112.24
CA ASP B 1656 11.20 54.16 110.93
C ASP B 1656 10.31 52.97 110.54
N PRO B 1657 9.96 51.98 111.39
CA PRO B 1657 9.22 50.80 110.92
C PRO B 1657 7.74 51.04 110.71
N LEU B 1658 7.37 51.55 109.53
CA LEU B 1658 5.97 51.72 109.20
C LEU B 1658 5.82 51.85 107.69
N ALA B 1659 4.73 51.28 107.16
CA ALA B 1659 4.45 51.40 105.73
C ALA B 1659 2.98 51.79 105.57
N VAL B 1660 2.65 52.55 104.54
CA VAL B 1660 1.25 53.03 104.34
C VAL B 1660 0.74 52.43 103.03
N TYR B 1661 -0.44 51.87 103.06
CA TYR B 1661 -0.96 51.20 101.84
C TYR B 1661 -2.30 51.83 101.52
N LEU B 1662 -2.37 52.67 100.49
CA LEU B 1662 -3.56 53.44 100.17
C LEU B 1662 -4.40 52.68 99.16
N LYS B 1663 -5.70 52.59 99.41
CA LYS B 1663 -6.63 51.99 98.46
C LYS B 1663 -6.52 52.70 97.12
N LYS B 1664 -6.17 51.95 96.08
CA LYS B 1664 -6.30 52.50 94.74
C LYS B 1664 -7.77 52.59 94.39
N GLY B 1665 -8.22 53.79 94.04
CA GLY B 1665 -9.56 53.95 93.54
C GLY B 1665 -9.70 53.25 92.20
N GLN B 1666 -10.83 53.44 91.51
CA GLN B 1666 -11.07 52.83 90.20
C GLN B 1666 -10.73 51.33 90.19
N GLU B 1667 -10.71 50.71 91.36
CA GLU B 1667 -10.57 49.27 91.51
C GLU B 1667 -11.58 48.67 92.48
N PHE B 1668 -12.12 49.44 93.41
CA PHE B 1668 -13.19 49.01 94.29
C PHE B 1668 -14.50 49.64 93.81
N THR B 1669 -15.60 48.90 93.95
CA THR B 1669 -16.87 49.40 93.44
C THR B 1669 -17.32 50.65 94.19
N ILE B 1670 -17.34 50.59 95.52
CA ILE B 1670 -17.88 51.67 96.34
C ILE B 1670 -16.74 52.26 97.16
N THR B 1671 -16.38 53.50 96.88
CA THR B 1671 -15.33 54.22 97.59
C THR B 1671 -15.79 55.63 97.90
N GLY B 1672 -15.33 56.17 99.02
CA GLY B 1672 -15.58 57.56 99.33
C GLY B 1672 -16.39 57.79 100.59
N GLN B 1673 -16.37 59.03 101.08
CA GLN B 1673 -17.17 59.38 102.24
C GLN B 1673 -18.65 59.21 101.96
N LYS B 1674 -19.09 59.60 100.76
CA LYS B 1674 -20.49 59.51 100.38
C LYS B 1674 -20.81 58.21 99.64
N ARG B 1675 -19.87 57.27 99.58
CA ARG B 1675 -20.09 55.93 99.03
C ARG B 1675 -20.51 55.98 97.55
N PHE B 1676 -19.67 56.62 96.74
CA PHE B 1676 -19.93 56.71 95.29
C PHE B 1676 -19.77 55.32 94.69
N GLU B 1677 -20.55 54.97 93.68
CA GLU B 1677 -20.49 53.63 93.06
C GLU B 1677 -20.05 53.71 91.60
N GLN B 1678 -19.30 52.73 91.13
CA GLN B 1678 -18.88 52.68 89.71
C GLN B 1678 -20.07 52.17 88.93
N THR B 1679 -20.98 53.08 88.59
CA THR B 1679 -22.22 52.76 87.87
C THR B 1679 -21.98 51.98 86.60
N GLY B 1680 -20.85 52.20 85.98
CA GLY B 1680 -20.52 51.43 84.77
C GLY B 1680 -20.98 52.15 83.55
N PHE B 1681 -21.65 53.26 83.73
CA PHE B 1681 -22.06 54.07 82.58
C PHE B 1681 -20.87 54.92 82.18
N GLN B 1682 -20.68 55.13 80.90
CA GLN B 1682 -19.51 55.86 80.40
C GLN B 1682 -19.89 57.26 79.94
N SER B 1683 -21.07 57.78 80.28
CA SER B 1683 -21.47 59.09 79.72
C SER B 1683 -22.72 59.67 80.36
N ALA B 1684 -22.92 60.97 80.28
CA ALA B 1684 -24.16 61.61 80.76
C ALA B 1684 -24.49 62.66 79.71
N LEU B 1685 -25.72 63.15 79.68
CA LEU B 1685 -26.14 64.15 78.71
C LEU B 1685 -26.11 65.57 79.26
N SER B 1686 -26.13 65.74 80.58
CA SER B 1686 -26.06 67.06 81.18
C SER B 1686 -25.59 66.93 82.62
N GLY B 1687 -24.91 67.97 83.09
CA GLY B 1687 -24.55 68.02 84.50
C GLY B 1687 -23.10 68.33 84.79
N MET B 1688 -22.22 68.26 83.78
CA MET B 1688 -20.82 68.54 84.04
C MET B 1688 -20.62 70.01 84.36
N TYR B 1689 -19.80 70.28 85.37
CA TYR B 1689 -19.44 71.64 85.70
C TYR B 1689 -18.03 71.63 86.29
N SER B 1690 -17.29 72.70 86.00
CA SER B 1690 -15.90 72.83 86.43
C SER B 1690 -15.06 71.64 86.00
N PRO B 1691 -14.91 71.38 84.71
CA PRO B 1691 -14.01 70.30 84.29
C PRO B 1691 -12.56 70.63 84.62
N VAL B 1692 -11.80 69.58 84.91
CA VAL B 1692 -10.37 69.69 85.17
C VAL B 1692 -9.67 68.60 84.38
N THR B 1693 -8.51 68.95 83.81
CA THR B 1693 -7.79 68.00 82.96
C THR B 1693 -6.30 68.04 83.32
N PHE B 1694 -5.89 67.11 84.18
CA PHE B 1694 -4.49 66.93 84.48
C PHE B 1694 -3.78 66.34 83.27
N SER B 1695 -2.48 66.62 83.16
CA SER B 1695 -1.67 66.13 82.07
C SER B 1695 -0.89 64.90 82.52
N ALA B 1696 -0.74 63.96 81.59
CA ALA B 1696 -0.20 62.61 81.87
C ALA B 1696 0.89 62.53 82.92
N SER B 1697 2.14 62.49 82.49
CA SER B 1697 3.17 62.32 83.52
C SER B 1697 2.89 63.47 84.47
N GLY B 1698 2.77 63.18 85.75
CA GLY B 1698 2.33 64.25 86.67
C GLY B 1698 1.22 63.72 87.55
N ALA B 1699 0.19 63.10 86.97
CA ALA B 1699 -0.76 62.46 87.85
C ALA B 1699 -1.01 61.05 87.36
N SER B 1700 -1.40 60.17 88.27
CA SER B 1700 -1.74 58.80 87.94
C SER B 1700 -3.24 58.62 88.03
N LEU B 1701 -3.73 57.52 87.44
CA LEU B 1701 -5.15 57.24 87.40
C LEU B 1701 -5.74 57.22 88.81
N ALA B 1702 -5.04 56.56 89.74
CA ALA B 1702 -5.51 56.55 91.13
C ALA B 1702 -5.45 57.94 91.73
N GLU B 1703 -4.40 58.70 91.43
CA GLU B 1703 -4.28 60.04 91.99
C GLU B 1703 -5.40 60.96 91.53
N VAL B 1704 -5.72 60.91 90.23
CA VAL B 1704 -6.81 61.73 89.73
C VAL B 1704 -8.13 61.30 90.36
N HIS B 1705 -8.37 59.99 90.45
CA HIS B 1705 -9.59 59.50 91.08
C HIS B 1705 -9.70 59.98 92.51
N LEU B 1706 -8.60 59.92 93.26
CA LEU B 1706 -8.62 60.41 94.63
C LEU B 1706 -8.92 61.92 94.67
N PHE B 1707 -8.44 62.67 93.68
CA PHE B 1707 -8.68 64.10 93.67
C PHE B 1707 -10.18 64.40 93.53
N CYS B 1708 -10.82 63.78 92.54
CA CYS B 1708 -12.25 64.02 92.35
C CYS B 1708 -13.05 63.51 93.54
N LEU B 1709 -12.57 62.47 94.20
CA LEU B 1709 -13.40 61.93 95.30
C LEU B 1709 -13.36 62.97 96.39
N LEU B 1710 -12.19 63.48 96.69
CA LEU B 1710 -12.12 64.43 97.81
C LEU B 1710 -12.96 65.63 97.43
N ALA B 1711 -12.85 66.06 96.19
CA ALA B 1711 -13.59 67.28 95.77
C ALA B 1711 -15.08 67.06 95.97
N CYS B 1712 -15.66 66.05 95.35
CA CYS B 1712 -17.11 65.87 95.39
C CYS B 1712 -17.63 65.68 96.81
N ASP B 1713 -16.83 65.14 97.72
CA ASP B 1713 -17.27 64.97 99.10
C ASP B 1713 -17.34 66.28 99.86
N HIS B 1714 -16.82 67.37 99.31
CA HIS B 1714 -16.82 68.67 99.98
C HIS B 1714 -17.54 69.70 99.12
N ASP B 1715 -18.65 69.29 98.54
CA ASP B 1715 -19.36 70.21 97.65
C ASP B 1715 -20.82 70.40 98.02
N SER B 1716 -21.51 69.35 98.44
CA SER B 1716 -22.93 69.35 98.78
C SER B 1716 -23.81 69.71 97.59
N CYS B 1717 -23.24 69.98 96.43
CA CYS B 1717 -23.99 70.22 95.21
C CYS B 1717 -23.57 69.21 94.14
N CYS B 1718 -22.66 68.31 94.48
CA CYS B 1718 -22.14 67.29 93.58
C CYS B 1718 -22.88 65.99 93.83
N ASP B 1719 -23.39 65.39 92.76
CA ASP B 1719 -24.04 64.09 92.83
C ASP B 1719 -23.16 62.97 92.31
N GLY B 1720 -22.10 63.28 91.59
CA GLY B 1720 -21.20 62.28 91.06
C GLY B 1720 -20.15 62.95 90.22
N PHE B 1721 -19.26 62.12 89.67
CA PHE B 1721 -18.18 62.66 88.87
C PHE B 1721 -17.84 61.72 87.74
N ILE B 1722 -17.33 62.29 86.66
CA ILE B 1722 -16.87 61.56 85.48
C ILE B 1722 -15.36 61.53 85.52
N LEU B 1723 -14.78 60.38 85.19
CA LEU B 1723 -13.33 60.25 85.12
C LEU B 1723 -12.98 59.68 83.76
N VAL B 1724 -12.07 60.36 83.06
CA VAL B 1724 -11.72 59.99 81.69
C VAL B 1724 -10.21 60.01 81.53
N GLN B 1725 -9.68 58.95 80.93
CA GLN B 1725 -8.26 58.86 80.57
C GLN B 1725 -8.20 58.37 79.13
N VAL B 1726 -8.00 59.32 78.20
CA VAL B 1726 -7.71 58.93 76.84
C VAL B 1726 -6.33 58.26 76.82
N GLN B 1727 -6.16 57.28 75.93
CA GLN B 1727 -4.95 56.48 75.92
C GLN B 1727 -3.70 57.35 75.78
N GLY B 1728 -2.90 57.41 76.83
CA GLY B 1728 -1.69 58.22 76.81
C GLY B 1728 -1.94 59.70 76.60
N GLY B 1729 -3.02 60.22 77.17
CA GLY B 1729 -3.34 61.62 77.05
C GLY B 1729 -3.61 62.25 78.40
N PRO B 1730 -4.25 63.43 78.42
CA PRO B 1730 -4.51 64.07 79.67
C PRO B 1730 -5.62 63.26 80.36
N LEU B 1731 -5.87 63.53 81.63
CA LEU B 1731 -6.88 62.76 82.38
C LEU B 1731 -7.98 63.73 82.79
N LEU B 1732 -9.23 63.54 82.38
CA LEU B 1732 -10.31 64.51 82.73
C LEU B 1732 -10.95 64.12 84.05
N CYS B 1733 -11.53 65.07 84.75
CA CYS B 1733 -12.16 64.80 86.05
C CYS B 1733 -13.36 65.69 86.19
N GLY B 1734 -14.45 65.33 85.53
CA GLY B 1734 -15.62 66.19 85.56
C GLY B 1734 -16.48 65.95 86.77
N LEU B 1735 -17.02 67.01 87.33
CA LEU B 1735 -18.03 66.89 88.37
C LEU B 1735 -19.42 66.92 87.75
N LEU B 1736 -20.36 66.23 88.38
CA LEU B 1736 -21.73 66.14 87.89
C LEU B 1736 -22.70 66.63 88.94
N SER B 1737 -23.67 67.43 88.52
CA SER B 1737 -24.76 67.86 89.40
C SER B 1737 -26.08 67.71 88.68
N SER B 1738 -26.99 66.97 89.28
CA SER B 1738 -28.33 66.75 88.76
C SER B 1738 -28.31 66.32 87.29
N PRO B 1739 -27.70 65.18 86.98
CA PRO B 1739 -27.73 64.69 85.60
C PRO B 1739 -29.13 64.24 85.23
N ASP B 1740 -29.39 64.23 83.92
CA ASP B 1740 -30.69 63.82 83.42
C ASP B 1740 -30.69 62.37 82.94
N VAL B 1741 -29.71 61.99 82.14
CA VAL B 1741 -29.74 60.62 81.59
C VAL B 1741 -28.33 60.10 81.56
N LEU B 1742 -28.00 59.05 82.30
CA LEU B 1742 -26.68 58.41 82.13
C LEU B 1742 -26.93 57.60 80.89
N LEU B 1743 -25.99 57.46 79.96
CA LEU B 1743 -26.40 56.88 78.68
C LEU B 1743 -25.62 55.68 78.15
N CYS B 1744 -24.35 55.51 78.46
CA CYS B 1744 -23.66 54.39 77.77
C CYS B 1744 -23.13 53.37 78.78
N HIS B 1745 -23.42 52.09 78.63
CA HIS B 1745 -22.98 51.15 79.67
C HIS B 1745 -21.88 50.30 79.07
N VAL B 1746 -20.96 49.83 79.89
CA VAL B 1746 -19.79 49.10 79.34
C VAL B 1746 -20.32 47.92 78.54
N ARG B 1747 -21.42 47.29 78.96
CA ARG B 1747 -21.92 46.08 78.26
C ARG B 1747 -23.13 46.44 77.38
N ASP B 1748 -22.93 47.17 76.31
CA ASP B 1748 -24.01 47.54 75.39
C ASP B 1748 -23.61 47.21 73.96
N TRP B 1749 -24.48 46.58 73.20
CA TRP B 1749 -24.16 46.36 71.78
C TRP B 1749 -24.06 47.72 71.13
N ARG B 1750 -22.88 48.07 70.63
CA ARG B 1750 -22.72 49.31 69.88
C ARG B 1750 -22.55 48.98 68.41
N ASP B 1751 -23.15 49.82 67.57
CA ASP B 1751 -23.17 49.56 66.14
C ASP B 1751 -21.74 49.55 65.61
N PRO B 1752 -21.27 48.44 65.04
CA PRO B 1752 -19.85 48.35 64.65
C PRO B 1752 -19.42 49.41 63.66
N ALA B 1753 -20.29 49.73 62.70
CA ALA B 1753 -20.03 50.80 61.73
C ALA B 1753 -21.09 51.86 61.94
N GLU B 1754 -20.85 52.77 62.88
CA GLU B 1754 -21.76 53.85 63.19
C GLU B 1754 -21.01 55.17 63.03
N ALA B 1755 -21.61 56.09 62.31
CA ALA B 1755 -20.96 57.37 62.04
C ALA B 1755 -20.73 58.13 63.34
N GLN B 1756 -19.50 58.62 63.52
CA GLN B 1756 -19.19 59.41 64.71
C GLN B 1756 -19.94 60.73 64.72
N ALA B 1757 -20.40 61.18 63.55
CA ALA B 1757 -21.16 62.43 63.49
C ALA B 1757 -22.51 62.29 64.18
N ASN B 1758 -23.15 61.13 64.04
CA ASN B 1758 -24.52 60.97 64.57
C ASN B 1758 -24.55 60.73 66.08
N ALA B 1759 -23.98 61.63 66.88
CA ALA B 1759 -23.98 61.50 68.37
C ALA B 1759 -23.57 60.08 68.77
N SER B 1760 -22.53 59.57 68.09
CA SER B 1760 -21.93 58.27 68.50
C SER B 1760 -21.88 58.21 70.02
N CYS B 1761 -22.15 57.05 70.62
CA CYS B 1761 -22.24 57.03 72.09
C CYS B 1761 -20.90 57.37 72.75
N PRO B 1762 -19.79 56.64 72.57
CA PRO B 1762 -18.58 56.96 73.31
C PRO B 1762 -18.25 58.41 72.93
N GLY B 1763 -18.19 59.30 73.92
CA GLY B 1763 -17.98 60.72 73.63
C GLY B 1763 -16.76 60.98 72.78
N VAL B 1764 -15.63 60.33 73.07
CA VAL B 1764 -14.36 60.59 72.34
C VAL B 1764 -14.64 60.44 70.85
N THR B 1765 -14.03 61.30 70.05
CA THR B 1765 -14.25 61.25 68.59
C THR B 1765 -13.14 62.03 67.91
N TYR B 1766 -13.07 61.92 66.58
CA TYR B 1766 -12.06 62.68 65.80
C TYR B 1766 -10.68 62.45 66.39
N ASP B 1767 -10.31 61.19 66.61
CA ASP B 1767 -8.92 61.01 67.10
C ASP B 1767 -8.05 61.55 65.96
N GLN B 1768 -7.11 62.43 66.29
CA GLN B 1768 -6.23 63.03 65.25
C GLN B 1768 -7.02 63.52 64.03
N ASP B 1769 -8.20 64.12 64.23
CA ASP B 1769 -8.88 64.72 63.06
C ASP B 1769 -7.91 65.76 62.50
N SER B 1770 -7.38 66.61 63.37
CA SER B 1770 -6.26 67.53 63.08
C SER B 1770 -5.23 67.38 64.20
N ARG B 1771 -4.98 66.13 64.60
CA ARG B 1771 -4.27 65.76 65.86
C ARG B 1771 -4.96 66.36 67.09
N GLN B 1772 -6.28 66.26 67.18
CA GLN B 1772 -6.97 66.65 68.43
C GLN B 1772 -8.24 65.82 68.60
N VAL B 1773 -8.40 65.19 69.78
CA VAL B 1773 -9.54 64.25 70.02
C VAL B 1773 -10.64 64.96 70.80
N THR B 1774 -11.75 65.31 70.17
CA THR B 1774 -12.79 66.08 70.88
C THR B 1774 -13.53 65.16 71.84
N LEU B 1775 -13.99 65.68 72.97
CA LEU B 1775 -14.76 64.87 73.94
C LEU B 1775 -16.10 65.55 74.17
N ARG B 1776 -17.20 64.89 73.85
CA ARG B 1776 -18.49 65.61 73.99
C ARG B 1776 -19.26 65.01 75.14
N LEU B 1777 -18.61 64.92 76.30
CA LEU B 1777 -19.26 64.39 77.49
C LEU B 1777 -20.17 65.44 78.13
N GLY B 1778 -21.05 64.97 78.99
CA GLY B 1778 -22.02 65.87 79.59
C GLY B 1778 -22.78 66.61 78.51
N GLY B 1779 -23.04 67.88 78.78
CA GLY B 1779 -23.48 68.81 77.76
C GLY B 1779 -22.38 69.71 77.24
N GLN B 1780 -21.16 69.55 77.74
CA GLN B 1780 -20.07 70.47 77.44
C GLN B 1780 -18.93 69.75 76.74
N GLU B 1781 -18.47 70.34 75.65
CA GLU B 1781 -17.43 69.76 74.81
C GLU B 1781 -16.07 70.32 75.22
N ILE B 1782 -15.15 69.40 75.52
CA ILE B 1782 -13.76 69.79 75.85
C ILE B 1782 -13.17 70.19 74.51
N ARG B 1783 -12.17 71.07 74.48
CA ARG B 1783 -11.70 71.62 73.19
C ARG B 1783 -11.28 70.47 72.28
N GLY B 1784 -10.59 69.49 72.85
CA GLY B 1784 -10.12 68.37 72.04
C GLY B 1784 -8.65 68.14 72.31
N LEU B 1785 -8.08 68.96 73.21
CA LEU B 1785 -6.65 68.84 73.47
C LEU B 1785 -6.33 67.45 73.98
N THR B 1786 -5.72 66.64 73.11
CA THR B 1786 -5.40 65.26 73.45
C THR B 1786 -4.27 64.72 72.58
N PRO B 1787 -3.15 64.30 73.18
CA PRO B 1787 -2.11 63.56 72.46
C PRO B 1787 -2.34 62.05 72.52
N THR B 1796 -10.72 57.32 76.39
CA THR B 1796 -10.49 56.09 75.63
C THR B 1796 -10.27 54.90 76.56
N SER B 1797 -9.06 54.81 77.11
CA SER B 1797 -8.68 53.68 77.95
C SER B 1797 -9.62 53.51 79.14
N PHE B 1798 -9.82 54.57 79.91
CA PHE B 1798 -10.70 54.53 81.08
C PHE B 1798 -11.73 55.64 80.95
N GLN B 1799 -12.99 55.31 81.19
CA GLN B 1799 -14.08 56.26 81.13
C GLN B 1799 -15.23 55.72 81.96
N GLN B 1800 -15.50 56.37 83.09
CA GLN B 1800 -16.52 55.88 84.01
C GLN B 1800 -17.21 57.07 84.65
N VAL B 1801 -18.45 56.86 85.03
CA VAL B 1801 -19.16 57.82 85.86
C VAL B 1801 -19.42 57.18 87.21
N TYR B 1802 -19.51 58.02 88.22
CA TYR B 1802 -19.74 57.57 89.59
C TYR B 1802 -20.95 58.32 90.11
N LEU B 1803 -21.73 57.65 90.95
CA LEU B 1803 -22.97 58.25 91.42
C LEU B 1803 -23.08 58.12 92.92
N TRP B 1804 -23.56 59.19 93.56
CA TRP B 1804 -23.87 59.21 94.98
C TRP B 1804 -25.29 58.70 95.13
N LYS B 1805 -25.42 57.41 95.49
CA LYS B 1805 -26.73 56.76 95.46
C LYS B 1805 -27.73 57.42 96.39
N ASP B 1806 -27.36 57.65 97.65
CA ASP B 1806 -28.27 58.27 98.61
C ASP B 1806 -28.16 59.80 98.54
N SER B 1807 -28.42 60.31 97.33
CA SER B 1807 -28.31 61.74 97.07
C SER B 1807 -29.59 62.46 97.45
N ASP B 1808 -29.46 63.76 97.71
CA ASP B 1808 -30.59 64.65 97.93
C ASP B 1808 -31.10 65.24 96.61
N MET B 1809 -30.88 64.53 95.51
CA MET B 1809 -31.10 65.09 94.17
C MET B 1809 -32.53 65.60 94.00
N GLY B 1810 -33.51 64.76 94.35
CA GLY B 1810 -34.90 65.17 94.18
C GLY B 1810 -35.40 66.16 95.20
N SER B 1811 -34.80 66.17 96.40
CA SER B 1811 -35.23 67.05 97.49
C SER B 1811 -34.06 67.96 97.83
N ARG B 1812 -33.97 69.09 97.12
CA ARG B 1812 -32.88 70.03 97.31
C ARG B 1812 -33.40 71.45 97.07
N SER B 1813 -33.11 72.35 98.00
CA SER B 1813 -33.51 73.75 97.84
C SER B 1813 -32.80 74.36 96.65
N GLU B 1814 -33.55 75.11 95.83
CA GLU B 1814 -32.97 75.72 94.64
C GLU B 1814 -31.97 76.81 94.97
N SER B 1815 -31.91 77.26 96.23
CA SER B 1815 -31.01 78.32 96.64
C SER B 1815 -29.59 77.82 96.86
N MET B 1816 -29.35 76.51 96.76
CA MET B 1816 -28.02 75.96 96.98
C MET B 1816 -27.04 76.29 95.86
N GLY B 1817 -27.42 77.14 94.91
CA GLY B 1817 -26.55 77.46 93.80
C GLY B 1817 -26.24 76.28 92.90
N CYS B 1818 -27.26 75.53 92.51
CA CYS B 1818 -27.07 74.31 91.74
C CYS B 1818 -26.77 74.67 90.27
N ARG B 1819 -26.74 73.64 89.43
CA ARG B 1819 -26.44 73.79 87.99
C ARG B 1819 -25.07 74.42 87.78
N ASP B 1833 -45.85 63.38 70.34
CA ASP B 1833 -46.71 62.26 70.72
C ASP B 1833 -47.14 61.47 69.50
N LEU B 1834 -46.40 61.61 68.40
CA LEU B 1834 -46.63 60.83 67.20
C LEU B 1834 -45.81 59.55 67.17
N THR B 1835 -45.06 59.27 68.22
CA THR B 1835 -44.21 58.08 68.29
C THR B 1835 -44.78 56.99 69.18
N THR B 1836 -45.72 57.31 70.07
CA THR B 1836 -46.30 56.27 70.92
C THR B 1836 -47.23 55.37 70.12
N GLY B 1837 -47.67 55.81 68.96
CA GLY B 1837 -48.49 55.00 68.09
C GLY B 1837 -47.74 53.96 67.30
N LEU B 1838 -46.40 53.97 67.36
CA LEU B 1838 -45.59 52.97 66.69
C LEU B 1838 -45.41 51.71 67.51
N PHE B 1839 -45.83 51.72 68.78
CA PHE B 1839 -45.54 50.62 69.70
C PHE B 1839 -46.84 50.02 70.21
N SER B 1840 -46.74 48.79 70.70
CA SER B 1840 -47.87 48.07 71.25
C SER B 1840 -47.44 47.39 72.54
N PRO B 1841 -48.17 47.59 73.64
CA PRO B 1841 -47.78 46.98 74.91
C PRO B 1841 -47.80 45.47 74.85
N VAL B 1842 -46.92 44.85 75.62
CA VAL B 1842 -46.77 43.41 75.66
C VAL B 1842 -47.31 42.91 76.99
N ASP B 1843 -48.14 41.87 76.94
CA ASP B 1843 -48.69 41.29 78.16
C ASP B 1843 -47.55 40.64 78.96
N LEU B 1844 -47.16 41.33 80.03
CA LEU B 1844 -45.97 40.90 80.81
C LEU B 1844 -46.00 39.40 81.15
N ILE B 1845 -47.17 38.78 81.17
CA ILE B 1845 -47.25 37.35 81.60
C ILE B 1845 -46.48 36.49 80.59
N GLN B 1846 -46.59 36.82 79.31
CA GLN B 1846 -45.89 36.05 78.26
C GLN B 1846 -44.39 36.01 78.54
N VAL B 1847 -43.86 36.88 79.40
CA VAL B 1847 -42.42 36.92 79.59
C VAL B 1847 -41.98 35.79 80.53
N ILE B 1848 -40.89 35.12 80.16
CA ILE B 1848 -40.20 34.19 81.04
C ILE B 1848 -38.92 34.86 81.52
N VAL B 1849 -38.64 34.75 82.81
CA VAL B 1849 -37.54 35.47 83.43
C VAL B 1849 -36.46 34.46 83.80
N ASP B 1850 -35.45 34.34 82.95
CA ASP B 1850 -34.25 33.56 83.24
C ASP B 1850 -33.07 34.53 83.21
N GLY B 1851 -32.46 34.74 84.38
CA GLY B 1851 -31.43 35.74 84.50
C GLY B 1851 -30.18 35.45 83.70
N ASN B 1852 -30.06 34.22 83.19
CA ASN B 1852 -28.80 33.76 82.62
C ASN B 1852 -28.80 33.89 81.11
N VAL B 1853 -29.87 34.43 80.53
CA VAL B 1853 -30.02 34.48 79.08
C VAL B 1853 -29.01 35.44 78.49
N SER B 1854 -28.55 35.13 77.29
CA SER B 1854 -27.69 36.00 76.51
C SER B 1854 -28.57 36.88 75.64
N LEU B 1855 -28.71 38.14 76.02
CA LEU B 1855 -29.51 39.08 75.26
C LEU B 1855 -28.82 40.44 75.26
N PRO B 1856 -28.30 40.88 74.13
CA PRO B 1856 -27.68 42.21 74.07
C PRO B 1856 -28.72 43.29 74.37
N SER B 1857 -28.26 44.40 74.90
CA SER B 1857 -29.17 45.47 75.29
C SER B 1857 -28.44 46.80 75.27
N GLN B 1858 -29.19 47.87 75.48
CA GLN B 1858 -28.65 49.21 75.64
C GLN B 1858 -29.37 49.85 76.81
N GLN B 1859 -28.63 50.13 77.88
CA GLN B 1859 -29.22 50.61 79.12
C GLN B 1859 -29.18 52.13 79.18
N HIS B 1860 -30.13 52.69 79.93
CA HIS B 1860 -30.20 54.12 80.16
C HIS B 1860 -30.80 54.33 81.54
N TRP B 1861 -30.39 55.40 82.22
CA TRP B 1861 -30.97 55.80 83.49
C TRP B 1861 -31.56 57.18 83.35
N LEU B 1862 -32.88 57.28 83.44
CA LEU B 1862 -33.57 58.56 83.40
C LEU B 1862 -33.91 58.95 84.84
N PHE B 1863 -33.33 60.04 85.31
CA PHE B 1863 -33.45 60.40 86.72
C PHE B 1863 -34.79 61.03 87.01
N LYS B 1864 -35.34 60.72 88.17
CA LYS B 1864 -36.72 61.05 88.50
C LYS B 1864 -36.93 62.51 88.87
N HIS B 1865 -35.87 63.27 89.17
CA HIS B 1865 -36.07 64.65 89.58
C HIS B 1865 -36.51 65.54 88.43
N LEU B 1866 -36.42 65.07 87.19
CA LEU B 1866 -36.91 65.82 86.05
C LEU B 1866 -37.74 64.99 85.09
N PHE B 1867 -37.87 63.68 85.33
CA PHE B 1867 -38.61 62.79 84.45
C PHE B 1867 -39.84 62.26 85.18
N SER B 1868 -41.01 62.48 84.60
CA SER B 1868 -42.24 61.83 85.02
C SER B 1868 -42.41 60.54 84.24
N LEU B 1869 -43.21 59.62 84.79
CA LEU B 1869 -43.40 58.34 84.14
C LEU B 1869 -43.96 58.51 82.73
N GLN B 1870 -44.76 59.56 82.51
CA GLN B 1870 -45.19 59.90 81.16
C GLN B 1870 -44.00 60.20 80.27
N GLN B 1871 -43.11 61.08 80.72
CA GLN B 1871 -41.95 61.47 79.93
C GLN B 1871 -40.99 60.31 79.74
N ALA B 1872 -40.75 59.53 80.80
CA ALA B 1872 -39.83 58.42 80.69
C ALA B 1872 -40.32 57.40 79.68
N ASN B 1873 -41.64 57.11 79.69
CA ASN B 1873 -42.20 56.22 78.68
C ASN B 1873 -42.10 56.81 77.28
N LEU B 1874 -42.04 58.12 77.15
CA LEU B 1874 -41.88 58.75 75.85
C LEU B 1874 -40.42 58.90 75.44
N TRP B 1875 -39.53 59.21 76.37
CA TRP B 1875 -38.11 59.21 76.06
C TRP B 1875 -37.63 57.83 75.65
N CYS B 1876 -38.09 56.80 76.36
CA CYS B 1876 -37.64 55.44 76.06
C CYS B 1876 -38.16 54.97 74.71
N LEU B 1877 -39.44 55.22 74.43
CA LEU B 1877 -40.01 54.79 73.15
C LEU B 1877 -39.40 55.56 71.98
N SER B 1878 -39.21 56.86 72.14
CA SER B 1878 -38.62 57.65 71.06
C SER B 1878 -37.21 57.19 70.75
N ARG B 1879 -36.42 56.85 71.77
CA ARG B 1879 -35.07 56.37 71.54
C ARG B 1879 -35.06 55.01 70.85
N CYS B 1880 -36.01 54.13 71.17
CA CYS B 1880 -36.08 52.85 70.50
C CYS B 1880 -36.37 53.01 69.01
N ALA B 1881 -37.26 53.95 68.67
CA ALA B 1881 -37.59 54.21 67.28
C ALA B 1881 -36.48 54.93 66.53
N GLY B 1882 -35.47 55.41 67.24
CA GLY B 1882 -34.34 56.08 66.59
C GLY B 1882 -33.22 55.11 66.27
N GLU B 1883 -33.32 53.88 66.77
CA GLU B 1883 -32.34 52.84 66.48
C GLU B 1883 -33.02 51.76 65.68
N PRO B 1884 -33.28 51.98 64.39
CA PRO B 1884 -34.11 51.04 63.62
C PRO B 1884 -33.42 49.74 63.27
N SER B 1885 -32.14 49.59 63.59
CA SER B 1885 -31.40 48.37 63.28
C SER B 1885 -31.22 47.45 64.47
N PHE B 1886 -31.46 47.92 65.70
CA PHE B 1886 -31.23 47.13 66.88
C PHE B 1886 -32.49 46.92 67.71
N CYS B 1887 -33.24 47.98 68.01
CA CYS B 1887 -34.28 47.94 69.02
C CYS B 1887 -35.58 47.38 68.45
N GLN B 1888 -36.02 46.25 68.99
CA GLN B 1888 -37.38 45.75 68.79
C GLN B 1888 -38.25 45.89 70.03
N LEU B 1889 -37.65 45.84 71.20
CA LEU B 1889 -38.36 45.94 72.47
C LEU B 1889 -37.77 47.06 73.32
N ALA B 1890 -38.62 47.70 74.10
CA ALA B 1890 -38.20 48.73 75.04
C ALA B 1890 -38.98 48.55 76.33
N GLU B 1891 -38.26 48.36 77.44
CA GLU B 1891 -38.89 48.14 78.74
C GLU B 1891 -38.51 49.27 79.67
N VAL B 1892 -39.43 49.65 80.54
CA VAL B 1892 -39.24 50.72 81.51
C VAL B 1892 -39.52 50.17 82.90
N THR B 1893 -38.66 50.52 83.85
CA THR B 1893 -38.79 50.03 85.22
C THR B 1893 -38.64 51.19 86.18
N ASP B 1894 -39.39 51.17 87.28
CA ASP B 1894 -39.32 52.18 88.32
C ASP B 1894 -39.07 51.55 89.68
N SER B 1895 -38.33 50.44 89.71
CA SER B 1895 -38.02 49.73 90.94
C SER B 1895 -36.80 50.32 91.66
N GLU B 1896 -36.44 51.56 91.34
CA GLU B 1896 -35.30 52.23 91.95
C GLU B 1896 -35.75 53.61 92.41
N PRO B 1897 -35.12 54.17 93.44
CA PRO B 1897 -35.63 55.42 94.01
C PRO B 1897 -35.23 56.67 93.25
N LEU B 1898 -34.12 56.63 92.52
CA LEU B 1898 -33.60 57.83 91.88
C LEU B 1898 -33.83 57.90 90.38
N TYR B 1899 -34.01 56.77 89.71
CA TYR B 1899 -34.01 56.76 88.25
C TYR B 1899 -34.96 55.70 87.71
N PHE B 1900 -35.47 55.96 86.51
CA PHE B 1900 -36.15 54.96 85.70
C PHE B 1900 -35.11 54.21 84.89
N THR B 1901 -35.38 52.96 84.58
CA THR B 1901 -34.49 52.20 83.71
C THR B 1901 -35.13 52.03 82.34
N CYS B 1902 -34.40 52.45 81.32
CA CYS B 1902 -34.83 52.27 79.92
C CYS B 1902 -33.76 51.44 79.22
N THR B 1903 -34.02 50.14 79.13
CA THR B 1903 -33.15 49.25 78.38
C THR B 1903 -33.87 48.80 77.11
N LEU B 1904 -33.15 48.85 76.00
CA LEU B 1904 -33.69 48.48 74.70
C LEU B 1904 -33.13 47.11 74.32
N TYR B 1905 -33.98 46.26 73.81
CA TYR B 1905 -33.60 44.91 73.42
C TYR B 1905 -33.81 44.69 71.93
N PRO B 1906 -33.11 43.74 71.34
CA PRO B 1906 -33.53 43.24 70.04
C PRO B 1906 -34.65 42.23 70.25
N GLU B 1907 -35.07 41.53 69.20
CA GLU B 1907 -36.11 40.52 69.38
C GLU B 1907 -35.67 39.49 70.40
N ALA B 1908 -36.54 39.22 71.37
CA ALA B 1908 -36.23 38.30 72.45
C ALA B 1908 -36.98 36.99 72.34
N GLN B 1909 -37.83 36.83 71.34
CA GLN B 1909 -38.65 35.63 71.23
C GLN B 1909 -37.80 34.42 70.89
N VAL B 1910 -38.00 33.32 71.61
CA VAL B 1910 -37.34 32.06 71.36
C VAL B 1910 -38.40 31.00 71.13
N CYS B 1911 -38.28 30.26 70.04
CA CYS B 1911 -39.25 29.26 69.66
C CYS B 1911 -38.62 27.87 69.70
N ASP B 1912 -39.48 26.86 69.74
CA ASP B 1912 -39.05 25.50 69.52
C ASP B 1912 -39.10 25.17 68.02
N ASP B 1913 -38.49 24.05 67.64
CA ASP B 1913 -38.32 23.69 66.25
C ASP B 1913 -39.49 22.87 65.69
N ILE B 1914 -40.67 23.02 66.27
CA ILE B 1914 -41.85 22.27 65.83
C ILE B 1914 -42.49 23.02 64.67
N LEU B 1915 -42.71 22.31 63.56
CA LEU B 1915 -43.38 22.89 62.41
C LEU B 1915 -44.87 22.96 62.71
N GLU B 1916 -45.31 24.12 63.20
CA GLU B 1916 -46.70 24.34 63.55
C GLU B 1916 -47.07 25.77 63.15
N SER B 1917 -48.35 26.00 62.99
CA SER B 1917 -48.82 27.28 62.46
C SER B 1917 -48.90 28.37 63.51
N SER B 1918 -48.86 28.03 64.79
CA SER B 1918 -49.08 29.01 65.83
C SER B 1918 -47.85 29.19 66.70
N PRO B 1919 -47.67 30.40 67.29
CA PRO B 1919 -46.58 30.62 68.21
C PRO B 1919 -46.91 30.31 69.67
N LYS B 1920 -47.16 29.05 70.01
CA LYS B 1920 -47.44 28.63 71.41
C LYS B 1920 -46.17 28.11 72.10
N GLY B 1921 -45.21 27.59 71.35
CA GLY B 1921 -43.92 27.19 71.94
C GLY B 1921 -42.93 28.33 71.84
N CYS B 1922 -43.40 29.53 71.56
CA CYS B 1922 -42.54 30.71 71.49
C CYS B 1922 -42.77 31.58 72.72
N ARG B 1923 -41.68 31.97 73.37
CA ARG B 1923 -41.73 32.77 74.57
C ARG B 1923 -40.72 33.90 74.49
N LEU B 1924 -41.00 34.97 75.24
CA LEU B 1924 -40.03 36.02 75.47
C LEU B 1924 -39.25 35.70 76.73
N ILE B 1925 -37.92 35.69 76.63
CA ILE B 1925 -37.05 35.42 77.76
C ILE B 1925 -36.27 36.70 78.03
N LEU B 1926 -36.56 37.33 79.17
CA LEU B 1926 -35.87 38.54 79.58
C LEU B 1926 -35.18 38.32 80.92
N PRO B 1927 -34.02 38.96 81.14
CA PRO B 1927 -33.29 38.73 82.40
C PRO B 1927 -34.07 39.15 83.64
N ARG B 1928 -34.94 40.15 83.54
CA ARG B 1928 -35.69 40.64 84.69
C ARG B 1928 -37.14 40.85 84.32
N ARG B 1929 -37.99 40.87 85.34
CA ARG B 1929 -39.40 41.20 85.13
C ARG B 1929 -39.53 42.68 84.80
N PRO B 1930 -40.11 43.05 83.65
CA PRO B 1930 -40.27 44.47 83.34
C PRO B 1930 -41.61 45.00 83.80
N SER B 1931 -41.58 46.23 84.33
CA SER B 1931 -42.81 46.91 84.71
C SER B 1931 -43.68 47.16 83.48
N ALA B 1932 -43.07 47.63 82.40
CA ALA B 1932 -43.78 47.88 81.16
C ALA B 1932 -42.90 47.44 80.00
N LEU B 1933 -43.45 46.66 79.08
CA LEU B 1933 -42.70 46.15 77.93
C LEU B 1933 -43.47 46.52 76.66
N TYR B 1934 -42.78 47.21 75.75
CA TYR B 1934 -43.39 47.71 74.53
C TYR B 1934 -42.65 47.12 73.34
N ARG B 1935 -43.41 46.69 72.33
CA ARG B 1935 -42.82 46.14 71.12
C ARG B 1935 -43.12 47.03 69.93
N LYS B 1936 -42.08 47.39 69.19
CA LYS B 1936 -42.25 48.14 67.96
C LYS B 1936 -43.10 47.34 66.98
N LYS B 1937 -44.11 47.98 66.40
CA LYS B 1937 -44.98 47.31 65.45
C LYS B 1937 -44.25 47.09 64.13
N VAL B 1938 -44.36 45.89 63.59
CA VAL B 1938 -43.67 45.56 62.34
C VAL B 1938 -44.36 46.27 61.19
N VAL B 1939 -43.57 46.95 60.37
CA VAL B 1939 -44.07 47.69 59.22
C VAL B 1939 -43.46 47.07 57.97
N LEU B 1940 -44.31 46.63 57.07
CA LEU B 1940 -43.87 45.95 55.85
C LEU B 1940 -43.61 46.98 54.76
N GLN B 1941 -42.39 46.98 54.22
CA GLN B 1941 -42.06 47.84 53.10
C GLN B 1941 -42.77 47.36 51.85
N ASP B 1942 -42.82 48.24 50.84
CA ASP B 1942 -43.55 47.92 49.62
C ASP B 1942 -42.85 46.84 48.81
N ARG B 1943 -41.53 46.89 48.73
CA ARG B 1943 -40.76 45.96 47.91
C ARG B 1943 -39.90 45.05 48.79
N VAL B 1944 -39.63 43.87 48.27
CA VAL B 1944 -38.72 42.92 48.91
C VAL B 1944 -37.28 43.38 48.67
N LYS B 1945 -36.42 43.17 49.65
CA LYS B 1945 -35.03 43.62 49.57
C LYS B 1945 -34.06 42.52 49.18
N ASN B 1946 -34.47 41.26 49.26
CA ASN B 1946 -33.63 40.13 48.89
C ASN B 1946 -34.32 39.31 47.82
N PHE B 1947 -33.55 38.81 46.86
CA PHE B 1947 -34.07 37.82 45.92
C PHE B 1947 -33.79 36.44 46.50
N TYR B 1948 -34.79 35.88 47.18
CA TYR B 1948 -34.61 34.61 47.87
C TYR B 1948 -34.46 33.46 46.90
N ASN B 1949 -33.63 32.51 47.27
CA ASN B 1949 -33.40 31.29 46.49
C ASN B 1949 -34.10 30.13 47.17
N ARG B 1950 -34.92 29.40 46.41
CA ARG B 1950 -35.53 28.20 46.93
C ARG B 1950 -34.50 27.09 47.04
N LEU B 1951 -34.44 26.46 48.20
CA LEU B 1951 -33.54 25.33 48.39
C LEU B 1951 -34.06 24.12 47.62
N PRO B 1952 -33.19 23.32 47.04
CA PRO B 1952 -33.63 22.04 46.47
C PRO B 1952 -33.98 21.01 47.52
N PHE B 1953 -33.54 21.21 48.76
CA PHE B 1953 -33.77 20.24 49.82
C PHE B 1953 -35.16 20.39 50.42
N GLN B 1954 -35.79 19.25 50.67
CA GLN B 1954 -37.17 19.23 51.18
C GLN B 1954 -37.27 18.99 52.67
N LYS B 1955 -36.19 18.59 53.33
CA LYS B 1955 -36.23 18.26 54.74
C LYS B 1955 -35.05 18.92 55.44
N LEU B 1956 -35.34 19.66 56.50
CA LEU B 1956 -34.34 20.36 57.28
C LEU B 1956 -34.31 19.79 58.69
N THR B 1957 -33.12 19.53 59.20
CA THR B 1957 -32.93 18.93 60.51
C THR B 1957 -32.11 19.87 61.38
N GLY B 1958 -32.55 20.05 62.62
CA GLY B 1958 -31.89 20.95 63.54
C GLY B 1958 -32.05 22.41 63.18
N ILE B 1959 -33.24 22.82 62.74
CA ILE B 1959 -33.46 24.21 62.40
C ILE B 1959 -33.67 25.03 63.66
N SER B 1960 -33.52 26.35 63.51
CA SER B 1960 -33.82 27.31 64.55
C SER B 1960 -34.85 28.28 64.01
N ILE B 1961 -36.01 28.33 64.66
CA ILE B 1961 -37.14 29.13 64.21
C ILE B 1961 -37.15 30.46 64.96
N ARG B 1962 -37.46 31.53 64.24
CA ARG B 1962 -37.60 32.85 64.85
C ARG B 1962 -39.04 33.28 65.06
N ASN B 1963 -39.96 32.87 64.18
CA ASN B 1963 -41.36 33.22 64.33
C ASN B 1963 -42.21 32.27 63.50
N LYS B 1964 -43.45 32.07 63.93
CA LYS B 1964 -44.42 31.25 63.23
C LYS B 1964 -45.67 32.08 62.99
N VAL B 1965 -46.10 32.19 61.73
CA VAL B 1965 -47.20 33.05 61.34
C VAL B 1965 -48.19 32.27 60.49
N PRO B 1966 -49.46 32.17 60.88
CA PRO B 1966 -50.45 31.54 60.01
C PRO B 1966 -50.82 32.44 58.85
N MET B 1967 -51.04 31.84 57.68
CA MET B 1967 -51.30 32.56 56.44
C MET B 1967 -52.53 32.03 55.72
N SER B 1968 -53.37 31.27 56.41
CA SER B 1968 -54.49 30.60 55.76
C SER B 1968 -55.63 31.54 55.37
N ASP B 1969 -55.62 32.79 55.86
CA ASP B 1969 -56.63 33.77 55.51
C ASP B 1969 -56.20 34.65 54.35
N LYS B 1970 -55.35 34.13 53.46
CA LYS B 1970 -54.80 34.91 52.36
C LYS B 1970 -54.69 34.02 51.13
N SER B 1971 -54.51 34.65 49.98
CA SER B 1971 -54.13 33.89 48.81
C SER B 1971 -52.69 33.38 48.98
N ILE B 1972 -52.37 32.33 48.24
CA ILE B 1972 -51.02 31.77 48.32
C ILE B 1972 -49.99 32.80 47.86
N SER B 1973 -50.33 33.60 46.85
CA SER B 1973 -49.43 34.65 46.38
C SER B 1973 -49.22 35.71 47.45
N SER B 1974 -50.30 36.12 48.14
CA SER B 1974 -50.17 37.15 49.16
C SER B 1974 -49.40 36.63 50.37
N GLY B 1975 -49.62 35.38 50.76
CA GLY B 1975 -48.90 34.83 51.88
C GLY B 1975 -47.40 34.73 51.62
N PHE B 1976 -47.03 34.32 50.41
CA PHE B 1976 -45.61 34.28 50.05
C PHE B 1976 -45.00 35.67 50.07
N PHE B 1977 -45.73 36.68 49.58
CA PHE B 1977 -45.23 38.03 49.58
C PHE B 1977 -45.01 38.54 51.01
N GLU B 1978 -45.90 38.20 51.93
CA GLU B 1978 -45.72 38.59 53.31
C GLU B 1978 -44.56 37.86 53.97
N CYS B 1979 -44.44 36.55 53.70
CA CYS B 1979 -43.36 35.77 54.30
C CYS B 1979 -42.00 36.31 53.89
N GLU B 1980 -41.88 36.77 52.65
CA GLU B 1980 -40.63 37.36 52.19
C GLU B 1980 -40.30 38.63 52.96
N ARG B 1981 -41.30 39.48 53.20
CA ARG B 1981 -41.05 40.75 53.86
C ARG B 1981 -40.96 40.63 55.37
N LEU B 1982 -41.40 39.51 55.94
CA LEU B 1982 -41.17 39.28 57.36
C LEU B 1982 -39.73 38.88 57.62
N CYS B 1983 -39.16 38.06 56.74
CA CYS B 1983 -37.74 37.73 56.88
C CYS B 1983 -36.85 38.91 56.52
N ASP B 1984 -37.35 39.82 55.69
CA ASP B 1984 -36.62 41.05 55.41
C ASP B 1984 -36.49 41.92 56.65
N MET B 1985 -37.55 41.99 57.46
CA MET B 1985 -37.56 42.87 58.62
C MET B 1985 -36.72 42.33 59.77
N ASP B 1986 -36.42 41.05 59.78
CA ASP B 1986 -35.61 40.47 60.84
C ASP B 1986 -34.15 40.45 60.42
N PRO B 1987 -33.27 41.21 61.08
CA PRO B 1987 -31.85 41.19 60.70
C PRO B 1987 -31.17 39.86 60.94
N CYS B 1988 -31.73 39.00 61.79
CA CYS B 1988 -31.14 37.71 62.10
C CYS B 1988 -31.72 36.58 61.26
N CYS B 1989 -32.73 36.85 60.43
CA CYS B 1989 -33.33 35.81 59.61
C CYS B 1989 -32.41 35.43 58.47
N THR B 1990 -32.13 34.14 58.32
CA THR B 1990 -31.33 33.64 57.21
C THR B 1990 -32.19 33.02 56.12
N GLY B 1991 -33.49 32.89 56.34
CA GLY B 1991 -34.38 32.28 55.38
C GLY B 1991 -35.70 31.98 56.03
N PHE B 1992 -36.64 31.52 55.22
CA PHE B 1992 -37.97 31.24 55.70
C PHE B 1992 -38.50 29.97 55.07
N GLY B 1993 -39.53 29.42 55.71
CA GLY B 1993 -40.32 28.34 55.14
C GLY B 1993 -41.74 28.81 54.86
N PHE B 1994 -42.22 28.49 53.66
CA PHE B 1994 -43.60 28.73 53.27
C PHE B 1994 -44.18 27.38 52.88
N LEU B 1995 -45.10 26.87 53.69
CA LEU B 1995 -45.42 25.46 53.63
C LEU B 1995 -46.78 25.20 54.25
N ASN B 1996 -47.31 24.01 54.01
CA ASN B 1996 -48.49 23.50 54.70
C ASN B 1996 -48.05 22.62 55.85
N VAL B 1997 -48.53 22.93 57.05
CA VAL B 1997 -48.34 22.07 58.20
C VAL B 1997 -49.66 21.35 58.47
N SER B 1998 -49.59 20.29 59.27
CA SER B 1998 -50.76 19.48 59.60
C SER B 1998 -51.47 18.99 58.34
N GLN B 1999 -50.68 18.51 57.37
CA GLN B 1999 -51.21 18.11 56.09
C GLN B 1999 -52.16 16.93 56.19
N LEU B 2000 -52.02 16.11 57.23
CA LEU B 2000 -52.91 14.97 57.42
C LEU B 2000 -54.33 15.39 57.81
N LYS B 2001 -54.51 16.60 58.34
CA LYS B 2001 -55.82 17.16 58.61
C LYS B 2001 -56.25 18.16 57.54
N GLY B 2002 -55.55 18.21 56.42
CA GLY B 2002 -55.88 19.10 55.33
C GLY B 2002 -54.88 20.19 55.04
N GLY B 2003 -53.94 20.44 55.96
CA GLY B 2003 -52.92 21.43 55.72
C GLY B 2003 -53.29 22.83 56.15
N GLU B 2004 -52.33 23.56 56.71
CA GLU B 2004 -52.49 24.96 57.07
C GLU B 2004 -51.31 25.74 56.51
N VAL B 2005 -51.60 26.83 55.79
CA VAL B 2005 -50.54 27.64 55.20
C VAL B 2005 -49.82 28.39 56.31
N THR B 2006 -48.50 28.31 56.30
CA THR B 2006 -47.67 28.78 57.41
C THR B 2006 -46.42 29.46 56.89
N CYS B 2007 -46.01 30.52 57.58
CA CYS B 2007 -44.72 31.18 57.34
C CYS B 2007 -43.86 30.98 58.57
N LEU B 2008 -42.67 30.41 58.39
CA LEU B 2008 -41.71 30.21 59.45
C LEU B 2008 -40.42 30.95 59.08
N THR B 2009 -40.07 31.96 59.87
CA THR B 2009 -38.81 32.64 59.69
C THR B 2009 -37.73 31.93 60.50
N LEU B 2010 -36.57 31.74 59.89
CA LEU B 2010 -35.51 30.93 60.46
C LEU B 2010 -34.23 31.74 60.58
N ASN B 2011 -33.47 31.48 61.65
CA ASN B 2011 -32.13 32.01 61.78
C ASN B 2011 -31.07 30.93 61.67
N SER B 2012 -31.46 29.70 61.31
CA SER B 2012 -30.53 28.64 60.99
C SER B 2012 -31.29 27.57 60.22
N LEU B 2013 -30.70 27.11 59.12
CA LEU B 2013 -31.33 26.05 58.33
C LEU B 2013 -30.86 24.66 58.72
N GLY B 2014 -29.86 24.55 59.59
CA GLY B 2014 -29.44 23.24 60.07
C GLY B 2014 -28.88 22.37 58.97
N LEU B 2015 -29.22 21.09 59.02
CA LEU B 2015 -28.79 20.09 58.05
C LEU B 2015 -29.87 19.93 56.99
N GLN B 2016 -29.54 20.22 55.75
CA GLN B 2016 -30.49 20.24 54.65
C GLN B 2016 -30.35 18.95 53.85
N THR B 2017 -31.42 18.16 53.79
CA THR B 2017 -31.39 16.85 53.16
C THR B 2017 -32.59 16.68 52.23
N CYS B 2018 -32.61 15.51 51.58
CA CYS B 2018 -33.74 15.06 50.77
C CYS B 2018 -33.96 15.94 49.55
N SER B 2019 -32.90 16.15 48.77
CA SER B 2019 -33.00 16.88 47.53
C SER B 2019 -33.80 16.08 46.51
N GLU B 2020 -34.57 16.79 45.69
CA GLU B 2020 -35.33 16.13 44.62
C GLU B 2020 -34.43 15.75 43.46
N GLU B 2021 -33.29 16.44 43.30
CA GLU B 2021 -32.37 16.19 42.21
C GLU B 2021 -31.54 14.93 42.43
N TYI B 2022 -31.22 14.67 43.70
CA TYI B 2022 -30.38 13.51 44.07
CB TYI B 2022 -29.22 13.99 44.90
CG TYI B 2022 -28.56 15.25 44.42
CD1 TYI B 2022 -27.66 15.22 43.38
CE1 TYI B 2022 -27.03 16.38 42.94
CD2 TYI B 2022 -28.81 16.46 45.06
CE2 TYI B 2022 -28.18 17.62 44.63
CZ TYI B 2022 -27.29 17.59 43.58
OH TYI B 2022 -26.66 18.72 43.15
C TYI B 2022 -31.20 12.45 44.79
O TYI B 2022 -32.40 12.61 44.93
I1 TYI B 2022 -25.66 16.37 41.37
I2 TYI B 2022 -28.58 19.45 45.57
N GLY B 2023 -30.56 11.35 45.15
CA GLY B 2023 -31.20 10.26 45.87
C GLY B 2023 -32.24 9.52 45.07
N GLY B 2024 -32.15 9.63 43.73
CA GLY B 2024 -33.16 9.02 42.88
C GLY B 2024 -33.18 7.51 42.97
N VAL B 2025 -32.03 6.87 42.85
CA VAL B 2025 -31.90 5.39 42.90
C VAL B 2025 -31.50 4.95 44.31
N TRP B 2026 -30.74 5.77 45.02
CA TRP B 2026 -30.23 5.36 46.34
C TRP B 2026 -30.36 6.54 47.31
N ARG B 2027 -31.22 6.41 48.30
CA ARG B 2027 -31.47 7.47 49.28
C ARG B 2027 -31.09 6.90 50.63
N ILE B 2028 -30.38 7.64 51.43
CA ILE B 2028 -30.00 7.16 52.77
C ILE B 2028 -30.46 8.17 53.83
N LEU B 2029 -30.64 9.42 53.48
CA LEU B 2029 -30.90 10.44 54.51
C LEU B 2029 -32.39 10.65 54.78
N ASP B 2030 -32.72 11.58 55.66
CA ASP B 2030 -34.10 11.77 56.10
C ASP B 2030 -34.98 12.22 54.94
N CYS B 2031 -36.11 11.54 54.77
CA CYS B 2031 -37.04 11.83 53.69
C CYS B 2031 -38.43 11.41 54.11
N GLY B 2032 -39.43 11.93 53.39
CA GLY B 2032 -40.79 11.46 53.56
C GLY B 2032 -41.45 11.85 54.88
N SER B 2033 -41.74 13.13 55.07
CA SER B 2033 -42.53 13.56 56.22
C SER B 2033 -43.94 13.85 55.74
N PRO B 2034 -44.93 12.99 56.05
CA PRO B 2034 -46.25 13.12 55.42
C PRO B 2034 -47.16 14.16 56.04
N ASP B 2035 -46.80 14.71 57.19
CA ASP B 2035 -47.61 15.75 57.84
C ASP B 2035 -47.23 17.15 57.37
N THR B 2036 -46.36 17.26 56.38
CA THR B 2036 -45.88 18.53 55.88
C THR B 2036 -45.91 18.51 54.36
N GLU B 2037 -46.28 19.64 53.77
CA GLU B 2037 -46.30 19.80 52.32
C GLU B 2037 -45.38 20.97 51.96
N VAL B 2038 -44.27 20.66 51.29
CA VAL B 2038 -43.25 21.66 51.01
C VAL B 2038 -42.84 21.58 49.54
N ARG B 2039 -43.54 20.75 48.77
CA ARG B 2039 -43.14 20.50 47.39
C ARG B 2039 -43.84 21.42 46.38
N THR B 2040 -45.15 21.57 46.50
CA THR B 2040 -45.93 22.24 45.46
C THR B 2040 -45.62 23.73 45.42
N TYR B 2041 -45.40 24.24 44.22
CA TYR B 2041 -45.06 25.64 44.02
C TYR B 2041 -46.17 26.53 44.57
N PRO B 2042 -45.84 27.61 45.28
CA PRO B 2042 -44.50 28.07 45.62
C PRO B 2042 -44.02 27.69 47.02
N PHE B 2043 -44.49 26.58 47.56
CA PHE B 2043 -44.00 26.12 48.85
C PHE B 2043 -42.52 25.75 48.77
N GLY B 2044 -41.83 25.87 49.88
CA GLY B 2044 -40.45 25.46 49.94
C GLY B 2044 -39.70 26.18 51.05
N TRP B 2045 -38.44 25.79 51.20
CA TRP B 2045 -37.50 26.47 52.07
C TRP B 2045 -36.68 27.45 51.25
N TYR B 2046 -36.62 28.69 51.72
CA TYR B 2046 -35.97 29.76 50.97
C TYR B 2046 -34.80 30.31 51.75
N GLN B 2047 -33.73 30.64 51.05
CA GLN B 2047 -32.52 31.17 51.65
C GLN B 2047 -32.35 32.63 51.28
N LYS B 2048 -32.00 33.44 52.26
CA LYS B 2048 -31.51 34.78 51.96
C LYS B 2048 -30.20 34.66 51.19
N PRO B 2049 -29.98 35.49 50.18
CA PRO B 2049 -28.82 35.28 49.30
C PRO B 2049 -27.50 35.25 50.07
N VAL B 2050 -26.64 34.30 49.67
CA VAL B 2050 -25.42 34.02 50.42
C VAL B 2050 -24.45 35.19 50.27
N SER B 2051 -24.09 35.81 51.39
CA SER B 2051 -23.17 36.91 51.43
C SER B 2051 -22.04 36.60 52.41
N PRO B 2052 -20.81 37.03 52.10
CA PRO B 2052 -19.72 36.83 53.05
C PRO B 2052 -19.79 37.75 54.26
N SER B 2053 -20.67 38.74 54.25
CA SER B 2053 -20.90 39.59 55.41
C SER B 2053 -21.89 38.89 56.33
N ASP B 2054 -21.48 38.65 57.57
CA ASP B 2054 -22.27 37.86 58.50
C ASP B 2054 -23.42 38.69 59.08
N ALA B 2055 -24.24 38.06 59.91
CA ALA B 2055 -25.36 38.73 60.53
C ALA B 2055 -24.86 39.72 61.58
N PRO B 2056 -25.72 40.64 62.02
CA PRO B 2056 -25.32 41.55 63.10
C PRO B 2056 -24.85 40.79 64.32
N SER B 2057 -23.89 41.38 65.03
CA SER B 2057 -23.25 40.68 66.13
C SER B 2057 -24.20 40.34 67.26
N PHE B 2058 -25.33 41.05 67.38
CA PHE B 2058 -26.25 40.77 68.48
C PHE B 2058 -27.12 39.54 68.21
N CYS B 2059 -27.09 38.99 67.01
CA CYS B 2059 -27.95 37.86 66.68
C CYS B 2059 -27.56 36.65 67.51
N PRO B 2060 -28.54 35.85 67.93
CA PRO B 2060 -28.24 34.70 68.79
C PRO B 2060 -27.31 33.71 68.09
N SER B 2061 -26.41 33.13 68.87
CA SER B 2061 -25.55 32.07 68.37
C SER B 2061 -26.35 30.77 68.30
N VAL B 2062 -26.31 30.12 67.16
CA VAL B 2062 -27.03 28.87 66.95
C VAL B 2062 -26.06 27.84 66.37
N ALA B 2063 -26.16 26.61 66.87
CA ALA B 2063 -25.28 25.55 66.42
C ALA B 2063 -26.06 24.25 66.36
N LEU B 2064 -25.62 23.35 65.48
CA LEU B 2064 -26.24 22.04 65.38
C LEU B 2064 -26.07 21.31 66.72
N PRO B 2065 -27.07 20.56 67.16
CA PRO B 2065 -26.93 19.82 68.42
C PRO B 2065 -25.79 18.82 68.33
N ALA B 2066 -25.05 18.69 69.43
CA ALA B 2066 -23.85 17.87 69.44
C ALA B 2066 -24.19 16.39 69.25
N LEU B 2067 -23.24 15.65 68.70
CA LEU B 2067 -23.44 14.24 68.44
C LEU B 2067 -23.47 13.46 69.74
N THR B 2068 -24.37 12.47 69.81
CA THR B 2068 -24.45 11.62 71.00
C THR B 2068 -23.21 10.76 71.15
N GLU B 2069 -22.67 10.18 70.08
CA GLU B 2069 -21.41 9.40 70.29
C GLU B 2069 -20.30 9.92 69.36
N ASN B 2070 -19.04 9.67 69.71
CA ASN B 2070 -17.87 10.19 68.96
C ASN B 2070 -17.58 9.49 67.64
N VAL B 2071 -16.79 10.17 66.82
CA VAL B 2071 -16.40 9.59 65.51
C VAL B 2071 -14.88 9.41 65.55
N ALA B 2072 -14.38 8.21 65.31
CA ALA B 2072 -12.94 7.90 65.43
C ALA B 2072 -12.03 8.65 64.48
N LEU B 2073 -12.37 8.75 63.22
CA LEU B 2073 -11.50 9.33 62.17
C LEU B 2073 -10.41 8.32 61.83
N ASP B 2074 -10.17 7.36 62.74
CA ASP B 2074 -9.15 6.37 62.46
C ASP B 2074 -9.73 5.08 61.92
N SER B 2075 -11.03 4.85 62.14
CA SER B 2075 -11.76 3.77 61.48
C SER B 2075 -12.18 4.15 60.06
N TRP B 2076 -11.76 5.31 59.59
CA TRP B 2076 -12.03 5.78 58.25
C TRP B 2076 -10.71 5.92 57.50
N GLN B 2077 -10.71 5.55 56.22
CA GLN B 2077 -9.56 5.69 55.37
C GLN B 2077 -9.68 6.98 54.56
N SER B 2078 -8.71 7.87 54.70
CA SER B 2078 -8.68 9.11 53.95
C SER B 2078 -7.96 8.89 52.63
N LEU B 2079 -8.57 9.35 51.54
CA LEU B 2079 -8.08 9.07 50.19
C LEU B 2079 -7.61 10.35 49.52
N ALA B 2080 -6.53 10.25 48.77
CA ALA B 2080 -6.02 11.37 47.99
C ALA B 2080 -6.79 11.49 46.68
N LEU B 2081 -6.66 12.66 46.05
CA LEU B 2081 -7.35 12.91 44.79
C LEU B 2081 -6.85 12.03 43.66
N SER B 2082 -5.64 11.48 43.77
CA SER B 2082 -5.14 10.60 42.74
C SER B 2082 -5.79 9.22 42.77
N SER B 2083 -6.51 8.89 43.84
CA SER B 2083 -7.19 7.62 43.96
C SER B 2083 -8.64 7.67 43.51
N VAL B 2084 -9.08 8.78 42.92
CA VAL B 2084 -10.47 8.94 42.53
C VAL B 2084 -10.55 9.35 41.07
N ILE B 2085 -11.71 9.10 40.48
CA ILE B 2085 -12.04 9.51 39.12
C ILE B 2085 -13.36 10.25 39.17
N VAL B 2086 -13.44 11.40 38.52
CA VAL B 2086 -14.70 12.14 38.46
C VAL B 2086 -15.53 11.56 37.32
N ASP B 2087 -16.72 11.08 37.63
CA ASP B 2087 -17.63 10.50 36.66
C ASP B 2087 -19.01 11.11 36.85
N PRO B 2088 -19.40 12.08 36.01
CA PRO B 2088 -20.72 12.69 36.16
C PRO B 2088 -21.88 11.76 35.85
N SER B 2089 -21.63 10.57 35.31
CA SER B 2089 -22.71 9.63 35.07
C SER B 2089 -23.09 8.84 36.32
N ILE B 2090 -22.34 8.99 37.41
CA ILE B 2090 -22.68 8.33 38.67
C ILE B 2090 -24.08 8.74 39.11
N ARG B 2091 -24.85 7.77 39.60
CA ARG B 2091 -26.23 8.04 40.00
C ARG B 2091 -26.60 7.52 41.38
N ASN B 2092 -25.84 6.59 41.96
CA ASN B 2092 -26.20 6.02 43.26
C ASN B 2092 -25.45 6.78 44.37
N PHE B 2093 -25.89 8.01 44.59
CA PHE B 2093 -25.31 8.85 45.63
C PHE B 2093 -26.41 9.73 46.22
N ASP B 2094 -26.09 10.33 47.36
CA ASP B 2094 -27.00 11.20 48.08
C ASP B 2094 -26.23 12.40 48.60
N VAL B 2095 -26.94 13.51 48.83
CA VAL B 2095 -26.33 14.79 49.14
C VAL B 2095 -26.99 15.39 50.39
N ALA B 2096 -26.18 16.01 51.24
CA ALA B 2096 -26.67 16.84 52.33
C ALA B 2096 -25.85 18.13 52.36
N HIS B 2097 -26.47 19.20 52.83
CA HIS B 2097 -25.80 20.48 53.00
C HIS B 2097 -25.87 20.88 54.46
N ILE B 2098 -24.79 21.46 54.96
CA ILE B 2098 -24.72 21.98 56.33
C ILE B 2098 -24.47 23.47 56.24
N SER B 2099 -25.35 24.25 56.86
CA SER B 2099 -25.20 25.70 56.87
C SER B 2099 -23.89 26.09 57.53
N THR B 2100 -23.16 27.01 56.88
CA THR B 2100 -21.82 27.34 57.33
C THR B 2100 -21.85 28.03 58.70
N ALA B 2101 -23.00 28.61 59.06
CA ALA B 2101 -23.15 29.21 60.37
C ALA B 2101 -23.70 28.24 61.41
N ALA B 2102 -24.10 27.03 61.00
CA ALA B 2102 -24.66 26.05 61.92
C ALA B 2102 -23.60 25.16 62.55
N VAL B 2103 -22.35 25.25 62.11
CA VAL B 2103 -21.25 24.46 62.67
C VAL B 2103 -20.11 25.42 63.00
N GLY B 2104 -19.50 25.24 64.18
CA GLY B 2104 -18.44 26.13 64.59
C GLY B 2104 -17.25 26.11 63.65
N ASN B 2105 -16.88 24.93 63.17
CA ASN B 2105 -15.73 24.79 62.30
C ASN B 2105 -15.91 23.55 61.43
N PHE B 2106 -14.93 23.33 60.57
CA PHE B 2106 -15.03 22.21 59.63
C PHE B 2106 -15.08 20.87 60.36
N SER B 2107 -14.35 20.76 61.47
CA SER B 2107 -14.30 19.49 62.19
C SER B 2107 -15.68 19.08 62.68
N ALA B 2108 -16.49 20.04 63.11
CA ALA B 2108 -17.85 19.73 63.50
C ALA B 2108 -18.68 19.25 62.33
N ALA B 2109 -18.53 19.91 61.17
CA ALA B 2109 -19.27 19.49 59.98
C ALA B 2109 -18.85 18.10 59.53
N ARG B 2110 -17.55 17.80 59.61
CA ARG B 2110 -17.08 16.49 59.17
C ARG B 2110 -17.63 15.37 60.05
N ASP B 2111 -17.68 15.58 61.36
CA ASP B 2111 -18.18 14.55 62.26
C ASP B 2111 -19.67 14.34 62.08
N ARG B 2112 -20.42 15.38 61.76
CA ARG B 2112 -21.85 15.22 61.51
C ARG B 2112 -22.09 14.37 60.27
N CYS B 2113 -21.32 14.59 59.21
CA CYS B 2113 -21.55 13.87 57.96
C CYS B 2113 -20.96 12.48 57.99
N LEU B 2114 -19.86 12.26 58.71
CA LEU B 2114 -19.35 10.91 58.90
C LEU B 2114 -20.28 10.08 59.79
N TRP B 2115 -21.04 10.74 60.65
CA TRP B 2115 -21.98 10.02 61.50
C TRP B 2115 -23.18 9.52 60.71
N GLU B 2116 -23.65 10.31 59.73
CA GLU B 2116 -24.75 9.88 58.90
C GLU B 2116 -24.38 8.63 58.09
N CYS B 2117 -23.18 8.62 57.50
CA CYS B 2117 -22.77 7.49 56.69
C CYS B 2117 -22.57 6.24 57.54
N SER B 2118 -22.02 6.39 58.73
CA SER B 2118 -21.78 5.24 59.60
C SER B 2118 -23.08 4.58 60.06
N ARG B 2119 -24.20 5.30 60.01
CA ARG B 2119 -25.47 4.71 60.44
C ARG B 2119 -26.08 3.83 59.36
N HIS B 2120 -25.71 4.02 58.11
CA HIS B 2120 -26.24 3.25 56.99
C HIS B 2120 -25.17 2.31 56.47
N GLN B 2121 -25.49 1.02 56.41
CA GLN B 2121 -24.48 0.02 56.06
C GLN B 2121 -24.24 -0.03 54.56
N ASP B 2122 -25.13 0.57 53.75
CA ASP B 2122 -24.89 0.63 52.32
C ASP B 2122 -24.11 1.87 51.92
N CYS B 2123 -23.91 2.81 52.85
CA CYS B 2123 -23.04 3.95 52.59
C CYS B 2123 -21.60 3.53 52.80
N LEU B 2124 -20.77 3.70 51.77
CA LEU B 2124 -19.37 3.28 51.84
C LEU B 2124 -18.40 4.45 51.81
N VAL B 2125 -18.74 5.55 51.14
CA VAL B 2125 -17.82 6.67 50.93
C VAL B 2125 -18.53 7.97 51.26
N THR B 2126 -17.86 8.84 51.99
CA THR B 2126 -18.33 10.20 52.26
C THR B 2126 -17.29 11.19 51.78
N THR B 2127 -17.72 12.20 51.04
CA THR B 2127 -16.86 13.28 50.59
C THR B 2127 -17.39 14.62 51.09
N LEU B 2128 -16.47 15.52 51.41
CA LEU B 2128 -16.81 16.85 51.89
C LEU B 2128 -16.16 17.90 51.03
N GLN B 2129 -16.91 18.96 50.73
CA GLN B 2129 -16.44 20.04 49.88
C GLN B 2129 -17.04 21.34 50.40
N THR B 2130 -16.22 22.39 50.40
CA THR B 2130 -16.64 23.67 50.96
C THR B 2130 -17.19 24.56 49.85
N GLN B 2131 -18.43 24.95 49.99
CA GLN B 2131 -19.11 25.90 49.14
C GLN B 2131 -19.09 27.28 49.80
N PRO B 2132 -19.39 28.35 49.05
CA PRO B 2132 -19.43 29.68 49.68
C PRO B 2132 -20.39 29.76 50.85
N GLY B 2133 -21.54 29.09 50.79
CA GLY B 2133 -22.51 29.22 51.85
C GLY B 2133 -22.68 28.01 52.75
N ALA B 2134 -22.08 26.87 52.39
CA ALA B 2134 -22.35 25.64 53.12
C ALA B 2134 -21.19 24.67 52.93
N VAL B 2135 -21.26 23.57 53.67
CA VAL B 2135 -20.38 22.41 53.49
C VAL B 2135 -21.22 21.31 52.85
N ARG B 2136 -20.80 20.86 51.67
CA ARG B 2136 -21.57 19.89 50.89
C ARG B 2136 -21.01 18.49 51.13
N CYS B 2137 -21.87 17.61 51.67
CA CYS B 2137 -21.50 16.23 51.95
C CYS B 2137 -22.16 15.31 50.94
N MET B 2138 -21.38 14.38 50.39
CA MET B 2138 -21.85 13.45 49.39
C MET B 2138 -21.59 12.03 49.85
N PHE B 2139 -22.62 11.18 49.75
CA PHE B 2139 -22.58 9.82 50.24
C PHE B 2139 -22.72 8.87 49.06
N TYR B 2140 -21.83 7.89 48.96
CA TYR B 2140 -21.80 6.98 47.83
C TYR B 2140 -21.94 5.53 48.26
N ALA B 2141 -22.57 4.75 47.39
CA ALA B 2141 -22.53 3.29 47.43
C ALA B 2141 -21.27 2.82 46.70
N ASP B 2142 -21.21 1.52 46.37
CA ASP B 2142 -20.05 0.96 45.69
C ASP B 2142 -19.85 1.64 44.33
N THR B 2143 -18.65 2.22 44.14
CA THR B 2143 -18.30 2.92 42.91
C THR B 2143 -16.88 2.62 42.47
N GLN B 2144 -16.36 1.45 42.81
CA GLN B 2144 -14.96 1.14 42.57
C GLN B 2144 -14.71 0.78 41.11
N SER B 2145 -13.56 1.19 40.59
CA SER B 2145 -13.19 0.97 39.19
C SER B 2145 -11.71 0.61 39.13
N CYS B 2146 -11.40 -0.53 38.52
CA CYS B 2146 -10.04 -1.06 38.48
C CYS B 2146 -9.50 -1.06 37.07
N THR B 2147 -8.20 -0.79 36.95
CA THR B 2147 -7.47 -0.92 35.69
C THR B 2147 -6.65 -2.19 35.75
N HIS B 2148 -6.91 -3.11 34.82
CA HIS B 2148 -6.25 -4.40 34.80
C HIS B 2148 -5.23 -4.46 33.67
N SER B 2149 -4.05 -4.95 33.99
CA SER B 2149 -2.96 -5.07 33.04
C SER B 2149 -2.13 -6.29 33.42
N LEU B 2150 -1.08 -6.52 32.66
CA LEU B 2150 -0.16 -7.61 32.97
C LEU B 2150 0.92 -7.21 33.96
N GLN B 2151 0.98 -5.95 34.38
CA GLN B 2151 1.94 -5.57 35.40
C GLN B 2151 1.31 -5.47 36.79
N ALA B 2152 0.40 -4.54 36.99
CA ALA B 2152 -0.18 -4.30 38.30
C ALA B 2152 -1.64 -3.87 38.16
N GLN B 2153 -2.45 -4.28 39.12
CA GLN B 2153 -3.89 -3.97 39.11
C GLN B 2153 -4.12 -2.75 40.00
N ASN B 2154 -4.51 -1.64 39.38
CA ASN B 2154 -4.69 -0.37 40.07
C ASN B 2154 -6.18 -0.03 40.11
N CYS B 2155 -6.71 0.13 41.32
CA CYS B 2155 -8.13 0.34 41.54
C CYS B 2155 -8.37 1.73 42.11
N ARG B 2156 -9.46 2.37 41.67
CA ARG B 2156 -9.80 3.72 42.06
C ARG B 2156 -11.29 3.81 42.38
N LEU B 2157 -11.67 4.90 43.04
CA LEU B 2157 -13.06 5.21 43.31
C LEU B 2157 -13.59 6.15 42.24
N LEU B 2158 -14.86 5.98 41.89
CA LEU B 2158 -15.55 6.90 40.98
C LEU B 2158 -16.44 7.83 41.80
N LEU B 2159 -16.25 9.13 41.60
CA LEU B 2159 -17.05 10.13 42.29
C LEU B 2159 -17.83 10.96 41.27
N HIS B 2160 -18.95 11.50 41.72
CA HIS B 2160 -19.77 12.34 40.84
C HIS B 2160 -19.08 13.67 40.54
N GLU B 2161 -18.28 14.18 41.49
CA GLU B 2161 -17.65 15.48 41.31
C GLU B 2161 -16.41 15.55 42.20
N GLU B 2162 -15.60 16.57 41.95
CA GLU B 2162 -14.45 16.82 42.80
C GLU B 2162 -14.89 17.13 44.22
N ALA B 2163 -14.07 16.69 45.17
CA ALA B 2163 -14.27 16.98 46.58
C ALA B 2163 -12.90 17.11 47.22
N THR B 2164 -12.87 17.74 48.39
CA THR B 2164 -11.59 18.02 49.00
C THR B 2164 -11.16 16.92 49.97
N TYR B 2165 -12.08 16.40 50.77
CA TYR B 2165 -11.78 15.31 51.69
C TYR B 2165 -12.64 14.10 51.30
N ILE B 2166 -12.02 12.93 51.28
CA ILE B 2166 -12.69 11.69 50.88
C ILE B 2166 -12.42 10.65 51.95
N TYR B 2167 -13.48 10.10 52.53
CA TYR B 2167 -13.39 9.13 53.61
C TYR B 2167 -14.10 7.84 53.19
N ARG B 2168 -13.41 6.72 53.33
CA ARG B 2168 -13.97 5.42 52.99
C ARG B 2168 -14.06 4.53 54.21
N LYS B 2169 -15.16 3.83 54.31
CA LYS B 2169 -15.45 2.84 55.33
C LYS B 2169 -14.87 1.48 54.91
N PRO B 2170 -13.95 0.91 55.67
CA PRO B 2170 -13.36 -0.38 55.27
C PRO B 2170 -14.37 -1.52 55.33
N ASN B 2171 -14.16 -2.50 54.46
CA ASN B 2171 -15.02 -3.67 54.42
C ASN B 2171 -14.74 -4.56 55.63
N ILE B 2172 -15.80 -4.94 56.34
CA ILE B 2172 -15.69 -5.86 57.48
C ILE B 2172 -16.03 -7.27 57.01
N PRO B 2173 -15.18 -8.26 57.29
CA PRO B 2173 -15.48 -9.62 56.85
C PRO B 2173 -16.71 -10.20 57.56
N LEU B 2174 -17.37 -11.09 56.86
CA LEU B 2174 -18.55 -11.77 57.38
C LEU B 2174 -18.16 -12.71 58.52
N PRO B 2175 -19.13 -13.11 59.38
CA PRO B 2175 -18.79 -13.84 60.62
C PRO B 2175 -17.72 -14.92 60.52
N GLY B 2176 -17.78 -15.79 59.53
CA GLY B 2176 -16.82 -16.88 59.43
C GLY B 2176 -15.55 -16.58 58.67
N PHE B 2177 -15.33 -15.35 58.24
CA PHE B 2177 -14.20 -15.00 57.39
C PHE B 2177 -13.17 -14.19 58.15
N GLY B 2178 -11.97 -14.12 57.59
CA GLY B 2178 -10.90 -13.33 58.19
C GLY B 2178 -9.57 -14.03 58.29
N THR B 2179 -9.59 -15.36 58.35
CA THR B 2179 -8.36 -16.15 58.45
C THR B 2179 -8.21 -17.02 57.21
N SER B 2180 -7.19 -17.86 57.21
CA SER B 2180 -6.93 -18.77 56.10
C SER B 2180 -7.63 -20.10 56.26
N SER B 2181 -8.48 -20.24 57.28
CA SER B 2181 -9.37 -21.38 57.42
C SER B 2181 -10.78 -20.87 57.67
N PRO B 2182 -11.42 -20.30 56.64
CA PRO B 2182 -12.77 -19.76 56.83
C PRO B 2182 -13.76 -20.85 57.19
N SER B 2183 -14.73 -20.48 58.02
CA SER B 2183 -15.73 -21.41 58.54
C SER B 2183 -17.09 -20.72 58.49
N VAL B 2184 -17.87 -21.04 57.46
CA VAL B 2184 -19.11 -20.33 57.15
C VAL B 2184 -20.27 -21.11 57.77
N PRO B 2185 -21.12 -20.47 58.57
CA PRO B 2185 -22.32 -21.16 59.07
C PRO B 2185 -23.34 -21.35 57.95
N ILE B 2186 -23.83 -22.58 57.83
CA ILE B 2186 -24.89 -22.91 56.89
C ILE B 2186 -26.14 -23.18 57.71
N ALA B 2187 -27.18 -22.39 57.48
CA ALA B 2187 -28.39 -22.50 58.29
C ALA B 2187 -28.98 -23.89 58.22
N THR B 2188 -29.39 -24.41 59.39
CA THR B 2188 -29.95 -25.73 59.63
C THR B 2188 -28.94 -26.85 59.42
N HIS B 2189 -27.69 -26.56 59.07
CA HIS B 2189 -26.70 -27.60 58.85
C HIS B 2189 -25.53 -27.53 59.83
N GLY B 2190 -24.82 -26.42 59.89
CA GLY B 2190 -23.61 -26.39 60.69
C GLY B 2190 -22.55 -25.53 60.01
N GLN B 2191 -21.29 -25.94 60.19
CA GLN B 2191 -20.15 -25.18 59.72
C GLN B 2191 -19.58 -25.79 58.44
N LEU B 2192 -19.15 -24.92 57.53
CA LEU B 2192 -18.50 -25.32 56.29
C LEU B 2192 -17.09 -24.77 56.28
N LEU B 2193 -16.10 -25.65 56.19
CA LEU B 2193 -14.70 -25.29 56.38
C LEU B 2193 -13.99 -25.27 55.03
N GLY B 2194 -13.45 -24.10 54.66
CA GLY B 2194 -12.76 -23.97 53.41
C GLY B 2194 -11.27 -23.69 53.55
N ARG B 2195 -10.63 -23.31 52.46
CA ARG B 2195 -9.23 -22.96 52.42
C ARG B 2195 -9.08 -21.58 51.81
N SER B 2196 -7.86 -21.05 51.86
CA SER B 2196 -7.55 -19.74 51.30
C SER B 2196 -6.39 -19.90 50.33
N GLN B 2197 -6.48 -19.20 49.21
CA GLN B 2197 -5.50 -19.33 48.13
C GLN B 2197 -5.11 -17.95 47.62
N ALA B 2198 -3.84 -17.81 47.26
CA ALA B 2198 -3.33 -16.57 46.67
C ALA B 2198 -3.34 -16.70 45.16
N ILE B 2199 -3.89 -15.69 44.49
CA ILE B 2199 -4.14 -15.72 43.06
C ILE B 2199 -3.33 -14.59 42.42
N GLN B 2200 -2.52 -14.93 41.42
CA GLN B 2200 -1.68 -13.95 40.76
C GLN B 2200 -2.24 -13.55 39.41
N VAL B 2201 -2.43 -12.25 39.22
CA VAL B 2201 -2.71 -11.67 37.91
C VAL B 2201 -1.70 -10.55 37.70
N GLY B 2202 -0.86 -10.68 36.69
CA GLY B 2202 0.23 -9.74 36.52
C GLY B 2202 1.25 -9.93 37.63
N THR B 2203 1.59 -8.84 38.31
CA THR B 2203 2.48 -8.90 39.45
C THR B 2203 1.76 -8.63 40.77
N SER B 2204 0.43 -8.73 40.77
CA SER B 2204 -0.37 -8.54 41.97
C SER B 2204 -0.93 -9.88 42.43
N TRP B 2205 -1.23 -9.95 43.72
CA TRP B 2205 -1.74 -11.16 44.34
C TRP B 2205 -3.00 -10.83 45.12
N LYS B 2206 -4.01 -11.68 44.99
CA LYS B 2206 -5.27 -11.50 45.68
C LYS B 2206 -5.63 -12.79 46.42
N PRO B 2207 -6.00 -12.70 47.70
CA PRO B 2207 -6.45 -13.91 48.41
C PRO B 2207 -7.90 -14.22 48.10
N VAL B 2208 -8.17 -15.47 47.75
CA VAL B 2208 -9.52 -15.96 47.44
C VAL B 2208 -9.82 -17.15 48.33
N ASP B 2209 -10.96 -17.12 49.01
CA ASP B 2209 -11.39 -18.22 49.85
C ASP B 2209 -12.15 -19.23 49.00
N GLN B 2210 -11.81 -20.50 49.14
CA GLN B 2210 -12.35 -21.57 48.32
C GLN B 2210 -13.01 -22.62 49.20
N PHE B 2211 -14.22 -23.01 48.82
CA PHE B 2211 -14.97 -24.07 49.49
C PHE B 2211 -15.26 -25.13 48.44
N LEU B 2212 -14.53 -26.24 48.49
CA LEU B 2212 -14.53 -27.25 47.44
C LEU B 2212 -15.24 -28.49 47.90
N GLY B 2213 -16.21 -28.94 47.12
CA GLY B 2213 -16.92 -30.17 47.43
C GLY B 2213 -18.05 -29.99 48.40
N VAL B 2214 -18.88 -28.97 48.17
CA VAL B 2214 -20.04 -28.69 49.01
C VAL B 2214 -21.23 -29.47 48.49
N PRO B 2215 -21.82 -30.35 49.28
CA PRO B 2215 -22.98 -31.11 48.80
C PRO B 2215 -24.22 -30.24 48.73
N TYR B 2216 -24.99 -30.43 47.65
CA TYR B 2216 -26.28 -29.77 47.53
C TYR B 2216 -27.45 -30.74 47.43
N ALA B 2217 -27.20 -32.04 47.42
CA ALA B 2217 -28.23 -33.05 47.41
C ALA B 2217 -27.64 -34.36 47.90
N ALA B 2218 -28.51 -35.29 48.28
CA ALA B 2218 -28.07 -36.60 48.71
C ALA B 2218 -27.48 -37.38 47.52
N PRO B 2219 -26.45 -38.18 47.75
CA PRO B 2219 -25.85 -38.96 46.65
C PRO B 2219 -26.88 -39.86 45.99
N PRO B 2220 -26.97 -39.81 44.65
CA PRO B 2220 -27.99 -40.59 43.93
C PRO B 2220 -27.57 -42.04 43.68
N LEU B 2221 -27.56 -42.84 44.73
CA LEU B 2221 -27.09 -44.21 44.67
C LEU B 2221 -28.23 -45.18 44.99
N GLY B 2222 -28.17 -46.37 44.40
CA GLY B 2222 -29.10 -47.43 44.70
C GLY B 2222 -30.53 -47.14 44.26
N GLU B 2223 -31.43 -46.98 45.23
CA GLU B 2223 -32.81 -46.62 44.92
C GLU B 2223 -32.94 -45.18 44.46
N LYS B 2224 -31.92 -44.36 44.68
CA LYS B 2224 -31.96 -42.96 44.25
C LYS B 2224 -31.46 -42.78 42.82
N ARG B 2225 -30.99 -43.84 42.17
CA ARG B 2225 -30.64 -43.77 40.77
C ARG B 2225 -31.90 -43.61 39.93
N PHE B 2226 -31.83 -42.73 38.93
CA PHE B 2226 -32.99 -42.36 38.11
C PHE B 2226 -34.15 -41.84 38.96
N ARG B 2227 -33.84 -40.95 39.90
CA ARG B 2227 -34.83 -40.34 40.76
C ARG B 2227 -34.54 -38.86 40.91
N ALA B 2228 -35.53 -38.13 41.37
CA ALA B 2228 -35.33 -36.72 41.67
C ALA B 2228 -34.33 -36.55 42.81
N PRO B 2229 -33.52 -35.51 42.80
CA PRO B 2229 -32.56 -35.31 43.89
C PRO B 2229 -33.27 -35.06 45.22
N GLU B 2230 -32.65 -35.53 46.29
CA GLU B 2230 -33.21 -35.43 47.63
C GLU B 2230 -32.30 -34.58 48.50
N HIS B 2231 -32.90 -34.00 49.54
CA HIS B 2231 -32.15 -33.20 50.49
C HIS B 2231 -31.18 -34.07 51.27
N LEU B 2232 -29.96 -33.56 51.46
CA LEU B 2232 -28.96 -34.21 52.28
C LEU B 2232 -28.94 -33.55 53.65
N ASN B 2233 -29.24 -34.32 54.69
CA ASN B 2233 -29.19 -33.84 56.06
C ASN B 2233 -27.80 -34.09 56.62
N TRP B 2234 -26.98 -33.05 56.66
CA TRP B 2234 -25.68 -33.12 57.28
C TRP B 2234 -25.59 -32.08 58.39
N THR B 2235 -24.84 -32.40 59.42
CA THR B 2235 -24.65 -31.50 60.55
C THR B 2235 -23.19 -31.52 60.96
N GLY B 2236 -22.85 -30.67 61.91
CA GLY B 2236 -21.47 -30.57 62.37
C GLY B 2236 -20.65 -29.71 61.44
N SER B 2237 -19.43 -30.13 61.17
CA SER B 2237 -18.52 -29.43 60.27
C SER B 2237 -18.36 -30.24 59.00
N TRP B 2238 -18.57 -29.61 57.86
CA TRP B 2238 -18.28 -30.21 56.56
C TRP B 2238 -16.94 -29.69 56.07
N GLU B 2239 -16.03 -30.60 55.78
CA GLU B 2239 -14.69 -30.25 55.31
C GLU B 2239 -14.76 -29.99 53.80
N ALA B 2240 -14.52 -28.76 53.39
CA ALA B 2240 -14.72 -28.36 52.00
C ALA B 2240 -13.41 -27.88 51.38
N THR B 2241 -12.33 -28.63 51.57
CA THR B 2241 -11.03 -28.24 51.07
C THR B 2241 -10.52 -29.07 49.90
N LYS B 2242 -11.24 -30.10 49.48
CA LYS B 2242 -10.83 -30.91 48.33
C LYS B 2242 -11.97 -31.02 47.34
N PRO B 2243 -11.67 -30.99 46.03
CA PRO B 2243 -12.69 -31.29 45.04
C PRO B 2243 -13.17 -32.72 45.17
N ARG B 2244 -14.45 -32.94 44.92
CA ARG B 2244 -15.04 -34.27 45.02
C ARG B 2244 -15.06 -34.94 43.65
N ALA B 2245 -15.71 -36.10 43.58
CA ALA B 2245 -15.72 -36.87 42.35
C ALA B 2245 -16.62 -36.21 41.31
N ARG B 2246 -16.31 -36.48 40.05
CA ARG B 2246 -17.08 -35.98 38.92
C ARG B 2246 -17.96 -37.07 38.34
N CYS B 2247 -19.04 -36.64 37.67
CA CYS B 2247 -20.10 -37.55 37.27
C CYS B 2247 -19.66 -38.45 36.13
N TRP B 2248 -20.38 -39.57 35.97
CA TRP B 2248 -20.14 -40.46 34.85
C TRP B 2248 -20.51 -39.80 33.54
N GLN B 2249 -19.64 -39.94 32.55
CA GLN B 2249 -19.86 -39.39 31.23
C GLN B 2249 -19.52 -40.46 30.19
N PRO B 2250 -20.15 -40.43 29.03
CA PRO B 2250 -19.82 -41.40 27.99
C PRO B 2250 -18.36 -41.30 27.58
N GLY B 2251 -17.70 -42.46 27.50
CA GLY B 2251 -16.33 -42.52 27.08
C GLY B 2251 -15.30 -42.54 28.19
N ILE B 2252 -15.71 -42.67 29.46
CA ILE B 2252 -14.75 -42.80 30.54
C ILE B 2252 -13.88 -44.03 30.29
N ARG B 2253 -12.60 -43.90 30.60
CA ARG B 2253 -11.61 -44.95 30.32
C ARG B 2253 -11.92 -46.21 31.12
N THR B 2254 -11.61 -47.37 30.51
CA THR B 2254 -11.96 -48.64 31.13
C THR B 2254 -11.28 -48.88 32.47
N PRO B 2255 -9.99 -48.55 32.68
CA PRO B 2255 -9.51 -48.49 34.07
C PRO B 2255 -10.09 -47.24 34.72
N THR B 2256 -11.06 -47.43 35.61
CA THR B 2256 -11.85 -46.30 36.09
C THR B 2256 -10.97 -45.31 36.86
N PRO B 2257 -10.94 -44.05 36.45
CA PRO B 2257 -10.16 -43.06 37.20
C PRO B 2257 -10.70 -42.90 38.61
N PRO B 2258 -9.87 -42.47 39.56
CA PRO B 2258 -10.32 -42.32 40.94
C PRO B 2258 -11.41 -41.27 41.15
N GLY B 2259 -11.56 -40.31 40.25
CA GLY B 2259 -12.49 -39.24 40.45
C GLY B 2259 -13.83 -39.37 39.76
N VAL B 2260 -14.16 -40.56 39.27
CA VAL B 2260 -15.45 -40.83 38.62
C VAL B 2260 -16.33 -41.58 39.60
N SER B 2261 -17.55 -41.08 39.79
CA SER B 2261 -18.49 -41.70 40.70
C SER B 2261 -19.90 -41.23 40.38
N GLU B 2262 -20.88 -42.01 40.82
CA GLU B 2262 -22.26 -41.54 40.83
C GLU B 2262 -22.49 -40.54 41.94
N ASP B 2263 -21.63 -40.53 42.96
CA ASP B 2263 -21.68 -39.57 44.06
C ASP B 2263 -20.98 -38.30 43.60
N CYS B 2264 -21.71 -37.44 42.90
CA CYS B 2264 -21.07 -36.32 42.23
C CYS B 2264 -21.85 -35.01 42.33
N LEU B 2265 -22.84 -34.90 43.22
CA LEU B 2265 -23.67 -33.70 43.30
C LEU B 2265 -23.05 -32.73 44.30
N TYR B 2266 -22.01 -32.03 43.84
CA TYR B 2266 -21.27 -31.09 44.66
C TYR B 2266 -21.05 -29.79 43.91
N LEU B 2267 -20.87 -28.72 44.65
CA LEU B 2267 -20.58 -27.41 44.11
C LEU B 2267 -19.37 -26.81 44.81
N ASN B 2268 -18.68 -25.92 44.09
CA ASN B 2268 -17.48 -25.23 44.58
C ASN B 2268 -17.74 -23.74 44.62
N VAL B 2269 -17.36 -23.08 45.70
CA VAL B 2269 -17.58 -21.65 45.89
C VAL B 2269 -16.23 -20.95 45.96
N PHE B 2270 -16.09 -19.88 45.19
CA PHE B 2270 -14.87 -19.09 45.14
C PHE B 2270 -15.21 -17.67 45.56
N VAL B 2271 -14.71 -17.25 46.72
CA VAL B 2271 -15.08 -15.96 47.30
C VAL B 2271 -13.84 -15.10 47.47
N PRO B 2272 -13.67 -14.04 46.70
CA PRO B 2272 -12.55 -13.13 46.95
C PRO B 2272 -12.72 -12.40 48.27
N GLN B 2273 -11.60 -12.10 48.91
CA GLN B 2273 -11.63 -11.47 50.22
C GLN B 2273 -11.88 -9.97 50.09
N ASN B 2274 -12.60 -9.43 51.08
CA ASN B 2274 -12.82 -7.99 51.23
C ASN B 2274 -13.56 -7.40 50.04
N MET B 2275 -14.67 -8.03 49.67
CA MET B 2275 -15.56 -7.44 48.68
C MET B 2275 -16.56 -6.51 49.35
N PRO B 2276 -17.14 -5.58 48.60
CA PRO B 2276 -18.28 -4.82 49.13
C PRO B 2276 -19.49 -5.71 49.29
N PRO B 2277 -20.46 -5.32 50.12
CA PRO B 2277 -21.58 -6.21 50.41
C PRO B 2277 -22.46 -6.47 49.20
N ASN B 2278 -23.12 -7.63 49.23
CA ASN B 2278 -24.10 -8.03 48.22
C ASN B 2278 -23.47 -8.15 46.84
N ALA B 2279 -22.48 -9.03 46.74
CA ALA B 2279 -21.80 -9.27 45.48
C ALA B 2279 -22.70 -10.05 44.52
N SER B 2280 -22.45 -9.86 43.23
CA SER B 2280 -23.13 -10.64 42.21
C SER B 2280 -22.52 -12.04 42.13
N VAL B 2281 -23.31 -12.98 41.63
CA VAL B 2281 -22.98 -14.40 41.70
C VAL B 2281 -23.08 -15.02 40.32
N LEU B 2282 -22.08 -15.80 39.93
CA LEU B 2282 -22.12 -16.63 38.74
C LEU B 2282 -22.24 -18.10 39.16
N VAL B 2283 -23.21 -18.80 38.57
CA VAL B 2283 -23.38 -20.23 38.79
C VAL B 2283 -23.13 -20.92 37.46
N PHE B 2284 -21.99 -21.58 37.35
CA PHE B 2284 -21.56 -22.21 36.11
C PHE B 2284 -21.68 -23.73 36.27
N PHE B 2285 -22.49 -24.34 35.42
CA PHE B 2285 -22.72 -25.78 35.46
C PHE B 2285 -21.75 -26.46 34.50
N HIS B 2286 -21.00 -27.43 35.02
CA HIS B 2286 -19.93 -28.02 34.24
C HIS B 2286 -19.52 -29.35 34.85
N ASN B 2287 -19.52 -30.39 34.03
CA ASN B 2287 -18.91 -31.67 34.37
C ASN B 2287 -17.60 -31.78 33.58
N ALA B 2288 -16.50 -31.95 34.29
CA ALA B 2288 -15.20 -31.99 33.63
C ALA B 2288 -14.98 -33.37 33.02
N ALA B 2289 -14.45 -33.38 31.79
CA ALA B 2289 -13.95 -34.62 31.18
C ALA B 2289 -12.45 -34.70 31.44
N GLU B 2290 -12.12 -34.96 32.70
CA GLU B 2290 -10.77 -34.75 33.21
C GLU B 2290 -9.85 -35.90 32.79
N GLY B 2291 -8.67 -35.93 33.38
CA GLY B 2291 -7.59 -36.79 32.96
C GLY B 2291 -6.31 -36.00 33.09
N LYS B 2292 -6.48 -34.70 33.34
CA LYS B 2292 -5.41 -33.76 33.60
C LYS B 2292 -5.53 -33.09 34.95
N GLY B 2293 -6.75 -32.72 35.36
CA GLY B 2293 -6.95 -32.09 36.66
C GLY B 2293 -6.61 -33.06 37.78
N SER B 2294 -5.89 -32.58 38.78
CA SER B 2294 -5.44 -33.41 39.88
C SER B 2294 -6.54 -33.55 40.93
N GLY B 2295 -6.22 -34.26 42.01
CA GLY B 2295 -7.12 -34.47 43.13
C GLY B 2295 -7.15 -33.35 44.13
N ASP B 2296 -6.32 -32.32 43.95
CA ASP B 2296 -6.34 -31.15 44.81
C ASP B 2296 -6.78 -29.88 44.10
N ARG B 2297 -6.86 -29.88 42.77
CA ARG B 2297 -7.21 -28.70 42.00
C ARG B 2297 -8.47 -28.96 41.18
N PRO B 2298 -9.48 -28.11 41.28
CA PRO B 2298 -10.64 -28.25 40.39
C PRO B 2298 -10.28 -27.98 38.95
N ALA B 2299 -10.98 -28.65 38.03
CA ALA B 2299 -10.66 -28.52 36.61
C ALA B 2299 -10.94 -27.12 36.10
N VAL B 2300 -12.02 -26.50 36.54
CA VAL B 2300 -12.31 -25.10 36.26
C VAL B 2300 -12.17 -24.35 37.58
N ASP B 2301 -11.13 -23.53 37.68
CA ASP B 2301 -10.90 -22.72 38.86
C ASP B 2301 -11.58 -21.37 38.66
N GLY B 2302 -12.57 -21.08 39.50
CA GLY B 2302 -13.28 -19.83 39.42
C GLY B 2302 -12.60 -18.67 40.10
N SER B 2303 -11.42 -18.90 40.68
CA SER B 2303 -10.75 -17.87 41.47
C SER B 2303 -10.35 -16.67 40.61
N PHE B 2304 -9.87 -16.91 39.40
CA PHE B 2304 -9.35 -15.81 38.59
C PHE B 2304 -10.47 -14.92 38.08
N LEU B 2305 -11.58 -15.50 37.64
CA LEU B 2305 -12.72 -14.68 37.26
C LEU B 2305 -13.32 -13.99 38.47
N ALA B 2306 -13.37 -14.68 39.61
CA ALA B 2306 -13.88 -14.06 40.83
C ALA B 2306 -13.02 -12.89 41.26
N ALA B 2307 -11.70 -13.04 41.19
CA ALA B 2307 -10.80 -11.98 41.63
C ALA B 2307 -10.82 -10.80 40.68
N VAL B 2308 -10.75 -11.07 39.37
CA VAL B 2308 -10.76 -10.00 38.38
C VAL B 2308 -12.11 -9.31 38.36
N GLY B 2309 -13.20 -10.09 38.43
CA GLY B 2309 -14.52 -9.53 38.38
C GLY B 2309 -15.08 -9.01 39.67
N ASN B 2310 -14.43 -9.31 40.80
CA ASN B 2310 -14.88 -8.87 42.12
C ASN B 2310 -16.28 -9.41 42.41
N LEU B 2311 -16.42 -10.73 42.30
CA LEU B 2311 -17.70 -11.40 42.39
C LEU B 2311 -17.49 -12.83 42.87
N ILE B 2312 -18.60 -13.51 43.16
CA ILE B 2312 -18.56 -14.89 43.63
C ILE B 2312 -18.85 -15.83 42.48
N VAL B 2313 -18.02 -16.86 42.34
CA VAL B 2313 -18.19 -17.88 41.32
C VAL B 2313 -18.59 -19.19 41.99
N VAL B 2314 -19.65 -19.81 41.50
CA VAL B 2314 -20.06 -21.15 41.93
C VAL B 2314 -20.02 -22.06 40.72
N THR B 2315 -19.25 -23.14 40.82
CA THR B 2315 -19.24 -24.19 39.81
C THR B 2315 -19.91 -25.42 40.39
N ALA B 2316 -20.83 -26.01 39.65
CA ALA B 2316 -21.59 -27.16 40.13
C ALA B 2316 -21.59 -28.26 39.09
N SER B 2317 -21.54 -29.51 39.56
CA SER B 2317 -21.69 -30.66 38.71
C SER B 2317 -23.11 -31.19 38.80
N TYR B 2318 -23.48 -32.02 37.82
CA TYR B 2318 -24.86 -32.50 37.70
C TYR B 2318 -24.85 -33.79 36.90
N ARG B 2319 -25.91 -34.57 37.07
CA ARG B 2319 -26.02 -35.82 36.34
C ARG B 2319 -26.33 -35.57 34.86
N THR B 2320 -25.61 -36.25 34.00
CA THR B 2320 -25.77 -36.15 32.55
C THR B 2320 -26.01 -37.56 32.00
N GLY B 2321 -26.08 -37.68 30.68
CA GLY B 2321 -26.23 -39.00 30.06
C GLY B 2321 -27.47 -39.73 30.55
N ILE B 2322 -27.36 -41.06 30.65
CA ILE B 2322 -28.48 -41.86 31.12
C ILE B 2322 -28.77 -41.56 32.59
N PHE B 2323 -27.73 -41.41 33.41
CA PHE B 2323 -27.93 -41.19 34.84
C PHE B 2323 -28.75 -39.94 35.11
N GLY B 2324 -28.65 -38.95 34.24
CA GLY B 2324 -29.39 -37.72 34.40
C GLY B 2324 -30.64 -37.60 33.57
N PHE B 2325 -30.79 -38.41 32.53
CA PHE B 2325 -31.94 -38.21 31.66
C PHE B 2325 -32.64 -39.47 31.17
N LEU B 2326 -32.45 -40.63 31.77
CA LEU B 2326 -33.17 -41.82 31.33
C LEU B 2326 -34.66 -41.64 31.52
N SER B 2327 -35.42 -41.92 30.47
CA SER B 2327 -36.86 -41.69 30.47
C SER B 2327 -37.55 -42.78 29.66
N SER B 2328 -38.74 -43.16 30.12
CA SER B 2328 -39.61 -44.04 29.35
C SER B 2328 -40.62 -43.27 28.52
N GLY B 2329 -40.59 -41.94 28.58
CA GLY B 2329 -41.59 -41.14 27.92
C GLY B 2329 -42.92 -41.09 28.63
N SER B 2330 -42.96 -41.39 29.92
CA SER B 2330 -44.22 -41.47 30.65
C SER B 2330 -43.97 -41.23 32.12
N SER B 2331 -45.08 -41.07 32.86
CA SER B 2331 -45.01 -40.76 34.28
C SER B 2331 -44.34 -41.85 35.10
N GLU B 2332 -44.19 -43.04 34.55
CA GLU B 2332 -43.48 -44.11 35.25
C GLU B 2332 -42.00 -43.76 35.42
N LEU B 2333 -41.33 -43.38 34.32
CA LEU B 2333 -39.96 -42.85 34.36
C LEU B 2333 -39.94 -41.56 33.55
N SER B 2334 -40.43 -40.48 34.16
CA SER B 2334 -40.47 -39.16 33.52
C SER B 2334 -39.10 -38.74 32.99
N GLY B 2335 -38.07 -38.79 33.81
CA GLY B 2335 -36.77 -38.29 33.39
C GLY B 2335 -36.47 -36.91 33.93
N ASN B 2336 -35.56 -36.23 33.23
CA ASN B 2336 -35.11 -34.88 33.57
C ASN B 2336 -34.42 -34.84 34.93
N TRP B 2337 -33.76 -35.93 35.32
CA TRP B 2337 -33.15 -35.99 36.65
C TRP B 2337 -32.01 -34.98 36.78
N GLY B 2338 -31.24 -34.78 35.72
CA GLY B 2338 -30.15 -33.82 35.76
C GLY B 2338 -30.62 -32.38 35.72
N LEU B 2339 -31.77 -32.11 35.10
CA LEU B 2339 -32.36 -30.79 35.18
C LEU B 2339 -32.79 -30.45 36.60
N LEU B 2340 -33.33 -31.43 37.32
CA LEU B 2340 -33.76 -31.19 38.69
C LEU B 2340 -32.56 -31.02 39.62
N ASP B 2341 -31.40 -31.59 39.26
CA ASP B 2341 -30.17 -31.30 40.00
C ASP B 2341 -29.82 -29.84 39.89
N GLN B 2342 -29.92 -29.26 38.69
CA GLN B 2342 -29.58 -27.87 38.50
C GLN B 2342 -30.55 -26.94 39.22
N VAL B 2343 -31.82 -27.32 39.33
CA VAL B 2343 -32.76 -26.53 40.10
C VAL B 2343 -32.42 -26.58 41.58
N VAL B 2344 -32.07 -27.77 42.09
CA VAL B 2344 -31.72 -27.90 43.50
C VAL B 2344 -30.45 -27.11 43.81
N ALA B 2345 -29.44 -27.18 42.93
CA ALA B 2345 -28.22 -26.41 43.13
C ALA B 2345 -28.48 -24.92 43.06
N LEU B 2346 -29.38 -24.47 42.20
CA LEU B 2346 -29.73 -23.05 42.16
C LEU B 2346 -30.52 -22.63 43.38
N THR B 2347 -31.36 -23.51 43.92
CA THR B 2347 -32.08 -23.21 45.15
C THR B 2347 -31.12 -23.09 46.32
N TRP B 2348 -30.07 -23.92 46.35
CA TRP B 2348 -29.07 -23.83 47.40
C TRP B 2348 -28.42 -22.46 47.41
N VAL B 2349 -28.10 -21.92 46.24
CA VAL B 2349 -27.50 -20.59 46.15
C VAL B 2349 -28.47 -19.54 46.66
N GLN B 2350 -29.75 -19.68 46.31
CA GLN B 2350 -30.76 -18.74 46.81
C GLN B 2350 -30.84 -18.77 48.33
N THR B 2351 -30.78 -19.91 48.96
CA THR B 2351 -30.86 -20.12 50.42
C THR B 2351 -29.62 -19.61 51.18
N HIS B 2352 -28.40 -19.80 50.67
CA HIS B 2352 -27.16 -19.89 51.45
C HIS B 2352 -26.12 -18.86 51.05
N ILE B 2353 -26.25 -18.18 49.91
CA ILE B 2353 -25.18 -17.33 49.32
C ILE B 2353 -24.92 -16.07 50.15
N GLN B 2354 -25.93 -15.48 50.79
CA GLN B 2354 -25.79 -14.35 51.72
C GLN B 2354 -24.68 -14.55 52.75
N ALA B 2355 -24.49 -15.76 53.26
CA ALA B 2355 -23.48 -16.17 54.26
C ALA B 2355 -22.04 -16.07 53.77
N PHE B 2356 -21.88 -16.04 52.47
CA PHE B 2356 -20.61 -15.92 51.73
C PHE B 2356 -20.53 -14.50 51.23
N GLY B 2357 -21.66 -13.82 51.18
CA GLY B 2357 -21.62 -12.41 50.83
C GLY B 2357 -22.24 -12.06 49.51
N GLY B 2358 -23.00 -12.95 48.91
CA GLY B 2358 -23.61 -12.71 47.62
C GLY B 2358 -25.06 -12.30 47.73
N ASP B 2359 -25.52 -11.51 46.77
CA ASP B 2359 -26.94 -11.15 46.69
C ASP B 2359 -27.68 -12.26 45.93
N PRO B 2360 -28.74 -12.87 46.52
CA PRO B 2360 -29.56 -13.87 45.82
C PRO B 2360 -30.30 -13.29 44.60
N ARG B 2361 -30.44 -11.99 44.48
CA ARG B 2361 -31.10 -11.30 43.36
C ARG B 2361 -30.15 -10.92 42.22
N ARG B 2362 -28.88 -11.27 42.29
CA ARG B 2362 -27.86 -10.92 41.31
C ARG B 2362 -27.13 -12.18 40.83
N VAL B 2363 -27.89 -13.20 40.45
CA VAL B 2363 -27.35 -14.49 40.05
C VAL B 2363 -27.39 -14.61 38.52
N THR B 2364 -26.30 -15.08 37.94
CA THR B 2364 -26.21 -15.38 36.52
C THR B 2364 -26.02 -16.89 36.34
N LEU B 2365 -26.81 -17.46 35.43
CA LEU B 2365 -26.73 -18.88 35.11
C LEU B 2365 -25.86 -19.08 33.88
N ALA B 2366 -24.94 -20.04 33.93
CA ALA B 2366 -24.01 -20.28 32.84
C ALA B 2366 -23.76 -21.77 32.65
N ALA B 2367 -23.49 -22.14 31.40
CA ALA B 2367 -23.11 -23.50 31.03
C ALA B 2367 -22.45 -23.46 29.66
N ASP B 2368 -21.83 -24.57 29.26
CA ASP B 2368 -21.10 -24.56 27.96
C ASP B 2368 -21.36 -25.85 27.19
N ARG B 2369 -21.31 -25.79 25.86
CA ARG B 2369 -21.49 -27.00 25.02
C ARG B 2369 -22.84 -27.65 25.37
N GLY B 2370 -22.83 -28.93 25.73
CA GLY B 2370 -24.07 -29.65 26.08
C GLY B 2370 -24.88 -28.96 27.17
N GLY B 2371 -24.25 -28.52 28.26
CA GLY B 2371 -25.01 -27.93 29.35
C GLY B 2371 -25.72 -26.69 28.94
N ALA B 2372 -25.15 -25.94 27.98
CA ALA B 2372 -25.82 -24.74 27.51
C ALA B 2372 -27.16 -25.07 26.87
N ASP B 2373 -27.23 -26.18 26.12
CA ASP B 2373 -28.53 -26.67 25.67
C ASP B 2373 -29.39 -27.12 26.85
N ILE B 2374 -28.78 -27.81 27.81
CA ILE B 2374 -29.53 -28.28 28.97
C ILE B 2374 -29.92 -27.12 29.86
N ALA B 2375 -28.99 -26.21 30.16
CA ALA B 2375 -29.28 -25.11 31.06
C ALA B 2375 -30.21 -24.07 30.44
N SER B 2376 -30.36 -24.06 29.11
CA SER B 2376 -31.30 -23.15 28.49
C SER B 2376 -32.74 -23.56 28.70
N ILE B 2377 -33.00 -24.79 29.16
CA ILE B 2377 -34.35 -25.21 29.47
C ILE B 2377 -34.91 -24.42 30.65
N HIS B 2378 -34.05 -24.01 31.59
CA HIS B 2378 -34.48 -23.19 32.70
C HIS B 2378 -35.10 -21.87 32.25
N LEU B 2379 -34.76 -21.41 31.04
CA LEU B 2379 -35.31 -20.17 30.52
C LEU B 2379 -36.74 -20.31 29.99
N VAL B 2380 -37.25 -21.54 29.84
CA VAL B 2380 -38.58 -21.74 29.29
C VAL B 2380 -39.47 -22.52 30.25
N THR B 2381 -39.06 -22.69 31.49
CA THR B 2381 -39.86 -23.35 32.51
C THR B 2381 -40.48 -22.29 33.42
N THR B 2382 -41.79 -22.42 33.66
CA THR B 2382 -42.49 -21.41 34.44
C THR B 2382 -42.07 -21.45 35.91
N ARG B 2383 -41.62 -22.61 36.40
CA ARG B 2383 -41.18 -22.71 37.79
C ARG B 2383 -39.89 -21.92 38.02
N ALA B 2384 -38.95 -21.98 37.07
CA ALA B 2384 -37.68 -21.28 37.25
C ALA B 2384 -37.88 -19.77 37.30
N ALA B 2385 -38.89 -19.26 36.57
CA ALA B 2385 -39.17 -17.82 36.62
C ALA B 2385 -39.97 -17.46 37.87
N ASN B 2386 -40.88 -18.34 38.30
CA ASN B 2386 -41.63 -18.08 39.52
C ASN B 2386 -40.73 -18.17 40.76
N SER B 2387 -39.69 -18.97 40.67
CA SER B 2387 -38.76 -19.00 41.82
C SER B 2387 -37.74 -17.89 41.75
N ARG B 2388 -37.60 -17.23 40.59
CA ARG B 2388 -36.50 -16.26 40.38
C ARG B 2388 -35.19 -16.91 40.77
N LEU B 2389 -34.87 -18.04 40.17
CA LEU B 2389 -33.57 -18.68 40.41
C LEU B 2389 -32.38 -17.90 39.82
N PHE B 2390 -32.58 -17.05 38.84
CA PHE B 2390 -31.47 -16.33 38.22
C PHE B 2390 -32.02 -15.09 37.55
N ARG B 2391 -31.13 -14.12 37.32
CA ARG B 2391 -31.46 -12.86 36.68
C ARG B 2391 -30.90 -12.77 35.27
N ARG B 2392 -29.80 -13.45 34.99
CA ARG B 2392 -29.12 -13.38 33.71
C ARG B 2392 -28.66 -14.77 33.30
N ALA B 2393 -28.28 -14.91 32.03
CA ALA B 2393 -27.81 -16.19 31.52
C ALA B 2393 -26.64 -15.96 30.58
N VAL B 2394 -25.63 -16.81 30.70
CA VAL B 2394 -24.51 -16.88 29.77
C VAL B 2394 -24.53 -18.28 29.16
N LEU B 2395 -24.85 -18.36 27.87
CA LEU B 2395 -24.92 -19.63 27.15
C LEU B 2395 -23.75 -19.68 26.18
N MET B 2396 -22.84 -20.61 26.41
CA MET B 2396 -21.59 -20.69 25.68
C MET B 2396 -21.63 -21.92 24.76
N GLY B 2397 -22.17 -21.74 23.56
CA GLY B 2397 -22.21 -22.81 22.58
C GLY B 2397 -23.47 -23.64 22.58
N GLY B 2398 -24.58 -23.14 23.11
CA GLY B 2398 -25.80 -23.91 23.11
C GLY B 2398 -27.01 -23.00 23.19
N SER B 2399 -28.17 -23.58 22.89
CA SER B 2399 -29.39 -22.80 22.77
C SER B 2399 -30.58 -23.68 23.08
N ALA B 2400 -31.69 -23.04 23.40
CA ALA B 2400 -32.95 -23.74 23.58
C ALA B 2400 -33.64 -24.05 22.26
N LEU B 2401 -33.22 -23.42 21.18
CA LEU B 2401 -33.76 -23.66 19.84
C LEU B 2401 -32.98 -24.71 19.07
N SER B 2402 -32.13 -25.47 19.75
CA SER B 2402 -31.40 -26.53 19.09
C SER B 2402 -32.37 -27.61 18.62
N PRO B 2403 -32.09 -28.26 17.48
CA PRO B 2403 -32.94 -29.39 17.07
C PRO B 2403 -32.86 -30.57 18.02
N ALA B 2404 -31.83 -30.66 18.85
CA ALA B 2404 -31.66 -31.75 19.81
C ALA B 2404 -31.92 -31.31 21.24
N ALA B 2405 -32.67 -30.21 21.43
CA ALA B 2405 -32.88 -29.70 22.78
C ALA B 2405 -33.73 -30.64 23.62
N VAL B 2406 -34.78 -31.21 23.04
CA VAL B 2406 -35.70 -32.08 23.76
C VAL B 2406 -35.85 -33.39 23.00
N ILE B 2407 -36.00 -34.50 23.71
CA ILE B 2407 -36.23 -35.83 23.07
C ILE B 2407 -37.73 -36.09 23.03
N ARG B 2408 -38.24 -36.58 21.90
CA ARG B 2408 -39.69 -36.88 21.76
C ARG B 2408 -40.00 -38.08 22.63
N PRO B 2409 -41.20 -38.19 23.21
CA PRO B 2409 -41.46 -39.29 24.12
C PRO B 2409 -41.26 -40.71 23.58
N GLU B 2410 -41.69 -41.00 22.35
CA GLU B 2410 -41.56 -42.34 21.73
C GLU B 2410 -40.10 -42.70 21.48
N ARG B 2411 -39.22 -41.77 21.09
CA ARG B 2411 -37.77 -42.02 20.93
C ARG B 2411 -37.14 -42.39 22.26
N ALA B 2412 -37.57 -41.76 23.34
CA ALA B 2412 -37.10 -42.09 24.70
C ALA B 2412 -37.49 -43.52 25.10
N ARG B 2413 -38.70 -43.95 24.81
CA ARG B 2413 -39.15 -45.34 25.08
C ARG B 2413 -38.32 -46.31 24.25
N GLN B 2414 -38.02 -46.00 23.00
CA GLN B 2414 -37.18 -46.88 22.16
C GLN B 2414 -35.76 -46.93 22.67
N GLN B 2415 -35.19 -45.80 23.03
CA GLN B 2415 -33.81 -45.68 23.53
C GLN B 2415 -33.66 -46.38 24.88
N ALA B 2416 -34.66 -46.32 25.75
CA ALA B 2416 -34.61 -47.00 27.08
C ALA B 2416 -34.58 -48.49 26.87
N ALA B 2417 -35.38 -49.00 25.95
CA ALA B 2417 -35.40 -50.43 25.61
C ALA B 2417 -34.09 -50.91 25.02
N ALA B 2418 -33.44 -50.10 24.19
CA ALA B 2418 -32.16 -50.48 23.57
C ALA B 2418 -31.08 -50.62 24.62
N LEU B 2419 -31.03 -49.73 25.63
CA LEU B 2419 -30.10 -49.87 26.77
C LEU B 2419 -30.46 -51.09 27.61
N ALA B 2420 -31.73 -51.31 27.95
CA ALA B 2420 -32.13 -52.56 28.63
C ALA B 2420 -31.64 -53.75 27.81
N LYS B 2421 -31.83 -53.72 26.49
CA LYS B 2421 -31.40 -54.87 25.72
C LYS B 2421 -29.88 -55.05 25.72
N GLU B 2422 -29.14 -53.94 25.81
CA GLU B 2422 -27.69 -54.01 25.73
C GLU B 2422 -27.06 -54.56 27.00
N VAL B 2423 -27.68 -54.33 28.16
CA VAL B 2423 -27.12 -54.78 29.44
C VAL B 2423 -27.73 -56.07 29.92
N GLY B 2424 -28.74 -56.60 29.22
CA GLY B 2424 -29.39 -57.83 29.61
C GLY B 2424 -30.66 -57.66 30.41
N CYS B 2425 -31.15 -56.44 30.57
CA CYS B 2425 -32.38 -56.21 31.30
C CYS B 2425 -33.59 -56.45 30.42
N PRO B 2426 -34.75 -56.74 31.02
CA PRO B 2426 -36.00 -56.84 30.26
C PRO B 2426 -36.63 -55.49 29.99
N SER B 2427 -37.31 -55.41 28.85
CA SER B 2427 -37.99 -54.21 28.41
C SER B 2427 -39.51 -54.32 28.45
N SER B 2428 -40.03 -55.41 29.02
CA SER B 2428 -41.46 -55.69 28.94
C SER B 2428 -42.28 -54.65 29.71
N SER B 2429 -41.84 -54.30 30.91
CA SER B 2429 -42.52 -53.32 31.74
C SER B 2429 -41.53 -52.26 32.17
N VAL B 2430 -41.99 -51.01 32.32
CA VAL B 2430 -41.10 -49.96 32.78
C VAL B 2430 -40.63 -50.23 34.20
N GLN B 2431 -41.53 -50.67 35.07
CA GLN B 2431 -41.18 -50.88 36.50
C GLN B 2431 -40.20 -52.04 36.62
N GLU B 2432 -40.33 -53.04 35.78
CA GLU B 2432 -39.41 -54.19 35.77
C GLU B 2432 -38.04 -53.80 35.24
N MET B 2433 -37.98 -53.04 34.15
CA MET B 2433 -36.71 -52.57 33.53
C MET B 2433 -35.96 -51.61 34.45
N VAL B 2434 -36.66 -50.71 35.13
CA VAL B 2434 -35.98 -49.80 36.05
C VAL B 2434 -35.34 -50.57 37.19
N SER B 2435 -36.03 -51.58 37.72
CA SER B 2435 -35.47 -52.36 38.82
C SER B 2435 -34.18 -53.05 38.42
N CYS B 2436 -34.15 -53.63 37.22
CA CYS B 2436 -32.94 -54.34 36.78
C CYS B 2436 -31.82 -53.37 36.43
N LEU B 2437 -32.15 -52.19 35.90
CA LEU B 2437 -31.12 -51.20 35.63
C LEU B 2437 -30.58 -50.58 36.92
N ARG B 2438 -31.36 -50.63 37.99
CA ARG B 2438 -30.93 -50.07 39.28
C ARG B 2438 -30.00 -50.99 40.04
N GLN B 2439 -29.83 -52.24 39.61
CA GLN B 2439 -28.88 -53.16 40.24
C GLN B 2439 -27.58 -53.27 39.44
N GLU B 2440 -27.49 -52.63 38.29
CA GLU B 2440 -26.31 -52.74 37.46
C GLU B 2440 -25.16 -51.91 38.03
N PRO B 2441 -23.92 -52.32 37.78
CA PRO B 2441 -22.79 -51.45 38.08
C PRO B 2441 -22.78 -50.24 37.16
N ALA B 2442 -22.28 -49.13 37.67
CA ALA B 2442 -22.21 -47.91 36.87
C ALA B 2442 -21.25 -48.06 35.70
N ARG B 2443 -20.17 -48.81 35.88
CA ARG B 2443 -19.25 -49.07 34.78
C ARG B 2443 -19.94 -49.81 33.65
N ILE B 2444 -20.80 -50.78 33.98
CA ILE B 2444 -21.51 -51.54 32.95
C ILE B 2444 -22.50 -50.64 32.22
N LEU B 2445 -23.26 -49.83 32.96
CA LEU B 2445 -24.23 -48.94 32.33
C LEU B 2445 -23.57 -47.88 31.46
N ASN B 2446 -22.38 -47.41 31.85
CA ASN B 2446 -21.70 -46.39 31.07
C ASN B 2446 -21.09 -46.95 29.81
N ASP B 2447 -20.63 -48.20 29.83
CA ASP B 2447 -20.14 -48.82 28.61
C ASP B 2447 -21.26 -49.04 27.61
N ALA B 2448 -22.45 -49.39 28.09
CA ALA B 2448 -23.58 -49.60 27.20
C ALA B 2448 -24.01 -48.30 26.54
N GLN B 2449 -24.12 -47.22 27.32
CA GLN B 2449 -24.57 -45.95 26.76
C GLN B 2449 -23.53 -45.38 25.79
N THR B 2450 -22.25 -45.60 26.06
CA THR B 2450 -21.22 -45.15 25.12
C THR B 2450 -21.33 -45.88 23.79
N LYS B 2451 -21.61 -47.18 23.84
CA LYS B 2451 -21.76 -47.94 22.62
C LYS B 2451 -22.95 -47.45 21.79
N LEU B 2452 -24.06 -47.18 22.45
CA LEU B 2452 -25.27 -46.74 21.76
C LEU B 2452 -25.24 -45.27 21.36
N LEU B 2453 -24.29 -44.50 21.86
CA LEU B 2453 -24.24 -43.07 21.57
C LEU B 2453 -23.47 -42.74 20.30
N ALA B 2454 -22.71 -43.69 19.77
CA ALA B 2454 -21.89 -43.41 18.59
C ALA B 2454 -22.75 -42.96 17.42
N VAL B 2455 -22.33 -41.88 16.76
CA VAL B 2455 -23.09 -41.33 15.65
C VAL B 2455 -23.06 -42.28 14.46
N SER B 2456 -21.95 -42.98 14.25
CA SER B 2456 -21.89 -44.01 13.21
C SER B 2456 -22.72 -45.24 13.58
N GLY B 2457 -23.23 -45.31 14.81
CA GLY B 2457 -24.16 -46.34 15.20
C GLY B 2457 -25.56 -45.81 15.32
N PRO B 2458 -26.31 -46.20 16.38
CA PRO B 2458 -27.68 -45.73 16.55
C PRO B 2458 -27.90 -44.24 16.86
N PHE B 2459 -26.90 -43.46 17.27
CA PHE B 2459 -27.06 -42.04 17.70
C PHE B 2459 -28.17 -41.91 18.74
N HIS B 2460 -28.03 -42.64 19.83
CA HIS B 2460 -29.01 -42.56 20.92
C HIS B 2460 -28.51 -41.58 21.98
N TYR B 2461 -28.77 -40.29 21.78
CA TYR B 2461 -28.38 -39.30 22.77
C TYR B 2461 -29.55 -39.00 23.69
N TRP B 2462 -29.25 -38.83 24.96
CA TRP B 2462 -30.24 -38.59 26.01
C TRP B 2462 -30.24 -37.11 26.38
N GLY B 2463 -31.42 -36.58 26.62
CA GLY B 2463 -31.57 -35.19 26.98
C GLY B 2463 -32.89 -34.95 27.68
N PRO B 2464 -33.24 -33.68 27.86
CA PRO B 2464 -34.53 -33.36 28.47
C PRO B 2464 -35.70 -33.86 27.63
N VAL B 2465 -36.77 -34.19 28.32
CA VAL B 2465 -38.03 -34.57 27.68
C VAL B 2465 -39.14 -33.73 28.29
N VAL B 2466 -40.19 -33.49 27.50
CA VAL B 2466 -41.38 -32.84 28.05
C VAL B 2466 -42.09 -33.85 28.95
N ASP B 2467 -42.21 -33.49 30.21
CA ASP B 2467 -42.74 -34.44 31.21
C ASP B 2467 -44.10 -33.99 31.74
N GLY B 2468 -44.43 -32.73 31.68
CA GLY B 2468 -45.74 -32.23 32.11
C GLY B 2468 -45.66 -31.75 33.53
N GLN B 2469 -44.48 -31.73 34.10
CA GLN B 2469 -44.29 -31.16 35.45
C GLN B 2469 -43.33 -29.97 35.39
N TYR B 2470 -42.06 -30.22 35.06
CA TYR B 2470 -41.04 -29.15 35.05
C TYR B 2470 -41.12 -28.53 33.66
N LEU B 2471 -41.08 -29.39 32.70
CA LEU B 2471 -41.17 -28.97 31.31
C LEU B 2471 -42.55 -29.32 30.79
N ARG B 2472 -43.42 -28.32 30.68
CA ARG B 2472 -44.82 -28.53 30.34
C ARG B 2472 -45.06 -28.63 28.84
N GLU B 2473 -44.21 -28.00 28.04
CA GLU B 2473 -44.31 -28.06 26.59
C GLU B 2473 -42.93 -27.75 26.01
N THR B 2474 -42.78 -27.97 24.71
CA THR B 2474 -41.47 -27.82 24.09
C THR B 2474 -41.05 -26.35 24.11
N PRO B 2475 -39.73 -26.09 24.09
CA PRO B 2475 -39.25 -24.71 24.17
C PRO B 2475 -39.77 -23.80 23.06
N ALA B 2476 -40.05 -24.34 21.88
CA ALA B 2476 -40.52 -23.50 20.79
C ALA B 2476 -41.89 -22.90 21.09
N ARG B 2477 -42.79 -23.69 21.68
CA ARG B 2477 -44.10 -23.17 22.04
C ARG B 2477 -44.01 -22.13 23.16
N VAL B 2478 -43.18 -22.39 24.17
CA VAL B 2478 -43.08 -21.49 25.31
C VAL B 2478 -42.59 -20.11 24.86
N LEU B 2479 -41.65 -20.08 23.90
CA LEU B 2479 -41.09 -18.83 23.45
C LEU B 2479 -42.01 -18.05 22.52
N GLN B 2480 -43.09 -18.67 22.04
CA GLN B 2480 -44.10 -17.92 21.28
C GLN B 2480 -45.00 -17.09 22.18
N ARG B 2481 -45.04 -17.38 23.49
CA ARG B 2481 -45.85 -16.61 24.41
C ARG B 2481 -45.16 -15.28 24.75
N ALA B 2482 -45.93 -14.37 25.32
CA ALA B 2482 -45.38 -13.08 25.72
C ALA B 2482 -44.49 -13.24 26.93
N PRO B 2483 -43.32 -12.60 26.95
CA PRO B 2483 -42.44 -12.72 28.11
C PRO B 2483 -43.10 -12.19 29.37
N ARG B 2484 -42.79 -12.83 30.49
CA ARG B 2484 -43.27 -12.41 31.80
C ARG B 2484 -42.21 -11.70 32.61
N VAL B 2485 -40.94 -12.08 32.45
CA VAL B 2485 -39.84 -11.48 33.19
C VAL B 2485 -38.69 -11.23 32.23
N LYS B 2486 -37.88 -10.22 32.53
CA LYS B 2486 -36.74 -9.86 31.69
C LYS B 2486 -35.49 -10.60 32.16
N VAL B 2487 -34.82 -11.26 31.22
CA VAL B 2487 -33.55 -11.95 31.46
C VAL B 2487 -32.55 -11.47 30.42
N ASP B 2488 -31.44 -10.92 30.88
CA ASP B 2488 -30.35 -10.55 29.97
C ASP B 2488 -29.62 -11.80 29.50
N LEU B 2489 -29.23 -11.80 28.24
CA LEU B 2489 -28.65 -12.97 27.60
C LEU B 2489 -27.32 -12.60 26.95
N LEU B 2490 -26.26 -13.29 27.35
CA LEU B 2490 -24.99 -13.28 26.65
C LEU B 2490 -24.78 -14.66 26.06
N ILE B 2491 -24.60 -14.72 24.75
CA ILE B 2491 -24.61 -15.99 24.03
C ILE B 2491 -23.56 -15.96 22.93
N GLY B 2492 -23.02 -17.12 22.62
CA GLY B 2492 -22.00 -17.18 21.58
C GLY B 2492 -21.66 -18.61 21.23
N SER B 2493 -20.65 -18.75 20.37
CA SER B 2493 -20.25 -20.05 19.88
C SER B 2493 -18.79 -19.99 19.45
N SER B 2494 -18.20 -21.17 19.28
CA SER B 2494 -16.82 -21.31 18.82
C SER B 2494 -16.78 -22.01 17.47
N GLN B 2495 -15.88 -21.57 16.61
CA GLN B 2495 -15.70 -22.24 15.33
C GLN B 2495 -15.08 -23.62 15.49
N ASP B 2496 -14.47 -23.91 16.64
CA ASP B 2496 -13.87 -25.20 16.89
C ASP B 2496 -14.84 -26.22 17.48
N ASP B 2497 -16.12 -25.87 17.63
CA ASP B 2497 -17.11 -26.77 18.19
C ASP B 2497 -17.68 -27.67 17.10
N GLY B 2498 -18.30 -28.76 17.53
CA GLY B 2498 -18.91 -29.70 16.62
C GLY B 2498 -19.30 -31.00 17.28
N LEU B 2499 -20.13 -31.81 16.61
CA LEU B 2499 -20.60 -33.05 17.22
C LEU B 2499 -19.46 -34.03 17.42
N ILE B 2500 -18.56 -34.15 16.44
CA ILE B 2500 -17.47 -35.10 16.53
C ILE B 2500 -16.46 -34.66 17.58
N ASN B 2501 -16.17 -33.36 17.62
CA ASN B 2501 -15.32 -32.82 18.68
C ASN B 2501 -15.93 -33.09 20.06
N ARG B 2502 -17.24 -32.96 20.17
CA ARG B 2502 -17.91 -33.20 21.44
C ARG B 2502 -17.94 -34.69 21.80
N ALA B 2503 -17.78 -35.56 20.81
CA ALA B 2503 -17.85 -37.00 21.02
C ALA B 2503 -16.53 -37.70 20.72
N LYS B 2504 -15.42 -36.98 20.84
CA LYS B 2504 -14.12 -37.61 20.63
C LYS B 2504 -13.85 -38.73 21.63
N ALA B 2505 -14.31 -38.59 22.87
CA ALA B 2505 -14.13 -39.66 23.84
C ALA B 2505 -14.93 -40.90 23.47
N VAL B 2506 -16.16 -40.71 22.99
CA VAL B 2506 -16.97 -41.83 22.52
C VAL B 2506 -16.29 -42.50 21.34
N LYS B 2507 -15.75 -41.70 20.41
CA LYS B 2507 -15.04 -42.28 19.28
C LYS B 2507 -13.82 -43.07 19.71
N GLN B 2508 -13.07 -42.55 20.69
CA GLN B 2508 -11.91 -43.29 21.20
C GLN B 2508 -12.33 -44.61 21.81
N PHE B 2509 -13.44 -44.61 22.55
CA PHE B 2509 -13.96 -45.84 23.10
C PHE B 2509 -14.33 -46.83 22.01
N GLU B 2510 -14.97 -46.35 20.94
CA GLU B 2510 -15.37 -47.23 19.85
C GLU B 2510 -14.17 -47.92 19.22
N GLU B 2511 -13.09 -47.18 18.98
CA GLU B 2511 -11.90 -47.77 18.38
C GLU B 2511 -11.29 -48.83 19.29
N SER B 2512 -11.25 -48.57 20.60
CA SER B 2512 -10.72 -49.54 21.53
C SER B 2512 -11.55 -50.82 21.56
N GLN B 2513 -12.84 -50.71 21.23
CA GLN B 2513 -13.73 -51.86 21.18
C GLN B 2513 -13.66 -52.59 19.85
N GLY B 2514 -12.87 -52.12 18.91
CA GLY B 2514 -12.80 -52.73 17.60
C GLY B 2514 -13.99 -52.42 16.73
N ARG B 2515 -14.18 -51.13 16.42
CA ARG B 2515 -15.20 -50.68 15.49
C ARG B 2515 -14.66 -49.47 14.75
N THR B 2516 -14.41 -49.64 13.45
CA THR B 2516 -13.79 -48.62 12.63
C THR B 2516 -14.84 -48.01 11.68
N SER B 2517 -14.38 -47.14 10.78
CA SER B 2517 -15.27 -46.46 9.84
C SER B 2517 -15.42 -47.32 8.58
N SER B 2518 -16.33 -48.27 8.65
CA SER B 2518 -16.73 -49.00 7.47
C SER B 2518 -17.67 -48.14 6.63
N LYS B 2519 -18.08 -48.66 5.47
CA LYS B 2519 -18.95 -47.89 4.59
C LYS B 2519 -20.31 -47.63 5.22
N THR B 2520 -20.88 -48.62 5.90
CA THR B 2520 -22.12 -48.41 6.64
C THR B 2520 -21.92 -47.44 7.80
N ALA B 2521 -20.70 -47.31 8.32
CA ALA B 2521 -20.43 -46.26 9.30
C ALA B 2521 -20.57 -44.89 8.67
N PHE B 2522 -20.06 -44.72 7.44
CA PHE B 2522 -20.29 -43.47 6.71
C PHE B 2522 -21.77 -43.22 6.51
N TYR B 2523 -22.50 -44.27 6.12
CA TYR B 2523 -23.94 -44.13 5.88
C TYR B 2523 -24.67 -43.65 7.12
N GLN B 2524 -24.44 -44.34 8.25
CA GLN B 2524 -25.10 -43.96 9.49
C GLN B 2524 -24.64 -42.59 9.97
N ALA B 2525 -23.37 -42.26 9.74
CA ALA B 2525 -22.87 -40.95 10.17
C ALA B 2525 -23.59 -39.84 9.42
N LEU B 2526 -23.86 -40.03 8.13
CA LEU B 2526 -24.52 -38.98 7.38
C LEU B 2526 -26.02 -38.92 7.70
N GLN B 2527 -26.68 -40.07 7.81
CA GLN B 2527 -28.13 -40.05 8.09
C GLN B 2527 -28.42 -39.59 9.52
N ASN B 2528 -27.70 -40.14 10.50
CA ASN B 2528 -27.92 -39.80 11.89
C ASN B 2528 -27.66 -38.33 12.17
N SER B 2529 -26.61 -37.78 11.57
CA SER B 2529 -26.25 -36.39 11.81
C SER B 2529 -27.40 -35.46 11.47
N LEU B 2530 -27.80 -35.43 10.20
CA LEU B 2530 -28.79 -34.50 9.72
C LEU B 2530 -30.22 -35.05 9.82
N GLY B 2531 -30.39 -36.24 10.37
CA GLY B 2531 -31.71 -36.85 10.40
C GLY B 2531 -32.19 -37.21 11.79
N GLY B 2532 -33.12 -38.17 11.88
CA GLY B 2532 -33.70 -38.53 13.16
C GLY B 2532 -34.61 -37.43 13.67
N GLU B 2533 -35.73 -37.22 12.98
CA GLU B 2533 -36.65 -36.09 13.13
C GLU B 2533 -36.04 -34.79 12.65
N ALA B 2534 -34.78 -34.82 12.20
CA ALA B 2534 -34.14 -33.63 11.65
C ALA B 2534 -34.18 -33.57 10.14
N ALA B 2535 -34.63 -34.63 9.47
CA ALA B 2535 -34.68 -34.64 8.02
C ALA B 2535 -35.68 -35.68 7.54
N ASP B 2536 -36.35 -35.34 6.44
CA ASP B 2536 -36.97 -36.31 5.55
C ASP B 2536 -35.96 -36.65 4.46
N ALA B 2537 -36.41 -37.30 3.37
CA ALA B 2537 -35.51 -37.56 2.27
C ALA B 2537 -35.13 -36.30 1.51
N GLY B 2538 -35.89 -35.21 1.65
CA GLY B 2538 -35.57 -33.98 0.96
C GLY B 2538 -34.55 -33.12 1.67
N VAL B 2539 -34.63 -33.04 3.00
CA VAL B 2539 -33.66 -32.27 3.77
C VAL B 2539 -32.28 -32.87 3.62
N GLN B 2540 -32.18 -34.20 3.62
CA GLN B 2540 -30.90 -34.85 3.46
C GLN B 2540 -30.27 -34.51 2.11
N ALA B 2541 -31.06 -34.52 1.04
CA ALA B 2541 -30.55 -34.19 -0.28
C ALA B 2541 -30.16 -32.73 -0.39
N ALA B 2542 -30.97 -31.83 0.17
CA ALA B 2542 -30.62 -30.41 0.13
C ALA B 2542 -29.33 -30.14 0.88
N ALA B 2543 -29.17 -30.73 2.07
CA ALA B 2543 -27.94 -30.52 2.83
C ALA B 2543 -26.75 -31.16 2.14
N THR B 2544 -26.96 -32.32 1.51
CA THR B 2544 -25.89 -32.97 0.76
C THR B 2544 -25.39 -32.07 -0.36
N TRP B 2545 -26.32 -31.47 -1.12
CA TRP B 2545 -25.91 -30.51 -2.14
C TRP B 2545 -25.17 -29.33 -1.52
N TYR B 2546 -25.76 -28.72 -0.48
CA TYR B 2546 -25.25 -27.47 0.03
C TYR B 2546 -23.86 -27.63 0.63
N TYR B 2547 -23.56 -28.79 1.20
CA TYR B 2547 -22.29 -28.99 1.89
C TYR B 2547 -21.36 -29.96 1.19
N SER B 2548 -21.71 -30.45 0.00
CA SER B 2548 -20.84 -31.31 -0.79
C SER B 2548 -20.44 -32.56 -0.01
N LEU B 2549 -21.45 -33.19 0.57
CA LEU B 2549 -21.27 -34.39 1.40
C LEU B 2549 -21.35 -35.61 0.49
N GLU B 2550 -20.30 -36.43 0.50
CA GLU B 2550 -20.23 -37.61 -0.33
C GLU B 2550 -20.48 -38.85 0.54
N HIS B 2551 -21.66 -39.43 0.39
CA HIS B 2551 -22.08 -40.56 1.20
C HIS B 2551 -21.17 -41.78 0.97
N ASP B 2552 -20.77 -42.02 -0.27
CA ASP B 2552 -20.06 -43.23 -0.65
C ASP B 2552 -18.57 -42.95 -0.92
N SER B 2553 -17.98 -42.09 -0.10
CA SER B 2553 -16.53 -41.95 -0.10
C SER B 2553 -15.91 -42.89 0.92
N ASP B 2554 -14.59 -43.03 0.87
CA ASP B 2554 -13.85 -43.78 1.88
C ASP B 2554 -12.87 -42.90 2.64
N ASP B 2555 -12.69 -41.65 2.21
CA ASP B 2555 -11.82 -40.71 2.90
C ASP B 2555 -12.53 -40.15 4.14
C1 T44 B 2556 -13.67 -41.13 8.85
C2 T44 B 2556 -14.98 -41.64 8.82
C3 T44 B 2556 -15.87 -41.38 9.87
C4 T44 B 2556 -15.45 -40.61 10.97
C5 T44 B 2556 -14.15 -40.09 10.99
C6 T44 B 2556 -13.27 -40.36 9.95
C7 T44 B 2556 -12.68 -41.41 7.68
CA T44 B 2556 -13.01 -40.46 6.54
C T44 B 2556 -12.61 -39.05 6.91
C1' T44 B 2556 -16.44 -41.18 13.10
C2' T44 B 2556 -15.93 -42.44 13.07
C3' T44 B 2556 -16.07 -43.26 14.15
C4' T44 B 2556 -16.76 -42.81 15.29
C5' T44 B 2556 -17.29 -41.52 15.31
C6' T44 B 2556 -17.14 -40.72 14.24
N T44 B 2556 -12.31 -40.82 5.27
O4 T44 B 2556 -16.33 -40.30 12.00
O4' T44 B 2556 -16.92 -43.66 16.45
O T44 B 2556 -13.42 -38.35 7.41
I3 T44 B 2556 -17.85 -42.15 9.81
I3' T44 B 2556 -15.28 -45.18 14.13
I5 T44 B 2556 -13.51 -38.89 12.64
I5' T44 B 2556 -18.31 -40.84 17.01
N ALA B 2557 -11.38 -38.65 6.62
CA ALA B 2557 -10.92 -37.30 6.93
C ALA B 2557 -11.77 -36.23 6.26
N SER B 2558 -11.82 -36.25 4.94
CA SER B 2558 -12.58 -35.25 4.20
C SER B 2558 -14.07 -35.34 4.51
N PHE B 2559 -14.59 -36.57 4.60
CA PHE B 2559 -16.02 -36.73 4.87
C PHE B 2559 -16.38 -36.19 6.26
N SER B 2560 -15.52 -36.44 7.25
CA SER B 2560 -15.74 -35.91 8.59
C SER B 2560 -15.65 -34.40 8.61
N ARG B 2561 -14.71 -33.83 7.87
CA ARG B 2561 -14.60 -32.37 7.82
C ARG B 2561 -15.85 -31.74 7.25
N ALA B 2562 -16.35 -32.27 6.12
CA ALA B 2562 -17.56 -31.73 5.53
C ALA B 2562 -18.76 -31.94 6.44
N LEU B 2563 -18.88 -33.11 7.06
CA LEU B 2563 -20.00 -33.37 7.96
C LEU B 2563 -19.95 -32.47 9.19
N GLU B 2564 -18.75 -32.28 9.75
CA GLU B 2564 -18.60 -31.42 10.92
C GLU B 2564 -18.96 -29.98 10.60
N GLN B 2565 -18.60 -29.51 9.41
CA GLN B 2565 -19.08 -28.20 8.99
C GLN B 2565 -20.60 -28.19 8.86
N ALA B 2566 -21.19 -29.26 8.35
CA ALA B 2566 -22.64 -29.31 8.19
C ALA B 2566 -23.35 -29.34 9.53
N THR B 2567 -22.86 -30.13 10.48
CA THR B 2567 -23.57 -30.28 11.75
C THR B 2567 -23.29 -29.16 12.73
N ARG B 2568 -22.15 -28.49 12.61
CA ARG B 2568 -21.88 -27.34 13.46
C ARG B 2568 -22.89 -26.22 13.19
N ASP B 2569 -23.20 -25.97 11.92
CA ASP B 2569 -24.20 -24.96 11.59
C ASP B 2569 -25.58 -25.38 12.04
N TYR B 2570 -25.95 -26.64 11.77
CA TYR B 2570 -27.30 -27.09 12.06
C TYR B 2570 -27.57 -27.17 13.56
N PHE B 2571 -26.61 -27.70 14.32
CA PHE B 2571 -26.86 -27.99 15.72
C PHE B 2571 -26.38 -26.90 16.67
N ILE B 2572 -25.40 -26.10 16.28
CA ILE B 2572 -24.76 -25.20 17.23
C ILE B 2572 -24.92 -23.74 16.82
N ILE B 2573 -24.34 -23.35 15.70
CA ILE B 2573 -24.18 -21.93 15.40
C ILE B 2573 -25.51 -21.29 15.05
N CYS B 2574 -26.28 -21.91 14.17
CA CYS B 2574 -27.52 -21.30 13.72
C CYS B 2574 -28.60 -21.30 14.80
N PRO B 2575 -28.72 -22.34 15.63
CA PRO B 2575 -29.62 -22.22 16.79
C PRO B 2575 -29.24 -21.10 17.75
N VAL B 2576 -27.93 -20.83 17.93
CA VAL B 2576 -27.51 -19.70 18.75
C VAL B 2576 -27.98 -18.39 18.16
N ILE B 2577 -27.83 -18.22 16.84
CA ILE B 2577 -28.26 -16.98 16.20
C ILE B 2577 -29.77 -16.86 16.23
N ASP B 2578 -30.49 -17.96 16.07
CA ASP B 2578 -31.95 -17.91 16.15
C ASP B 2578 -32.41 -17.50 17.54
N MET B 2579 -31.75 -17.99 18.58
CA MET B 2579 -32.17 -17.64 19.94
C MET B 2579 -31.86 -16.19 20.27
N ALA B 2580 -30.70 -15.69 19.82
CA ALA B 2580 -30.37 -14.28 20.02
C ALA B 2580 -31.35 -13.38 19.29
N SER B 2581 -31.76 -13.78 18.08
CA SER B 2581 -32.72 -12.99 17.31
C SER B 2581 -34.08 -12.98 18.00
N HIS B 2582 -34.54 -14.13 18.47
CA HIS B 2582 -35.84 -14.20 19.14
C HIS B 2582 -35.82 -13.42 20.45
N TRP B 2583 -34.70 -13.50 21.18
CA TRP B 2583 -34.61 -12.80 22.46
C TRP B 2583 -34.58 -11.30 22.27
N ALA B 2584 -34.02 -10.82 21.16
CA ALA B 2584 -33.98 -9.39 20.91
C ALA B 2584 -35.29 -8.90 20.27
N ARG B 2585 -35.87 -9.70 19.38
CA ARG B 2585 -37.07 -9.30 18.67
C ARG B 2585 -38.25 -9.19 19.62
N THR B 2586 -38.43 -10.11 20.56
CA THR B 2586 -39.55 -10.13 21.55
C THR B 2586 -39.28 -9.37 22.86
N VAL B 2587 -38.21 -8.58 22.96
CA VAL B 2587 -37.79 -7.82 24.17
C VAL B 2587 -37.78 -8.67 25.45
N ARG B 2588 -37.11 -9.80 25.44
CA ARG B 2588 -36.99 -10.67 26.61
C ARG B 2588 -35.85 -10.20 27.52
N GLY B 2589 -34.98 -9.34 27.05
CA GLY B 2589 -33.86 -8.78 27.82
C GLY B 2589 -32.85 -8.15 26.89
N ASN B 2590 -31.69 -7.77 27.39
CA ASN B 2590 -30.57 -7.30 26.57
C ASN B 2590 -29.87 -8.51 25.97
N VAL B 2591 -29.49 -8.47 24.72
CA VAL B 2591 -28.81 -9.55 23.99
C VAL B 2591 -27.43 -9.09 23.56
N PHE B 2592 -26.42 -9.90 23.78
CA PHE B 2592 -25.02 -9.67 23.39
C PHE B 2592 -24.51 -10.99 22.80
N MET B 2593 -23.94 -10.96 21.63
CA MET B 2593 -23.44 -12.16 20.99
C MET B 2593 -21.95 -12.04 20.73
N TYR B 2594 -21.24 -13.15 20.92
CA TYR B 2594 -19.84 -13.26 20.54
C TYR B 2594 -19.67 -14.44 19.61
N HIS B 2595 -18.52 -14.48 18.94
CA HIS B 2595 -18.09 -15.65 18.18
C HIS B 2595 -16.60 -15.80 18.35
N ALA B 2596 -16.17 -16.99 18.76
CA ALA B 2596 -14.75 -17.28 18.91
C ALA B 2596 -14.24 -17.92 17.63
N PRO B 2597 -13.34 -17.27 16.90
CA PRO B 2597 -12.85 -17.83 15.64
C PRO B 2597 -11.91 -19.01 15.87
N GLU B 2598 -11.67 -19.74 14.79
CA GLU B 2598 -10.99 -21.03 14.85
C GLU B 2598 -9.59 -20.91 15.44
N SER B 2599 -9.23 -21.89 16.26
CA SER B 2599 -7.93 -21.94 16.92
C SER B 2599 -7.26 -23.28 16.63
N TYR B 2600 -5.93 -23.29 16.71
CA TYR B 2600 -5.14 -24.49 16.53
C TYR B 2600 -4.19 -24.76 17.67
N SER B 2601 -4.32 -24.04 18.78
CA SER B 2601 -3.19 -23.88 19.69
C SER B 2601 -3.25 -24.83 20.88
N HIS B 2602 -4.45 -25.16 21.35
CA HIS B 2602 -4.59 -25.79 22.66
C HIS B 2602 -5.56 -26.98 22.58
N SER B 2603 -5.33 -27.85 21.61
CA SER B 2603 -6.22 -29.00 21.43
C SER B 2603 -6.10 -30.01 22.57
N SER B 2604 -5.00 -29.97 23.33
CA SER B 2604 -4.85 -30.89 24.45
C SER B 2604 -5.84 -30.56 25.56
N LEU B 2605 -6.21 -29.30 25.68
CA LEU B 2605 -7.23 -28.91 26.66
C LEU B 2605 -8.62 -29.11 26.05
N GLU B 2606 -9.53 -29.69 26.84
CA GLU B 2606 -10.87 -29.97 26.30
C GLU B 2606 -11.76 -28.73 26.32
N LEU B 2607 -11.36 -27.70 27.04
CA LEU B 2607 -12.10 -26.45 26.99
C LEU B 2607 -11.87 -25.75 25.66
N LEU B 2608 -12.94 -25.19 25.11
CA LEU B 2608 -12.84 -24.43 23.88
C LEU B 2608 -12.35 -23.01 24.17
N THR B 2609 -12.19 -22.23 23.11
CA THR B 2609 -11.53 -20.93 23.22
C THR B 2609 -12.30 -19.97 24.11
N ASP B 2610 -13.63 -19.95 24.01
CA ASP B 2610 -14.41 -18.97 24.77
C ASP B 2610 -14.34 -19.22 26.26
N VAL B 2611 -14.43 -20.48 26.73
CA VAL B 2611 -14.35 -20.85 28.17
C VAL B 2611 -12.92 -20.66 28.70
N LEU B 2612 -11.89 -21.01 27.95
CA LEU B 2612 -10.47 -20.86 28.35
C LEU B 2612 -10.12 -19.38 28.61
N TYR B 2613 -10.59 -18.49 27.78
CA TYR B 2613 -10.35 -17.03 27.95
C TYR B 2613 -11.28 -16.48 29.03
N ALA B 2614 -12.55 -16.83 29.01
CA ALA B 2614 -13.48 -16.25 29.98
C ALA B 2614 -13.16 -16.66 31.41
N PHE B 2615 -12.56 -17.82 31.62
CA PHE B 2615 -12.22 -18.26 32.97
C PHE B 2615 -10.74 -18.11 33.29
N GLY B 2616 -9.93 -17.64 32.35
CA GLY B 2616 -8.60 -17.21 32.71
C GLY B 2616 -7.58 -18.32 32.84
N LEU B 2617 -7.71 -19.37 32.05
CA LEU B 2617 -6.74 -20.46 32.08
C LEU B 2617 -5.31 -20.06 31.72
N PRO B 2618 -5.04 -19.05 30.89
CA PRO B 2618 -3.66 -18.60 30.71
C PRO B 2618 -2.98 -18.16 32.00
N PHE B 2619 -3.74 -17.85 33.05
CA PHE B 2619 -3.16 -17.47 34.33
C PHE B 2619 -3.02 -18.62 35.31
N TYR B 2620 -3.49 -19.82 34.97
CA TYR B 2620 -3.40 -20.94 35.90
C TYR B 2620 -1.93 -21.34 36.07
N PRO B 2621 -1.50 -21.58 37.31
CA PRO B 2621 -0.13 -22.10 37.51
C PRO B 2621 0.13 -23.43 36.82
N ALA B 2622 -0.89 -24.28 36.65
CA ALA B 2622 -0.68 -25.57 36.02
C ALA B 2622 -0.30 -25.47 34.55
N TYR B 2623 -0.56 -24.34 33.91
CA TYR B 2623 -0.27 -24.15 32.49
C TYR B 2623 0.79 -23.09 32.26
N GLU B 2624 1.69 -22.89 33.23
CA GLU B 2624 2.78 -21.94 33.04
C GLU B 2624 3.70 -22.42 31.93
N GLY B 2625 4.06 -21.51 31.03
CA GLY B 2625 4.89 -21.82 29.90
C GLY B 2625 4.16 -22.25 28.65
N GLN B 2626 2.84 -22.36 28.71
CA GLN B 2626 2.04 -22.82 27.58
C GLN B 2626 1.26 -21.72 26.88
N PHE B 2627 1.20 -20.51 27.43
CA PHE B 2627 0.44 -19.43 26.84
C PHE B 2627 1.34 -18.22 26.63
N THR B 2628 1.09 -17.50 25.55
CA THR B 2628 1.86 -16.29 25.27
C THR B 2628 1.31 -15.13 26.08
N LEU B 2629 2.10 -14.05 26.15
CA LEU B 2629 1.64 -12.85 26.83
C LEU B 2629 0.47 -12.19 26.11
N GLU B 2630 0.31 -12.45 24.81
CA GLU B 2630 -0.84 -11.94 24.08
C GLU B 2630 -2.11 -12.71 24.43
N GLU B 2631 -2.00 -14.00 24.71
CA GLU B 2631 -3.16 -14.77 25.14
C GLU B 2631 -3.57 -14.40 26.56
N LYS B 2632 -2.59 -14.13 27.43
CA LYS B 2632 -2.89 -13.64 28.76
C LYS B 2632 -3.60 -12.30 28.71
N SER B 2633 -3.11 -11.39 27.87
CA SER B 2633 -3.72 -10.07 27.75
C SER B 2633 -5.11 -10.15 27.15
N LEU B 2634 -5.32 -11.02 26.15
CA LEU B 2634 -6.64 -11.21 25.59
C LEU B 2634 -7.60 -11.81 26.62
N SER B 2635 -7.13 -12.78 27.40
CA SER B 2635 -7.98 -13.42 28.40
C SER B 2635 -8.40 -12.42 29.48
N LEU B 2636 -7.48 -11.53 29.88
CA LEU B 2636 -7.81 -10.55 30.90
C LEU B 2636 -8.89 -9.59 30.43
N LYS B 2637 -8.86 -9.20 29.15
CA LYS B 2637 -9.91 -8.35 28.61
C LYS B 2637 -11.26 -9.06 28.57
N ILE B 2638 -11.26 -10.33 28.18
CA ILE B 2638 -12.50 -11.08 28.06
C ILE B 2638 -13.12 -11.33 29.43
N MET B 2639 -12.29 -11.58 30.45
CA MET B 2639 -12.81 -11.70 31.80
C MET B 2639 -13.48 -10.42 32.27
N GLN B 2640 -13.01 -9.26 31.79
CA GLN B 2640 -13.66 -8.01 32.16
C GLN B 2640 -14.99 -7.83 31.43
N TYR B 2641 -15.09 -8.29 30.18
CA TYR B 2641 -16.39 -8.31 29.50
C TYR B 2641 -17.39 -9.17 30.26
N PHE B 2642 -17.00 -10.38 30.62
CA PHE B 2642 -17.94 -11.32 31.22
C PHE B 2642 -18.28 -10.90 32.65
N SER B 2643 -17.30 -10.39 33.40
CA SER B 2643 -17.59 -9.86 34.72
C SER B 2643 -18.57 -8.70 34.66
N ASN B 2644 -18.39 -7.80 33.69
CA ASN B 2644 -19.29 -6.67 33.55
C ASN B 2644 -20.72 -7.14 33.29
N PHE B 2645 -20.90 -8.13 32.43
CA PHE B 2645 -22.24 -8.64 32.16
C PHE B 2645 -22.85 -9.28 33.39
N ILE B 2646 -22.06 -10.05 34.15
CA ILE B 2646 -22.57 -10.66 35.36
C ILE B 2646 -22.99 -9.60 36.37
N ARG B 2647 -22.20 -8.54 36.51
CA ARG B 2647 -22.48 -7.54 37.52
C ARG B 2647 -23.63 -6.61 37.11
N SER B 2648 -23.69 -6.20 35.85
CA SER B 2648 -24.64 -5.20 35.44
C SER B 2648 -25.57 -5.59 34.29
N GLY B 2649 -25.38 -6.75 33.66
CA GLY B 2649 -26.17 -7.11 32.51
C GLY B 2649 -25.75 -6.48 31.21
N ASN B 2650 -24.53 -5.94 31.15
CA ASN B 2650 -24.03 -5.27 29.98
C ASN B 2650 -22.52 -5.48 30.01
N PRO B 2651 -21.93 -6.10 28.99
CA PRO B 2651 -20.48 -6.37 29.03
C PRO B 2651 -19.63 -5.12 29.02
N ASN B 2652 -20.21 -3.94 28.80
CA ASN B 2652 -19.45 -2.70 28.73
C ASN B 2652 -19.29 -2.01 30.07
N TYR B 2653 -20.12 -2.33 31.07
CA TYR B 2653 -20.21 -1.53 32.30
C TYR B 2653 -20.08 -2.41 33.53
N PRO B 2654 -19.19 -2.11 34.46
CA PRO B 2654 -19.13 -2.88 35.71
C PRO B 2654 -20.21 -2.52 36.70
N HIS B 2655 -20.84 -1.36 36.57
CA HIS B 2655 -21.86 -0.93 37.52
C HIS B 2655 -23.17 -0.63 36.81
N GLU B 2656 -24.26 -0.88 37.52
CA GLU B 2656 -25.58 -0.57 36.97
C GLU B 2656 -25.82 0.94 36.90
N PHE B 2657 -25.28 1.70 37.85
CA PHE B 2657 -25.57 3.11 37.98
C PHE B 2657 -24.38 4.00 37.60
N SER B 2658 -23.53 3.50 36.72
CA SER B 2658 -22.47 4.30 36.11
C SER B 2658 -22.40 3.94 34.64
N ARG B 2659 -22.15 4.93 33.79
CA ARG B 2659 -22.12 4.70 32.36
C ARG B 2659 -20.84 5.25 31.74
N ARG B 2660 -19.75 5.23 32.50
CA ARG B 2660 -18.45 5.60 31.97
C ARG B 2660 -18.00 4.59 30.93
N ALA B 2661 -17.46 5.09 29.83
CA ALA B 2661 -17.13 4.23 28.70
C ALA B 2661 -16.02 3.25 29.08
N PRO B 2662 -16.07 2.01 28.61
CA PRO B 2662 -15.00 1.06 28.90
C PRO B 2662 -13.69 1.49 28.26
N GLU B 2663 -12.59 1.21 28.96
CA GLU B 2663 -11.27 1.56 28.48
C GLU B 2663 -10.37 0.36 28.23
N PHE B 2664 -10.70 -0.80 28.79
CA PHE B 2664 -9.86 -1.97 28.62
C PHE B 2664 -9.91 -2.53 27.20
N ALA B 2665 -10.98 -2.26 26.46
CA ALA B 2665 -11.13 -2.76 25.09
C ALA B 2665 -12.23 -1.96 24.43
N ALA B 2666 -12.49 -2.27 23.16
CA ALA B 2666 -13.52 -1.60 22.40
C ALA B 2666 -14.91 -1.97 22.93
N PRO B 2667 -15.88 -1.07 22.83
CA PRO B 2667 -17.22 -1.37 23.32
C PRO B 2667 -17.88 -2.51 22.55
N TRP B 2668 -18.74 -3.24 23.25
CA TRP B 2668 -19.43 -4.39 22.69
C TRP B 2668 -20.85 -3.99 22.32
N PRO B 2669 -21.23 -4.03 21.05
CA PRO B 2669 -22.55 -3.52 20.66
C PRO B 2669 -23.69 -4.46 21.03
N ASP B 2670 -24.88 -3.88 21.14
CA ASP B 2670 -26.09 -4.67 21.31
C ASP B 2670 -26.37 -5.48 20.06
N PHE B 2671 -27.04 -6.61 20.23
CA PHE B 2671 -27.49 -7.45 19.11
C PHE B 2671 -28.88 -6.94 18.67
N VAL B 2672 -28.92 -6.37 17.48
CA VAL B 2672 -30.18 -5.82 16.94
C VAL B 2672 -30.62 -6.77 15.83
N PRO B 2673 -31.80 -7.40 15.97
CA PRO B 2673 -32.22 -8.43 15.03
C PRO B 2673 -32.85 -7.93 13.73
N ARG B 2674 -32.10 -7.21 12.92
CA ARG B 2674 -32.58 -6.67 11.64
C ARG B 2674 -31.44 -6.86 10.67
N ASP B 2675 -31.73 -7.12 9.42
CA ASP B 2675 -30.72 -7.25 8.36
C ASP B 2675 -29.89 -5.97 8.26
N GLY B 2676 -28.58 -6.09 8.13
CA GLY B 2676 -27.65 -4.95 8.10
C GLY B 2676 -27.07 -4.71 9.47
N ALA B 2677 -27.76 -5.15 10.52
CA ALA B 2677 -27.28 -5.01 11.90
C ALA B 2677 -26.72 -6.36 12.36
N GLU B 2678 -27.32 -6.99 13.38
CA GLU B 2678 -26.90 -8.32 13.89
C GLU B 2678 -25.41 -8.35 14.20
N SER B 2679 -24.91 -7.39 14.95
CA SER B 2679 -23.50 -7.30 15.34
C SER B 2679 -23.09 -8.25 16.46
N TYR B 2680 -21.84 -8.64 16.44
CA TYR B 2680 -21.30 -9.57 17.44
C TYR B 2680 -19.88 -9.15 17.77
N LYS B 2681 -19.37 -9.60 18.89
CA LYS B 2681 -17.98 -9.40 19.27
C LYS B 2681 -17.18 -10.63 18.87
N GLU B 2682 -16.14 -10.43 18.07
CA GLU B 2682 -15.24 -11.51 17.70
C GLU B 2682 -14.16 -11.63 18.76
N LEU B 2683 -13.98 -12.84 19.29
CA LEU B 2683 -13.03 -13.07 20.36
C LEU B 2683 -11.64 -13.39 19.81
N SER B 2684 -11.09 -12.42 19.10
CA SER B 2684 -9.72 -12.46 18.60
C SER B 2684 -8.92 -11.37 19.30
N VAL B 2685 -7.65 -11.26 18.92
CA VAL B 2685 -6.70 -10.43 19.67
C VAL B 2685 -7.10 -8.97 19.63
N LEU B 2686 -7.63 -8.51 18.51
CA LEU B 2686 -8.04 -7.11 18.37
C LEU B 2686 -9.44 -6.86 18.88
N LEU B 2687 -10.20 -7.91 19.23
CA LEU B 2687 -11.58 -7.81 19.67
C LEU B 2687 -12.43 -6.88 18.80
N PRO B 2688 -12.57 -7.19 17.51
CA PRO B 2688 -13.35 -6.32 16.63
C PRO B 2688 -14.84 -6.64 16.70
N ASN B 2689 -15.65 -5.75 16.16
CA ASN B 2689 -17.11 -5.93 16.05
C ASN B 2689 -17.41 -6.26 14.61
N ARG B 2690 -18.16 -7.29 14.35
CA ARG B 2690 -18.44 -7.77 12.99
C ARG B 2690 -19.93 -7.91 12.84
N GLN B 2691 -20.41 -8.05 11.62
CA GLN B 2691 -21.87 -8.10 11.39
C GLN B 2691 -22.28 -9.31 10.58
N GLY B 2692 -23.38 -9.95 10.93
CA GLY B 2692 -24.01 -11.02 10.17
C GLY B 2692 -23.20 -12.28 10.09
N LEU B 2693 -23.01 -12.95 11.22
CA LEU B 2693 -22.35 -14.26 11.33
C LEU B 2693 -23.14 -15.26 10.50
N LYS B 2694 -22.42 -15.96 9.63
CA LYS B 2694 -22.91 -17.16 8.91
C LYS B 2694 -24.25 -16.83 8.22
N LYS B 2695 -24.40 -15.62 7.68
CA LYS B 2695 -25.70 -15.19 7.18
C LYS B 2695 -26.23 -16.13 6.10
N ALA B 2696 -25.38 -16.53 5.16
CA ALA B 2696 -25.82 -17.42 4.09
C ALA B 2696 -26.17 -18.80 4.62
N ASP B 2697 -25.31 -19.36 5.46
CA ASP B 2697 -25.51 -20.73 5.93
C ASP B 2697 -26.71 -20.83 6.86
N CYS B 2698 -26.91 -19.84 7.71
CA CYS B 2698 -28.04 -19.89 8.64
C CYS B 2698 -29.36 -19.57 7.95
N SER B 2699 -29.34 -18.86 6.83
CA SER B 2699 -30.54 -18.70 6.02
C SER B 2699 -30.96 -20.03 5.42
N PHE B 2700 -30.00 -20.83 4.98
CA PHE B 2700 -30.31 -22.16 4.43
C PHE B 2700 -31.05 -23.01 5.45
N TRP B 2701 -30.53 -23.08 6.68
CA TRP B 2701 -31.14 -23.94 7.69
C TRP B 2701 -32.45 -23.36 8.20
N SER B 2702 -32.48 -22.06 8.49
CA SER B 2702 -33.62 -21.49 9.18
C SER B 2702 -34.76 -21.12 8.25
N LYS B 2703 -34.48 -20.83 6.98
CA LYS B 2703 -35.53 -20.50 6.04
C LYS B 2703 -35.87 -21.65 5.10
N TYR B 2704 -34.90 -22.15 4.33
CA TYR B 2704 -35.21 -23.18 3.35
C TYR B 2704 -35.49 -24.52 4.02
N ILE B 2705 -34.62 -24.94 4.93
CA ILE B 2705 -34.77 -26.27 5.53
C ILE B 2705 -35.97 -26.30 6.47
N GLN B 2706 -36.17 -25.25 7.27
CA GLN B 2706 -37.33 -25.23 8.14
C GLN B 2706 -38.64 -25.13 7.38
N SER B 2707 -38.61 -24.82 6.09
CA SER B 2707 -39.79 -24.89 5.24
C SER B 2707 -39.95 -26.23 4.55
N LEU B 2708 -38.86 -26.94 4.30
CA LEU B 2708 -38.96 -28.31 3.82
C LEU B 2708 -39.55 -29.23 4.88
N LYS B 2709 -39.18 -29.03 6.15
CA LYS B 2709 -39.71 -29.79 7.25
C LYS B 2709 -41.13 -29.38 7.64
N ALA B 2710 -41.59 -28.23 7.14
CA ALA B 2710 -42.95 -27.75 7.38
C ALA B 2710 -43.89 -28.11 6.25
N SER B 2711 -43.62 -29.20 5.55
CA SER B 2711 -44.46 -29.63 4.43
C SER B 2711 -44.21 -31.11 4.12
C1 NAG C . 15.78 -53.19 -53.74
C2 NAG C . 14.75 -53.55 -52.64
C3 NAG C . 15.00 -54.96 -52.09
C4 NAG C . 15.18 -55.98 -53.20
C5 NAG C . 16.23 -55.50 -54.17
C6 NAG C . 16.43 -56.42 -55.36
C7 NAG C . 13.79 -51.73 -51.28
C8 NAG C . 14.03 -50.81 -50.13
N2 NAG C . 14.80 -52.57 -51.57
O3 NAG C . 13.91 -55.32 -51.25
O4 NAG C . 15.62 -57.21 -52.62
O5 NAG C . 15.82 -54.23 -54.71
O6 NAG C . 15.32 -56.37 -56.25
O7 NAG C . 12.76 -51.71 -51.94
C1 NAG C . 14.66 -58.27 -52.82
C2 NAG C . 15.39 -59.58 -52.57
C3 NAG C . 14.45 -60.76 -52.75
C4 NAG C . 13.17 -60.59 -51.96
C5 NAG C . 12.57 -59.19 -52.16
C6 NAG C . 11.41 -58.89 -51.24
C7 NAG C . 17.81 -59.59 -53.07
C8 NAG C . 18.84 -59.76 -54.13
N2 NAG C . 16.53 -59.71 -53.47
O3 NAG C . 15.12 -61.94 -52.32
O4 NAG C . 12.19 -61.51 -52.46
O5 NAG C . 13.56 -58.18 -51.93
O6 NAG C . 11.81 -58.07 -50.15
O7 NAG C . 18.10 -59.36 -51.91
C1 BMA C . 11.76 -62.69 -51.71
C2 BMA C . 12.85 -63.32 -50.74
C3 BMA C . 12.26 -64.58 -50.13
C4 BMA C . 10.88 -64.31 -49.49
C5 BMA C . 9.93 -63.61 -50.49
C6 BMA C . 8.58 -63.27 -49.91
O2 BMA C . 13.13 -62.49 -49.65
O3 BMA C . 13.14 -65.16 -49.16
O4 BMA C . 10.28 -65.53 -49.07
O5 BMA C . 10.58 -62.40 -50.93
O6 BMA C . 7.58 -63.84 -50.75
C1 NAG D . -64.81 31.10 34.51
C2 NAG D . -64.72 30.58 35.93
C3 NAG D . -66.11 30.52 36.55
C4 NAG D . -66.81 31.86 36.44
C5 NAG D . -66.78 32.38 35.00
C6 NAG D . -67.25 33.82 34.88
C7 NAG D . -62.89 29.08 36.56
C8 NAG D . -62.37 27.68 36.54
N2 NAG D . -64.07 29.28 35.99
O3 NAG D . -66.00 30.14 37.92
O4 NAG D . -68.18 31.70 36.82
O5 NAG D . -65.43 32.36 34.49
O6 NAG D . -68.09 34.00 33.76
O7 NAG D . -62.25 30.00 37.09
C1 NAG D . -68.56 32.65 37.84
C2 NAG D . -70.08 32.76 37.85
C3 NAG D . -70.54 33.74 38.94
C4 NAG D . -69.93 33.37 40.29
C5 NAG D . -68.42 33.23 40.16
C6 NAG D . -67.76 32.77 41.44
C7 NAG D . -71.24 32.33 35.73
C8 NAG D . -71.69 32.92 34.43
N2 NAG D . -70.59 33.16 36.55
O3 NAG D . -71.96 33.72 39.02
O4 NAG D . -70.23 34.38 41.25
O5 NAG D . -68.10 32.28 39.14
O6 NAG D . -66.37 33.09 41.45
O7 NAG D . -71.44 31.16 36.02
C1 NAG E . -60.48 11.68 13.37
C2 NAG E . -60.49 10.18 13.12
C3 NAG E . -61.49 9.51 14.04
C4 NAG E . -61.25 9.88 15.49
C5 NAG E . -61.16 11.40 15.65
C6 NAG E . -60.71 11.82 17.02
C7 NAG E . -59.99 9.15 10.95
C8 NAG E . -60.45 8.95 9.54
N2 NAG E . -60.78 9.89 11.73
O3 NAG E . -61.38 8.09 13.89
O4 NAG E . -62.32 9.40 16.29
O5 NAG E . -60.18 11.93 14.73
O6 NAG E . -59.62 11.00 17.45
O7 NAG E . -58.95 8.65 11.37
C1 NAG E . -61.82 8.44 17.24
C2 NAG E . -62.91 8.21 18.30
C3 NAG E . -62.45 7.16 19.31
C4 NAG E . -62.02 5.89 18.58
C5 NAG E . -60.99 6.22 17.51
C6 NAG E . -60.60 5.01 16.68
C7 NAG E . -64.17 10.30 18.54
C8 NAG E . -64.39 11.53 19.35
N2 NAG E . -63.24 9.46 18.98
O3 NAG E . -63.52 6.88 20.20
O4 NAG E . -61.46 4.97 19.51
O5 NAG E . -61.50 7.20 16.61
O6 NAG E . -61.39 4.92 15.49
O7 NAG E . -64.82 10.08 17.52
C1 FUC E . -59.01 11.53 18.64
C2 FUC E . -58.09 10.45 19.18
C3 FUC E . -56.97 10.17 18.19
C4 FUC E . -56.20 11.46 17.90
C5 FUC E . -57.17 12.56 17.44
C6 FUC E . -56.53 13.93 17.33
O2 FUC E . -58.78 9.25 19.49
O3 FUC E . -56.05 9.23 18.73
O4 FUC E . -55.51 11.89 19.06
O5 FUC E . -58.29 12.70 18.35
C1 NAG F . 55.03 -4.53 -24.88
C2 NAG F . 55.73 -4.33 -26.21
C3 NAG F . 56.46 -2.99 -26.21
C4 NAG F . 55.49 -1.87 -25.87
C5 NAG F . 54.75 -2.16 -24.57
C6 NAG F . 53.66 -1.17 -24.27
C7 NAG F . 56.43 -6.33 -27.44
C8 NAG F . 57.47 -7.39 -27.59
N2 NAG F . 56.65 -5.41 -26.48
O3 NAG F . 57.02 -2.77 -27.50
O4 NAG F . 56.20 -0.64 -25.74
O5 NAG F . 54.12 -3.45 -24.64
O6 NAG F . 52.66 -1.19 -25.29
O7 NAG F . 55.42 -6.29 -28.15
C1 NAG F . 55.80 0.24 -26.81
C2 NAG F . 56.20 1.67 -26.43
C3 NAG F . 55.85 2.62 -27.57
C4 NAG F . 56.45 2.15 -28.87
C5 NAG F . 56.03 0.71 -29.15
C6 NAG F . 56.67 0.12 -30.38
C7 NAG F . 56.12 1.99 -24.00
C8 NAG F . 55.29 2.46 -22.84
N2 NAG F . 55.54 2.07 -25.20
O3 NAG F . 56.34 3.92 -27.26
O4 NAG F . 56.01 2.97 -29.95
O5 NAG F . 56.43 -0.12 -28.05
O6 NAG F . 58.06 -0.16 -30.17
O7 NAG F . 57.26 1.55 -23.85
C1 NAG G . -52.41 23.52 51.63
C2 NAG G . -52.88 22.64 50.46
C3 NAG G . -54.17 23.21 49.84
C4 NAG G . -55.21 23.54 50.90
C5 NAG G . -54.59 24.41 51.98
C6 NAG G . -55.53 24.73 53.11
C7 NAG G . -51.21 21.41 49.14
C8 NAG G . -50.19 21.50 48.06
N2 NAG G . -51.84 22.55 49.44
O3 NAG G . -54.69 22.27 48.92
O4 NAG G . -56.28 24.25 50.29
O5 NAG G . -53.47 23.72 52.55
O6 NAG G . -55.78 23.59 53.93
O7 NAG G . -51.45 20.36 49.73
C1 NAG G . -57.53 23.53 50.36
C2 NAG G . -58.64 24.53 50.10
C3 NAG G . -60.00 23.85 50.14
C4 NAG G . -60.03 22.59 49.27
C5 NAG G . -58.81 21.71 49.51
C6 NAG G . -58.69 20.57 48.53
C7 NAG G . -58.19 26.86 50.76
C8 NAG G . -58.21 27.84 51.88
N2 NAG G . -58.59 25.61 51.07
O3 NAG G . -60.98 24.77 49.69
O4 NAG G . -61.17 21.81 49.66
O5 NAG G . -57.60 22.49 49.41
O6 NAG G . -57.74 20.85 47.52
O7 NAG G . -57.82 27.16 49.63
C1 BMA G . -62.37 21.68 48.82
C2 BMA G . -62.69 22.92 47.88
C3 BMA G . -64.00 22.65 47.17
C4 BMA G . -63.97 21.27 46.45
C5 BMA G . -63.55 20.16 47.42
C6 BMA G . -63.46 18.79 46.77
O2 BMA G . -61.75 23.09 46.87
O3 BMA G . -64.31 23.67 46.24
O4 BMA G . -65.26 20.98 45.92
O5 BMA G . -62.26 20.50 47.98
O6 BMA G . -64.27 17.89 47.52
C1 NAG H . 19.48 -67.86 -37.06
C2 NAG H . 19.10 -67.60 -38.50
C3 NAG H . 18.80 -68.90 -39.22
C4 NAG H . 19.96 -69.88 -39.08
C5 NAG H . 20.38 -70.02 -37.62
C6 NAG H . 21.67 -70.79 -37.45
C7 NAG H . 18.05 -65.45 -39.10
C8 NAG H . 16.79 -64.65 -39.12
N2 NAG H . 17.97 -66.68 -38.59
O3 NAG H . 18.54 -68.64 -40.60
O4 NAG H . 19.55 -71.16 -39.57
O5 NAG H . 20.60 -68.73 -37.03
O6 NAG H . 21.60 -71.72 -36.38
O7 NAG H . 19.12 -65.00 -39.51
C1 NAG H . 20.48 -71.67 -40.55
C2 NAG H . 20.27 -73.18 -40.67
C3 NAG H . 21.19 -73.77 -41.72
C4 NAG H . 21.05 -73.02 -43.04
C5 NAG H . 21.23 -71.52 -42.82
C6 NAG H . 20.98 -70.71 -44.07
C7 NAG H . 19.46 -74.33 -38.66
C8 NAG H . 19.85 -74.96 -37.35
N2 NAG H . 20.47 -73.83 -39.38
O3 NAG H . 20.90 -75.14 -41.90
O4 NAG H . 22.04 -73.47 -43.96
O5 NAG H . 20.28 -71.06 -41.84
O6 NAG H . 21.60 -69.43 -43.98
O7 NAG H . 18.30 -74.28 -39.02
C1 NAG I . -0.04 -60.76 -16.80
C2 NAG I . -1.52 -60.47 -16.64
C3 NAG I . -2.33 -61.27 -17.66
C4 NAG I . -1.81 -61.02 -19.06
C5 NAG I . -0.30 -61.24 -19.13
C6 NAG I . 0.30 -60.81 -20.45
C7 NAG I . -2.58 -59.89 -14.50
C8 NAG I . -2.96 -60.37 -13.13
N2 NAG I . -1.96 -60.78 -15.28
O3 NAG I . -3.70 -60.87 -17.58
O4 NAG I . -2.44 -61.93 -19.96
O5 NAG I . 0.36 -60.45 -18.12
O6 NAG I . -0.25 -59.56 -20.84
O7 NAG I . -2.82 -58.74 -14.87
C1 NAG I . -3.21 -61.18 -20.93
C2 NAG I . -3.59 -62.13 -22.07
C3 NAG I . -4.45 -61.42 -23.10
C4 NAG I . -5.65 -60.78 -22.42
C5 NAG I . -5.20 -59.89 -21.27
C6 NAG I . -6.35 -59.31 -20.48
C7 NAG I . -1.79 -63.80 -22.27
C8 NAG I . -0.57 -64.22 -23.04
N2 NAG I . -2.39 -62.69 -22.70
O3 NAG I . -4.88 -62.34 -24.08
O4 NAG I . -6.37 -59.98 -23.37
O5 NAG I . -4.40 -60.65 -20.35
O6 NAG I . -6.67 -60.12 -19.35
O7 NAG I . -2.20 -64.44 -21.31
C1 FUC I . 0.48 -59.02 -21.96
C2 FUC I . -0.36 -57.85 -22.49
C3 FUC I . -0.46 -56.76 -21.44
C4 FUC I . 0.94 -56.29 -21.02
C5 FUC I . 1.77 -57.49 -20.57
C6 FUC I . 3.24 -57.15 -20.35
O2 FUC I . -1.65 -58.26 -22.92
O3 FUC I . -1.16 -55.63 -21.97
O4 FUC I . 1.58 -55.64 -22.12
O5 FUC I . 1.75 -58.56 -21.56
C1 NAG J . 5.12 53.29 28.28
C2 NAG J . 5.37 53.86 29.67
C3 NAG J . 6.83 54.30 29.80
C4 NAG J . 7.75 53.13 29.46
C5 NAG J . 7.40 52.55 28.10
C6 NAG J . 8.17 51.29 27.78
C7 NAG J . 3.48 54.89 30.83
C8 NAG J . 2.65 56.12 31.00
N2 NAG J . 4.48 54.97 29.94
O3 NAG J . 7.07 54.73 31.13
O4 NAG J . 9.10 53.58 29.44
O5 NAG J . 6.01 52.20 28.04
O6 NAG J . 7.87 50.26 28.72
O7 NAG J . 3.25 53.87 31.47
C1 NAG J . 9.81 52.95 30.53
C2 NAG J . 11.31 53.05 30.26
C3 NAG J . 12.09 52.46 31.42
C4 NAG J . 11.66 53.07 32.74
C5 NAG J . 10.14 52.95 32.90
C6 NAG J . 9.62 53.63 34.14
C7 NAG J . 11.76 53.05 27.85
C8 NAG J . 12.14 52.21 26.67
N2 NAG J . 11.66 52.40 29.01
O3 NAG J . 13.48 52.68 31.22
O4 NAG J . 12.29 52.41 33.82
O5 NAG J . 9.49 53.56 31.78
O6 NAG J . 9.65 55.05 34.01
O7 NAG J . 11.58 54.25 27.75
C1 NAG K . 32.26 22.97 -5.03
C2 NAG K . 33.16 22.19 -6.00
C3 NAG K . 34.60 22.70 -5.89
C4 NAG K . 34.66 24.21 -6.04
C5 NAG K . 33.72 24.87 -5.04
C6 NAG K . 33.65 26.37 -5.20
C7 NAG K . 32.49 19.90 -6.58
C8 NAG K . 31.85 20.51 -7.81
N2 NAG K . 33.10 20.77 -5.76
O3 NAG K . 35.39 22.08 -6.90
O4 NAG K . 35.99 24.67 -5.81
O5 NAG K . 32.39 24.37 -5.25
O6 NAG K . 32.75 26.94 -4.26
O7 NAG K . 32.46 18.71 -6.36
C1 NAG L . -57.27 35.84 8.02
C2 NAG L . -58.03 36.89 8.82
C3 NAG L . -59.14 37.50 7.97
C4 NAG L . -58.57 38.03 6.66
C5 NAG L . -57.79 36.94 5.95
C6 NAG L . -57.06 37.45 4.71
C7 NAG L . -58.50 36.90 11.24
C8 NAG L . -57.76 38.21 11.29
N2 NAG L . -58.59 36.32 10.05
O3 NAG L . -59.75 38.56 8.69
O4 NAG L . -59.64 38.46 5.82
O5 NAG L . -56.77 36.42 6.82
O6 NAG L . -55.71 37.77 5.00
O7 NAG L . -58.97 36.39 12.25
C1 NAG M . 24.47 -15.17 -66.05
C2 NAG M . 24.95 -13.97 -66.86
C3 NAG M . 25.10 -14.34 -68.34
C4 NAG M . 23.92 -15.15 -68.85
C5 NAG M . 23.59 -16.31 -67.91
C6 NAG M . 23.66 -17.65 -68.58
C7 NAG M . 24.17 -11.95 -65.71
C8 NAG M . 23.16 -10.84 -65.70
N2 NAG M . 24.06 -12.84 -66.70
O3 NAG M . 26.31 -15.07 -68.53
O4 NAG M . 22.77 -14.31 -68.96
O5 NAG M . 24.53 -16.34 -66.83
O6 NAG M . 23.45 -17.55 -69.99
O7 NAG M . 25.05 -12.03 -64.86
C1 NAG N . 30.61 -28.20 -85.99
C2 NAG N . 29.46 -28.40 -86.94
C3 NAG N . 29.97 -28.32 -88.38
C4 NAG N . 30.74 -27.02 -88.58
C5 NAG N . 31.77 -26.79 -87.46
C6 NAG N . 32.42 -25.43 -87.52
C7 NAG N . 27.48 -29.81 -86.58
C8 NAG N . 26.68 -28.55 -86.70
N2 NAG N . 28.81 -29.68 -86.70
O3 NAG N . 28.87 -28.39 -89.28
O4 NAG N . 31.43 -27.08 -89.82
O5 NAG N . 31.16 -26.91 -86.17
O6 NAG N . 32.16 -24.67 -86.36
O7 NAG N . 26.97 -30.91 -86.36
C1 NAG O . -8.47 -23.13 -52.88
C2 NAG O . -7.37 -23.01 -53.95
C3 NAG O . -7.52 -24.09 -55.02
C4 NAG O . -7.62 -25.46 -54.38
C5 NAG O . -8.74 -25.48 -53.35
C6 NAG O . -8.84 -26.79 -52.60
C7 NAG O . -8.35 -21.18 -55.29
C8 NAG O . -8.13 -19.79 -55.83
N2 NAG O . -7.36 -21.69 -54.56
O3 NAG O . -6.40 -24.04 -55.89
O4 NAG O . -7.88 -26.45 -55.37
O5 NAG O . -8.50 -24.46 -52.37
O6 NAG O . -8.10 -26.74 -51.38
O7 NAG O . -9.39 -21.80 -55.52
C1 NAG P . 28.67 26.43 8.49
C2 NAG P . 28.05 27.41 9.48
C3 NAG P . 28.83 28.72 9.50
C4 NAG P . 30.32 28.46 9.73
C5 NAG P . 30.83 27.46 8.71
C6 NAG P . 32.28 27.07 8.94
C7 NAG P . 25.64 27.20 9.90
C8 NAG P . 26.01 26.39 11.10
N2 NAG P . 26.65 27.67 9.16
O3 NAG P . 28.32 29.58 10.52
O4 NAG P . 31.05 29.67 9.62
O5 NAG P . 30.06 26.25 8.79
O6 NAG P . 32.72 26.12 7.98
O7 NAG P . 24.46 27.44 9.60
C1 NAG Q . 23.84 -62.96 -9.90
C2 NAG Q . 24.76 -63.88 -10.70
C3 NAG Q . 25.07 -65.13 -9.89
C4 NAG Q . 25.62 -64.76 -8.52
C5 NAG Q . 24.67 -63.81 -7.81
C6 NAG Q . 25.23 -63.28 -6.51
C7 NAG Q . 24.84 -64.19 -13.14
C8 NAG Q . 26.27 -63.75 -13.05
N2 NAG Q . 24.17 -64.23 -11.98
O3 NAG Q . 26.04 -65.92 -10.59
O4 NAG Q . 25.77 -65.94 -7.72
O5 NAG Q . 24.43 -62.66 -8.63
O6 NAG Q . 25.84 -62.01 -6.68
O7 NAG Q . 24.32 -64.50 -14.20
C1 NAG R . -14.35 23.39 66.62
C2 NAG R . -13.13 23.57 67.53
C3 NAG R . -13.56 23.71 68.99
C4 NAG R . -14.63 22.70 69.37
C5 NAG R . -15.76 22.67 68.35
C6 NAG R . -17.11 22.99 68.95
C7 NAG R . -11.24 22.44 66.44
C8 NAG R . -10.36 21.22 66.42
N2 NAG R . -12.20 22.46 67.37
O3 NAG R . -14.04 25.03 69.21
O4 NAG R . -14.06 21.39 69.46
O5 NAG R . -15.52 23.65 67.34
O6 NAG R . -17.15 22.67 70.34
O7 NAG R . -11.08 23.37 65.65
C1 NAG S . -27.18 31.01 86.17
C2 NAG S . -27.69 29.87 87.03
C3 NAG S . -27.60 30.27 88.49
C4 NAG S . -26.19 30.74 88.83
C5 NAG S . -25.67 31.76 87.80
C6 NAG S . -24.21 32.10 87.98
C7 NAG S . -29.44 28.25 86.45
C8 NAG S . -28.39 27.19 86.59
N2 NAG S . -29.04 29.51 86.68
O3 NAG S . -27.96 29.17 89.31
O4 NAG S . -26.18 31.36 90.11
O5 NAG S . -25.82 31.25 86.46
O6 NAG S . -23.45 31.76 86.83
O7 NAG S . -30.59 27.98 86.15
C1 NAG T . -27.94 -6.39 50.81
C2 NAG T . -27.68 -5.40 51.95
C3 NAG T . -28.84 -5.38 52.94
C4 NAG T . -30.16 -5.15 52.23
C5 NAG T . -30.34 -6.18 51.12
C6 NAG T . -31.58 -5.97 50.30
C7 NAG T . -26.18 -6.81 53.32
C8 NAG T . -24.83 -6.92 53.95
N2 NAG T . -26.42 -5.69 52.63
O3 NAG T . -28.62 -4.34 53.90
O4 NAG T . -31.24 -5.26 53.15
O5 NAG T . -29.22 -6.10 50.22
O6 NAG T . -31.29 -5.20 49.13
O7 NAG T . -27.02 -7.71 53.44
#